data_7TFE
#
_entry.id   7TFE
#
_cell.length_a   1.00
_cell.length_b   1.00
_cell.length_c   1.00
_cell.angle_alpha   90.00
_cell.angle_beta   90.00
_cell.angle_gamma   90.00
#
_symmetry.space_group_name_H-M   'P 1'
#
loop_
_entity.id
_entity.type
_entity.pdbx_description
1 polymer 'Glutamine synthetase'
2 non-polymer 'MAGNESIUM ION'
#
_entity_poly.entity_id   1
_entity_poly.type   'polypeptide(L)'
_entity_poly.pdbx_seq_one_letter_code
;MGSSHHHHHHSSGLVPRGSHMAKYTKEDIFRFADEQNVKFIRLQFTDILGIIKNVEIPVSQLKKALDNKIMFDGSSIEGF
VRIEESDMYLFPDLDTWVVFPWTAEKGKVARMICDIYNPDMTPFAGDPRANLKRVLKEMEELGFTEFNLGPEPEFFLFKL
DENRRPTLELNDSGGYFDLAPTDLGENCRRDIVLELEEMGFEIEASHHEVAPGQHEIDFKYEDAITACDSIQTFKLVVKT
IARKHGLHATFMPKPLFGVNGSGMHFNMSLFNEKGNAFFDESGELELSQTAYHFLAGMLKHARGYTAVTNPTINSFKRLV
PGYEAPCYIAWSGKNRSPLVRVPSSRGLSTRLELRSVDPSANPYLAMAVLLKAGLSGIKDELTPPAPVDRNIYGMNEEER
EATGIYDLPESLGHALIELEKNEIIKDGLGEHIFEHFIEAKTIECDMFRTAVHPWEREQYLEIY
;
_entity_poly.pdbx_strand_id   A,G,H,I,B,C,J,D,E,F,K,L
#
# COMPACT_ATOMS: atom_id res chain seq x y z
N ALA A 22 53.80 -10.93 40.38
CA ALA A 22 52.57 -10.99 41.17
C ALA A 22 51.93 -9.61 41.28
N LYS A 23 51.25 -9.19 40.22
CA LYS A 23 50.59 -7.88 40.23
C LYS A 23 49.44 -7.86 41.24
N TYR A 24 48.69 -8.96 41.34
CA TYR A 24 47.57 -9.07 42.26
C TYR A 24 47.65 -10.39 43.03
N THR A 25 47.00 -10.42 44.18
CA THR A 25 46.89 -11.60 45.02
C THR A 25 45.41 -11.89 45.28
N LYS A 26 45.16 -13.01 45.98
CA LYS A 26 43.76 -13.40 46.29
C LYS A 26 43.10 -12.29 47.11
N GLU A 27 43.78 -11.82 48.15
CA GLU A 27 43.19 -10.79 49.01
C GLU A 27 42.89 -9.51 48.23
N ASP A 28 43.77 -9.16 47.29
CA ASP A 28 43.53 -7.99 46.46
C ASP A 28 42.28 -8.18 45.61
N ILE A 29 42.12 -9.37 45.04
CA ILE A 29 40.92 -9.65 44.18
C ILE A 29 39.66 -9.54 45.04
N PHE A 30 39.71 -10.10 46.25
CA PHE A 30 38.54 -10.05 47.17
C PHE A 30 38.23 -8.60 47.53
N ARG A 31 39.26 -7.81 47.84
CA ARG A 31 39.07 -6.40 48.18
C ARG A 31 38.47 -5.63 47.01
N PHE A 32 38.96 -5.88 45.79
CA PHE A 32 38.40 -5.21 44.61
C PHE A 32 36.94 -5.56 44.44
N ALA A 33 36.61 -6.86 44.53
CA ALA A 33 35.23 -7.28 44.39
C ALA A 33 34.34 -6.65 45.47
N ASP A 34 34.90 -6.42 46.66
CA ASP A 34 34.12 -5.81 47.72
C ASP A 34 33.93 -4.31 47.49
N GLU A 35 34.94 -3.63 46.96
CA GLU A 35 34.92 -2.17 46.97
C GLU A 35 34.38 -1.55 45.69
N GLN A 36 34.50 -2.22 44.55
CA GLN A 36 33.68 -1.80 43.41
C GLN A 36 32.39 -2.58 43.29
N ASN A 37 32.15 -3.53 44.21
CA ASN A 37 30.86 -4.19 44.37
C ASN A 37 30.43 -4.88 43.08
N VAL A 38 31.26 -5.83 42.65
CA VAL A 38 30.94 -6.64 41.49
C VAL A 38 30.02 -7.77 41.93
N LYS A 39 29.05 -8.11 41.08
CA LYS A 39 28.14 -9.21 41.35
C LYS A 39 28.14 -10.25 40.25
N PHE A 40 28.86 -10.02 39.15
CA PHE A 40 28.90 -10.95 38.03
C PHE A 40 30.34 -11.07 37.58
N ILE A 41 30.82 -12.31 37.43
CA ILE A 41 32.20 -12.59 37.07
C ILE A 41 32.22 -13.53 35.88
N ARG A 42 32.98 -13.18 34.85
CA ARG A 42 33.12 -13.98 33.65
C ARG A 42 34.51 -14.63 33.65
N LEU A 43 34.56 -15.94 33.86
CA LEU A 43 35.79 -16.69 33.74
C LEU A 43 35.95 -17.10 32.29
N GLN A 44 36.68 -16.30 31.52
CA GLN A 44 36.71 -16.42 30.07
C GLN A 44 38.00 -17.06 29.58
N PHE A 45 37.89 -17.73 28.45
CA PHE A 45 39.00 -18.44 27.82
C PHE A 45 38.77 -18.46 26.33
N THR A 46 39.74 -19.01 25.59
CA THR A 46 39.70 -19.03 24.14
C THR A 46 39.89 -20.46 23.64
N ASP A 47 39.09 -20.85 22.66
CA ASP A 47 39.18 -22.18 22.07
C ASP A 47 40.20 -22.16 20.92
N ILE A 48 40.27 -23.27 20.17
CA ILE A 48 41.19 -23.35 19.04
C ILE A 48 40.80 -22.37 17.96
N LEU A 49 39.49 -22.25 17.69
CA LEU A 49 39.01 -21.41 16.57
C LEU A 49 39.18 -19.90 16.89
N GLY A 50 39.51 -19.56 18.14
CA GLY A 50 39.66 -18.18 18.50
C GLY A 50 38.42 -17.52 19.09
N ILE A 51 37.31 -18.25 19.20
CA ILE A 51 36.09 -17.69 19.75
C ILE A 51 36.25 -17.52 21.25
N ILE A 52 35.86 -16.35 21.75
CA ILE A 52 35.94 -16.07 23.18
C ILE A 52 34.81 -16.81 23.88
N LYS A 53 35.16 -17.68 24.83
CA LYS A 53 34.20 -18.45 25.59
C LYS A 53 34.40 -18.18 27.07
N ASN A 54 33.33 -18.36 27.84
CA ASN A 54 33.39 -18.08 29.28
C ASN A 54 32.34 -18.91 30.01
N VAL A 55 32.53 -19.02 31.33
CA VAL A 55 31.50 -19.47 32.23
C VAL A 55 31.24 -18.33 33.21
N GLU A 56 29.97 -18.13 33.54
CA GLU A 56 29.53 -16.96 34.29
C GLU A 56 29.06 -17.39 35.67
N ILE A 57 29.67 -16.81 36.70
CA ILE A 57 29.41 -17.20 38.08
C ILE A 57 29.06 -15.97 38.90
N PRO A 58 28.28 -16.11 39.98
CA PRO A 58 28.05 -14.98 40.87
C PRO A 58 29.28 -14.69 41.72
N VAL A 59 29.29 -13.49 42.31
CA VAL A 59 30.41 -13.09 43.14
C VAL A 59 30.52 -13.96 44.38
N SER A 60 29.43 -14.63 44.77
CA SER A 60 29.48 -15.50 45.94
C SER A 60 30.36 -16.72 45.69
N GLN A 61 30.58 -17.08 44.43
CA GLN A 61 31.44 -18.20 44.07
C GLN A 61 32.87 -17.77 43.77
N LEU A 62 33.21 -16.51 44.08
CA LEU A 62 34.58 -16.00 43.77
C LEU A 62 35.61 -16.85 44.51
N LYS A 63 35.30 -17.25 45.74
CA LYS A 63 36.25 -18.06 46.56
C LYS A 63 36.53 -19.39 45.84
N LYS A 64 35.49 -20.06 45.34
CA LYS A 64 35.66 -21.37 44.65
C LYS A 64 36.53 -21.18 43.39
N ALA A 65 36.31 -20.09 42.65
CA ALA A 65 37.13 -19.80 41.46
C ALA A 65 38.60 -19.64 41.85
N LEU A 66 38.87 -18.89 42.92
CA LEU A 66 40.26 -18.67 43.40
C LEU A 66 40.85 -19.99 43.93
N ASP A 67 39.99 -20.90 44.39
CA ASP A 67 40.47 -22.21 44.93
C ASP A 67 40.73 -23.19 43.79
N ASN A 68 40.49 -22.77 42.53
CA ASN A 68 40.75 -23.62 41.34
C ASN A 68 39.94 -24.91 41.44
N LYS A 69 38.67 -24.80 41.84
CA LYS A 69 37.77 -25.95 41.96
C LYS A 69 36.56 -25.86 41.04
N ILE A 70 36.61 -25.04 40.00
CA ILE A 70 35.48 -24.88 39.10
C ILE A 70 35.58 -25.89 37.97
N MET A 71 34.56 -26.72 37.83
CA MET A 71 34.45 -27.64 36.70
C MET A 71 33.70 -26.98 35.55
N PHE A 72 33.98 -27.47 34.34
CA PHE A 72 33.23 -27.08 33.17
C PHE A 72 33.41 -28.15 32.10
N ASP A 73 32.50 -28.16 31.13
CA ASP A 73 32.55 -29.15 30.06
C ASP A 73 33.74 -28.86 29.18
N GLY A 74 34.78 -29.69 29.30
CA GLY A 74 36.04 -29.43 28.61
C GLY A 74 36.00 -29.64 27.11
N SER A 75 34.98 -30.34 26.61
CA SER A 75 34.88 -30.54 25.17
C SER A 75 34.46 -29.27 24.45
N SER A 76 34.07 -28.23 25.19
CA SER A 76 33.67 -26.98 24.56
C SER A 76 34.83 -26.32 23.82
N ILE A 77 36.02 -26.34 24.42
CA ILE A 77 37.17 -25.70 23.78
C ILE A 77 37.59 -26.44 22.51
N GLU A 78 37.22 -27.72 22.37
CA GLU A 78 37.52 -28.45 21.15
C GLU A 78 36.73 -27.93 19.95
N GLY A 79 35.71 -27.11 20.18
CA GLY A 79 34.92 -26.56 19.09
C GLY A 79 33.72 -27.40 18.74
N PHE A 80 33.31 -27.38 17.46
CA PHE A 80 32.17 -28.16 17.01
C PHE A 80 32.51 -29.63 16.77
N VAL A 81 33.79 -30.00 16.89
CA VAL A 81 34.21 -31.38 16.64
C VAL A 81 34.28 -32.14 17.97
N ARG A 82 33.63 -31.59 19.00
CA ARG A 82 33.57 -32.27 20.29
C ARG A 82 32.80 -33.57 20.16
N ILE A 83 33.34 -34.64 20.77
CA ILE A 83 32.72 -35.95 20.71
C ILE A 83 32.43 -36.43 22.13
N GLU A 84 33.48 -36.54 22.95
CA GLU A 84 33.37 -37.06 24.30
C GLU A 84 33.44 -35.92 25.30
N GLU A 85 32.45 -35.85 26.18
CA GLU A 85 32.44 -34.86 27.24
C GLU A 85 33.49 -35.21 28.29
N SER A 86 34.24 -34.20 28.75
CA SER A 86 35.24 -34.40 29.79
C SER A 86 35.25 -33.18 30.71
N ASP A 87 35.09 -33.42 32.01
CA ASP A 87 35.14 -32.34 32.99
C ASP A 87 36.59 -31.99 33.29
N MET A 88 36.88 -30.69 33.37
CA MET A 88 38.24 -30.24 33.61
C MET A 88 38.21 -28.86 34.26
N TYR A 89 39.33 -28.54 34.94
CA TYR A 89 39.39 -27.37 35.79
C TYR A 89 39.52 -26.08 34.97
N LEU A 90 39.40 -24.96 35.67
CA LEU A 90 39.39 -23.64 35.04
C LEU A 90 40.27 -22.67 35.83
N PHE A 91 41.51 -23.09 36.10
CA PHE A 91 42.50 -22.29 36.81
C PHE A 91 42.58 -20.87 36.25
N PRO A 92 42.21 -19.85 37.02
CA PRO A 92 42.24 -18.47 36.52
C PRO A 92 43.60 -17.81 36.73
N ASP A 93 43.73 -16.62 36.13
CA ASP A 93 44.92 -15.80 36.25
C ASP A 93 44.57 -14.50 36.97
N LEU A 94 45.30 -14.19 38.04
CA LEU A 94 44.95 -13.00 38.87
C LEU A 94 45.32 -11.70 38.17
N ASP A 95 46.39 -11.68 37.37
CA ASP A 95 46.85 -10.43 36.78
C ASP A 95 45.88 -9.87 35.75
N THR A 96 44.88 -10.64 35.33
CA THR A 96 43.93 -10.21 34.31
C THR A 96 42.59 -9.78 34.90
N TRP A 97 42.58 -9.32 36.15
CA TRP A 97 41.34 -8.85 36.76
C TRP A 97 40.96 -7.49 36.19
N VAL A 98 39.82 -7.44 35.50
CA VAL A 98 39.34 -6.23 34.84
C VAL A 98 37.86 -6.09 35.11
N VAL A 99 37.43 -4.87 35.46
CA VAL A 99 36.03 -4.57 35.76
C VAL A 99 35.49 -3.71 34.62
N PHE A 100 34.41 -4.19 33.98
CA PHE A 100 33.80 -3.44 32.89
C PHE A 100 32.99 -2.26 33.45
N PRO A 101 33.01 -1.12 32.77
CA PRO A 101 32.22 0.04 33.25
C PRO A 101 30.78 0.03 32.78
N TRP A 102 30.49 -0.60 31.64
CA TRP A 102 29.13 -0.59 31.07
C TRP A 102 28.29 -1.68 31.74
N THR A 103 28.06 -1.50 33.04
CA THR A 103 27.31 -2.47 33.83
C THR A 103 26.13 -1.87 34.57
N ALA A 104 25.79 -0.60 34.34
CA ALA A 104 24.68 0.09 34.99
C ALA A 104 24.91 0.06 36.50
N GLU A 105 23.85 0.03 37.30
CA GLU A 105 23.95 0.05 38.75
C GLU A 105 23.69 -1.31 39.39
N LYS A 106 23.08 -2.25 38.68
CA LYS A 106 22.77 -3.57 39.24
C LYS A 106 24.02 -4.47 39.16
N GLY A 107 25.01 -4.11 39.96
CA GLY A 107 26.23 -4.90 40.05
C GLY A 107 27.17 -4.74 38.88
N LYS A 108 28.47 -4.75 39.15
CA LYS A 108 29.47 -4.65 38.12
C LYS A 108 29.77 -6.03 37.52
N VAL A 109 30.53 -6.03 36.43
CA VAL A 109 30.95 -7.26 35.76
C VAL A 109 32.47 -7.25 35.65
N ALA A 110 33.07 -8.40 35.96
CA ALA A 110 34.52 -8.54 35.91
C ALA A 110 34.85 -9.81 35.13
N ARG A 111 36.05 -9.81 34.54
CA ARG A 111 36.51 -10.96 33.75
C ARG A 111 37.91 -11.35 34.21
N MET A 112 38.22 -12.63 34.06
CA MET A 112 39.53 -13.16 34.40
C MET A 112 39.90 -14.21 33.37
N ILE A 113 41.05 -14.05 32.74
CA ILE A 113 41.53 -15.05 31.79
C ILE A 113 41.94 -16.30 32.56
N CYS A 114 41.41 -17.45 32.15
CA CYS A 114 41.59 -18.69 32.88
C CYS A 114 42.34 -19.72 32.04
N ASP A 115 43.30 -20.39 32.67
CA ASP A 115 43.98 -21.51 32.05
C ASP A 115 43.13 -22.77 32.15
N ILE A 116 43.31 -23.66 31.18
CA ILE A 116 42.58 -24.93 31.13
C ILE A 116 43.50 -26.01 31.70
N TYR A 117 43.01 -26.73 32.71
CA TYR A 117 43.78 -27.76 33.38
C TYR A 117 43.00 -29.06 33.41
N ASN A 118 43.73 -30.17 33.21
CA ASN A 118 43.14 -31.48 33.35
C ASN A 118 42.84 -31.77 34.82
N PRO A 119 41.94 -32.73 35.09
CA PRO A 119 41.62 -33.03 36.49
C PRO A 119 42.80 -33.52 37.31
N ASP A 120 43.89 -33.97 36.66
CA ASP A 120 45.07 -34.45 37.38
C ASP A 120 46.10 -33.34 37.60
N MET A 121 45.67 -32.09 37.71
CA MET A 121 46.55 -30.95 37.99
C MET A 121 47.63 -30.78 36.92
N THR A 122 47.28 -31.04 35.66
CA THR A 122 48.18 -30.82 34.56
C THR A 122 47.49 -29.94 33.52
N PRO A 123 48.21 -28.97 32.94
CA PRO A 123 47.60 -28.13 31.91
C PRO A 123 47.19 -28.95 30.71
N PHE A 124 46.05 -28.58 30.12
CA PHE A 124 45.53 -29.31 28.97
C PHE A 124 46.40 -29.05 27.75
N ALA A 125 46.68 -30.10 26.99
CA ALA A 125 47.50 -29.96 25.79
C ALA A 125 46.79 -29.15 24.72
N GLY A 126 45.46 -29.17 24.71
CA GLY A 126 44.69 -28.46 23.71
C GLY A 126 44.42 -27.00 23.98
N ASP A 127 44.92 -26.47 25.09
CA ASP A 127 44.72 -25.07 25.40
C ASP A 127 45.74 -24.21 24.67
N PRO A 128 45.32 -23.27 23.82
CA PRO A 128 46.31 -22.42 23.13
C PRO A 128 47.18 -21.61 24.08
N ARG A 129 46.61 -21.14 25.20
CA ARG A 129 47.40 -20.37 26.16
C ARG A 129 48.49 -21.22 26.79
N ALA A 130 48.17 -22.46 27.15
CA ALA A 130 49.19 -23.35 27.70
C ALA A 130 50.27 -23.65 26.67
N ASN A 131 49.89 -23.81 25.41
CA ASN A 131 50.87 -24.04 24.35
C ASN A 131 51.80 -22.83 24.20
N LEU A 132 51.24 -21.62 24.24
CA LEU A 132 52.06 -20.43 24.17
C LEU A 132 52.99 -20.34 25.38
N LYS A 133 52.50 -20.70 26.55
CA LYS A 133 53.35 -20.70 27.74
C LYS A 133 54.49 -21.69 27.61
N ARG A 134 54.21 -22.87 27.04
CA ARG A 134 55.27 -23.86 26.82
C ARG A 134 56.31 -23.35 25.84
N VAL A 135 55.87 -22.71 24.75
CA VAL A 135 56.82 -22.15 23.79
C VAL A 135 57.66 -21.05 24.43
N LEU A 136 57.03 -20.22 25.26
CA LEU A 136 57.77 -19.18 25.96
C LEU A 136 58.77 -19.77 26.95
N LYS A 137 58.41 -20.89 27.59
CA LYS A 137 59.35 -21.59 28.44
C LYS A 137 60.55 -22.10 27.66
N GLU A 138 60.30 -22.62 26.46
CA GLU A 138 61.40 -23.03 25.58
C GLU A 138 62.29 -21.85 25.25
N MET A 139 61.68 -20.70 24.94
CA MET A 139 62.46 -19.49 24.65
C MET A 139 63.32 -19.11 25.85
N GLU A 140 62.72 -19.10 27.04
CA GLU A 140 63.44 -18.68 28.24
C GLU A 140 64.59 -19.62 28.56
N GLU A 141 64.36 -20.92 28.46
CA GLU A 141 65.45 -21.87 28.71
C GLU A 141 66.52 -21.80 27.61
N LEU A 142 66.15 -21.26 26.45
CA LEU A 142 67.17 -21.10 25.35
C LEU A 142 68.09 -19.92 25.69
N GLY A 143 67.57 -18.90 26.38
CA GLY A 143 68.42 -17.79 26.79
C GLY A 143 67.79 -16.41 26.75
N PHE A 144 66.59 -16.33 26.19
CA PHE A 144 65.91 -15.01 26.07
C PHE A 144 65.01 -14.78 27.29
N THR A 145 64.53 -13.55 27.44
CA THR A 145 63.71 -13.18 28.58
C THR A 145 62.24 -13.04 28.24
N GLU A 146 61.91 -12.23 27.22
CA GLU A 146 60.52 -11.98 26.87
C GLU A 146 60.39 -11.79 25.37
N PHE A 147 59.16 -11.92 24.89
CA PHE A 147 58.80 -11.81 23.47
C PHE A 147 57.74 -10.73 23.36
N ASN A 148 58.17 -9.48 23.20
CA ASN A 148 57.24 -8.36 23.14
C ASN A 148 56.50 -8.34 21.81
N LEU A 149 55.23 -7.93 21.85
CA LEU A 149 54.41 -7.83 20.66
C LEU A 149 53.58 -6.55 20.71
N GLY A 150 53.50 -5.87 19.56
CA GLY A 150 52.56 -4.80 19.38
C GLY A 150 51.71 -5.02 18.14
N PRO A 151 50.42 -5.28 18.33
CA PRO A 151 49.53 -5.53 17.19
C PRO A 151 48.83 -4.27 16.70
N GLU A 152 48.42 -4.33 15.44
CA GLU A 152 47.71 -3.23 14.78
C GLU A 152 46.46 -3.76 14.11
N PRO A 153 45.44 -4.14 14.89
CA PRO A 153 44.23 -4.70 14.31
C PRO A 153 43.41 -3.66 13.56
N GLU A 154 42.67 -4.13 12.57
CA GLU A 154 41.75 -3.31 11.80
C GLU A 154 40.38 -3.98 11.77
N PHE A 155 39.33 -3.19 11.89
CA PHE A 155 37.97 -3.71 11.96
C PHE A 155 37.04 -2.87 11.10
N PHE A 156 35.93 -3.48 10.71
CA PHE A 156 34.90 -2.82 9.91
C PHE A 156 33.66 -2.58 10.75
N LEU A 157 32.93 -1.52 10.41
CA LEU A 157 31.69 -1.17 11.09
C LEU A 157 30.56 -1.11 10.06
N PHE A 158 29.49 -1.86 10.32
CA PHE A 158 28.36 -1.97 9.42
C PHE A 158 27.09 -1.50 10.12
N LYS A 159 26.23 -0.80 9.38
CA LYS A 159 24.98 -0.33 9.94
C LYS A 159 24.00 -1.48 10.13
N LEU A 160 23.39 -1.54 11.31
CA LEU A 160 22.41 -2.57 11.59
C LEU A 160 21.09 -2.27 10.88
N ASP A 161 20.31 -3.31 10.64
CA ASP A 161 19.02 -3.18 10.00
C ASP A 161 17.93 -2.92 11.05
N GLU A 162 16.67 -2.96 10.62
CA GLU A 162 15.57 -2.75 11.56
C GLU A 162 15.49 -3.87 12.58
N ASN A 163 15.78 -5.10 12.17
CA ASN A 163 15.75 -6.26 13.06
C ASN A 163 17.08 -6.51 13.74
N ARG A 164 17.90 -5.47 13.92
CA ARG A 164 19.21 -5.59 14.54
C ARG A 164 20.10 -6.59 13.79
N ARG A 165 20.04 -6.52 12.47
CA ARG A 165 20.85 -7.38 11.62
C ARG A 165 21.83 -6.55 10.80
N PRO A 166 23.05 -7.02 10.61
CA PRO A 166 24.02 -6.25 9.84
C PRO A 166 23.59 -6.08 8.39
N THR A 167 23.96 -4.95 7.81
CA THR A 167 23.73 -4.67 6.41
C THR A 167 25.07 -4.57 5.69
N LEU A 168 25.02 -4.26 4.40
CA LEU A 168 26.21 -4.12 3.59
C LEU A 168 26.64 -2.67 3.43
N GLU A 169 26.03 -1.76 4.17
CA GLU A 169 26.36 -0.34 4.08
C GLU A 169 27.24 0.06 5.25
N LEU A 170 28.21 0.93 4.97
CA LEU A 170 29.19 1.37 5.95
C LEU A 170 28.73 2.66 6.62
N ASN A 171 29.28 2.92 7.80
CA ASN A 171 28.84 4.09 8.57
C ASN A 171 29.28 5.41 7.94
N ASP A 172 30.45 5.45 7.32
CA ASP A 172 30.92 6.68 6.69
C ASP A 172 31.82 6.34 5.51
N SER A 173 31.87 7.28 4.57
CA SER A 173 32.72 7.14 3.38
C SER A 173 34.03 7.89 3.59
N GLY A 174 34.84 7.36 4.49
CA GLY A 174 36.11 7.96 4.83
C GLY A 174 37.23 7.54 3.90
N GLY A 175 38.44 7.96 4.25
CA GLY A 175 39.62 7.62 3.50
C GLY A 175 40.78 7.27 4.40
N TYR A 176 41.97 7.13 3.83
CA TYR A 176 43.15 6.76 4.62
C TYR A 176 43.56 7.95 5.50
N PHE A 177 43.60 7.71 6.81
CA PHE A 177 43.96 8.72 7.80
C PHE A 177 43.02 9.91 7.78
N ASP A 178 41.86 9.78 7.16
CA ASP A 178 40.91 10.88 7.06
C ASP A 178 40.21 11.12 8.38
N LEU A 179 39.78 12.37 8.59
CA LEU A 179 39.00 12.74 9.77
C LEU A 179 37.52 12.56 9.42
N ALA A 180 37.14 11.30 9.22
CA ALA A 180 35.82 10.97 8.70
C ALA A 180 34.71 11.05 9.75
N PRO A 181 34.82 10.36 10.90
CA PRO A 181 33.70 10.39 11.86
C PRO A 181 33.55 11.71 12.59
N THR A 182 34.48 12.64 12.42
CA THR A 182 34.45 13.97 13.04
C THR A 182 34.17 13.92 14.54
N ASP A 183 33.08 14.56 14.97
CA ASP A 183 32.81 14.76 16.38
C ASP A 183 31.30 14.84 16.64
N LEU A 184 30.93 15.49 17.75
CA LEU A 184 29.49 15.67 18.11
C LEU A 184 28.80 14.31 18.24
N GLY A 185 29.19 13.50 19.23
CA GLY A 185 28.55 12.22 19.46
C GLY A 185 29.03 11.21 18.44
N GLU A 186 28.33 10.07 18.38
CA GLU A 186 28.75 8.92 17.58
C GLU A 186 30.25 8.70 17.70
N ASN A 187 30.95 8.74 16.56
CA ASN A 187 32.39 8.53 16.51
C ASN A 187 32.80 7.31 17.32
N CYS A 188 32.36 6.13 16.88
CA CYS A 188 32.54 4.92 17.68
C CYS A 188 34.00 4.63 17.96
N ARG A 189 34.90 5.01 17.06
CA ARG A 189 36.32 4.79 17.30
C ARG A 189 36.81 5.59 18.51
N ARG A 190 36.41 6.85 18.61
CA ARG A 190 36.83 7.68 19.74
C ARG A 190 36.30 7.12 21.05
N ASP A 191 35.03 6.70 21.07
CA ASP A 191 34.46 6.12 22.27
C ASP A 191 35.15 4.81 22.64
N ILE A 192 35.49 3.99 21.65
CA ILE A 192 36.20 2.75 21.91
C ILE A 192 37.55 3.03 22.54
N VAL A 193 38.28 4.00 21.98
CA VAL A 193 39.60 4.34 22.52
C VAL A 193 39.47 4.87 23.94
N LEU A 194 38.47 5.72 24.19
CA LEU A 194 38.29 6.28 25.52
C LEU A 194 37.94 5.19 26.55
N GLU A 195 37.06 4.27 26.17
CA GLU A 195 36.70 3.18 27.08
C GLU A 195 37.89 2.28 27.35
N LEU A 196 38.67 1.97 26.32
CA LEU A 196 39.85 1.15 26.50
C LEU A 196 40.86 1.82 27.42
N GLU A 197 41.06 3.13 27.26
CA GLU A 197 41.97 3.87 28.13
C GLU A 197 41.48 3.90 29.57
N GLU A 198 40.18 4.14 29.76
CA GLU A 198 39.62 4.12 31.12
C GLU A 198 39.77 2.74 31.74
N MET A 199 39.65 1.69 30.94
CA MET A 199 39.69 0.33 31.47
C MET A 199 41.09 -0.10 31.86
N GLY A 200 42.12 0.53 31.33
CA GLY A 200 43.48 0.24 31.74
C GLY A 200 44.36 -0.35 30.66
N PHE A 201 44.09 -0.01 29.40
CA PHE A 201 44.90 -0.47 28.29
C PHE A 201 45.76 0.67 27.75
N GLU A 202 46.86 0.29 27.12
CA GLU A 202 47.82 1.24 26.56
C GLU A 202 47.57 1.32 25.05
N ILE A 203 47.19 2.50 24.57
CA ILE A 203 46.89 2.73 23.17
C ILE A 203 47.89 3.73 22.62
N GLU A 204 48.51 3.39 21.49
CA GLU A 204 49.45 4.31 20.86
C GLU A 204 48.73 5.36 20.03
N ALA A 205 48.00 4.93 19.00
CA ALA A 205 47.30 5.84 18.12
C ALA A 205 46.18 5.09 17.41
N SER A 206 45.20 5.86 16.93
CA SER A 206 44.11 5.33 16.14
C SER A 206 43.86 6.24 14.95
N HIS A 207 43.38 5.66 13.86
CA HIS A 207 43.15 6.42 12.64
C HIS A 207 42.14 5.66 11.78
N HIS A 208 41.79 6.27 10.65
CA HIS A 208 40.86 5.70 9.69
C HIS A 208 41.64 5.02 8.58
N GLU A 209 41.28 3.76 8.29
CA GLU A 209 41.97 3.03 7.25
C GLU A 209 41.48 3.47 5.87
N VAL A 210 42.18 3.01 4.83
CA VAL A 210 41.92 3.50 3.48
C VAL A 210 40.52 3.10 3.02
N ALA A 211 40.04 1.93 3.42
CA ALA A 211 38.69 1.53 3.08
C ALA A 211 37.69 2.37 3.86
N PRO A 212 36.52 2.66 3.28
CA PRO A 212 35.47 3.35 4.06
C PRO A 212 35.03 2.50 5.24
N GLY A 213 34.68 3.18 6.33
CA GLY A 213 34.17 2.47 7.49
C GLY A 213 35.15 1.53 8.16
N GLN A 214 36.43 1.60 7.81
CA GLN A 214 37.46 0.73 8.38
C GLN A 214 38.35 1.56 9.28
N HIS A 215 38.58 1.07 10.49
CA HIS A 215 39.34 1.79 11.50
C HIS A 215 40.45 0.91 12.05
N GLU A 216 41.54 1.53 12.47
CA GLU A 216 42.67 0.82 13.04
C GLU A 216 43.05 1.46 14.37
N ILE A 217 43.32 0.61 15.37
CA ILE A 217 43.77 1.05 16.68
C ILE A 217 45.06 0.33 17.00
N ASP A 218 46.09 1.09 17.36
CA ASP A 218 47.41 0.55 17.64
C ASP A 218 47.61 0.41 19.14
N PHE A 219 48.35 -0.63 19.53
CA PHE A 219 48.61 -0.94 20.93
C PHE A 219 50.08 -0.73 21.25
N LYS A 220 50.38 -0.61 22.54
CA LYS A 220 51.76 -0.56 22.97
C LYS A 220 52.39 -1.95 22.94
N TYR A 221 53.61 -2.04 23.45
CA TYR A 221 54.39 -3.27 23.38
C TYR A 221 54.49 -3.89 24.76
N GLU A 222 53.84 -5.03 24.95
CA GLU A 222 53.87 -5.78 26.19
C GLU A 222 54.21 -7.24 25.88
N ASP A 223 54.12 -8.08 26.91
CA ASP A 223 54.47 -9.49 26.76
C ASP A 223 53.45 -10.19 25.85
N ALA A 224 53.85 -11.37 25.36
CA ALA A 224 53.04 -12.09 24.39
C ALA A 224 51.68 -12.50 24.97
N ILE A 225 51.69 -13.07 26.18
CA ILE A 225 50.44 -13.50 26.80
C ILE A 225 49.55 -12.30 27.06
N THR A 226 50.14 -11.22 27.59
CA THR A 226 49.37 -9.99 27.78
C THR A 226 48.92 -9.41 26.46
N ALA A 227 49.69 -9.60 25.39
CA ALA A 227 49.26 -9.16 24.07
C ALA A 227 48.02 -9.91 23.62
N CYS A 228 47.99 -11.22 23.83
CA CYS A 228 46.81 -12.01 23.50
C CYS A 228 45.60 -11.55 24.31
N ASP A 229 45.81 -11.35 25.62
CA ASP A 229 44.70 -10.90 26.46
C ASP A 229 44.18 -9.54 26.00
N SER A 230 45.08 -8.63 25.66
CA SER A 230 44.67 -7.32 25.18
C SER A 230 43.92 -7.43 23.86
N ILE A 231 44.36 -8.32 22.96
CA ILE A 231 43.69 -8.47 21.67
C ILE A 231 42.27 -9.00 21.87
N GLN A 232 42.12 -10.02 22.71
CA GLN A 232 40.80 -10.59 22.94
C GLN A 232 39.87 -9.59 23.61
N THR A 233 40.38 -8.88 24.62
CA THR A 233 39.57 -7.86 25.29
C THR A 233 39.20 -6.74 24.32
N PHE A 234 40.12 -6.37 23.44
CA PHE A 234 39.85 -5.34 22.44
C PHE A 234 38.73 -5.78 21.50
N LYS A 235 38.77 -7.04 21.05
CA LYS A 235 37.70 -7.55 20.20
C LYS A 235 36.37 -7.49 20.92
N LEU A 236 36.34 -7.96 22.17
CA LEU A 236 35.09 -7.96 22.93
C LEU A 236 34.56 -6.53 23.12
N VAL A 237 35.44 -5.60 23.49
CA VAL A 237 35.01 -4.23 23.75
C VAL A 237 34.53 -3.56 22.47
N VAL A 238 35.24 -3.77 21.36
CA VAL A 238 34.81 -3.18 20.10
C VAL A 238 33.45 -3.70 19.70
N LYS A 239 33.24 -5.01 19.82
CA LYS A 239 31.94 -5.57 19.47
C LYS A 239 30.83 -5.00 20.35
N THR A 240 31.07 -4.93 21.66
CA THR A 240 30.05 -4.42 22.57
C THR A 240 29.72 -2.96 22.28
N ILE A 241 30.74 -2.12 22.10
CA ILE A 241 30.50 -0.70 21.89
C ILE A 241 29.84 -0.46 20.53
N ALA A 242 30.25 -1.19 19.51
CA ALA A 242 29.61 -1.06 18.21
C ALA A 242 28.14 -1.46 18.29
N ARG A 243 27.84 -2.54 19.02
CA ARG A 243 26.44 -2.94 19.19
C ARG A 243 25.64 -1.89 19.93
N LYS A 244 26.21 -1.29 20.98
CA LYS A 244 25.45 -0.32 21.77
C LYS A 244 25.12 0.92 20.96
N HIS A 245 26.01 1.33 20.06
CA HIS A 245 25.72 2.43 19.13
C HIS A 245 24.92 1.99 17.92
N GLY A 246 24.33 0.81 17.95
CA GLY A 246 23.56 0.33 16.83
C GLY A 246 24.37 0.06 15.57
N LEU A 247 25.55 -0.54 15.73
CA LEU A 247 26.40 -0.90 14.62
C LEU A 247 26.91 -2.31 14.82
N HIS A 248 27.49 -2.89 13.78
CA HIS A 248 28.07 -4.22 13.84
C HIS A 248 29.56 -4.12 13.55
N ALA A 249 30.37 -4.68 14.44
CA ALA A 249 31.82 -4.71 14.28
C ALA A 249 32.22 -6.05 13.69
N THR A 250 32.99 -6.02 12.60
CA THR A 250 33.38 -7.23 11.89
C THR A 250 34.89 -7.28 11.77
N PHE A 251 35.47 -8.43 12.11
CA PHE A 251 36.89 -8.67 11.94
C PHE A 251 37.18 -9.63 10.79
N MET A 252 36.18 -9.96 9.98
CA MET A 252 36.42 -10.80 8.81
C MET A 252 37.33 -10.06 7.84
N PRO A 253 38.39 -10.69 7.34
CA PRO A 253 39.43 -9.93 6.62
C PRO A 253 38.94 -9.17 5.41
N LYS A 254 38.05 -9.76 4.61
CA LYS A 254 37.61 -9.14 3.35
C LYS A 254 36.08 -9.12 3.33
N PRO A 255 35.46 -8.15 4.00
CA PRO A 255 34.00 -8.08 4.00
C PRO A 255 33.40 -7.86 2.63
N LEU A 256 34.06 -7.10 1.76
CA LEU A 256 33.50 -6.74 0.46
C LEU A 256 34.56 -6.90 -0.62
N PHE A 257 34.09 -7.14 -1.84
CA PHE A 257 34.96 -7.25 -3.00
C PHE A 257 35.32 -5.87 -3.53
N GLY A 258 36.56 -5.72 -3.97
CA GLY A 258 37.03 -4.43 -4.43
C GLY A 258 37.33 -3.44 -3.34
N VAL A 259 37.30 -3.87 -2.08
CA VAL A 259 37.55 -3.01 -0.93
C VAL A 259 38.70 -3.62 -0.14
N ASN A 260 39.61 -2.76 0.35
CA ASN A 260 40.80 -3.25 1.01
C ASN A 260 40.45 -4.07 2.25
N GLY A 261 41.25 -5.11 2.50
CA GLY A 261 41.02 -6.01 3.60
C GLY A 261 41.52 -5.46 4.92
N SER A 262 41.31 -6.26 5.96
CA SER A 262 41.70 -5.91 7.33
C SER A 262 42.93 -6.71 7.72
N GLY A 263 43.92 -6.04 8.29
CA GLY A 263 45.15 -6.69 8.73
C GLY A 263 45.44 -6.48 10.19
N MET A 264 46.28 -7.34 10.76
CA MET A 264 46.65 -7.31 12.16
C MET A 264 48.17 -7.45 12.30
N HIS A 265 48.89 -6.59 11.58
CA HIS A 265 50.35 -6.63 11.56
C HIS A 265 50.92 -6.74 12.96
N PHE A 266 51.86 -7.66 13.14
CA PHE A 266 52.53 -7.90 14.40
C PHE A 266 53.91 -7.24 14.39
N ASN A 267 54.13 -6.31 15.32
CA ASN A 267 55.44 -5.72 15.55
C ASN A 267 56.05 -6.41 16.76
N MET A 268 57.00 -7.31 16.51
CA MET A 268 57.54 -8.18 17.54
C MET A 268 59.03 -7.96 17.70
N SER A 269 59.50 -8.05 18.95
CA SER A 269 60.91 -7.91 19.27
C SER A 269 61.28 -8.91 20.35
N LEU A 270 62.55 -9.27 20.39
CA LEU A 270 63.07 -10.26 21.33
C LEU A 270 63.99 -9.58 22.31
N PHE A 271 63.85 -9.91 23.60
CA PHE A 271 64.60 -9.27 24.67
C PHE A 271 65.45 -10.30 25.41
N ASN A 272 66.60 -9.84 25.90
CA ASN A 272 67.46 -10.67 26.73
C ASN A 272 67.78 -9.95 28.03
N GLU A 273 68.73 -10.48 28.81
CA GLU A 273 69.11 -9.84 30.06
C GLU A 273 69.69 -8.45 29.83
N LYS A 274 70.53 -8.31 28.81
CA LYS A 274 71.11 -7.00 28.51
C LYS A 274 70.05 -6.02 28.04
N GLY A 275 69.12 -6.47 27.20
CA GLY A 275 68.08 -5.60 26.68
C GLY A 275 67.45 -6.13 25.42
N ASN A 276 67.33 -5.28 24.40
CA ASN A 276 66.80 -5.70 23.11
C ASN A 276 67.82 -6.55 22.38
N ALA A 277 67.42 -7.75 21.98
CA ALA A 277 68.32 -8.67 21.28
C ALA A 277 68.40 -8.39 19.79
N PHE A 278 67.53 -7.54 19.26
CA PHE A 278 67.51 -7.24 17.82
C PHE A 278 68.28 -5.98 17.47
N PHE A 279 68.92 -5.34 18.44
CA PHE A 279 69.61 -4.07 18.23
C PHE A 279 71.11 -4.26 18.38
N ASP A 280 71.87 -3.70 17.43
CA ASP A 280 73.33 -3.74 17.49
C ASP A 280 73.87 -2.59 16.65
N GLU A 281 74.53 -1.63 17.30
CA GLU A 281 75.02 -0.46 16.58
C GLU A 281 76.13 -0.82 15.59
N SER A 282 76.87 -1.88 15.86
CA SER A 282 77.99 -2.28 15.02
C SER A 282 77.59 -3.20 13.88
N GLY A 283 76.32 -3.61 13.80
CA GLY A 283 75.85 -4.50 12.76
C GLY A 283 75.26 -3.76 11.58
N GLU A 284 75.07 -4.51 10.49
CA GLU A 284 74.46 -3.95 9.30
C GLU A 284 73.00 -3.59 9.56
N LEU A 285 72.58 -2.42 9.06
CA LEU A 285 71.23 -1.90 9.26
C LEU A 285 70.89 -1.72 10.74
N GLU A 286 71.92 -1.57 11.58
CA GLU A 286 71.74 -1.49 13.03
C GLU A 286 70.96 -2.69 13.55
N LEU A 287 71.27 -3.87 13.01
CA LEU A 287 70.59 -5.10 13.36
C LEU A 287 71.60 -6.13 13.86
N SER A 288 71.23 -6.85 14.92
CA SER A 288 72.09 -7.89 15.45
C SER A 288 71.94 -9.17 14.64
N GLN A 289 72.93 -10.07 14.81
CA GLN A 289 72.86 -11.36 14.13
C GLN A 289 71.65 -12.16 14.60
N THR A 290 71.21 -11.95 15.84
CA THR A 290 69.98 -12.60 16.31
C THR A 290 68.78 -12.16 15.48
N ALA A 291 68.72 -10.87 15.14
CA ALA A 291 67.63 -10.38 14.31
C ALA A 291 67.64 -11.01 12.94
N TYR A 292 68.84 -11.17 12.35
CA TYR A 292 68.92 -11.80 11.03
C TYR A 292 68.55 -13.28 11.09
N HIS A 293 68.96 -13.98 12.15
CA HIS A 293 68.55 -15.36 12.32
C HIS A 293 67.04 -15.47 12.47
N PHE A 294 66.45 -14.55 13.23
CA PHE A 294 64.97 -14.55 13.41
C PHE A 294 64.31 -14.31 12.05
N LEU A 295 64.84 -13.36 11.26
CA LEU A 295 64.27 -13.08 9.94
C LEU A 295 64.35 -14.30 9.04
N ALA A 296 65.49 -15.01 9.06
CA ALA A 296 65.63 -16.21 8.25
C ALA A 296 64.66 -17.29 8.70
N GLY A 297 64.49 -17.45 10.01
CA GLY A 297 63.53 -18.44 10.51
C GLY A 297 62.11 -18.11 10.12
N MET A 298 61.74 -16.83 10.18
CA MET A 298 60.41 -16.42 9.76
C MET A 298 60.19 -16.63 8.28
N LEU A 299 61.20 -16.31 7.46
CA LEU A 299 61.03 -16.41 6.01
C LEU A 299 61.00 -17.86 5.56
N LYS A 300 61.80 -18.72 6.19
CA LYS A 300 61.88 -20.11 5.77
C LYS A 300 60.57 -20.85 5.98
N HIS A 301 59.90 -20.61 7.11
CA HIS A 301 58.70 -21.36 7.48
C HIS A 301 57.42 -20.56 7.26
N ALA A 302 57.49 -19.43 6.55
CA ALA A 302 56.28 -18.61 6.36
C ALA A 302 55.18 -19.37 5.66
N ARG A 303 55.54 -20.12 4.60
CA ARG A 303 54.57 -20.97 3.93
C ARG A 303 54.01 -22.03 4.88
N GLY A 304 54.79 -22.45 5.88
CA GLY A 304 54.31 -23.45 6.80
C GLY A 304 53.20 -22.94 7.70
N TYR A 305 53.37 -21.76 8.29
CA TYR A 305 52.42 -21.22 9.25
C TYR A 305 51.46 -20.20 8.64
N THR A 306 51.46 -20.05 7.31
CA THR A 306 50.47 -19.20 6.67
C THR A 306 49.05 -19.63 7.02
N ALA A 307 48.83 -20.94 7.16
CA ALA A 307 47.51 -21.43 7.54
C ALA A 307 47.13 -20.98 8.94
N VAL A 308 48.08 -21.06 9.88
CA VAL A 308 47.80 -20.65 11.26
C VAL A 308 47.56 -19.15 11.33
N THR A 309 48.36 -18.37 10.61
CA THR A 309 48.20 -16.92 10.64
C THR A 309 46.97 -16.47 9.85
N ASN A 310 46.49 -17.27 8.90
CA ASN A 310 45.30 -16.96 8.12
C ASN A 310 44.40 -18.17 8.12
N PRO A 311 43.61 -18.44 9.22
CA PRO A 311 42.86 -19.71 9.31
C PRO A 311 41.50 -19.75 8.60
N THR A 312 41.06 -18.63 8.01
CA THR A 312 39.74 -18.63 7.40
C THR A 312 39.86 -18.67 5.87
N ILE A 313 38.79 -19.13 5.24
CA ILE A 313 38.72 -19.13 3.77
C ILE A 313 38.78 -17.72 3.24
N ASN A 314 38.05 -16.79 3.87
CA ASN A 314 38.01 -15.42 3.41
C ASN A 314 39.35 -14.72 3.58
N SER A 315 40.23 -15.26 4.44
CA SER A 315 41.51 -14.61 4.68
C SER A 315 42.36 -14.58 3.42
N PHE A 316 42.36 -15.66 2.64
CA PHE A 316 43.19 -15.72 1.44
C PHE A 316 42.63 -14.88 0.31
N LYS A 317 41.39 -14.41 0.40
CA LYS A 317 40.90 -13.43 -0.56
C LYS A 317 41.58 -12.08 -0.37
N ARG A 318 42.08 -11.82 0.85
CA ARG A 318 42.85 -10.61 1.08
C ARG A 318 44.26 -10.72 0.52
N LEU A 319 44.85 -11.93 0.56
CA LEU A 319 46.20 -12.15 0.07
C LEU A 319 46.19 -12.33 -1.45
N VAL A 320 46.02 -11.21 -2.14
CA VAL A 320 46.05 -11.15 -3.60
C VAL A 320 47.19 -10.23 -4.00
N PRO A 321 47.82 -10.44 -5.16
CA PRO A 321 48.91 -9.55 -5.59
C PRO A 321 48.46 -8.10 -5.70
N GLY A 322 49.24 -7.18 -5.14
CA GLY A 322 48.92 -5.78 -5.20
C GLY A 322 50.04 -4.90 -4.67
N TYR A 323 49.69 -3.83 -3.96
CA TYR A 323 50.66 -2.94 -3.35
C TYR A 323 50.55 -2.89 -1.84
N GLU A 324 49.56 -3.56 -1.26
CA GLU A 324 49.40 -3.58 0.20
C GLU A 324 49.15 -4.96 0.78
N ALA A 325 48.93 -5.98 -0.03
CA ALA A 325 48.65 -7.32 0.47
C ALA A 325 49.89 -8.19 0.28
N PRO A 326 50.49 -8.70 1.35
CA PRO A 326 51.70 -9.52 1.20
C PRO A 326 51.38 -10.93 0.70
N CYS A 327 51.69 -11.19 -0.57
CA CYS A 327 51.55 -12.53 -1.14
C CYS A 327 52.89 -13.07 -1.62
N TYR A 328 53.99 -12.48 -1.19
CA TYR A 328 55.34 -12.90 -1.56
C TYR A 328 56.13 -13.21 -0.30
N ILE A 329 57.22 -13.94 -0.46
CA ILE A 329 58.10 -14.25 0.67
C ILE A 329 59.40 -13.47 0.52
N ALA A 330 59.45 -12.30 1.15
CA ALA A 330 60.63 -11.45 1.09
C ALA A 330 60.58 -10.46 2.25
N TRP A 331 61.75 -9.90 2.56
CA TRP A 331 61.88 -8.92 3.63
C TRP A 331 62.60 -7.69 3.10
N SER A 332 62.22 -6.53 3.63
CA SER A 332 62.79 -5.26 3.21
C SER A 332 62.58 -4.21 4.29
N GLY A 333 63.34 -3.12 4.18
CA GLY A 333 63.21 -2.03 5.13
C GLY A 333 63.15 -0.67 4.46
N LYS A 334 63.18 -0.63 3.13
CA LYS A 334 63.17 0.64 2.41
C LYS A 334 61.93 0.79 1.54
N ASN A 335 61.67 -0.19 0.67
CA ASN A 335 60.55 -0.06 -0.27
C ASN A 335 59.21 -0.22 0.42
N ARG A 336 59.19 -0.88 1.58
CA ARG A 336 57.97 -1.23 2.31
C ARG A 336 57.07 -2.16 1.49
N SER A 337 55.91 -2.48 2.05
CA SER A 337 54.99 -3.51 1.56
C SER A 337 55.67 -4.84 1.25
N PRO A 338 56.59 -5.36 2.10
CA PRO A 338 57.05 -6.73 1.91
C PRO A 338 56.22 -7.69 2.73
N LEU A 339 56.57 -8.98 2.73
CA LEU A 339 55.99 -9.90 3.71
C LEU A 339 56.41 -9.50 5.12
N VAL A 340 57.70 -9.26 5.33
CA VAL A 340 58.24 -8.84 6.62
C VAL A 340 58.93 -7.50 6.43
N ARG A 341 58.51 -6.51 7.21
CA ARG A 341 59.05 -5.16 7.11
C ARG A 341 59.76 -4.80 8.41
N VAL A 342 60.90 -4.14 8.28
CA VAL A 342 61.70 -3.69 9.42
C VAL A 342 61.49 -2.17 9.55
N PRO A 343 60.80 -1.70 10.59
CA PRO A 343 60.61 -0.27 10.75
C PRO A 343 61.92 0.47 10.95
N SER A 344 61.95 1.74 10.53
CA SER A 344 63.17 2.52 10.59
C SER A 344 63.63 2.79 12.02
N SER A 345 62.72 2.73 12.99
CA SER A 345 63.09 2.98 14.38
C SER A 345 64.07 1.92 14.88
N ARG A 346 65.03 2.35 15.69
CA ARG A 346 66.04 1.45 16.22
C ARG A 346 66.19 1.63 17.73
N GLY A 347 67.20 0.99 18.31
CA GLY A 347 67.39 1.04 19.75
C GLY A 347 66.50 0.05 20.47
N LEU A 348 65.90 0.48 21.57
CA LEU A 348 64.95 -0.39 22.29
C LEU A 348 63.67 -0.62 21.51
N SER A 349 63.42 0.15 20.45
CA SER A 349 62.23 0.00 19.64
C SER A 349 62.47 -0.84 18.39
N THR A 350 63.67 -1.43 18.26
CA THR A 350 63.96 -2.27 17.11
C THR A 350 63.01 -3.47 17.07
N ARG A 351 62.45 -3.74 15.90
CA ARG A 351 61.43 -4.78 15.79
C ARG A 351 61.33 -5.24 14.35
N LEU A 352 60.71 -6.40 14.17
CA LEU A 352 60.39 -6.96 12.87
C LEU A 352 58.88 -7.07 12.74
N GLU A 353 58.32 -6.55 11.65
CA GLU A 353 56.88 -6.52 11.45
C GLU A 353 56.48 -7.58 10.44
N LEU A 354 55.52 -8.42 10.81
CA LEU A 354 54.94 -9.40 9.91
C LEU A 354 53.55 -8.93 9.51
N ARG A 355 53.33 -8.76 8.20
CA ARG A 355 52.12 -8.13 7.69
C ARG A 355 51.11 -9.12 7.14
N SER A 356 51.35 -10.42 7.25
CA SER A 356 50.45 -11.41 6.70
C SER A 356 49.35 -11.85 7.66
N VAL A 357 49.38 -11.36 8.90
CA VAL A 357 48.38 -11.77 9.89
C VAL A 357 47.12 -10.94 9.71
N ASP A 358 45.97 -11.56 9.93
CA ASP A 358 44.67 -10.93 9.83
C ASP A 358 43.94 -11.04 11.17
N PRO A 359 42.97 -10.17 11.44
CA PRO A 359 42.33 -10.17 12.77
C PRO A 359 41.59 -11.45 13.11
N SER A 360 41.19 -12.25 12.12
CA SER A 360 40.45 -13.47 12.42
C SER A 360 41.34 -14.57 12.99
N ALA A 361 42.65 -14.40 12.96
CA ALA A 361 43.58 -15.42 13.45
C ALA A 361 43.56 -15.48 14.97
N ASN A 362 43.93 -16.64 15.49
CA ASN A 362 44.10 -16.82 16.93
C ASN A 362 45.47 -16.29 17.34
N PRO A 363 45.55 -15.25 18.19
CA PRO A 363 46.86 -14.70 18.55
C PRO A 363 47.78 -15.70 19.24
N TYR A 364 47.21 -16.56 20.09
CA TYR A 364 48.02 -17.53 20.82
C TYR A 364 48.75 -18.46 19.85
N LEU A 365 48.00 -19.10 18.95
CA LEU A 365 48.62 -19.99 17.97
C LEU A 365 49.54 -19.22 17.04
N ALA A 366 49.15 -18.00 16.67
CA ALA A 366 49.95 -17.20 15.75
C ALA A 366 51.35 -16.95 16.31
N MET A 367 51.43 -16.42 17.54
CA MET A 367 52.79 -16.21 18.06
C MET A 367 53.44 -17.50 18.52
N ALA A 368 52.68 -18.55 18.84
CA ALA A 368 53.32 -19.83 19.12
C ALA A 368 54.11 -20.31 17.92
N VAL A 369 53.48 -20.35 16.75
CA VAL A 369 54.16 -20.81 15.55
C VAL A 369 55.24 -19.82 15.13
N LEU A 370 55.00 -18.52 15.28
CA LEU A 370 56.00 -17.53 14.91
C LEU A 370 57.25 -17.66 15.77
N LEU A 371 57.05 -17.75 17.09
CA LEU A 371 58.22 -17.82 18.02
C LEU A 371 59.02 -19.07 17.68
N LYS A 372 58.34 -20.22 17.50
CA LYS A 372 59.02 -21.49 17.16
C LYS A 372 59.86 -21.30 15.89
N ALA A 373 59.23 -20.80 14.80
CA ALA A 373 59.95 -20.61 13.52
C ALA A 373 61.17 -19.70 13.73
N GLY A 374 60.96 -18.53 14.33
CA GLY A 374 62.07 -17.57 14.55
C GLY A 374 63.18 -18.18 15.39
N LEU A 375 62.83 -18.85 16.48
CA LEU A 375 63.84 -19.46 17.38
C LEU A 375 64.58 -20.58 16.65
N SER A 376 63.88 -21.36 15.82
CA SER A 376 64.54 -22.42 15.02
C SER A 376 65.56 -21.77 14.09
N GLY A 377 65.23 -20.60 13.50
CA GLY A 377 66.18 -19.87 12.65
C GLY A 377 67.42 -19.47 13.43
N ILE A 378 67.26 -19.09 14.70
CA ILE A 378 68.42 -18.72 15.57
C ILE A 378 69.23 -19.99 15.87
N LYS A 379 68.56 -21.06 16.30
CA LYS A 379 69.24 -22.35 16.62
C LYS A 379 70.05 -22.80 15.40
N ASP A 380 69.45 -22.77 14.21
CA ASP A 380 70.13 -23.21 13.01
C ASP A 380 71.08 -22.16 12.44
N GLU A 381 71.05 -20.94 12.97
CA GLU A 381 71.91 -19.85 12.50
C GLU A 381 71.77 -19.62 11.00
N LEU A 382 70.52 -19.67 10.52
CA LEU A 382 70.25 -19.50 9.10
C LEU A 382 70.56 -18.06 8.68
N THR A 383 71.11 -17.93 7.47
CA THR A 383 71.39 -16.62 6.90
C THR A 383 70.21 -16.17 6.06
N PRO A 384 69.60 -15.01 6.35
CA PRO A 384 68.42 -14.60 5.59
C PRO A 384 68.81 -14.19 4.18
N PRO A 385 67.87 -14.30 3.23
CA PRO A 385 68.17 -13.83 1.87
C PRO A 385 68.31 -12.32 1.82
N ALA A 386 68.99 -11.85 0.78
CA ALA A 386 69.23 -10.43 0.62
C ALA A 386 67.90 -9.70 0.46
N PRO A 387 67.73 -8.53 1.09
CA PRO A 387 66.47 -7.81 0.97
C PRO A 387 66.26 -7.30 -0.45
N VAL A 388 64.99 -7.20 -0.83
CA VAL A 388 64.60 -6.70 -2.15
C VAL A 388 63.88 -5.37 -1.97
N ASP A 389 64.36 -4.35 -2.68
CA ASP A 389 63.73 -3.03 -2.63
C ASP A 389 63.26 -2.58 -4.01
N ARG A 390 63.04 -3.52 -4.92
CA ARG A 390 62.67 -3.21 -6.29
C ARG A 390 61.15 -3.26 -6.51
N ASN A 391 60.37 -3.05 -5.45
CA ASN A 391 58.92 -2.96 -5.59
C ASN A 391 58.34 -4.22 -6.23
N ILE A 392 58.38 -5.35 -5.52
CA ILE A 392 58.15 -6.63 -6.18
C ILE A 392 56.65 -6.82 -6.44
N TYR A 393 56.19 -6.20 -7.52
CA TYR A 393 54.85 -6.41 -8.06
C TYR A 393 54.90 -6.49 -9.58
N GLY A 394 55.94 -5.93 -10.18
CA GLY A 394 55.98 -5.74 -11.62
C GLY A 394 56.97 -6.61 -12.36
N MET A 395 57.99 -7.10 -11.66
CA MET A 395 58.99 -7.93 -12.32
C MET A 395 58.35 -9.20 -12.86
N ASN A 396 58.91 -9.70 -13.97
CA ASN A 396 58.36 -10.87 -14.62
C ASN A 396 58.54 -12.12 -13.75
N GLU A 397 57.78 -13.17 -14.10
CA GLU A 397 57.85 -14.40 -13.33
C GLU A 397 59.26 -14.99 -13.32
N GLU A 398 59.98 -14.84 -14.43
CA GLU A 398 61.37 -15.29 -14.47
C GLU A 398 62.21 -14.47 -13.51
N GLU A 399 61.97 -13.16 -13.43
CA GLU A 399 62.72 -12.31 -12.50
C GLU A 399 62.44 -12.71 -11.06
N ARG A 400 61.16 -12.98 -10.74
CA ARG A 400 60.83 -13.43 -9.39
C ARG A 400 61.46 -14.78 -9.08
N GLU A 401 61.47 -15.69 -10.07
CA GLU A 401 62.07 -17.00 -9.86
C GLU A 401 63.59 -16.91 -9.72
N ALA A 402 64.23 -15.95 -10.40
CA ALA A 402 65.67 -15.80 -10.28
C ALA A 402 66.07 -15.44 -8.86
N THR A 403 65.33 -14.53 -8.22
CA THR A 403 65.51 -14.21 -6.83
C THR A 403 64.78 -15.26 -5.98
N GLY A 404 65.06 -15.28 -4.68
CA GLY A 404 64.41 -16.23 -3.79
C GLY A 404 63.00 -15.84 -3.42
N ILE A 405 62.31 -15.12 -4.31
CA ILE A 405 60.95 -14.68 -4.07
C ILE A 405 60.00 -15.85 -4.34
N TYR A 406 59.14 -16.14 -3.37
CA TYR A 406 58.16 -17.20 -3.51
C TYR A 406 56.81 -16.69 -3.03
N ASP A 407 55.74 -17.29 -3.55
CA ASP A 407 54.38 -16.87 -3.22
C ASP A 407 53.83 -17.68 -2.06
N LEU A 408 53.03 -17.01 -1.23
CA LEU A 408 52.33 -17.69 -0.16
C LEU A 408 51.22 -18.57 -0.74
N PRO A 409 50.75 -19.57 0.01
CA PRO A 409 49.65 -20.40 -0.50
C PRO A 409 48.43 -19.55 -0.85
N GLU A 410 47.82 -19.88 -1.99
CA GLU A 410 46.71 -19.09 -2.51
C GLU A 410 45.35 -19.54 -2.00
N SER A 411 45.28 -20.64 -1.27
CA SER A 411 44.01 -21.16 -0.78
C SER A 411 44.25 -21.87 0.54
N LEU A 412 43.17 -22.07 1.29
CA LEU A 412 43.28 -22.74 2.61
C LEU A 412 43.81 -24.16 2.42
N GLY A 413 43.35 -24.87 1.38
CA GLY A 413 43.77 -26.25 1.21
C GLY A 413 45.28 -26.39 1.04
N HIS A 414 45.87 -25.52 0.22
CA HIS A 414 47.32 -25.57 0.03
C HIS A 414 48.04 -25.22 1.33
N ALA A 415 47.52 -24.26 2.08
CA ALA A 415 48.11 -23.92 3.37
C ALA A 415 48.02 -25.10 4.35
N LEU A 416 46.90 -25.81 4.31
CA LEU A 416 46.73 -27.01 5.19
C LEU A 416 47.74 -28.09 4.77
N ILE A 417 47.96 -28.25 3.47
CA ILE A 417 48.96 -29.21 2.99
C ILE A 417 50.35 -28.81 3.47
N GLU A 418 50.66 -27.52 3.40
CA GLU A 418 51.95 -27.05 3.89
C GLU A 418 52.11 -27.29 5.39
N LEU A 419 51.05 -27.08 6.15
CA LEU A 419 51.07 -27.41 7.58
C LEU A 419 51.35 -28.88 7.79
N GLU A 420 50.66 -29.75 7.04
CA GLU A 420 50.85 -31.18 7.19
C GLU A 420 52.25 -31.61 6.78
N LYS A 421 52.91 -30.83 5.92
CA LYS A 421 54.28 -31.17 5.52
C LYS A 421 55.29 -30.70 6.55
N ASN A 422 55.15 -29.46 7.02
CA ASN A 422 56.12 -28.89 7.95
C ASN A 422 56.02 -29.57 9.31
N GLU A 423 57.18 -29.83 9.92
CA GLU A 423 57.25 -30.49 11.21
C GLU A 423 57.54 -29.56 12.37
N ILE A 424 58.32 -28.50 12.14
CA ILE A 424 58.63 -27.55 13.22
C ILE A 424 57.38 -26.85 13.70
N ILE A 425 56.52 -26.45 12.76
CA ILE A 425 55.27 -25.79 13.14
C ILE A 425 54.37 -26.74 13.92
N LYS A 426 54.41 -28.03 13.57
CA LYS A 426 53.67 -29.02 14.34
C LYS A 426 54.14 -29.07 15.79
N ASP A 427 55.46 -29.03 15.99
CA ASP A 427 56.00 -29.02 17.35
C ASP A 427 55.60 -27.74 18.07
N GLY A 428 55.62 -26.60 17.38
CA GLY A 428 55.21 -25.36 18.00
C GLY A 428 53.74 -25.34 18.39
N LEU A 429 52.90 -25.99 17.60
CA LEU A 429 51.47 -26.07 17.89
C LEU A 429 51.12 -27.14 18.91
N GLY A 430 52.00 -28.11 19.14
CA GLY A 430 51.66 -29.27 19.91
C GLY A 430 50.89 -30.29 19.08
N GLU A 431 50.58 -31.42 19.70
CA GLU A 431 49.84 -32.46 19.00
C GLU A 431 48.35 -32.14 18.94
N HIS A 432 47.69 -32.11 20.10
CA HIS A 432 46.24 -32.00 20.17
C HIS A 432 45.73 -30.81 19.37
N ILE A 433 46.36 -29.65 19.55
CA ILE A 433 45.97 -28.47 18.80
C ILE A 433 46.16 -28.69 17.32
N PHE A 434 47.24 -29.38 16.93
CA PHE A 434 47.50 -29.62 15.52
C PHE A 434 46.40 -30.45 14.88
N GLU A 435 46.08 -31.61 15.48
CA GLU A 435 45.06 -32.46 14.88
C GLU A 435 43.69 -31.79 14.90
N HIS A 436 43.36 -31.09 15.99
CA HIS A 436 42.05 -30.44 16.05
C HIS A 436 41.94 -29.33 15.00
N PHE A 437 43.00 -28.52 14.88
CA PHE A 437 43.00 -27.42 13.88
C PHE A 437 42.78 -27.99 12.49
N ILE A 438 43.64 -28.92 12.06
CA ILE A 438 43.53 -29.52 10.69
C ILE A 438 42.12 -30.07 10.51
N GLU A 439 41.64 -30.90 11.45
CA GLU A 439 40.29 -31.51 11.35
C GLU A 439 39.23 -30.43 11.08
N ALA A 440 39.12 -29.43 11.96
CA ALA A 440 38.08 -28.38 11.80
C ALA A 440 38.29 -27.63 10.49
N LYS A 441 39.54 -27.32 10.12
CA LYS A 441 39.81 -26.52 8.90
C LYS A 441 39.46 -27.33 7.64
N THR A 442 39.76 -28.63 7.62
CA THR A 442 39.40 -29.49 6.46
C THR A 442 37.88 -29.57 6.36
N ILE A 443 37.17 -29.68 7.49
CA ILE A 443 35.68 -29.70 7.46
C ILE A 443 35.20 -28.38 6.86
N GLU A 444 35.76 -27.25 7.31
CA GLU A 444 35.37 -25.91 6.78
C GLU A 444 35.68 -25.87 5.28
N CYS A 445 36.84 -26.39 4.87
CA CYS A 445 37.23 -26.38 3.43
C CYS A 445 36.27 -27.27 2.63
N ASP A 446 35.96 -28.46 3.11
CA ASP A 446 35.06 -29.36 2.40
C ASP A 446 33.67 -28.75 2.30
N MET A 447 33.21 -28.08 3.36
CA MET A 447 31.92 -27.40 3.31
C MET A 447 31.93 -26.30 2.25
N PHE A 448 33.01 -25.52 2.19
CA PHE A 448 33.10 -24.47 1.18
C PHE A 448 33.15 -25.05 -0.22
N ARG A 449 33.85 -26.17 -0.41
CA ARG A 449 34.05 -26.74 -1.73
C ARG A 449 32.75 -27.23 -2.34
N THR A 450 31.90 -27.87 -1.54
CA THR A 450 30.68 -28.48 -2.06
C THR A 450 29.53 -27.49 -2.19
N ALA A 451 29.68 -26.27 -1.68
CA ALA A 451 28.60 -25.29 -1.75
C ALA A 451 28.49 -24.72 -3.15
N VAL A 452 27.28 -24.27 -3.48
CA VAL A 452 27.00 -23.63 -4.77
C VAL A 452 26.72 -22.15 -4.49
N HIS A 453 27.49 -21.28 -5.12
CA HIS A 453 27.44 -19.86 -4.86
C HIS A 453 26.67 -19.12 -5.94
N PRO A 454 26.08 -17.97 -5.61
CA PRO A 454 25.34 -17.19 -6.62
C PRO A 454 26.22 -16.71 -7.76
N TRP A 455 27.54 -16.66 -7.58
CA TRP A 455 28.44 -16.31 -8.67
C TRP A 455 28.32 -17.29 -9.83
N GLU A 456 28.33 -18.60 -9.52
CA GLU A 456 28.21 -19.62 -10.55
C GLU A 456 26.88 -19.51 -11.27
N ARG A 457 25.79 -19.29 -10.53
CA ARG A 457 24.48 -19.14 -11.17
C ARG A 457 24.46 -17.92 -12.08
N GLU A 458 24.89 -16.77 -11.55
CA GLU A 458 24.81 -15.53 -12.31
C GLU A 458 25.72 -15.54 -13.52
N GLN A 459 26.76 -16.38 -13.55
CA GLN A 459 27.63 -16.38 -14.71
C GLN A 459 27.56 -17.66 -15.54
N TYR A 460 26.65 -18.60 -15.21
CA TYR A 460 26.43 -19.76 -16.06
C TYR A 460 24.97 -20.07 -16.35
N LEU A 461 24.01 -19.54 -15.57
CA LEU A 461 22.62 -19.93 -15.76
C LEU A 461 22.09 -19.52 -17.13
N GLU A 462 22.42 -18.30 -17.58
CA GLU A 462 22.04 -17.85 -18.92
C GLU A 462 23.00 -18.32 -20.00
N ILE A 463 24.30 -18.29 -19.71
CA ILE A 463 25.29 -18.65 -20.72
C ILE A 463 25.15 -20.12 -21.13
N TYR A 464 24.93 -21.00 -20.15
CA TYR A 464 24.74 -22.41 -20.44
C TYR A 464 23.29 -22.83 -20.22
N ALA B 22 13.38 -25.28 61.87
CA ALA B 22 12.51 -24.12 61.99
C ALA B 22 13.25 -22.84 61.63
N LYS B 23 13.41 -22.61 60.32
CA LYS B 23 14.09 -21.40 59.87
C LYS B 23 13.29 -20.15 60.22
N TYR B 24 11.97 -20.21 60.10
CA TYR B 24 11.09 -19.09 60.39
C TYR B 24 9.93 -19.55 61.24
N THR B 25 9.33 -18.60 61.96
CA THR B 25 8.15 -18.84 62.78
C THR B 25 7.05 -17.87 62.35
N LYS B 26 5.87 -18.02 62.97
CA LYS B 26 4.72 -17.14 62.64
C LYS B 26 5.10 -15.69 62.92
N GLU B 27 5.67 -15.41 64.09
CA GLU B 27 6.02 -14.04 64.44
C GLU B 27 7.03 -13.46 63.47
N ASP B 28 7.98 -14.29 63.02
CA ASP B 28 8.95 -13.82 62.03
C ASP B 28 8.26 -13.44 60.72
N ILE B 29 7.30 -14.26 60.29
CA ILE B 29 6.57 -13.99 59.02
C ILE B 29 5.80 -12.68 59.18
N PHE B 30 5.14 -12.48 60.32
CA PHE B 30 4.37 -11.24 60.58
C PHE B 30 5.32 -10.04 60.57
N ARG B 31 6.48 -10.16 61.22
CA ARG B 31 7.45 -9.07 61.26
C ARG B 31 7.97 -8.74 59.87
N PHE B 32 8.26 -9.76 59.05
CA PHE B 32 8.71 -9.52 57.69
C PHE B 32 7.65 -8.79 56.89
N ALA B 33 6.40 -9.26 56.97
CA ALA B 33 5.31 -8.62 56.25
C ALA B 33 5.13 -7.17 56.70
N ASP B 34 5.41 -6.89 57.97
CA ASP B 34 5.29 -5.53 58.47
C ASP B 34 6.44 -4.65 57.99
N GLU B 35 7.65 -5.19 57.92
CA GLU B 35 8.82 -4.34 57.75
C GLU B 35 9.25 -4.17 56.31
N GLN B 36 8.99 -5.15 55.44
CA GLN B 36 9.09 -4.86 54.01
C GLN B 36 7.76 -4.48 53.40
N ASN B 37 6.69 -4.43 54.20
CA ASN B 37 5.41 -3.85 53.82
C ASN B 37 4.85 -4.53 52.57
N VAL B 38 4.62 -5.84 52.69
CA VAL B 38 4.00 -6.60 51.62
C VAL B 38 2.48 -6.41 51.72
N LYS B 39 1.84 -6.32 50.56
CA LYS B 39 0.39 -6.20 50.49
C LYS B 39 -0.26 -7.29 49.66
N PHE B 40 0.53 -8.14 49.00
CA PHE B 40 0.01 -9.19 48.16
C PHE B 40 0.79 -10.47 48.45
N ILE B 41 0.08 -11.56 48.68
CA ILE B 41 0.69 -12.84 49.06
C ILE B 41 0.15 -13.91 48.14
N ARG B 42 1.05 -14.70 47.55
CA ARG B 42 0.71 -15.80 46.66
C ARG B 42 0.94 -17.12 47.39
N LEU B 43 -0.13 -17.80 47.75
CA LEU B 43 -0.05 -19.15 48.32
C LEU B 43 -0.01 -20.13 47.16
N GLN B 44 1.18 -20.52 46.73
CA GLN B 44 1.36 -21.26 45.50
C GLN B 44 1.66 -22.73 45.75
N PHE B 45 1.26 -23.55 44.78
CA PHE B 45 1.42 -25.00 44.85
C PHE B 45 1.55 -25.52 43.43
N THR B 46 1.78 -26.82 43.31
CA THR B 46 2.01 -27.46 42.02
C THR B 46 1.05 -28.62 41.84
N ASP B 47 0.47 -28.74 40.65
CA ASP B 47 -0.45 -29.83 40.34
C ASP B 47 0.34 -31.02 39.81
N ILE B 48 -0.39 -32.05 39.32
CA ILE B 48 0.27 -33.23 38.78
C ILE B 48 1.05 -32.88 37.52
N LEU B 49 0.47 -32.05 36.65
CA LEU B 49 1.10 -31.72 35.38
C LEU B 49 2.33 -30.83 35.54
N GLY B 50 2.59 -30.31 36.74
CA GLY B 50 3.73 -29.45 36.97
C GLY B 50 3.46 -27.97 36.82
N ILE B 51 2.23 -27.57 36.49
CA ILE B 51 1.91 -26.16 36.33
C ILE B 51 1.85 -25.50 37.69
N ILE B 52 2.51 -24.34 37.82
CA ILE B 52 2.51 -23.60 39.06
C ILE B 52 1.15 -22.93 39.23
N LYS B 53 0.47 -23.25 40.33
CA LYS B 53 -0.84 -22.69 40.65
C LYS B 53 -0.79 -22.01 42.01
N ASN B 54 -1.67 -21.03 42.20
CA ASN B 54 -1.67 -20.28 43.45
C ASN B 54 -3.05 -19.70 43.69
N VAL B 55 -3.29 -19.31 44.95
CA VAL B 55 -4.39 -18.44 45.32
C VAL B 55 -3.80 -17.18 45.91
N GLU B 56 -4.40 -16.04 45.58
CA GLU B 56 -3.83 -14.74 45.89
C GLU B 56 -4.69 -14.04 46.93
N ILE B 57 -4.07 -13.67 48.05
CA ILE B 57 -4.79 -13.10 49.19
C ILE B 57 -4.14 -11.78 49.59
N PRO B 58 -4.88 -10.85 50.18
CA PRO B 58 -4.26 -9.65 50.73
C PRO B 58 -3.50 -9.95 52.00
N VAL B 59 -2.63 -9.01 52.39
CA VAL B 59 -1.83 -9.17 53.59
C VAL B 59 -2.72 -9.20 54.84
N SER B 60 -3.93 -8.66 54.75
CA SER B 60 -4.83 -8.67 55.89
C SER B 60 -5.29 -10.08 56.24
N GLN B 61 -5.22 -11.00 55.28
CA GLN B 61 -5.59 -12.40 55.51
C GLN B 61 -4.39 -13.26 55.85
N LEU B 62 -3.24 -12.65 56.14
CA LEU B 62 -2.02 -13.43 56.47
C LEU B 62 -2.29 -14.30 57.70
N LYS B 63 -3.03 -13.77 58.68
CA LYS B 63 -3.36 -14.53 59.91
C LYS B 63 -4.11 -15.81 59.53
N LYS B 64 -5.16 -15.71 58.71
CA LYS B 64 -5.97 -16.90 58.32
C LYS B 64 -5.08 -17.94 57.63
N ALA B 65 -4.17 -17.50 56.76
CA ALA B 65 -3.25 -18.43 56.07
C ALA B 65 -2.38 -19.15 57.11
N LEU B 66 -1.82 -18.42 58.07
CA LEU B 66 -0.96 -19.02 59.13
C LEU B 66 -1.80 -19.97 60.00
N ASP B 67 -3.09 -19.70 60.15
CA ASP B 67 -3.98 -20.55 60.99
C ASP B 67 -4.42 -21.79 60.21
N ASN B 68 -4.00 -21.93 58.94
CA ASN B 68 -4.33 -23.12 58.12
C ASN B 68 -5.85 -23.25 57.98
N LYS B 69 -6.54 -22.14 57.72
CA LYS B 69 -7.99 -22.12 57.55
C LYS B 69 -8.42 -21.66 56.17
N ILE B 70 -7.52 -21.69 55.18
CA ILE B 70 -7.86 -21.21 53.84
C ILE B 70 -8.40 -22.36 53.02
N MET B 71 -9.62 -22.20 52.50
CA MET B 71 -10.22 -23.15 51.59
C MET B 71 -9.89 -22.78 50.15
N PHE B 72 -9.91 -23.79 49.28
CA PHE B 72 -9.79 -23.57 47.85
C PHE B 72 -10.36 -24.79 47.13
N ASP B 73 -10.69 -24.60 45.86
CA ASP B 73 -11.28 -25.67 45.05
C ASP B 73 -10.20 -26.73 44.81
N GLY B 74 -10.32 -27.87 45.51
CA GLY B 74 -9.29 -28.87 45.46
C GLY B 74 -9.21 -29.64 44.15
N SER B 75 -10.26 -29.57 43.33
CA SER B 75 -10.21 -30.26 42.04
C SER B 75 -9.26 -29.57 41.06
N SER B 76 -8.78 -28.37 41.40
CA SER B 76 -7.86 -27.66 40.52
C SER B 76 -6.55 -28.41 40.32
N ILE B 77 -6.01 -28.98 41.42
CA ILE B 77 -4.75 -29.69 41.31
C ILE B 77 -4.88 -30.97 40.48
N GLU B 78 -6.09 -31.51 40.34
CA GLU B 78 -6.29 -32.67 39.50
C GLU B 78 -6.09 -32.37 38.02
N GLY B 79 -6.03 -31.10 37.64
CA GLY B 79 -5.82 -30.73 36.26
C GLY B 79 -7.11 -30.53 35.49
N PHE B 80 -7.07 -30.80 34.18
CA PHE B 80 -8.25 -30.67 33.34
C PHE B 80 -9.20 -31.85 33.47
N VAL B 81 -8.83 -32.89 34.21
CA VAL B 81 -9.66 -34.08 34.36
C VAL B 81 -10.49 -33.97 35.64
N ARG B 82 -10.59 -32.76 36.18
CA ARG B 82 -11.42 -32.53 37.36
C ARG B 82 -12.88 -32.79 37.04
N ILE B 83 -13.56 -33.49 37.96
CA ILE B 83 -14.96 -33.85 37.78
C ILE B 83 -15.77 -33.30 38.94
N GLU B 84 -15.44 -33.71 40.16
CA GLU B 84 -16.17 -33.33 41.35
C GLU B 84 -15.39 -32.29 42.13
N GLU B 85 -16.05 -31.16 42.42
CA GLU B 85 -15.43 -30.12 43.23
C GLU B 85 -15.34 -30.56 44.68
N SER B 86 -14.20 -30.30 45.31
CA SER B 86 -13.99 -30.65 46.71
C SER B 86 -13.17 -29.54 47.37
N ASP B 87 -13.69 -29.00 48.48
CA ASP B 87 -12.97 -27.97 49.22
C ASP B 87 -11.93 -28.63 50.12
N MET B 88 -10.74 -28.05 50.17
CA MET B 88 -9.66 -28.63 50.96
C MET B 88 -8.67 -27.53 51.36
N TYR B 89 -7.92 -27.81 52.43
CA TYR B 89 -7.10 -26.79 53.07
C TYR B 89 -5.83 -26.53 52.26
N LEU B 90 -5.11 -25.49 52.67
CA LEU B 90 -3.93 -25.00 51.96
C LEU B 90 -2.81 -24.71 52.95
N PHE B 91 -2.51 -25.67 53.82
CA PHE B 91 -1.43 -25.59 54.81
C PHE B 91 -0.13 -25.08 54.18
N PRO B 92 0.34 -23.91 54.57
CA PRO B 92 1.56 -23.36 53.98
C PRO B 92 2.82 -23.82 54.71
N ASP B 93 3.97 -23.49 54.12
CA ASP B 93 5.27 -23.80 54.69
C ASP B 93 6.00 -22.50 55.00
N LEU B 94 6.46 -22.34 56.23
CA LEU B 94 7.08 -21.05 56.66
C LEU B 94 8.48 -20.87 56.06
N ASP B 95 9.22 -21.95 55.87
CA ASP B 95 10.60 -21.82 55.40
C ASP B 95 10.71 -21.30 53.98
N THR B 96 9.61 -21.23 53.24
CA THR B 96 9.62 -20.79 51.85
C THR B 96 9.12 -19.36 51.69
N TRP B 97 9.26 -18.52 52.71
CA TRP B 97 8.83 -17.13 52.61
C TRP B 97 9.83 -16.34 51.78
N VAL B 98 9.37 -15.84 50.64
CA VAL B 98 10.22 -15.11 49.69
C VAL B 98 9.46 -13.88 49.21
N VAL B 99 10.15 -12.75 49.18
CA VAL B 99 9.55 -11.48 48.73
C VAL B 99 10.16 -11.12 47.39
N PHE B 100 9.31 -10.94 46.39
CA PHE B 100 9.78 -10.57 45.05
C PHE B 100 10.19 -9.10 45.02
N PRO B 101 11.25 -8.75 44.31
CA PRO B 101 11.65 -7.35 44.21
C PRO B 101 10.93 -6.56 43.12
N TRP B 102 10.48 -7.24 42.07
CA TRP B 102 9.84 -6.55 40.93
C TRP B 102 8.36 -6.29 41.26
N THR B 103 8.15 -5.45 42.27
CA THR B 103 6.80 -5.13 42.71
C THR B 103 6.49 -3.64 42.74
N ALA B 104 7.38 -2.80 42.23
CA ALA B 104 7.20 -1.34 42.19
C ALA B 104 7.02 -0.86 43.64
N GLU B 105 6.26 0.22 43.83
CA GLU B 105 6.07 0.81 45.15
C GLU B 105 4.71 0.51 45.76
N LYS B 106 3.73 0.07 44.95
CA LYS B 106 2.39 -0.22 45.46
C LYS B 106 2.35 -1.62 46.08
N GLY B 107 3.06 -1.76 47.21
CA GLY B 107 3.07 -3.00 47.94
C GLY B 107 3.94 -4.07 47.35
N LYS B 108 4.60 -4.86 48.19
CA LYS B 108 5.43 -5.96 47.75
C LYS B 108 4.58 -7.21 47.53
N VAL B 109 5.20 -8.23 46.93
CA VAL B 109 4.56 -9.51 46.69
C VAL B 109 5.43 -10.60 47.30
N ALA B 110 4.77 -11.54 47.99
CA ALA B 110 5.47 -12.64 48.64
C ALA B 110 4.77 -13.95 48.27
N ARG B 111 5.54 -15.03 48.30
CA ARG B 111 5.02 -16.35 47.98
C ARG B 111 5.39 -17.33 49.08
N MET B 112 4.54 -18.34 49.25
CA MET B 112 4.77 -19.40 50.23
C MET B 112 4.31 -20.72 49.62
N ILE B 113 5.20 -21.71 49.58
CA ILE B 113 4.83 -23.02 49.10
C ILE B 113 3.90 -23.68 50.11
N CYS B 114 2.75 -24.15 49.64
CA CYS B 114 1.71 -24.66 50.51
C CYS B 114 1.45 -26.14 50.25
N ASP B 115 1.31 -26.90 51.34
CA ASP B 115 0.89 -28.29 51.24
C ASP B 115 -0.62 -28.38 51.09
N ILE B 116 -1.06 -29.44 50.42
CA ILE B 116 -2.48 -29.69 50.20
C ILE B 116 -2.96 -30.68 51.25
N TYR B 117 -4.00 -30.30 51.98
CA TYR B 117 -4.53 -31.13 53.06
C TYR B 117 -6.03 -31.33 52.88
N ASN B 118 -6.48 -32.54 53.18
CA ASN B 118 -7.90 -32.83 53.18
C ASN B 118 -8.57 -32.13 54.36
N PRO B 119 -9.89 -31.94 54.29
CA PRO B 119 -10.59 -31.27 55.40
C PRO B 119 -10.48 -32.00 56.73
N ASP B 120 -10.12 -33.28 56.74
CA ASP B 120 -9.99 -34.05 57.97
C ASP B 120 -8.57 -34.04 58.51
N MET B 121 -7.81 -32.96 58.26
CA MET B 121 -6.45 -32.80 58.78
C MET B 121 -5.52 -33.92 58.32
N THR B 122 -5.70 -34.38 57.09
CA THR B 122 -4.80 -35.38 56.52
C THR B 122 -4.27 -34.86 55.18
N PRO B 123 -2.99 -35.07 54.90
CA PRO B 123 -2.44 -34.63 53.61
C PRO B 123 -3.12 -35.35 52.46
N PHE B 124 -3.34 -34.61 51.37
CA PHE B 124 -4.00 -35.18 50.21
C PHE B 124 -3.08 -36.18 49.52
N ALA B 125 -3.65 -37.32 49.11
CA ALA B 125 -2.86 -38.33 48.43
C ALA B 125 -2.40 -37.86 47.06
N GLY B 126 -3.14 -36.97 46.43
CA GLY B 126 -2.81 -36.47 45.11
C GLY B 126 -1.82 -35.33 45.05
N ASP B 127 -1.32 -34.88 46.19
CA ASP B 127 -0.34 -33.79 46.20
C ASP B 127 1.05 -34.33 45.94
N PRO B 128 1.74 -33.89 44.87
CA PRO B 128 3.10 -34.39 44.64
C PRO B 128 4.05 -34.11 45.78
N ARG B 129 3.92 -32.95 46.43
CA ARG B 129 4.80 -32.62 47.55
C ARG B 129 4.60 -33.58 48.72
N ALA B 130 3.35 -33.92 49.03
CA ALA B 130 3.09 -34.87 50.10
C ALA B 130 3.63 -36.25 49.75
N ASN B 131 3.53 -36.64 48.47
CA ASN B 131 4.09 -37.92 48.04
C ASN B 131 5.61 -37.93 48.20
N LEU B 132 6.27 -36.83 47.82
CA LEU B 132 7.71 -36.75 48.01
C LEU B 132 8.08 -36.81 49.48
N LYS B 133 7.29 -36.14 50.33
CA LYS B 133 7.53 -36.20 51.77
C LYS B 133 7.38 -37.62 52.31
N ARG B 134 6.38 -38.35 51.81
CA ARG B 134 6.21 -39.74 52.23
C ARG B 134 7.39 -40.60 51.81
N VAL B 135 7.86 -40.42 50.58
CA VAL B 135 9.01 -41.18 50.11
C VAL B 135 10.26 -40.84 50.92
N LEU B 136 10.43 -39.56 51.27
CA LEU B 136 11.56 -39.16 52.10
C LEU B 136 11.44 -39.75 53.50
N LYS B 137 10.22 -39.86 54.02
CA LYS B 137 10.00 -40.53 55.30
C LYS B 137 10.41 -41.99 55.22
N GLU B 138 10.06 -42.65 54.12
CA GLU B 138 10.50 -44.03 53.93
C GLU B 138 12.03 -44.12 53.92
N MET B 139 12.68 -43.19 53.22
CA MET B 139 14.14 -43.17 53.19
C MET B 139 14.70 -43.00 54.59
N GLU B 140 14.16 -42.05 55.36
CA GLU B 140 14.68 -41.77 56.69
C GLU B 140 14.48 -42.95 57.63
N GLU B 141 13.32 -43.59 57.59
CA GLU B 141 13.12 -44.76 58.43
C GLU B 141 13.96 -45.94 57.96
N LEU B 142 14.41 -45.91 56.70
CA LEU B 142 15.31 -47.00 56.20
C LEU B 142 16.70 -46.82 56.79
N GLY B 143 17.12 -45.57 57.02
CA GLY B 143 18.41 -45.33 57.64
C GLY B 143 19.19 -44.13 57.16
N PHE B 144 18.71 -43.50 56.09
CA PHE B 144 19.42 -42.34 55.51
C PHE B 144 18.89 -41.05 56.13
N THR B 145 19.59 -39.94 55.88
CA THR B 145 19.22 -38.65 56.47
C THR B 145 18.59 -37.72 55.44
N GLU B 146 19.25 -37.49 54.31
CA GLU B 146 18.76 -36.54 53.33
C GLU B 146 19.11 -37.01 51.93
N PHE B 147 18.40 -36.45 50.94
CA PHE B 147 18.57 -36.78 49.53
C PHE B 147 18.88 -35.48 48.79
N ASN B 148 20.15 -35.13 48.72
CA ASN B 148 20.57 -33.89 48.08
C ASN B 148 20.42 -33.96 46.58
N LEU B 149 20.04 -32.83 45.98
CA LEU B 149 19.89 -32.73 44.53
C LEU B 149 20.47 -31.41 44.03
N GLY B 150 21.19 -31.48 42.90
CA GLY B 150 21.56 -30.30 42.18
C GLY B 150 21.14 -30.39 40.72
N PRO B 151 20.18 -29.58 40.32
CA PRO B 151 19.70 -29.60 38.94
C PRO B 151 20.43 -28.63 38.03
N GLU B 152 20.38 -28.94 36.74
CA GLU B 152 21.01 -28.12 35.70
C GLU B 152 20.00 -27.86 34.58
N PRO B 153 18.99 -27.04 34.84
CA PRO B 153 17.97 -26.78 33.82
C PRO B 153 18.49 -25.94 32.67
N GLU B 154 17.90 -26.15 31.49
CA GLU B 154 18.19 -25.39 30.29
C GLU B 154 16.90 -24.85 29.71
N PHE B 155 16.93 -23.61 29.23
CA PHE B 155 15.74 -22.95 28.72
C PHE B 155 16.07 -22.21 27.43
N PHE B 156 15.03 -21.97 26.63
CA PHE B 156 15.15 -21.24 25.38
C PHE B 156 14.51 -19.87 25.50
N LEU B 157 15.02 -18.92 24.73
CA LEU B 157 14.50 -17.56 24.71
C LEU B 157 14.11 -17.20 23.27
N PHE B 158 12.86 -16.79 23.09
CA PHE B 158 12.32 -16.47 21.78
C PHE B 158 11.86 -15.02 21.75
N LYS B 159 12.09 -14.36 20.62
CA LYS B 159 11.68 -12.97 20.46
C LYS B 159 10.16 -12.87 20.31
N LEU B 160 9.56 -11.96 21.06
CA LEU B 160 8.12 -11.74 20.97
C LEU B 160 7.78 -10.99 19.69
N ASP B 161 6.53 -11.14 19.25
CA ASP B 161 6.05 -10.47 18.06
C ASP B 161 5.46 -9.12 18.44
N GLU B 162 4.81 -8.45 17.48
CA GLU B 162 4.20 -7.16 17.75
C GLU B 162 3.06 -7.28 18.76
N ASN B 163 2.30 -8.37 18.68
CA ASN B 163 1.17 -8.62 19.56
C ASN B 163 1.58 -9.37 20.83
N ARG B 164 2.84 -9.25 21.25
CA ARG B 164 3.36 -9.96 22.42
C ARG B 164 3.18 -11.47 22.30
N ARG B 165 3.45 -11.99 21.11
CA ARG B 165 3.35 -13.41 20.83
C ARG B 165 4.72 -13.97 20.49
N PRO B 166 5.05 -15.17 20.95
CA PRO B 166 6.36 -15.74 20.64
C PRO B 166 6.51 -16.00 19.14
N THR B 167 7.75 -15.85 18.67
CA THR B 167 8.12 -16.17 17.30
C THR B 167 9.07 -17.35 17.29
N LEU B 168 9.52 -17.73 16.10
CA LEU B 168 10.46 -18.83 15.93
C LEU B 168 11.90 -18.37 15.81
N GLU B 169 12.17 -17.09 16.06
CA GLU B 169 13.52 -16.54 15.98
C GLU B 169 14.11 -16.41 17.38
N LEU B 170 15.40 -16.70 17.48
CA LEU B 170 16.12 -16.68 18.74
C LEU B 170 16.79 -15.33 18.95
N ASN B 171 17.10 -15.02 20.22
CA ASN B 171 17.65 -13.71 20.54
C ASN B 171 19.08 -13.55 20.04
N ASP B 172 19.88 -14.61 20.04
CA ASP B 172 21.25 -14.51 19.56
C ASP B 172 21.70 -15.85 18.99
N SER B 173 22.67 -15.77 18.08
CA SER B 173 23.24 -16.97 17.45
C SER B 173 24.54 -17.34 18.16
N GLY B 174 24.38 -17.80 19.40
CA GLY B 174 25.52 -18.17 20.21
C GLY B 174 25.96 -19.61 19.96
N GLY B 175 26.92 -20.04 20.80
CA GLY B 175 27.42 -21.39 20.73
C GLY B 175 27.62 -21.99 22.11
N TYR B 176 28.26 -23.15 22.18
CA TYR B 176 28.48 -23.80 23.47
C TYR B 176 29.49 -23.02 24.28
N PHE B 177 29.10 -22.60 25.48
CA PHE B 177 29.92 -21.83 26.40
C PHE B 177 30.38 -20.50 25.80
N ASP B 178 29.75 -20.06 24.72
CA ASP B 178 30.13 -18.82 24.05
C ASP B 178 29.69 -17.61 24.86
N LEU B 179 30.43 -16.51 24.70
CA LEU B 179 30.08 -15.24 25.31
C LEU B 179 29.18 -14.46 24.33
N ALA B 180 27.98 -15.01 24.13
CA ALA B 180 27.08 -14.53 23.10
C ALA B 180 26.33 -13.25 23.50
N PRO B 181 25.62 -13.20 24.63
CA PRO B 181 24.84 -12.00 24.94
C PRO B 181 25.70 -10.80 25.36
N THR B 182 27.01 -10.98 25.53
CA THR B 182 27.94 -9.94 25.90
C THR B 182 27.48 -9.11 27.09
N ASP B 183 27.32 -7.80 26.88
CA ASP B 183 27.07 -6.86 27.97
C ASP B 183 26.25 -5.67 27.48
N LEU B 184 26.29 -4.57 28.23
CA LEU B 184 25.62 -3.32 27.88
C LEU B 184 24.11 -3.51 27.77
N GLY B 185 23.52 -3.82 28.91
CA GLY B 185 22.08 -4.01 28.97
C GLY B 185 21.70 -5.37 28.43
N GLU B 186 20.41 -5.57 28.18
CA GLU B 186 19.85 -6.87 27.81
C GLU B 186 20.48 -7.99 28.64
N ASN B 187 21.11 -8.95 27.97
CA ASN B 187 21.76 -10.08 28.62
C ASN B 187 20.84 -10.70 29.67
N CYS B 188 19.71 -11.26 29.22
CA CYS B 188 18.68 -11.73 30.14
C CYS B 188 19.21 -12.77 31.12
N ARG B 189 20.19 -13.57 30.70
CA ARG B 189 20.74 -14.57 31.61
C ARG B 189 21.44 -13.92 32.79
N ARG B 190 22.22 -12.86 32.55
CA ARG B 190 22.92 -12.18 33.63
C ARG B 190 21.93 -11.55 34.60
N ASP B 191 20.88 -10.91 34.06
CA ASP B 191 19.87 -10.30 34.92
C ASP B 191 19.12 -11.37 35.73
N ILE B 192 18.83 -12.51 35.11
CA ILE B 192 18.16 -13.60 35.83
C ILE B 192 19.02 -14.09 36.98
N VAL B 193 20.32 -14.29 36.71
CA VAL B 193 21.23 -14.75 37.76
C VAL B 193 21.31 -13.72 38.88
N LEU B 194 21.41 -12.44 38.53
CA LEU B 194 21.52 -11.40 39.55
C LEU B 194 20.26 -11.33 40.41
N GLU B 195 19.08 -11.41 39.78
CA GLU B 195 17.84 -11.37 40.54
C GLU B 195 17.70 -12.60 41.44
N LEU B 196 18.09 -13.77 40.94
CA LEU B 196 18.04 -14.97 41.75
C LEU B 196 18.98 -14.88 42.95
N GLU B 197 20.18 -14.33 42.74
CA GLU B 197 21.11 -14.15 43.84
C GLU B 197 20.60 -13.15 44.87
N GLU B 198 20.05 -12.03 44.40
CA GLU B 198 19.45 -11.06 45.32
C GLU B 198 18.31 -11.67 46.11
N MET B 199 17.53 -12.54 45.48
CA MET B 199 16.35 -13.11 46.12
C MET B 199 16.71 -14.15 47.17
N GLY B 200 17.90 -14.74 47.11
CA GLY B 200 18.33 -15.66 48.15
C GLY B 200 18.55 -17.09 47.68
N PHE B 201 18.90 -17.26 46.42
CA PHE B 201 19.18 -18.57 45.87
C PHE B 201 20.68 -18.76 45.67
N GLU B 202 21.11 -20.01 45.68
CA GLU B 202 22.51 -20.39 45.51
C GLU B 202 22.71 -20.84 44.08
N ILE B 203 23.55 -20.12 43.34
CA ILE B 203 23.83 -20.40 41.94
C ILE B 203 25.30 -20.75 41.81
N GLU B 204 25.58 -21.89 41.15
CA GLU B 204 26.96 -22.30 40.93
C GLU B 204 27.57 -21.58 39.73
N ALA B 205 27.01 -21.78 38.56
CA ALA B 205 27.52 -21.16 37.34
C ALA B 205 26.43 -21.14 36.29
N SER B 206 26.60 -20.24 35.31
CA SER B 206 25.70 -20.14 34.18
C SER B 206 26.53 -19.97 32.90
N HIS B 207 25.99 -20.47 31.80
CA HIS B 207 26.71 -20.42 30.53
C HIS B 207 25.70 -20.55 29.39
N HIS B 208 26.21 -20.46 28.17
CA HIS B 208 25.40 -20.57 26.96
C HIS B 208 25.48 -21.99 26.43
N GLU B 209 24.33 -22.59 26.17
CA GLU B 209 24.30 -23.96 25.66
C GLU B 209 24.65 -23.97 24.17
N VAL B 210 24.86 -25.18 23.65
CA VAL B 210 25.36 -25.32 22.28
C VAL B 210 24.35 -24.80 21.28
N ALA B 211 23.06 -24.96 21.54
CA ALA B 211 22.05 -24.41 20.66
C ALA B 211 22.02 -22.89 20.76
N PRO B 212 21.73 -22.18 19.68
CA PRO B 212 21.55 -20.73 19.79
C PRO B 212 20.41 -20.38 20.71
N GLY B 213 20.56 -19.27 21.43
CA GLY B 213 19.49 -18.79 22.29
C GLY B 213 19.14 -19.71 23.45
N GLN B 214 19.97 -20.71 23.73
CA GLN B 214 19.74 -21.66 24.81
C GLN B 214 20.74 -21.39 25.93
N HIS B 215 20.24 -21.29 27.15
CA HIS B 215 21.06 -20.95 28.30
C HIS B 215 20.85 -21.97 29.40
N GLU B 216 21.89 -22.18 30.21
CA GLU B 216 21.83 -23.12 31.32
C GLU B 216 22.31 -22.42 32.59
N ILE B 217 21.59 -22.64 33.69
CA ILE B 217 21.94 -22.11 34.99
C ILE B 217 22.02 -23.27 35.98
N ASP B 218 23.14 -23.38 36.67
CA ASP B 218 23.37 -24.48 37.60
C ASP B 218 23.09 -24.02 39.03
N PHE B 219 22.59 -24.96 39.84
CA PHE B 219 22.22 -24.68 41.22
C PHE B 219 23.14 -25.43 42.16
N LYS B 220 23.17 -25.00 43.41
CA LYS B 220 23.90 -25.72 44.44
C LYS B 220 23.12 -26.96 44.88
N TYR B 221 23.62 -27.63 45.90
CA TYR B 221 23.08 -28.90 46.35
C TYR B 221 22.37 -28.71 47.69
N GLU B 222 21.05 -28.83 47.68
CA GLU B 222 20.23 -28.73 48.88
C GLU B 222 19.29 -29.93 48.94
N ASP B 223 18.36 -29.90 49.90
CA ASP B 223 17.44 -31.00 50.09
C ASP B 223 16.48 -31.11 48.91
N ALA B 224 15.83 -32.28 48.81
CA ALA B 224 14.98 -32.56 47.66
C ALA B 224 13.79 -31.60 47.58
N ILE B 225 13.10 -31.40 48.71
CA ILE B 225 11.95 -30.51 48.72
C ILE B 225 12.39 -29.08 48.39
N THR B 226 13.49 -28.64 49.00
CA THR B 226 14.02 -27.32 48.66
C THR B 226 14.50 -27.27 47.21
N ALA B 227 14.97 -28.39 46.67
CA ALA B 227 15.33 -28.43 45.26
C ALA B 227 14.11 -28.20 44.37
N CYS B 228 13.00 -28.85 44.70
CA CYS B 228 11.76 -28.62 43.95
C CYS B 228 11.31 -27.17 44.04
N ASP B 229 11.35 -26.61 45.26
CA ASP B 229 10.95 -25.22 45.42
C ASP B 229 11.85 -24.29 44.61
N SER B 230 13.15 -24.53 44.63
CA SER B 230 14.08 -23.73 43.85
C SER B 230 13.81 -23.86 42.36
N ILE B 231 13.51 -25.07 41.89
CA ILE B 231 13.25 -25.27 40.46
C ILE B 231 12.00 -24.50 40.04
N GLN B 232 10.92 -24.62 40.82
CA GLN B 232 9.69 -23.93 40.47
C GLN B 232 9.86 -22.41 40.51
N THR B 233 10.53 -21.90 41.55
CA THR B 233 10.78 -20.47 41.62
C THR B 233 11.67 -20.00 40.48
N PHE B 234 12.65 -20.83 40.10
CA PHE B 234 13.51 -20.49 38.97
C PHE B 234 12.72 -20.40 37.68
N LYS B 235 11.81 -21.34 37.45
CA LYS B 235 10.96 -21.28 36.26
C LYS B 235 10.13 -20.01 36.26
N LEU B 236 9.50 -19.69 37.39
CA LEU B 236 8.67 -18.49 37.48
C LEU B 236 9.49 -17.24 37.22
N VAL B 237 10.67 -17.13 37.84
CA VAL B 237 11.50 -15.95 37.72
C VAL B 237 12.02 -15.79 36.29
N VAL B 238 12.44 -16.90 35.68
CA VAL B 238 12.92 -16.83 34.30
C VAL B 238 11.82 -16.37 33.38
N LYS B 239 10.61 -16.93 33.54
CA LYS B 239 9.50 -16.50 32.69
C LYS B 239 9.19 -15.02 32.87
N THR B 240 9.11 -14.57 34.12
CA THR B 240 8.75 -13.16 34.41
C THR B 240 9.78 -12.20 33.81
N ILE B 241 11.07 -12.41 34.10
CA ILE B 241 12.13 -11.47 33.62
C ILE B 241 12.15 -11.45 32.08
N ALA B 242 12.08 -12.61 31.44
CA ALA B 242 12.03 -12.66 29.95
C ALA B 242 10.87 -11.81 29.45
N ARG B 243 9.65 -12.05 29.97
CA ARG B 243 8.46 -11.28 29.54
C ARG B 243 8.73 -9.77 29.68
N LYS B 244 9.29 -9.34 30.82
CA LYS B 244 9.60 -7.91 31.04
C LYS B 244 10.55 -7.40 29.95
N HIS B 245 11.56 -8.21 29.57
CA HIS B 245 12.55 -7.79 28.55
C HIS B 245 12.03 -8.07 27.13
N GLY B 246 10.72 -8.32 26.99
CA GLY B 246 10.12 -8.54 25.66
C GLY B 246 10.57 -9.84 25.02
N LEU B 247 10.75 -10.89 25.82
CA LEU B 247 11.13 -12.19 25.29
C LEU B 247 10.22 -13.26 25.88
N HIS B 248 10.27 -14.46 25.29
CA HIS B 248 9.51 -15.58 25.79
C HIS B 248 10.46 -16.69 26.21
N ALA B 249 10.30 -17.16 27.45
CA ALA B 249 11.10 -18.25 27.98
C ALA B 249 10.33 -19.56 27.81
N THR B 250 10.99 -20.55 27.22
CA THR B 250 10.37 -21.83 26.92
C THR B 250 11.18 -22.95 27.53
N PHE B 251 10.50 -23.86 28.24
CA PHE B 251 11.12 -25.05 28.79
C PHE B 251 10.72 -26.31 28.04
N MET B 252 10.05 -26.17 26.89
CA MET B 252 9.72 -27.34 26.08
C MET B 252 11.01 -27.98 25.57
N PRO B 253 11.17 -29.29 25.71
CA PRO B 253 12.49 -29.90 25.48
C PRO B 253 13.06 -29.67 24.09
N LYS B 254 12.25 -29.74 23.04
CA LYS B 254 12.72 -29.64 21.67
C LYS B 254 11.91 -28.59 20.93
N PRO B 255 12.23 -27.31 21.11
CA PRO B 255 11.47 -26.27 20.41
C PRO B 255 11.57 -26.33 18.90
N LEU B 256 12.72 -26.75 18.36
CA LEU B 256 12.95 -26.74 16.93
C LEU B 256 13.60 -28.05 16.49
N PHE B 257 13.37 -28.39 15.22
CA PHE B 257 13.97 -29.58 14.64
C PHE B 257 15.39 -29.27 14.18
N GLY B 258 16.29 -30.24 14.36
CA GLY B 258 17.68 -30.03 14.02
C GLY B 258 18.46 -29.18 15.00
N VAL B 259 17.85 -28.84 16.14
CA VAL B 259 18.47 -28.01 17.16
C VAL B 259 18.48 -28.80 18.46
N ASN B 260 19.57 -28.72 19.21
CA ASN B 260 19.72 -29.52 20.41
C ASN B 260 18.63 -29.20 21.42
N GLY B 261 18.19 -30.22 22.14
CA GLY B 261 17.12 -30.09 23.11
C GLY B 261 17.59 -29.53 24.43
N SER B 262 16.64 -29.38 25.34
CA SER B 262 16.88 -28.84 26.67
C SER B 262 16.85 -29.98 27.70
N GLY B 263 17.84 -30.02 28.58
CA GLY B 263 17.90 -31.03 29.60
C GLY B 263 17.96 -30.46 31.00
N MET B 264 17.62 -31.29 31.99
CA MET B 264 17.59 -30.88 33.40
C MET B 264 18.29 -31.95 34.23
N HIS B 265 19.53 -32.28 33.84
CA HIS B 265 20.30 -33.32 34.51
C HIS B 265 20.27 -33.15 36.02
N PHE B 266 20.01 -34.25 36.73
CA PHE B 266 19.96 -34.27 38.19
C PHE B 266 21.25 -34.84 38.74
N ASN B 267 21.95 -34.06 39.54
CA ASN B 267 23.12 -34.52 40.28
C ASN B 267 22.68 -34.79 41.71
N MET B 268 22.51 -36.08 42.04
CA MET B 268 21.91 -36.49 43.31
C MET B 268 22.89 -37.31 44.13
N SER B 269 22.84 -37.13 45.44
CA SER B 269 23.68 -37.87 46.37
C SER B 269 22.87 -38.21 47.61
N LEU B 270 23.28 -39.29 48.28
CA LEU B 270 22.58 -39.78 49.46
C LEU B 270 23.47 -39.60 50.68
N PHE B 271 22.88 -39.11 51.77
CA PHE B 271 23.61 -38.79 52.98
C PHE B 271 23.12 -39.63 54.15
N ASN B 272 24.03 -39.94 55.07
CA ASN B 272 23.69 -40.63 56.30
C ASN B 272 24.21 -39.86 57.50
N GLU B 273 24.15 -40.48 58.69
CA GLU B 273 24.64 -39.81 59.88
C GLU B 273 26.14 -39.52 59.78
N LYS B 274 26.91 -40.47 59.27
CA LYS B 274 28.36 -40.26 59.12
C LYS B 274 28.65 -39.17 58.10
N GLY B 275 27.92 -39.17 56.99
CA GLY B 275 28.15 -38.19 55.94
C GLY B 275 27.60 -38.63 54.60
N ASN B 276 28.42 -38.51 53.56
CA ASN B 276 28.02 -38.95 52.23
C ASN B 276 28.03 -40.48 52.17
N ALA B 277 26.90 -41.06 51.77
CA ALA B 277 26.80 -42.52 51.69
C ALA B 277 27.34 -43.08 50.38
N PHE B 278 27.64 -42.23 49.41
CA PHE B 278 28.15 -42.68 48.12
C PHE B 278 29.66 -42.66 48.01
N PHE B 279 30.36 -42.29 49.09
CA PHE B 279 31.81 -42.15 49.07
C PHE B 279 32.47 -43.21 49.93
N ASP B 280 33.50 -43.84 49.39
CA ASP B 280 34.28 -44.84 50.13
C ASP B 280 35.65 -44.93 49.51
N GLU B 281 36.68 -44.55 50.27
CA GLU B 281 38.04 -44.54 49.73
C GLU B 281 38.55 -45.94 49.43
N SER B 282 38.05 -46.95 50.14
CA SER B 282 38.50 -48.32 49.97
C SER B 282 37.73 -49.08 48.89
N GLY B 283 36.72 -48.47 48.29
CA GLY B 283 35.93 -49.13 47.27
C GLY B 283 36.42 -48.82 45.87
N GLU B 284 35.90 -49.60 44.91
CA GLU B 284 36.25 -49.39 43.51
C GLU B 284 35.68 -48.07 43.02
N LEU B 285 36.48 -47.34 42.24
CA LEU B 285 36.13 -46.03 41.72
C LEU B 285 35.82 -45.03 42.83
N GLU B 286 36.34 -45.27 44.03
CA GLU B 286 36.05 -44.46 45.21
C GLU B 286 34.54 -44.37 45.45
N LEU B 287 33.85 -45.49 45.26
CA LEU B 287 32.41 -45.58 45.39
C LEU B 287 32.05 -46.64 46.43
N SER B 288 31.06 -46.32 47.26
CA SER B 288 30.59 -47.27 48.26
C SER B 288 29.62 -48.27 47.63
N GLN B 289 29.41 -49.38 48.34
CA GLN B 289 28.44 -50.37 47.88
C GLN B 289 27.04 -49.80 47.82
N THR B 290 26.74 -48.81 48.67
CA THR B 290 25.45 -48.13 48.58
C THR B 290 25.29 -47.41 47.25
N ALA B 291 26.37 -46.79 46.77
CA ALA B 291 26.32 -46.12 45.47
C ALA B 291 26.06 -47.11 44.34
N TYR B 292 26.70 -48.29 44.40
CA TYR B 292 26.49 -49.29 43.38
C TYR B 292 25.07 -49.85 43.43
N HIS B 293 24.54 -50.07 44.63
CA HIS B 293 23.15 -50.50 44.76
C HIS B 293 22.20 -49.46 44.18
N PHE B 294 22.48 -48.18 44.47
CA PHE B 294 21.63 -47.08 43.94
C PHE B 294 21.71 -47.10 42.40
N LEU B 295 22.91 -47.28 41.84
CA LEU B 295 23.07 -47.32 40.40
C LEU B 295 22.28 -48.47 39.79
N ALA B 296 22.34 -49.64 40.42
CA ALA B 296 21.60 -50.79 39.93
C ALA B 296 20.10 -50.54 39.99
N GLY B 297 19.62 -49.93 41.08
CA GLY B 297 18.21 -49.62 41.18
C GLY B 297 17.76 -48.62 40.14
N MET B 298 18.59 -47.61 39.86
CA MET B 298 18.26 -46.63 38.83
C MET B 298 18.24 -47.28 37.45
N LEU B 299 19.21 -48.15 37.16
CA LEU B 299 19.30 -48.74 35.83
C LEU B 299 18.19 -49.76 35.60
N LYS B 300 17.82 -50.51 36.63
CA LYS B 300 16.81 -51.56 36.46
C LYS B 300 15.45 -50.97 36.12
N HIS B 301 15.07 -49.87 36.77
CA HIS B 301 13.73 -49.30 36.62
C HIS B 301 13.71 -48.06 35.73
N ALA B 302 14.79 -47.78 35.00
CA ALA B 302 14.83 -46.57 34.19
C ALA B 302 13.73 -46.57 33.13
N ARG B 303 13.51 -47.71 32.48
CA ARG B 303 12.41 -47.82 31.54
C ARG B 303 11.07 -47.62 32.22
N GLY B 304 10.98 -47.95 33.50
CA GLY B 304 9.72 -47.78 34.22
C GLY B 304 9.36 -46.32 34.43
N TYR B 305 10.31 -45.50 34.88
CA TYR B 305 10.04 -44.11 35.20
C TYR B 305 10.45 -43.15 34.10
N THR B 306 10.80 -43.66 32.92
CA THR B 306 11.08 -42.76 31.80
C THR B 306 9.87 -41.88 31.49
N ALA B 307 8.66 -42.41 31.66
CA ALA B 307 7.46 -41.61 31.44
C ALA B 307 7.35 -40.48 32.45
N VAL B 308 7.64 -40.75 33.72
CA VAL B 308 7.56 -39.71 34.73
C VAL B 308 8.63 -38.65 34.50
N THR B 309 9.85 -39.08 34.16
CA THR B 309 10.93 -38.12 33.93
C THR B 309 10.77 -37.37 32.61
N ASN B 310 10.03 -37.93 31.65
CA ASN B 310 9.77 -37.28 30.37
C ASN B 310 8.27 -37.35 30.10
N PRO B 311 7.49 -36.44 30.69
CA PRO B 311 6.03 -36.55 30.65
C PRO B 311 5.35 -35.98 29.42
N THR B 312 6.08 -35.36 28.49
CA THR B 312 5.46 -34.74 27.34
C THR B 312 5.77 -35.52 26.06
N ILE B 313 4.93 -35.32 25.06
CA ILE B 313 5.16 -35.93 23.75
C ILE B 313 6.45 -35.40 23.14
N ASN B 314 6.67 -34.09 23.24
CA ASN B 314 7.85 -33.48 22.65
C ASN B 314 9.13 -33.93 23.34
N SER B 315 9.02 -34.46 24.57
CA SER B 315 10.21 -34.87 25.31
C SER B 315 10.94 -36.01 24.60
N PHE B 316 10.20 -36.96 24.05
CA PHE B 316 10.83 -38.10 23.39
C PHE B 316 11.43 -37.74 22.03
N LYS B 317 11.09 -36.58 21.48
CA LYS B 317 11.79 -36.11 20.29
C LYS B 317 13.23 -35.72 20.62
N ARG B 318 13.50 -35.38 21.88
CA ARG B 318 14.86 -35.10 22.30
C ARG B 318 15.66 -36.39 22.49
N LEU B 319 15.00 -37.46 22.93
CA LEU B 319 15.66 -38.75 23.18
C LEU B 319 15.79 -39.52 21.86
N VAL B 320 16.73 -39.06 21.04
CA VAL B 320 17.06 -39.70 19.78
C VAL B 320 18.52 -40.15 19.85
N PRO B 321 18.91 -41.22 19.15
CA PRO B 321 20.32 -41.65 19.18
C PRO B 321 21.27 -40.57 18.69
N GLY B 322 22.33 -40.33 19.45
CA GLY B 322 23.31 -39.33 19.08
C GLY B 322 24.54 -39.37 19.96
N TYR B 323 25.09 -38.19 20.29
CA TYR B 323 26.24 -38.09 21.16
C TYR B 323 25.94 -37.30 22.43
N GLU B 324 24.74 -36.75 22.56
CA GLU B 324 24.37 -35.99 23.75
C GLU B 324 23.00 -36.35 24.32
N ALA B 325 22.19 -37.14 23.62
CA ALA B 325 20.86 -37.50 24.09
C ALA B 325 20.88 -38.92 24.62
N PRO B 326 20.59 -39.15 25.90
CA PRO B 326 20.62 -40.53 26.42
C PRO B 326 19.41 -41.34 26.00
N CYS B 327 19.59 -42.26 25.07
CA CYS B 327 18.54 -43.18 24.67
C CYS B 327 18.92 -44.63 24.94
N TYR B 328 19.94 -44.86 25.76
CA TYR B 328 20.41 -46.19 26.12
C TYR B 328 20.36 -46.34 27.64
N ILE B 329 20.40 -47.59 28.09
CA ILE B 329 20.42 -47.87 29.53
C ILE B 329 21.80 -48.38 29.91
N ALA B 330 22.67 -47.47 30.35
CA ALA B 330 24.02 -47.82 30.75
C ALA B 330 24.59 -46.71 31.62
N TRP B 331 25.63 -47.05 32.37
CA TRP B 331 26.30 -46.10 33.25
C TRP B 331 27.80 -46.13 32.97
N SER B 332 28.43 -44.96 33.13
CA SER B 332 29.86 -44.84 32.87
C SER B 332 30.39 -43.61 33.60
N GLY B 333 31.71 -43.55 33.72
CA GLY B 333 32.35 -42.42 34.36
C GLY B 333 33.55 -41.89 33.59
N LYS B 334 33.84 -42.49 32.44
CA LYS B 334 34.99 -42.08 31.65
C LYS B 334 34.59 -41.53 30.28
N ASN B 335 33.81 -42.29 29.51
CA ASN B 335 33.47 -41.87 28.16
C ASN B 335 32.47 -40.73 28.15
N ARG B 336 31.71 -40.58 29.24
CA ARG B 336 30.63 -39.61 29.34
C ARG B 336 29.52 -39.89 28.32
N SER B 337 28.52 -39.02 28.31
CA SER B 337 27.27 -39.20 27.57
C SER B 337 26.61 -40.57 27.77
N PRO B 338 26.55 -41.11 29.00
CA PRO B 338 25.72 -42.30 29.22
C PRO B 338 24.32 -41.90 29.67
N LEU B 339 23.48 -42.89 29.99
CA LEU B 339 22.23 -42.58 30.68
C LEU B 339 22.51 -42.00 32.06
N VAL B 340 23.39 -42.66 32.82
CA VAL B 340 23.78 -42.22 34.15
C VAL B 340 25.30 -42.02 34.15
N ARG B 341 25.73 -40.81 34.52
CA ARG B 341 27.14 -40.46 34.53
C ARG B 341 27.59 -40.15 35.95
N VAL B 342 28.78 -40.62 36.30
CA VAL B 342 29.37 -40.40 37.60
C VAL B 342 30.46 -39.34 37.45
N PRO B 343 30.27 -38.13 37.98
CA PRO B 343 31.31 -37.10 37.86
C PRO B 343 32.59 -37.50 38.57
N SER B 344 33.70 -36.99 38.05
CA SER B 344 35.01 -37.34 38.58
C SER B 344 35.22 -36.87 40.01
N SER B 345 34.48 -35.85 40.45
CA SER B 345 34.64 -35.34 41.80
C SER B 345 34.23 -36.39 42.83
N ARG B 346 34.96 -36.45 43.93
CA ARG B 346 34.68 -37.43 44.98
C ARG B 346 34.64 -36.75 46.36
N GLY B 347 34.57 -37.56 47.41
CA GLY B 347 34.44 -37.02 48.75
C GLY B 347 33.01 -36.64 49.09
N LEU B 348 32.82 -35.49 49.72
CA LEU B 348 31.47 -35.02 50.01
C LEU B 348 30.71 -34.61 48.75
N SER B 349 31.39 -34.47 47.62
CA SER B 349 30.76 -34.11 46.36
C SER B 349 30.45 -35.31 45.49
N THR B 350 30.66 -36.52 46.00
CA THR B 350 30.35 -37.72 45.23
C THR B 350 28.86 -37.77 44.90
N ARG B 351 28.54 -38.05 43.64
CA ARG B 351 27.16 -38.00 43.19
C ARG B 351 26.99 -38.83 41.93
N LEU B 352 25.74 -39.15 41.63
CA LEU B 352 25.36 -39.83 40.40
C LEU B 352 24.44 -38.91 39.60
N GLU B 353 24.76 -38.72 38.32
CA GLU B 353 24.02 -37.80 37.47
C GLU B 353 23.13 -38.58 36.52
N LEU B 354 21.85 -38.23 36.50
CA LEU B 354 20.90 -38.80 35.55
C LEU B 354 20.59 -37.74 34.49
N ARG B 355 20.85 -38.08 33.24
CA ARG B 355 20.78 -37.12 32.14
C ARG B 355 19.52 -37.23 31.30
N SER B 356 18.58 -38.10 31.68
CA SER B 356 17.37 -38.29 30.87
C SER B 356 16.23 -37.35 31.26
N VAL B 357 16.42 -36.54 32.29
CA VAL B 357 15.35 -35.65 32.75
C VAL B 357 15.36 -34.38 31.90
N ASP B 358 14.18 -33.85 31.63
CA ASP B 358 13.99 -32.63 30.86
C ASP B 358 13.23 -31.60 31.70
N PRO B 359 13.37 -30.31 31.39
CA PRO B 359 12.76 -29.28 32.24
C PRO B 359 11.25 -29.35 32.34
N SER B 360 10.56 -29.97 31.39
CA SER B 360 9.10 -30.03 31.45
C SER B 360 8.59 -31.02 32.50
N ALA B 361 9.47 -31.83 33.07
CA ALA B 361 9.07 -32.83 34.05
C ALA B 361 8.74 -32.18 35.39
N ASN B 362 7.90 -32.87 36.16
CA ASN B 362 7.58 -32.44 37.51
C ASN B 362 8.69 -32.89 38.45
N PRO B 363 9.41 -31.98 39.10
CA PRO B 363 10.53 -32.41 39.96
C PRO B 363 10.09 -33.29 41.12
N TYR B 364 8.91 -33.02 41.70
CA TYR B 364 8.45 -33.81 42.83
C TYR B 364 8.27 -35.27 42.44
N LEU B 365 7.51 -35.53 41.37
CA LEU B 365 7.31 -36.89 40.91
C LEU B 365 8.61 -37.51 40.44
N ALA B 366 9.46 -36.70 39.79
CA ALA B 366 10.72 -37.21 39.26
C ALA B 366 11.58 -37.79 40.38
N MET B 367 11.85 -36.99 41.42
CA MET B 367 12.66 -37.57 42.49
C MET B 367 11.90 -38.55 43.36
N ALA B 368 10.57 -38.48 43.41
CA ALA B 368 9.83 -39.53 44.11
C ALA B 368 10.10 -40.90 43.48
N VAL B 369 9.93 -40.99 42.17
CA VAL B 369 10.16 -42.27 41.50
C VAL B 369 11.63 -42.64 41.51
N LEU B 370 12.52 -41.65 41.37
CA LEU B 370 13.95 -41.95 41.39
C LEU B 370 14.39 -42.48 42.76
N LEU B 371 13.96 -41.81 43.82
CA LEU B 371 14.37 -42.25 45.19
C LEU B 371 13.87 -43.67 45.41
N LYS B 372 12.60 -43.93 45.07
CA LYS B 372 12.01 -45.28 45.25
C LYS B 372 12.86 -46.31 44.50
N ALA B 373 13.12 -46.08 43.20
CA ALA B 373 13.92 -47.04 42.38
C ALA B 373 15.28 -47.27 43.02
N GLY B 374 16.02 -46.19 43.31
CA GLY B 374 17.37 -46.31 43.91
C GLY B 374 17.34 -47.05 45.24
N LEU B 375 16.39 -46.70 46.11
CA LEU B 375 16.29 -47.33 47.46
C LEU B 375 15.92 -48.81 47.30
N SER B 376 15.05 -49.14 46.33
CA SER B 376 14.71 -50.56 46.07
C SER B 376 15.98 -51.32 45.65
N GLY B 377 16.84 -50.68 44.85
CA GLY B 377 18.12 -51.31 44.47
C GLY B 377 18.98 -51.58 45.68
N ILE B 378 18.96 -50.68 46.67
CA ILE B 378 19.74 -50.88 47.93
C ILE B 378 19.11 -52.02 48.73
N LYS B 379 17.78 -51.98 48.92
CA LYS B 379 17.07 -53.04 49.67
C LYS B 379 17.38 -54.40 49.04
N ASP B 380 17.28 -54.51 47.72
CA ASP B 380 17.52 -55.77 47.03
C ASP B 380 19.01 -56.08 46.85
N GLU B 381 19.88 -55.12 47.15
CA GLU B 381 21.33 -55.30 47.02
C GLU B 381 21.71 -55.73 45.62
N LEU B 382 21.07 -55.13 44.62
CA LEU B 382 21.34 -55.48 43.23
C LEU B 382 22.74 -55.06 42.82
N THR B 383 23.38 -55.89 42.01
CA THR B 383 24.71 -55.59 41.49
C THR B 383 24.57 -54.89 40.15
N PRO B 384 25.12 -53.69 39.97
CA PRO B 384 24.94 -52.98 38.71
C PRO B 384 25.74 -53.64 37.60
N PRO B 385 25.33 -53.49 36.35
CA PRO B 385 26.12 -54.04 35.24
C PRO B 385 27.43 -53.28 35.08
N ALA B 386 28.38 -53.96 34.44
CA ALA B 386 29.70 -53.36 34.24
C ALA B 386 29.60 -52.11 33.39
N PRO B 387 30.32 -51.05 33.72
CA PRO B 387 30.24 -49.82 32.94
C PRO B 387 30.79 -50.01 31.54
N VAL B 388 30.24 -49.25 30.59
CA VAL B 388 30.67 -49.29 29.20
C VAL B 388 31.32 -47.96 28.87
N ASP B 389 32.55 -48.02 28.34
CA ASP B 389 33.27 -46.81 27.94
C ASP B 389 33.62 -46.84 26.46
N ARG B 390 32.91 -47.64 25.66
CA ARG B 390 33.21 -47.82 24.26
C ARG B 390 32.38 -46.90 23.36
N ASN B 391 31.91 -45.76 23.89
CA ASN B 391 31.20 -44.78 23.08
C ASN B 391 29.98 -45.39 22.40
N ILE B 392 28.95 -45.74 23.17
CA ILE B 392 27.91 -46.61 22.64
C ILE B 392 26.98 -45.81 21.74
N TYR B 393 27.42 -45.61 20.50
CA TYR B 393 26.61 -45.05 19.42
C TYR B 393 26.85 -45.81 18.13
N GLY B 394 28.00 -46.47 18.02
CA GLY B 394 28.45 -47.03 16.76
C GLY B 394 28.42 -48.54 16.68
N MET B 395 28.46 -49.22 17.83
CA MET B 395 28.47 -50.67 17.82
C MET B 395 27.18 -51.20 17.20
N ASN B 396 27.28 -52.37 16.55
CA ASN B 396 26.15 -52.95 15.85
C ASN B 396 25.07 -53.38 16.85
N GLU B 397 23.87 -53.63 16.33
CA GLU B 397 22.76 -54.03 17.18
C GLU B 397 23.05 -55.34 17.90
N GLU B 398 23.78 -56.25 17.25
CA GLU B 398 24.21 -57.47 17.92
C GLU B 398 25.16 -57.16 19.07
N GLU B 399 26.07 -56.22 18.87
CA GLU B 399 27.00 -55.83 19.92
C GLU B 399 26.26 -55.21 21.10
N ARG B 400 25.27 -54.35 20.82
CA ARG B 400 24.47 -53.77 21.90
C ARG B 400 23.66 -54.84 22.62
N GLU B 401 23.13 -55.81 21.88
CA GLU B 401 22.35 -56.88 22.50
C GLU B 401 23.23 -57.81 23.32
N ALA B 402 24.49 -58.00 22.91
CA ALA B 402 25.40 -58.86 23.67
C ALA B 402 25.64 -58.29 25.06
N THR B 403 25.86 -56.99 25.16
CA THR B 403 25.94 -56.30 26.43
C THR B 403 24.54 -56.01 26.95
N GLY B 404 24.44 -55.64 28.22
CA GLY B 404 23.15 -55.35 28.81
C GLY B 404 22.61 -53.97 28.43
N ILE B 405 22.98 -53.49 27.25
CA ILE B 405 22.54 -52.19 26.76
C ILE B 405 21.12 -52.33 26.22
N TYR B 406 20.22 -51.48 26.70
CA TYR B 406 18.83 -51.45 26.24
C TYR B 406 18.41 -50.03 25.97
N ASP B 407 17.44 -49.87 25.09
CA ASP B 407 16.96 -48.55 24.69
C ASP B 407 15.79 -48.11 25.55
N LEU B 408 15.73 -46.80 25.82
CA LEU B 408 14.59 -46.22 26.51
C LEU B 408 13.38 -46.23 25.57
N PRO B 409 12.17 -46.15 26.14
CA PRO B 409 10.97 -46.09 25.28
C PRO B 409 11.05 -44.92 24.30
N GLU B 410 10.66 -45.20 23.06
CA GLU B 410 10.79 -44.22 21.98
C GLU B 410 9.57 -43.31 21.84
N SER B 411 8.50 -43.57 22.59
CA SER B 411 7.29 -42.77 22.48
C SER B 411 6.59 -42.75 23.83
N LEU B 412 5.69 -41.79 23.99
CA LEU B 412 4.97 -41.65 25.25
C LEU B 412 4.08 -42.86 25.54
N GLY B 413 3.50 -43.47 24.50
CA GLY B 413 2.65 -44.63 24.73
C GLY B 413 3.40 -45.82 25.29
N HIS B 414 4.58 -46.10 24.75
CA HIS B 414 5.39 -47.20 25.27
C HIS B 414 5.83 -46.93 26.70
N ALA B 415 6.18 -45.68 27.00
CA ALA B 415 6.54 -45.32 28.37
C ALA B 415 5.37 -45.49 29.31
N LEU B 416 4.16 -45.13 28.87
CA LEU B 416 2.97 -45.34 29.68
C LEU B 416 2.71 -46.82 29.92
N ILE B 417 2.93 -47.65 28.89
CA ILE B 417 2.79 -49.09 29.06
C ILE B 417 3.79 -49.60 30.08
N GLU B 418 5.03 -49.11 30.01
CA GLU B 418 6.04 -49.52 30.99
C GLU B 418 5.65 -49.10 32.41
N LEU B 419 5.09 -47.90 32.55
CA LEU B 419 4.57 -47.48 33.86
C LEU B 419 3.49 -48.41 34.35
N GLU B 420 2.54 -48.76 33.46
CA GLU B 420 1.45 -49.65 33.85
C GLU B 420 1.96 -51.04 34.21
N LYS B 421 3.11 -51.44 33.67
CA LYS B 421 3.67 -52.74 34.00
C LYS B 421 4.43 -52.71 35.32
N ASN B 422 5.27 -51.69 35.52
CA ASN B 422 6.09 -51.62 36.72
C ASN B 422 5.24 -51.33 37.94
N GLU B 423 5.56 -52.00 39.05
CA GLU B 423 4.82 -51.86 40.30
C GLU B 423 5.52 -51.02 41.33
N ILE B 424 6.86 -51.04 41.37
CA ILE B 424 7.59 -50.25 42.36
C ILE B 424 7.38 -48.76 42.10
N ILE B 425 7.41 -48.35 40.83
CA ILE B 425 7.18 -46.94 40.49
C ILE B 425 5.76 -46.53 40.87
N LYS B 426 4.80 -47.45 40.73
CA LYS B 426 3.45 -47.15 41.18
C LYS B 426 3.40 -46.87 42.67
N ASP B 427 4.12 -47.66 43.47
CA ASP B 427 4.18 -47.42 44.91
C ASP B 427 4.86 -46.08 45.20
N GLY B 428 5.93 -45.76 44.46
CA GLY B 428 6.60 -44.49 44.67
C GLY B 428 5.72 -43.30 44.32
N LEU B 429 4.87 -43.44 43.31
CA LEU B 429 3.97 -42.37 42.91
C LEU B 429 2.71 -42.29 43.76
N GLY B 430 2.38 -43.34 44.49
CA GLY B 430 1.09 -43.43 45.15
C GLY B 430 0.00 -43.85 44.17
N GLU B 431 -1.21 -44.00 44.71
CA GLU B 431 -2.33 -44.41 43.87
C GLU B 431 -2.88 -43.22 43.09
N HIS B 432 -3.44 -42.23 43.80
CA HIS B 432 -4.17 -41.14 43.16
C HIS B 432 -3.33 -40.47 42.08
N ILE B 433 -2.08 -40.16 42.39
CA ILE B 433 -1.19 -39.55 41.41
C ILE B 433 -1.00 -40.48 40.22
N PHE B 434 -0.88 -41.78 40.48
CA PHE B 434 -0.67 -42.72 39.38
C PHE B 434 -1.84 -42.73 38.42
N GLU B 435 -3.07 -42.91 38.93
CA GLU B 435 -4.21 -42.96 38.02
C GLU B 435 -4.44 -41.61 37.33
N HIS B 436 -4.25 -40.51 38.04
CA HIS B 436 -4.45 -39.20 37.40
C HIS B 436 -3.43 -38.96 36.30
N PHE B 437 -2.16 -39.30 36.57
CA PHE B 437 -1.11 -39.16 35.55
C PHE B 437 -1.40 -40.04 34.35
N ILE B 438 -1.82 -41.29 34.59
CA ILE B 438 -2.10 -42.21 33.50
C ILE B 438 -3.25 -41.67 32.65
N GLU B 439 -4.32 -41.19 33.30
CA GLU B 439 -5.47 -40.68 32.56
C GLU B 439 -5.10 -39.47 31.73
N ALA B 440 -4.39 -38.50 32.34
CA ALA B 440 -4.03 -37.29 31.61
C ALA B 440 -3.11 -37.61 30.44
N LYS B 441 -2.11 -38.48 30.65
CA LYS B 441 -1.17 -38.79 29.60
C LYS B 441 -1.83 -39.59 28.48
N THR B 442 -2.75 -40.50 28.82
CA THR B 442 -3.46 -41.22 27.78
C THR B 442 -4.34 -40.28 26.96
N ILE B 443 -5.01 -39.33 27.61
CA ILE B 443 -5.81 -38.36 26.88
C ILE B 443 -4.94 -37.53 25.95
N GLU B 444 -3.79 -37.07 26.45
CA GLU B 444 -2.88 -36.27 25.63
C GLU B 444 -2.35 -37.08 24.44
N CYS B 445 -1.99 -38.34 24.67
CA CYS B 445 -1.50 -39.19 23.59
C CYS B 445 -2.58 -39.44 22.55
N ASP B 446 -3.82 -39.66 22.99
CA ASP B 446 -4.92 -39.87 22.05
C ASP B 446 -5.17 -38.61 21.24
N MET B 447 -5.08 -37.44 21.87
CA MET B 447 -5.23 -36.19 21.14
C MET B 447 -4.14 -36.03 20.09
N PHE B 448 -2.89 -36.37 20.44
CA PHE B 448 -1.80 -36.27 19.47
C PHE B 448 -1.99 -37.27 18.34
N ARG B 449 -2.47 -38.47 18.65
CA ARG B 449 -2.57 -39.52 17.65
C ARG B 449 -3.59 -39.18 16.57
N THR B 450 -4.72 -38.60 16.95
CA THR B 450 -5.79 -38.34 15.99
C THR B 450 -5.62 -37.04 15.23
N ALA B 451 -4.64 -36.22 15.60
CA ALA B 451 -4.42 -34.96 14.91
C ALA B 451 -3.76 -35.18 13.56
N VAL B 452 -4.00 -34.24 12.65
CA VAL B 452 -3.39 -34.25 11.32
C VAL B 452 -2.40 -33.09 11.26
N HIS B 453 -1.15 -33.40 10.95
CA HIS B 453 -0.08 -32.43 11.00
C HIS B 453 0.30 -31.97 9.59
N PRO B 454 0.85 -30.75 9.48
CA PRO B 454 1.26 -30.26 8.15
C PRO B 454 2.35 -31.10 7.49
N TRP B 455 3.09 -31.89 8.28
CA TRP B 455 4.07 -32.80 7.71
C TRP B 455 3.42 -33.79 6.74
N GLU B 456 2.32 -34.40 7.18
CA GLU B 456 1.61 -35.36 6.35
C GLU B 456 1.09 -34.71 5.07
N ARG B 457 0.52 -33.51 5.18
CA ARG B 457 0.04 -32.81 4.00
C ARG B 457 1.19 -32.49 3.05
N GLU B 458 2.26 -31.89 3.57
CA GLU B 458 3.37 -31.48 2.72
C GLU B 458 4.09 -32.66 2.08
N GLN B 459 3.98 -33.86 2.64
CA GLN B 459 4.69 -34.98 2.05
C GLN B 459 3.76 -36.03 1.43
N TYR B 460 2.44 -35.80 1.41
CA TYR B 460 1.52 -36.69 0.70
C TYR B 460 0.52 -35.99 -0.21
N LEU B 461 0.28 -34.68 -0.04
CA LEU B 461 -0.78 -34.02 -0.80
C LEU B 461 -0.48 -34.03 -2.30
N GLU B 462 0.77 -33.77 -2.68
CA GLU B 462 1.18 -33.85 -4.08
C GLU B 462 1.53 -35.25 -4.52
N ILE B 463 2.22 -36.01 -3.66
CA ILE B 463 2.66 -37.36 -4.05
C ILE B 463 1.46 -38.26 -4.29
N TYR B 464 0.45 -38.19 -3.43
CA TYR B 464 -0.75 -39.00 -3.61
C TYR B 464 -1.93 -38.13 -4.05
N ALA C 22 56.23 32.65 20.44
CA ALA C 22 55.95 31.52 21.32
C ALA C 22 54.70 31.79 22.16
N LYS C 23 53.53 31.59 21.54
CA LYS C 23 52.29 31.80 22.26
C LYS C 23 52.12 30.77 23.37
N TYR C 24 52.50 29.52 23.11
CA TYR C 24 52.38 28.43 24.08
C TYR C 24 53.70 27.66 24.15
N THR C 25 53.90 26.98 25.27
CA THR C 25 55.04 26.10 25.49
C THR C 25 54.55 24.71 25.86
N LYS C 26 55.51 23.78 26.01
CA LYS C 26 55.14 22.38 26.38
C LYS C 26 54.40 22.39 27.72
N GLU C 27 54.94 23.09 28.72
CA GLU C 27 54.31 23.09 30.04
C GLU C 27 52.91 23.67 29.97
N ASP C 28 52.70 24.70 29.15
CA ASP C 28 51.37 25.27 28.98
C ASP C 28 50.40 24.25 28.39
N ILE C 29 50.88 23.50 27.39
CA ILE C 29 50.02 22.47 26.73
C ILE C 29 49.66 21.41 27.78
N PHE C 30 50.63 20.97 28.58
CA PHE C 30 50.38 19.96 29.63
C PHE C 30 49.37 20.50 30.64
N ARG C 31 49.54 21.75 31.07
CA ARG C 31 48.62 22.35 32.03
C ARG C 31 47.20 22.45 31.47
N PHE C 32 47.08 22.84 30.20
CA PHE C 32 45.77 22.92 29.58
C PHE C 32 45.11 21.55 29.53
N ALA C 33 45.85 20.53 29.10
CA ALA C 33 45.32 19.18 29.05
C ALA C 33 44.91 18.70 30.43
N ASP C 34 45.61 19.14 31.47
CA ASP C 34 45.26 18.74 32.83
C ASP C 34 44.01 19.46 33.32
N GLU C 35 43.86 20.74 32.97
CA GLU C 35 42.84 21.55 33.65
C GLU C 35 41.52 21.61 32.90
N GLN C 36 41.51 21.47 31.58
CA GLN C 36 40.24 21.19 30.92
C GLN C 36 40.00 19.70 30.70
N ASN C 37 40.95 18.86 31.14
CA ASN C 37 40.76 17.40 31.22
C ASN C 37 40.41 16.81 29.86
N VAL C 38 41.30 17.00 28.91
CA VAL C 38 41.15 16.41 27.59
C VAL C 38 41.62 14.96 27.65
N LYS C 39 40.93 14.09 26.93
CA LYS C 39 41.30 12.69 26.85
C LYS C 39 41.51 12.22 25.42
N PHE C 40 41.22 13.07 24.42
CA PHE C 40 41.36 12.69 23.02
C PHE C 40 42.04 13.85 22.30
N ILE C 41 43.08 13.56 21.53
CA ILE C 41 43.87 14.56 20.83
C ILE C 41 43.97 14.18 19.37
N ARG C 42 43.67 15.12 18.48
CA ARG C 42 43.73 14.91 17.04
C ARG C 42 44.94 15.67 16.50
N LEU C 43 45.98 14.93 16.09
CA LEU C 43 47.12 15.51 15.42
C LEU C 43 46.81 15.58 13.92
N GLN C 44 46.29 16.73 13.48
CA GLN C 44 45.72 16.85 12.15
C GLN C 44 46.64 17.60 11.20
N PHE C 45 46.51 17.26 9.92
CA PHE C 45 47.33 17.83 8.86
C PHE C 45 46.50 17.81 7.57
N THR C 46 47.07 18.36 6.51
CA THR C 46 46.38 18.49 5.24
C THR C 46 47.23 17.90 4.13
N ASP C 47 46.60 17.13 3.24
CA ASP C 47 47.29 16.52 2.11
C ASP C 47 47.30 17.49 0.93
N ILE C 48 47.76 16.99 -0.23
CA ILE C 48 47.80 17.83 -1.42
C ILE C 48 46.39 18.20 -1.87
N LEU C 49 45.47 17.25 -1.82
CA LEU C 49 44.11 17.48 -2.30
C LEU C 49 43.31 18.40 -1.40
N GLY C 50 43.82 18.74 -0.22
CA GLY C 50 43.12 19.61 0.70
C GLY C 50 42.27 18.91 1.73
N ILE C 51 42.22 17.58 1.71
CA ILE C 51 41.40 16.84 2.67
C ILE C 51 42.08 16.89 4.04
N ILE C 52 41.30 17.20 5.07
CA ILE C 52 41.82 17.24 6.43
C ILE C 52 42.03 15.81 6.92
N LYS C 53 43.25 15.50 7.30
CA LYS C 53 43.62 14.19 7.80
C LYS C 53 44.24 14.32 9.18
N ASN C 54 44.13 13.27 9.97
CA ASN C 54 44.65 13.30 11.33
C ASN C 54 44.98 11.90 11.81
N VAL C 55 45.78 11.83 12.87
CA VAL C 55 45.95 10.63 13.66
C VAL C 55 45.48 10.95 15.07
N GLU C 56 44.79 9.99 15.69
CA GLU C 56 44.10 10.21 16.94
C GLU C 56 44.77 9.43 18.06
N ILE C 57 45.20 10.14 19.10
CA ILE C 57 45.97 9.54 20.18
C ILE C 57 45.31 9.85 21.51
N PRO C 58 45.48 9.02 22.54
CA PRO C 58 45.00 9.37 23.87
C PRO C 58 45.88 10.44 24.51
N VAL C 59 45.33 11.05 25.56
CA VAL C 59 46.06 12.10 26.26
C VAL C 59 47.31 11.54 26.94
N SER C 60 47.36 10.23 27.18
CA SER C 60 48.53 9.63 27.80
C SER C 60 49.74 9.69 26.88
N GLN C 61 49.52 9.80 25.57
CA GLN C 61 50.60 9.90 24.60
C GLN C 61 50.94 11.34 24.26
N LEU C 62 50.43 12.31 25.04
CA LEU C 62 50.70 13.74 24.74
C LEU C 62 52.20 14.00 24.81
N LYS C 63 52.89 13.36 25.76
CA LYS C 63 54.35 13.54 25.92
C LYS C 63 55.06 13.12 24.63
N LYS C 64 54.74 11.94 24.10
CA LYS C 64 55.40 11.43 22.86
C LYS C 64 55.17 12.41 21.71
N ALA C 65 53.95 12.96 21.58
CA ALA C 65 53.65 13.94 20.51
C ALA C 65 54.55 15.17 20.68
N LEU C 66 54.66 15.69 21.91
CA LEU C 66 55.51 16.88 22.18
C LEU C 66 56.98 16.55 21.91
N ASP C 67 57.38 15.29 22.09
CA ASP C 67 58.80 14.88 21.88
C ASP C 67 59.06 14.65 20.38
N ASN C 68 58.04 14.83 19.53
CA ASN C 68 58.20 14.68 18.05
C ASN C 68 58.69 13.27 17.72
N LYS C 69 58.09 12.26 18.35
CA LYS C 69 58.44 10.86 18.11
C LYS C 69 57.29 10.03 17.58
N ILE C 70 56.26 10.67 17.02
CA ILE C 70 55.09 9.95 16.51
C ILE C 70 55.31 9.59 15.05
N MET C 71 55.25 8.29 14.75
CA MET C 71 55.30 7.82 13.37
C MET C 71 53.90 7.72 12.80
N PHE C 72 53.82 7.81 11.47
CA PHE C 72 52.58 7.56 10.76
C PHE C 72 52.92 7.23 9.31
N ASP C 73 51.97 6.59 8.63
CA ASP C 73 52.17 6.19 7.24
C ASP C 73 52.22 7.44 6.37
N GLY C 74 53.42 7.80 5.92
CA GLY C 74 53.61 9.05 5.19
C GLY C 74 53.03 9.07 3.80
N SER C 75 52.72 7.90 3.24
CA SER C 75 52.13 7.86 1.91
C SER C 75 50.68 8.35 1.93
N SER C 76 50.09 8.53 3.11
CA SER C 76 48.72 9.00 3.19
C SER C 76 48.57 10.40 2.61
N ILE C 77 49.51 11.30 2.90
CA ILE C 77 49.41 12.66 2.41
C ILE C 77 49.55 12.73 0.90
N GLU C 78 50.16 11.72 0.28
CA GLU C 78 50.26 11.69 -1.17
C GLU C 78 48.91 11.48 -1.84
N GLY C 79 47.88 11.10 -1.09
CA GLY C 79 46.56 10.90 -1.66
C GLY C 79 46.30 9.48 -2.11
N PHE C 80 45.47 9.32 -3.13
CA PHE C 80 45.16 8.01 -3.67
C PHE C 80 46.24 7.47 -4.60
N VAL C 81 47.26 8.28 -4.89
CA VAL C 81 48.33 7.86 -5.81
C VAL C 81 49.50 7.32 -4.99
N ARG C 82 49.26 6.99 -3.73
CA ARG C 82 50.31 6.40 -2.90
C ARG C 82 50.72 5.04 -3.44
N ILE C 83 52.02 4.81 -3.48
CA ILE C 83 52.56 3.56 -4.01
C ILE C 83 53.41 2.88 -2.93
N GLU C 84 54.45 3.57 -2.46
CA GLU C 84 55.38 3.02 -1.48
C GLU C 84 55.09 3.61 -0.11
N GLU C 85 54.91 2.74 0.88
CA GLU C 85 54.72 3.18 2.25
C GLU C 85 56.04 3.71 2.82
N SER C 86 55.97 4.83 3.53
CA SER C 86 57.15 5.41 4.16
C SER C 86 56.74 6.00 5.51
N ASP C 87 57.43 5.60 6.57
CA ASP C 87 57.18 6.13 7.90
C ASP C 87 57.87 7.47 8.05
N MET C 88 57.18 8.43 8.65
CA MET C 88 57.73 9.77 8.80
C MET C 88 57.08 10.46 9.99
N TYR C 89 57.79 11.47 10.51
CA TYR C 89 57.41 12.08 11.78
C TYR C 89 56.23 13.03 11.60
N LEU C 90 55.70 13.48 12.74
CA LEU C 90 54.50 14.31 12.79
C LEU C 90 54.69 15.49 13.74
N PHE C 91 55.78 16.23 13.56
CA PHE C 91 56.11 17.41 14.35
C PHE C 91 54.92 18.35 14.48
N PRO C 92 54.39 18.53 15.67
CA PRO C 92 53.22 19.40 15.85
C PRO C 92 53.60 20.86 16.07
N ASP C 93 52.59 21.72 16.07
CA ASP C 93 52.74 23.14 16.30
C ASP C 93 51.99 23.52 17.57
N LEU C 94 52.68 24.16 18.52
CA LEU C 94 52.05 24.46 19.84
C LEU C 94 51.03 25.59 19.75
N ASP C 95 51.24 26.56 18.85
CA ASP C 95 50.35 27.71 18.81
C ASP C 95 48.95 27.37 18.34
N THR C 96 48.73 26.17 17.81
CA THR C 96 47.43 25.76 17.29
C THR C 96 46.67 24.85 18.24
N TRP C 97 46.92 24.97 19.55
CA TRP C 97 46.21 24.15 20.52
C TRP C 97 44.79 24.68 20.70
N VAL C 98 43.80 23.86 20.34
CA VAL C 98 42.39 24.26 20.38
C VAL C 98 41.60 23.10 20.97
N VAL C 99 40.69 23.40 21.89
CA VAL C 99 39.85 22.40 22.54
C VAL C 99 38.43 22.58 22.04
N PHE C 100 37.86 21.53 21.46
CA PHE C 100 36.49 21.59 20.96
C PHE C 100 35.50 21.53 22.12
N PRO C 101 34.40 22.29 22.04
CA PRO C 101 33.39 22.24 23.12
C PRO C 101 32.38 21.13 22.97
N TRP C 102 32.12 20.66 21.74
CA TRP C 102 31.10 19.64 21.51
C TRP C 102 31.70 18.25 21.76
N THR C 103 32.06 18.02 23.03
CA THR C 103 32.68 16.77 23.43
C THR C 103 31.95 16.05 24.56
N ALA C 104 30.79 16.54 24.98
CA ALA C 104 30.01 15.94 26.07
C ALA C 104 30.87 15.95 27.34
N GLU C 105 30.67 14.97 28.22
CA GLU C 105 31.40 14.89 29.48
C GLU C 105 32.49 13.83 29.49
N LYS C 106 32.45 12.88 28.57
CA LYS C 106 33.46 11.81 28.52
C LYS C 106 34.73 12.30 27.83
N GLY C 107 35.41 13.23 28.49
CA GLY C 107 36.67 13.75 27.98
C GLY C 107 36.52 14.75 26.86
N LYS C 108 37.39 15.77 26.85
CA LYS C 108 37.39 16.77 25.80
C LYS C 108 38.21 16.28 24.61
N VAL C 109 38.13 17.03 23.51
CA VAL C 109 38.90 16.74 22.31
C VAL C 109 39.68 17.99 21.92
N ALA C 110 40.94 17.79 21.57
CA ALA C 110 41.82 18.89 21.19
C ALA C 110 42.51 18.54 19.88
N ARG C 111 42.89 19.57 19.14
CA ARG C 111 43.57 19.38 17.86
C ARG C 111 44.83 20.24 17.82
N MET C 112 45.82 19.77 17.06
CA MET C 112 47.07 20.49 16.88
C MET C 112 47.52 20.31 15.43
N ILE C 113 47.74 21.42 14.73
CA ILE C 113 48.25 21.34 13.36
C ILE C 113 49.69 20.87 13.40
N CYS C 114 50.00 19.83 12.63
CA CYS C 114 51.29 19.18 12.69
C CYS C 114 52.02 19.31 11.35
N ASP C 115 53.31 19.61 11.43
CA ASP C 115 54.17 19.60 10.26
C ASP C 115 54.62 18.18 9.94
N ILE C 116 54.87 17.93 8.67
CA ILE C 116 55.32 16.63 8.19
C ILE C 116 56.83 16.69 8.04
N TYR C 117 57.53 15.76 8.69
CA TYR C 117 58.98 15.72 8.67
C TYR C 117 59.47 14.34 8.26
N ASN C 118 60.54 14.32 7.46
CA ASN C 118 61.18 13.08 7.10
C ASN C 118 61.90 12.49 8.31
N PRO C 119 62.19 11.19 8.29
CA PRO C 119 62.88 10.58 9.44
C PRO C 119 64.25 11.16 9.71
N ASP C 120 64.86 11.87 8.76
CA ASP C 120 66.18 12.47 8.95
C ASP C 120 66.10 13.91 9.43
N MET C 121 65.04 14.27 10.18
CA MET C 121 64.88 15.59 10.76
C MET C 121 64.85 16.69 9.70
N THR C 122 64.25 16.39 8.55
CA THR C 122 64.07 17.39 7.51
C THR C 122 62.60 17.47 7.13
N PRO C 123 62.07 18.68 6.92
CA PRO C 123 60.67 18.79 6.51
C PRO C 123 60.43 18.12 5.15
N PHE C 124 59.28 17.48 5.03
CA PHE C 124 58.94 16.77 3.80
C PHE C 124 58.68 17.77 2.68
N ALA C 125 59.21 17.48 1.49
CA ALA C 125 59.00 18.38 0.35
C ALA C 125 57.54 18.39 -0.10
N GLY C 126 56.82 17.31 0.14
CA GLY C 126 55.44 17.20 -0.29
C GLY C 126 54.42 17.79 0.66
N ASP C 127 54.84 18.36 1.78
CA ASP C 127 53.90 18.97 2.72
C ASP C 127 53.54 20.37 2.26
N PRO C 128 52.26 20.66 2.02
CA PRO C 128 51.90 22.03 1.61
C PRO C 128 52.28 23.08 2.64
N ARG C 129 52.16 22.76 3.93
CA ARG C 129 52.51 23.73 4.97
C ARG C 129 53.99 24.06 4.94
N ALA C 130 54.85 23.05 4.76
CA ALA C 130 56.28 23.30 4.65
C ALA C 130 56.61 24.13 3.42
N ASN C 131 55.91 23.87 2.31
CA ASN C 131 56.12 24.67 1.10
C ASN C 131 55.73 26.13 1.34
N LEU C 132 54.61 26.36 2.02
CA LEU C 132 54.21 27.72 2.34
C LEU C 132 55.22 28.39 3.25
N LYS C 133 55.76 27.64 4.22
CA LYS C 133 56.77 28.19 5.10
C LYS C 133 58.03 28.56 4.33
N ARG C 134 58.41 27.73 3.34
CA ARG C 134 59.58 28.05 2.53
C ARG C 134 59.34 29.31 1.70
N VAL C 135 58.15 29.45 1.11
CA VAL C 135 57.84 30.64 0.34
C VAL C 135 57.85 31.87 1.24
N LEU C 136 57.32 31.75 2.46
CA LEU C 136 57.34 32.86 3.40
C LEU C 136 58.77 33.20 3.81
N LYS C 137 59.63 32.20 3.93
CA LYS C 137 61.04 32.46 4.19
C LYS C 137 61.68 33.24 3.05
N GLU C 138 61.34 32.88 1.81
CA GLU C 138 61.83 33.65 0.67
C GLU C 138 61.34 35.10 0.74
N MET C 139 60.07 35.29 1.09
CA MET C 139 59.54 36.64 1.24
C MET C 139 60.31 37.42 2.29
N GLU C 140 60.53 36.80 3.45
CA GLU C 140 61.20 37.49 4.55
C GLU C 140 62.64 37.84 4.20
N GLU C 141 63.37 36.92 3.57
CA GLU C 141 64.73 37.24 3.16
C GLU C 141 64.76 38.26 2.04
N LEU C 142 63.64 38.42 1.32
CA LEU C 142 63.58 39.46 0.25
C LEU C 142 63.43 40.84 0.90
N GLY C 143 62.76 40.92 2.06
CA GLY C 143 62.67 42.19 2.75
C GLY C 143 61.35 42.48 3.45
N PHE C 144 60.37 41.62 3.22
CA PHE C 144 59.03 41.83 3.83
C PHE C 144 58.94 41.10 5.16
N THR C 145 57.89 41.39 5.93
CA THR C 145 57.72 40.80 7.26
C THR C 145 56.65 39.73 7.29
N GLU C 146 55.44 40.04 6.82
CA GLU C 146 54.33 39.10 6.90
C GLU C 146 53.42 39.28 5.69
N PHE C 147 52.62 38.26 5.43
CA PHE C 147 51.68 38.21 4.31
C PHE C 147 50.29 37.97 4.89
N ASN C 148 49.60 39.06 5.24
CA ASN C 148 48.28 38.95 5.84
C ASN C 148 47.24 38.51 4.84
N LEU C 149 46.26 37.72 5.29
CA LEU C 149 45.18 37.25 4.45
C LEU C 149 43.87 37.31 5.21
N GLY C 150 42.82 37.76 4.53
CA GLY C 150 41.47 37.63 5.02
C GLY C 150 40.57 36.96 4.00
N PRO C 151 40.13 35.74 4.29
CA PRO C 151 39.28 35.02 3.35
C PRO C 151 37.79 35.23 3.61
N GLU C 152 37.01 35.00 2.56
CA GLU C 152 35.56 35.15 2.61
C GLU C 152 34.90 33.89 2.01
N PRO C 153 34.98 32.77 2.72
CA PRO C 153 34.41 31.53 2.18
C PRO C 153 32.90 31.54 2.16
N GLU C 154 32.34 30.79 1.21
CA GLU C 154 30.91 30.60 1.07
C GLU C 154 30.60 29.11 1.00
N PHE C 155 29.53 28.70 1.66
CA PHE C 155 29.17 27.29 1.74
C PHE C 155 27.68 27.12 1.54
N PHE C 156 27.29 25.90 1.13
CA PHE C 156 25.90 25.55 0.91
C PHE C 156 25.43 24.58 2.00
N LEU C 157 24.14 24.64 2.30
CA LEU C 157 23.54 23.75 3.28
C LEU C 157 22.39 22.99 2.63
N PHE C 158 22.44 21.66 2.72
CA PHE C 158 21.45 20.79 2.09
C PHE C 158 20.77 19.94 3.15
N LYS C 159 19.46 19.73 2.98
CA LYS C 159 18.70 18.92 3.92
C LYS C 159 19.05 17.45 3.75
N LEU C 160 19.30 16.77 4.86
CA LEU C 160 19.60 15.35 4.83
C LEU C 160 18.33 14.54 4.59
N ASP C 161 18.51 13.33 4.08
CA ASP C 161 17.39 12.44 3.80
C ASP C 161 17.12 11.58 5.03
N GLU C 162 16.24 10.59 4.88
CA GLU C 162 15.92 9.71 6.00
C GLU C 162 17.13 8.88 6.41
N ASN C 163 17.95 8.47 5.46
CA ASN C 163 19.14 7.67 5.71
C ASN C 163 20.38 8.52 5.95
N ARG C 164 20.20 9.75 6.43
CA ARG C 164 21.30 10.69 6.67
C ARG C 164 22.12 10.92 5.40
N ARG C 165 21.42 11.07 4.28
CA ARG C 165 22.06 11.33 3.00
C ARG C 165 21.64 12.70 2.48
N PRO C 166 22.57 13.44 1.87
CA PRO C 166 22.21 14.77 1.36
C PRO C 166 21.17 14.68 0.25
N THR C 167 20.32 15.69 0.17
CA THR C 167 19.34 15.84 -0.88
C THR C 167 19.68 17.07 -1.72
N LEU C 168 18.84 17.35 -2.71
CA LEU C 168 19.02 18.51 -3.58
C LEU C 168 18.19 19.70 -3.15
N GLU C 169 17.56 19.64 -1.98
CA GLU C 169 16.73 20.72 -1.48
C GLU C 169 17.50 21.54 -0.44
N LEU C 170 17.30 22.84 -0.47
CA LEU C 170 18.00 23.77 0.39
C LEU C 170 17.17 24.07 1.64
N ASN C 171 17.84 24.52 2.70
CA ASN C 171 17.16 24.74 3.96
C ASN C 171 16.20 25.92 3.91
N ASP C 172 16.53 26.98 3.18
CA ASP C 172 15.65 28.14 3.09
C ASP C 172 15.82 28.81 1.74
N SER C 173 14.76 29.50 1.31
CA SER C 173 14.77 30.25 0.06
C SER C 173 15.08 31.71 0.33
N GLY C 174 16.31 31.96 0.73
CA GLY C 174 16.76 33.30 1.06
C GLY C 174 17.23 34.07 -0.16
N GLY C 175 17.77 35.26 0.12
CA GLY C 175 18.32 36.11 -0.92
C GLY C 175 19.62 36.75 -0.51
N TYR C 176 20.12 37.70 -1.29
CA TYR C 176 21.38 38.35 -0.98
C TYR C 176 21.21 39.24 0.25
N PHE C 177 22.01 39.01 1.27
CA PHE C 177 21.98 39.76 2.53
C PHE C 177 20.63 39.68 3.23
N ASP C 178 19.78 38.73 2.83
CA ASP C 178 18.45 38.60 3.41
C ASP C 178 18.53 38.01 4.81
N LEU C 179 17.53 38.36 5.63
CA LEU C 179 17.38 37.79 6.97
C LEU C 179 16.52 36.54 6.87
N ALA C 180 17.09 35.53 6.20
CA ALA C 180 16.35 34.32 5.85
C ALA C 180 16.17 33.35 7.01
N PRO C 181 17.23 32.90 7.68
CA PRO C 181 17.05 31.89 8.74
C PRO C 181 16.40 32.44 10.01
N THR C 182 16.20 33.75 10.10
CA THR C 182 15.56 34.41 11.23
C THR C 182 16.14 33.98 12.57
N ASP C 183 15.30 33.42 13.44
CA ASP C 183 15.67 33.14 14.82
C ASP C 183 14.91 31.94 15.36
N LEU C 184 14.85 31.82 16.69
CA LEU C 184 14.10 30.77 17.37
C LEU C 184 14.63 29.37 17.01
N GLY C 185 15.87 29.14 17.43
CA GLY C 185 16.51 27.87 17.17
C GLY C 185 17.00 27.80 15.75
N GLU C 186 17.36 26.58 15.31
CA GLU C 186 18.01 26.36 14.03
C GLU C 186 19.06 27.44 13.74
N ASN C 187 18.88 28.16 12.63
CA ASN C 187 19.80 29.23 12.22
C ASN C 187 21.24 28.76 12.31
N CYS C 188 21.60 27.78 11.49
CA CYS C 188 22.90 27.13 11.61
C CYS C 188 24.05 28.13 11.46
N ARG C 189 23.86 29.19 10.67
CA ARG C 189 24.92 30.18 10.53
C ARG C 189 25.20 30.90 11.84
N ARG C 190 24.15 31.28 12.57
CA ARG C 190 24.35 31.96 13.84
C ARG C 190 25.05 31.05 14.84
N ASP C 191 24.65 29.78 14.90
CA ASP C 191 25.30 28.83 15.81
C ASP C 191 26.75 28.61 15.42
N ILE C 192 27.03 28.54 14.12
CA ILE C 192 28.41 28.36 13.66
C ILE C 192 29.26 29.55 14.09
N VAL C 193 28.74 30.76 13.89
CA VAL C 193 29.48 31.97 14.28
C VAL C 193 29.71 31.99 15.78
N LEU C 194 28.69 31.64 16.56
CA LEU C 194 28.83 31.66 18.02
C LEU C 194 29.87 30.63 18.49
N GLU C 195 29.84 29.42 17.92
CA GLU C 195 30.81 28.41 18.29
C GLU C 195 32.22 28.83 17.89
N LEU C 196 32.38 29.41 16.72
CA LEU C 196 33.69 29.88 16.28
C LEU C 196 34.21 30.98 17.20
N GLU C 197 33.34 31.90 17.61
CA GLU C 197 33.75 32.96 18.53
C GLU C 197 34.13 32.41 19.89
N GLU C 198 33.34 31.46 20.42
CA GLU C 198 33.68 30.84 21.70
C GLU C 198 35.01 30.09 21.60
N MET C 199 35.29 29.49 20.46
CA MET C 199 36.48 28.68 20.29
C MET C 199 37.75 29.53 20.19
N GLY C 200 37.63 30.80 19.80
CA GLY C 200 38.78 31.69 19.79
C GLY C 200 39.17 32.19 18.41
N PHE C 201 38.20 32.30 17.51
CA PHE C 201 38.43 32.83 16.18
C PHE C 201 37.88 34.25 16.07
N GLU C 202 38.45 35.00 15.13
CA GLU C 202 38.05 36.39 14.88
C GLU C 202 37.16 36.42 13.65
N ILE C 203 35.92 36.84 13.83
CA ILE C 203 34.93 36.88 12.76
C ILE C 203 34.53 38.34 12.54
N GLU C 204 34.59 38.78 11.29
CA GLU C 204 34.17 40.15 10.97
C GLU C 204 32.66 40.26 10.83
N ALA C 205 32.08 39.54 9.88
CA ALA C 205 30.65 39.60 9.65
C ALA C 205 30.21 38.35 8.90
N SER C 206 28.92 38.05 9.01
CA SER C 206 28.31 36.94 8.29
C SER C 206 26.98 37.41 7.70
N HIS C 207 26.60 36.81 6.57
CA HIS C 207 25.38 37.20 5.89
C HIS C 207 24.94 36.06 4.99
N HIS C 208 23.79 36.26 4.34
CA HIS C 208 23.23 35.28 3.42
C HIS C 208 23.61 35.66 1.99
N GLU C 209 24.14 34.69 1.25
CA GLU C 209 24.53 34.95 -0.12
C GLU C 209 23.32 34.97 -1.04
N VAL C 210 23.53 35.41 -2.28
CA VAL C 210 22.42 35.62 -3.20
C VAL C 210 21.70 34.31 -3.52
N ALA C 211 22.43 33.21 -3.60
CA ALA C 211 21.79 31.93 -3.83
C ALA C 211 21.02 31.49 -2.58
N PRO C 212 19.91 30.78 -2.74
CA PRO C 212 19.22 30.23 -1.56
C PRO C 212 20.11 29.25 -0.82
N GLY C 213 19.98 29.22 0.50
CA GLY C 213 20.72 28.27 1.31
C GLY C 213 22.23 28.45 1.28
N GLN C 214 22.72 29.56 0.77
CA GLN C 214 24.14 29.85 0.68
C GLN C 214 24.49 30.93 1.68
N HIS C 215 25.53 30.69 2.48
CA HIS C 215 25.92 31.61 3.54
C HIS C 215 27.41 31.93 3.42
N GLU C 216 27.77 33.12 3.87
CA GLU C 216 29.16 33.57 3.83
C GLU C 216 29.56 34.09 5.21
N ILE C 217 30.75 33.70 5.65
CA ILE C 217 31.31 34.16 6.92
C ILE C 217 32.68 34.77 6.64
N ASP C 218 32.89 35.99 7.08
CA ASP C 218 34.12 36.71 6.85
C ASP C 218 35.04 36.62 8.07
N PHE C 219 36.34 36.58 7.80
CA PHE C 219 37.35 36.44 8.84
C PHE C 219 38.18 37.73 8.93
N LYS C 220 38.87 37.88 10.06
CA LYS C 220 39.79 38.99 10.21
C LYS C 220 41.08 38.71 9.44
N TYR C 221 42.06 39.57 9.62
CA TYR C 221 43.31 39.52 8.86
C TYR C 221 44.44 39.09 9.78
N GLU C 222 44.94 37.88 9.56
CA GLU C 222 46.07 37.33 10.30
C GLU C 222 47.12 36.81 9.32
N ASP C 223 48.14 36.13 9.85
CA ASP C 223 49.21 35.63 9.03
C ASP C 223 48.71 34.51 8.10
N ALA C 224 49.51 34.21 7.08
CA ALA C 224 49.10 33.25 6.06
C ALA C 224 48.91 31.86 6.65
N ILE C 225 49.88 31.38 7.44
CA ILE C 225 49.76 30.06 8.03
C ILE C 225 48.57 30.00 8.97
N THR C 226 48.40 31.02 9.81
CA THR C 226 47.23 31.08 10.66
C THR C 226 45.94 31.21 9.84
N ALA C 227 46.01 31.86 8.68
CA ALA C 227 44.84 31.91 7.80
C ALA C 227 44.47 30.52 7.30
N CYS C 228 45.45 29.72 6.90
CA CYS C 228 45.19 28.35 6.49
C CYS C 228 44.58 27.54 7.62
N ASP C 229 45.16 27.66 8.82
CA ASP C 229 44.64 26.93 9.97
C ASP C 229 43.20 27.33 10.27
N SER C 230 42.91 28.63 10.21
CA SER C 230 41.56 29.10 10.44
C SER C 230 40.61 28.58 9.38
N ILE C 231 41.04 28.54 8.12
CA ILE C 231 40.17 28.06 7.05
C ILE C 231 39.84 26.58 7.25
N GLN C 232 40.85 25.78 7.56
CA GLN C 232 40.62 24.35 7.75
C GLN C 232 39.73 24.09 8.96
N THR C 233 40.00 24.79 10.06
CA THR C 233 39.17 24.63 11.25
C THR C 233 37.74 25.09 10.98
N PHE C 234 37.58 26.15 10.19
CA PHE C 234 36.25 26.64 9.84
C PHE C 234 35.50 25.60 9.03
N LYS C 235 36.17 24.97 8.06
CA LYS C 235 35.53 23.91 7.28
C LYS C 235 35.09 22.76 8.19
N LEU C 236 35.98 22.32 9.08
CA LEU C 236 35.64 21.22 9.98
C LEU C 236 34.46 21.58 10.88
N VAL C 237 34.47 22.79 11.45
CA VAL C 237 33.43 23.20 12.38
C VAL C 237 32.10 23.34 11.66
N VAL C 238 32.11 23.93 10.46
CA VAL C 238 30.87 24.08 9.69
C VAL C 238 30.29 22.72 9.37
N LYS C 239 31.14 21.77 8.93
CA LYS C 239 30.62 20.44 8.61
C LYS C 239 30.04 19.77 9.84
N THR C 240 30.76 19.83 10.96
CA THR C 240 30.31 19.13 12.21
C THR C 240 28.96 19.71 12.67
N ILE C 241 28.86 21.03 12.82
CA ILE C 241 27.61 21.66 13.34
C ILE C 241 26.44 21.34 12.41
N ALA C 242 26.62 21.49 11.10
CA ALA C 242 25.56 21.15 10.12
C ALA C 242 25.10 19.71 10.35
N ARG C 243 26.03 18.75 10.37
CA ARG C 243 25.68 17.32 10.58
C ARG C 243 24.84 17.17 11.85
N LYS C 244 25.27 17.81 12.95
CA LYS C 244 24.52 17.73 14.23
C LYS C 244 23.09 18.24 14.04
N HIS C 245 22.92 19.34 13.28
CA HIS C 245 21.58 19.94 13.06
C HIS C 245 20.85 19.23 11.91
N GLY C 246 21.31 18.05 11.50
CA GLY C 246 20.64 17.28 10.44
C GLY C 246 20.74 17.95 9.07
N LEU C 247 21.88 18.58 8.79
CA LEU C 247 22.07 19.20 7.48
C LEU C 247 23.43 18.77 6.94
N HIS C 248 23.65 19.04 5.65
CA HIS C 248 24.92 18.74 5.01
C HIS C 248 25.54 20.03 4.51
N ALA C 249 26.80 20.28 4.90
CA ALA C 249 27.53 21.45 4.47
C ALA C 249 28.41 21.07 3.28
N THR C 250 28.30 21.84 2.20
CA THR C 250 29.01 21.56 0.96
C THR C 250 29.84 22.77 0.56
N PHE C 251 31.10 22.54 0.24
CA PHE C 251 31.98 23.58 -0.29
C PHE C 251 32.26 23.40 -1.77
N MET C 252 31.54 22.47 -2.42
CA MET C 252 31.67 22.29 -3.91
C MET C 252 31.27 23.62 -4.54
N PRO C 253 32.05 24.19 -5.50
CA PRO C 253 31.77 25.56 -5.98
C PRO C 253 30.39 25.73 -6.61
N LYS C 254 29.93 24.77 -7.40
CA LYS C 254 28.67 24.90 -8.14
C LYS C 254 27.81 23.68 -7.88
N PRO C 255 27.12 23.66 -6.73
CA PRO C 255 26.25 22.50 -6.43
C PRO C 255 25.11 22.30 -7.42
N LEU C 256 24.55 23.39 -7.97
CA LEU C 256 23.39 23.29 -8.83
C LEU C 256 23.58 24.18 -10.06
N PHE C 257 22.90 23.81 -11.14
CA PHE C 257 22.93 24.60 -12.37
C PHE C 257 21.92 25.73 -12.28
N GLY C 258 22.30 26.89 -12.83
CA GLY C 258 21.45 28.06 -12.75
C GLY C 258 21.45 28.74 -11.41
N VAL C 259 22.32 28.32 -10.49
CA VAL C 259 22.42 28.87 -9.15
C VAL C 259 23.84 29.37 -8.94
N ASN C 260 23.97 30.54 -8.30
CA ASN C 260 25.28 31.15 -8.17
C ASN C 260 26.23 30.24 -7.39
N GLY C 261 27.51 30.28 -7.77
CA GLY C 261 28.51 29.44 -7.16
C GLY C 261 29.04 30.00 -5.85
N SER C 262 29.96 29.26 -5.26
CA SER C 262 30.58 29.61 -4.00
C SER C 262 31.99 30.10 -4.24
N GLY C 263 32.34 31.23 -3.62
CA GLY C 263 33.66 31.79 -3.76
C GLY C 263 34.38 31.98 -2.44
N MET C 264 35.70 32.10 -2.49
CA MET C 264 36.55 32.25 -1.30
C MET C 264 37.54 33.39 -1.54
N HIS C 265 37.01 34.56 -1.92
CA HIS C 265 37.83 35.72 -2.23
C HIS C 265 38.89 35.95 -1.15
N PHE C 266 40.13 36.17 -1.59
CA PHE C 266 41.26 36.43 -0.71
C PHE C 266 41.56 37.91 -0.68
N ASN C 267 41.48 38.53 0.50
CA ASN C 267 41.90 39.90 0.72
C ASN C 267 43.28 39.86 1.36
N MET C 268 44.31 40.14 0.57
CA MET C 268 45.69 39.95 0.97
C MET C 268 46.45 41.27 0.94
N SER C 269 47.35 41.45 1.89
CA SER C 269 48.18 42.65 1.98
C SER C 269 49.58 42.24 2.42
N LEU C 270 50.56 43.06 2.05
CA LEU C 270 51.96 42.80 2.33
C LEU C 270 52.47 43.84 3.33
N PHE C 271 53.21 43.37 4.33
CA PHE C 271 53.70 44.22 5.40
C PHE C 271 55.22 44.24 5.43
N ASN C 272 55.77 45.37 5.86
CA ASN C 272 57.21 45.51 6.04
C ASN C 272 57.50 46.02 7.45
N GLU C 273 58.76 46.39 7.72
CA GLU C 273 59.12 46.92 9.03
C GLU C 273 58.37 48.21 9.34
N LYS C 274 58.26 49.10 8.35
CA LYS C 274 57.53 50.35 8.56
C LYS C 274 56.05 50.11 8.79
N GLY C 275 55.46 49.19 8.04
CA GLY C 275 54.04 48.91 8.16
C GLY C 275 53.47 48.25 6.92
N ASN C 276 52.33 48.76 6.44
CA ASN C 276 51.73 48.23 5.23
C ASN C 276 52.54 48.67 4.02
N ALA C 277 52.95 47.70 3.20
CA ALA C 277 53.74 47.99 2.02
C ALA C 277 52.90 48.39 0.82
N PHE C 278 51.59 48.22 0.89
CA PHE C 278 50.70 48.56 -0.21
C PHE C 278 50.09 49.95 -0.11
N PHE C 279 50.46 50.72 0.90
CA PHE C 279 49.86 52.03 1.14
C PHE C 279 50.89 53.13 0.93
N ASP C 280 50.49 54.17 0.20
CA ASP C 280 51.36 55.33 -0.04
C ASP C 280 50.46 56.51 -0.37
N GLU C 281 50.47 57.52 0.50
CA GLU C 281 49.60 58.68 0.30
C GLU C 281 50.00 59.49 -0.91
N SER C 282 51.27 59.46 -1.30
CA SER C 282 51.77 60.24 -2.43
C SER C 282 51.64 59.51 -3.76
N GLY C 283 51.18 58.26 -3.77
CA GLY C 283 51.06 57.50 -4.98
C GLY C 283 49.66 57.57 -5.58
N GLU C 284 49.56 57.12 -6.83
CA GLU C 284 48.27 57.09 -7.52
C GLU C 284 47.35 56.08 -6.85
N LEU C 285 46.09 56.47 -6.69
CA LEU C 285 45.06 55.65 -6.03
C LEU C 285 45.44 55.30 -4.59
N GLU C 286 46.31 56.12 -3.98
CA GLU C 286 46.83 55.85 -2.64
C GLU C 286 47.47 54.46 -2.57
N LEU C 287 48.20 54.10 -3.62
CA LEU C 287 48.84 52.81 -3.75
C LEU C 287 50.33 52.98 -3.96
N SER C 288 51.12 52.15 -3.29
CA SER C 288 52.56 52.18 -3.44
C SER C 288 52.99 51.43 -4.70
N GLN C 289 54.22 51.68 -5.13
CA GLN C 289 54.75 50.97 -6.29
C GLN C 289 54.87 49.48 -6.02
N THR C 290 55.05 49.10 -4.75
CA THR C 290 55.04 47.68 -4.41
C THR C 290 53.69 47.06 -4.70
N ALA C 291 52.61 47.78 -4.41
CA ALA C 291 51.27 47.27 -4.71
C ALA C 291 51.07 47.09 -6.21
N TYR C 292 51.57 48.03 -7.01
CA TYR C 292 51.42 47.89 -8.46
C TYR C 292 52.26 46.74 -9.00
N HIS C 293 53.47 46.55 -8.46
CA HIS C 293 54.28 45.41 -8.86
C HIS C 293 53.59 44.10 -8.50
N PHE C 294 52.99 44.05 -7.30
CA PHE C 294 52.24 42.84 -6.87
C PHE C 294 51.07 42.60 -7.83
N LEU C 295 50.34 43.66 -8.19
CA LEU C 295 49.23 43.52 -9.12
C LEU C 295 49.69 42.99 -10.47
N ALA C 296 50.81 43.51 -10.98
CA ALA C 296 51.34 43.04 -12.24
C ALA C 296 51.75 41.57 -12.16
N GLY C 297 52.39 41.19 -11.06
CA GLY C 297 52.77 39.79 -10.88
C GLY C 297 51.58 38.86 -10.81
N MET C 298 50.52 39.29 -10.11
CA MET C 298 49.30 38.49 -10.03
C MET C 298 48.63 38.38 -11.41
N LEU C 299 48.58 39.47 -12.16
CA LEU C 299 47.88 39.45 -13.44
C LEU C 299 48.65 38.65 -14.49
N LYS C 300 49.99 38.73 -14.46
CA LYS C 300 50.79 38.05 -15.47
C LYS C 300 50.66 36.53 -15.36
N HIS C 301 50.67 36.00 -14.15
CA HIS C 301 50.69 34.56 -13.91
C HIS C 301 49.32 34.00 -13.52
N ALA C 302 48.24 34.77 -13.66
CA ALA C 302 46.93 34.30 -13.22
C ALA C 302 46.52 33.05 -13.99
N ARG C 303 46.74 33.03 -15.30
CA ARG C 303 46.47 31.84 -16.08
C ARG C 303 47.33 30.66 -15.63
N GLY C 304 48.51 30.95 -15.09
CA GLY C 304 49.38 29.88 -14.62
C GLY C 304 48.83 29.16 -13.41
N TYR C 305 48.39 29.91 -12.40
CA TYR C 305 47.94 29.34 -11.15
C TYR C 305 46.43 29.21 -11.05
N THR C 306 45.70 29.44 -12.15
CA THR C 306 44.26 29.20 -12.13
C THR C 306 43.94 27.76 -11.76
N ALA C 307 44.78 26.81 -12.18
CA ALA C 307 44.57 25.42 -11.82
C ALA C 307 44.72 25.21 -10.31
N VAL C 308 45.74 25.82 -9.71
CA VAL C 308 45.94 25.66 -8.27
C VAL C 308 44.81 26.31 -7.49
N THR C 309 44.38 27.50 -7.92
CA THR C 309 43.30 28.19 -7.21
C THR C 309 41.94 27.56 -7.48
N ASN C 310 41.78 26.82 -8.57
CA ASN C 310 40.53 26.12 -8.91
C ASN C 310 40.89 24.68 -9.27
N PRO C 311 41.07 23.82 -8.27
CA PRO C 311 41.61 22.48 -8.52
C PRO C 311 40.59 21.42 -8.92
N THR C 312 39.30 21.75 -8.97
CA THR C 312 38.28 20.71 -9.28
C THR C 312 37.65 20.98 -10.66
N ILE C 313 37.04 19.96 -11.26
CA ILE C 313 36.33 20.14 -12.56
C ILE C 313 35.14 21.08 -12.32
N ASN C 314 34.38 20.83 -11.25
CA ASN C 314 33.18 21.65 -10.93
C ASN C 314 33.57 23.12 -10.74
N SER C 315 34.83 23.41 -10.42
CA SER C 315 35.22 24.80 -10.16
C SER C 315 35.07 25.65 -11.40
N PHE C 316 35.46 25.13 -12.57
CA PHE C 316 35.39 25.90 -13.80
C PHE C 316 33.97 26.07 -14.31
N LYS C 317 33.00 25.31 -13.79
CA LYS C 317 31.61 25.59 -14.10
C LYS C 317 31.15 26.89 -13.46
N ARG C 318 31.81 27.30 -12.38
CA ARG C 318 31.51 28.60 -11.77
C ARG C 318 32.11 29.74 -12.57
N LEU C 319 33.28 29.52 -13.19
CA LEU C 319 33.96 30.55 -13.97
C LEU C 319 33.36 30.62 -15.38
N VAL C 320 32.17 31.20 -15.45
CA VAL C 320 31.46 31.43 -16.70
C VAL C 320 31.28 32.93 -16.86
N PRO C 321 31.22 33.46 -18.09
CA PRO C 321 31.01 34.91 -18.27
C PRO C 321 29.71 35.39 -17.64
N GLY C 322 29.78 36.47 -16.87
CA GLY C 322 28.60 37.03 -16.24
C GLY C 322 28.87 38.37 -15.61
N TYR C 323 28.26 38.61 -14.43
CA TYR C 323 28.48 39.84 -13.69
C TYR C 323 29.09 39.60 -12.32
N GLU C 324 29.29 38.34 -11.92
CA GLU C 324 29.88 38.03 -10.63
C GLU C 324 30.96 36.98 -10.68
N ALA C 325 31.17 36.30 -11.81
CA ALA C 325 32.17 35.26 -11.92
C ALA C 325 33.37 35.79 -12.70
N PRO C 326 34.56 35.86 -12.11
CA PRO C 326 35.72 36.38 -12.84
C PRO C 326 36.28 35.39 -13.85
N CYS C 327 36.03 35.63 -15.13
CA CYS C 327 36.61 34.83 -16.19
C CYS C 327 37.50 35.65 -17.11
N TYR C 328 37.91 36.84 -16.68
CA TYR C 328 38.77 37.72 -17.43
C TYR C 328 40.00 38.05 -16.62
N ILE C 329 41.04 38.54 -17.29
CA ILE C 329 42.27 38.94 -16.61
C ILE C 329 42.38 40.45 -16.62
N ALA C 330 41.89 41.09 -15.56
CA ALA C 330 41.94 42.55 -15.45
C ALA C 330 41.78 42.94 -13.99
N TRP C 331 42.18 44.16 -13.69
CA TRP C 331 42.08 44.71 -12.34
C TRP C 331 41.37 46.06 -12.39
N SER C 332 40.62 46.35 -11.33
CA SER C 332 39.87 47.60 -11.25
C SER C 332 39.53 47.90 -9.80
N GLY C 333 39.15 49.14 -9.54
CA GLY C 333 38.77 49.55 -8.20
C GLY C 333 37.49 50.37 -8.17
N LYS C 334 36.86 50.56 -9.32
CA LYS C 334 35.64 51.36 -9.39
C LYS C 334 34.44 50.55 -9.85
N ASN C 335 34.56 49.87 -11.00
CA ASN C 335 33.42 49.15 -11.55
C ASN C 335 33.11 47.89 -10.76
N ARG C 336 34.09 47.36 -10.04
CA ARG C 336 34.00 46.09 -9.33
C ARG C 336 33.77 44.92 -10.29
N SER C 337 33.60 43.73 -9.73
CA SER C 337 33.57 42.45 -10.44
C SER C 337 34.72 42.28 -11.45
N PRO C 338 35.98 42.63 -11.10
CA PRO C 338 37.10 42.24 -11.96
C PRO C 338 37.68 40.91 -11.52
N LEU C 339 38.77 40.47 -12.16
CA LEU C 339 39.53 39.36 -11.61
C LEU C 339 40.16 39.75 -10.27
N VAL C 340 40.79 40.91 -10.22
CA VAL C 340 41.41 41.44 -9.01
C VAL C 340 40.79 42.79 -8.71
N ARG C 341 40.23 42.93 -7.50
CA ARG C 341 39.56 44.14 -7.08
C ARG C 341 40.31 44.78 -5.92
N VAL C 342 40.42 46.10 -5.95
CA VAL C 342 41.08 46.86 -4.90
C VAL C 342 40.01 47.55 -4.08
N PRO C 343 39.78 47.13 -2.83
CA PRO C 343 38.75 47.78 -2.01
C PRO C 343 39.08 49.25 -1.75
N SER C 344 38.02 50.03 -1.57
CA SER C 344 38.18 51.48 -1.38
C SER C 344 38.92 51.82 -0.10
N SER C 345 38.92 50.94 0.90
CA SER C 345 39.60 51.23 2.16
C SER C 345 41.11 51.35 1.94
N ARG C 346 41.72 52.29 2.65
CA ARG C 346 43.15 52.53 2.53
C ARG C 346 43.82 52.57 3.90
N GLY C 347 45.09 52.96 3.93
CA GLY C 347 45.84 52.97 5.18
C GLY C 347 46.36 51.60 5.53
N LEU C 348 46.25 51.21 6.81
CA LEU C 348 46.65 49.88 7.23
C LEU C 348 45.74 48.79 6.68
N SER C 349 44.58 49.15 6.14
CA SER C 349 43.64 48.19 5.59
C SER C 349 43.78 48.06 4.07
N THR C 350 44.77 48.72 3.47
CA THR C 350 44.97 48.60 2.02
C THR C 350 45.26 47.15 1.65
N ARG C 351 44.58 46.68 0.61
CA ARG C 351 44.68 45.28 0.24
C ARG C 351 44.27 45.09 -1.21
N LEU C 352 44.64 43.95 -1.78
CA LEU C 352 44.24 43.52 -3.10
C LEU C 352 43.43 42.24 -2.98
N GLU C 353 42.24 42.22 -3.60
CA GLU C 353 41.33 41.09 -3.49
C GLU C 353 41.36 40.28 -4.77
N LEU C 354 41.59 38.98 -4.64
CA LEU C 354 41.51 38.05 -5.76
C LEU C 354 40.22 37.24 -5.63
N ARG C 355 39.38 37.31 -6.67
CA ARG C 355 38.04 36.75 -6.61
C ARG C 355 37.90 35.43 -7.34
N SER C 356 38.99 34.87 -7.88
CA SER C 356 38.90 33.64 -8.63
C SER C 356 39.05 32.39 -7.77
N VAL C 357 39.31 32.53 -6.48
CA VAL C 357 39.50 31.39 -5.61
C VAL C 357 38.16 30.85 -5.16
N ASP C 358 38.06 29.54 -5.04
CA ASP C 358 36.85 28.84 -4.59
C ASP C 358 37.15 28.03 -3.33
N PRO C 359 36.14 27.72 -2.53
CA PRO C 359 36.41 27.03 -1.25
C PRO C 359 37.04 25.66 -1.38
N SER C 360 36.91 24.99 -2.53
CA SER C 360 37.49 23.66 -2.67
C SER C 360 39.00 23.69 -2.84
N ALA C 361 39.59 24.86 -3.03
CA ALA C 361 41.03 24.97 -3.22
C ALA C 361 41.78 24.75 -1.92
N ASN C 362 43.03 24.32 -2.06
CA ASN C 362 43.92 24.19 -0.90
C ASN C 362 44.50 25.55 -0.56
N PRO C 363 44.23 26.10 0.62
CA PRO C 363 44.74 27.45 0.94
C PRO C 363 46.26 27.53 0.94
N TYR C 364 46.94 26.48 1.40
CA TYR C 364 48.40 26.50 1.45
C TYR C 364 48.98 26.67 0.05
N LEU C 365 48.59 25.81 -0.88
CA LEU C 365 49.08 25.91 -2.25
C LEU C 365 48.62 27.20 -2.90
N ALA C 366 47.39 27.63 -2.60
CA ALA C 366 46.87 28.85 -3.20
C ALA C 366 47.73 30.05 -2.86
N MET C 367 47.98 30.30 -1.56
CA MET C 367 48.83 31.44 -1.27
C MET C 367 50.30 31.18 -1.56
N ALA C 368 50.75 29.93 -1.61
CA ALA C 368 52.11 29.69 -2.05
C ALA C 368 52.33 30.20 -3.46
N VAL C 369 51.44 29.80 -4.39
CA VAL C 369 51.59 30.23 -5.78
C VAL C 369 51.31 31.72 -5.90
N LEU C 370 50.35 32.24 -5.15
CA LEU C 370 50.05 33.67 -5.22
C LEU C 370 51.22 34.51 -4.75
N LEU C 371 51.79 34.15 -3.59
CA LEU C 371 52.92 34.95 -3.04
C LEU C 371 54.07 34.91 -4.04
N LYS C 372 54.39 33.73 -4.57
CA LYS C 372 55.50 33.60 -5.56
C LYS C 372 55.23 34.53 -6.75
N ALA C 373 54.05 34.43 -7.37
CA ALA C 373 53.70 35.27 -8.54
C ALA C 373 53.84 36.75 -8.19
N GLY C 374 53.20 37.20 -7.10
CA GLY C 374 53.25 38.61 -6.69
C GLY C 374 54.67 39.08 -6.43
N LEU C 375 55.46 38.28 -5.70
CA LEU C 375 56.86 38.66 -5.36
C LEU C 375 57.69 38.69 -6.64
N SER C 376 57.45 37.78 -7.58
CA SER C 376 58.18 37.81 -8.88
C SER C 376 57.85 39.12 -9.60
N GLY C 377 56.60 39.58 -9.53
CA GLY C 377 56.23 40.87 -10.13
C GLY C 377 57.00 42.02 -9.50
N ILE C 378 57.24 41.96 -8.18
CA ILE C 378 58.04 43.00 -7.48
C ILE C 378 59.50 42.89 -7.93
N LYS C 379 60.06 41.69 -7.92
CA LYS C 379 61.48 41.48 -8.34
C LYS C 379 61.66 42.03 -9.76
N ASP C 380 60.76 41.67 -10.68
CA ASP C 380 60.88 42.12 -12.06
C ASP C 380 60.42 43.56 -12.26
N GLU C 381 59.80 44.17 -11.24
CA GLU C 381 59.32 45.55 -11.33
C GLU C 381 58.37 45.74 -12.51
N LEU C 382 57.50 44.76 -12.72
CA LEU C 382 56.56 44.81 -13.84
C LEU C 382 55.54 45.92 -13.63
N THR C 383 55.18 46.59 -14.72
CA THR C 383 54.17 47.64 -14.69
C THR C 383 52.82 47.03 -15.00
N PRO C 384 51.82 47.16 -14.12
CA PRO C 384 50.53 46.53 -14.38
C PRO C 384 49.79 47.24 -15.50
N PRO C 385 48.91 46.55 -16.21
CA PRO C 385 48.11 47.21 -17.25
C PRO C 385 47.12 48.19 -16.64
N ALA C 386 46.70 49.15 -17.47
CA ALA C 386 45.77 50.17 -17.01
C ALA C 386 44.45 49.52 -16.59
N PRO C 387 43.86 49.97 -15.48
CA PRO C 387 42.60 49.38 -15.03
C PRO C 387 41.47 49.67 -16.01
N VAL C 388 40.52 48.74 -16.07
CA VAL C 388 39.35 48.87 -16.92
C VAL C 388 38.12 49.02 -16.04
N ASP C 389 37.34 50.08 -16.28
CA ASP C 389 36.12 50.33 -15.53
C ASP C 389 34.90 50.36 -16.45
N ARG C 390 34.99 49.74 -17.63
CA ARG C 390 33.93 49.78 -18.62
C ARG C 390 33.02 48.56 -18.55
N ASN C 391 32.94 47.90 -17.39
CA ASN C 391 32.02 46.79 -17.19
C ASN C 391 32.26 45.69 -18.20
N ILE C 392 33.38 44.98 -18.10
CA ILE C 392 33.83 44.15 -19.21
C ILE C 392 33.01 42.86 -19.24
N TYR C 393 31.83 42.96 -19.82
CA TYR C 393 30.98 41.82 -20.13
C TYR C 393 30.35 41.99 -21.51
N GLY C 394 30.25 43.23 -21.97
CA GLY C 394 29.47 43.54 -23.16
C GLY C 394 30.27 43.92 -24.39
N MET C 395 31.50 44.39 -24.19
CA MET C 395 32.31 44.82 -25.31
C MET C 395 32.59 43.63 -26.24
N ASN C 396 32.72 43.92 -27.53
CA ASN C 396 32.91 42.89 -28.53
C ASN C 396 34.27 42.21 -28.35
N GLU C 397 34.42 41.05 -28.98
CA GLU C 397 35.67 40.30 -28.87
C GLU C 397 36.85 41.10 -29.40
N GLU C 398 36.62 41.91 -30.44
CA GLU C 398 37.68 42.80 -30.93
C GLU C 398 38.05 43.84 -29.88
N GLU C 399 37.05 44.37 -29.18
CA GLU C 399 37.31 45.35 -28.14
C GLU C 399 38.11 44.73 -26.99
N ARG C 400 37.74 43.50 -26.59
CA ARG C 400 38.49 42.82 -25.55
C ARG C 400 39.92 42.51 -26.01
N GLU C 401 40.09 42.13 -27.27
CA GLU C 401 41.42 41.84 -27.78
C GLU C 401 42.26 43.10 -27.91
N ALA C 402 41.63 44.24 -28.20
CA ALA C 402 42.38 45.49 -28.30
C ALA C 402 43.03 45.85 -26.96
N THR C 403 42.29 45.69 -25.87
CA THR C 403 42.83 45.86 -24.53
C THR C 403 43.54 44.57 -24.12
N GLY C 404 44.32 44.64 -23.05
CA GLY C 404 45.02 43.46 -22.57
C GLY C 404 44.15 42.49 -21.80
N ILE C 405 42.87 42.45 -22.13
CA ILE C 405 41.92 41.56 -21.48
C ILE C 405 42.07 40.16 -22.05
N TYR C 406 42.25 39.18 -21.19
CA TYR C 406 42.37 37.79 -21.59
C TYR C 406 41.49 36.93 -20.69
N ASP C 407 41.07 35.78 -21.21
CA ASP C 407 40.19 34.89 -20.49
C ASP C 407 40.99 33.84 -19.72
N LEU C 408 40.48 33.47 -18.55
CA LEU C 408 41.05 32.38 -17.78
C LEU C 408 40.76 31.05 -18.49
N PRO C 409 41.54 30.01 -18.19
CA PRO C 409 41.27 28.70 -18.79
C PRO C 409 39.85 28.24 -18.49
N GLU C 410 39.21 27.69 -19.52
CA GLU C 410 37.80 27.31 -19.42
C GLU C 410 37.60 25.88 -18.93
N SER C 411 38.67 25.11 -18.76
CA SER C 411 38.55 23.73 -18.32
C SER C 411 39.78 23.35 -17.54
N LEU C 412 39.67 22.26 -16.78
CA LEU C 412 40.79 21.82 -15.95
C LEU C 412 41.98 21.39 -16.79
N GLY C 413 41.74 20.80 -17.97
CA GLY C 413 42.86 20.38 -18.80
C GLY C 413 43.70 21.53 -19.30
N HIS C 414 43.05 22.61 -19.75
CA HIS C 414 43.80 23.79 -20.21
C HIS C 414 44.57 24.42 -19.05
N ALA C 415 43.96 24.46 -17.86
CA ALA C 415 44.67 24.98 -16.69
C ALA C 415 45.88 24.12 -16.34
N LEU C 416 45.74 22.79 -16.46
CA LEU C 416 46.88 21.92 -16.23
C LEU C 416 47.98 22.15 -17.26
N ILE C 417 47.60 22.37 -18.51
CA ILE C 417 48.59 22.69 -19.54
C ILE C 417 49.31 23.98 -19.20
N GLU C 418 48.56 24.98 -18.75
CA GLU C 418 49.18 26.25 -18.36
C GLU C 418 50.14 26.06 -17.18
N LEU C 419 49.76 25.22 -16.21
CA LEU C 419 50.67 24.90 -15.12
C LEU C 419 51.95 24.24 -15.64
N GLU C 420 51.81 23.29 -16.56
CA GLU C 420 52.97 22.60 -17.11
C GLU C 420 53.85 23.54 -17.91
N LYS C 421 53.27 24.62 -18.45
CA LYS C 421 54.07 25.58 -19.19
C LYS C 421 54.79 26.55 -18.27
N ASN C 422 54.08 27.09 -17.29
CA ASN C 422 54.66 28.09 -16.39
C ASN C 422 55.71 27.47 -15.49
N GLU C 423 56.81 28.19 -15.28
CA GLU C 423 57.92 27.71 -14.47
C GLU C 423 57.98 28.35 -13.09
N ILE C 424 57.58 29.61 -12.96
CA ILE C 424 57.61 30.27 -11.66
C ILE C 424 56.65 29.61 -10.68
N ILE C 425 55.46 29.24 -11.16
CA ILE C 425 54.49 28.57 -10.31
C ILE C 425 55.02 27.20 -9.89
N LYS C 426 55.76 26.54 -10.77
CA LYS C 426 56.39 25.27 -10.41
C LYS C 426 57.36 25.46 -9.26
N ASP C 427 58.17 26.53 -9.30
CA ASP C 427 59.09 26.81 -8.21
C ASP C 427 58.34 27.13 -6.92
N GLY C 428 57.24 27.88 -7.03
CA GLY C 428 56.44 28.18 -5.85
C GLY C 428 55.80 26.97 -5.23
N LEU C 429 55.41 26.00 -6.05
CA LEU C 429 54.81 24.76 -5.57
C LEU C 429 55.83 23.74 -5.09
N GLY C 430 57.09 23.88 -5.49
CA GLY C 430 58.07 22.84 -5.27
C GLY C 430 57.95 21.73 -6.30
N GLU C 431 58.85 20.75 -6.20
CA GLU C 431 58.83 19.65 -7.15
C GLU C 431 57.75 18.63 -6.77
N HIS C 432 57.92 17.97 -5.62
CA HIS C 432 57.07 16.85 -5.24
C HIS C 432 55.59 17.21 -5.32
N ILE C 433 55.23 18.36 -4.76
CA ILE C 433 53.85 18.82 -4.81
C ILE C 433 53.41 19.01 -6.26
N PHE C 434 54.30 19.55 -7.09
CA PHE C 434 53.94 19.79 -8.48
C PHE C 434 53.61 18.49 -9.21
N GLU C 435 54.51 17.50 -9.14
CA GLU C 435 54.24 16.26 -9.86
C GLU C 435 53.04 15.53 -9.28
N HIS C 436 52.89 15.52 -7.95
CA HIS C 436 51.74 14.83 -7.37
C HIS C 436 50.43 15.50 -7.77
N PHE C 437 50.38 16.83 -7.75
CA PHE C 437 49.20 17.55 -8.17
C PHE C 437 48.88 17.29 -9.63
N ILE C 438 49.91 17.31 -10.49
CA ILE C 438 49.70 17.07 -11.91
C ILE C 438 49.16 15.67 -12.13
N GLU C 439 49.74 14.67 -11.47
CA GLU C 439 49.30 13.30 -11.63
C GLU C 439 47.84 13.13 -11.19
N ALA C 440 47.52 13.63 -9.99
CA ALA C 440 46.16 13.47 -9.47
C ALA C 440 45.14 14.19 -10.36
N LYS C 441 45.47 15.41 -10.79
CA LYS C 441 44.51 16.16 -11.61
C LYS C 441 44.35 15.54 -12.99
N THR C 442 45.43 15.01 -13.57
CA THR C 442 45.31 14.33 -14.86
C THR C 442 44.45 13.07 -14.73
N ILE C 443 44.64 12.31 -13.64
CA ILE C 443 43.81 11.13 -13.43
C ILE C 443 42.34 11.51 -13.28
N GLU C 444 42.09 12.57 -12.51
CA GLU C 444 40.70 13.05 -12.28
C GLU C 444 40.09 13.50 -13.60
N CYS C 445 40.85 14.23 -14.42
CA CYS C 445 40.34 14.71 -15.71
C CYS C 445 40.07 13.56 -16.66
N ASP C 446 40.96 12.55 -16.67
CA ASP C 446 40.74 11.39 -17.52
C ASP C 446 39.49 10.62 -17.09
N MET C 447 39.27 10.50 -15.78
CA MET C 447 38.07 9.86 -15.28
C MET C 447 36.82 10.61 -15.71
N PHE C 448 36.86 11.95 -15.61
CA PHE C 448 35.70 12.75 -16.05
C PHE C 448 35.47 12.61 -17.55
N ARG C 449 36.55 12.57 -18.33
CA ARG C 449 36.43 12.56 -19.78
C ARG C 449 35.76 11.29 -20.29
N THR C 450 36.11 10.14 -19.72
CA THR C 450 35.61 8.87 -20.22
C THR C 450 34.23 8.51 -19.67
N ALA C 451 33.72 9.27 -18.71
CA ALA C 451 32.41 8.97 -18.13
C ALA C 451 31.29 9.36 -19.09
N VAL C 452 30.16 8.69 -18.95
CA VAL C 452 28.96 8.97 -19.74
C VAL C 452 27.92 9.56 -18.79
N HIS C 453 27.45 10.75 -19.09
CA HIS C 453 26.57 11.50 -18.21
C HIS C 453 25.13 11.42 -18.70
N PRO C 454 24.17 11.56 -17.77
CA PRO C 454 22.75 11.53 -18.18
C PRO C 454 22.37 12.65 -19.13
N TRP C 455 23.15 13.73 -19.19
CA TRP C 455 22.89 14.79 -20.16
C TRP C 455 22.96 14.27 -21.58
N GLU C 456 24.01 13.49 -21.89
CA GLU C 456 24.15 12.94 -23.23
C GLU C 456 23.00 12.00 -23.57
N ARG C 457 22.60 11.15 -22.62
CA ARG C 457 21.48 10.25 -22.86
C ARG C 457 20.20 11.04 -23.11
N GLU C 458 19.90 11.99 -22.22
CA GLU C 458 18.64 12.72 -22.32
C GLU C 458 18.58 13.60 -23.56
N GLN C 459 19.72 13.96 -24.15
CA GLN C 459 19.66 14.82 -25.32
C GLN C 459 20.11 14.11 -26.62
N TYR C 460 20.40 12.81 -26.56
CA TYR C 460 20.68 12.07 -27.80
C TYR C 460 19.95 10.73 -27.91
N LEU C 461 19.42 10.17 -26.82
CA LEU C 461 18.83 8.83 -26.89
C LEU C 461 17.61 8.80 -27.80
N GLU C 462 16.75 9.82 -27.72
CA GLU C 462 15.60 9.93 -28.61
C GLU C 462 15.95 10.57 -29.95
N ILE C 463 16.78 11.62 -29.93
CA ILE C 463 17.11 12.32 -31.17
C ILE C 463 17.85 11.41 -32.13
N TYR C 464 18.79 10.62 -31.64
CA TYR C 464 19.52 9.69 -32.49
C TYR C 464 19.11 8.25 -32.22
N ALA D 22 -22.40 47.58 43.54
CA ALA D 22 -21.00 47.82 43.20
C ALA D 22 -20.09 46.76 43.81
N LYS D 23 -20.05 45.59 43.16
CA LYS D 23 -19.19 44.51 43.64
C LYS D 23 -17.72 44.88 43.53
N TYR D 24 -17.34 45.55 42.44
CA TYR D 24 -15.97 45.96 42.19
C TYR D 24 -15.92 47.42 41.76
N THR D 25 -14.76 48.04 41.96
CA THR D 25 -14.50 49.40 41.53
C THR D 25 -13.27 49.43 40.65
N LYS D 26 -12.94 50.62 40.12
CA LYS D 26 -11.76 50.75 39.23
C LYS D 26 -10.51 50.34 40.01
N GLU D 27 -10.33 50.86 41.23
CA GLU D 27 -9.13 50.55 42.00
C GLU D 27 -9.03 49.05 42.27
N ASP D 28 -10.17 48.40 42.53
CA ASP D 28 -10.15 46.95 42.73
C ASP D 28 -9.69 46.21 41.48
N ILE D 29 -10.17 46.66 40.31
CA ILE D 29 -9.78 46.00 39.03
C ILE D 29 -8.28 46.19 38.83
N PHE D 30 -7.77 47.40 39.08
CA PHE D 30 -6.31 47.68 38.93
C PHE D 30 -5.51 46.80 39.89
N ARG D 31 -5.96 46.68 41.15
CA ARG D 31 -5.27 45.86 42.13
C ARG D 31 -5.26 44.39 41.72
N PHE D 32 -6.40 43.89 41.21
CA PHE D 32 -6.45 42.51 40.75
C PHE D 32 -5.49 42.27 39.60
N ALA D 33 -5.49 43.18 38.61
CA ALA D 33 -4.58 43.06 37.48
C ALA D 33 -3.12 43.10 37.93
N ASP D 34 -2.84 43.85 39.00
CA ASP D 34 -1.48 43.92 39.51
C ASP D 34 -1.09 42.65 40.26
N GLU D 35 -2.02 42.06 41.02
CA GLU D 35 -1.62 41.03 41.96
C GLU D 35 -1.77 39.62 41.43
N GLN D 36 -2.67 39.37 40.48
CA GLN D 36 -2.56 38.13 39.72
C GLN D 36 -1.81 38.29 38.42
N ASN D 37 -1.33 39.50 38.13
CA ASN D 37 -0.38 39.77 37.04
C ASN D 37 -0.95 39.31 35.70
N VAL D 38 -2.08 39.91 35.33
CA VAL D 38 -2.67 39.65 34.03
C VAL D 38 -1.97 40.52 32.99
N LYS D 39 -1.77 39.96 31.80
CA LYS D 39 -1.19 40.70 30.70
C LYS D 39 -2.06 40.72 29.46
N PHE D 40 -3.18 40.01 29.47
CA PHE D 40 -4.07 39.95 28.32
C PHE D 40 -5.50 40.10 28.82
N ILE D 41 -6.26 41.00 28.20
CA ILE D 41 -7.63 41.29 28.62
C ILE D 41 -8.54 41.19 27.42
N ARG D 42 -9.63 40.46 27.56
CA ARG D 42 -10.62 40.27 26.51
C ARG D 42 -11.87 41.07 26.86
N LEU D 43 -12.10 42.16 26.14
CA LEU D 43 -13.34 42.92 26.27
C LEU D 43 -14.38 42.29 25.36
N GLN D 44 -15.20 41.39 25.92
CA GLN D 44 -16.05 40.54 25.12
C GLN D 44 -17.51 40.99 25.20
N PHE D 45 -18.23 40.70 24.12
CA PHE D 45 -19.64 41.07 23.97
C PHE D 45 -20.30 40.04 23.06
N THR D 46 -21.61 40.19 22.88
CA THR D 46 -22.40 39.23 22.11
C THR D 46 -23.18 39.97 21.03
N ASP D 47 -23.20 39.41 19.83
CA ASP D 47 -23.94 40.00 18.72
C ASP D 47 -25.37 39.48 18.73
N ILE D 48 -26.13 39.81 17.67
CA ILE D 48 -27.51 39.35 17.57
C ILE D 48 -27.57 37.83 17.43
N LEU D 49 -26.65 37.26 16.64
CA LEU D 49 -26.70 35.79 16.37
C LEU D 49 -26.28 34.98 17.60
N GLY D 50 -25.76 35.63 18.65
CA GLY D 50 -25.33 34.91 19.82
C GLY D 50 -23.86 34.54 19.84
N ILE D 51 -23.10 34.86 18.80
CA ILE D 51 -21.69 34.52 18.76
C ILE D 51 -20.92 35.42 19.71
N ILE D 52 -20.06 34.82 20.52
CA ILE D 52 -19.24 35.58 21.46
C ILE D 52 -18.13 36.29 20.69
N LYS D 53 -18.10 37.60 20.79
CA LYS D 53 -17.09 38.43 20.13
C LYS D 53 -16.36 39.27 21.16
N ASN D 54 -15.12 39.64 20.83
CA ASN D 54 -14.30 40.39 21.77
C ASN D 54 -13.27 41.20 21.01
N VAL D 55 -12.71 42.19 21.70
CA VAL D 55 -11.48 42.86 21.28
C VAL D 55 -10.45 42.62 22.37
N GLU D 56 -9.21 42.38 21.95
CA GLU D 56 -8.15 41.94 22.85
C GLU D 56 -7.12 43.04 23.00
N ILE D 57 -6.88 43.45 24.25
CA ILE D 57 -5.99 44.57 24.53
C ILE D 57 -4.94 44.15 25.56
N PRO D 58 -3.76 44.75 25.57
CA PRO D 58 -2.80 44.49 26.64
C PRO D 58 -3.23 45.13 27.93
N VAL D 59 -2.59 44.67 29.02
CA VAL D 59 -2.92 45.20 30.34
C VAL D 59 -2.52 46.67 30.45
N SER D 60 -1.60 47.13 29.60
CA SER D 60 -1.21 48.54 29.63
C SER D 60 -2.34 49.46 29.21
N GLN D 61 -3.31 48.94 28.46
CA GLN D 61 -4.47 49.72 28.04
C GLN D 61 -5.66 49.55 28.97
N LEU D 62 -5.45 48.95 30.15
CA LEU D 62 -6.56 48.75 31.11
C LEU D 62 -7.14 50.11 31.49
N LYS D 63 -6.28 51.13 31.65
CA LYS D 63 -6.76 52.50 31.99
C LYS D 63 -7.74 52.98 30.92
N LYS D 64 -7.38 52.88 29.64
CA LYS D 64 -8.24 53.37 28.54
C LYS D 64 -9.58 52.61 28.56
N ALA D 65 -9.55 51.30 28.80
CA ALA D 65 -10.79 50.49 28.86
C ALA D 65 -11.68 51.02 29.99
N LEU D 66 -11.11 51.26 31.17
CA LEU D 66 -11.87 51.77 32.34
C LEU D 66 -12.37 53.18 32.06
N ASP D 67 -11.67 53.94 31.20
CA ASP D 67 -12.05 55.34 30.89
C ASP D 67 -13.17 55.35 29.83
N ASN D 68 -13.59 54.18 29.35
CA ASN D 68 -14.69 54.07 28.35
C ASN D 68 -14.31 54.85 27.09
N LYS D 69 -13.06 54.73 26.64
CA LYS D 69 -12.56 55.41 25.46
C LYS D 69 -12.11 54.44 24.37
N ILE D 70 -12.53 53.19 24.42
CA ILE D 70 -12.10 52.20 23.43
C ILE D 70 -13.07 52.21 22.25
N MET D 71 -12.54 52.44 21.06
CA MET D 71 -13.31 52.34 19.83
C MET D 71 -13.22 50.94 19.27
N PHE D 72 -14.23 50.56 18.49
CA PHE D 72 -14.20 49.32 17.73
C PHE D 72 -15.21 49.43 16.60
N ASP D 73 -15.04 48.59 15.58
CA ASP D 73 -15.92 48.59 14.42
C ASP D 73 -17.29 48.10 14.86
N GLY D 74 -18.25 49.03 14.95
CA GLY D 74 -19.56 48.69 15.48
C GLY D 74 -20.42 47.86 14.57
N SER D 75 -20.08 47.79 13.28
CA SER D 75 -20.85 46.95 12.37
C SER D 75 -20.61 45.47 12.61
N SER D 76 -19.63 45.11 13.44
CA SER D 76 -19.36 43.70 13.72
C SER D 76 -20.54 43.05 14.43
N ILE D 77 -21.15 43.74 15.40
CA ILE D 77 -22.27 43.14 16.13
C ILE D 77 -23.48 42.94 15.25
N GLU D 78 -23.58 43.67 14.14
CA GLU D 78 -24.69 43.45 13.21
C GLU D 78 -24.61 42.12 12.50
N GLY D 79 -23.48 41.43 12.57
CA GLY D 79 -23.33 40.13 11.95
C GLY D 79 -22.78 40.21 10.54
N PHE D 80 -23.17 39.26 9.70
CA PHE D 80 -22.72 39.22 8.31
C PHE D 80 -23.48 40.20 7.42
N VAL D 81 -24.51 40.86 7.94
CA VAL D 81 -25.33 41.78 7.17
C VAL D 81 -24.82 43.21 7.37
N ARG D 82 -23.60 43.34 7.88
CA ARG D 82 -23.00 44.66 8.05
C ARG D 82 -22.78 45.32 6.70
N ILE D 83 -23.12 46.60 6.61
CA ILE D 83 -22.99 47.36 5.37
C ILE D 83 -22.09 48.56 5.60
N GLU D 84 -22.48 49.43 6.53
CA GLU D 84 -21.77 50.67 6.81
C GLU D 84 -20.97 50.52 8.09
N GLU D 85 -19.67 50.81 8.02
CA GLU D 85 -18.83 50.79 9.22
C GLU D 85 -19.15 51.99 10.10
N SER D 86 -19.23 51.76 11.42
CA SER D 86 -19.49 52.82 12.37
C SER D 86 -18.68 52.56 13.63
N ASP D 87 -17.89 53.55 14.04
CA ASP D 87 -17.11 53.43 15.26
C ASP D 87 -18.00 53.73 16.47
N MET D 88 -17.85 52.93 17.53
CA MET D 88 -18.68 53.09 18.70
C MET D 88 -17.96 52.54 19.92
N TYR D 89 -18.38 53.02 21.09
CA TYR D 89 -17.66 52.76 22.33
C TYR D 89 -17.91 51.34 22.83
N LEU D 90 -17.14 50.96 23.85
CA LEU D 90 -17.16 49.60 24.40
C LEU D 90 -17.18 49.65 25.93
N PHE D 91 -18.10 50.43 26.49
CA PHE D 91 -18.29 50.57 27.93
C PHE D 91 -18.33 49.20 28.63
N PRO D 92 -17.35 48.90 29.47
CA PRO D 92 -17.30 47.59 30.14
C PRO D 92 -18.10 47.58 31.44
N ASP D 93 -18.23 46.38 32.00
CA ASP D 93 -18.92 46.17 33.26
C ASP D 93 -17.92 45.63 34.28
N LEU D 94 -17.81 46.28 35.44
CA LEU D 94 -16.77 45.90 36.43
C LEU D 94 -17.14 44.59 37.15
N ASP D 95 -18.42 44.32 37.36
CA ASP D 95 -18.81 43.16 38.14
C ASP D 95 -18.50 41.84 37.44
N THR D 96 -18.12 41.86 36.16
CA THR D 96 -17.84 40.66 35.40
C THR D 96 -16.35 40.42 35.22
N TRP D 97 -15.52 40.89 36.15
CA TRP D 97 -14.09 40.67 36.05
C TRP D 97 -13.77 39.22 36.45
N VAL D 98 -13.24 38.46 35.50
CA VAL D 98 -12.95 37.04 35.69
C VAL D 98 -11.57 36.75 35.09
N VAL D 99 -10.75 36.02 35.81
CA VAL D 99 -9.40 35.65 35.36
C VAL D 99 -9.40 34.16 35.06
N PHE D 100 -9.04 33.81 33.83
CA PHE D 100 -8.98 32.41 33.42
C PHE D 100 -7.73 31.75 34.02
N PRO D 101 -7.84 30.48 34.45
CA PRO D 101 -6.67 29.79 34.99
C PRO D 101 -5.80 29.13 33.94
N TRP D 102 -6.37 28.76 32.79
CA TRP D 102 -5.61 28.05 31.74
C TRP D 102 -4.83 29.06 30.89
N THR D 103 -3.88 29.72 31.54
CA THR D 103 -3.09 30.75 30.87
C THR D 103 -1.59 30.52 30.97
N ALA D 104 -1.15 29.38 31.49
CA ALA D 104 0.27 29.05 31.65
C ALA D 104 0.92 30.12 32.53
N GLU D 105 2.21 30.40 32.30
CA GLU D 105 2.95 31.36 33.10
C GLU D 105 3.18 32.69 32.40
N LYS D 106 3.03 32.74 31.08
CA LYS D 106 3.26 33.98 30.32
C LYS D 106 2.03 34.88 30.39
N GLY D 107 1.77 35.38 31.58
CA GLY D 107 0.67 36.31 31.80
C GLY D 107 -0.69 35.65 31.85
N LYS D 108 -1.57 36.16 32.70
CA LYS D 108 -2.93 35.65 32.82
C LYS D 108 -3.82 36.31 31.78
N VAL D 109 -5.04 35.79 31.66
CA VAL D 109 -6.05 36.33 30.76
C VAL D 109 -7.31 36.63 31.55
N ALA D 110 -7.90 37.79 31.30
CA ALA D 110 -9.10 38.21 32.00
C ALA D 110 -10.12 38.69 30.96
N ARG D 111 -11.40 38.59 31.34
CA ARG D 111 -12.48 39.01 30.46
C ARG D 111 -13.42 39.93 31.21
N MET D 112 -14.07 40.83 30.47
CA MET D 112 -15.05 41.75 31.03
C MET D 112 -16.18 41.92 30.03
N ILE D 113 -17.41 41.66 30.46
CA ILE D 113 -18.56 41.87 29.59
C ILE D 113 -18.76 43.37 29.40
N CYS D 114 -18.86 43.79 28.14
CA CYS D 114 -18.90 45.20 27.79
C CYS D 114 -20.21 45.56 27.13
N ASP D 115 -20.78 46.69 27.54
CA ASP D 115 -21.95 47.25 26.88
C ASP D 115 -21.53 48.01 25.63
N ILE D 116 -22.43 48.05 24.66
CA ILE D 116 -22.20 48.74 23.39
C ILE D 116 -22.87 50.10 23.47
N TYR D 117 -22.09 51.16 23.24
CA TYR D 117 -22.58 52.53 23.35
C TYR D 117 -22.27 53.29 22.07
N ASN D 118 -23.23 54.12 21.65
CA ASN D 118 -23.02 55.01 20.52
C ASN D 118 -22.02 56.11 20.89
N PRO D 119 -21.40 56.74 19.91
CA PRO D 119 -20.43 57.81 20.22
C PRO D 119 -21.02 58.99 20.98
N ASP D 120 -22.35 59.15 20.98
CA ASP D 120 -23.00 60.24 21.69
C ASP D 120 -23.42 59.86 23.10
N MET D 121 -22.71 58.93 23.74
CA MET D 121 -22.96 58.51 25.12
C MET D 121 -24.37 57.95 25.30
N THR D 122 -24.86 57.23 24.29
CA THR D 122 -26.15 56.56 24.39
C THR D 122 -25.97 55.09 24.07
N PRO D 123 -26.62 54.20 24.82
CA PRO D 123 -26.52 52.77 24.51
C PRO D 123 -27.07 52.45 23.13
N PHE D 124 -26.41 51.53 22.44
CA PHE D 124 -26.81 51.17 21.09
C PHE D 124 -28.13 50.39 21.13
N ALA D 125 -29.04 50.72 20.22
CA ALA D 125 -30.32 50.03 20.18
C ALA D 125 -30.17 48.58 19.76
N GLY D 126 -29.13 48.26 19.00
CA GLY D 126 -28.91 46.91 18.52
C GLY D 126 -28.19 45.98 19.47
N ASP D 127 -27.82 46.45 20.65
CA ASP D 127 -27.13 45.60 21.62
C ASP D 127 -28.15 44.77 22.39
N PRO D 128 -28.06 43.43 22.34
CA PRO D 128 -29.01 42.61 23.11
C PRO D 128 -28.97 42.88 24.61
N ARG D 129 -27.79 43.13 25.16
CA ARG D 129 -27.67 43.40 26.58
C ARG D 129 -28.39 44.70 26.96
N ALA D 130 -28.25 45.74 26.15
CA ALA D 130 -28.95 46.99 26.42
C ALA D 130 -30.46 46.79 26.31
N ASN D 131 -30.91 45.98 25.35
CA ASN D 131 -32.34 45.69 25.24
C ASN D 131 -32.85 44.96 26.47
N LEU D 132 -32.09 43.98 26.96
CA LEU D 132 -32.49 43.28 28.19
C LEU D 132 -32.52 44.23 29.37
N LYS D 133 -31.55 45.15 29.44
CA LYS D 133 -31.55 46.14 30.52
C LYS D 133 -32.78 47.04 30.44
N ARG D 134 -33.17 47.44 29.23
CA ARG D 134 -34.37 48.26 29.06
C ARG D 134 -35.62 47.50 29.50
N VAL D 135 -35.72 46.22 29.12
CA VAL D 135 -36.88 45.42 29.54
C VAL D 135 -36.91 45.26 31.05
N LEU D 136 -35.74 45.07 31.66
CA LEU D 136 -35.67 44.96 33.12
C LEU D 136 -36.05 46.27 33.78
N LYS D 137 -35.69 47.40 33.17
CA LYS D 137 -36.12 48.70 33.67
C LYS D 137 -37.63 48.83 33.61
N GLU D 138 -38.25 48.36 32.52
CA GLU D 138 -39.70 48.35 32.44
C GLU D 138 -40.30 47.50 33.55
N MET D 139 -39.72 46.34 33.81
CA MET D 139 -40.19 45.48 34.89
C MET D 139 -40.11 46.20 36.23
N GLU D 140 -38.95 46.83 36.50
CA GLU D 140 -38.75 47.48 37.79
C GLU D 140 -39.70 48.66 37.97
N GLU D 141 -39.91 49.47 36.93
CA GLU D 141 -40.86 50.56 37.06
C GLU D 141 -42.29 50.06 37.14
N LEU D 142 -42.54 48.82 36.72
CA LEU D 142 -43.90 48.24 36.84
C LEU D 142 -44.15 47.85 38.30
N GLY D 143 -43.11 47.43 39.02
CA GLY D 143 -43.26 47.12 40.43
C GLY D 143 -42.46 45.96 40.97
N PHE D 144 -41.79 45.24 40.06
CA PHE D 144 -41.01 44.05 40.47
C PHE D 144 -39.56 44.46 40.74
N THR D 145 -38.79 43.57 41.35
CA THR D 145 -37.41 43.86 41.72
C THR D 145 -36.41 43.16 40.79
N GLU D 146 -36.52 41.85 40.63
CA GLU D 146 -35.55 41.09 39.85
C GLU D 146 -36.25 39.95 39.14
N PHE D 147 -35.58 39.42 38.11
CA PHE D 147 -36.07 38.33 37.28
C PHE D 147 -35.04 37.21 37.32
N ASN D 148 -35.14 36.33 38.31
CA ASN D 148 -34.18 35.26 38.49
C ASN D 148 -34.34 34.19 37.42
N LEU D 149 -33.22 33.62 37.00
CA LEU D 149 -33.20 32.56 36.00
C LEU D 149 -32.21 31.47 36.40
N GLY D 150 -32.62 30.23 36.22
CA GLY D 150 -31.71 29.11 36.30
C GLY D 150 -31.79 28.24 35.06
N PRO D 151 -30.74 28.24 34.25
CA PRO D 151 -30.73 27.45 33.02
C PRO D 151 -30.15 26.06 33.20
N GLU D 152 -30.54 25.17 32.29
CA GLU D 152 -30.09 23.78 32.29
C GLU D 152 -29.61 23.41 30.90
N PRO D 153 -28.46 23.95 30.47
CA PRO D 153 -27.97 23.66 29.12
C PRO D 153 -27.48 22.24 28.97
N GLU D 154 -27.58 21.73 27.74
CA GLU D 154 -27.08 20.42 27.38
C GLU D 154 -26.18 20.55 26.15
N PHE D 155 -25.08 19.81 26.14
CA PHE D 155 -24.11 19.90 25.07
C PHE D 155 -23.64 18.50 24.66
N PHE D 156 -23.14 18.40 23.44
CA PHE D 156 -22.62 17.16 22.89
C PHE D 156 -21.10 17.23 22.77
N LEU D 157 -20.46 16.07 22.89
CA LEU D 157 -19.01 15.96 22.76
C LEU D 157 -18.68 14.98 21.65
N PHE D 158 -17.88 15.41 20.69
CA PHE D 158 -17.51 14.62 19.52
C PHE D 158 -16.01 14.45 19.46
N LYS D 159 -15.57 13.25 19.07
CA LYS D 159 -14.15 12.97 18.96
C LYS D 159 -13.56 13.68 17.75
N LEU D 160 -12.43 14.34 17.96
CA LEU D 160 -11.75 15.03 16.86
C LEU D 160 -11.04 14.02 15.97
N ASP D 161 -10.80 14.42 14.72
CA ASP D 161 -10.12 13.58 13.75
C ASP D 161 -8.61 13.83 13.84
N GLU D 162 -7.86 13.26 12.89
CA GLU D 162 -6.42 13.45 12.88
C GLU D 162 -6.05 14.91 12.62
N ASN D 163 -6.82 15.59 11.77
CA ASN D 163 -6.58 16.98 11.43
C ASN D 163 -7.31 17.94 12.36
N ARG D 164 -7.59 17.52 13.59
CA ARG D 164 -8.31 18.34 14.57
C ARG D 164 -9.67 18.77 14.04
N ARG D 165 -10.36 17.84 13.38
CA ARG D 165 -11.69 18.10 12.84
C ARG D 165 -12.71 17.20 13.53
N PRO D 166 -13.91 17.72 13.82
CA PRO D 166 -14.92 16.90 14.49
C PRO D 166 -15.35 15.72 13.61
N THR D 167 -15.68 14.62 14.28
CA THR D 167 -16.22 13.43 13.63
C THR D 167 -17.67 13.24 14.08
N LEU D 168 -18.27 12.15 13.61
CA LEU D 168 -19.64 11.81 13.96
C LEU D 168 -19.71 10.77 15.07
N GLU D 169 -18.58 10.46 15.70
CA GLU D 169 -18.54 9.47 16.78
C GLU D 169 -18.48 10.17 18.13
N LEU D 170 -19.19 9.61 19.10
CA LEU D 170 -19.30 10.17 20.43
C LEU D 170 -18.24 9.58 21.36
N ASN D 171 -17.94 10.30 22.44
CA ASN D 171 -16.87 9.87 23.33
C ASN D 171 -17.25 8.62 24.14
N ASP D 172 -18.52 8.47 24.51
CA ASP D 172 -18.94 7.29 25.27
C ASP D 172 -20.39 6.97 24.95
N SER D 173 -20.74 5.70 25.13
CA SER D 173 -22.10 5.23 24.91
C SER D 173 -22.84 5.15 26.25
N GLY D 174 -23.11 6.32 26.81
CA GLY D 174 -23.77 6.42 28.09
C GLY D 174 -25.28 6.38 27.97
N GLY D 175 -25.93 6.61 29.11
CA GLY D 175 -27.38 6.65 29.17
C GLY D 175 -27.87 7.78 30.05
N TYR D 176 -29.17 7.80 30.33
CA TYR D 176 -29.73 8.85 31.16
C TYR D 176 -29.27 8.70 32.60
N PHE D 177 -28.63 9.74 33.14
CA PHE D 177 -28.10 9.76 34.50
C PHE D 177 -27.07 8.66 34.75
N ASP D 178 -26.54 8.06 33.69
CA ASP D 178 -25.58 6.98 33.82
C ASP D 178 -24.22 7.50 34.26
N LEU D 179 -23.46 6.65 34.94
CA LEU D 179 -22.09 6.96 35.34
C LEU D 179 -21.16 6.49 34.21
N ALA D 180 -21.28 7.17 33.07
CA ALA D 180 -20.61 6.74 31.84
C ALA D 180 -19.13 7.11 31.80
N PRO D 181 -18.74 8.38 31.99
CA PRO D 181 -17.31 8.72 31.86
C PRO D 181 -16.45 8.22 33.00
N THR D 182 -17.06 7.67 34.06
CA THR D 182 -16.35 7.13 35.22
C THR D 182 -15.30 8.07 35.78
N ASP D 183 -14.05 7.63 35.81
CA ASP D 183 -12.98 8.35 36.50
C ASP D 183 -11.63 8.09 35.84
N LEU D 184 -10.55 8.35 36.57
CA LEU D 184 -9.18 8.11 36.11
C LEU D 184 -8.86 8.92 34.86
N GLY D 185 -8.84 10.23 35.07
CA GLY D 185 -8.52 11.14 33.99
C GLY D 185 -9.72 11.32 33.08
N GLU D 186 -9.49 11.92 31.91
CA GLU D 186 -10.55 12.32 30.99
C GLU D 186 -11.73 12.91 31.74
N ASN D 187 -12.91 12.31 31.59
CA ASN D 187 -14.13 12.78 32.25
C ASN D 187 -14.29 14.28 32.07
N CYS D 188 -14.48 14.72 30.83
CA CYS D 188 -14.48 16.15 30.54
C CYS D 188 -15.54 16.91 31.32
N ARG D 189 -16.67 16.26 31.63
CA ARG D 189 -17.70 16.94 32.40
C ARG D 189 -17.22 17.26 33.81
N ARG D 190 -16.53 16.33 34.46
CA ARG D 190 -16.02 16.59 35.81
C ARG D 190 -15.00 17.71 35.80
N ASP D 191 -14.10 17.72 34.81
CA ASP D 191 -13.11 18.78 34.72
C ASP D 191 -13.77 20.13 34.43
N ILE D 192 -14.80 20.14 33.59
CA ILE D 192 -15.51 21.39 33.30
C ILE D 192 -16.16 21.92 34.57
N VAL D 193 -16.82 21.05 35.34
CA VAL D 193 -17.46 21.47 36.58
C VAL D 193 -16.43 22.00 37.56
N LEU D 194 -15.29 21.31 37.69
CA LEU D 194 -14.27 21.75 38.62
C LEU D 194 -13.69 23.10 38.23
N GLU D 195 -13.42 23.30 36.93
CA GLU D 195 -12.89 24.59 36.48
C GLU D 195 -13.90 25.71 36.69
N LEU D 196 -15.19 25.43 36.41
CA LEU D 196 -16.22 26.44 36.63
C LEU D 196 -16.33 26.80 38.10
N GLU D 197 -16.25 25.80 38.99
CA GLU D 197 -16.31 26.08 40.42
C GLU D 197 -15.09 26.88 40.89
N GLU D 198 -13.90 26.52 40.42
CA GLU D 198 -12.70 27.28 40.76
C GLU D 198 -12.81 28.71 40.26
N MET D 199 -13.42 28.91 39.09
CA MET D 199 -13.49 30.23 38.49
C MET D 199 -14.48 31.15 39.20
N GLY D 200 -15.45 30.60 39.92
CA GLY D 200 -16.37 31.41 40.71
C GLY D 200 -17.81 31.33 40.27
N PHE D 201 -18.22 30.20 39.71
CA PHE D 201 -19.59 29.99 39.30
C PHE D 201 -20.29 29.04 40.26
N GLU D 202 -21.61 29.17 40.33
CA GLU D 202 -22.44 28.35 41.19
C GLU D 202 -23.08 27.25 40.35
N ILE D 203 -22.76 26.00 40.67
CA ILE D 203 -23.25 24.84 39.95
C ILE D 203 -24.11 24.00 40.90
N GLU D 204 -25.31 23.65 40.45
CA GLU D 204 -26.19 22.82 41.27
C GLU D 204 -25.83 21.35 41.13
N ALA D 205 -25.94 20.81 39.92
CA ALA D 205 -25.64 19.40 39.69
C ALA D 205 -25.36 19.19 38.20
N SER D 206 -24.66 18.10 37.91
CA SER D 206 -24.36 17.69 36.55
C SER D 206 -24.61 16.19 36.42
N HIS D 207 -24.99 15.77 35.21
CA HIS D 207 -25.31 14.37 34.97
C HIS D 207 -25.19 14.10 33.47
N HIS D 208 -25.39 12.84 33.11
CA HIS D 208 -25.34 12.40 31.72
C HIS D 208 -26.75 12.34 31.16
N GLU D 209 -26.94 12.95 29.99
CA GLU D 209 -28.25 12.97 29.37
C GLU D 209 -28.52 11.63 28.69
N VAL D 210 -29.77 11.44 28.27
CA VAL D 210 -30.21 10.14 27.75
C VAL D 210 -29.46 9.78 26.48
N ALA D 211 -29.15 10.76 25.64
CA ALA D 211 -28.37 10.49 24.44
C ALA D 211 -26.93 10.15 24.82
N PRO D 212 -26.26 9.29 24.07
CA PRO D 212 -24.84 9.05 24.32
C PRO D 212 -24.03 10.33 24.10
N GLY D 213 -22.97 10.48 24.90
CA GLY D 213 -22.10 11.62 24.74
C GLY D 213 -22.73 12.97 25.00
N GLN D 214 -23.92 13.00 25.60
CA GLN D 214 -24.62 14.23 25.90
C GLN D 214 -24.60 14.46 27.40
N HIS D 215 -24.23 15.67 27.81
CA HIS D 215 -24.09 15.99 29.22
C HIS D 215 -24.86 17.26 29.53
N GLU D 216 -25.34 17.36 30.77
CA GLU D 216 -26.09 18.51 31.23
C GLU D 216 -25.48 19.03 32.53
N ILE D 217 -25.34 20.35 32.63
CA ILE D 217 -24.85 21.01 33.83
C ILE D 217 -25.87 22.06 34.25
N ASP D 218 -26.30 21.99 35.50
CA ASP D 218 -27.31 22.89 36.03
C ASP D 218 -26.66 24.02 36.80
N PHE D 219 -27.27 25.20 36.74
CA PHE D 219 -26.78 26.40 37.38
C PHE D 219 -27.71 26.82 38.51
N LYS D 220 -27.19 27.66 39.40
CA LYS D 220 -28.02 28.24 40.44
C LYS D 220 -28.87 29.37 39.86
N TYR D 221 -29.57 30.07 40.74
CA TYR D 221 -30.54 31.09 40.34
C TYR D 221 -29.99 32.46 40.70
N GLU D 222 -29.65 33.24 39.68
CA GLU D 222 -29.17 34.61 39.82
C GLU D 222 -29.96 35.53 38.90
N ASP D 223 -29.53 36.78 38.81
CA ASP D 223 -30.23 37.76 38.01
C ASP D 223 -30.12 37.42 36.53
N ALA D 224 -30.99 38.04 35.72
CA ALA D 224 -31.08 37.72 34.30
C ALA D 224 -29.78 38.06 33.57
N ILE D 225 -29.25 39.27 33.80
CA ILE D 225 -28.01 39.67 33.13
C ILE D 225 -26.87 38.76 33.55
N THR D 226 -26.77 38.48 34.85
CA THR D 226 -25.76 37.55 35.33
C THR D 226 -26.00 36.15 34.78
N ALA D 227 -27.27 35.78 34.57
CA ALA D 227 -27.55 34.49 33.94
C ALA D 227 -27.01 34.43 32.52
N CYS D 228 -27.19 35.50 31.75
CA CYS D 228 -26.64 35.55 30.40
C CYS D 228 -25.12 35.46 30.44
N ASP D 229 -24.50 36.22 31.34
CA ASP D 229 -23.04 36.19 31.44
C ASP D 229 -22.55 34.79 31.79
N SER D 230 -23.23 34.14 32.74
CA SER D 230 -22.86 32.78 33.12
C SER D 230 -23.02 31.81 31.96
N ILE D 231 -24.10 31.95 31.18
CA ILE D 231 -24.33 31.06 30.05
C ILE D 231 -23.23 31.22 29.01
N GLN D 232 -22.90 32.47 28.67
CA GLN D 232 -21.86 32.69 27.66
C GLN D 232 -20.50 32.19 28.14
N THR D 233 -20.16 32.47 29.40
CA THR D 233 -18.89 32.00 29.94
C THR D 233 -18.87 30.47 29.99
N PHE D 234 -20.01 29.85 30.31
CA PHE D 234 -20.09 28.40 30.32
C PHE D 234 -19.85 27.82 28.93
N LYS D 235 -20.45 28.43 27.91
CA LYS D 235 -20.21 27.97 26.54
C LYS D 235 -18.73 28.07 26.18
N LEU D 236 -18.12 29.23 26.49
CA LEU D 236 -16.71 29.41 26.18
C LEU D 236 -15.84 28.39 26.91
N VAL D 237 -16.09 28.19 28.19
CA VAL D 237 -15.27 27.28 28.99
C VAL D 237 -15.44 25.84 28.53
N VAL D 238 -16.68 25.43 28.22
CA VAL D 238 -16.91 24.08 27.74
C VAL D 238 -16.18 23.85 26.43
N LYS D 239 -16.27 24.82 25.50
CA LYS D 239 -15.58 24.67 24.22
C LYS D 239 -14.08 24.57 24.43
N THR D 240 -13.51 25.46 25.23
CA THR D 240 -12.03 25.49 25.44
C THR D 240 -11.54 24.17 26.03
N ILE D 241 -12.13 23.73 27.15
CA ILE D 241 -11.67 22.49 27.85
C ILE D 241 -11.77 21.28 26.90
N ALA D 242 -12.91 21.14 26.20
CA ALA D 242 -13.08 20.02 25.24
C ALA D 242 -11.93 20.06 24.22
N ARG D 243 -11.71 21.21 23.58
CA ARG D 243 -10.62 21.34 22.56
C ARG D 243 -9.29 20.87 23.16
N LYS D 244 -8.97 21.31 24.37
CA LYS D 244 -7.70 20.91 25.05
C LYS D 244 -7.65 19.38 25.19
N HIS D 245 -8.77 18.76 25.56
CA HIS D 245 -8.82 17.28 25.76
C HIS D 245 -9.02 16.55 24.43
N GLY D 246 -8.87 17.25 23.30
CA GLY D 246 -8.99 16.62 21.97
C GLY D 246 -10.42 16.23 21.64
N LEU D 247 -11.40 17.06 22.05
CA LEU D 247 -12.79 16.79 21.73
C LEU D 247 -13.42 18.06 21.19
N HIS D 248 -14.61 17.92 20.62
CA HIS D 248 -15.36 19.06 20.10
C HIS D 248 -16.68 19.17 20.85
N ALA D 249 -16.96 20.35 21.40
CA ALA D 249 -18.20 20.62 22.12
C ALA D 249 -19.17 21.29 21.16
N THR D 250 -20.38 20.74 21.06
CA THR D 250 -21.39 21.22 20.13
C THR D 250 -22.66 21.56 20.89
N PHE D 251 -23.21 22.74 20.64
CA PHE D 251 -24.49 23.16 21.19
C PHE D 251 -25.59 23.16 20.15
N MET D 252 -25.34 22.60 18.97
CA MET D 252 -26.40 22.50 17.96
C MET D 252 -27.48 21.55 18.47
N PRO D 253 -28.77 21.94 18.41
CA PRO D 253 -29.80 21.19 19.13
C PRO D 253 -29.90 19.73 18.73
N LYS D 254 -29.79 19.40 17.45
CA LYS D 254 -30.00 18.02 16.97
C LYS D 254 -28.80 17.62 16.11
N PRO D 255 -27.69 17.23 16.74
CA PRO D 255 -26.52 16.82 15.96
C PRO D 255 -26.76 15.59 15.08
N LEU D 256 -27.59 14.66 15.51
CA LEU D 256 -27.79 13.41 14.79
C LEU D 256 -29.27 13.07 14.73
N PHE D 257 -29.65 12.32 13.70
CA PHE D 257 -31.02 11.86 13.53
C PHE D 257 -31.25 10.61 14.37
N GLY D 258 -32.44 10.52 14.95
CA GLY D 258 -32.76 9.41 15.83
C GLY D 258 -32.13 9.49 17.19
N VAL D 259 -31.51 10.62 17.53
CA VAL D 259 -30.85 10.83 18.81
C VAL D 259 -31.46 12.06 19.46
N ASN D 260 -31.69 11.99 20.78
CA ASN D 260 -32.38 13.06 21.47
C ASN D 260 -31.61 14.38 21.34
N GLY D 261 -32.36 15.47 21.24
CA GLY D 261 -31.77 16.78 21.08
C GLY D 261 -31.29 17.39 22.38
N SER D 262 -30.74 18.60 22.27
CA SER D 262 -30.20 19.33 23.39
C SER D 262 -31.15 20.46 23.76
N GLY D 263 -31.44 20.60 25.05
CA GLY D 263 -32.32 21.63 25.53
C GLY D 263 -31.68 22.53 26.57
N MET D 264 -32.24 23.72 26.76
CA MET D 264 -31.73 24.72 27.70
C MET D 264 -32.89 25.27 28.53
N HIS D 265 -33.65 24.36 29.14
CA HIS D 265 -34.82 24.74 29.93
C HIS D 265 -34.51 25.88 30.88
N PHE D 266 -35.38 26.88 30.88
CA PHE D 266 -35.25 28.05 31.76
C PHE D 266 -36.19 27.90 32.95
N ASN D 267 -35.61 27.90 34.15
CA ASN D 267 -36.38 27.95 35.39
C ASN D 267 -36.34 29.39 35.90
N MET D 268 -37.45 30.11 35.71
CA MET D 268 -37.52 31.53 35.96
C MET D 268 -38.55 31.85 37.03
N SER D 269 -38.24 32.85 37.86
CA SER D 269 -39.13 33.30 38.91
C SER D 269 -39.06 34.81 39.01
N LEU D 270 -40.13 35.41 39.51
CA LEU D 270 -40.26 36.86 39.61
C LEU D 270 -40.27 37.25 41.09
N PHE D 271 -39.52 38.28 41.43
CA PHE D 271 -39.36 38.72 42.80
C PHE D 271 -39.86 40.14 42.98
N ASN D 272 -40.37 40.42 44.18
CA ASN D 272 -40.80 41.77 44.54
C ASN D 272 -40.13 42.19 45.85
N GLU D 273 -40.58 43.31 46.42
CA GLU D 273 -40.02 43.77 47.68
C GLU D 273 -40.26 42.76 48.80
N LYS D 274 -41.47 42.20 48.86
CA LYS D 274 -41.77 41.21 49.89
C LYS D 274 -40.96 39.94 49.70
N GLY D 275 -40.80 39.49 48.47
CA GLY D 275 -40.06 38.28 48.19
C GLY D 275 -40.41 37.66 46.84
N ASN D 276 -40.67 36.37 46.83
CA ASN D 276 -41.08 35.69 45.60
C ASN D 276 -42.51 36.06 45.26
N ALA D 277 -42.72 36.56 44.04
CA ALA D 277 -44.05 36.97 43.60
C ALA D 277 -44.88 35.82 43.07
N PHE D 278 -44.28 34.64 42.86
CA PHE D 278 -44.99 33.49 42.33
C PHE D 278 -45.49 32.55 43.42
N PHE D 279 -45.30 32.88 44.69
CA PHE D 279 -45.65 32.00 45.79
C PHE D 279 -46.79 32.61 46.60
N ASP D 280 -47.79 31.77 46.91
CA ASP D 280 -48.91 32.19 47.74
C ASP D 280 -49.52 30.95 48.37
N GLU D 281 -49.45 30.86 49.71
CA GLU D 281 -49.95 29.67 50.38
C GLU D 281 -51.47 29.54 50.28
N SER D 282 -52.17 30.66 50.13
CA SER D 282 -53.63 30.67 50.08
C SER D 282 -54.18 30.48 48.67
N GLY D 283 -53.31 30.41 47.66
CA GLY D 283 -53.75 30.26 46.29
C GLY D 283 -53.76 28.80 45.84
N GLU D 284 -54.41 28.57 44.70
CA GLU D 284 -54.46 27.24 44.12
C GLU D 284 -53.07 26.80 43.67
N LEU D 285 -52.74 25.54 43.94
CA LEU D 285 -51.44 24.96 43.63
C LEU D 285 -50.29 25.72 44.30
N GLU D 286 -50.58 26.42 45.40
CA GLU D 286 -49.61 27.27 46.08
C GLU D 286 -48.99 28.29 45.12
N LEU D 287 -49.83 28.84 44.25
CA LEU D 287 -49.41 29.78 43.22
C LEU D 287 -50.18 31.10 43.38
N SER D 288 -49.47 32.21 43.23
CA SER D 288 -50.10 33.52 43.30
C SER D 288 -50.76 33.86 41.96
N GLN D 289 -51.66 34.85 42.01
CA GLN D 289 -52.30 35.31 40.79
C GLN D 289 -51.29 35.90 39.82
N THR D 290 -50.19 36.45 40.33
CA THR D 290 -49.13 36.92 39.46
C THR D 290 -48.53 35.77 38.65
N ALA D 291 -48.35 34.61 39.30
CA ALA D 291 -47.83 33.44 38.58
C ALA D 291 -48.78 33.01 37.47
N TYR D 292 -50.08 33.02 37.75
CA TYR D 292 -51.05 32.62 36.73
C TYR D 292 -51.09 33.62 35.58
N HIS D 293 -50.99 34.92 35.89
CA HIS D 293 -50.91 35.92 34.83
C HIS D 293 -49.66 35.73 33.98
N PHE D 294 -48.54 35.42 34.64
CA PHE D 294 -47.27 35.18 33.89
C PHE D 294 -47.45 33.95 32.99
N LEU D 295 -48.08 32.89 33.52
CA LEU D 295 -48.31 31.69 32.72
C LEU D 295 -49.18 32.00 31.51
N ALA D 296 -50.24 32.78 31.70
CA ALA D 296 -51.10 33.15 30.58
C ALA D 296 -50.35 33.96 29.55
N GLY D 297 -49.52 34.91 30.01
CA GLY D 297 -48.73 35.70 29.08
C GLY D 297 -47.74 34.87 28.29
N MET D 298 -47.10 33.91 28.96
CA MET D 298 -46.18 33.00 28.26
C MET D 298 -46.91 32.13 27.26
N LEU D 299 -48.07 31.60 27.63
CA LEU D 299 -48.78 30.69 26.73
C LEU D 299 -49.38 31.43 25.54
N LYS D 300 -49.86 32.65 25.74
CA LYS D 300 -50.51 33.38 24.66
C LYS D 300 -49.52 33.72 23.54
N HIS D 301 -48.31 34.13 23.90
CA HIS D 301 -47.34 34.60 22.92
C HIS D 301 -46.25 33.59 22.61
N ALA D 302 -46.43 32.33 23.02
CA ALA D 302 -45.38 31.33 22.80
C ALA D 302 -45.11 31.14 21.32
N ARG D 303 -46.15 31.08 20.50
CA ARG D 303 -45.98 31.00 19.06
C ARG D 303 -45.26 32.23 18.53
N GLY D 304 -45.42 33.37 19.20
CA GLY D 304 -44.76 34.59 18.73
C GLY D 304 -43.26 34.54 18.89
N TYR D 305 -42.78 34.12 20.07
CA TYR D 305 -41.36 34.13 20.36
C TYR D 305 -40.69 32.78 20.18
N THR D 306 -41.40 31.80 19.61
CA THR D 306 -40.76 30.52 19.29
C THR D 306 -39.55 30.72 18.38
N ALA D 307 -39.63 31.69 17.47
CA ALA D 307 -38.49 31.96 16.60
C ALA D 307 -37.29 32.47 17.39
N VAL D 308 -37.53 33.38 18.34
CA VAL D 308 -36.44 33.92 19.14
C VAL D 308 -35.84 32.84 20.03
N THR D 309 -36.68 32.00 20.63
CA THR D 309 -36.18 30.95 21.50
C THR D 309 -35.54 29.80 20.71
N ASN D 310 -35.90 29.64 19.44
CA ASN D 310 -35.32 28.61 18.58
C ASN D 310 -34.89 29.27 17.28
N PRO D 311 -33.74 29.97 17.20
CA PRO D 311 -33.39 30.76 16.00
C PRO D 311 -32.74 29.99 14.85
N THR D 312 -32.45 28.70 15.03
CA THR D 312 -31.75 27.97 13.98
C THR D 312 -32.71 27.04 13.26
N ILE D 313 -32.33 26.67 12.03
CA ILE D 313 -33.10 25.70 11.26
C ILE D 313 -33.11 24.35 11.95
N ASN D 314 -31.95 23.94 12.47
CA ASN D 314 -31.83 22.63 13.11
C ASN D 314 -32.63 22.58 14.42
N SER D 315 -32.97 23.74 14.99
CA SER D 315 -33.69 23.75 16.25
C SER D 315 -35.06 23.11 16.13
N PHE D 316 -35.76 23.37 15.02
CA PHE D 316 -37.10 22.82 14.84
C PHE D 316 -37.10 21.34 14.51
N LYS D 317 -35.94 20.77 14.16
CA LYS D 317 -35.85 19.32 14.05
C LYS D 317 -35.96 18.66 15.41
N ARG D 318 -35.60 19.38 16.47
CA ARG D 318 -35.78 18.86 17.82
C ARG D 318 -37.23 18.92 18.26
N LEU D 319 -37.97 19.94 17.82
CA LEU D 319 -39.38 20.11 18.19
C LEU D 319 -40.26 19.24 17.31
N VAL D 320 -40.23 17.95 17.60
CA VAL D 320 -41.06 16.95 16.91
C VAL D 320 -41.97 16.32 17.96
N PRO D 321 -43.17 15.86 17.60
CA PRO D 321 -44.04 15.21 18.58
C PRO D 321 -43.40 13.99 19.21
N GLY D 322 -43.47 13.91 20.53
CA GLY D 322 -42.90 12.77 21.26
C GLY D 322 -43.28 12.77 22.72
N TYR D 323 -42.33 12.39 23.58
CA TYR D 323 -42.55 12.38 25.02
C TYR D 323 -41.59 13.32 25.75
N GLU D 324 -40.64 13.94 25.05
CA GLU D 324 -39.71 14.87 25.67
C GLU D 324 -39.52 16.17 24.93
N ALA D 325 -40.05 16.32 23.71
CA ALA D 325 -39.89 17.53 22.94
C ALA D 325 -41.19 18.33 22.97
N PRO D 326 -41.18 19.55 23.51
CA PRO D 326 -42.43 20.33 23.57
C PRO D 326 -42.80 20.92 22.23
N CYS D 327 -43.82 20.35 21.58
CA CYS D 327 -44.37 20.90 20.35
C CYS D 327 -45.83 21.31 20.50
N TYR D 328 -46.31 21.44 21.73
CA TYR D 328 -47.68 21.82 22.02
C TYR D 328 -47.67 23.06 22.91
N ILE D 329 -48.81 23.75 22.96
CA ILE D 329 -48.94 24.92 23.81
C ILE D 329 -49.85 24.59 24.99
N ALA D 330 -49.26 24.17 26.10
CA ALA D 330 -50.01 23.82 27.29
C ALA D 330 -49.08 23.86 28.50
N TRP D 331 -49.68 23.95 29.68
CA TRP D 331 -48.94 23.98 30.92
C TRP D 331 -49.50 22.93 31.88
N SER D 332 -48.61 22.37 32.69
CA SER D 332 -49.01 21.32 33.63
C SER D 332 -47.97 21.23 34.75
N GLY D 333 -48.36 20.57 35.83
CA GLY D 333 -47.45 20.38 36.95
C GLY D 333 -47.44 18.96 37.48
N LYS D 334 -48.20 18.06 36.84
CA LYS D 334 -48.30 16.68 37.31
C LYS D 334 -47.77 15.69 36.27
N ASN D 335 -48.29 15.76 35.04
CA ASN D 335 -47.90 14.78 34.03
C ASN D 335 -46.49 15.03 33.52
N ARG D 336 -45.99 16.25 33.65
CA ARG D 336 -44.71 16.67 33.11
C ARG D 336 -44.68 16.58 31.58
N SER D 337 -43.54 16.89 30.99
CA SER D 337 -43.34 17.09 29.56
C SER D 337 -44.38 18.00 28.91
N PRO D 338 -44.75 19.15 29.52
CA PRO D 338 -45.57 20.11 28.78
C PRO D 338 -44.68 21.14 28.09
N LEU D 339 -45.28 22.15 27.45
CA LEU D 339 -44.50 23.30 27.01
C LEU D 339 -43.93 24.05 28.21
N VAL D 340 -44.77 24.33 29.20
CA VAL D 340 -44.37 25.00 30.43
C VAL D 340 -44.69 24.09 31.61
N ARG D 341 -43.69 23.80 32.41
CA ARG D 341 -43.82 22.90 33.56
C ARG D 341 -43.57 23.66 34.85
N VAL D 342 -44.38 23.39 35.85
CA VAL D 342 -44.25 24.01 37.17
C VAL D 342 -43.64 22.97 38.11
N PRO D 343 -42.40 23.15 38.56
CA PRO D 343 -41.80 22.17 39.47
C PRO D 343 -42.54 22.12 40.79
N SER D 344 -42.50 20.93 41.42
CA SER D 344 -43.23 20.71 42.66
C SER D 344 -42.72 21.57 43.81
N SER D 345 -41.47 22.04 43.75
CA SER D 345 -40.92 22.85 44.83
C SER D 345 -41.67 24.17 44.92
N ARG D 346 -41.87 24.63 46.16
CA ARG D 346 -42.59 25.88 46.40
C ARG D 346 -41.83 26.77 47.37
N GLY D 347 -42.45 27.86 47.81
CA GLY D 347 -41.78 28.81 48.66
C GLY D 347 -40.92 29.78 47.88
N LEU D 348 -39.70 30.05 48.37
CA LEU D 348 -38.77 30.90 47.65
C LEU D 348 -38.25 30.25 46.37
N SER D 349 -38.46 28.94 46.20
CA SER D 349 -38.02 28.22 45.01
C SER D 349 -39.12 28.07 43.98
N THR D 350 -40.28 28.68 44.20
CA THR D 350 -41.37 28.60 43.23
C THR D 350 -40.93 29.20 41.91
N ARG D 351 -41.22 28.49 40.81
CA ARG D 351 -40.73 28.91 39.51
C ARG D 351 -41.58 28.27 38.43
N LEU D 352 -41.46 28.82 37.22
CA LEU D 352 -42.09 28.28 36.03
C LEU D 352 -40.99 27.92 35.03
N GLU D 353 -41.04 26.70 34.51
CA GLU D 353 -40.01 26.19 33.63
C GLU D 353 -40.52 26.18 32.19
N LEU D 354 -39.76 26.79 31.29
CA LEU D 354 -40.05 26.76 29.85
C LEU D 354 -39.06 25.82 29.19
N ARG D 355 -39.58 24.79 28.52
CA ARG D 355 -38.76 23.70 27.99
C ARG D 355 -38.51 23.80 26.49
N SER D 356 -38.97 24.86 25.83
CA SER D 356 -38.81 24.98 24.39
C SER D 356 -37.51 25.65 23.98
N VAL D 357 -36.72 26.13 24.93
CA VAL D 357 -35.48 26.83 24.61
C VAL D 357 -34.37 25.81 24.35
N ASP D 358 -33.50 26.12 23.40
CA ASP D 358 -32.37 25.29 23.04
C ASP D 358 -31.07 26.07 23.22
N PRO D 359 -29.94 25.38 23.39
CA PRO D 359 -28.68 26.10 23.69
C PRO D 359 -28.23 27.05 22.61
N SER D 360 -28.66 26.88 21.36
CA SER D 360 -28.22 27.77 20.29
C SER D 360 -28.86 29.15 20.36
N ALA D 361 -29.88 29.32 21.21
CA ALA D 361 -30.58 30.59 21.30
C ALA D 361 -29.73 31.64 22.02
N ASN D 362 -30.02 32.90 21.73
CA ASN D 362 -29.38 34.01 22.43
C ASN D 362 -30.10 34.24 23.75
N PRO D 363 -29.43 34.06 24.89
CA PRO D 363 -30.13 34.22 26.18
C PRO D 363 -30.70 35.62 26.40
N TYR D 364 -29.99 36.66 25.93
CA TYR D 364 -30.47 38.02 26.11
C TYR D 364 -31.82 38.23 25.43
N LEU D 365 -31.89 37.91 24.15
CA LEU D 365 -33.14 38.06 23.41
C LEU D 365 -34.21 37.12 23.96
N ALA D 366 -33.80 35.92 24.36
CA ALA D 366 -34.76 34.94 24.87
C ALA D 366 -35.49 35.47 26.10
N MET D 367 -34.73 35.91 27.12
CA MET D 367 -35.45 36.44 28.27
C MET D 367 -36.02 37.82 28.04
N ALA D 368 -35.51 38.59 27.08
CA ALA D 368 -36.17 39.84 26.74
C ALA D 368 -37.59 39.59 26.27
N VAL D 369 -37.76 38.70 25.29
CA VAL D 369 -39.09 38.42 24.77
C VAL D 369 -39.93 37.70 25.82
N LEU D 370 -39.32 36.80 26.60
CA LEU D 370 -40.08 36.09 27.64
C LEU D 370 -40.62 37.06 28.70
N LEU D 371 -39.74 37.95 29.19
CA LEU D 371 -40.15 38.89 30.25
C LEU D 371 -41.29 39.76 29.71
N LYS D 372 -41.13 40.28 28.49
CA LYS D 372 -42.17 41.14 27.86
C LYS D 372 -43.49 40.37 27.82
N ALA D 373 -43.50 39.15 27.25
CA ALA D 373 -44.73 38.35 27.14
C ALA D 373 -45.35 38.13 28.52
N GLY D 374 -44.56 37.65 29.49
CA GLY D 374 -45.07 37.38 30.84
C GLY D 374 -45.63 38.64 31.50
N LEU D 375 -44.91 39.76 31.39
CA LEU D 375 -45.35 41.04 32.03
C LEU D 375 -46.62 41.54 31.33
N SER D 376 -46.72 41.36 30.01
CA SER D 376 -47.96 41.75 29.29
C SER D 376 -49.14 40.92 29.82
N GLY D 377 -48.90 39.63 30.10
CA GLY D 377 -49.95 38.78 30.69
C GLY D 377 -50.39 39.31 32.05
N ILE D 378 -49.45 39.83 32.84
CA ILE D 378 -49.79 40.42 34.18
C ILE D 378 -50.57 41.71 33.95
N LYS D 379 -50.07 42.60 33.09
CA LYS D 379 -50.76 43.89 32.81
C LYS D 379 -52.20 43.61 32.35
N ASP D 380 -52.39 42.67 31.42
CA ASP D 380 -53.71 42.35 30.92
C ASP D 380 -54.52 41.47 31.86
N GLU D 381 -53.90 40.94 32.91
CA GLU D 381 -54.57 40.07 33.88
C GLU D 381 -55.25 38.88 33.18
N LEU D 382 -54.54 38.30 32.21
CA LEU D 382 -55.09 37.18 31.46
C LEU D 382 -55.21 35.94 32.35
N THR D 383 -56.29 35.19 32.15
CA THR D 383 -56.51 33.96 32.89
C THR D 383 -55.93 32.79 32.09
N PRO D 384 -55.01 32.01 32.64
CA PRO D 384 -54.41 30.93 31.87
C PRO D 384 -55.40 29.81 31.65
N PRO D 385 -55.23 29.03 30.58
CA PRO D 385 -56.11 27.88 30.36
C PRO D 385 -55.88 26.80 31.41
N ALA D 386 -56.89 25.95 31.58
CA ALA D 386 -56.80 24.89 32.57
C ALA D 386 -55.67 23.93 32.22
N PRO D 387 -54.89 23.48 33.20
CA PRO D 387 -53.79 22.56 32.90
C PRO D 387 -54.29 21.23 32.41
N VAL D 388 -53.48 20.59 31.56
CA VAL D 388 -53.79 19.27 31.01
C VAL D 388 -52.80 18.27 31.57
N ASP D 389 -53.32 17.19 32.15
CA ASP D 389 -52.48 16.13 32.69
C ASP D 389 -52.76 14.79 32.02
N ARG D 390 -53.34 14.80 30.82
CA ARG D 390 -53.73 13.59 30.13
C ARG D 390 -52.68 13.11 29.13
N ASN D 391 -51.40 13.47 29.35
CA ASN D 391 -50.31 12.96 28.53
C ASN D 391 -50.54 13.29 27.06
N ILE D 392 -50.44 14.57 26.70
CA ILE D 392 -50.95 15.00 25.40
C ILE D 392 -49.97 14.60 24.30
N TYR D 393 -50.05 13.33 23.91
CA TYR D 393 -49.35 12.80 22.75
C TYR D 393 -50.27 11.88 21.94
N GLY D 394 -51.28 11.32 22.60
CA GLY D 394 -52.08 10.26 22.03
C GLY D 394 -53.49 10.64 21.64
N MET D 395 -54.02 11.70 22.23
CA MET D 395 -55.39 12.10 21.94
C MET D 395 -55.51 12.50 20.47
N ASN D 396 -56.69 12.26 19.90
CA ASN D 396 -56.92 12.54 18.49
C ASN D 396 -56.86 14.03 18.21
N GLU D 397 -56.73 14.38 16.92
CA GLU D 397 -56.65 15.78 16.53
C GLU D 397 -57.90 16.54 16.94
N GLU D 398 -59.06 15.89 16.89
CA GLU D 398 -60.29 16.51 17.37
C GLU D 398 -60.22 16.78 18.86
N GLU D 399 -59.66 15.84 19.62
CA GLU D 399 -59.51 16.02 21.06
C GLU D 399 -58.58 17.18 21.37
N ARG D 400 -57.47 17.28 20.64
CA ARG D 400 -56.54 18.40 20.82
C ARG D 400 -57.20 19.72 20.45
N GLU D 401 -58.00 19.72 19.38
CA GLU D 401 -58.68 20.95 18.96
C GLU D 401 -59.77 21.34 19.94
N ALA D 402 -60.42 20.36 20.58
CA ALA D 402 -61.46 20.69 21.56
C ALA D 402 -60.88 21.46 22.73
N THR D 403 -59.72 21.05 23.23
CA THR D 403 -58.99 21.79 24.25
C THR D 403 -58.20 22.91 23.57
N GLY D 404 -57.70 23.85 24.37
CA GLY D 404 -56.92 24.95 23.83
C GLY D 404 -55.50 24.57 23.48
N ILE D 405 -55.28 23.31 23.12
CA ILE D 405 -53.95 22.82 22.75
C ILE D 405 -53.66 23.23 21.32
N TYR D 406 -52.50 23.87 21.13
CA TYR D 406 -52.06 24.30 19.81
C TYR D 406 -50.60 23.92 19.63
N ASP D 407 -50.20 23.74 18.37
CA ASP D 407 -48.85 23.33 18.05
C ASP D 407 -47.95 24.53 17.80
N LEU D 408 -46.69 24.41 18.20
CA LEU D 408 -45.69 25.43 17.89
C LEU D 408 -45.37 25.39 16.40
N PRO D 409 -44.82 26.48 15.86
CA PRO D 409 -44.45 26.47 14.44
C PRO D 409 -43.47 25.35 14.13
N GLU D 410 -43.71 24.68 13.00
CA GLU D 410 -42.94 23.49 12.63
C GLU D 410 -41.69 23.82 11.82
N SER D 411 -41.50 25.07 11.42
CA SER D 411 -40.35 25.45 10.63
C SER D 411 -39.97 26.89 10.96
N LEU D 412 -38.73 27.26 10.58
CA LEU D 412 -38.25 28.63 10.88
C LEU D 412 -39.13 29.64 10.14
N GLY D 413 -39.52 29.35 8.90
CA GLY D 413 -40.29 30.34 8.15
C GLY D 413 -41.61 30.69 8.82
N HIS D 414 -42.33 29.68 9.31
CA HIS D 414 -43.59 29.95 10.00
C HIS D 414 -43.35 30.72 11.29
N ALA D 415 -42.27 30.40 11.99
CA ALA D 415 -41.93 31.15 13.20
C ALA D 415 -41.60 32.61 12.88
N LEU D 416 -40.90 32.83 11.75
CA LEU D 416 -40.57 34.21 11.32
C LEU D 416 -41.87 34.95 10.97
N ILE D 417 -42.82 34.26 10.33
CA ILE D 417 -44.11 34.87 10.02
C ILE D 417 -44.83 35.25 11.30
N GLU D 418 -44.80 34.37 12.30
CA GLU D 418 -45.44 34.66 13.58
C GLU D 418 -44.79 35.86 14.26
N LEU D 419 -43.45 35.95 14.18
CA LEU D 419 -42.76 37.12 14.70
C LEU D 419 -43.22 38.39 13.99
N GLU D 420 -43.32 38.33 12.66
CA GLU D 420 -43.73 39.51 11.90
C GLU D 420 -45.18 39.89 12.21
N LYS D 421 -45.99 38.93 12.65
CA LYS D 421 -47.37 39.24 13.01
C LYS D 421 -47.48 39.83 14.40
N ASN D 422 -46.79 39.22 15.37
CA ASN D 422 -46.89 39.65 16.75
C ASN D 422 -46.22 41.02 16.95
N GLU D 423 -46.86 41.88 17.73
CA GLU D 423 -46.35 43.23 17.98
C GLU D 423 -45.69 43.39 19.35
N ILE D 424 -46.18 42.67 20.36
CA ILE D 424 -45.59 42.79 21.70
C ILE D 424 -44.15 42.29 21.69
N ILE D 425 -43.90 41.18 21.01
CA ILE D 425 -42.54 40.65 20.93
C ILE D 425 -41.63 41.62 20.19
N LYS D 426 -42.17 42.32 19.18
CA LYS D 426 -41.39 43.34 18.50
C LYS D 426 -40.98 44.45 19.47
N ASP D 427 -41.89 44.88 20.34
CA ASP D 427 -41.55 45.89 21.33
C ASP D 427 -40.50 45.36 22.30
N GLY D 428 -40.63 44.10 22.72
CA GLY D 428 -39.65 43.52 23.61
C GLY D 428 -38.28 43.40 22.99
N LEU D 429 -38.21 43.14 21.70
CA LEU D 429 -36.94 43.04 20.99
C LEU D 429 -36.36 44.39 20.60
N GLY D 430 -37.17 45.44 20.58
CA GLY D 430 -36.74 46.70 20.01
C GLY D 430 -36.85 46.68 18.49
N GLU D 431 -36.54 47.83 17.88
CA GLU D 431 -36.60 47.92 16.43
C GLU D 431 -35.38 47.29 15.78
N HIS D 432 -34.21 47.88 16.01
CA HIS D 432 -32.99 47.49 15.30
C HIS D 432 -32.75 45.99 15.39
N ILE D 433 -32.85 45.44 16.60
CA ILE D 433 -32.68 44.00 16.78
C ILE D 433 -33.72 43.24 15.99
N PHE D 434 -34.96 43.74 15.95
CA PHE D 434 -36.02 43.04 15.23
C PHE D 434 -35.71 42.96 13.74
N GLU D 435 -35.41 44.09 13.10
CA GLU D 435 -35.15 44.04 11.67
C GLU D 435 -33.89 43.25 11.35
N HIS D 436 -32.84 43.39 12.17
CA HIS D 436 -31.62 42.64 11.89
C HIS D 436 -31.85 41.14 12.03
N PHE D 437 -32.55 40.73 13.10
CA PHE D 437 -32.83 39.29 13.33
C PHE D 437 -33.58 38.73 12.12
N ILE D 438 -34.73 39.31 11.78
CA ILE D 438 -35.55 38.81 10.63
C ILE D 438 -34.68 38.75 9.37
N GLU D 439 -33.97 39.84 9.05
CA GLU D 439 -33.11 39.88 7.84
C GLU D 439 -32.17 38.69 7.81
N ALA D 440 -31.34 38.52 8.84
CA ALA D 440 -30.35 37.41 8.88
C ALA D 440 -31.07 36.06 8.82
N LYS D 441 -32.18 35.91 9.55
CA LYS D 441 -32.90 34.61 9.61
C LYS D 441 -33.50 34.27 8.24
N THR D 442 -34.06 35.26 7.54
CA THR D 442 -34.65 35.03 6.20
C THR D 442 -33.53 34.65 5.22
N ILE D 443 -32.37 35.29 5.33
CA ILE D 443 -31.20 34.93 4.46
C ILE D 443 -30.83 33.47 4.74
N GLU D 444 -30.75 33.09 6.02
CA GLU D 444 -30.42 31.68 6.40
C GLU D 444 -31.50 30.75 5.87
N CYS D 445 -32.78 31.14 5.97
CA CYS D 445 -33.91 30.28 5.50
C CYS D 445 -33.84 30.15 3.97
N ASP D 446 -33.60 31.25 3.26
CA ASP D 446 -33.50 31.20 1.81
C ASP D 446 -32.32 30.36 1.37
N MET D 447 -31.20 30.47 2.08
CA MET D 447 -30.05 29.63 1.77
C MET D 447 -30.37 28.15 1.97
N PHE D 448 -31.06 27.82 3.06
CA PHE D 448 -31.44 26.43 3.29
C PHE D 448 -32.42 25.93 2.23
N ARG D 449 -33.35 26.80 1.80
CA ARG D 449 -34.39 26.37 0.88
C ARG D 449 -33.83 26.01 -0.49
N THR D 450 -32.87 26.79 -0.98
CA THR D 450 -32.35 26.57 -2.33
C THR D 450 -31.26 25.50 -2.39
N ALA D 451 -30.79 25.01 -1.25
CA ALA D 451 -29.74 23.99 -1.25
C ALA D 451 -30.30 22.63 -1.65
N VAL D 452 -29.42 21.80 -2.20
CA VAL D 452 -29.76 20.43 -2.58
C VAL D 452 -29.02 19.50 -1.64
N HIS D 453 -29.77 18.64 -0.95
CA HIS D 453 -29.23 17.79 0.10
C HIS D 453 -29.05 16.36 -0.40
N PRO D 454 -28.11 15.62 0.19
CA PRO D 454 -27.92 14.22 -0.23
C PRO D 454 -29.13 13.34 0.01
N TRP D 455 -30.05 13.75 0.88
CA TRP D 455 -31.29 13.00 1.07
C TRP D 455 -32.09 12.91 -0.23
N GLU D 456 -32.24 14.05 -0.92
CA GLU D 456 -32.98 14.06 -2.17
C GLU D 456 -32.31 13.19 -3.22
N ARG D 457 -30.99 13.26 -3.32
CA ARG D 457 -30.27 12.41 -4.27
C ARG D 457 -30.46 10.93 -3.94
N GLU D 458 -30.22 10.57 -2.68
CA GLU D 458 -30.28 9.17 -2.29
C GLU D 458 -31.69 8.60 -2.39
N GLN D 459 -32.72 9.44 -2.39
CA GLN D 459 -34.07 8.89 -2.47
C GLN D 459 -34.79 9.24 -3.78
N TYR D 460 -34.13 9.90 -4.72
CA TYR D 460 -34.71 10.12 -6.04
C TYR D 460 -33.80 9.79 -7.21
N LEU D 461 -32.48 9.68 -7.01
CA LEU D 461 -31.58 9.50 -8.15
C LEU D 461 -31.83 8.18 -8.87
N GLU D 462 -32.04 7.10 -8.11
CA GLU D 462 -32.38 5.81 -8.69
C GLU D 462 -33.86 5.66 -9.00
N ILE D 463 -34.72 6.15 -8.11
CA ILE D 463 -36.16 5.99 -8.31
C ILE D 463 -36.63 6.73 -9.54
N TYR D 464 -36.13 7.94 -9.75
CA TYR D 464 -36.50 8.72 -10.94
C TYR D 464 -35.33 8.81 -11.92
N ALA E 22 18.18 61.98 21.99
CA ALA E 22 19.22 61.01 22.33
C ALA E 22 18.74 60.05 23.41
N LYS E 23 17.93 59.06 23.00
CA LYS E 23 17.44 58.07 23.96
C LYS E 23 18.57 57.21 24.50
N TYR E 24 19.52 56.84 23.64
CA TYR E 24 20.66 56.02 24.04
C TYR E 24 21.94 56.63 23.51
N THR E 25 23.06 56.28 24.14
CA THR E 25 24.39 56.68 23.73
C THR E 25 25.26 55.43 23.53
N LYS E 26 26.50 55.66 23.07
CA LYS E 26 27.42 54.53 22.83
C LYS E 26 27.63 53.76 24.14
N GLU E 27 27.92 54.49 25.24
CA GLU E 27 28.18 53.82 26.51
C GLU E 27 26.99 53.02 26.97
N ASP E 28 25.78 53.55 26.74
CA ASP E 28 24.57 52.80 27.10
C ASP E 28 24.46 51.51 26.30
N ILE E 29 24.77 51.57 25.00
CA ILE E 29 24.69 50.37 24.14
C ILE E 29 25.71 49.34 24.65
N PHE E 30 26.92 49.79 24.97
CA PHE E 30 27.98 48.88 25.48
C PHE E 30 27.51 48.26 26.80
N ARG E 31 26.95 49.06 27.71
CA ARG E 31 26.48 48.54 28.99
C ARG E 31 25.36 47.52 28.80
N PHE E 32 24.43 47.79 27.88
CA PHE E 32 23.36 46.84 27.62
C PHE E 32 23.92 45.53 27.09
N ALA E 33 24.83 45.61 26.12
CA ALA E 33 25.44 44.41 25.57
C ALA E 33 26.19 43.62 26.64
N ASP E 34 26.76 44.33 27.62
CA ASP E 34 27.48 43.65 28.69
C ASP E 34 26.52 43.00 29.69
N GLU E 35 25.39 43.64 29.98
CA GLU E 35 24.59 43.21 31.12
C GLU E 35 23.46 42.25 30.75
N GLN E 36 22.94 42.32 29.52
CA GLN E 36 22.12 41.20 29.05
C GLN E 36 22.91 40.19 28.25
N ASN E 37 24.22 40.42 28.07
CA ASN E 37 25.15 39.44 27.54
C ASN E 37 24.72 38.96 26.15
N VAL E 38 24.65 39.92 25.22
CA VAL E 38 24.35 39.61 23.83
C VAL E 38 25.64 39.16 23.16
N LYS E 39 25.52 38.18 22.28
CA LYS E 39 26.65 37.69 21.50
C LYS E 39 26.42 37.75 20.00
N PHE E 40 25.22 38.13 19.56
CA PHE E 40 24.89 38.20 18.15
C PHE E 40 24.12 39.49 17.90
N ILE E 41 24.55 40.25 16.90
CA ILE E 41 23.96 41.56 16.60
C ILE E 41 23.60 41.58 15.12
N ARG E 42 22.37 41.99 14.82
CA ARG E 42 21.88 42.09 13.45
C ARG E 42 21.77 43.57 13.09
N LEU E 43 22.66 44.03 12.21
CA LEU E 43 22.58 45.38 11.66
C LEU E 43 21.66 45.34 10.46
N GLN E 44 20.37 45.64 10.67
CA GLN E 44 19.35 45.39 9.67
C GLN E 44 18.91 46.68 9.00
N PHE E 45 18.47 46.54 7.75
CA PHE E 45 18.03 47.65 6.92
C PHE E 45 16.99 47.12 5.94
N THR E 46 16.42 48.02 5.15
CA THR E 46 15.35 47.68 4.22
C THR E 46 15.71 48.17 2.82
N ASP E 47 15.47 47.33 1.83
CA ASP E 47 15.75 47.68 0.44
C ASP E 47 14.54 48.37 -0.17
N ILE E 48 14.58 48.60 -1.49
CA ILE E 48 13.47 49.26 -2.16
C ILE E 48 12.22 48.38 -2.13
N LEU E 49 12.39 47.07 -2.35
CA LEU E 49 11.26 46.16 -2.40
C LEU E 49 10.61 45.93 -1.06
N GLY E 50 11.21 46.41 0.03
CA GLY E 50 10.65 46.23 1.35
C GLY E 50 11.14 45.01 2.10
N ILE E 51 12.02 44.21 1.50
CA ILE E 51 12.53 43.02 2.17
C ILE E 51 13.51 43.42 3.25
N ILE E 52 13.35 42.84 4.45
CA ILE E 52 14.24 43.13 5.55
C ILE E 52 15.57 42.42 5.32
N LYS E 53 16.64 43.20 5.27
CA LYS E 53 17.99 42.69 5.05
C LYS E 53 18.88 43.10 6.21
N ASN E 54 19.92 42.31 6.45
CA ASN E 54 20.82 42.60 7.57
C ASN E 54 22.19 42.00 7.29
N VAL E 55 23.17 42.49 8.05
CA VAL E 55 24.47 41.83 8.17
C VAL E 55 24.65 41.47 9.63
N GLU E 56 25.21 40.30 9.88
CA GLU E 56 25.26 39.71 11.21
C GLU E 56 26.70 39.69 11.70
N ILE E 57 26.94 40.30 12.85
CA ILE E 57 28.29 40.46 13.39
C ILE E 57 28.33 39.95 14.83
N PRO E 58 29.48 39.49 15.31
CA PRO E 58 29.59 39.14 16.72
C PRO E 58 29.64 40.40 17.60
N VAL E 59 29.41 40.17 18.90
CA VAL E 59 29.42 41.28 19.84
C VAL E 59 30.81 41.90 19.95
N SER E 60 31.85 41.15 19.58
CA SER E 60 33.21 41.69 19.63
C SER E 60 33.41 42.81 18.63
N GLN E 61 32.59 42.86 17.57
CA GLN E 61 32.66 43.90 16.56
C GLN E 61 31.70 45.05 16.85
N LEU E 62 31.12 45.09 18.04
CA LEU E 62 30.15 46.17 18.39
C LEU E 62 30.85 47.52 18.28
N LYS E 63 32.12 47.59 18.69
CA LYS E 63 32.89 48.85 18.62
C LYS E 63 32.95 49.34 17.17
N LYS E 64 33.33 48.47 16.23
CA LYS E 64 33.46 48.86 14.80
C LYS E 64 32.11 49.37 14.28
N ALA E 65 31.01 48.71 14.65
CA ALA E 65 29.66 49.14 14.22
C ALA E 65 29.39 50.56 14.75
N LEU E 66 29.67 50.80 16.03
CA LEU E 66 29.45 52.14 16.64
C LEU E 66 30.37 53.18 15.98
N ASP E 67 31.54 52.76 15.49
CA ASP E 67 32.50 53.69 14.86
C ASP E 67 32.10 53.96 13.40
N ASN E 68 31.02 53.34 12.92
CA ASN E 68 30.51 53.58 11.54
C ASN E 68 31.59 53.21 10.52
N LYS E 69 32.26 52.07 10.73
CA LYS E 69 33.31 51.59 9.84
C LYS E 69 32.98 50.24 9.22
N ILE E 70 31.72 49.83 9.21
CA ILE E 70 31.34 48.54 8.66
C ILE E 70 31.02 48.68 7.18
N MET E 71 31.73 47.92 6.35
CA MET E 71 31.45 47.85 4.93
C MET E 71 30.46 46.73 4.64
N PHE E 72 29.73 46.87 3.53
CA PHE E 72 28.89 45.81 3.03
C PHE E 72 28.64 46.07 1.55
N ASP E 73 28.22 45.01 0.85
CA ASP E 73 27.96 45.11 -0.58
C ASP E 73 26.72 45.97 -0.80
N GLY E 74 26.93 47.20 -1.27
CA GLY E 74 25.84 48.16 -1.37
C GLY E 74 24.86 47.86 -2.48
N SER E 75 25.22 47.02 -3.43
CA SER E 75 24.28 46.67 -4.50
C SER E 75 23.16 45.77 -4.01
N SER E 76 23.27 45.26 -2.78
CA SER E 76 22.22 44.39 -2.23
C SER E 76 20.90 45.14 -2.09
N ILE E 77 20.94 46.39 -1.61
CA ILE E 77 19.72 47.14 -1.42
C ILE E 77 19.04 47.48 -2.73
N GLU E 78 19.78 47.47 -3.85
CA GLU E 78 19.18 47.70 -5.14
C GLU E 78 18.26 46.57 -5.57
N GLY E 79 18.31 45.43 -4.90
CA GLY E 79 17.44 44.30 -5.22
C GLY E 79 18.07 43.34 -6.20
N PHE E 80 17.24 42.70 -7.02
CA PHE E 80 17.72 41.75 -8.02
C PHE E 80 18.26 42.44 -9.27
N VAL E 81 18.13 43.76 -9.38
CA VAL E 81 18.58 44.50 -10.55
C VAL E 81 19.98 45.05 -10.30
N ARG E 82 20.67 44.51 -9.30
CA ARG E 82 22.03 44.92 -9.02
C ARG E 82 22.95 44.54 -10.18
N ILE E 83 23.82 45.47 -10.57
CA ILE E 83 24.74 45.26 -11.68
C ILE E 83 26.17 45.42 -11.20
N GLU E 84 26.48 46.60 -10.67
CA GLU E 84 27.83 46.93 -10.23
C GLU E 84 27.92 46.88 -8.72
N GLU E 85 28.88 46.11 -8.21
CA GLU E 85 29.11 46.05 -6.77
C GLU E 85 29.74 47.35 -6.28
N SER E 86 29.26 47.85 -5.15
CA SER E 86 29.81 49.07 -4.55
C SER E 86 29.81 48.92 -3.05
N ASP E 87 30.97 49.12 -2.43
CA ASP E 87 31.08 49.06 -0.98
C ASP E 87 30.62 50.38 -0.36
N MET E 88 29.85 50.29 0.72
CA MET E 88 29.30 51.49 1.34
C MET E 88 29.03 51.22 2.81
N TYR E 89 28.97 52.31 3.58
CA TYR E 89 28.93 52.20 5.04
C TYR E 89 27.55 51.80 5.53
N LEU E 90 27.47 51.51 6.82
CA LEU E 90 26.25 50.99 7.45
C LEU E 90 26.00 51.70 8.77
N PHE E 91 26.02 53.04 8.74
CA PHE E 91 25.76 53.89 9.90
C PHE E 91 24.51 53.45 10.66
N PRO E 92 24.64 52.98 11.89
CA PRO E 92 23.48 52.50 12.65
C PRO E 92 22.79 53.62 13.42
N ASP E 93 21.64 53.29 13.98
CA ASP E 93 20.85 54.20 14.80
C ASP E 93 20.78 53.65 16.22
N LEU E 94 21.16 54.47 17.21
CA LEU E 94 21.22 53.98 18.61
C LEU E 94 19.83 53.81 19.21
N ASP E 95 18.86 54.64 18.83
CA ASP E 95 17.55 54.58 19.47
C ASP E 95 16.79 53.30 19.16
N THR E 96 17.26 52.49 18.21
CA THR E 96 16.57 51.27 17.82
C THR E 96 17.22 50.02 18.39
N TRP E 97 17.90 50.13 19.53
CA TRP E 97 18.52 48.97 20.16
C TRP E 97 17.45 48.11 20.81
N VAL E 98 17.29 46.88 20.31
CA VAL E 98 16.27 45.96 20.80
C VAL E 98 16.90 44.58 20.93
N VAL E 99 16.61 43.91 22.06
CA VAL E 99 17.14 42.58 22.33
C VAL E 99 15.99 41.58 22.24
N PHE E 100 16.14 40.59 21.37
CA PHE E 100 15.10 39.57 21.21
C PHE E 100 15.14 38.60 22.39
N PRO E 101 13.98 38.15 22.85
CA PRO E 101 13.95 37.18 23.97
C PRO E 101 14.09 35.73 23.53
N TRP E 102 13.69 35.41 22.30
CA TRP E 102 13.72 34.02 21.82
C TRP E 102 15.12 33.68 21.33
N THR E 103 16.07 33.68 22.26
CA THR E 103 17.47 33.43 21.93
C THR E 103 18.09 32.30 22.74
N ALA E 104 17.31 31.58 23.54
CA ALA E 104 17.80 30.47 24.39
C ALA E 104 18.86 31.03 25.33
N GLU E 105 19.83 30.20 25.70
CA GLU E 105 20.88 30.59 26.64
C GLU E 105 22.22 30.87 25.98
N LYS E 106 22.43 30.42 24.74
CA LYS E 106 23.70 30.62 24.03
C LYS E 106 23.74 32.02 23.41
N GLY E 107 23.78 33.03 24.28
CA GLY E 107 23.88 34.40 23.83
C GLY E 107 22.60 34.99 23.32
N LYS E 108 22.36 36.27 23.60
CA LYS E 108 21.19 36.96 23.13
C LYS E 108 21.42 37.50 21.72
N VAL E 109 20.34 37.99 21.11
CA VAL E 109 20.40 38.60 19.78
C VAL E 109 19.79 39.98 19.85
N ALA E 110 20.47 40.95 19.22
CA ALA E 110 20.02 42.33 19.21
C ALA E 110 20.03 42.84 17.78
N ARG E 111 19.18 43.83 17.52
CA ARG E 111 19.09 44.43 16.19
C ARG E 111 19.18 45.94 16.31
N MET E 112 19.69 46.57 15.25
CA MET E 112 19.80 48.01 15.17
C MET E 112 19.50 48.45 13.74
N ILE E 113 18.53 49.35 13.59
CA ILE E 113 18.23 49.87 12.26
C ILE E 113 19.37 50.78 11.82
N CYS E 114 19.89 50.52 10.62
CA CYS E 114 21.09 51.19 10.13
C CYS E 114 20.78 52.01 8.89
N ASP E 115 21.31 53.23 8.85
CA ASP E 115 21.25 54.05 7.66
C ASP E 115 22.33 53.64 6.67
N ILE E 116 22.04 53.85 5.39
CA ILE E 116 22.96 53.53 4.31
C ILE E 116 23.69 54.81 3.91
N TYR E 117 25.02 54.76 3.95
CA TYR E 117 25.85 55.93 3.65
C TYR E 117 26.87 55.58 2.57
N ASN E 118 27.10 56.53 1.67
CA ASN E 118 28.14 56.38 0.68
C ASN E 118 29.51 56.48 1.35
N PRO E 119 30.56 55.98 0.70
CA PRO E 119 31.91 56.06 1.30
C PRO E 119 32.39 57.47 1.54
N ASP E 120 31.80 58.47 0.90
CA ASP E 120 32.19 59.87 1.10
C ASP E 120 31.39 60.57 2.18
N MET E 121 30.91 59.83 3.18
CA MET E 121 30.17 60.39 4.32
C MET E 121 28.91 61.13 3.88
N THR E 122 28.23 60.60 2.86
CA THR E 122 26.97 61.15 2.42
C THR E 122 25.92 60.05 2.40
N PRO E 123 24.70 60.33 2.84
CA PRO E 123 23.65 59.30 2.80
C PRO E 123 23.35 58.89 1.37
N PHE E 124 23.09 57.60 1.18
CA PHE E 124 22.82 57.08 -0.15
C PHE E 124 21.45 57.56 -0.63
N ALA E 125 21.40 57.97 -1.91
CA ALA E 125 20.13 58.45 -2.46
C ALA E 125 19.11 57.33 -2.58
N GLY E 126 19.56 56.09 -2.71
CA GLY E 126 18.68 54.96 -2.88
C GLY E 126 18.14 54.35 -1.60
N ASP E 127 18.51 54.89 -0.45
CA ASP E 127 18.01 54.36 0.82
C ASP E 127 16.63 54.93 1.12
N PRO E 128 15.60 54.08 1.27
CA PRO E 128 14.27 54.63 1.60
C PRO E 128 14.23 55.42 2.89
N ARG E 129 15.00 54.98 3.90
CA ARG E 129 15.01 55.69 5.18
C ARG E 129 15.60 57.09 5.02
N ALA E 130 16.68 57.22 4.25
CA ALA E 130 17.25 58.55 4.00
C ALA E 130 16.29 59.43 3.23
N ASN E 131 15.56 58.85 2.28
CA ASN E 131 14.55 59.62 1.54
C ASN E 131 13.44 60.12 2.46
N LEU E 132 12.98 59.25 3.37
CA LEU E 132 11.97 59.66 4.33
C LEU E 132 12.50 60.76 5.25
N LYS E 133 13.77 60.65 5.66
CA LYS E 133 14.37 61.69 6.49
C LYS E 133 14.44 63.02 5.74
N ARG E 134 14.77 62.97 4.44
CA ARG E 134 14.81 64.19 3.64
C ARG E 134 13.43 64.82 3.52
N VAL E 135 12.39 63.99 3.30
CA VAL E 135 11.03 64.52 3.21
C VAL E 135 10.62 65.13 4.55
N LEU E 136 10.98 64.47 5.65
CA LEU E 136 10.67 65.02 6.97
C LEU E 136 11.41 66.33 7.22
N LYS E 137 12.63 66.44 6.71
CA LYS E 137 13.36 67.71 6.80
C LYS E 137 12.65 68.80 6.02
N GLU E 138 12.13 68.46 4.84
CA GLU E 138 11.34 69.44 4.09
C GLU E 138 10.10 69.87 4.89
N MET E 139 9.43 68.91 5.51
CA MET E 139 8.27 69.24 6.35
C MET E 139 8.66 70.18 7.48
N GLU E 140 9.75 69.86 8.17
CA GLU E 140 10.16 70.66 9.32
C GLU E 140 10.55 72.07 8.90
N GLU E 141 11.29 72.21 7.80
CA GLU E 141 11.63 73.55 7.33
C GLU E 141 10.42 74.30 6.81
N LEU E 142 9.35 73.57 6.45
CA LEU E 142 8.11 74.23 6.00
C LEU E 142 7.37 74.83 7.20
N GLY E 143 7.49 74.20 8.38
CA GLY E 143 6.88 74.76 9.57
C GLY E 143 6.29 73.77 10.56
N PHE E 144 6.23 72.51 10.15
CA PHE E 144 5.63 71.48 11.03
C PHE E 144 6.71 70.83 11.88
N THR E 145 6.29 70.06 12.89
CA THR E 145 7.22 69.42 13.82
C THR E 145 7.38 67.93 13.56
N GLU E 146 6.28 67.19 13.52
CA GLU E 146 6.34 65.75 13.38
C GLU E 146 5.15 65.25 12.56
N PHE E 147 5.29 64.04 12.04
CA PHE E 147 4.28 63.38 11.21
C PHE E 147 3.94 62.05 11.87
N ASN E 148 2.98 62.07 12.78
CA ASN E 148 2.61 60.87 13.52
C ASN E 148 1.84 59.89 12.64
N LEU E 149 2.08 58.60 12.86
CA LEU E 149 1.41 57.54 12.11
C LEU E 149 0.99 56.42 13.05
N GLY E 150 -0.22 55.91 12.86
CA GLY E 150 -0.64 54.68 13.48
C GLY E 150 -1.16 53.69 12.45
N PRO E 151 -0.43 52.60 12.24
CA PRO E 151 -0.85 51.61 11.25
C PRO E 151 -1.69 50.49 11.86
N GLU E 152 -2.46 49.85 10.99
CA GLU E 152 -3.34 48.74 11.35
C GLU E 152 -3.11 47.58 10.40
N PRO E 153 -1.97 46.90 10.50
CA PRO E 153 -1.68 45.80 9.59
C PRO E 153 -2.54 44.58 9.86
N GLU E 154 -2.79 43.81 8.79
CA GLU E 154 -3.51 42.56 8.85
C GLU E 154 -2.69 41.47 8.18
N PHE E 155 -2.68 40.28 8.78
CA PHE E 155 -1.87 39.17 8.29
C PHE E 155 -2.68 37.88 8.31
N PHE E 156 -2.25 36.93 7.49
CA PHE E 156 -2.88 35.62 7.39
C PHE E 156 -1.96 34.57 8.00
N LEU E 157 -2.57 33.51 8.52
CA LEU E 157 -1.84 32.38 9.11
C LEU E 157 -2.26 31.10 8.41
N PHE E 158 -1.27 30.37 7.90
CA PHE E 158 -1.51 29.15 7.13
C PHE E 158 -0.80 27.98 7.80
N LYS E 159 -1.47 26.83 7.81
CA LYS E 159 -0.90 25.63 8.41
C LYS E 159 0.24 25.09 7.54
N LEU E 160 1.36 24.78 8.17
CA LEU E 160 2.49 24.21 7.46
C LEU E 160 2.23 22.74 7.13
N ASP E 161 2.92 22.26 6.10
CA ASP E 161 2.79 20.87 5.67
C ASP E 161 3.80 20.01 6.41
N GLU E 162 3.93 18.75 6.00
CA GLU E 162 4.88 17.85 6.65
C GLU E 162 6.31 18.32 6.43
N ASN E 163 6.60 18.85 5.24
CA ASN E 163 7.94 19.33 4.89
C ASN E 163 8.14 20.79 5.25
N ARG E 164 7.42 21.30 6.25
CA ARG E 164 7.50 22.70 6.67
C ARG E 164 7.21 23.65 5.51
N ARG E 165 6.20 23.30 4.72
CA ARG E 165 5.76 24.12 3.61
C ARG E 165 4.35 24.63 3.83
N PRO E 166 4.06 25.87 3.46
CA PRO E 166 2.71 26.41 3.66
C PRO E 166 1.68 25.64 2.85
N THR E 167 0.47 25.54 3.39
CA THR E 167 -0.67 24.96 2.71
C THR E 167 -1.71 26.04 2.47
N LEU E 168 -2.84 25.63 1.89
CA LEU E 168 -3.94 26.54 1.60
C LEU E 168 -5.03 26.49 2.67
N GLU E 169 -4.79 25.81 3.78
CA GLU E 169 -5.76 25.71 4.85
C GLU E 169 -5.40 26.67 5.99
N LEU E 170 -6.43 27.27 6.57
CA LEU E 170 -6.28 28.25 7.62
C LEU E 170 -6.35 27.60 9.00
N ASN E 171 -5.80 28.29 10.00
CA ASN E 171 -5.74 27.71 11.34
C ASN E 171 -7.10 27.61 12.00
N ASP E 172 -7.99 28.57 11.76
CA ASP E 172 -9.31 28.52 12.36
C ASP E 172 -10.32 29.21 11.45
N SER E 173 -11.58 28.81 11.59
CA SER E 173 -12.67 29.38 10.81
C SER E 173 -13.40 30.43 11.65
N GLY E 174 -12.69 31.54 11.88
CA GLY E 174 -13.21 32.62 12.68
C GLY E 174 -14.05 33.60 11.88
N GLY E 175 -14.44 34.68 12.54
CA GLY E 175 -15.20 35.73 11.91
C GLY E 175 -14.73 37.10 12.32
N TYR E 176 -15.48 38.14 11.96
CA TYR E 176 -15.08 39.51 12.29
C TYR E 176 -15.22 39.72 13.79
N PHE E 177 -14.12 40.13 14.43
CA PHE E 177 -14.07 40.38 15.87
C PHE E 177 -14.44 39.15 16.70
N ASP E 178 -14.45 37.97 16.10
CA ASP E 178 -14.82 36.75 16.78
C ASP E 178 -13.72 36.31 17.74
N LEU E 179 -14.12 35.59 18.79
CA LEU E 179 -13.18 35.00 19.75
C LEU E 179 -12.84 33.59 19.25
N ALA E 180 -12.15 33.55 18.12
CA ALA E 180 -11.90 32.30 17.41
C ALA E 180 -10.78 31.47 18.02
N PRO E 181 -9.56 32.00 18.22
CA PRO E 181 -8.48 31.15 18.73
C PRO E 181 -8.62 30.78 20.20
N THR E 182 -9.60 31.35 20.90
CA THR E 182 -9.87 31.08 22.31
C THR E 182 -8.62 31.15 23.19
N ASP E 183 -8.30 30.04 23.85
CA ASP E 183 -7.26 30.02 24.86
C ASP E 183 -6.59 28.64 24.94
N LEU E 184 -5.93 28.37 26.06
CA LEU E 184 -5.29 27.08 26.33
C LEU E 184 -4.21 26.76 25.29
N GLY E 185 -3.18 27.59 25.32
CA GLY E 185 -2.06 27.40 24.42
C GLY E 185 -2.41 27.93 23.04
N GLU E 186 -1.58 27.58 22.06
CA GLU E 186 -1.66 28.13 20.71
C GLU E 186 -1.96 29.63 20.75
N ASN E 187 -3.07 30.03 20.13
CA ASN E 187 -3.49 31.43 20.09
C ASN E 187 -2.33 32.33 19.67
N CYS E 188 -1.84 32.15 18.45
CA CYS E 188 -0.62 32.82 18.03
C CYS E 188 -0.74 34.35 18.12
N ARG E 189 -1.95 34.89 17.95
CA ARG E 189 -2.11 36.34 18.06
C ARG E 189 -1.83 36.82 19.47
N ARG E 190 -2.33 36.09 20.49
CA ARG E 190 -2.10 36.49 21.86
C ARG E 190 -0.61 36.43 22.20
N ASP E 191 0.07 35.37 21.76
CA ASP E 191 1.50 35.25 22.01
C ASP E 191 2.28 36.35 21.31
N ILE E 192 1.88 36.68 20.08
CA ILE E 192 2.55 37.76 19.34
C ILE E 192 2.39 39.08 20.09
N VAL E 193 1.18 39.37 20.55
CA VAL E 193 0.94 40.61 21.29
C VAL E 193 1.76 40.64 22.57
N LEU E 194 1.80 39.51 23.29
CA LEU E 194 2.55 39.47 24.54
C LEU E 194 4.05 39.66 24.31
N GLU E 195 4.60 39.02 23.27
CA GLU E 195 6.01 39.19 22.98
C GLU E 195 6.32 40.62 22.55
N LEU E 196 5.45 41.21 21.74
CA LEU E 196 5.66 42.61 21.33
C LEU E 196 5.62 43.55 22.53
N GLU E 197 4.69 43.32 23.46
CA GLU E 197 4.62 44.14 24.65
C GLU E 197 5.85 43.98 25.53
N GLU E 198 6.30 42.73 25.72
CA GLU E 198 7.52 42.49 26.50
C GLU E 198 8.73 43.17 25.84
N MET E 199 8.76 43.18 24.51
CA MET E 199 9.90 43.71 23.79
C MET E 199 9.98 45.23 23.84
N GLY E 200 8.86 45.91 24.09
CA GLY E 200 8.87 47.36 24.25
C GLY E 200 8.09 48.12 23.20
N PHE E 201 7.05 47.50 22.65
CA PHE E 201 6.20 48.15 21.68
C PHE E 201 4.86 48.52 22.31
N GLU E 202 4.22 49.53 21.73
CA GLU E 202 2.94 50.03 22.20
C GLU E 202 1.85 49.47 21.29
N ILE E 203 0.95 48.68 21.87
CA ILE E 203 -0.14 48.03 21.13
C ILE E 203 -1.45 48.57 21.67
N GLU E 204 -2.32 49.01 20.75
CA GLU E 204 -3.63 49.49 21.16
C GLU E 204 -4.61 48.35 21.38
N ALA E 205 -4.89 47.58 20.33
CA ALA E 205 -5.83 46.48 20.43
C ALA E 205 -5.56 45.50 19.29
N SER E 206 -6.02 44.26 19.49
CA SER E 206 -5.94 43.22 18.49
C SER E 206 -7.26 42.48 18.42
N HIS E 207 -7.60 41.97 17.25
CA HIS E 207 -8.86 41.28 17.04
C HIS E 207 -8.74 40.37 15.82
N HIS E 208 -9.82 39.64 15.55
CA HIS E 208 -9.88 38.72 14.42
C HIS E 208 -10.60 39.42 13.27
N GLU E 209 -9.99 39.39 12.09
CA GLU E 209 -10.59 40.01 10.93
C GLU E 209 -11.70 39.14 10.37
N VAL E 210 -12.47 39.71 9.43
CA VAL E 210 -13.67 39.04 8.93
C VAL E 210 -13.31 37.75 8.21
N ALA E 211 -12.19 37.73 7.51
CA ALA E 211 -11.77 36.50 6.86
C ALA E 211 -11.31 35.48 7.90
N PRO E 212 -11.50 34.18 7.65
CA PRO E 212 -10.96 33.18 8.56
C PRO E 212 -9.44 33.25 8.60
N GLY E 213 -8.88 32.96 9.77
CA GLY E 213 -7.44 32.93 9.92
C GLY E 213 -6.74 34.25 9.70
N GLN E 214 -7.47 35.35 9.64
CA GLN E 214 -6.92 36.68 9.43
C GLN E 214 -7.01 37.47 10.74
N HIS E 215 -5.90 38.08 11.13
CA HIS E 215 -5.80 38.80 12.39
C HIS E 215 -5.26 40.19 12.15
N GLU E 216 -5.67 41.13 13.00
CA GLU E 216 -5.23 42.52 12.92
C GLU E 216 -4.72 42.97 14.27
N ILE E 217 -3.58 43.66 14.27
CA ILE E 217 -3.00 44.23 15.48
C ILE E 217 -2.78 45.71 15.24
N ASP E 218 -3.31 46.54 16.15
CA ASP E 218 -3.22 47.98 16.03
C ASP E 218 -2.09 48.52 16.88
N PHE E 219 -1.46 49.59 16.40
CA PHE E 219 -0.32 50.22 17.06
C PHE E 219 -0.71 51.60 17.56
N LYS E 220 0.10 52.12 18.49
CA LYS E 220 -0.08 53.48 18.94
C LYS E 220 0.47 54.45 17.89
N TYR E 221 0.49 55.73 18.26
CA TYR E 221 0.86 56.80 17.33
C TYR E 221 2.23 57.37 17.74
N GLU E 222 3.23 57.11 16.91
CA GLU E 222 4.58 57.62 17.11
C GLU E 222 5.06 58.29 15.82
N ASP E 223 6.34 58.66 15.80
CA ASP E 223 6.90 59.35 14.64
C ASP E 223 6.96 58.41 13.44
N ALA E 224 7.13 59.02 12.26
CA ALA E 224 7.09 58.25 11.01
C ALA E 224 8.21 57.23 10.94
N ILE E 225 9.44 57.65 11.24
CA ILE E 225 10.57 56.72 11.19
C ILE E 225 10.40 55.61 12.20
N THR E 226 9.97 55.96 13.42
CA THR E 226 9.69 54.94 14.42
C THR E 226 8.52 54.07 14.00
N ALA E 227 7.56 54.63 13.26
CA ALA E 227 6.46 53.81 12.73
C ALA E 227 6.98 52.77 11.75
N CYS E 228 7.89 53.17 10.85
CA CYS E 228 8.48 52.22 9.92
C CYS E 228 9.25 51.13 10.68
N ASP E 229 10.04 51.52 11.67
CA ASP E 229 10.79 50.54 12.44
C ASP E 229 9.87 49.58 13.15
N SER E 230 8.78 50.09 13.74
CA SER E 230 7.81 49.24 14.41
C SER E 230 7.15 48.29 13.42
N ILE E 231 6.81 48.76 12.22
CA ILE E 231 6.17 47.91 11.23
C ILE E 231 7.09 46.78 10.81
N GLN E 232 8.36 47.11 10.52
CA GLN E 232 9.30 46.07 10.10
C GLN E 232 9.56 45.06 11.21
N THR E 233 9.74 45.54 12.45
CA THR E 233 9.94 44.63 13.56
C THR E 233 8.71 43.77 13.80
N PHE E 234 7.52 44.34 13.62
CA PHE E 234 6.29 43.58 13.77
C PHE E 234 6.21 42.47 12.73
N LYS E 235 6.56 42.78 11.48
CA LYS E 235 6.57 41.74 10.45
C LYS E 235 7.54 40.62 10.82
N LEU E 236 8.75 40.98 11.23
CA LEU E 236 9.75 39.98 11.60
C LEU E 236 9.26 39.12 12.76
N VAL E 237 8.71 39.76 13.80
CA VAL E 237 8.28 39.02 14.99
C VAL E 237 7.11 38.11 14.66
N VAL E 238 6.15 38.61 13.87
CA VAL E 238 5.01 37.78 13.51
C VAL E 238 5.47 36.56 12.71
N LYS E 239 6.37 36.76 11.75
CA LYS E 239 6.87 35.63 10.98
C LYS E 239 7.57 34.62 11.87
N THR E 240 8.46 35.10 12.74
CA THR E 240 9.27 34.18 13.60
C THR E 240 8.35 33.36 14.51
N ILE E 241 7.46 34.02 15.25
CA ILE E 241 6.58 33.30 16.23
C ILE E 241 5.72 32.27 15.49
N ALA E 242 5.11 32.65 14.37
CA ALA E 242 4.29 31.71 13.57
C ALA E 242 5.13 30.49 13.22
N ARG E 243 6.32 30.68 12.63
CA ARG E 243 7.21 29.57 12.24
C ARG E 243 7.44 28.64 13.43
N LYS E 244 7.75 29.22 14.60
CA LYS E 244 8.00 28.41 15.83
C LYS E 244 6.76 27.57 16.15
N HIS E 245 5.56 28.16 16.02
CA HIS E 245 4.30 27.43 16.35
C HIS E 245 3.85 26.57 15.18
N GLY E 246 4.70 26.36 14.17
CA GLY E 246 4.36 25.49 13.03
C GLY E 246 3.33 26.11 12.11
N LEU E 247 3.37 27.44 11.93
CA LEU E 247 2.45 28.11 11.03
C LEU E 247 3.24 29.02 10.11
N HIS E 248 2.58 29.51 9.06
CA HIS E 248 3.19 30.45 8.13
C HIS E 248 2.40 31.76 8.16
N ALA E 249 3.11 32.86 8.37
CA ALA E 249 2.52 34.18 8.38
C ALA E 249 2.71 34.82 7.01
N THR E 250 1.61 35.30 6.43
CA THR E 250 1.62 35.85 5.08
C THR E 250 1.05 37.27 5.11
N PHE E 251 1.76 38.20 4.49
CA PHE E 251 1.29 39.58 4.33
C PHE E 251 0.86 39.87 2.90
N MET E 252 0.78 38.86 2.04
CA MET E 252 0.30 39.08 0.69
C MET E 252 -1.17 39.52 0.74
N PRO E 253 -1.54 40.59 0.04
CA PRO E 253 -2.86 41.20 0.27
C PRO E 253 -4.03 40.26 0.05
N LYS E 254 -4.01 39.42 -0.98
CA LYS E 254 -5.14 38.57 -1.34
C LYS E 254 -4.65 37.14 -1.49
N PRO E 255 -4.49 36.42 -0.37
CA PRO E 255 -4.03 35.03 -0.46
C PRO E 255 -4.99 34.12 -1.20
N LEU E 256 -6.29 34.34 -1.09
CA LEU E 256 -7.28 33.45 -1.67
C LEU E 256 -8.36 34.25 -2.39
N PHE E 257 -8.99 33.62 -3.38
CA PHE E 257 -10.09 34.24 -4.11
C PHE E 257 -11.39 34.06 -3.34
N GLY E 258 -12.23 35.09 -3.37
CA GLY E 258 -13.46 35.07 -2.62
C GLY E 258 -13.30 35.29 -1.13
N VAL E 259 -12.11 35.66 -0.68
CA VAL E 259 -11.81 35.89 0.72
C VAL E 259 -11.26 37.30 0.86
N ASN E 260 -11.69 38.00 1.90
CA ASN E 260 -11.32 39.40 2.06
C ASN E 260 -9.81 39.57 2.16
N GLY E 261 -9.31 40.66 1.60
CA GLY E 261 -7.89 40.93 1.57
C GLY E 261 -7.38 41.52 2.86
N SER E 262 -6.07 41.77 2.87
CA SER E 262 -5.38 42.33 4.03
C SER E 262 -5.04 43.79 3.78
N GLY E 263 -5.34 44.63 4.76
CA GLY E 263 -5.07 46.05 4.63
C GLY E 263 -4.18 46.58 5.74
N MET E 264 -3.55 47.73 5.51
CA MET E 264 -2.63 48.36 6.45
C MET E 264 -2.97 49.85 6.57
N HIS E 265 -4.25 50.13 6.86
CA HIS E 265 -4.74 51.50 6.95
C HIS E 265 -3.81 52.36 7.80
N PHE E 266 -3.48 53.54 7.29
CA PHE E 266 -2.62 54.50 7.96
C PHE E 266 -3.47 55.60 8.59
N ASN E 267 -3.37 55.73 9.91
CA ASN E 267 -3.98 56.84 10.64
C ASN E 267 -2.88 57.86 10.91
N MET E 268 -2.89 58.95 10.16
CA MET E 268 -1.81 59.92 10.18
C MET E 268 -2.31 61.29 10.60
N SER E 269 -1.49 62.01 11.35
CA SER E 269 -1.80 63.36 11.80
C SER E 269 -0.55 64.22 11.74
N LEU E 270 -0.75 65.52 11.60
CA LEU E 270 0.34 66.48 11.47
C LEU E 270 0.38 67.36 12.71
N PHE E 271 1.58 67.58 13.23
CA PHE E 271 1.76 68.33 14.46
C PHE E 271 2.61 69.57 14.22
N ASN E 272 2.34 70.62 14.99
CA ASN E 272 3.14 71.84 14.95
C ASN E 272 3.59 72.20 16.35
N GLU E 273 4.16 73.41 16.52
CA GLU E 273 4.61 73.84 17.83
C GLU E 273 3.45 73.93 18.82
N LYS E 274 2.32 74.48 18.37
CA LYS E 274 1.15 74.59 19.26
C LYS E 274 0.60 73.21 19.61
N GLY E 275 0.55 72.29 18.66
CA GLY E 275 0.02 70.97 18.91
C GLY E 275 -0.42 70.27 17.64
N ASN E 276 -1.63 69.70 17.66
CA ASN E 276 -2.16 69.04 16.47
C ASN E 276 -2.59 70.10 15.45
N ALA E 277 -2.07 69.98 14.23
CA ALA E 277 -2.39 70.93 13.17
C ALA E 277 -3.69 70.62 12.46
N PHE E 278 -4.27 69.44 12.69
CA PHE E 278 -5.51 69.04 12.04
C PHE E 278 -6.75 69.33 12.86
N PHE E 279 -6.61 69.96 14.03
CA PHE E 279 -7.72 70.19 14.93
C PHE E 279 -8.01 71.68 15.04
N ASP E 280 -9.30 72.04 14.95
CA ASP E 280 -9.72 73.43 15.09
C ASP E 280 -11.19 73.42 15.50
N GLU E 281 -11.47 73.91 16.71
CA GLU E 281 -12.84 73.88 17.22
C GLU E 281 -13.75 74.82 16.42
N SER E 282 -13.20 75.87 15.84
CA SER E 282 -14.00 76.86 15.11
C SER E 282 -14.19 76.50 13.64
N GLY E 283 -13.58 75.41 13.17
CA GLY E 283 -13.70 75.02 11.78
C GLY E 283 -14.81 74.00 11.56
N GLU E 284 -15.14 73.80 10.28
CA GLU E 284 -16.14 72.82 9.91
C GLU E 284 -15.64 71.42 10.21
N LEU E 285 -16.54 70.59 10.76
CA LEU E 285 -16.24 69.22 11.16
C LEU E 285 -15.11 69.16 12.19
N GLU E 286 -14.91 70.25 12.93
CA GLU E 286 -13.80 70.36 13.89
C GLU E 286 -12.47 70.09 13.21
N LEU E 287 -12.31 70.60 11.99
CA LEU E 287 -11.11 70.39 11.18
C LEU E 287 -10.51 71.72 10.80
N SER E 288 -9.18 71.80 10.87
CA SER E 288 -8.48 73.01 10.48
C SER E 288 -8.31 73.07 8.97
N GLN E 289 -8.01 74.28 8.47
CA GLN E 289 -7.77 74.45 7.04
C GLN E 289 -6.56 73.65 6.59
N THR E 290 -5.59 73.43 7.49
CA THR E 290 -4.46 72.56 7.17
C THR E 290 -4.92 71.14 6.89
N ALA E 291 -5.89 70.65 7.66
CA ALA E 291 -6.41 69.31 7.43
C ALA E 291 -7.10 69.22 6.06
N TYR E 292 -7.85 70.25 5.68
CA TYR E 292 -8.51 70.23 4.39
C TYR E 292 -7.50 70.32 3.25
N HIS E 293 -6.46 71.13 3.41
CA HIS E 293 -5.40 71.18 2.40
C HIS E 293 -4.71 69.83 2.27
N PHE E 294 -4.46 69.17 3.40
CA PHE E 294 -3.84 67.83 3.38
C PHE E 294 -4.76 66.85 2.64
N LEU E 295 -6.07 66.90 2.94
CA LEU E 295 -7.02 66.02 2.27
C LEU E 295 -7.03 66.25 0.77
N ALA E 296 -7.01 67.52 0.35
CA ALA E 296 -6.98 67.83 -1.07
C ALA E 296 -5.71 67.32 -1.72
N GLY E 297 -4.57 67.49 -1.06
CA GLY E 297 -3.32 66.98 -1.59
C GLY E 297 -3.31 65.46 -1.72
N MET E 298 -3.86 64.77 -0.71
CA MET E 298 -3.95 63.32 -0.79
C MET E 298 -4.88 62.86 -1.91
N LEU E 299 -6.03 63.54 -2.07
CA LEU E 299 -7.00 63.12 -3.07
C LEU E 299 -6.50 63.41 -4.48
N LYS E 300 -5.81 64.53 -4.68
CA LYS E 300 -5.37 64.92 -6.02
C LYS E 300 -4.35 63.93 -6.57
N HIS E 301 -3.41 63.49 -5.75
CA HIS E 301 -2.30 62.65 -6.19
C HIS E 301 -2.48 61.18 -5.85
N ALA E 302 -3.68 60.76 -5.41
CA ALA E 302 -3.87 59.37 -5.00
C ALA E 302 -3.59 58.41 -6.15
N ARG E 303 -4.08 58.74 -7.35
CA ARG E 303 -3.77 57.92 -8.52
C ARG E 303 -2.28 57.89 -8.80
N GLY E 304 -1.56 58.96 -8.42
CA GLY E 304 -0.13 58.99 -8.66
C GLY E 304 0.63 57.99 -7.81
N TYR E 305 0.34 57.95 -6.51
CA TYR E 305 1.08 57.10 -5.58
C TYR E 305 0.37 55.79 -5.27
N THR E 306 -0.70 55.46 -6.00
CA THR E 306 -1.33 54.16 -5.82
C THR E 306 -0.34 53.03 -6.07
N ALA E 307 0.58 53.22 -7.02
CA ALA E 307 1.60 52.21 -7.29
C ALA E 307 2.53 52.03 -6.09
N VAL E 308 2.95 53.13 -5.47
CA VAL E 308 3.85 53.04 -4.33
C VAL E 308 3.13 52.40 -3.15
N THR E 309 1.88 52.78 -2.91
CA THR E 309 1.13 52.22 -1.80
C THR E 309 0.69 50.78 -2.04
N ASN E 310 0.61 50.36 -3.30
CA ASN E 310 0.24 48.99 -3.68
C ASN E 310 1.25 48.49 -4.69
N PRO E 311 2.41 48.03 -4.24
CA PRO E 311 3.51 47.72 -5.16
C PRO E 311 3.49 46.34 -5.79
N THR E 312 2.55 45.48 -5.43
CA THR E 312 2.53 44.11 -5.95
C THR E 312 1.38 43.92 -6.92
N ILE E 313 1.52 42.90 -7.78
CA ILE E 313 0.46 42.55 -8.70
C ILE E 313 -0.78 42.08 -7.93
N ASN E 314 -0.57 41.27 -6.89
CA ASN E 314 -1.69 40.74 -6.12
C ASN E 314 -2.41 41.84 -5.34
N SER E 315 -1.77 43.00 -5.14
CA SER E 315 -2.38 44.07 -4.37
C SER E 315 -3.64 44.59 -5.05
N PHE E 316 -3.61 44.73 -6.38
CA PHE E 316 -4.76 45.27 -7.10
C PHE E 316 -5.90 44.27 -7.21
N LYS E 317 -5.66 42.98 -6.91
CA LYS E 317 -6.77 42.05 -6.79
C LYS E 317 -7.62 42.35 -5.57
N ARG E 318 -7.04 43.00 -4.56
CA ARG E 318 -7.81 43.42 -3.40
C ARG E 318 -8.63 44.66 -3.70
N LEU E 319 -8.13 45.55 -4.56
CA LEU E 319 -8.82 46.79 -4.91
C LEU E 319 -9.87 46.51 -5.99
N VAL E 320 -10.96 45.88 -5.58
CA VAL E 320 -12.09 45.59 -6.44
C VAL E 320 -13.31 46.31 -5.88
N PRO E 321 -14.27 46.72 -6.71
CA PRO E 321 -15.47 47.40 -6.18
C PRO E 321 -16.23 46.54 -5.18
N GLY E 322 -16.58 47.12 -4.04
CA GLY E 322 -17.32 46.41 -3.01
C GLY E 322 -17.80 47.33 -1.90
N TYR E 323 -17.74 46.83 -0.66
CA TYR E 323 -18.13 47.63 0.50
C TYR E 323 -16.98 47.83 1.48
N GLU E 324 -15.82 47.22 1.23
CA GLU E 324 -14.67 47.37 2.11
C GLU E 324 -13.37 47.65 1.39
N ALA E 325 -13.32 47.56 0.06
CA ALA E 325 -12.09 47.79 -0.69
C ALA E 325 -12.17 49.15 -1.36
N PRO E 326 -11.28 50.09 -1.02
CA PRO E 326 -11.34 51.42 -1.64
C PRO E 326 -10.81 51.42 -3.07
N CYS E 327 -11.71 51.51 -4.04
CA CYS E 327 -11.35 51.64 -5.45
C CYS E 327 -11.84 52.95 -6.04
N TYR E 328 -12.24 53.91 -5.21
CA TYR E 328 -12.73 55.21 -5.65
C TYR E 328 -11.88 56.30 -5.01
N ILE E 329 -11.96 57.50 -5.58
CA ILE E 329 -11.23 58.64 -5.03
C ILE E 329 -12.22 59.60 -4.39
N ALA E 330 -12.43 59.45 -3.08
CA ALA E 330 -13.36 60.30 -2.35
C ALA E 330 -13.04 60.22 -0.87
N TRP E 331 -13.52 61.22 -0.13
CA TRP E 331 -13.31 61.28 1.32
C TRP E 331 -14.66 61.48 2.01
N SER E 332 -14.77 60.92 3.20
CA SER E 332 -16.01 61.01 3.97
C SER E 332 -15.72 60.74 5.43
N GLY E 333 -16.68 61.11 6.29
CA GLY E 333 -16.55 60.88 7.71
C GLY E 333 -17.79 60.30 8.34
N LYS E 334 -18.82 60.04 7.54
CA LYS E 334 -20.07 59.51 8.07
C LYS E 334 -20.40 58.14 7.52
N ASN E 335 -20.40 57.98 6.19
CA ASN E 335 -20.80 56.70 5.60
C ASN E 335 -19.74 55.64 5.79
N ARG E 336 -18.48 56.06 5.99
CA ARG E 336 -17.33 55.16 6.06
C ARG E 336 -17.11 54.42 4.75
N SER E 337 -16.11 53.53 4.75
CA SER E 337 -15.59 52.87 3.56
C SER E 337 -15.30 53.81 2.39
N PRO E 338 -14.68 55.00 2.61
CA PRO E 338 -14.20 55.79 1.46
C PRO E 338 -12.75 55.45 1.16
N LEU E 339 -12.15 56.15 0.20
CA LEU E 339 -10.70 56.07 0.05
C LEU E 339 -9.99 56.63 1.28
N VAL E 340 -10.42 57.82 1.72
CA VAL E 340 -9.88 58.48 2.90
C VAL E 340 -11.01 58.71 3.88
N ARG E 341 -10.84 58.20 5.10
CA ARG E 341 -11.86 58.29 6.14
C ARG E 341 -11.33 59.13 7.29
N VAL E 342 -12.19 59.98 7.83
CA VAL E 342 -11.86 60.84 8.98
C VAL E 342 -12.54 60.25 10.20
N PRO E 343 -11.80 59.68 11.15
CA PRO E 343 -12.43 59.12 12.35
C PRO E 343 -13.14 60.19 13.17
N SER E 344 -14.18 59.77 13.88
CA SER E 344 -14.99 60.69 14.66
C SER E 344 -14.23 61.34 15.79
N SER E 345 -13.15 60.72 16.27
CA SER E 345 -12.39 61.28 17.36
C SER E 345 -11.74 62.60 16.95
N ARG E 346 -11.71 63.55 17.89
CA ARG E 346 -11.13 64.86 17.62
C ARG E 346 -10.16 65.27 18.71
N GLY E 347 -9.70 66.52 18.67
CA GLY E 347 -8.71 66.98 19.63
C GLY E 347 -7.31 66.59 19.23
N LEU E 348 -6.51 66.12 20.20
CA LEU E 348 -5.17 65.64 19.89
C LEU E 348 -5.18 64.35 19.10
N SER E 349 -6.33 63.67 19.01
CA SER E 349 -6.45 62.42 18.26
C SER E 349 -6.99 62.63 16.86
N THR E 350 -7.17 63.88 16.44
CA THR E 350 -7.67 64.15 15.09
C THR E 350 -6.69 63.61 14.06
N ARG E 351 -7.22 62.91 13.06
CA ARG E 351 -6.36 62.23 12.09
C ARG E 351 -7.15 61.96 10.82
N LEU E 352 -6.42 61.67 9.75
CA LEU E 352 -6.98 61.26 8.48
C LEU E 352 -6.49 59.86 8.16
N GLU E 353 -7.42 58.96 7.83
CA GLU E 353 -7.09 57.56 7.59
C GLU E 353 -7.11 57.27 6.10
N LEU E 354 -6.04 56.70 5.59
CA LEU E 354 -5.96 56.24 4.22
C LEU E 354 -6.06 54.72 4.20
N ARG E 355 -7.06 54.19 3.49
CA ARG E 355 -7.39 52.78 3.54
C ARG E 355 -6.90 51.99 2.34
N SER E 356 -6.16 52.62 1.42
CA SER E 356 -5.72 51.93 0.21
C SER E 356 -4.36 51.24 0.39
N VAL E 357 -3.72 51.37 1.54
CA VAL E 357 -2.41 50.78 1.74
C VAL E 357 -2.58 49.32 2.16
N ASP E 358 -1.68 48.47 1.69
CA ASP E 358 -1.66 47.04 2.01
C ASP E 358 -0.34 46.67 2.68
N PRO E 359 -0.31 45.58 3.44
CA PRO E 359 0.91 45.26 4.21
C PRO E 359 2.14 45.00 3.35
N SER E 360 1.99 44.64 2.08
CA SER E 360 3.15 44.37 1.25
C SER E 360 3.90 45.63 0.85
N ALA E 361 3.33 46.81 1.09
CA ALA E 361 3.96 48.06 0.70
C ALA E 361 5.15 48.39 1.60
N ASN E 362 6.07 49.17 1.06
CA ASN E 362 7.18 49.68 1.84
C ASN E 362 6.74 50.90 2.64
N PRO E 363 6.76 50.84 3.97
CA PRO E 363 6.26 52.00 4.75
C PRO E 363 7.05 53.28 4.51
N TYR E 364 8.36 53.18 4.31
CA TYR E 364 9.17 54.36 4.09
C TYR E 364 8.74 55.10 2.83
N LEU E 365 8.68 54.40 1.71
CA LEU E 365 8.24 55.01 0.46
C LEU E 365 6.78 55.46 0.56
N ALA E 366 5.95 54.68 1.24
CA ALA E 366 4.53 55.01 1.36
C ALA E 366 4.34 56.37 2.03
N MET E 367 4.93 56.55 3.22
CA MET E 367 4.75 57.85 3.84
C MET E 367 5.60 58.94 3.19
N ALA E 368 6.69 58.60 2.51
CA ALA E 368 7.41 59.62 1.75
C ALA E 368 6.51 60.25 0.71
N VAL E 369 5.87 59.41 -0.12
CA VAL E 369 5.00 59.94 -1.16
C VAL E 369 3.76 60.59 -0.56
N LEU E 370 3.21 60.00 0.52
CA LEU E 370 2.03 60.59 1.15
C LEU E 370 2.33 61.97 1.71
N LEU E 371 3.44 62.08 2.46
CA LEU E 371 3.78 63.39 3.09
C LEU E 371 3.96 64.42 1.97
N LYS E 372 4.69 64.07 0.91
CA LYS E 372 4.92 64.99 -0.22
C LYS E 372 3.57 65.45 -0.79
N ALA E 373 2.69 64.50 -1.14
CA ALA E 373 1.38 64.84 -1.72
C ALA E 373 0.60 65.77 -0.77
N GLY E 374 0.45 65.37 0.50
CA GLY E 374 -0.30 66.19 1.47
C GLY E 374 0.29 67.57 1.64
N LEU E 375 1.63 67.67 1.76
CA LEU E 375 2.30 68.98 1.95
C LEU E 375 2.14 69.83 0.70
N SER E 376 2.20 69.21 -0.48
CA SER E 376 1.96 69.96 -1.75
C SER E 376 0.55 70.55 -1.73
N GLY E 377 -0.44 69.79 -1.24
CA GLY E 377 -1.81 70.30 -1.12
C GLY E 377 -1.87 71.50 -0.19
N ILE E 378 -1.07 71.50 0.88
CA ILE E 378 -1.02 72.65 1.83
C ILE E 378 -0.35 73.84 1.12
N LYS E 379 0.80 73.62 0.48
CA LYS E 379 1.53 74.70 -0.23
C LYS E 379 0.59 75.34 -1.27
N ASP E 380 -0.10 74.51 -2.06
CA ASP E 380 -0.99 75.02 -3.10
C ASP E 380 -2.33 75.49 -2.54
N GLU E 381 -2.61 75.23 -1.27
CA GLU E 381 -3.87 75.63 -0.64
C GLU E 381 -5.08 75.12 -1.41
N LEU E 382 -4.99 73.87 -1.87
CA LEU E 382 -6.06 73.27 -2.65
C LEU E 382 -7.29 73.05 -1.78
N THR E 383 -8.47 73.28 -2.37
CA THR E 383 -9.73 73.05 -1.69
C THR E 383 -10.21 71.64 -1.99
N PRO E 384 -10.44 70.80 -0.97
CA PRO E 384 -10.85 69.43 -1.24
C PRO E 384 -12.26 69.37 -1.77
N PRO E 385 -12.62 68.34 -2.52
CA PRO E 385 -14.00 68.20 -2.99
C PRO E 385 -14.93 67.89 -1.84
N ALA E 386 -16.20 68.18 -2.06
CA ALA E 386 -17.21 67.96 -1.04
C ALA E 386 -17.30 66.48 -0.70
N PRO E 387 -17.42 66.12 0.58
CA PRO E 387 -17.50 64.70 0.95
C PRO E 387 -18.78 64.07 0.42
N VAL E 388 -18.69 62.77 0.15
CA VAL E 388 -19.83 61.99 -0.33
C VAL E 388 -20.21 60.98 0.74
N ASP E 389 -21.48 60.99 1.13
CA ASP E 389 -21.97 60.04 2.14
C ASP E 389 -23.10 59.17 1.57
N ARG E 390 -23.18 59.05 0.24
CA ARG E 390 -24.26 58.32 -0.41
C ARG E 390 -23.88 56.87 -0.73
N ASN E 391 -22.94 56.29 0.02
CA ASN E 391 -22.60 54.89 -0.14
C ASN E 391 -22.18 54.57 -1.55
N ILE E 392 -21.02 55.07 -1.99
CA ILE E 392 -20.71 55.09 -3.41
C ILE E 392 -20.29 53.70 -3.87
N TYR E 393 -21.29 52.85 -4.10
CA TYR E 393 -21.12 51.54 -4.73
C TYR E 393 -22.23 51.30 -5.75
N GLY E 394 -23.36 51.98 -5.58
CA GLY E 394 -24.56 51.67 -6.34
C GLY E 394 -24.96 52.69 -7.38
N MET E 395 -24.51 53.92 -7.23
CA MET E 395 -24.87 54.96 -8.18
C MET E 395 -24.34 54.62 -9.57
N ASN E 396 -25.07 55.04 -10.59
CA ASN E 396 -24.72 54.73 -11.97
C ASN E 396 -23.42 55.42 -12.36
N GLU E 397 -22.83 54.95 -13.46
CA GLU E 397 -21.57 55.53 -13.93
C GLU E 397 -21.72 57.00 -14.26
N GLU E 398 -22.88 57.41 -14.77
CA GLU E 398 -23.13 58.82 -14.99
C GLU E 398 -23.15 59.59 -13.68
N GLU E 399 -23.76 59.00 -12.64
CA GLU E 399 -23.79 59.66 -11.34
C GLU E 399 -22.39 59.80 -10.76
N ARG E 400 -21.56 58.76 -10.90
CA ARG E 400 -20.18 58.86 -10.43
C ARG E 400 -19.40 59.90 -11.22
N GLU E 401 -19.63 59.96 -12.54
CA GLU E 401 -18.94 60.94 -13.36
C GLU E 401 -19.40 62.36 -13.07
N ALA E 402 -20.67 62.53 -12.69
CA ALA E 402 -21.16 63.87 -12.36
C ALA E 402 -20.42 64.44 -11.16
N THR E 403 -20.22 63.62 -10.13
CA THR E 403 -19.40 64.00 -8.98
C THR E 403 -17.93 63.78 -9.34
N GLY E 404 -17.03 64.33 -8.52
CA GLY E 404 -15.61 64.17 -8.76
C GLY E 404 -15.07 62.82 -8.34
N ILE E 405 -15.91 61.79 -8.41
CA ILE E 405 -15.52 60.44 -8.06
C ILE E 405 -14.74 59.83 -9.22
N TYR E 406 -13.55 59.31 -8.93
CA TYR E 406 -12.72 58.65 -9.92
C TYR E 406 -12.19 57.34 -9.35
N ASP E 407 -11.87 56.41 -10.25
CA ASP E 407 -11.41 55.09 -9.84
C ASP E 407 -9.89 55.06 -9.79
N LEU E 408 -9.37 54.29 -8.83
CA LEU E 408 -7.94 54.05 -8.75
C LEU E 408 -7.52 53.13 -9.91
N PRO E 409 -6.22 53.14 -10.26
CA PRO E 409 -5.76 52.23 -11.32
C PRO E 409 -6.09 50.78 -11.00
N GLU E 410 -6.55 50.07 -12.02
CA GLU E 410 -7.02 48.70 -11.85
C GLU E 410 -5.92 47.66 -12.01
N SER E 411 -4.72 48.06 -12.40
CA SER E 411 -3.63 47.12 -12.62
C SER E 411 -2.31 47.82 -12.33
N LEU E 412 -1.27 47.01 -12.13
CA LEU E 412 0.04 47.56 -11.81
C LEU E 412 0.60 48.39 -12.96
N GLY E 413 0.32 48.00 -14.21
CA GLY E 413 0.84 48.76 -15.33
C GLY E 413 0.27 50.17 -15.41
N HIS E 414 -1.03 50.31 -15.20
CA HIS E 414 -1.64 51.63 -15.21
C HIS E 414 -1.12 52.49 -14.06
N ALA E 415 -0.91 51.88 -12.89
CA ALA E 415 -0.33 52.61 -11.77
C ALA E 415 1.09 53.06 -12.07
N LEU E 416 1.87 52.21 -12.74
CA LEU E 416 3.21 52.60 -13.14
C LEU E 416 3.19 53.75 -14.14
N ILE E 417 2.23 53.72 -15.07
CA ILE E 417 2.08 54.82 -16.02
C ILE E 417 1.75 56.11 -15.28
N GLU E 418 0.85 56.02 -14.29
CA GLU E 418 0.51 57.20 -13.50
C GLU E 418 1.72 57.73 -12.74
N LEU E 419 2.55 56.83 -12.19
CA LEU E 419 3.79 57.26 -11.55
C LEU E 419 4.69 57.98 -12.54
N GLU E 420 4.85 57.41 -13.74
CA GLU E 420 5.71 58.03 -14.75
C GLU E 420 5.17 59.38 -15.19
N LYS E 421 3.86 59.59 -15.08
CA LYS E 421 3.29 60.89 -15.45
C LYS E 421 3.44 61.91 -14.34
N ASN E 422 3.14 61.53 -13.10
CA ASN E 422 3.20 62.47 -11.99
C ASN E 422 4.64 62.85 -11.67
N GLU E 423 4.84 64.13 -11.37
CA GLU E 423 6.16 64.66 -11.08
C GLU E 423 6.41 64.91 -9.60
N ILE E 424 5.37 65.30 -8.85
CA ILE E 424 5.54 65.55 -7.42
C ILE E 424 5.93 64.28 -6.68
N ILE E 425 5.29 63.16 -7.04
CA ILE E 425 5.62 61.88 -6.41
C ILE E 425 7.05 61.48 -6.75
N LYS E 426 7.51 61.80 -7.96
CA LYS E 426 8.90 61.54 -8.32
C LYS E 426 9.85 62.31 -7.41
N ASP E 427 9.54 63.58 -7.13
CA ASP E 427 10.36 64.35 -6.21
C ASP E 427 10.33 63.77 -4.80
N GLY E 428 9.15 63.33 -4.36
CA GLY E 428 9.05 62.72 -3.05
C GLY E 428 9.84 61.43 -2.93
N LEU E 429 9.89 60.65 -4.00
CA LEU E 429 10.65 59.40 -4.02
C LEU E 429 12.14 59.59 -4.25
N GLY E 430 12.55 60.74 -4.77
CA GLY E 430 13.91 60.91 -5.22
C GLY E 430 14.12 60.30 -6.59
N GLU E 431 15.33 60.46 -7.11
CA GLU E 431 15.65 59.91 -8.43
C GLU E 431 15.93 58.42 -8.36
N HIS E 432 17.01 58.04 -7.66
CA HIS E 432 17.50 56.67 -7.67
C HIS E 432 16.39 55.68 -7.31
N ILE E 433 15.66 55.98 -6.23
CA ILE E 433 14.55 55.12 -5.82
C ILE E 433 13.51 55.05 -6.92
N PHE E 434 13.24 56.18 -7.58
CA PHE E 434 12.21 56.19 -8.63
C PHE E 434 12.60 55.27 -9.78
N GLU E 435 13.79 55.42 -10.33
CA GLU E 435 14.18 54.58 -11.46
C GLU E 435 14.28 53.11 -11.06
N HIS E 436 14.82 52.84 -9.87
CA HIS E 436 14.93 51.44 -9.45
C HIS E 436 13.56 50.80 -9.25
N PHE E 437 12.63 51.53 -8.63
CA PHE E 437 11.28 51.03 -8.46
C PHE E 437 10.60 50.79 -9.80
N ILE E 438 10.75 51.74 -10.73
CA ILE E 438 10.14 51.60 -12.05
C ILE E 438 10.70 50.39 -12.77
N GLU E 439 12.02 50.21 -12.73
CA GLU E 439 12.64 49.07 -13.42
C GLU E 439 12.17 47.76 -12.83
N ALA E 440 12.20 47.64 -11.49
CA ALA E 440 11.80 46.39 -10.85
C ALA E 440 10.33 46.07 -11.12
N LYS E 441 9.45 47.08 -11.03
CA LYS E 441 8.04 46.85 -11.22
C LYS E 441 7.72 46.52 -12.68
N THR E 442 8.42 47.16 -13.62
CA THR E 442 8.21 46.82 -15.03
C THR E 442 8.67 45.40 -15.32
N ILE E 443 9.80 44.98 -14.74
CA ILE E 443 10.26 43.60 -14.92
C ILE E 443 9.25 42.62 -14.36
N GLU E 444 8.74 42.91 -13.16
CA GLU E 444 7.76 42.02 -12.53
C GLU E 444 6.47 41.94 -13.35
N CYS E 445 6.01 43.09 -13.86
CA CYS E 445 4.80 43.11 -14.68
C CYS E 445 5.00 42.34 -15.97
N ASP E 446 6.17 42.48 -16.60
CA ASP E 446 6.45 41.74 -17.81
C ASP E 446 6.50 40.24 -17.55
N MET E 447 7.07 39.84 -16.41
CA MET E 447 7.08 38.44 -16.04
C MET E 447 5.67 37.91 -15.85
N PHE E 448 4.81 38.68 -15.18
CA PHE E 448 3.43 38.26 -15.00
C PHE E 448 2.68 38.18 -16.32
N ARG E 449 2.95 39.12 -17.22
CA ARG E 449 2.20 39.19 -18.47
C ARG E 449 2.47 37.98 -19.36
N THR E 450 3.72 37.54 -19.44
CA THR E 450 4.09 36.47 -20.35
C THR E 450 3.83 35.08 -19.77
N ALA E 451 3.47 34.97 -18.49
CA ALA E 451 3.22 33.68 -17.88
C ALA E 451 1.88 33.11 -18.34
N VAL E 452 1.79 31.78 -18.32
CA VAL E 452 0.56 31.06 -18.63
C VAL E 452 0.04 30.45 -17.35
N HIS E 453 -1.20 30.78 -17.01
CA HIS E 453 -1.79 30.39 -15.74
C HIS E 453 -2.76 29.23 -15.92
N PRO E 454 -2.96 28.42 -14.87
CA PRO E 454 -3.91 27.31 -14.98
C PRO E 454 -5.34 27.75 -15.24
N TRP E 455 -5.63 29.03 -14.99
CA TRP E 455 -6.97 29.59 -15.30
C TRP E 455 -7.21 29.49 -16.80
N GLU E 456 -6.27 29.98 -17.61
CA GLU E 456 -6.41 29.96 -19.09
C GLU E 456 -6.68 28.53 -19.56
N ARG E 457 -5.89 27.56 -19.08
CA ARG E 457 -6.07 26.14 -19.49
C ARG E 457 -7.49 25.69 -19.17
N GLU E 458 -7.95 25.86 -17.92
CA GLU E 458 -9.29 25.37 -17.52
C GLU E 458 -10.39 26.11 -18.31
N GLN E 459 -10.07 27.26 -18.93
CA GLN E 459 -11.12 28.06 -19.61
C GLN E 459 -11.08 27.90 -21.13
N TYR E 460 -9.95 27.48 -21.71
CA TYR E 460 -9.85 27.45 -23.19
C TYR E 460 -9.30 26.10 -23.73
N LEU E 461 -8.66 25.29 -22.90
CA LEU E 461 -8.03 24.04 -23.42
C LEU E 461 -9.09 23.12 -24.02
N GLU E 462 -10.10 22.74 -23.22
CA GLU E 462 -11.16 21.81 -23.70
C GLU E 462 -12.15 22.57 -24.60
N ILE E 463 -12.42 23.84 -24.28
CA ILE E 463 -13.39 24.65 -25.06
C ILE E 463 -12.85 24.88 -26.48
N TYR E 464 -11.61 25.36 -26.60
CA TYR E 464 -10.97 25.56 -27.93
C TYR E 464 -9.91 24.48 -28.14
N ALA F 22 -24.69 3.83 63.47
CA ALA F 22 -24.26 5.15 63.03
C ALA F 22 -22.74 5.22 62.91
N LYS F 23 -22.21 4.67 61.82
CA LYS F 23 -20.77 4.69 61.59
C LYS F 23 -20.27 6.12 61.38
N TYR F 24 -21.04 6.93 60.65
CA TYR F 24 -20.67 8.31 60.36
C TYR F 24 -21.85 9.23 60.64
N THR F 25 -21.55 10.49 60.87
CA THR F 25 -22.55 11.54 61.07
C THR F 25 -22.30 12.66 60.06
N LYS F 26 -23.19 13.66 60.07
CA LYS F 26 -23.06 14.81 59.14
C LYS F 26 -21.72 15.51 59.38
N GLU F 27 -21.40 15.79 60.65
CA GLU F 27 -20.16 16.50 60.96
C GLU F 27 -18.95 15.70 60.51
N ASP F 28 -19.00 14.38 60.65
CA ASP F 28 -17.90 13.55 60.19
C ASP F 28 -17.73 13.65 58.67
N ILE F 29 -18.85 13.63 57.94
CA ILE F 29 -18.80 13.74 56.46
C ILE F 29 -18.19 15.09 56.09
N PHE F 30 -18.62 16.17 56.75
CA PHE F 30 -18.09 17.52 56.47
C PHE F 30 -16.59 17.55 56.77
N ARG F 31 -16.16 16.98 57.89
CA ARG F 31 -14.75 16.96 58.25
C ARG F 31 -13.93 16.18 57.23
N PHE F 32 -14.44 15.03 56.77
CA PHE F 32 -13.74 14.25 55.77
C PHE F 32 -13.60 15.05 54.47
N ALA F 33 -14.68 15.67 54.02
CA ALA F 33 -14.64 16.47 52.81
C ALA F 33 -13.65 17.62 52.95
N ASP F 34 -13.51 18.16 54.16
CA ASP F 34 -12.56 19.25 54.38
C ASP F 34 -11.12 18.75 54.40
N GLU F 35 -10.87 17.57 54.97
CA GLU F 35 -9.50 17.19 55.26
C GLU F 35 -8.86 16.34 54.17
N GLN F 36 -9.64 15.57 53.40
CA GLN F 36 -9.07 15.04 52.17
C GLN F 36 -9.39 15.90 50.96
N ASN F 37 -10.09 17.02 51.16
CA ASN F 37 -10.27 18.06 50.15
C ASN F 37 -10.90 17.50 48.88
N VAL F 38 -12.10 16.97 49.03
CA VAL F 38 -12.87 16.48 47.90
C VAL F 38 -13.56 17.67 47.26
N LYS F 39 -13.64 17.66 45.93
CA LYS F 39 -14.34 18.69 45.19
C LYS F 39 -15.42 18.13 44.28
N PHE F 40 -15.55 16.82 44.18
CA PHE F 40 -16.54 16.19 43.31
C PHE F 40 -17.19 15.05 44.09
N ILE F 41 -18.52 15.02 44.08
CA ILE F 41 -19.27 14.02 44.85
C ILE F 41 -20.29 13.37 43.92
N ARG F 42 -20.31 12.04 43.92
CA ARG F 42 -21.22 11.26 43.10
C ARG F 42 -22.28 10.66 44.01
N LEU F 43 -23.51 11.17 43.90
CA LEU F 43 -24.66 10.58 44.60
C LEU F 43 -25.22 9.47 43.71
N GLN F 44 -24.80 8.25 43.95
CA GLN F 44 -25.05 7.14 43.04
C GLN F 44 -26.13 6.22 43.57
N PHE F 45 -26.84 5.58 42.64
CA PHE F 45 -27.93 4.68 42.94
C PHE F 45 -28.02 3.65 41.81
N THR F 46 -28.93 2.69 41.96
CA THR F 46 -29.06 1.59 41.02
C THR F 46 -30.51 1.51 40.56
N ASP F 47 -30.71 1.31 39.25
CA ASP F 47 -32.03 1.18 38.68
C ASP F 47 -32.47 -0.29 38.72
N ILE F 48 -33.60 -0.59 38.09
CA ILE F 48 -34.10 -1.97 38.06
C ILE F 48 -33.15 -2.86 37.27
N LEU F 49 -32.63 -2.35 36.15
CA LEU F 49 -31.77 -3.20 35.26
C LEU F 49 -30.40 -3.45 35.90
N GLY F 50 -30.06 -2.78 37.00
CA GLY F 50 -28.78 -2.97 37.63
C GLY F 50 -27.70 -2.00 37.20
N ILE F 51 -28.01 -1.07 36.29
CA ILE F 51 -27.01 -0.11 35.83
C ILE F 51 -26.76 0.92 36.93
N ILE F 52 -25.49 1.18 37.20
CA ILE F 52 -25.11 2.16 38.21
C ILE F 52 -25.36 3.56 37.64
N LYS F 53 -26.20 4.33 38.32
CA LYS F 53 -26.53 5.69 37.93
C LYS F 53 -26.21 6.64 39.07
N ASN F 54 -25.95 7.90 38.71
CA ASN F 54 -25.57 8.89 39.70
C ASN F 54 -25.92 10.28 39.22
N VAL F 55 -25.96 11.22 40.16
CA VAL F 55 -25.94 12.64 39.87
C VAL F 55 -24.70 13.22 40.52
N GLU F 56 -24.06 14.14 39.81
CA GLU F 56 -22.74 14.64 40.19
C GLU F 56 -22.85 16.10 40.62
N ILE F 57 -22.42 16.37 41.85
CA ILE F 57 -22.57 17.71 42.43
C ILE F 57 -21.22 18.19 42.94
N PRO F 58 -20.98 19.50 43.00
CA PRO F 58 -19.76 20.01 43.63
C PRO F 58 -19.82 19.87 45.14
N VAL F 59 -18.64 20.00 45.76
CA VAL F 59 -18.57 19.88 47.22
C VAL F 59 -19.30 21.03 47.89
N SER F 60 -19.53 22.14 47.18
CA SER F 60 -20.26 23.26 47.77
C SER F 60 -21.71 22.91 48.03
N GLN F 61 -22.25 21.91 47.33
CA GLN F 61 -23.62 21.46 47.51
C GLN F 61 -23.73 20.29 48.48
N LEU F 62 -22.64 19.99 49.21
CA LEU F 62 -22.66 18.85 50.18
C LEU F 62 -23.75 19.12 51.23
N LYS F 63 -23.90 20.38 51.64
CA LYS F 63 -24.93 20.74 52.65
C LYS F 63 -26.31 20.33 52.12
N LYS F 64 -26.65 20.73 50.89
CA LYS F 64 -28.00 20.41 50.31
C LYS F 64 -28.19 18.90 50.25
N ALA F 65 -27.15 18.15 49.86
CA ALA F 65 -27.25 16.67 49.79
C ALA F 65 -27.57 16.11 51.19
N LEU F 66 -26.86 16.58 52.21
CA LEU F 66 -27.08 16.11 53.61
C LEU F 66 -28.48 16.55 54.09
N ASP F 67 -29.00 17.65 53.56
CA ASP F 67 -30.34 18.16 53.97
C ASP F 67 -31.45 17.39 53.26
N ASN F 68 -31.09 16.44 52.39
CA ASN F 68 -32.09 15.59 51.68
C ASN F 68 -33.02 16.49 50.85
N LYS F 69 -32.45 17.49 50.17
CA LYS F 69 -33.21 18.42 49.34
C LYS F 69 -32.81 18.37 47.88
N ILE F 70 -32.16 17.30 47.43
CA ILE F 70 -31.70 17.21 46.05
C ILE F 70 -32.79 16.56 45.21
N MET F 71 -33.24 17.27 44.16
CA MET F 71 -34.17 16.72 43.20
C MET F 71 -33.42 16.07 42.05
N PHE F 72 -34.08 15.12 41.39
CA PHE F 72 -33.57 14.53 40.17
C PHE F 72 -34.74 13.91 39.42
N ASP F 73 -34.53 13.68 38.13
CA ASP F 73 -35.58 13.10 37.27
C ASP F 73 -35.80 11.65 37.69
N GLY F 74 -36.91 11.38 38.37
CA GLY F 74 -37.14 10.07 38.94
C GLY F 74 -37.48 9.00 37.92
N SER F 75 -37.84 9.39 36.70
CA SER F 75 -38.13 8.40 35.67
C SER F 75 -36.87 7.71 35.18
N SER F 76 -35.68 8.21 35.56
CA SER F 76 -34.44 7.60 35.12
C SER F 76 -34.29 6.18 35.66
N ILE F 77 -34.66 5.96 36.93
CA ILE F 77 -34.50 4.64 37.52
C ILE F 77 -35.46 3.63 36.88
N GLU F 78 -36.54 4.10 36.26
CA GLU F 78 -37.43 3.19 35.56
C GLU F 78 -36.81 2.57 34.33
N GLY F 79 -35.67 3.09 33.87
CA GLY F 79 -34.99 2.53 32.71
C GLY F 79 -35.41 3.20 31.41
N PHE F 80 -35.37 2.44 30.32
CA PHE F 80 -35.75 2.95 29.02
C PHE F 80 -37.26 2.99 28.82
N VAL F 81 -38.04 2.47 29.76
CA VAL F 81 -39.49 2.42 29.65
C VAL F 81 -40.10 3.62 30.37
N ARG F 82 -39.28 4.63 30.65
CA ARG F 82 -39.77 5.84 31.28
C ARG F 82 -40.74 6.56 30.35
N ILE F 83 -41.85 7.03 30.92
CA ILE F 83 -42.89 7.71 30.15
C ILE F 83 -43.12 9.10 30.72
N GLU F 84 -43.49 9.17 32.00
CA GLU F 84 -43.82 10.42 32.66
C GLU F 84 -42.67 10.83 33.57
N GLU F 85 -42.19 12.06 33.39
CA GLU F 85 -41.15 12.60 34.26
C GLU F 85 -41.74 12.92 35.63
N SER F 86 -41.00 12.56 36.68
CA SER F 86 -41.42 12.84 38.05
C SER F 86 -40.20 13.22 38.88
N ASP F 87 -40.25 14.36 39.54
CA ASP F 87 -39.16 14.79 40.41
C ASP F 87 -39.28 14.10 41.76
N MET F 88 -38.16 13.63 42.29
CA MET F 88 -38.18 12.92 43.56
C MET F 88 -36.82 13.04 44.24
N TYR F 89 -36.83 12.84 45.56
CA TYR F 89 -35.66 13.14 46.38
C TYR F 89 -34.59 12.06 46.23
N LEU F 90 -33.42 12.35 46.81
CA LEU F 90 -32.24 11.50 46.68
C LEU F 90 -31.57 11.33 48.04
N PHE F 91 -32.35 10.96 49.06
CA PHE F 91 -31.86 10.72 50.41
C PHE F 91 -30.61 9.83 50.41
N PRO F 92 -29.47 10.35 50.82
CA PRO F 92 -28.23 9.56 50.82
C PRO F 92 -28.04 8.76 52.10
N ASP F 93 -27.03 7.90 52.07
CA ASP F 93 -26.65 7.07 53.21
C ASP F 93 -25.26 7.46 53.67
N LEU F 94 -25.10 7.78 54.96
CA LEU F 94 -23.80 8.28 55.46
C LEU F 94 -22.77 7.17 55.57
N ASP F 95 -23.18 5.94 55.87
CA ASP F 95 -22.22 4.87 56.10
C ASP F 95 -21.47 4.46 54.84
N THR F 96 -21.89 4.93 53.67
CA THR F 96 -21.27 4.56 52.41
C THR F 96 -20.36 5.66 51.86
N TRP F 97 -19.80 6.50 52.73
CA TRP F 97 -18.89 7.54 52.28
C TRP F 97 -17.54 6.93 51.91
N VAL F 98 -17.17 7.04 50.64
CA VAL F 98 -15.94 6.45 50.12
C VAL F 98 -15.28 7.47 49.21
N VAL F 99 -13.97 7.64 49.36
CA VAL F 99 -13.19 8.57 48.54
C VAL F 99 -12.30 7.76 47.60
N PHE F 100 -12.44 8.01 46.30
CA PHE F 100 -11.63 7.31 45.31
C PHE F 100 -10.21 7.86 45.30
N PRO F 101 -9.21 7.01 45.12
CA PRO F 101 -7.83 7.50 45.06
C PRO F 101 -7.38 7.96 43.68
N TRP F 102 -7.99 7.42 42.62
CA TRP F 102 -7.57 7.75 41.26
C TRP F 102 -8.25 9.06 40.82
N THR F 103 -7.88 10.13 41.50
CA THR F 103 -8.46 11.45 41.23
C THR F 103 -7.43 12.52 40.92
N ALA F 104 -6.16 12.18 40.79
CA ALA F 104 -5.07 13.12 40.51
C ALA F 104 -5.04 14.16 41.64
N GLU F 105 -4.63 15.39 41.32
CA GLU F 105 -4.51 16.44 42.31
C GLU F 105 -5.62 17.47 42.25
N LYS F 106 -6.36 17.54 41.14
CA LYS F 106 -7.45 18.51 41.00
C LYS F 106 -8.72 18.01 41.69
N GLY F 107 -8.64 17.95 43.02
CA GLY F 107 -9.79 17.56 43.82
C GLY F 107 -10.06 16.07 43.83
N LYS F 108 -10.48 15.55 44.97
CA LYS F 108 -10.83 14.14 45.09
C LYS F 108 -12.27 13.91 44.65
N VAL F 109 -12.63 12.64 44.54
CA VAL F 109 -13.99 12.23 44.18
C VAL F 109 -14.51 11.28 45.26
N ALA F 110 -15.75 11.50 45.67
CA ALA F 110 -16.38 10.67 46.69
C ALA F 110 -17.75 10.23 46.19
N ARG F 111 -18.22 9.10 46.71
CA ARG F 111 -19.51 8.56 46.34
C ARG F 111 -20.30 8.22 47.59
N MET F 112 -21.63 8.29 47.46
CA MET F 112 -22.54 7.97 48.55
C MET F 112 -23.75 7.26 47.97
N ILE F 113 -24.05 6.06 48.46
CA ILE F 113 -25.23 5.34 48.01
C ILE F 113 -26.47 6.05 48.55
N CYS F 114 -27.40 6.36 47.65
CA CYS F 114 -28.56 7.18 48.00
C CYS F 114 -29.84 6.39 47.82
N ASP F 115 -30.75 6.54 48.79
CA ASP F 115 -32.08 5.97 48.68
C ASP F 115 -32.97 6.90 47.85
N ILE F 116 -33.95 6.30 47.19
CA ILE F 116 -34.90 7.03 46.36
C ILE F 116 -36.16 7.25 47.17
N TYR F 117 -36.58 8.51 47.29
CA TYR F 117 -37.74 8.88 48.09
C TYR F 117 -38.71 9.71 47.26
N ASN F 118 -40.00 9.46 47.45
CA ASN F 118 -41.02 10.27 46.82
C ASN F 118 -41.05 11.66 47.45
N PRO F 119 -41.61 12.65 46.76
CA PRO F 119 -41.66 14.01 47.32
C PRO F 119 -42.45 14.11 48.63
N ASP F 120 -43.28 13.12 48.95
CA ASP F 120 -44.06 13.13 50.18
C ASP F 120 -43.35 12.40 51.33
N MET F 121 -42.02 12.39 51.33
CA MET F 121 -41.23 11.77 52.41
C MET F 121 -41.53 10.29 52.57
N THR F 122 -41.78 9.60 51.46
CA THR F 122 -41.98 8.16 51.49
C THR F 122 -41.02 7.49 50.50
N PRO F 123 -40.42 6.37 50.88
CA PRO F 123 -39.51 5.67 49.96
C PRO F 123 -40.26 5.21 48.71
N PHE F 124 -39.58 5.31 47.57
CA PHE F 124 -40.19 4.92 46.31
C PHE F 124 -40.36 3.41 46.25
N ALA F 125 -41.52 2.96 45.76
CA ALA F 125 -41.78 1.53 45.66
C ALA F 125 -40.89 0.87 44.62
N GLY F 126 -40.46 1.63 43.61
CA GLY F 126 -39.63 1.09 42.55
C GLY F 126 -38.15 1.04 42.82
N ASP F 127 -37.70 1.46 44.01
CA ASP F 127 -36.29 1.43 44.33
C ASP F 127 -35.90 0.04 44.82
N PRO F 128 -34.96 -0.65 44.16
CA PRO F 128 -34.55 -1.98 44.65
C PRO F 128 -34.01 -1.96 46.07
N ARG F 129 -33.27 -0.92 46.44
CA ARG F 129 -32.73 -0.84 47.79
C ARG F 129 -33.83 -0.73 48.83
N ALA F 130 -34.86 0.07 48.55
CA ALA F 130 -35.98 0.18 49.48
C ALA F 130 -36.72 -1.15 49.59
N ASN F 131 -36.87 -1.86 48.47
CA ASN F 131 -37.51 -3.18 48.51
C ASN F 131 -36.71 -4.16 49.36
N LEU F 132 -35.37 -4.15 49.21
CA LEU F 132 -34.54 -5.01 50.03
C LEU F 132 -34.65 -4.64 51.50
N LYS F 133 -34.72 -3.34 51.80
CA LYS F 133 -34.89 -2.91 53.19
C LYS F 133 -36.22 -3.38 53.75
N ARG F 134 -37.28 -3.34 52.94
CA ARG F 134 -38.58 -3.82 53.39
C ARG F 134 -38.54 -5.32 53.67
N VAL F 135 -37.90 -6.09 52.79
CA VAL F 135 -37.78 -7.52 53.01
C VAL F 135 -36.98 -7.82 54.26
N LEU F 136 -35.91 -7.05 54.48
CA LEU F 136 -35.12 -7.23 55.70
C LEU F 136 -35.92 -6.86 56.94
N LYS F 137 -36.79 -5.85 56.84
CA LYS F 137 -37.68 -5.52 57.94
C LYS F 137 -38.63 -6.67 58.23
N GLU F 138 -39.15 -7.31 57.19
CA GLU F 138 -39.99 -8.50 57.39
C GLU F 138 -39.21 -9.60 58.09
N MET F 139 -37.96 -9.82 57.67
CA MET F 139 -37.12 -10.81 58.34
C MET F 139 -36.94 -10.49 59.81
N GLU F 140 -36.61 -9.23 60.11
CA GLU F 140 -36.34 -8.84 61.48
C GLU F 140 -37.58 -8.97 62.35
N GLU F 141 -38.74 -8.55 61.86
CA GLU F 141 -39.96 -8.72 62.63
C GLU F 141 -40.37 -10.18 62.75
N LEU F 142 -39.86 -11.04 61.86
CA LEU F 142 -40.14 -12.49 61.97
C LEU F 142 -39.32 -13.10 63.11
N GLY F 143 -38.12 -12.56 63.37
CA GLY F 143 -37.33 -13.03 64.49
C GLY F 143 -35.82 -13.10 64.28
N PHE F 144 -35.40 -12.87 63.04
CA PHE F 144 -33.95 -12.94 62.72
C PHE F 144 -33.31 -11.56 62.88
N THR F 145 -31.98 -11.52 62.85
CA THR F 145 -31.25 -10.28 63.04
C THR F 145 -30.65 -9.75 61.74
N GLU F 146 -29.89 -10.57 61.03
CA GLU F 146 -29.21 -10.12 59.82
C GLU F 146 -29.14 -11.26 58.82
N PHE F 147 -28.90 -10.89 57.56
CA PHE F 147 -28.80 -11.82 56.43
C PHE F 147 -27.44 -11.62 55.78
N ASN F 148 -26.43 -12.31 56.27
CA ASN F 148 -25.08 -12.17 55.76
C ASN F 148 -24.94 -12.77 54.37
N LEU F 149 -24.12 -12.14 53.53
CA LEU F 149 -23.85 -12.62 52.18
C LEU F 149 -22.37 -12.48 51.86
N GLY F 150 -21.82 -13.51 51.22
CA GLY F 150 -20.51 -13.41 50.62
C GLY F 150 -20.56 -13.82 49.16
N PRO F 151 -20.35 -12.87 48.25
CA PRO F 151 -20.39 -13.17 46.83
C PRO F 151 -19.02 -13.52 46.26
N GLU F 152 -19.06 -14.24 45.13
CA GLU F 152 -17.84 -14.65 44.42
C GLU F 152 -17.99 -14.30 42.95
N PRO F 153 -17.93 -13.03 42.60
CA PRO F 153 -18.10 -12.62 41.21
C PRO F 153 -16.91 -13.02 40.33
N GLU F 154 -17.21 -13.24 39.06
CA GLU F 154 -16.20 -13.54 38.06
C GLU F 154 -16.37 -12.60 36.87
N PHE F 155 -15.26 -12.13 36.32
CA PHE F 155 -15.29 -11.16 35.24
C PHE F 155 -14.27 -11.52 34.18
N PHE F 156 -14.50 -11.03 32.97
CA PHE F 156 -13.62 -11.25 31.84
C PHE F 156 -12.88 -9.95 31.48
N LEU F 157 -11.68 -10.11 30.93
CA LEU F 157 -10.87 -8.98 30.50
C LEU F 157 -10.53 -9.14 29.03
N PHE F 158 -10.84 -8.13 28.23
CA PHE F 158 -10.65 -8.15 26.80
C PHE F 158 -9.73 -7.02 26.37
N LYS F 159 -8.86 -7.29 25.41
CA LYS F 159 -7.93 -6.28 24.92
C LYS F 159 -8.66 -5.26 24.07
N LEU F 160 -8.41 -3.98 24.34
CA LEU F 160 -9.01 -2.92 23.56
C LEU F 160 -8.35 -2.80 22.19
N ASP F 161 -9.09 -2.23 21.25
CA ASP F 161 -8.59 -2.04 19.89
C ASP F 161 -7.89 -0.69 19.79
N GLU F 162 -7.53 -0.29 18.57
CA GLU F 162 -6.87 1.00 18.37
C GLU F 162 -7.80 2.15 18.73
N ASN F 163 -9.09 2.02 18.43
CA ASN F 163 -10.08 3.05 18.73
C ASN F 163 -10.70 2.89 20.10
N ARG F 164 -9.99 2.28 21.05
CA ARG F 164 -10.49 2.04 22.40
C ARG F 164 -11.79 1.24 22.39
N ARG F 165 -11.83 0.23 21.53
CA ARG F 165 -12.99 -0.65 21.42
C ARG F 165 -12.61 -2.07 21.82
N PRO F 166 -13.49 -2.77 22.51
CA PRO F 166 -13.16 -4.15 22.92
C PRO F 166 -13.01 -5.06 21.72
N THR F 167 -12.12 -6.04 21.87
CA THR F 167 -11.91 -7.08 20.87
C THR F 167 -12.34 -8.43 21.45
N LEU F 168 -12.16 -9.48 20.66
CA LEU F 168 -12.51 -10.82 21.07
C LEU F 168 -11.31 -11.60 21.59
N GLU F 169 -10.17 -10.95 21.79
CA GLU F 169 -8.96 -11.59 22.27
C GLU F 169 -8.78 -11.30 23.76
N LEU F 170 -8.31 -12.30 24.49
CA LEU F 170 -8.13 -12.24 25.93
C LEU F 170 -6.71 -11.82 26.27
N ASN F 171 -6.53 -11.30 27.48
CA ASN F 171 -5.23 -10.78 27.87
C ASN F 171 -4.19 -11.89 28.08
N ASP F 172 -4.61 -13.05 28.58
CA ASP F 172 -3.68 -14.15 28.79
C ASP F 172 -4.41 -15.48 28.65
N SER F 173 -3.63 -16.50 28.29
CA SER F 173 -4.17 -17.86 28.15
C SER F 173 -3.88 -18.66 29.42
N GLY F 174 -4.57 -18.27 30.49
CA GLY F 174 -4.40 -18.91 31.77
C GLY F 174 -5.25 -20.14 31.94
N GLY F 175 -5.23 -20.67 33.16
CA GLY F 175 -6.03 -21.84 33.50
C GLY F 175 -6.66 -21.70 34.87
N TYR F 176 -7.26 -22.78 35.37
CA TYR F 176 -7.91 -22.73 36.68
C TYR F 176 -6.86 -22.62 37.77
N PHE F 177 -6.97 -21.57 38.59
CA PHE F 177 -6.05 -21.28 39.69
C PHE F 177 -4.62 -21.10 39.22
N ASP F 178 -4.41 -20.89 37.93
CA ASP F 178 -3.07 -20.74 37.37
C ASP F 178 -2.49 -19.38 37.74
N LEU F 179 -1.16 -19.33 37.80
CA LEU F 179 -0.42 -18.09 38.03
C LEU F 179 -0.13 -17.46 36.67
N ALA F 180 -1.19 -17.04 36.00
CA ALA F 180 -1.11 -16.60 34.61
C ALA F 180 -0.56 -15.18 34.45
N PRO F 181 -1.14 -14.15 35.11
CA PRO F 181 -0.65 -12.79 34.88
C PRO F 181 0.71 -12.51 35.49
N THR F 182 1.25 -13.43 36.28
CA THR F 182 2.56 -13.31 36.92
C THR F 182 2.76 -11.98 37.65
N ASP F 183 3.76 -11.22 37.24
CA ASP F 183 4.17 -10.02 37.95
C ASP F 183 4.78 -9.00 37.00
N LEU F 184 5.61 -8.10 37.56
CA LEU F 184 6.31 -7.06 36.73
C LEU F 184 5.28 -6.18 36.01
N GLY F 185 4.48 -5.41 36.77
CA GLY F 185 3.52 -4.51 36.16
C GLY F 185 2.31 -5.28 35.68
N GLU F 186 1.48 -4.61 34.88
CA GLU F 186 0.18 -5.13 34.46
C GLU F 186 -0.52 -5.85 35.61
N ASN F 187 -0.83 -7.13 35.43
CA ASN F 187 -1.51 -7.93 36.44
C ASN F 187 -2.72 -7.19 37.00
N CYS F 188 -3.71 -6.94 36.15
CA CYS F 188 -4.83 -6.09 36.53
C CYS F 188 -5.57 -6.62 37.75
N ARG F 189 -5.60 -7.94 37.94
CA ARG F 189 -6.26 -8.49 39.12
C ARG F 189 -5.56 -8.06 40.40
N ARG F 190 -4.24 -8.11 40.42
CA ARG F 190 -3.50 -7.71 41.62
C ARG F 190 -3.72 -6.24 41.92
N ASP F 191 -3.68 -5.40 40.90
CA ASP F 191 -3.92 -3.97 41.10
C ASP F 191 -5.34 -3.71 41.59
N ILE F 192 -6.32 -4.44 41.04
CA ILE F 192 -7.70 -4.29 41.48
C ILE F 192 -7.83 -4.65 42.96
N VAL F 193 -7.22 -5.77 43.36
CA VAL F 193 -7.29 -6.20 44.75
C VAL F 193 -6.62 -5.18 45.66
N LEU F 194 -5.46 -4.66 45.23
CA LEU F 194 -4.75 -3.68 46.07
C LEU F 194 -5.55 -2.40 46.21
N GLU F 195 -6.16 -1.91 45.13
CA GLU F 195 -6.96 -0.70 45.21
C GLU F 195 -8.19 -0.91 46.08
N LEU F 196 -8.84 -2.07 45.96
CA LEU F 196 -9.99 -2.36 46.79
C LEU F 196 -9.61 -2.42 48.27
N GLU F 197 -8.46 -3.02 48.57
CA GLU F 197 -8.01 -3.08 49.96
C GLU F 197 -7.67 -1.70 50.50
N GLU F 198 -6.98 -0.88 49.70
CA GLU F 198 -6.70 0.49 50.12
C GLU F 198 -7.98 1.28 50.35
N MET F 199 -9.00 1.03 49.53
CA MET F 199 -10.23 1.80 49.61
C MET F 199 -11.07 1.43 50.83
N GLY F 200 -10.88 0.24 51.40
CA GLY F 200 -11.57 -0.13 52.62
C GLY F 200 -12.53 -1.29 52.47
N PHE F 201 -12.23 -2.21 51.55
CA PHE F 201 -13.04 -3.40 51.36
C PHE F 201 -12.31 -4.62 51.90
N GLU F 202 -13.10 -5.64 52.26
CA GLU F 202 -12.58 -6.88 52.81
C GLU F 202 -12.57 -7.92 51.70
N ILE F 203 -11.38 -8.41 51.36
CA ILE F 203 -11.20 -9.39 50.30
C ILE F 203 -10.64 -10.67 50.91
N GLU F 204 -11.28 -11.80 50.60
CA GLU F 204 -10.79 -13.08 51.10
C GLU F 204 -9.65 -13.61 50.25
N ALA F 205 -9.92 -13.86 48.98
CA ALA F 205 -8.90 -14.40 48.08
C ALA F 205 -9.29 -14.11 46.64
N SER F 206 -8.29 -14.14 45.76
CA SER F 206 -8.49 -13.97 44.33
C SER F 206 -7.66 -15.01 43.59
N HIS F 207 -8.15 -15.41 42.42
CA HIS F 207 -7.48 -16.44 41.64
C HIS F 207 -7.93 -16.32 40.19
N HIS F 208 -7.34 -17.16 39.34
CA HIS F 208 -7.66 -17.21 37.92
C HIS F 208 -8.67 -18.32 37.67
N GLU F 209 -9.75 -17.99 36.97
CA GLU F 209 -10.77 -18.98 36.67
C GLU F 209 -10.32 -19.88 35.53
N VAL F 210 -11.08 -20.95 35.32
CA VAL F 210 -10.67 -21.99 34.37
C VAL F 210 -10.61 -21.43 32.95
N ALA F 211 -11.51 -20.52 32.60
CA ALA F 211 -11.45 -19.91 31.28
C ALA F 211 -10.26 -18.97 31.20
N PRO F 212 -9.65 -18.83 30.02
CA PRO F 212 -8.58 -17.84 29.85
C PRO F 212 -9.12 -16.44 30.09
N GLY F 213 -8.26 -15.58 30.65
CA GLY F 213 -8.64 -14.19 30.86
C GLY F 213 -9.79 -13.97 31.82
N GLN F 214 -10.19 -14.99 32.57
CA GLN F 214 -11.29 -14.89 33.52
C GLN F 214 -10.72 -14.94 34.93
N HIS F 215 -11.15 -13.99 35.76
CA HIS F 215 -10.63 -13.85 37.11
C HIS F 215 -11.79 -13.80 38.10
N GLU F 216 -11.53 -14.27 39.32
CA GLU F 216 -12.52 -14.28 40.39
C GLU F 216 -11.93 -13.65 41.64
N ILE F 217 -12.72 -12.79 42.28
CA ILE F 217 -12.33 -12.15 43.53
C ILE F 217 -13.41 -12.43 44.57
N ASP F 218 -13.01 -12.97 45.71
CA ASP F 218 -13.94 -13.34 46.77
C ASP F 218 -14.00 -12.25 47.84
N PHE F 219 -15.18 -12.08 48.41
CA PHE F 219 -15.42 -11.06 49.42
C PHE F 219 -15.70 -11.72 50.77
N LYS F 220 -15.57 -10.92 51.83
CA LYS F 220 -15.93 -11.38 53.16
C LYS F 220 -17.45 -11.38 53.31
N TYR F 221 -17.91 -11.64 54.53
CA TYR F 221 -19.33 -11.80 54.83
C TYR F 221 -19.81 -10.61 55.64
N GLU F 222 -20.63 -9.77 55.03
CA GLU F 222 -21.23 -8.61 55.68
C GLU F 222 -22.74 -8.64 55.44
N ASP F 223 -23.41 -7.55 55.84
CA ASP F 223 -24.86 -7.47 55.72
C ASP F 223 -25.26 -7.40 54.24
N ALA F 224 -26.54 -7.67 53.99
CA ALA F 224 -27.03 -7.76 52.62
C ALA F 224 -26.90 -6.42 51.90
N ILE F 225 -27.34 -5.33 52.53
CA ILE F 225 -27.25 -4.01 51.90
C ILE F 225 -25.79 -3.65 51.64
N THR F 226 -24.94 -3.88 52.63
CA THR F 226 -23.51 -3.65 52.44
C THR F 226 -22.94 -4.58 51.39
N ALA F 227 -23.48 -5.79 51.26
CA ALA F 227 -23.04 -6.68 50.19
C ALA F 227 -23.38 -6.11 48.82
N CYS F 228 -24.58 -5.56 48.66
CA CYS F 228 -24.95 -4.92 47.40
C CYS F 228 -24.04 -3.73 47.11
N ASP F 229 -23.79 -2.90 48.12
CA ASP F 229 -22.92 -1.76 47.91
C ASP F 229 -21.51 -2.19 47.50
N SER F 230 -20.99 -3.23 48.16
CA SER F 230 -19.68 -3.74 47.82
C SER F 230 -19.65 -4.29 46.41
N ILE F 231 -20.71 -5.00 45.99
CA ILE F 231 -20.75 -5.56 44.65
C ILE F 231 -20.75 -4.45 43.60
N GLN F 232 -21.58 -3.43 43.80
CA GLN F 232 -21.65 -2.34 42.83
C GLN F 232 -20.33 -1.57 42.77
N THR F 233 -19.74 -1.28 43.93
CA THR F 233 -18.45 -0.60 43.95
C THR F 233 -17.37 -1.44 43.30
N PHE F 234 -17.42 -2.76 43.51
CA PHE F 234 -16.45 -3.66 42.90
C PHE F 234 -16.58 -3.63 41.38
N LYS F 235 -17.81 -3.65 40.86
CA LYS F 235 -18.01 -3.56 39.42
C LYS F 235 -17.44 -2.25 38.88
N LEU F 236 -17.75 -1.14 39.55
CA LEU F 236 -17.25 0.16 39.08
C LEU F 236 -15.73 0.20 39.10
N VAL F 237 -15.11 -0.28 40.19
CA VAL F 237 -13.66 -0.22 40.32
C VAL F 237 -12.99 -1.12 39.29
N VAL F 238 -13.53 -2.32 39.09
CA VAL F 238 -12.95 -3.23 38.10
C VAL F 238 -13.02 -2.61 36.71
N LYS F 239 -14.16 -2.02 36.36
CA LYS F 239 -14.28 -1.40 35.04
C LYS F 239 -13.29 -0.26 34.89
N THR F 240 -13.20 0.61 35.90
CA THR F 240 -12.32 1.82 35.81
C THR F 240 -10.85 1.38 35.65
N ILE F 241 -10.36 0.51 36.54
CA ILE F 241 -8.92 0.10 36.50
C ILE F 241 -8.60 -0.57 35.15
N ALA F 242 -9.45 -1.49 34.70
CA ALA F 242 -9.24 -2.15 33.39
C ALA F 242 -9.11 -1.08 32.30
N ARG F 243 -10.08 -0.16 32.21
CA ARG F 243 -10.04 0.91 31.18
C ARG F 243 -8.70 1.65 31.25
N LYS F 244 -8.25 2.02 32.45
CA LYS F 244 -6.96 2.74 32.63
C LYS F 244 -5.82 1.90 32.05
N HIS F 245 -5.84 0.59 32.29
CA HIS F 245 -4.75 -0.32 31.81
C HIS F 245 -5.01 -0.74 30.35
N GLY F 246 -5.91 -0.07 29.64
CA GLY F 246 -6.17 -0.36 28.22
C GLY F 246 -6.86 -1.71 28.03
N LEU F 247 -7.77 -2.07 28.94
CA LEU F 247 -8.51 -3.33 28.81
C LEU F 247 -9.98 -3.04 29.02
N HIS F 248 -10.81 -4.03 28.68
CA HIS F 248 -12.25 -3.93 28.89
C HIS F 248 -12.69 -5.03 29.83
N ALA F 249 -13.40 -4.65 30.89
CA ALA F 249 -13.93 -5.59 31.87
C ALA F 249 -15.38 -5.89 31.52
N THR F 250 -15.71 -7.17 31.42
CA THR F 250 -17.04 -7.61 31.01
C THR F 250 -17.61 -8.54 32.07
N PHE F 251 -18.85 -8.28 32.48
CA PHE F 251 -19.57 -9.16 33.39
C PHE F 251 -20.68 -9.93 32.69
N MET F 252 -20.72 -9.90 31.37
CA MET F 252 -21.69 -10.70 30.63
C MET F 252 -21.41 -12.19 30.86
N PRO F 253 -22.41 -12.99 31.22
CA PRO F 253 -22.11 -14.35 31.70
C PRO F 253 -21.35 -15.22 30.73
N LYS F 254 -21.67 -15.18 29.44
CA LYS F 254 -21.07 -16.06 28.44
C LYS F 254 -20.54 -15.22 27.28
N PRO F 255 -19.36 -14.62 27.45
CA PRO F 255 -18.79 -13.81 26.36
C PRO F 255 -18.51 -14.59 25.08
N LEU F 256 -18.12 -15.85 25.20
CA LEU F 256 -17.71 -16.64 24.05
C LEU F 256 -18.32 -18.03 24.13
N PHE F 257 -18.49 -18.64 22.96
CA PHE F 257 -19.01 -20.00 22.86
C PHE F 257 -17.88 -21.00 23.08
N GLY F 258 -18.20 -22.09 23.76
CA GLY F 258 -17.20 -23.08 24.10
C GLY F 258 -16.26 -22.69 25.21
N VAL F 259 -16.54 -21.58 25.89
CA VAL F 259 -15.71 -21.07 26.98
C VAL F 259 -16.59 -20.94 28.21
N ASN F 260 -16.05 -21.33 29.37
CA ASN F 260 -16.85 -21.35 30.58
C ASN F 260 -17.38 -19.96 30.93
N GLY F 261 -18.59 -19.94 31.48
CA GLY F 261 -19.25 -18.70 31.81
C GLY F 261 -18.79 -18.12 33.13
N SER F 262 -19.37 -16.96 33.46
CA SER F 262 -19.04 -16.24 34.68
C SER F 262 -20.17 -16.40 35.69
N GLY F 263 -19.81 -16.72 36.92
CA GLY F 263 -20.80 -16.89 37.97
C GLY F 263 -20.57 -15.99 39.16
N MET F 264 -21.61 -15.79 39.97
CA MET F 264 -21.56 -14.91 41.14
C MET F 264 -22.19 -15.64 42.33
N HIS F 265 -21.70 -16.86 42.60
CA HIS F 265 -22.23 -17.68 43.68
C HIS F 265 -22.39 -16.89 44.96
N PHE F 266 -23.56 -17.03 45.59
CA PHE F 266 -23.89 -16.36 46.84
C PHE F 266 -23.73 -17.34 47.99
N ASN F 267 -22.85 -17.01 48.94
CA ASN F 267 -22.72 -17.75 50.19
C ASN F 267 -23.46 -16.97 51.27
N MET F 268 -24.64 -17.45 51.63
CA MET F 268 -25.54 -16.71 52.50
C MET F 268 -25.83 -17.50 53.78
N SER F 269 -25.94 -16.77 54.89
CA SER F 269 -26.25 -17.36 56.17
C SER F 269 -27.21 -16.45 56.93
N LEU F 270 -27.98 -17.05 57.84
CA LEU F 270 -28.99 -16.33 58.60
C LEU F 270 -28.56 -16.30 60.07
N PHE F 271 -28.71 -15.13 60.68
CA PHE F 271 -28.27 -14.91 62.05
C PHE F 271 -29.45 -14.53 62.95
N ASN F 272 -29.35 -14.93 64.21
CA ASN F 272 -30.35 -14.55 65.21
C ASN F 272 -29.65 -13.93 66.42
N GLU F 273 -30.40 -13.72 67.50
CA GLU F 273 -29.80 -13.14 68.71
C GLU F 273 -28.72 -14.05 69.27
N LYS F 274 -28.97 -15.36 69.30
CA LYS F 274 -27.97 -16.30 69.82
C LYS F 274 -26.73 -16.33 68.93
N GLY F 275 -26.92 -16.31 67.62
CA GLY F 275 -25.81 -16.37 66.69
C GLY F 275 -26.21 -16.85 65.32
N ASN F 276 -25.47 -17.80 64.76
CA ASN F 276 -25.80 -18.37 63.46
C ASN F 276 -27.02 -19.28 63.60
N ALA F 277 -28.05 -19.02 62.80
CA ALA F 277 -29.27 -19.82 62.84
C ALA F 277 -29.18 -21.10 62.02
N PHE F 278 -28.14 -21.24 61.21
CA PHE F 278 -27.99 -22.42 60.36
C PHE F 278 -27.10 -23.49 60.98
N PHE F 279 -26.62 -23.29 62.20
CA PHE F 279 -25.69 -24.21 62.84
C PHE F 279 -26.36 -24.89 64.03
N ASP F 280 -26.18 -26.21 64.12
CA ASP F 280 -26.71 -26.98 65.24
C ASP F 280 -25.89 -28.26 65.35
N GLU F 281 -25.15 -28.42 66.45
CA GLU F 281 -24.29 -29.58 66.61
C GLU F 281 -25.08 -30.87 66.74
N SER F 282 -26.31 -30.79 67.26
CA SER F 282 -27.14 -31.96 67.49
C SER F 282 -27.98 -32.35 66.28
N GLY F 283 -27.94 -31.57 65.20
CA GLY F 283 -28.72 -31.86 64.02
C GLY F 283 -27.94 -32.64 62.97
N GLU F 284 -28.67 -33.16 62.00
CA GLU F 284 -28.06 -33.89 60.90
C GLU F 284 -27.20 -32.96 60.05
N LEU F 285 -26.02 -33.44 59.66
CA LEU F 285 -25.05 -32.67 58.88
C LEU F 285 -24.63 -31.39 59.59
N GLU F 286 -24.76 -31.35 60.91
CA GLU F 286 -24.48 -30.16 61.71
C GLU F 286 -25.29 -28.97 61.21
N LEU F 287 -26.55 -29.23 60.86
CA LEU F 287 -27.46 -28.23 60.31
C LEU F 287 -28.70 -28.13 61.17
N SER F 288 -29.15 -26.90 61.40
CA SER F 288 -30.36 -26.67 62.17
C SER F 288 -31.59 -26.86 61.29
N GLN F 289 -32.75 -27.03 61.94
CA GLN F 289 -34.00 -27.15 61.20
C GLN F 289 -34.30 -25.88 60.43
N THR F 290 -33.84 -24.73 60.91
CA THR F 290 -33.99 -23.50 60.16
C THR F 290 -33.25 -23.57 58.84
N ALA F 291 -32.04 -24.16 58.84
CA ALA F 291 -31.30 -24.32 57.60
C ALA F 291 -32.03 -25.22 56.62
N TYR F 292 -32.64 -26.30 57.10
CA TYR F 292 -33.38 -27.18 56.22
C TYR F 292 -34.63 -26.51 55.67
N HIS F 293 -35.32 -25.73 56.50
CA HIS F 293 -36.47 -24.98 56.01
C HIS F 293 -36.05 -23.97 54.95
N PHE F 294 -34.92 -23.31 55.17
CA PHE F 294 -34.40 -22.33 54.17
C PHE F 294 -34.08 -23.07 52.87
N LEU F 295 -33.44 -24.25 52.97
CA LEU F 295 -33.12 -25.02 51.77
C LEU F 295 -34.38 -25.42 51.02
N ALA F 296 -35.42 -25.85 51.74
CA ALA F 296 -36.67 -26.22 51.09
C ALA F 296 -37.30 -25.01 50.42
N GLY F 297 -37.28 -23.85 51.08
CA GLY F 297 -37.83 -22.66 50.47
C GLY F 297 -37.08 -22.24 49.23
N MET F 298 -35.76 -22.34 49.26
CA MET F 298 -34.95 -22.02 48.08
C MET F 298 -35.23 -22.99 46.93
N LEU F 299 -35.34 -24.28 47.24
CA LEU F 299 -35.51 -25.27 46.19
C LEU F 299 -36.91 -25.21 45.58
N LYS F 300 -37.93 -24.91 46.41
CA LYS F 300 -39.30 -24.90 45.90
C LYS F 300 -39.52 -23.78 44.90
N HIS F 301 -38.97 -22.59 45.16
CA HIS F 301 -39.21 -21.42 44.34
C HIS F 301 -38.07 -21.08 43.41
N ALA F 302 -37.10 -21.99 43.23
CA ALA F 302 -35.95 -21.68 42.40
C ALA F 302 -36.36 -21.39 40.96
N ARG F 303 -37.28 -22.19 40.42
CA ARG F 303 -37.81 -21.92 39.09
C ARG F 303 -38.52 -20.57 39.05
N GLY F 304 -39.08 -20.13 40.17
CA GLY F 304 -39.76 -18.85 40.19
C GLY F 304 -38.83 -17.66 40.03
N TYR F 305 -37.73 -17.65 40.77
CA TYR F 305 -36.81 -16.53 40.77
C TYR F 305 -35.59 -16.74 39.87
N THR F 306 -35.58 -17.80 39.06
CA THR F 306 -34.51 -17.97 38.10
C THR F 306 -34.40 -16.77 37.17
N ALA F 307 -35.54 -16.17 36.82
CA ALA F 307 -35.52 -14.99 35.97
C ALA F 307 -34.84 -13.81 36.67
N VAL F 308 -35.14 -13.61 37.95
CA VAL F 308 -34.54 -12.50 38.68
C VAL F 308 -33.04 -12.73 38.85
N THR F 309 -32.64 -13.96 39.17
CA THR F 309 -31.23 -14.25 39.35
C THR F 309 -30.46 -14.31 38.04
N ASN F 310 -31.15 -14.53 36.92
CA ASN F 310 -30.53 -14.55 35.60
C ASN F 310 -31.36 -13.68 34.67
N PRO F 311 -31.25 -12.32 34.71
CA PRO F 311 -32.17 -11.46 33.94
C PRO F 311 -31.82 -11.23 32.46
N THR F 312 -30.68 -11.74 32.00
CA THR F 312 -30.29 -11.48 30.62
C THR F 312 -30.52 -12.71 29.75
N ILE F 313 -30.63 -12.45 28.44
CA ILE F 313 -30.77 -13.55 27.48
C ILE F 313 -29.50 -14.39 27.48
N ASN F 314 -28.34 -13.75 27.52
CA ASN F 314 -27.07 -14.48 27.48
C ASN F 314 -26.86 -15.30 28.75
N SER F 315 -27.57 -14.99 29.83
CA SER F 315 -27.39 -15.72 31.08
C SER F 315 -27.76 -17.19 30.93
N PHE F 316 -28.84 -17.48 30.21
CA PHE F 316 -29.29 -18.85 30.07
C PHE F 316 -28.42 -19.66 29.12
N LYS F 317 -27.56 -19.00 28.33
CA LYS F 317 -26.56 -19.74 27.57
C LYS F 317 -25.52 -20.36 28.48
N ARG F 318 -25.32 -19.78 29.67
CA ARG F 318 -24.42 -20.39 30.64
C ARG F 318 -25.06 -21.58 31.34
N LEU F 319 -26.37 -21.55 31.54
CA LEU F 319 -27.09 -22.64 32.22
C LEU F 319 -27.40 -23.75 31.21
N VAL F 320 -26.35 -24.50 30.88
CA VAL F 320 -26.45 -25.66 29.99
C VAL F 320 -26.02 -26.89 30.79
N PRO F 321 -26.53 -28.08 30.49
CA PRO F 321 -26.11 -29.28 31.22
C PRO F 321 -24.61 -29.53 31.10
N GLY F 322 -23.96 -29.79 32.24
CA GLY F 322 -22.53 -30.05 32.26
C GLY F 322 -22.04 -30.53 33.61
N TYR F 323 -20.86 -30.08 34.01
CA TYR F 323 -20.29 -30.42 35.31
C TYR F 323 -20.06 -29.20 36.19
N GLU F 324 -20.31 -27.99 35.67
CA GLU F 324 -20.12 -26.78 36.46
C GLU F 324 -21.28 -25.80 36.35
N ALA F 325 -22.24 -26.00 35.46
CA ALA F 325 -23.36 -25.09 35.30
C ALA F 325 -24.60 -25.68 35.93
N PRO F 326 -25.18 -25.06 36.95
CA PRO F 326 -26.38 -25.63 37.58
C PRO F 326 -27.63 -25.44 36.75
N CYS F 327 -28.10 -26.53 36.12
CA CYS F 327 -29.36 -26.51 35.38
C CYS F 327 -30.37 -27.48 35.98
N TYR F 328 -30.14 -27.94 37.20
CA TYR F 328 -31.03 -28.87 37.88
C TYR F 328 -31.46 -28.26 39.21
N ILE F 329 -32.53 -28.81 39.78
CA ILE F 329 -33.02 -28.34 41.08
C ILE F 329 -32.73 -29.41 42.12
N ALA F 330 -31.58 -29.30 42.80
CA ALA F 330 -31.20 -30.25 43.82
C ALA F 330 -30.15 -29.61 44.72
N TRP F 331 -29.98 -30.19 45.90
CA TRP F 331 -29.01 -29.72 46.88
C TRP F 331 -28.14 -30.88 47.33
N SER F 332 -26.88 -30.58 47.63
CA SER F 332 -25.93 -31.60 48.06
C SER F 332 -24.77 -30.94 48.80
N GLY F 333 -24.02 -31.76 49.51
CA GLY F 333 -22.86 -31.27 50.24
C GLY F 333 -21.63 -32.13 50.06
N LYS F 334 -21.73 -33.18 49.25
CA LYS F 334 -20.61 -34.09 49.05
C LYS F 334 -20.13 -34.10 47.60
N ASN F 335 -21.04 -34.35 46.66
CA ASN F 335 -20.63 -34.48 45.26
C ASN F 335 -20.26 -33.13 44.65
N ARG F 336 -20.77 -32.04 45.23
CA ARG F 336 -20.61 -30.69 44.70
C ARG F 336 -21.26 -30.54 43.33
N SER F 337 -21.11 -29.36 42.74
CA SER F 337 -21.82 -28.93 41.53
C SER F 337 -23.33 -29.18 41.56
N PRO F 338 -24.03 -28.89 42.68
CA PRO F 338 -25.50 -28.91 42.62
C PRO F 338 -26.05 -27.53 42.32
N LEU F 339 -27.36 -27.37 42.32
CA LEU F 339 -27.93 -26.03 42.31
C LEU F 339 -27.57 -25.28 43.59
N VAL F 340 -27.75 -25.92 44.73
CA VAL F 340 -27.43 -25.36 46.04
C VAL F 340 -26.42 -26.27 46.72
N ARG F 341 -25.28 -25.72 47.10
CA ARG F 341 -24.21 -26.47 47.72
C ARG F 341 -23.98 -25.98 49.13
N VAL F 342 -23.76 -26.92 50.05
CA VAL F 342 -23.50 -26.61 51.46
C VAL F 342 -22.00 -26.82 51.70
N PRO F 343 -21.23 -25.77 51.93
CA PRO F 343 -19.79 -25.94 52.18
C PRO F 343 -19.53 -26.73 53.45
N SER F 344 -18.41 -27.43 53.46
CA SER F 344 -18.06 -28.30 54.58
C SER F 344 -17.83 -27.54 55.87
N SER F 345 -17.50 -26.25 55.79
CA SER F 345 -17.25 -25.47 57.00
C SER F 345 -18.52 -25.33 57.82
N ARG F 346 -18.36 -25.38 59.14
CA ARG F 346 -19.50 -25.28 60.05
C ARG F 346 -19.24 -24.26 61.14
N GLY F 347 -20.13 -24.20 62.13
CA GLY F 347 -20.02 -23.21 63.19
C GLY F 347 -20.58 -21.87 62.77
N LEU F 348 -19.86 -20.79 63.10
CA LEU F 348 -20.28 -19.46 62.67
C LEU F 348 -20.15 -19.27 61.16
N SER F 349 -19.44 -20.15 60.47
CA SER F 349 -19.26 -20.06 59.03
C SER F 349 -20.25 -20.94 58.26
N THR F 350 -21.20 -21.55 58.95
CA THR F 350 -22.20 -22.37 58.27
C THR F 350 -23.01 -21.52 57.29
N ARG F 351 -23.18 -22.02 56.08
CA ARG F 351 -23.83 -21.23 55.04
C ARG F 351 -24.35 -22.16 53.95
N LEU F 352 -25.26 -21.61 53.13
CA LEU F 352 -25.79 -22.29 51.97
C LEU F 352 -25.41 -21.49 50.73
N GLU F 353 -24.84 -22.16 49.74
CA GLU F 353 -24.34 -21.50 48.54
C GLU F 353 -25.29 -21.76 47.38
N LEU F 354 -25.72 -20.69 46.72
CA LEU F 354 -26.52 -20.78 45.51
C LEU F 354 -25.65 -20.43 44.31
N ARG F 355 -25.54 -21.36 43.36
CA ARG F 355 -24.60 -21.25 42.27
C ARG F 355 -25.23 -20.82 40.96
N SER F 356 -26.53 -20.51 40.94
CA SER F 356 -27.20 -20.14 39.71
C SER F 356 -27.15 -18.65 39.40
N VAL F 357 -26.58 -17.84 40.29
CA VAL F 357 -26.53 -16.40 40.09
C VAL F 357 -25.35 -16.06 39.20
N ASP F 358 -25.53 -15.05 38.35
CA ASP F 358 -24.50 -14.56 37.44
C ASP F 358 -24.25 -13.09 37.71
N PRO F 359 -23.07 -12.57 37.34
CA PRO F 359 -22.73 -11.18 37.69
C PRO F 359 -23.65 -10.14 37.07
N SER F 360 -24.36 -10.44 35.99
CA SER F 360 -25.23 -9.45 35.38
C SER F 360 -26.50 -9.20 36.17
N ALA F 361 -26.78 -10.02 37.18
CA ALA F 361 -28.00 -9.88 37.96
C ALA F 361 -27.91 -8.68 38.91
N ASN F 362 -29.08 -8.17 39.27
CA ASN F 362 -29.15 -7.10 40.26
C ASN F 362 -29.08 -7.70 41.65
N PRO F 363 -28.06 -7.40 42.45
CA PRO F 363 -27.95 -8.02 43.78
C PRO F 363 -29.12 -7.71 44.70
N TYR F 364 -29.67 -6.50 44.63
CA TYR F 364 -30.78 -6.13 45.49
C TYR F 364 -31.98 -7.02 45.24
N LEU F 365 -32.42 -7.11 43.98
CA LEU F 365 -33.55 -7.96 43.64
C LEU F 365 -33.23 -9.42 43.91
N ALA F 366 -31.99 -9.83 43.64
CA ALA F 366 -31.61 -11.23 43.83
C ALA F 366 -31.79 -11.66 45.27
N MET F 367 -31.20 -10.91 46.22
CA MET F 367 -31.41 -11.34 47.60
C MET F 367 -32.79 -10.98 48.12
N ALA F 368 -33.50 -10.01 47.54
CA ALA F 368 -34.88 -9.80 47.93
C ALA F 368 -35.71 -11.04 47.67
N VAL F 369 -35.64 -11.57 46.44
CA VAL F 369 -36.42 -12.76 46.11
C VAL F 369 -35.91 -13.98 46.87
N LEU F 370 -34.58 -14.08 47.04
CA LEU F 370 -34.03 -15.22 47.76
C LEU F 370 -34.48 -15.23 49.22
N LEU F 371 -34.38 -14.07 49.89
CA LEU F 371 -34.76 -13.99 51.31
C LEU F 371 -36.24 -14.34 51.45
N LYS F 372 -37.08 -13.78 50.58
CA LYS F 372 -38.54 -14.05 50.61
C LYS F 372 -38.78 -15.57 50.48
N ALA F 373 -38.22 -16.19 49.44
CA ALA F 373 -38.40 -17.65 49.21
C ALA F 373 -37.93 -18.43 50.44
N GLY F 374 -36.71 -18.18 50.91
CA GLY F 374 -36.17 -18.91 52.07
C GLY F 374 -37.03 -18.72 53.31
N LEU F 375 -37.44 -17.49 53.59
CA LEU F 375 -38.26 -17.19 54.80
C LEU F 375 -39.63 -17.86 54.66
N SER F 376 -40.20 -17.87 53.45
CA SER F 376 -41.50 -18.58 53.23
C SER F 376 -41.33 -20.06 53.53
N GLY F 377 -40.17 -20.65 53.16
CA GLY F 377 -39.89 -22.06 53.49
C GLY F 377 -39.85 -22.28 54.98
N ILE F 378 -39.32 -21.32 55.74
CA ILE F 378 -39.27 -21.42 57.23
C ILE F 378 -40.71 -21.29 57.77
N LYS F 379 -41.45 -20.27 57.32
CA LYS F 379 -42.85 -20.06 57.78
C LYS F 379 -43.66 -21.35 57.53
N ASP F 380 -43.53 -21.93 56.34
CA ASP F 380 -44.29 -23.13 56.01
C ASP F 380 -43.68 -24.40 56.58
N GLU F 381 -42.47 -24.32 57.14
CA GLU F 381 -41.78 -25.47 57.72
C GLU F 381 -41.66 -26.61 56.72
N LEU F 382 -41.34 -26.26 55.47
CA LEU F 382 -41.22 -27.26 54.42
C LEU F 382 -40.02 -28.17 54.67
N THR F 383 -40.19 -29.45 54.35
CA THR F 383 -39.12 -30.42 54.48
C THR F 383 -38.37 -30.52 53.15
N PRO F 384 -37.06 -30.28 53.12
CA PRO F 384 -36.35 -30.31 51.84
C PRO F 384 -36.23 -31.74 51.32
N PRO F 385 -36.10 -31.92 50.02
CA PRO F 385 -35.90 -33.26 49.48
C PRO F 385 -34.53 -33.81 49.86
N ALA F 386 -34.43 -35.14 49.82
CA ALA F 386 -33.18 -35.79 50.19
C ALA F 386 -32.06 -35.38 49.24
N PRO F 387 -30.86 -35.11 49.75
CA PRO F 387 -29.76 -34.70 48.87
C PRO F 387 -29.35 -35.81 47.93
N VAL F 388 -28.87 -35.42 46.76
CA VAL F 388 -28.40 -36.35 45.74
C VAL F 388 -26.89 -36.18 45.60
N ASP F 389 -26.16 -37.30 45.72
CA ASP F 389 -24.71 -37.27 45.56
C ASP F 389 -24.27 -38.19 44.43
N ARG F 390 -25.16 -38.50 43.49
CA ARG F 390 -24.87 -39.43 42.41
C ARG F 390 -24.42 -38.74 41.14
N ASN F 391 -23.86 -37.53 41.25
CA ASN F 391 -23.30 -36.83 40.09
C ASN F 391 -24.35 -36.65 39.00
N ILE F 392 -25.35 -35.80 39.23
CA ILE F 392 -26.54 -35.83 38.39
C ILE F 392 -26.24 -35.12 37.07
N TYR F 393 -25.60 -35.86 36.17
CA TYR F 393 -25.40 -35.46 34.78
C TYR F 393 -25.63 -36.63 33.84
N GLY F 394 -25.51 -37.86 34.36
CA GLY F 394 -25.49 -39.04 33.53
C GLY F 394 -26.70 -39.92 33.62
N MET F 395 -27.44 -39.83 34.73
CA MET F 395 -28.62 -40.68 34.89
C MET F 395 -29.65 -40.38 33.82
N ASN F 396 -30.41 -41.40 33.44
CA ASN F 396 -31.39 -41.26 32.37
C ASN F 396 -32.52 -40.34 32.79
N GLU F 397 -33.29 -39.88 31.80
CA GLU F 397 -34.40 -38.97 32.07
C GLU F 397 -35.42 -39.60 33.01
N GLU F 398 -35.63 -40.92 32.88
CA GLU F 398 -36.51 -41.61 33.81
C GLU F 398 -35.95 -41.57 35.22
N GLU F 399 -34.63 -41.76 35.35
CA GLU F 399 -34.00 -41.70 36.67
C GLU F 399 -34.14 -40.31 37.28
N ARG F 400 -33.94 -39.26 36.48
CA ARG F 400 -34.12 -37.90 36.98
C ARG F 400 -35.56 -37.63 37.36
N GLU F 401 -36.51 -38.16 36.57
CA GLU F 401 -37.92 -37.96 36.88
C GLU F 401 -38.34 -38.74 38.13
N ALA F 402 -37.72 -39.90 38.38
CA ALA F 402 -38.04 -40.68 39.57
C ALA F 402 -37.71 -39.90 40.83
N THR F 403 -36.55 -39.25 40.86
CA THR F 403 -36.18 -38.36 41.94
C THR F 403 -36.84 -37.00 41.71
N GLY F 404 -36.83 -36.15 42.74
CA GLY F 404 -37.42 -34.83 42.61
C GLY F 404 -36.53 -33.85 41.87
N ILE F 405 -35.71 -34.34 40.95
CA ILE F 405 -34.82 -33.50 40.15
C ILE F 405 -35.61 -32.85 39.03
N TYR F 406 -35.52 -31.53 38.93
CA TYR F 406 -36.18 -30.77 37.89
C TYR F 406 -35.21 -29.78 37.29
N ASP F 407 -35.46 -29.40 36.03
CA ASP F 407 -34.58 -28.50 35.30
C ASP F 407 -35.04 -27.06 35.47
N LEU F 408 -34.07 -26.15 35.52
CA LEU F 408 -34.36 -24.73 35.51
C LEU F 408 -34.87 -24.31 34.14
N PRO F 409 -35.58 -23.18 34.05
CA PRO F 409 -36.03 -22.71 32.73
C PRO F 409 -34.87 -22.52 31.77
N GLU F 410 -35.07 -22.96 30.54
CA GLU F 410 -34.01 -22.96 29.53
C GLU F 410 -33.93 -21.67 28.74
N SER F 411 -34.87 -20.75 28.92
CA SER F 411 -34.87 -19.50 28.17
C SER F 411 -35.50 -18.42 29.03
N LEU F 412 -35.25 -17.17 28.65
CA LEU F 412 -35.78 -16.02 29.43
C LEU F 412 -37.32 -16.07 29.40
N GLY F 413 -37.92 -16.41 28.27
CA GLY F 413 -39.38 -16.39 28.20
C GLY F 413 -40.03 -17.34 29.18
N HIS F 414 -39.50 -18.56 29.29
CA HIS F 414 -40.05 -19.51 30.25
C HIS F 414 -39.84 -19.03 31.68
N ALA F 415 -38.69 -18.41 31.96
CA ALA F 415 -38.45 -17.85 33.28
C ALA F 415 -39.42 -16.72 33.58
N LEU F 416 -39.73 -15.89 32.58
CA LEU F 416 -40.71 -14.79 32.75
C LEU F 416 -42.09 -15.38 33.02
N ILE F 417 -42.45 -16.46 32.34
CA ILE F 417 -43.72 -17.13 32.59
C ILE F 417 -43.77 -17.65 34.01
N GLU F 418 -42.68 -18.26 34.47
CA GLU F 418 -42.62 -18.75 35.85
C GLU F 418 -42.77 -17.62 36.85
N LEU F 419 -42.13 -16.47 36.58
CA LEU F 419 -42.31 -15.30 37.43
C LEU F 419 -43.78 -14.88 37.46
N GLU F 420 -44.42 -14.82 36.29
CA GLU F 420 -45.81 -14.41 36.24
C GLU F 420 -46.72 -15.39 36.95
N LYS F 421 -46.30 -16.66 37.06
CA LYS F 421 -47.12 -17.64 37.76
C LYS F 421 -46.91 -17.55 39.27
N ASN F 422 -45.66 -17.46 39.72
CA ASN F 422 -45.36 -17.45 41.14
C ASN F 422 -45.84 -16.16 41.78
N GLU F 423 -46.41 -16.27 42.99
CA GLU F 423 -46.94 -15.13 43.70
C GLU F 423 -46.05 -14.66 44.85
N ILE F 424 -45.34 -15.58 45.50
CA ILE F 424 -44.47 -15.20 46.61
C ILE F 424 -43.33 -14.31 46.12
N ILE F 425 -42.76 -14.66 44.97
CA ILE F 425 -41.68 -13.84 44.41
C ILE F 425 -42.20 -12.46 44.02
N LYS F 426 -43.45 -12.39 43.56
CA LYS F 426 -44.06 -11.10 43.28
C LYS F 426 -44.13 -10.23 44.54
N ASP F 427 -44.52 -10.84 45.66
CA ASP F 427 -44.55 -10.10 46.92
C ASP F 427 -43.15 -9.66 47.35
N GLY F 428 -42.16 -10.54 47.16
CA GLY F 428 -40.79 -10.17 47.50
C GLY F 428 -40.26 -9.05 46.65
N LEU F 429 -40.65 -8.99 45.38
CA LEU F 429 -40.21 -7.93 44.48
C LEU F 429 -41.01 -6.64 44.64
N GLY F 430 -42.19 -6.70 45.24
CA GLY F 430 -43.10 -5.57 45.23
C GLY F 430 -43.86 -5.49 43.91
N GLU F 431 -44.75 -4.51 43.84
CA GLU F 431 -45.55 -4.34 42.63
C GLU F 431 -44.75 -3.63 41.54
N HIS F 432 -44.39 -2.36 41.79
CA HIS F 432 -43.79 -1.51 40.76
C HIS F 432 -42.59 -2.19 40.12
N ILE F 433 -41.69 -2.73 40.95
CA ILE F 433 -40.52 -3.42 40.44
C ILE F 433 -40.95 -4.62 39.59
N PHE F 434 -41.98 -5.33 40.02
CA PHE F 434 -42.42 -6.51 39.28
C PHE F 434 -42.90 -6.14 37.88
N GLU F 435 -43.82 -5.17 37.78
CA GLU F 435 -44.33 -4.81 36.45
C GLU F 435 -43.23 -4.20 35.58
N HIS F 436 -42.37 -3.37 36.16
CA HIS F 436 -41.31 -2.76 35.35
C HIS F 436 -40.34 -3.83 34.84
N PHE F 437 -39.94 -4.75 35.72
CA PHE F 437 -39.00 -5.84 35.33
C PHE F 437 -39.58 -6.61 34.16
N ILE F 438 -40.79 -7.17 34.34
CA ILE F 438 -41.43 -7.98 33.26
C ILE F 438 -41.48 -7.16 31.97
N GLU F 439 -42.00 -5.92 32.04
CA GLU F 439 -42.12 -5.05 30.84
C GLU F 439 -40.78 -4.98 30.10
N ALA F 440 -39.72 -4.51 30.78
CA ALA F 440 -38.40 -4.35 30.12
C ALA F 440 -37.90 -5.70 29.60
N LYS F 441 -38.07 -6.77 30.38
CA LYS F 441 -37.54 -8.11 29.99
C LYS F 441 -38.29 -8.63 28.75
N THR F 442 -39.61 -8.44 28.69
CA THR F 442 -40.40 -8.90 27.52
C THR F 442 -39.99 -8.08 26.29
N ILE F 443 -39.74 -6.79 26.45
CA ILE F 443 -39.26 -5.94 25.31
C ILE F 443 -37.91 -6.51 24.83
N GLU F 444 -37.00 -6.81 25.76
CA GLU F 444 -35.67 -7.38 25.41
C GLU F 444 -35.87 -8.75 24.73
N CYS F 445 -36.80 -9.56 25.24
CA CYS F 445 -37.07 -10.90 24.64
C CYS F 445 -37.66 -10.75 23.24
N ASP F 446 -38.64 -9.84 23.08
CA ASP F 446 -39.23 -9.63 21.76
C ASP F 446 -38.21 -9.09 20.77
N MET F 447 -37.33 -8.20 21.24
CA MET F 447 -36.25 -7.71 20.37
C MET F 447 -35.33 -8.84 19.95
N PHE F 448 -34.97 -9.71 20.88
CA PHE F 448 -34.11 -10.85 20.53
C PHE F 448 -34.81 -11.80 19.57
N ARG F 449 -36.11 -12.02 19.75
CA ARG F 449 -36.83 -13.00 18.95
C ARG F 449 -36.91 -12.58 17.49
N THR F 450 -37.16 -11.30 17.22
CA THR F 450 -37.36 -10.84 15.85
C THR F 450 -36.05 -10.55 15.12
N ALA F 451 -34.92 -10.59 15.80
CA ALA F 451 -33.64 -10.32 15.15
C ALA F 451 -33.20 -11.50 14.30
N VAL F 452 -32.41 -11.20 13.27
CA VAL F 452 -31.83 -12.21 12.40
C VAL F 452 -30.33 -12.25 12.67
N HIS F 453 -29.83 -13.43 13.02
CA HIS F 453 -28.45 -13.59 13.45
C HIS F 453 -27.61 -14.20 12.34
N PRO F 454 -26.30 -13.93 12.34
CA PRO F 454 -25.43 -14.53 11.31
C PRO F 454 -25.37 -16.03 11.35
N TRP F 455 -25.82 -16.63 12.47
CA TRP F 455 -25.89 -18.11 12.59
C TRP F 455 -26.89 -18.63 11.55
N GLU F 456 -28.09 -18.04 11.50
CA GLU F 456 -29.14 -18.47 10.54
C GLU F 456 -28.56 -18.43 9.12
N ARG F 457 -27.89 -17.34 8.76
CA ARG F 457 -27.31 -17.20 7.40
C ARG F 457 -26.32 -18.34 7.15
N GLU F 458 -25.36 -18.55 8.06
CA GLU F 458 -24.32 -19.59 7.84
C GLU F 458 -24.93 -21.00 7.86
N GLN F 459 -26.21 -21.14 8.25
CA GLN F 459 -26.81 -22.49 8.39
C GLN F 459 -27.88 -22.75 7.32
N TYR F 460 -28.47 -21.71 6.73
CA TYR F 460 -29.60 -21.93 5.78
C TYR F 460 -29.44 -21.14 4.47
N LEU F 461 -28.56 -20.13 4.41
CA LEU F 461 -28.48 -19.28 3.19
C LEU F 461 -28.05 -20.14 1.99
N GLU F 462 -26.91 -20.81 2.08
CA GLU F 462 -26.40 -21.64 0.96
C GLU F 462 -27.17 -22.97 0.90
N ILE F 463 -27.51 -23.53 2.06
CA ILE F 463 -28.22 -24.84 2.12
C ILE F 463 -29.60 -24.69 1.46
N TYR F 464 -30.38 -23.69 1.89
CA TYR F 464 -31.71 -23.44 1.27
C TYR F 464 -31.63 -22.18 0.40
N ALA G 22 -58.99 1.04 -34.12
CA ALA G 22 -58.51 -0.34 -33.99
C ALA G 22 -57.27 -0.56 -34.84
N LYS G 23 -56.13 -0.10 -34.34
CA LYS G 23 -54.87 -0.28 -35.06
C LYS G 23 -54.50 -1.76 -35.15
N TYR G 24 -54.72 -2.51 -34.08
CA TYR G 24 -54.39 -3.93 -34.04
C TYR G 24 -55.57 -4.71 -33.47
N THR G 25 -55.62 -5.99 -33.79
CA THR G 25 -56.62 -6.93 -33.28
C THR G 25 -55.91 -8.11 -32.61
N LYS G 26 -56.71 -9.01 -32.04
CA LYS G 26 -56.15 -10.18 -31.36
C LYS G 26 -55.35 -11.03 -32.33
N GLU G 27 -55.90 -11.28 -33.53
CA GLU G 27 -55.21 -12.10 -34.51
C GLU G 27 -53.91 -11.45 -34.94
N ASP G 28 -53.90 -10.12 -35.07
CA ASP G 28 -52.67 -9.43 -35.42
C ASP G 28 -51.61 -9.60 -34.34
N ILE G 29 -52.00 -9.53 -33.07
CA ILE G 29 -51.05 -9.71 -31.98
C ILE G 29 -50.50 -11.13 -32.00
N PHE G 30 -51.37 -12.12 -32.21
CA PHE G 30 -50.89 -13.50 -32.28
C PHE G 30 -49.92 -13.69 -33.43
N ARG G 31 -50.24 -13.10 -34.59
CA ARG G 31 -49.36 -13.21 -35.75
C ARG G 31 -48.01 -12.55 -35.50
N PHE G 32 -48.01 -11.38 -34.86
CA PHE G 32 -46.76 -10.71 -34.54
C PHE G 32 -45.92 -11.55 -33.59
N ALA G 33 -46.55 -12.08 -32.54
CA ALA G 33 -45.83 -12.92 -31.59
C ALA G 33 -45.27 -14.16 -32.27
N ASP G 34 -45.97 -14.67 -33.29
CA ASP G 34 -45.49 -15.84 -34.01
C ASP G 34 -44.33 -15.50 -34.94
N GLU G 35 -44.37 -14.33 -35.58
CA GLU G 35 -43.46 -14.08 -36.68
C GLU G 35 -42.19 -13.33 -36.26
N GLN G 36 -42.24 -12.52 -35.21
CA GLN G 36 -40.97 -12.08 -34.62
C GLN G 36 -40.55 -12.96 -33.45
N ASN G 37 -41.34 -13.99 -33.12
CA ASN G 37 -40.95 -15.04 -32.19
C ASN G 37 -40.59 -14.47 -30.81
N VAL G 38 -41.56 -13.80 -30.21
CA VAL G 38 -41.40 -13.28 -28.86
C VAL G 38 -41.66 -14.42 -27.87
N LYS G 39 -40.89 -14.43 -26.79
CA LYS G 39 -41.08 -15.42 -25.74
C LYS G 39 -41.29 -14.79 -24.38
N PHE G 40 -41.18 -13.47 -24.27
CA PHE G 40 -41.36 -12.77 -23.00
C PHE G 40 -42.22 -11.55 -23.24
N ILE G 41 -43.25 -11.38 -22.41
CA ILE G 41 -44.21 -10.29 -22.58
C ILE G 41 -44.34 -9.57 -21.24
N ARG G 42 -44.24 -8.24 -21.28
CA ARG G 42 -44.35 -7.39 -20.10
C ARG G 42 -45.68 -6.66 -20.16
N LEU G 43 -46.61 -7.04 -19.29
CA LEU G 43 -47.88 -6.33 -19.15
C LEU G 43 -47.65 -5.20 -18.15
N GLN G 44 -47.34 -4.00 -18.65
CA GLN G 44 -46.86 -2.92 -17.81
C GLN G 44 -47.94 -1.86 -17.59
N PHE G 45 -47.83 -1.20 -16.45
CA PHE G 45 -48.78 -0.18 -16.03
C PHE G 45 -48.03 0.82 -15.14
N THR G 46 -48.74 1.87 -14.72
CA THR G 46 -48.15 2.94 -13.94
C THR G 46 -48.97 3.16 -12.68
N ASP G 47 -48.29 3.33 -11.55
CA ASP G 47 -48.95 3.58 -10.28
C ASP G 47 -49.16 5.08 -10.09
N ILE G 48 -49.61 5.48 -8.91
CA ILE G 48 -49.84 6.89 -8.62
C ILE G 48 -48.52 7.66 -8.63
N LEU G 49 -47.47 7.08 -8.06
CA LEU G 49 -46.19 7.77 -7.95
C LEU G 49 -45.48 7.91 -9.29
N GLY G 50 -45.97 7.26 -10.34
CA GLY G 50 -45.34 7.33 -11.64
C GLY G 50 -44.34 6.25 -11.95
N ILE G 51 -44.11 5.32 -11.01
CA ILE G 51 -43.15 4.25 -11.24
C ILE G 51 -43.74 3.25 -12.21
N ILE G 52 -42.95 2.86 -13.21
CA ILE G 52 -43.39 1.87 -14.19
C ILE G 52 -43.37 0.50 -13.54
N LYS G 53 -44.52 -0.16 -13.52
CA LYS G 53 -44.67 -1.49 -12.95
C LYS G 53 -45.23 -2.44 -14.01
N ASN G 54 -44.92 -3.73 -13.85
CA ASN G 54 -45.36 -4.71 -14.83
C ASN G 54 -45.46 -6.08 -14.17
N VAL G 55 -46.18 -6.97 -14.85
CA VAL G 55 -46.13 -8.39 -14.57
C VAL G 55 -45.62 -9.08 -15.83
N GLU G 56 -44.78 -10.08 -15.65
CA GLU G 56 -44.05 -10.70 -16.76
C GLU G 56 -44.56 -12.12 -16.96
N ILE G 57 -45.01 -12.41 -18.18
CA ILE G 57 -45.63 -13.69 -18.49
C ILE G 57 -44.94 -14.30 -19.72
N PRO G 58 -44.93 -15.62 -19.86
CA PRO G 58 -44.43 -16.23 -21.09
C PRO G 58 -45.41 -16.03 -22.24
N VAL G 59 -44.89 -16.25 -23.46
CA VAL G 59 -45.74 -16.10 -24.65
C VAL G 59 -46.84 -17.14 -24.68
N SER G 60 -46.69 -18.24 -23.93
CA SER G 60 -47.73 -19.27 -23.90
C SER G 60 -48.98 -18.76 -23.20
N GLN G 61 -48.86 -17.73 -22.36
CA GLN G 61 -50.00 -17.14 -21.67
C GLN G 61 -50.56 -15.93 -22.40
N LEU G 62 -50.15 -15.71 -23.66
CA LEU G 62 -50.64 -14.57 -24.41
C LEU G 62 -52.15 -14.68 -24.65
N LYS G 63 -52.65 -15.89 -24.88
CA LYS G 63 -54.08 -16.07 -25.07
C LYS G 63 -54.85 -15.69 -23.81
N LYS G 64 -54.36 -16.11 -22.64
CA LYS G 64 -55.01 -15.72 -21.38
C LYS G 64 -54.93 -14.22 -21.17
N ALA G 65 -53.79 -13.61 -21.50
CA ALA G 65 -53.67 -12.16 -21.36
C ALA G 65 -54.66 -11.43 -22.25
N LEU G 66 -54.82 -11.87 -23.49
CA LEU G 66 -55.81 -11.33 -24.40
C LEU G 66 -57.24 -11.63 -23.95
N ASP G 67 -57.45 -12.66 -23.13
CA ASP G 67 -58.77 -13.01 -22.64
C ASP G 67 -59.18 -12.18 -21.43
N ASN G 68 -58.33 -11.25 -20.99
CA ASN G 68 -58.63 -10.35 -19.87
C ASN G 68 -58.87 -11.14 -18.58
N LYS G 69 -58.09 -12.20 -18.38
CA LYS G 69 -58.26 -13.08 -17.22
C LYS G 69 -57.03 -13.11 -16.33
N ILE G 70 -56.13 -12.15 -16.43
CA ILE G 70 -54.91 -12.14 -15.63
C ILE G 70 -55.16 -11.41 -14.32
N MET G 71 -54.93 -12.11 -13.21
CA MET G 71 -54.99 -11.50 -11.89
C MET G 71 -53.63 -10.96 -11.48
N PHE G 72 -53.64 -9.98 -10.60
CA PHE G 72 -52.42 -9.48 -9.99
C PHE G 72 -52.80 -8.77 -8.69
N ASP G 73 -51.80 -8.61 -7.82
CA ASP G 73 -52.03 -7.96 -6.53
C ASP G 73 -52.30 -6.48 -6.77
N GLY G 74 -53.56 -6.09 -6.62
CA GLY G 74 -53.97 -4.73 -6.96
C GLY G 74 -53.48 -3.67 -6.00
N SER G 75 -53.04 -4.06 -4.80
CA SER G 75 -52.52 -3.07 -3.86
C SER G 75 -51.17 -2.54 -4.29
N SER G 76 -50.54 -3.14 -5.30
CA SER G 76 -49.24 -2.68 -5.76
C SER G 76 -49.32 -1.27 -6.33
N ILE G 77 -50.36 -0.97 -7.10
CA ILE G 77 -50.49 0.35 -7.70
C ILE G 77 -50.72 1.43 -6.65
N GLU G 78 -51.22 1.05 -5.47
CA GLU G 78 -51.39 2.03 -4.40
C GLU G 78 -50.06 2.53 -3.85
N GLY G 79 -48.95 1.89 -4.18
CA GLY G 79 -47.65 2.32 -3.72
C GLY G 79 -47.23 1.67 -2.42
N PHE G 80 -46.44 2.38 -1.63
CA PHE G 80 -45.97 1.86 -0.34
C PHE G 80 -47.02 1.98 0.75
N VAL G 81 -48.16 2.61 0.47
CA VAL G 81 -49.21 2.79 1.47
C VAL G 81 -50.26 1.70 1.33
N ARG G 82 -49.89 0.62 0.64
CA ARG G 82 -50.79 -0.53 0.51
C ARG G 82 -51.04 -1.17 1.86
N ILE G 83 -52.30 -1.49 2.13
CA ILE G 83 -52.69 -2.09 3.40
C ILE G 83 -53.37 -3.43 3.15
N GLU G 84 -54.46 -3.42 2.39
CA GLU G 84 -55.26 -4.61 2.12
C GLU G 84 -54.98 -5.10 0.71
N GLU G 85 -54.61 -6.38 0.60
CA GLU G 85 -54.41 -6.99 -0.71
C GLU G 85 -55.75 -7.20 -1.41
N SER G 86 -55.80 -6.89 -2.70
CA SER G 86 -57.01 -7.08 -3.49
C SER G 86 -56.62 -7.54 -4.90
N ASP G 87 -57.18 -8.65 -5.33
CA ASP G 87 -56.93 -9.16 -6.67
C ASP G 87 -57.80 -8.42 -7.68
N MET G 88 -57.21 -8.05 -8.81
CA MET G 88 -57.94 -7.28 -9.82
C MET G 88 -57.32 -7.54 -11.18
N TYR G 89 -58.13 -7.28 -12.23
CA TYR G 89 -57.77 -7.68 -13.57
C TYR G 89 -56.74 -6.72 -14.17
N LEU G 90 -56.23 -7.11 -15.34
CA LEU G 90 -55.14 -6.39 -16.01
C LEU G 90 -55.45 -6.24 -17.50
N PHE G 91 -56.64 -5.75 -17.82
CA PHE G 91 -57.10 -5.52 -19.19
C PHE G 91 -56.04 -4.76 -20.00
N PRO G 92 -55.46 -5.39 -21.02
CA PRO G 92 -54.42 -4.73 -21.81
C PRO G 92 -55.00 -3.91 -22.96
N ASP G 93 -54.11 -3.15 -23.61
CA ASP G 93 -54.45 -2.33 -24.76
C ASP G 93 -53.68 -2.84 -25.97
N LEU G 94 -54.41 -3.11 -27.06
CA LEU G 94 -53.81 -3.72 -28.24
C LEU G 94 -52.94 -2.76 -29.02
N ASP G 95 -53.29 -1.47 -29.04
CA ASP G 95 -52.58 -0.50 -29.87
C ASP G 95 -51.18 -0.22 -29.36
N THR G 96 -50.82 -0.67 -28.17
CA THR G 96 -49.51 -0.42 -27.58
C THR G 96 -48.58 -1.61 -27.68
N TRP G 97 -48.76 -2.47 -28.68
CA TRP G 97 -47.89 -3.63 -28.86
C TRP G 97 -46.55 -3.18 -29.43
N VAL G 98 -45.48 -3.36 -28.67
CA VAL G 98 -44.15 -2.91 -29.05
C VAL G 98 -43.16 -4.03 -28.71
N VAL G 99 -42.26 -4.33 -29.64
CA VAL G 99 -41.24 -5.36 -29.46
C VAL G 99 -39.89 -4.69 -29.30
N PHE G 100 -39.22 -4.96 -28.19
CA PHE G 100 -37.90 -4.38 -27.94
C PHE G 100 -36.84 -5.07 -28.80
N PRO G 101 -35.87 -4.34 -29.33
CA PRO G 101 -34.81 -4.97 -30.13
C PRO G 101 -33.65 -5.51 -29.31
N TRP G 102 -33.41 -4.96 -28.12
CA TRP G 102 -32.27 -5.38 -27.29
C TRP G 102 -32.64 -6.61 -26.49
N THR G 103 -32.90 -7.71 -27.22
CA THR G 103 -33.31 -8.96 -26.60
C THR G 103 -32.42 -10.14 -26.95
N ALA G 104 -31.32 -9.93 -27.66
CA ALA G 104 -30.41 -11.00 -28.08
C ALA G 104 -31.18 -11.99 -28.95
N GLU G 105 -30.79 -13.27 -28.90
CA GLU G 105 -31.43 -14.29 -29.72
C GLU G 105 -32.37 -15.21 -28.93
N LYS G 106 -32.25 -15.24 -27.60
CA LYS G 106 -33.10 -16.10 -26.78
C LYS G 106 -34.46 -15.44 -26.54
N GLY G 107 -35.23 -15.34 -27.63
CA GLY G 107 -36.58 -14.81 -27.56
C GLY G 107 -36.64 -13.30 -27.45
N LYS G 108 -37.63 -12.70 -28.10
CA LYS G 108 -37.83 -11.27 -28.03
C LYS G 108 -38.65 -10.89 -26.79
N VAL G 109 -38.73 -9.60 -26.53
CA VAL G 109 -39.52 -9.07 -25.43
C VAL G 109 -40.49 -8.03 -25.96
N ALA G 110 -41.74 -8.11 -25.51
CA ALA G 110 -42.77 -7.19 -25.93
C ALA G 110 -43.49 -6.62 -24.71
N ARG G 111 -44.05 -5.43 -24.87
CA ARG G 111 -44.77 -4.77 -23.79
C ARG G 111 -46.14 -4.32 -24.29
N MET G 112 -47.09 -4.27 -23.36
CA MET G 112 -48.44 -3.81 -23.65
C MET G 112 -48.93 -2.99 -22.46
N ILE G 113 -49.35 -1.75 -22.72
CA ILE G 113 -49.92 -0.93 -21.65
C ILE G 113 -51.28 -1.50 -21.27
N CYS G 114 -51.49 -1.74 -19.98
CA CYS G 114 -52.67 -2.43 -19.49
C CYS G 114 -53.48 -1.51 -18.58
N ASP G 115 -54.80 -1.53 -18.77
CA ASP G 115 -55.71 -0.84 -17.88
C ASP G 115 -55.98 -1.69 -16.64
N ILE G 116 -56.26 -1.03 -15.54
CA ILE G 116 -56.55 -1.68 -14.27
C ILE G 116 -58.06 -1.75 -14.10
N TYR G 117 -58.58 -2.95 -13.89
CA TYR G 117 -60.02 -3.17 -13.77
C TYR G 117 -60.32 -3.93 -12.50
N ASN G 118 -61.42 -3.54 -11.84
CA ASN G 118 -61.91 -4.26 -10.68
C ASN G 118 -62.47 -5.61 -11.11
N PRO G 119 -62.57 -6.56 -10.18
CA PRO G 119 -63.10 -7.90 -10.54
C PRO G 119 -64.52 -7.86 -11.07
N ASP G 120 -65.28 -6.78 -10.83
CA ASP G 120 -66.65 -6.68 -11.31
C ASP G 120 -66.75 -5.99 -12.67
N MET G 121 -65.72 -6.10 -13.51
CA MET G 121 -65.70 -5.54 -14.86
C MET G 121 -65.90 -4.02 -14.85
N THR G 122 -65.32 -3.35 -13.86
CA THR G 122 -65.35 -1.90 -13.81
C THR G 122 -63.93 -1.37 -13.67
N PRO G 123 -63.58 -0.30 -14.38
CA PRO G 123 -62.23 0.27 -14.25
C PRO G 123 -61.99 0.75 -12.83
N PHE G 124 -60.75 0.56 -12.36
CA PHE G 124 -60.41 0.95 -11.00
C PHE G 124 -60.34 2.48 -10.91
N ALA G 125 -60.90 3.02 -9.82
CA ALA G 125 -60.88 4.46 -9.64
C ALA G 125 -59.47 4.99 -9.41
N GLY G 126 -58.58 4.16 -8.86
CA GLY G 126 -57.24 4.58 -8.57
C GLY G 126 -56.25 4.49 -9.71
N ASP G 127 -56.69 4.06 -10.89
CA ASP G 127 -55.79 3.96 -12.02
C ASP G 127 -55.65 5.32 -12.70
N PRO G 128 -54.45 5.89 -12.79
CA PRO G 128 -54.31 7.18 -13.48
C PRO G 128 -54.77 7.16 -14.93
N ARG G 129 -54.54 6.06 -15.64
CA ARG G 129 -54.96 5.97 -17.03
C ARG G 129 -56.48 6.01 -17.15
N ALA G 130 -57.18 5.31 -16.27
CA ALA G 130 -58.64 5.35 -16.29
C ALA G 130 -59.16 6.75 -15.96
N ASN G 131 -58.49 7.43 -15.02
CA ASN G 131 -58.87 8.81 -14.70
C ASN G 131 -58.68 9.72 -15.90
N LEU G 132 -57.56 9.58 -16.61
CA LEU G 132 -57.34 10.38 -17.81
C LEU G 132 -58.39 10.07 -18.87
N LYS G 133 -58.75 8.80 -19.01
CA LYS G 133 -59.79 8.43 -19.98
C LYS G 133 -61.13 9.05 -19.60
N ARG G 134 -61.44 9.09 -18.30
CA ARG G 134 -62.69 9.73 -17.86
C ARG G 134 -62.68 11.22 -18.16
N VAL G 135 -61.55 11.89 -17.90
CA VAL G 135 -61.46 13.32 -18.19
C VAL G 135 -61.59 13.57 -19.70
N LEU G 136 -60.97 12.70 -20.50
CA LEU G 136 -61.09 12.84 -21.95
C LEU G 136 -62.53 12.60 -22.42
N LYS G 137 -63.24 11.68 -21.75
CA LYS G 137 -64.66 11.48 -22.04
C LYS G 137 -65.46 12.73 -21.72
N GLU G 138 -65.15 13.39 -20.60
CA GLU G 138 -65.80 14.65 -20.28
C GLU G 138 -65.52 15.69 -21.36
N MET G 139 -64.27 15.77 -21.82
CA MET G 139 -63.94 16.70 -22.89
C MET G 139 -64.75 16.41 -24.15
N GLU G 140 -64.81 15.13 -24.55
CA GLU G 140 -65.50 14.76 -25.77
C GLU G 140 -66.98 15.05 -25.68
N GLU G 141 -67.62 14.73 -24.54
CA GLU G 141 -69.03 15.05 -24.40
C GLU G 141 -69.27 16.55 -24.30
N LEU G 142 -68.23 17.32 -23.96
CA LEU G 142 -68.36 18.80 -23.91
C LEU G 142 -68.38 19.36 -25.34
N GLY G 143 -67.67 18.70 -26.27
CA GLY G 143 -67.71 19.14 -27.65
C GLY G 143 -66.41 19.04 -28.43
N PHE G 144 -65.33 18.72 -27.72
CA PHE G 144 -64.00 18.65 -28.38
C PHE G 144 -63.74 17.21 -28.84
N THR G 145 -62.70 17.03 -29.65
CA THR G 145 -62.38 15.72 -30.22
C THR G 145 -61.16 15.09 -29.55
N GLU G 146 -60.03 15.81 -29.50
CA GLU G 146 -58.81 15.25 -28.97
C GLU G 146 -58.00 16.34 -28.27
N PHE G 147 -57.07 15.91 -27.43
CA PHE G 147 -56.21 16.78 -26.64
C PHE G 147 -54.76 16.41 -26.97
N ASN G 148 -54.21 17.03 -28.01
CA ASN G 148 -52.86 16.72 -28.45
C ASN G 148 -51.82 17.27 -27.48
N LEU G 149 -50.73 16.51 -27.31
CA LEU G 149 -49.63 16.92 -26.44
C LEU G 149 -48.31 16.62 -27.11
N GLY G 150 -47.37 17.56 -26.99
CA GLY G 150 -45.99 17.31 -27.33
C GLY G 150 -45.07 17.68 -26.18
N PRO G 151 -44.44 16.68 -25.57
CA PRO G 151 -43.55 16.93 -24.44
C PRO G 151 -42.10 17.11 -24.85
N GLU G 152 -41.35 17.79 -23.99
CA GLU G 152 -39.93 18.07 -24.20
C GLU G 152 -39.15 17.68 -22.94
N PRO G 153 -39.03 16.39 -22.67
CA PRO G 153 -38.32 15.96 -21.45
C PRO G 153 -36.82 16.20 -21.53
N GLU G 154 -36.23 16.41 -20.36
CA GLU G 154 -34.79 16.57 -20.21
C GLU G 154 -34.29 15.61 -19.15
N PHE G 155 -33.12 15.00 -19.40
CA PHE G 155 -32.57 14.00 -18.50
C PHE G 155 -31.08 14.23 -18.31
N PHE G 156 -30.55 13.72 -17.21
CA PHE G 156 -29.14 13.81 -16.88
C PHE G 156 -28.48 12.44 -17.01
N LEU G 157 -27.19 12.44 -17.34
CA LEU G 157 -26.41 11.23 -17.47
C LEU G 157 -25.21 11.31 -16.54
N PHE G 158 -25.07 10.29 -15.69
CA PHE G 158 -24.01 10.25 -14.68
C PHE G 158 -23.15 9.02 -14.89
N LYS G 159 -21.84 9.17 -14.70
CA LYS G 159 -20.92 8.05 -14.86
C LYS G 159 -21.07 7.08 -13.70
N LEU G 160 -21.16 5.79 -14.02
CA LEU G 160 -21.26 4.76 -12.99
C LEU G 160 -19.90 4.54 -12.33
N ASP G 161 -19.94 4.02 -11.10
CA ASP G 161 -18.73 3.73 -10.36
C ASP G 161 -18.26 2.31 -10.66
N GLU G 162 -17.27 1.83 -9.92
CA GLU G 162 -16.75 0.48 -10.13
C GLU G 162 -17.82 -0.56 -9.79
N ASN G 163 -18.62 -0.30 -8.75
CA ASN G 163 -19.66 -1.21 -8.32
C ASN G 163 -21.00 -0.95 -9.02
N ARG G 164 -20.97 -0.38 -10.22
CA ARG G 164 -22.17 -0.04 -10.98
C ARG G 164 -23.09 0.88 -10.19
N ARG G 165 -22.50 1.86 -9.52
CA ARG G 165 -23.23 2.84 -8.75
C ARG G 165 -23.04 4.23 -9.35
N PRO G 166 -24.08 5.05 -9.37
CA PRO G 166 -23.95 6.40 -9.94
C PRO G 166 -22.98 7.25 -9.14
N THR G 167 -22.29 8.13 -9.83
CA THR G 167 -21.40 9.12 -9.24
C THR G 167 -21.96 10.51 -9.47
N LEU G 168 -21.21 11.51 -9.00
CA LEU G 168 -21.61 12.90 -9.16
C LEU G 168 -20.93 13.57 -10.34
N GLU G 169 -20.24 12.81 -11.18
CA GLU G 169 -19.53 13.35 -12.34
C GLU G 169 -20.35 13.09 -13.60
N LEU G 170 -20.34 14.07 -14.50
CA LEU G 170 -21.10 14.03 -15.73
C LEU G 170 -20.25 13.48 -16.87
N ASN G 171 -20.93 12.98 -17.91
CA ASN G 171 -20.22 12.35 -19.01
C ASN G 171 -19.43 13.35 -19.85
N ASP G 172 -19.95 14.57 -20.03
CA ASP G 172 -19.24 15.57 -20.81
C ASP G 172 -19.59 16.97 -20.30
N SER G 173 -18.66 17.89 -20.55
CA SER G 173 -18.85 19.29 -20.15
C SER G 173 -19.34 20.10 -21.35
N GLY G 174 -20.58 19.82 -21.74
CA GLY G 174 -21.18 20.47 -22.87
C GLY G 174 -21.84 21.79 -22.51
N GLY G 175 -22.52 22.37 -23.50
CA GLY G 175 -23.23 23.61 -23.31
C GLY G 175 -24.58 23.60 -23.99
N TYR G 176 -25.25 24.74 -24.05
CA TYR G 176 -26.57 24.81 -24.66
C TYR G 176 -26.46 24.62 -26.16
N PHE G 177 -27.16 23.62 -26.69
CA PHE G 177 -27.17 23.28 -28.12
C PHE G 177 -25.78 22.94 -28.64
N ASP G 178 -24.82 22.66 -27.75
CA ASP G 178 -23.46 22.35 -28.15
C ASP G 178 -23.37 20.95 -28.75
N LEU G 179 -22.38 20.78 -29.62
CA LEU G 179 -22.09 19.46 -30.20
C LEU G 179 -21.08 18.77 -29.30
N ALA G 180 -21.52 18.44 -28.10
CA ALA G 180 -20.64 17.94 -27.05
C ALA G 180 -20.27 16.47 -27.22
N PRO G 181 -21.22 15.54 -27.34
CA PRO G 181 -20.84 14.12 -27.41
C PRO G 181 -20.20 13.72 -28.73
N THR G 182 -20.18 14.61 -29.72
CA THR G 182 -19.57 14.38 -31.03
C THR G 182 -20.01 13.06 -31.67
N ASP G 183 -19.04 12.18 -31.94
CA ASP G 183 -19.30 10.98 -32.72
C ASP G 183 -18.34 9.86 -32.32
N LEU G 184 -18.20 8.86 -33.19
CA LEU G 184 -17.26 7.75 -33.00
C LEU G 184 -17.62 6.95 -31.74
N GLY G 185 -18.78 6.32 -31.82
CA GLY G 185 -19.25 5.51 -30.71
C GLY G 185 -19.81 6.38 -29.61
N GLU G 186 -20.02 5.77 -28.43
CA GLU G 186 -20.71 6.40 -27.32
C GLU G 186 -21.90 7.22 -27.81
N ASN G 187 -21.89 8.52 -27.52
CA ASN G 187 -22.98 9.43 -27.91
C ASN G 187 -24.33 8.84 -27.57
N CYS G 188 -24.59 8.66 -26.27
CA CYS G 188 -25.79 7.94 -25.84
C CYS G 188 -27.07 8.59 -26.35
N ARG G 189 -27.07 9.91 -26.54
CA ARG G 189 -28.27 10.57 -27.06
C ARG G 189 -28.57 10.12 -28.48
N ARG G 190 -27.54 10.03 -29.33
CA ARG G 190 -27.76 9.60 -30.70
C ARG G 190 -28.27 8.16 -30.76
N ASP G 191 -27.70 7.28 -29.93
CA ASP G 191 -28.15 5.90 -29.90
C ASP G 191 -29.58 5.80 -29.39
N ILE G 192 -29.92 6.61 -28.38
CA ILE G 192 -31.29 6.61 -27.85
C ILE G 192 -32.26 7.05 -28.93
N VAL G 193 -31.93 8.10 -29.66
CA VAL G 193 -32.81 8.59 -30.73
C VAL G 193 -32.96 7.53 -31.81
N LEU G 194 -31.85 6.88 -32.19
CA LEU G 194 -31.92 5.87 -33.25
C LEU G 194 -32.77 4.67 -32.81
N GLU G 195 -32.59 4.22 -31.57
CA GLU G 195 -33.40 3.09 -31.09
C GLU G 195 -34.88 3.47 -31.01
N LEU G 196 -35.18 4.68 -30.54
CA LEU G 196 -36.58 5.12 -30.49
C LEU G 196 -37.19 5.19 -31.88
N GLU G 197 -36.43 5.68 -32.86
CA GLU G 197 -36.93 5.74 -34.24
C GLU G 197 -37.15 4.34 -34.81
N GLU G 198 -36.21 3.43 -34.59
CA GLU G 198 -36.38 2.06 -35.04
C GLU G 198 -37.59 1.41 -34.39
N MET G 199 -37.85 1.74 -33.13
CA MET G 199 -38.94 1.11 -32.38
C MET G 199 -40.31 1.60 -32.83
N GLY G 200 -40.39 2.79 -33.44
CA GLY G 200 -41.65 3.26 -33.97
C GLY G 200 -42.18 4.51 -33.31
N PHE G 201 -41.29 5.36 -32.80
CA PHE G 201 -41.67 6.62 -32.20
C PHE G 201 -41.34 7.78 -33.12
N GLU G 202 -42.05 8.87 -32.94
CA GLU G 202 -41.87 10.08 -33.75
C GLU G 202 -41.07 11.08 -32.92
N ILE G 203 -39.88 11.44 -33.42
CA ILE G 203 -38.97 12.35 -32.74
C ILE G 203 -38.80 13.58 -33.61
N GLU G 204 -38.98 14.75 -33.02
CA GLU G 204 -38.79 16.00 -33.76
C GLU G 204 -37.31 16.38 -33.82
N ALA G 205 -36.70 16.62 -32.67
CA ALA G 205 -35.30 17.02 -32.63
C ALA G 205 -34.74 16.72 -31.25
N SER G 206 -33.41 16.61 -31.19
CA SER G 206 -32.69 16.42 -29.95
C SER G 206 -31.48 17.34 -29.92
N HIS G 207 -31.09 17.75 -28.72
CA HIS G 207 -29.98 18.68 -28.57
C HIS G 207 -29.43 18.56 -27.16
N HIS G 208 -28.37 19.30 -26.89
CA HIS G 208 -27.72 19.33 -25.58
C HIS G 208 -28.23 20.53 -24.80
N GLU G 209 -28.66 20.29 -23.56
CA GLU G 209 -29.17 21.36 -22.73
C GLU G 209 -28.02 22.18 -22.16
N VAL G 210 -28.36 23.32 -21.56
CA VAL G 210 -27.35 24.27 -21.10
C VAL G 210 -26.47 23.67 -20.01
N ALA G 211 -27.04 22.84 -19.14
CA ALA G 211 -26.24 22.18 -18.13
C ALA G 211 -25.36 21.12 -18.77
N PRO G 212 -24.16 20.88 -18.22
CA PRO G 212 -23.34 19.77 -18.73
C PRO G 212 -24.04 18.44 -18.53
N GLY G 213 -23.82 17.53 -19.46
CA GLY G 213 -24.38 16.19 -19.34
C GLY G 213 -25.89 16.13 -19.37
N GLN G 214 -26.57 17.20 -19.73
CA GLN G 214 -28.02 17.25 -19.80
C GLN G 214 -28.46 17.28 -21.25
N HIS G 215 -29.41 16.41 -21.60
CA HIS G 215 -29.86 16.27 -22.97
C HIS G 215 -31.37 16.37 -23.02
N GLU G 216 -31.89 16.86 -24.15
CA GLU G 216 -33.33 17.01 -24.35
C GLU G 216 -33.71 16.36 -25.68
N ILE G 217 -34.81 15.61 -25.66
CA ILE G 217 -35.35 14.98 -26.86
C ILE G 217 -36.81 15.41 -27.00
N ASP G 218 -37.16 15.93 -28.16
CA ASP G 218 -38.50 16.43 -28.41
C ASP G 218 -39.32 15.40 -29.18
N PHE G 219 -40.62 15.37 -28.88
CA PHE G 219 -41.54 14.41 -29.48
C PHE G 219 -42.52 15.14 -30.39
N LYS G 220 -43.16 14.38 -31.27
CA LYS G 220 -44.22 14.91 -32.10
C LYS G 220 -45.50 15.06 -31.27
N TYR G 221 -46.58 15.42 -31.95
CA TYR G 221 -47.85 15.74 -31.29
C TYR G 221 -48.86 14.63 -31.59
N GLU G 222 -49.20 13.86 -30.56
CA GLU G 222 -50.19 12.80 -30.65
C GLU G 222 -51.22 12.96 -29.53
N ASP G 223 -52.08 11.97 -29.38
CA ASP G 223 -53.14 12.03 -28.37
C ASP G 223 -52.54 11.95 -26.97
N ALA G 224 -53.34 12.34 -25.99
CA ALA G 224 -52.86 12.43 -24.61
C ALA G 224 -52.44 11.06 -24.07
N ILE G 225 -53.29 10.05 -24.27
CA ILE G 225 -52.95 8.71 -23.78
C ILE G 225 -51.71 8.17 -24.47
N THR G 226 -51.64 8.35 -25.79
CA THR G 226 -50.44 7.97 -26.51
C THR G 226 -49.24 8.80 -26.09
N ALA G 227 -49.46 10.06 -25.69
CA ALA G 227 -48.36 10.87 -25.17
C ALA G 227 -47.82 10.28 -23.87
N CYS G 228 -48.72 9.86 -22.97
CA CYS G 228 -48.28 9.22 -21.74
C CYS G 228 -47.51 7.94 -22.03
N ASP G 229 -48.03 7.12 -22.95
CA ASP G 229 -47.34 5.87 -23.28
C ASP G 229 -45.96 6.15 -23.86
N SER G 230 -45.86 7.15 -24.74
CA SER G 230 -44.57 7.52 -25.31
C SER G 230 -43.61 8.01 -24.24
N ILE G 231 -44.10 8.81 -23.28
CA ILE G 231 -43.24 9.32 -22.22
C ILE G 231 -42.70 8.19 -21.37
N GLN G 232 -43.58 7.27 -20.97
CA GLN G 232 -43.13 6.15 -20.13
C GLN G 232 -42.14 5.26 -20.87
N THR G 233 -42.44 4.95 -22.14
CA THR G 233 -41.53 4.13 -22.93
C THR G 233 -40.20 4.84 -23.13
N PHE G 234 -40.23 6.16 -23.31
CA PHE G 234 -39.01 6.94 -23.47
C PHE G 234 -38.17 6.87 -22.21
N LYS G 235 -38.80 7.00 -21.03
CA LYS G 235 -38.06 6.88 -19.78
C LYS G 235 -37.41 5.50 -19.67
N LEU G 236 -38.18 4.44 -19.95
CA LEU G 236 -37.64 3.10 -19.86
C LEU G 236 -36.47 2.89 -20.82
N VAL G 237 -36.62 3.34 -22.06
CA VAL G 237 -35.59 3.15 -23.07
C VAL G 237 -34.34 3.93 -22.72
N VAL G 238 -34.50 5.18 -22.27
CA VAL G 238 -33.35 5.98 -21.90
C VAL G 238 -32.59 5.33 -20.74
N LYS G 239 -33.32 4.85 -19.73
CA LYS G 239 -32.66 4.20 -18.61
C LYS G 239 -31.91 2.95 -19.06
N THR G 240 -32.56 2.11 -19.87
CA THR G 240 -31.94 0.83 -20.31
C THR G 240 -30.67 1.10 -21.11
N ILE G 241 -30.74 1.94 -22.14
CA ILE G 241 -29.56 2.20 -23.02
C ILE G 241 -28.41 2.79 -22.20
N ALA G 242 -28.70 3.78 -21.33
CA ALA G 242 -27.65 4.36 -20.47
C ALA G 242 -26.97 3.24 -19.66
N ARG G 243 -27.75 2.42 -18.95
CA ARG G 243 -27.20 1.31 -18.13
C ARG G 243 -26.27 0.44 -18.99
N LYS G 244 -26.71 0.08 -20.20
CA LYS G 244 -25.90 -0.77 -21.11
C LYS G 244 -24.57 -0.06 -21.41
N HIS G 245 -24.60 1.25 -21.64
CA HIS G 245 -23.37 2.02 -21.98
C HIS G 245 -22.61 2.42 -20.70
N GLY G 246 -22.95 1.82 -19.56
CA GLY G 246 -22.23 2.10 -18.30
C GLY G 246 -22.50 3.50 -17.77
N LEU G 247 -23.74 4.00 -17.94
CA LEU G 247 -24.09 5.30 -17.42
C LEU G 247 -25.41 5.19 -16.65
N HIS G 248 -25.74 6.23 -15.90
CA HIS G 248 -26.99 6.29 -15.17
C HIS G 248 -27.81 7.47 -15.67
N ALA G 249 -29.06 7.19 -16.04
CA ALA G 249 -29.98 8.22 -16.51
C ALA G 249 -30.85 8.65 -15.35
N THR G 250 -30.92 9.95 -15.10
CA THR G 250 -31.65 10.52 -13.98
C THR G 250 -32.65 11.54 -14.48
N PHE G 251 -33.91 11.42 -14.02
CA PHE G 251 -34.95 12.40 -14.31
C PHE G 251 -35.27 13.26 -13.10
N MET G 252 -34.49 13.19 -12.04
CA MET G 252 -34.71 14.05 -10.89
C MET G 252 -34.47 15.51 -11.30
N PRO G 253 -35.39 16.42 -10.99
CA PRO G 253 -35.33 17.76 -11.60
C PRO G 253 -34.04 18.51 -11.35
N LYS G 254 -33.49 18.45 -10.14
CA LYS G 254 -32.31 19.24 -9.76
C LYS G 254 -31.26 18.31 -9.16
N PRO G 255 -30.52 17.59 -10.01
CA PRO G 255 -29.48 16.70 -9.48
C PRO G 255 -28.38 17.40 -8.69
N LEU G 256 -28.02 18.62 -9.07
CA LEU G 256 -26.90 19.32 -8.46
C LEU G 256 -27.29 20.77 -8.19
N PHE G 257 -26.62 21.35 -7.19
CA PHE G 257 -26.83 22.75 -6.85
C PHE G 257 -25.99 23.64 -7.76
N GLY G 258 -26.56 24.78 -8.14
CA GLY G 258 -25.88 25.67 -9.05
C GLY G 258 -25.90 25.22 -10.49
N VAL G 259 -26.64 24.17 -10.81
CA VAL G 259 -26.74 23.63 -12.16
C VAL G 259 -28.20 23.63 -12.56
N ASN G 260 -28.47 23.99 -13.82
CA ASN G 260 -29.84 24.14 -14.27
C ASN G 260 -30.60 22.83 -14.15
N GLY G 261 -31.89 22.95 -13.83
CA GLY G 261 -32.73 21.79 -13.63
C GLY G 261 -33.25 21.21 -14.93
N SER G 262 -34.03 20.14 -14.78
CA SER G 262 -34.62 19.43 -15.90
C SER G 262 -36.10 19.75 -15.99
N GLY G 263 -36.57 20.06 -17.20
CA GLY G 263 -37.96 20.37 -17.41
C GLY G 263 -38.62 19.48 -18.45
N MET G 264 -39.94 19.42 -18.42
CA MET G 264 -40.73 18.59 -19.33
C MET G 264 -41.89 19.42 -19.89
N HIS G 265 -41.55 20.58 -20.46
CA HIS G 265 -42.55 21.49 -21.00
C HIS G 265 -43.56 20.77 -21.87
N PHE G 266 -44.84 21.05 -21.64
CA PHE G 266 -45.95 20.46 -22.39
C PHE G 266 -46.44 21.46 -23.42
N ASN G 267 -46.39 21.07 -24.69
CA ASN G 267 -46.98 21.84 -25.78
C ASN G 267 -48.31 21.17 -26.14
N MET G 268 -49.41 21.77 -25.70
CA MET G 268 -50.72 21.17 -25.78
C MET G 268 -51.66 22.03 -26.64
N SER G 269 -52.52 21.36 -27.40
CA SER G 269 -53.50 22.02 -28.24
C SER G 269 -54.80 21.24 -28.19
N LEU G 270 -55.91 21.94 -28.44
CA LEU G 270 -57.24 21.36 -28.38
C LEU G 270 -57.83 21.33 -29.78
N PHE G 271 -58.44 20.20 -30.14
CA PHE G 271 -58.97 20.00 -31.47
C PHE G 271 -60.48 19.78 -31.42
N ASN G 272 -61.16 20.20 -32.48
CA ASN G 272 -62.60 19.96 -32.63
C ASN G 272 -62.87 19.31 -33.98
N GLU G 273 -64.15 19.22 -34.36
CA GLU G 273 -64.50 18.63 -35.64
C GLU G 273 -63.92 19.43 -36.80
N LYS G 274 -64.00 20.76 -36.72
CA LYS G 274 -63.45 21.60 -37.78
C LYS G 274 -61.94 21.48 -37.86
N GLY G 275 -61.27 21.44 -36.71
CA GLY G 275 -59.82 21.35 -36.68
C GLY G 275 -59.23 21.82 -35.37
N ASN G 276 -58.21 22.67 -35.44
CA ASN G 276 -57.60 23.22 -34.24
C ASN G 276 -58.54 24.26 -33.62
N ALA G 277 -58.86 24.08 -32.35
CA ALA G 277 -59.76 25.00 -31.65
C ALA G 277 -59.04 26.23 -31.11
N PHE G 278 -57.71 26.25 -31.13
CA PHE G 278 -56.94 27.37 -30.61
C PHE G 278 -56.54 28.37 -31.68
N PHE G 279 -56.94 28.17 -32.93
CA PHE G 279 -56.53 29.00 -34.05
C PHE G 279 -57.71 29.79 -34.58
N ASP G 280 -57.51 31.08 -34.81
CA ASP G 280 -58.53 31.94 -35.39
C ASP G 280 -57.84 33.13 -36.03
N GLU G 281 -57.94 33.25 -37.36
CA GLU G 281 -57.25 34.32 -38.06
C GLU G 281 -57.82 35.69 -37.72
N SER G 282 -59.10 35.75 -37.35
CA SER G 282 -59.77 37.01 -37.06
C SER G 282 -59.62 37.44 -35.60
N GLY G 283 -58.99 36.63 -34.76
CA GLY G 283 -58.83 36.95 -33.35
C GLY G 283 -57.50 37.61 -33.06
N GLU G 284 -57.40 38.17 -31.86
CA GLU G 284 -56.16 38.80 -31.41
C GLU G 284 -55.07 37.76 -31.24
N LEU G 285 -53.86 38.10 -31.70
CA LEU G 285 -52.71 37.21 -31.66
C LEU G 285 -52.95 35.91 -32.43
N GLU G 286 -53.88 35.94 -33.39
CA GLU G 286 -54.29 34.75 -34.13
C GLU G 286 -54.73 33.63 -33.19
N LEU G 287 -55.44 34.01 -32.14
CA LEU G 287 -55.90 33.09 -31.12
C LEU G 287 -57.42 33.14 -31.01
N SER G 288 -58.05 31.98 -30.87
CA SER G 288 -59.48 31.91 -30.70
C SER G 288 -59.87 32.19 -29.25
N GLN G 289 -61.16 32.50 -29.05
CA GLN G 289 -61.65 32.72 -27.69
C GLN G 289 -61.53 31.46 -26.85
N THR G 290 -61.59 30.29 -27.48
CA THR G 290 -61.36 29.05 -26.75
C THR G 290 -59.94 28.99 -26.17
N ALA G 291 -58.97 29.47 -26.95
CA ALA G 291 -57.59 29.50 -26.46
C ALA G 291 -57.46 30.43 -25.26
N TYR G 292 -58.12 31.59 -25.31
CA TYR G 292 -58.04 32.52 -24.19
C TYR G 292 -58.75 31.96 -22.95
N HIS G 293 -59.88 31.28 -23.14
CA HIS G 293 -60.54 30.64 -22.01
C HIS G 293 -59.66 29.55 -21.41
N PHE G 294 -58.99 28.78 -22.27
CA PHE G 294 -58.06 27.72 -21.78
C PHE G 294 -56.93 28.38 -20.99
N LEU G 295 -56.37 29.49 -21.50
CA LEU G 295 -55.30 30.19 -20.80
C LEU G 295 -55.76 30.68 -19.44
N ALA G 296 -56.97 31.25 -19.38
CA ALA G 296 -57.50 31.71 -18.10
C ALA G 296 -57.70 30.56 -17.13
N GLY G 297 -58.21 29.43 -17.62
CA GLY G 297 -58.38 28.28 -16.75
C GLY G 297 -57.06 27.73 -16.24
N MET G 298 -56.04 27.70 -17.09
CA MET G 298 -54.72 27.26 -16.66
C MET G 298 -54.12 28.21 -15.64
N LEU G 299 -54.26 29.52 -15.86
CA LEU G 299 -53.64 30.49 -14.96
C LEU G 299 -54.35 30.54 -13.61
N LYS G 300 -55.68 30.39 -13.61
CA LYS G 300 -56.44 30.50 -12.36
C LYS G 300 -56.10 29.37 -11.40
N HIS G 301 -55.95 28.15 -11.91
CA HIS G 301 -55.75 26.97 -11.07
C HIS G 301 -54.31 26.49 -11.04
N ALA G 302 -53.35 27.29 -11.54
CA ALA G 302 -51.97 26.84 -11.60
C ALA G 302 -51.43 26.53 -10.20
N ARG G 303 -51.72 27.40 -9.24
CA ARG G 303 -51.34 27.14 -7.86
C ARG G 303 -51.99 25.88 -7.33
N GLY G 304 -53.17 25.53 -7.84
CA GLY G 304 -53.85 24.33 -7.38
C GLY G 304 -53.14 23.05 -7.80
N TYR G 305 -52.74 22.95 -9.07
CA TYR G 305 -52.15 21.74 -9.59
C TYR G 305 -50.63 21.79 -9.66
N THR G 306 -50.01 22.83 -9.07
CA THR G 306 -48.55 22.85 -9.01
C THR G 306 -48.01 21.62 -8.29
N ALA G 307 -48.73 21.12 -7.28
CA ALA G 307 -48.31 19.91 -6.59
C ALA G 307 -48.34 18.71 -7.51
N VAL G 308 -49.39 18.56 -8.32
CA VAL G 308 -49.49 17.43 -9.23
C VAL G 308 -48.42 17.51 -10.30
N THR G 309 -48.18 18.71 -10.84
CA THR G 309 -47.18 18.86 -11.88
C THR G 309 -45.76 18.78 -11.34
N ASN G 310 -45.56 19.04 -10.05
CA ASN G 310 -44.25 18.95 -9.40
C ASN G 310 -44.41 18.14 -8.11
N PRO G 311 -44.42 16.82 -8.23
CA PRO G 311 -44.77 15.97 -7.09
C PRO G 311 -43.64 15.64 -6.12
N THR G 312 -42.42 16.06 -6.38
CA THR G 312 -41.29 15.71 -5.55
C THR G 312 -40.79 16.92 -4.76
N ILE G 313 -40.09 16.64 -3.67
CA ILE G 313 -39.48 17.70 -2.87
C ILE G 313 -38.41 18.42 -3.69
N ASN G 314 -37.60 17.66 -4.43
CA ASN G 314 -36.52 18.25 -5.22
C ASN G 314 -37.05 19.09 -6.37
N SER G 315 -38.32 18.89 -6.75
CA SER G 315 -38.88 19.64 -7.88
C SER G 315 -38.93 21.13 -7.58
N PHE G 316 -39.30 21.51 -6.36
CA PHE G 316 -39.41 22.92 -6.02
C PHE G 316 -38.06 23.59 -5.84
N LYS G 317 -36.98 22.83 -5.74
CA LYS G 317 -35.65 23.43 -5.79
C LYS G 317 -35.34 23.97 -7.18
N ARG G 318 -35.99 23.43 -8.21
CA ARG G 318 -35.84 23.96 -9.56
C ARG G 318 -36.64 25.25 -9.74
N LEU G 319 -37.79 25.35 -9.08
CA LEU G 319 -38.66 26.53 -9.19
C LEU G 319 -38.16 27.64 -8.27
N VAL G 320 -37.07 28.26 -8.69
CA VAL G 320 -36.47 29.39 -7.99
C VAL G 320 -36.51 30.59 -8.93
N PRO G 321 -36.60 31.82 -8.40
CA PRO G 321 -36.60 32.99 -9.29
C PRO G 321 -35.34 33.09 -10.14
N GLY G 322 -35.53 33.32 -11.44
CA GLY G 322 -34.41 33.44 -12.36
C GLY G 322 -34.82 33.91 -13.73
N TYR G 323 -34.20 33.35 -14.77
CA TYR G 323 -34.54 33.68 -16.15
C TYR G 323 -35.03 32.47 -16.94
N GLU G 324 -35.02 31.28 -16.33
CA GLU G 324 -35.49 30.08 -17.02
C GLU G 324 -36.42 29.22 -16.18
N ALA G 325 -36.59 29.49 -14.88
CA ALA G 325 -37.45 28.69 -14.03
C ALA G 325 -38.74 29.43 -13.77
N PRO G 326 -39.89 28.90 -14.18
CA PRO G 326 -41.15 29.62 -13.95
C PRO G 326 -41.63 29.53 -12.50
N CYS G 327 -41.49 30.62 -11.77
CA CYS G 327 -42.01 30.72 -10.40
C CYS G 327 -43.06 31.81 -10.27
N TYR G 328 -43.60 32.28 -11.38
CA TYR G 328 -44.62 33.32 -11.41
C TYR G 328 -45.84 32.81 -12.14
N ILE G 329 -46.98 33.48 -11.94
CA ILE G 329 -48.20 33.11 -12.64
C ILE G 329 -48.53 34.18 -13.67
N ALA G 330 -48.08 33.97 -14.90
CA ALA G 330 -48.32 34.92 -15.99
C ALA G 330 -48.13 34.20 -17.32
N TRP G 331 -48.68 34.80 -18.36
CA TRP G 331 -48.57 34.27 -19.72
C TRP G 331 -48.07 35.35 -20.67
N SER G 332 -47.31 34.93 -21.67
CA SER G 332 -46.74 35.86 -22.63
C SER G 332 -46.37 35.11 -23.90
N GLY G 333 -46.15 35.87 -24.97
CA GLY G 333 -45.75 35.29 -26.24
C GLY G 333 -44.60 36.01 -26.90
N LYS G 334 -44.07 37.05 -26.24
CA LYS G 334 -42.98 37.83 -26.82
C LYS G 334 -41.71 37.74 -25.99
N ASN G 335 -41.80 38.04 -24.69
CA ASN G 335 -40.60 38.08 -23.86
C ASN G 335 -40.07 36.68 -23.57
N ARG G 336 -40.93 35.67 -23.65
CA ARG G 336 -40.62 34.29 -23.30
C ARG G 336 -40.28 34.17 -21.81
N SER G 337 -39.92 32.95 -21.40
CA SER G 337 -39.75 32.56 -20.00
C SER G 337 -40.91 32.96 -19.10
N PRO G 338 -42.19 32.79 -19.51
CA PRO G 338 -43.29 32.96 -18.56
C PRO G 338 -43.65 31.63 -17.93
N LEU G 339 -44.70 31.61 -17.10
CA LEU G 339 -45.27 30.33 -16.68
C LEU G 339 -45.86 29.59 -17.88
N VAL G 340 -46.66 30.30 -18.68
CA VAL G 340 -47.27 29.74 -19.88
C VAL G 340 -46.82 30.58 -21.07
N ARG G 341 -46.23 29.91 -22.07
CA ARG G 341 -45.71 30.58 -23.25
C ARG G 341 -46.47 30.11 -24.48
N VAL G 342 -46.77 31.06 -25.36
CA VAL G 342 -47.48 30.78 -26.61
C VAL G 342 -46.45 30.83 -27.74
N PRO G 343 -46.11 29.71 -28.36
CA PRO G 343 -45.13 29.74 -29.46
C PRO G 343 -45.65 30.55 -30.64
N SER G 344 -44.70 31.14 -31.38
CA SER G 344 -45.05 32.01 -32.51
C SER G 344 -45.75 31.26 -33.63
N SER G 345 -45.58 29.95 -33.73
CA SER G 345 -46.22 29.18 -34.79
C SER G 345 -47.73 29.20 -34.64
N ARG G 346 -48.43 29.29 -35.76
CA ARG G 346 -49.89 29.34 -35.76
C ARG G 346 -50.47 28.33 -36.74
N GLY G 347 -51.78 28.39 -36.96
CA GLY G 347 -52.45 27.44 -37.82
C GLY G 347 -52.76 26.14 -37.09
N LEU G 348 -52.52 25.02 -37.75
CA LEU G 348 -52.71 23.71 -37.10
C LEU G 348 -51.69 23.45 -36.01
N SER G 349 -50.62 24.25 -35.94
CA SER G 349 -49.59 24.09 -34.93
C SER G 349 -49.78 25.02 -33.74
N THR G 350 -50.90 25.76 -33.70
CA THR G 350 -51.16 26.65 -32.58
C THR G 350 -51.26 25.85 -31.28
N ARG G 351 -50.59 26.34 -30.25
CA ARG G 351 -50.51 25.58 -29.00
C ARG G 351 -50.16 26.52 -27.86
N LEU G 352 -50.40 26.04 -26.64
CA LEU G 352 -50.01 26.72 -25.42
C LEU G 352 -49.03 25.85 -24.66
N GLU G 353 -47.89 26.42 -24.27
CA GLU G 353 -46.82 25.68 -23.62
C GLU G 353 -46.82 25.99 -22.13
N LEU G 354 -46.85 24.95 -21.31
CA LEU G 354 -46.71 25.08 -19.87
C LEU G 354 -45.32 24.60 -19.47
N ARG G 355 -44.55 25.49 -18.83
CA ARG G 355 -43.15 25.23 -18.55
C ARG G 355 -42.86 24.83 -17.12
N SER G 356 -43.89 24.65 -16.29
CA SER G 356 -43.67 24.31 -14.88
C SER G 356 -43.60 22.82 -14.63
N VAL G 357 -43.79 21.98 -15.64
CA VAL G 357 -43.78 20.53 -15.47
C VAL G 357 -42.35 20.05 -15.49
N ASP G 358 -42.06 19.04 -14.68
CA ASP G 358 -40.74 18.42 -14.59
C ASP G 358 -40.85 16.93 -14.91
N PRO G 359 -39.77 16.28 -15.34
CA PRO G 359 -39.86 14.88 -15.77
C PRO G 359 -40.30 13.91 -14.68
N SER G 360 -40.13 14.26 -13.40
CA SER G 360 -40.53 13.33 -12.35
C SER G 360 -42.04 13.25 -12.16
N ALA G 361 -42.81 14.12 -12.80
CA ALA G 361 -44.25 14.14 -12.65
C ALA G 361 -44.89 12.98 -13.39
N ASN G 362 -46.07 12.59 -12.93
CA ASN G 362 -46.85 11.57 -13.62
C ASN G 362 -47.62 12.22 -14.77
N PRO G 363 -47.35 11.82 -16.02
CA PRO G 363 -48.03 12.48 -17.15
C PRO G 363 -49.54 12.33 -17.12
N TYR G 364 -50.04 11.17 -16.69
CA TYR G 364 -51.48 10.95 -16.65
C TYR G 364 -52.17 11.95 -15.73
N LEU G 365 -51.71 12.04 -14.48
CA LEU G 365 -52.28 12.99 -13.55
C LEU G 365 -52.06 14.42 -14.00
N ALA G 366 -50.88 14.69 -14.58
CA ALA G 366 -50.57 16.04 -15.03
C ALA G 366 -51.57 16.54 -16.06
N MET G 367 -51.78 15.78 -17.14
CA MET G 367 -52.76 16.26 -18.10
C MET G 367 -54.19 16.07 -17.63
N ALA G 368 -54.46 15.16 -16.70
CA ALA G 368 -55.80 15.10 -16.13
C ALA G 368 -56.16 16.41 -15.45
N VAL G 369 -55.29 16.89 -14.57
CA VAL G 369 -55.58 18.14 -13.86
C VAL G 369 -55.52 19.33 -14.82
N LEU G 370 -54.59 19.30 -15.78
CA LEU G 370 -54.50 20.40 -16.74
C LEU G 370 -55.75 20.50 -17.59
N LEU G 371 -56.19 19.36 -18.14
CA LEU G 371 -57.39 19.38 -19.02
C LEU G 371 -58.59 19.89 -18.22
N LYS G 372 -58.76 19.38 -16.99
CA LYS G 372 -59.89 19.82 -16.12
C LYS G 372 -59.83 21.33 -15.94
N ALA G 373 -58.69 21.87 -15.48
CA ALA G 373 -58.54 23.32 -15.25
C ALA G 373 -58.86 24.10 -16.53
N GLY G 374 -58.23 23.73 -17.65
CA GLY G 374 -58.46 24.43 -18.92
C GLY G 374 -59.92 24.39 -19.35
N LEU G 375 -60.54 23.21 -19.27
CA LEU G 375 -61.96 23.05 -19.68
C LEU G 375 -62.87 23.86 -18.73
N SER G 376 -62.55 23.89 -17.44
CA SER G 376 -63.33 24.72 -16.49
C SER G 376 -63.24 26.20 -16.90
N GLY G 377 -62.06 26.65 -17.35
CA GLY G 377 -61.90 28.03 -17.83
C GLY G 377 -62.78 28.30 -19.03
N ILE G 378 -62.94 27.29 -19.92
CA ILE G 378 -63.83 27.45 -21.10
C ILE G 378 -65.29 27.48 -20.63
N LYS G 379 -65.68 26.53 -19.77
CA LYS G 379 -67.08 26.48 -19.25
C LYS G 379 -67.42 27.81 -18.58
N ASP G 380 -66.53 28.33 -17.75
CA ASP G 380 -66.79 29.59 -17.06
C ASP G 380 -66.54 30.82 -17.95
N GLU G 381 -65.96 30.63 -19.13
CA GLU G 381 -65.68 31.74 -20.05
C GLU G 381 -64.84 32.82 -19.39
N LEU G 382 -63.85 32.40 -18.61
CA LEU G 382 -63.00 33.33 -17.89
C LEU G 382 -62.14 34.12 -18.87
N THR G 383 -61.94 35.40 -18.57
CA THR G 383 -61.08 36.26 -19.37
C THR G 383 -59.67 36.24 -18.81
N PRO G 384 -58.65 35.87 -19.59
CA PRO G 384 -57.31 35.77 -19.03
C PRO G 384 -56.75 37.17 -18.77
N PRO G 385 -55.81 37.29 -17.82
CA PRO G 385 -55.18 38.58 -17.58
C PRO G 385 -54.31 39.00 -18.75
N ALA G 386 -54.06 40.31 -18.84
CA ALA G 386 -53.27 40.85 -19.93
C ALA G 386 -51.84 40.28 -19.87
N PRO G 387 -51.27 39.92 -21.00
CA PRO G 387 -49.91 39.37 -20.99
C PRO G 387 -48.89 40.40 -20.56
N VAL G 388 -47.82 39.92 -19.93
CA VAL G 388 -46.73 40.76 -19.46
C VAL G 388 -45.48 40.43 -20.28
N ASP G 389 -44.89 41.46 -20.87
CA ASP G 389 -43.66 41.29 -21.65
C ASP G 389 -42.52 42.12 -21.08
N ARG G 390 -42.60 42.49 -19.81
CA ARG G 390 -41.60 43.35 -19.17
C ARG G 390 -40.53 42.56 -18.43
N ASN G 391 -40.28 41.30 -18.82
CA ASN G 391 -39.20 40.52 -18.25
C ASN G 391 -39.35 40.40 -16.73
N ILE G 392 -40.35 39.68 -16.26
CA ILE G 392 -40.74 39.79 -14.86
C ILE G 392 -39.76 39.02 -13.99
N TYR G 393 -38.63 39.66 -13.72
CA TYR G 393 -37.65 39.19 -12.74
C TYR G 393 -37.13 40.35 -11.90
N GLY G 394 -37.23 41.56 -12.44
CA GLY G 394 -36.57 42.70 -11.85
C GLY G 394 -37.50 43.72 -11.19
N MET G 395 -38.76 43.73 -11.58
CA MET G 395 -39.69 44.70 -11.02
C MET G 395 -39.85 44.47 -9.52
N ASN G 396 -40.09 45.55 -8.79
CA ASN G 396 -40.20 45.49 -7.34
C ASN G 396 -41.44 44.70 -6.92
N GLU G 397 -41.45 44.29 -5.65
CA GLU G 397 -42.58 43.51 -5.14
C GLU G 397 -43.89 44.28 -5.26
N GLU G 398 -43.84 45.60 -5.08
CA GLU G 398 -45.03 46.41 -5.28
C GLU G 398 -45.48 46.36 -6.74
N GLU G 399 -44.53 46.42 -7.66
CA GLU G 399 -44.87 46.33 -9.08
C GLU G 399 -45.50 44.99 -9.42
N ARG G 400 -44.94 43.90 -8.88
CA ARG G 400 -45.53 42.58 -9.11
C ARG G 400 -46.92 42.48 -8.50
N GLU G 401 -47.10 43.07 -7.31
CA GLU G 401 -48.41 43.03 -6.66
C GLU G 401 -49.43 43.89 -7.41
N ALA G 402 -48.99 44.99 -8.03
CA ALA G 402 -49.91 45.84 -8.78
C ALA G 402 -50.52 45.07 -9.95
N THR G 403 -49.70 44.31 -10.67
CA THR G 403 -50.19 43.42 -11.72
C THR G 403 -50.68 42.12 -11.07
N GLY G 404 -51.40 41.31 -11.84
CA GLY G 404 -51.91 40.06 -11.34
C GLY G 404 -50.87 38.96 -11.27
N ILE G 405 -49.60 39.34 -11.07
CA ILE G 405 -48.51 38.40 -10.99
C ILE G 405 -48.49 37.78 -9.58
N TYR G 406 -48.48 36.46 -9.53
CA TYR G 406 -48.42 35.74 -8.27
C TYR G 406 -47.39 34.63 -8.37
N ASP G 407 -46.85 34.23 -7.21
CA ASP G 407 -45.80 33.23 -7.16
C ASP G 407 -46.41 31.84 -6.94
N LEU G 408 -45.77 30.85 -7.56
CA LEU G 408 -46.15 29.46 -7.32
C LEU G 408 -45.72 29.05 -5.91
N PRO G 409 -46.32 28.00 -5.36
CA PRO G 409 -45.91 27.53 -4.04
C PRO G 409 -44.42 27.19 -4.00
N GLU G 410 -43.76 27.61 -2.94
CA GLU G 410 -42.31 27.47 -2.81
C GLU G 410 -41.89 26.15 -2.20
N SER G 411 -42.83 25.34 -1.71
CA SER G 411 -42.48 24.07 -1.08
C SER G 411 -43.62 23.08 -1.31
N LEU G 412 -43.31 21.80 -1.10
CA LEU G 412 -44.30 20.76 -1.34
C LEU G 412 -45.48 20.87 -0.36
N GLY G 413 -45.22 21.31 0.87
CA GLY G 413 -46.30 21.43 1.83
C GLY G 413 -47.33 22.47 1.43
N HIS G 414 -46.87 23.64 0.97
CA HIS G 414 -47.79 24.68 0.53
C HIS G 414 -48.58 24.22 -0.70
N ALA G 415 -47.92 23.50 -1.61
CA ALA G 415 -48.62 22.97 -2.77
C ALA G 415 -49.67 21.94 -2.36
N LEU G 416 -49.37 21.11 -1.36
CA LEU G 416 -50.35 20.16 -0.85
C LEU G 416 -51.53 20.88 -0.22
N ILE G 417 -51.26 21.97 0.51
CA ILE G 417 -52.34 22.77 1.09
C ILE G 417 -53.21 23.34 -0.01
N GLU G 418 -52.59 23.85 -1.08
CA GLU G 418 -53.36 24.38 -2.20
C GLU G 418 -54.21 23.30 -2.86
N LEU G 419 -53.66 22.09 -3.00
CA LEU G 419 -54.46 20.97 -3.51
C LEU G 419 -55.66 20.69 -2.60
N GLU G 420 -55.43 20.67 -1.29
CA GLU G 420 -56.51 20.40 -0.35
C GLU G 420 -57.56 21.50 -0.38
N LYS G 421 -57.17 22.72 -0.77
CA LYS G 421 -58.15 23.81 -0.85
C LYS G 421 -58.94 23.75 -2.16
N ASN G 422 -58.26 23.54 -3.28
CA ASN G 422 -58.92 23.55 -4.57
C ASN G 422 -59.82 22.33 -4.73
N GLU G 423 -60.99 22.55 -5.32
CA GLU G 423 -61.98 21.49 -5.51
C GLU G 423 -62.05 20.98 -6.94
N ILE G 424 -61.81 21.84 -7.93
CA ILE G 424 -61.87 21.40 -9.32
C ILE G 424 -60.78 20.39 -9.61
N ILE G 425 -59.57 20.63 -9.09
CA ILE G 425 -58.47 19.69 -9.29
C ILE G 425 -58.77 18.36 -8.62
N LYS G 426 -59.47 18.40 -7.47
CA LYS G 426 -59.89 17.16 -6.83
C LYS G 426 -60.81 16.37 -7.73
N ASP G 427 -61.76 17.04 -8.39
CA ASP G 427 -62.64 16.35 -9.32
C ASP G 427 -61.87 15.79 -10.51
N GLY G 428 -60.90 16.55 -11.02
CA GLY G 428 -60.09 16.07 -12.12
C GLY G 428 -59.24 14.86 -11.75
N LEU G 429 -58.77 14.80 -10.51
CA LEU G 429 -57.98 13.67 -10.04
C LEU G 429 -58.82 12.48 -9.61
N GLY G 430 -60.11 12.68 -9.36
CA GLY G 430 -60.91 11.65 -8.74
C GLY G 430 -60.69 11.60 -7.24
N GLU G 431 -61.44 10.72 -6.58
CA GLU G 431 -61.32 10.59 -5.13
C GLU G 431 -60.10 9.76 -4.76
N HIS G 432 -60.10 8.47 -5.13
CA HIS G 432 -59.09 7.53 -4.67
C HIS G 432 -57.68 8.05 -4.94
N ILE G 433 -57.45 8.53 -6.18
CA ILE G 433 -56.15 9.08 -6.52
C ILE G 433 -55.82 10.28 -5.65
N PHE G 434 -56.82 11.12 -5.36
CA PHE G 434 -56.58 12.31 -4.55
C PHE G 434 -56.12 11.93 -3.15
N GLU G 435 -56.87 11.07 -2.45
CA GLU G 435 -56.47 10.71 -1.09
C GLU G 435 -55.15 9.96 -1.07
N HIS G 436 -54.92 9.06 -2.04
CA HIS G 436 -53.65 8.34 -2.03
C HIS G 436 -52.47 9.27 -2.28
N PHE G 437 -52.62 10.20 -3.24
CA PHE G 437 -51.56 11.17 -3.49
C PHE G 437 -51.30 12.04 -2.27
N ILE G 438 -52.37 12.51 -1.63
CA ILE G 438 -52.21 13.35 -0.45
C ILE G 438 -51.49 12.59 0.66
N GLU G 439 -51.89 11.34 0.90
CA GLU G 439 -51.26 10.54 1.95
C GLU G 439 -49.79 10.32 1.66
N ALA G 440 -49.46 9.89 0.43
CA ALA G 440 -48.07 9.62 0.10
C ALA G 440 -47.21 10.87 0.19
N LYS G 441 -47.73 11.99 -0.33
CA LYS G 441 -46.94 13.23 -0.32
C LYS G 441 -46.77 13.77 1.09
N THR G 442 -47.80 13.65 1.94
CA THR G 442 -47.65 14.07 3.33
C THR G 442 -46.62 13.21 4.06
N ILE G 443 -46.64 11.90 3.81
CA ILE G 443 -45.64 11.02 4.44
C ILE G 443 -44.24 11.40 3.97
N GLU G 444 -44.08 11.65 2.67
CA GLU G 444 -42.77 12.02 2.14
C GLU G 444 -42.30 13.36 2.72
N CYS G 445 -43.21 14.33 2.83
CA CYS G 445 -42.86 15.63 3.39
C CYS G 445 -42.48 15.51 4.86
N ASP G 446 -43.20 14.68 5.61
CA ASP G 446 -42.87 14.48 7.02
C ASP G 446 -41.51 13.81 7.17
N MET G 447 -41.21 12.85 6.29
CA MET G 447 -39.89 12.22 6.32
C MET G 447 -38.79 13.23 6.03
N PHE G 448 -39.00 14.10 5.04
CA PHE G 448 -38.01 15.12 4.74
C PHE G 448 -37.85 16.11 5.90
N ARG G 449 -38.95 16.46 6.55
CA ARG G 449 -38.91 17.49 7.59
C ARG G 449 -38.11 17.03 8.80
N THR G 450 -38.26 15.78 9.20
CA THR G 450 -37.60 15.29 10.41
C THR G 450 -36.17 14.85 10.19
N ALA G 451 -35.71 14.79 8.94
CA ALA G 451 -34.34 14.37 8.66
C ALA G 451 -33.35 15.47 9.01
N VAL G 452 -32.13 15.05 9.33
CA VAL G 452 -31.02 15.96 9.62
C VAL G 452 -30.03 15.86 8.47
N HIS G 453 -29.75 16.99 7.84
CA HIS G 453 -28.93 17.03 6.64
C HIS G 453 -27.51 17.51 6.95
N PRO G 454 -26.53 17.11 6.13
CA PRO G 454 -25.16 17.57 6.38
C PRO G 454 -24.99 19.07 6.26
N TRP G 455 -25.91 19.76 5.60
CA TRP G 455 -25.86 21.23 5.54
C TRP G 455 -25.94 21.83 6.93
N GLU G 456 -26.88 21.35 7.75
CA GLU G 456 -27.02 21.87 9.11
C GLU G 456 -25.78 21.60 9.94
N ARG G 457 -25.21 20.40 9.82
CA ARG G 457 -23.99 20.09 10.56
C ARG G 457 -22.85 21.00 10.11
N GLU G 458 -22.62 21.09 8.80
CA GLU G 458 -21.50 21.85 8.29
C GLU G 458 -21.63 23.34 8.56
N GLN G 459 -22.84 23.85 8.81
CA GLN G 459 -22.97 25.27 9.07
C GLN G 459 -23.39 25.61 10.50
N TYR G 460 -23.50 24.61 11.38
CA TYR G 460 -23.74 24.89 12.80
C TYR G 460 -22.84 24.14 13.76
N LEU G 461 -22.17 23.06 13.33
CA LEU G 461 -21.40 22.25 14.28
C LEU G 461 -20.25 23.03 14.89
N GLU G 462 -19.53 23.81 14.08
CA GLU G 462 -18.46 24.66 14.58
C GLU G 462 -18.97 26.00 15.11
N ILE G 463 -19.94 26.60 14.43
CA ILE G 463 -20.43 27.92 14.84
C ILE G 463 -21.09 27.84 16.22
N TYR G 464 -21.88 26.81 16.46
CA TYR G 464 -22.53 26.63 17.76
C TYR G 464 -21.91 25.48 18.54
N ALA H 22 -49.35 -43.27 -18.41
CA ALA H 22 -48.08 -43.67 -19.00
C ALA H 22 -47.65 -42.69 -20.08
N LYS H 23 -47.09 -41.55 -19.64
CA LYS H 23 -46.61 -40.56 -20.59
C LYS H 23 -45.43 -41.08 -21.39
N TYR H 24 -44.53 -41.83 -20.76
CA TYR H 24 -43.35 -42.38 -21.41
C TYR H 24 -43.20 -43.85 -21.04
N THR H 25 -42.50 -44.58 -21.89
CA THR H 25 -42.17 -45.99 -21.68
C THR H 25 -40.65 -46.16 -21.74
N LYS H 26 -40.21 -47.40 -21.49
CA LYS H 26 -38.76 -47.70 -21.52
C LYS H 26 -38.20 -47.38 -22.91
N GLU H 27 -38.88 -47.86 -23.96
CA GLU H 27 -38.40 -47.66 -25.32
C GLU H 27 -38.33 -46.17 -25.66
N ASP H 28 -39.30 -45.39 -25.17
CA ASP H 28 -39.27 -43.95 -25.40
C ASP H 28 -38.05 -43.32 -24.73
N ILE H 29 -37.76 -43.75 -23.51
CA ILE H 29 -36.58 -43.19 -22.76
C ILE H 29 -35.31 -43.54 -23.55
N PHE H 30 -35.20 -44.79 -24.01
CA PHE H 30 -34.00 -45.23 -24.78
C PHE H 30 -33.89 -44.38 -26.05
N ARG H 31 -35.00 -44.18 -26.77
CA ARG H 31 -34.99 -43.39 -27.99
C ARG H 31 -34.58 -41.95 -27.72
N PHE H 32 -35.08 -41.36 -26.64
CA PHE H 32 -34.70 -39.99 -26.29
C PHE H 32 -33.21 -39.90 -26.00
N ALA H 33 -32.70 -40.84 -25.20
CA ALA H 33 -31.28 -40.86 -24.88
C ALA H 33 -30.44 -41.03 -26.14
N ASP H 34 -30.96 -41.77 -27.12
CA ASP H 34 -30.21 -41.96 -28.36
C ASP H 34 -30.24 -40.71 -29.24
N GLU H 35 -31.37 -40.00 -29.27
CA GLU H 35 -31.55 -38.98 -30.30
C GLU H 35 -31.17 -37.57 -29.83
N GLN H 36 -31.27 -37.27 -28.54
CA GLN H 36 -30.59 -36.08 -28.06
C GLN H 36 -29.20 -36.37 -27.49
N ASN H 37 -28.78 -37.64 -27.53
CA ASN H 37 -27.40 -38.04 -27.26
C ASN H 37 -26.95 -37.58 -25.86
N VAL H 38 -27.66 -38.06 -24.85
CA VAL H 38 -27.29 -37.79 -23.47
C VAL H 38 -26.21 -38.77 -23.07
N LYS H 39 -25.25 -38.29 -22.28
CA LYS H 39 -24.18 -39.12 -21.77
C LYS H 39 -24.10 -39.10 -20.25
N PHE H 40 -24.90 -38.28 -19.58
CA PHE H 40 -24.87 -38.16 -18.13
C PHE H 40 -26.31 -38.14 -17.63
N ILE H 41 -26.60 -38.97 -16.64
CA ILE H 41 -27.96 -39.12 -16.11
C ILE H 41 -27.91 -38.97 -14.60
N ARG H 42 -28.78 -38.12 -14.06
CA ARG H 42 -28.87 -37.88 -12.63
C ARG H 42 -30.14 -38.52 -12.11
N LEU H 43 -30.00 -39.60 -11.35
CA LEU H 43 -31.12 -40.23 -10.66
C LEU H 43 -31.30 -39.53 -9.32
N GLN H 44 -32.18 -38.53 -9.29
CA GLN H 44 -32.27 -37.63 -8.16
C GLN H 44 -33.49 -37.92 -7.30
N PHE H 45 -33.35 -37.59 -6.01
CA PHE H 45 -34.39 -37.82 -5.02
C PHE H 45 -34.24 -36.76 -3.93
N THR H 46 -35.16 -36.78 -2.98
CA THR H 46 -35.20 -35.78 -1.92
C THR H 46 -35.22 -36.47 -0.56
N ASP H 47 -34.42 -35.96 0.37
CA ASP H 47 -34.37 -36.50 1.72
C ASP H 47 -35.43 -35.83 2.60
N ILE H 48 -35.39 -36.13 3.90
CA ILE H 48 -36.36 -35.53 4.82
C ILE H 48 -36.17 -34.02 4.90
N LEU H 49 -34.91 -33.57 4.96
CA LEU H 49 -34.63 -32.14 5.12
C LEU H 49 -34.96 -31.33 3.88
N GLY H 50 -35.28 -31.98 2.76
CA GLY H 50 -35.59 -31.27 1.53
C GLY H 50 -34.43 -31.04 0.60
N ILE H 51 -33.23 -31.49 0.96
CA ILE H 51 -32.06 -31.29 0.10
C ILE H 51 -32.15 -32.23 -1.08
N ILE H 52 -31.92 -31.70 -2.28
CA ILE H 52 -31.95 -32.49 -3.49
C ILE H 52 -30.69 -33.34 -3.55
N LYS H 53 -30.86 -34.66 -3.61
CA LYS H 53 -29.76 -35.61 -3.68
C LYS H 53 -29.91 -36.47 -4.92
N ASN H 54 -28.78 -36.99 -5.41
CA ASN H 54 -28.80 -37.78 -6.62
C ASN H 54 -27.61 -38.73 -6.65
N VAL H 55 -27.72 -39.74 -7.51
CA VAL H 55 -26.57 -40.54 -7.91
C VAL H 55 -26.42 -40.38 -9.41
N GLU H 56 -25.18 -40.28 -9.86
CA GLU H 56 -24.86 -39.92 -11.23
C GLU H 56 -24.26 -41.11 -11.96
N ILE H 57 -24.89 -41.49 -13.06
CA ILE H 57 -24.50 -42.70 -13.80
C ILE H 57 -24.27 -42.35 -15.27
N PRO H 58 -23.43 -43.07 -15.98
CA PRO H 58 -23.31 -42.87 -17.43
C PRO H 58 -24.52 -43.41 -18.17
N VAL H 59 -24.65 -42.98 -19.42
CA VAL H 59 -25.78 -43.43 -20.24
C VAL H 59 -25.69 -44.92 -20.52
N SER H 60 -24.50 -45.51 -20.40
CA SER H 60 -24.36 -46.94 -20.63
C SER H 60 -25.07 -47.76 -19.56
N GLN H 61 -25.31 -47.17 -18.39
CA GLN H 61 -26.03 -47.84 -17.31
C GLN H 61 -27.51 -47.52 -17.31
N LEU H 62 -28.02 -46.90 -18.39
CA LEU H 62 -29.46 -46.56 -18.47
C LEU H 62 -30.29 -47.84 -18.34
N LYS H 63 -29.84 -48.94 -18.95
CA LYS H 63 -30.57 -50.23 -18.88
C LYS H 63 -30.73 -50.65 -17.42
N LYS H 64 -29.64 -50.64 -16.64
CA LYS H 64 -29.69 -51.08 -15.22
C LYS H 64 -30.67 -50.20 -14.43
N ALA H 65 -30.65 -48.89 -14.68
CA ALA H 65 -31.58 -47.95 -14.00
C ALA H 65 -33.02 -48.35 -14.32
N LEU H 66 -33.33 -48.59 -15.60
CA LEU H 66 -34.71 -48.97 -16.02
C LEU H 66 -35.07 -50.35 -15.44
N ASP H 67 -34.07 -51.20 -15.19
CA ASP H 67 -34.32 -52.57 -14.64
C ASP H 67 -34.52 -52.49 -13.12
N ASN H 68 -34.41 -51.29 -12.53
CA ASN H 68 -34.63 -51.10 -11.07
C ASN H 68 -33.63 -51.96 -10.29
N LYS H 69 -32.37 -51.98 -10.72
CA LYS H 69 -31.32 -52.76 -10.06
C LYS H 69 -30.19 -51.88 -9.53
N ILE H 70 -30.41 -50.59 -9.35
CA ILE H 70 -29.36 -49.69 -8.88
C ILE H 70 -29.39 -49.63 -7.36
N MET H 71 -28.26 -49.98 -6.74
CA MET H 71 -28.09 -49.84 -5.30
C MET H 71 -27.52 -48.47 -4.96
N PHE H 72 -27.79 -48.03 -3.74
CA PHE H 72 -27.16 -46.83 -3.21
C PHE H 72 -27.25 -46.88 -1.69
N ASP H 73 -26.41 -46.08 -1.04
CA ASP H 73 -26.37 -46.04 0.42
C ASP H 73 -27.66 -45.39 0.92
N GLY H 74 -28.56 -46.21 1.47
CA GLY H 74 -29.87 -45.72 1.85
C GLY H 74 -29.89 -44.84 3.07
N SER H 75 -28.81 -44.85 3.86
CA SER H 75 -28.76 -43.98 5.03
C SER H 75 -28.58 -42.52 4.65
N SER H 76 -28.28 -42.23 3.38
CA SER H 76 -28.10 -40.86 2.94
C SER H 76 -29.38 -40.04 3.09
N ILE H 77 -30.53 -40.63 2.74
CA ILE H 77 -31.79 -39.90 2.82
C ILE H 77 -32.17 -39.60 4.27
N GLU H 78 -31.63 -40.36 5.22
CA GLU H 78 -31.89 -40.07 6.63
C GLU H 78 -31.26 -38.77 7.09
N GLY H 79 -30.35 -38.20 6.30
CA GLY H 79 -29.71 -36.94 6.66
C GLY H 79 -28.42 -37.14 7.42
N PHE H 80 -28.10 -36.18 8.29
CA PHE H 80 -26.89 -36.25 9.10
C PHE H 80 -27.03 -37.18 10.31
N VAL H 81 -28.22 -37.71 10.55
CA VAL H 81 -28.46 -38.57 11.70
C VAL H 81 -28.35 -40.02 11.29
N ARG H 82 -27.74 -40.26 10.12
CA ARG H 82 -27.51 -41.63 9.66
C ARG H 82 -26.57 -42.36 10.61
N ILE H 83 -26.91 -43.61 10.94
CA ILE H 83 -26.12 -44.42 11.86
C ILE H 83 -25.69 -45.70 11.16
N GLU H 84 -26.67 -46.49 10.71
CA GLU H 84 -26.41 -47.78 10.09
C GLU H 84 -26.58 -47.67 8.58
N GLU H 85 -25.56 -48.09 7.84
CA GLU H 85 -25.64 -48.12 6.39
C GLU H 85 -26.56 -49.24 5.94
N SER H 86 -27.41 -48.95 4.95
CA SER H 86 -28.32 -49.95 4.39
C SER H 86 -28.44 -49.73 2.90
N ASP H 87 -28.18 -50.78 2.12
CA ASP H 87 -28.33 -50.70 0.67
C ASP H 87 -29.78 -50.85 0.28
N MET H 88 -30.25 -50.03 -0.65
CA MET H 88 -31.65 -50.06 -1.06
C MET H 88 -31.78 -49.55 -2.48
N TYR H 89 -32.88 -49.93 -3.12
CA TYR H 89 -33.05 -49.71 -4.55
C TYR H 89 -33.42 -48.25 -4.84
N LEU H 90 -33.42 -47.92 -6.13
CA LEU H 90 -33.63 -46.55 -6.59
C LEU H 90 -34.59 -46.52 -7.78
N PHE H 91 -35.74 -47.19 -7.62
CA PHE H 91 -36.80 -47.25 -8.63
C PHE H 91 -37.11 -45.87 -9.19
N PRO H 92 -36.84 -45.63 -10.47
CA PRO H 92 -37.09 -44.32 -11.07
C PRO H 92 -38.51 -44.17 -11.60
N ASP H 93 -38.84 -42.95 -11.99
CA ASP H 93 -40.13 -42.61 -12.57
C ASP H 93 -39.92 -42.15 -14.01
N LEU H 94 -40.63 -42.76 -14.95
CA LEU H 94 -40.40 -42.45 -16.39
C LEU H 94 -41.00 -41.10 -16.77
N ASP H 95 -42.10 -40.67 -16.14
CA ASP H 95 -42.76 -39.44 -16.56
C ASP H 95 -41.94 -38.20 -16.25
N THR H 96 -40.86 -38.31 -15.48
CA THR H 96 -40.04 -37.17 -15.10
C THR H 96 -38.75 -37.09 -15.90
N TRP H 97 -38.72 -37.61 -17.12
CA TRP H 97 -37.53 -37.54 -17.94
C TRP H 97 -37.38 -36.13 -18.50
N VAL H 98 -36.30 -35.46 -18.11
CA VAL H 98 -36.04 -34.08 -18.49
C VAL H 98 -34.57 -33.95 -18.88
N VAL H 99 -34.30 -33.28 -19.99
CA VAL H 99 -32.94 -33.07 -20.49
C VAL H 99 -32.58 -31.60 -20.31
N PHE H 100 -31.50 -31.34 -19.57
CA PHE H 100 -31.06 -29.97 -19.35
C PHE H 100 -30.40 -29.41 -20.61
N PRO H 101 -30.62 -28.13 -20.91
CA PRO H 101 -29.97 -27.54 -22.09
C PRO H 101 -28.56 -27.02 -21.84
N TRP H 102 -28.26 -26.63 -20.60
CA TRP H 102 -26.96 -26.05 -20.27
C TRP H 102 -25.92 -27.16 -20.05
N THR H 103 -25.65 -27.89 -21.13
CA THR H 103 -24.73 -29.02 -21.06
C THR H 103 -23.60 -28.95 -22.07
N ALA H 104 -23.46 -27.84 -22.80
CA ALA H 104 -22.41 -27.66 -23.81
C ALA H 104 -22.57 -28.76 -24.86
N GLU H 105 -21.46 -29.18 -25.48
CA GLU H 105 -21.48 -30.18 -26.53
C GLU H 105 -21.00 -31.56 -26.08
N LYS H 106 -20.30 -31.63 -24.95
CA LYS H 106 -19.79 -32.91 -24.45
C LYS H 106 -20.88 -33.68 -23.71
N GLY H 107 -21.88 -34.11 -24.46
CA GLY H 107 -22.96 -34.90 -23.91
C GLY H 107 -23.99 -34.10 -23.13
N LYS H 108 -25.25 -34.49 -23.25
CA LYS H 108 -26.32 -33.85 -22.51
C LYS H 108 -26.45 -34.44 -21.11
N VAL H 109 -27.26 -33.81 -20.28
CA VAL H 109 -27.55 -34.27 -18.94
C VAL H 109 -29.05 -34.41 -18.76
N ALA H 110 -29.48 -35.51 -18.17
CA ALA H 110 -30.89 -35.78 -17.93
C ALA H 110 -31.09 -36.18 -16.48
N ARG H 111 -32.30 -35.94 -15.98
CA ARG H 111 -32.64 -36.26 -14.62
C ARG H 111 -33.94 -37.05 -14.59
N MET H 112 -34.07 -37.91 -13.58
CA MET H 112 -35.27 -38.71 -13.38
C MET H 112 -35.55 -38.80 -11.89
N ILE H 113 -36.75 -38.40 -11.47
CA ILE H 113 -37.13 -38.51 -10.07
C ILE H 113 -37.32 -39.98 -9.73
N CYS H 114 -36.65 -40.44 -8.67
CA CYS H 114 -36.62 -41.86 -8.33
C CYS H 114 -37.27 -42.10 -6.98
N ASP H 115 -38.08 -43.16 -6.91
CA ASP H 115 -38.63 -43.61 -5.65
C ASP H 115 -37.61 -44.46 -4.90
N ILE H 116 -37.72 -44.44 -3.58
CA ILE H 116 -36.83 -45.20 -2.70
C ILE H 116 -37.54 -46.48 -2.31
N TYR H 117 -36.90 -47.62 -2.57
CA TYR H 117 -37.49 -48.93 -2.30
C TYR H 117 -36.55 -49.77 -1.46
N ASN H 118 -37.10 -50.51 -0.51
CA ASN H 118 -36.34 -51.45 0.27
C ASN H 118 -35.92 -52.64 -0.60
N PRO H 119 -34.88 -53.37 -0.19
CA PRO H 119 -34.43 -54.51 -1.00
C PRO H 119 -35.49 -55.59 -1.19
N ASP H 120 -36.53 -55.61 -0.35
CA ASP H 120 -37.59 -56.61 -0.47
C ASP H 120 -38.77 -56.13 -1.33
N MET H 121 -38.50 -55.26 -2.31
CA MET H 121 -39.52 -54.77 -3.25
C MET H 121 -40.66 -54.05 -2.53
N THR H 122 -40.35 -53.33 -1.46
CA THR H 122 -41.34 -52.53 -0.77
C THR H 122 -40.84 -51.09 -0.68
N PRO H 123 -41.73 -50.11 -0.89
CA PRO H 123 -41.30 -48.71 -0.77
C PRO H 123 -40.84 -48.40 0.65
N PHE H 124 -39.80 -47.57 0.75
CA PHE H 124 -39.25 -47.22 2.04
C PHE H 124 -40.21 -46.31 2.80
N ALA H 125 -40.38 -46.58 4.10
CA ALA H 125 -41.29 -45.76 4.90
C ALA H 125 -40.76 -44.34 5.07
N GLY H 126 -39.44 -44.16 5.02
CA GLY H 126 -38.83 -42.87 5.21
C GLY H 126 -38.76 -41.98 3.99
N ASP H 127 -39.26 -42.45 2.84
CA ASP H 127 -39.23 -41.63 1.63
C ASP H 127 -40.41 -40.67 1.63
N PRO H 128 -40.18 -39.35 1.57
CA PRO H 128 -41.31 -38.41 1.53
C PRO H 128 -42.23 -38.62 0.34
N ARG H 129 -41.68 -38.98 -0.82
CA ARG H 129 -42.51 -39.21 -2.00
C ARG H 129 -43.43 -40.40 -1.81
N ALA H 130 -42.93 -41.48 -1.22
CA ALA H 130 -43.77 -42.64 -0.94
C ALA H 130 -44.86 -42.30 0.06
N ASN H 131 -44.53 -41.48 1.07
CA ASN H 131 -45.53 -41.04 2.03
C ASN H 131 -46.62 -40.21 1.36
N LEU H 132 -46.24 -39.31 0.46
CA LEU H 132 -47.22 -38.53 -0.28
C LEU H 132 -48.09 -39.42 -1.14
N LYS H 133 -47.48 -40.44 -1.77
CA LYS H 133 -48.26 -41.37 -2.58
C LYS H 133 -49.24 -42.15 -1.72
N ARG H 134 -48.85 -42.54 -0.51
CA ARG H 134 -49.76 -43.24 0.38
C ARG H 134 -50.92 -42.34 0.80
N VAL H 135 -50.63 -41.08 1.11
CA VAL H 135 -51.71 -40.14 1.47
C VAL H 135 -52.65 -39.93 0.29
N LEU H 136 -52.10 -39.83 -0.92
CA LEU H 136 -52.94 -39.68 -2.10
C LEU H 136 -53.78 -40.92 -2.34
N LYS H 137 -53.23 -42.10 -2.04
CA LYS H 137 -54.01 -43.33 -2.12
C LYS H 137 -55.17 -43.31 -1.13
N GLU H 138 -54.92 -42.81 0.08
CA GLU H 138 -56.01 -42.65 1.04
C GLU H 138 -57.07 -41.72 0.52
N MET H 139 -56.65 -40.60 -0.09
CA MET H 139 -57.61 -39.66 -0.67
C MET H 139 -58.44 -40.34 -1.75
N GLU H 140 -57.79 -41.07 -2.65
CA GLU H 140 -58.49 -41.69 -3.76
C GLU H 140 -59.47 -42.75 -3.28
N GLU H 141 -59.07 -43.57 -2.31
CA GLU H 141 -60.00 -44.56 -1.78
C GLU H 141 -61.12 -43.91 -0.98
N LEU H 142 -60.91 -42.67 -0.52
CA LEU H 142 -61.99 -41.94 0.20
C LEU H 142 -63.05 -41.46 -0.80
N GLY H 143 -62.64 -41.14 -2.03
CA GLY H 143 -63.61 -40.76 -3.04
C GLY H 143 -63.19 -39.67 -4.01
N PHE H 144 -62.04 -39.06 -3.73
CA PHE H 144 -61.56 -37.95 -4.59
C PHE H 144 -60.64 -38.50 -5.68
N THR H 145 -60.33 -37.66 -6.67
CA THR H 145 -59.50 -38.08 -7.80
C THR H 145 -58.09 -37.53 -7.73
N GLU H 146 -57.94 -36.21 -7.58
CA GLU H 146 -56.62 -35.60 -7.58
C GLU H 146 -56.60 -34.41 -6.64
N PHE H 147 -55.39 -34.00 -6.27
CA PHE H 147 -55.14 -32.89 -5.35
C PHE H 147 -54.23 -31.89 -6.07
N ASN H 148 -54.84 -30.96 -6.81
CA ASN H 148 -54.10 -29.99 -7.58
C ASN H 148 -53.44 -28.96 -6.69
N LEU H 149 -52.24 -28.52 -7.07
CA LEU H 149 -51.50 -27.50 -6.33
C LEU H 149 -50.87 -26.51 -7.30
N GLY H 150 -50.96 -25.23 -6.95
CA GLY H 150 -50.17 -24.21 -7.61
C GLY H 150 -49.37 -23.39 -6.62
N PRO H 151 -48.06 -23.53 -6.65
CA PRO H 151 -47.21 -22.80 -5.71
C PRO H 151 -46.72 -21.47 -6.26
N GLU H 152 -46.37 -20.57 -5.34
CA GLU H 152 -45.87 -19.24 -5.66
C GLU H 152 -44.59 -18.97 -4.88
N PRO H 153 -43.50 -19.65 -5.24
CA PRO H 153 -42.24 -19.46 -4.50
C PRO H 153 -41.62 -18.10 -4.74
N GLU H 154 -40.88 -17.64 -3.73
CA GLU H 154 -40.13 -16.39 -3.80
C GLU H 154 -38.69 -16.66 -3.39
N PHE H 155 -37.75 -16.03 -4.10
CA PHE H 155 -36.33 -16.27 -3.85
C PHE H 155 -35.57 -14.94 -3.87
N PHE H 156 -34.41 -14.94 -3.24
CA PHE H 156 -33.54 -13.79 -3.17
C PHE H 156 -32.30 -14.02 -4.02
N LEU H 157 -31.74 -12.93 -4.54
CA LEU H 157 -30.53 -12.97 -5.35
C LEU H 157 -29.48 -12.07 -4.72
N PHE H 158 -28.30 -12.63 -4.44
CA PHE H 158 -27.21 -11.92 -3.79
C PHE H 158 -25.99 -11.91 -4.68
N LYS H 159 -25.29 -10.78 -4.69
CA LYS H 159 -24.08 -10.66 -5.49
C LYS H 159 -22.95 -11.46 -4.89
N LEU H 160 -22.26 -12.23 -5.72
CA LEU H 160 -21.13 -13.02 -5.27
C LEU H 160 -19.91 -12.13 -5.04
N ASP H 161 -19.01 -12.60 -4.20
CA ASP H 161 -17.78 -11.87 -3.89
C ASP H 161 -16.68 -12.27 -4.88
N GLU H 162 -15.45 -11.82 -4.63
CA GLU H 162 -14.34 -12.16 -5.51
C GLU H 162 -14.05 -13.66 -5.48
N ASN H 163 -14.19 -14.28 -4.32
CA ASN H 163 -13.94 -15.71 -4.14
C ASN H 163 -15.18 -16.55 -4.39
N ARG H 164 -16.13 -16.06 -5.20
CA ARG H 164 -17.39 -16.75 -5.49
C ARG H 164 -18.15 -17.07 -4.21
N ARG H 165 -18.18 -16.10 -3.30
CA ARG H 165 -18.91 -16.22 -2.04
C ARG H 165 -20.04 -15.21 -1.99
N PRO H 166 -21.20 -15.59 -1.45
CA PRO H 166 -22.31 -14.64 -1.37
C PRO H 166 -21.98 -13.46 -0.46
N THR H 167 -22.54 -12.31 -0.82
CA THR H 167 -22.44 -11.10 -0.01
C THR H 167 -23.82 -10.73 0.51
N LEU H 168 -23.87 -9.61 1.23
CA LEU H 168 -25.13 -9.11 1.78
C LEU H 168 -25.76 -8.03 0.92
N GLU H 169 -25.24 -7.80 -0.28
CA GLU H 169 -25.77 -6.79 -1.19
C GLU H 169 -26.64 -7.45 -2.25
N LEU H 170 -27.73 -6.78 -2.60
CA LEU H 170 -28.70 -7.28 -3.56
C LEU H 170 -28.39 -6.76 -4.95
N ASN H 171 -28.91 -7.47 -5.96
CA ASN H 171 -28.59 -7.12 -7.34
C ASN H 171 -29.24 -5.81 -7.77
N ASP H 172 -30.45 -5.52 -7.29
CA ASP H 172 -31.11 -4.28 -7.67
C ASP H 172 -32.02 -3.82 -6.53
N SER H 173 -32.26 -2.51 -6.49
CA SER H 173 -33.14 -1.90 -5.49
C SER H 173 -34.53 -1.70 -6.08
N GLY H 174 -35.21 -2.82 -6.32
CA GLY H 174 -36.54 -2.80 -6.92
C GLY H 174 -37.63 -2.61 -5.89
N GLY H 175 -38.86 -2.72 -6.37
CA GLY H 175 -40.03 -2.61 -5.51
C GLY H 175 -41.08 -3.65 -5.85
N TYR H 176 -42.27 -3.52 -5.28
CA TYR H 176 -43.33 -4.49 -5.53
C TYR H 176 -43.85 -4.32 -6.95
N PHE H 177 -43.79 -5.40 -7.73
CA PHE H 177 -44.22 -5.43 -9.13
C PHE H 177 -43.47 -4.43 -10.00
N ASP H 178 -42.34 -3.93 -9.52
CA ASP H 178 -41.56 -2.94 -10.25
C ASP H 178 -40.83 -3.60 -11.42
N LEU H 179 -40.57 -2.80 -12.46
CA LEU H 179 -39.78 -3.24 -13.61
C LEU H 179 -38.31 -2.92 -13.32
N ALA H 180 -37.77 -3.63 -12.33
CA ALA H 180 -36.44 -3.31 -11.80
C ALA H 180 -35.31 -3.83 -12.67
N PRO H 181 -35.24 -5.12 -13.02
CA PRO H 181 -34.09 -5.61 -13.79
C PRO H 181 -34.08 -5.16 -15.23
N THR H 182 -35.14 -4.52 -15.71
CA THR H 182 -35.26 -4.00 -17.08
C THR H 182 -34.90 -5.03 -18.14
N ASP H 183 -33.90 -4.72 -18.95
CA ASP H 183 -33.56 -5.53 -20.12
C ASP H 183 -32.08 -5.44 -20.45
N LEU H 184 -31.73 -5.70 -21.71
CA LEU H 184 -30.31 -5.61 -22.18
C LEU H 184 -29.43 -6.57 -21.37
N GLY H 185 -29.65 -7.87 -21.50
CA GLY H 185 -28.83 -8.85 -20.82
C GLY H 185 -29.22 -8.94 -19.36
N GLU H 186 -28.37 -9.59 -18.56
CA GLU H 186 -28.67 -9.93 -17.17
C GLU H 186 -30.12 -10.37 -17.01
N ASN H 187 -30.88 -9.65 -16.18
CA ASN H 187 -32.28 -9.97 -15.93
C ASN H 187 -32.46 -11.44 -15.63
N CYS H 188 -31.88 -11.91 -14.52
CA CYS H 188 -31.84 -13.35 -14.24
C CYS H 188 -33.23 -13.96 -14.17
N ARG H 189 -34.24 -13.18 -13.74
CA ARG H 189 -35.59 -13.72 -13.68
C ARG H 189 -36.12 -14.05 -15.07
N ARG H 190 -35.89 -13.17 -16.04
CA ARG H 190 -36.36 -13.42 -17.40
C ARG H 190 -35.68 -14.66 -17.99
N ASP H 191 -34.36 -14.79 -17.78
CA ASP H 191 -33.65 -15.95 -18.28
C ASP H 191 -34.14 -17.22 -17.60
N ILE H 192 -34.41 -17.16 -16.30
CA ILE H 192 -34.92 -18.33 -15.59
C ILE H 192 -36.27 -18.75 -16.16
N VAL H 193 -37.15 -17.78 -16.38
CA VAL H 193 -38.47 -18.10 -16.94
C VAL H 193 -38.33 -18.69 -18.34
N LEU H 194 -37.45 -18.12 -19.16
CA LEU H 194 -37.28 -18.63 -20.51
C LEU H 194 -36.72 -20.05 -20.52
N GLU H 195 -35.73 -20.32 -19.66
CA GLU H 195 -35.19 -21.68 -19.59
C GLU H 195 -36.21 -22.67 -19.08
N LEU H 196 -37.01 -22.27 -18.08
CA LEU H 196 -38.05 -23.16 -17.58
C LEU H 196 -39.10 -23.45 -18.65
N GLU H 197 -39.47 -22.44 -19.43
CA GLU H 197 -40.44 -22.65 -20.50
C GLU H 197 -39.86 -23.55 -21.59
N GLU H 198 -38.61 -23.34 -21.98
CA GLU H 198 -37.97 -24.21 -22.97
C GLU H 198 -37.90 -25.64 -22.46
N MET H 199 -37.67 -25.82 -21.15
CA MET H 199 -37.49 -27.15 -20.59
C MET H 199 -38.79 -27.93 -20.50
N GLY H 200 -39.94 -27.25 -20.49
CA GLY H 200 -41.22 -27.93 -20.51
C GLY H 200 -42.06 -27.72 -19.27
N PHE H 201 -41.91 -26.57 -18.62
CA PHE H 201 -42.71 -26.23 -17.45
C PHE H 201 -43.75 -25.19 -17.81
N GLU H 202 -44.82 -25.17 -17.03
CA GLU H 202 -45.93 -24.24 -17.22
C GLU H 202 -45.79 -23.11 -16.21
N ILE H 203 -45.60 -21.89 -16.70
CA ILE H 203 -45.41 -20.71 -15.87
C ILE H 203 -46.57 -19.76 -16.11
N GLU H 204 -47.21 -19.31 -15.03
CA GLU H 204 -48.31 -18.35 -15.16
C GLU H 204 -47.78 -16.93 -15.32
N ALA H 205 -47.06 -16.43 -14.32
CA ALA H 205 -46.54 -15.07 -14.37
C ALA H 205 -45.37 -14.95 -13.40
N SER H 206 -44.54 -13.95 -13.64
CA SER H 206 -43.43 -13.62 -12.77
C SER H 206 -43.38 -12.11 -12.56
N HIS H 207 -42.88 -11.70 -11.40
CA HIS H 207 -42.83 -10.28 -11.06
C HIS H 207 -41.78 -10.08 -9.97
N HIS H 208 -41.59 -8.82 -9.60
CA HIS H 208 -40.63 -8.44 -8.57
C HIS H 208 -41.37 -8.26 -7.25
N GLU H 209 -40.87 -8.90 -6.21
CA GLU H 209 -41.49 -8.79 -4.90
C GLU H 209 -41.15 -7.45 -4.25
N VAL H 210 -41.84 -7.16 -3.15
CA VAL H 210 -41.72 -5.84 -2.52
C VAL H 210 -40.32 -5.61 -2.00
N ALA H 211 -39.65 -6.65 -1.50
CA ALA H 211 -38.28 -6.50 -1.06
C ALA H 211 -37.35 -6.30 -2.25
N PRO H 212 -36.28 -5.55 -2.11
CA PRO H 212 -35.30 -5.44 -3.20
C PRO H 212 -34.68 -6.80 -3.48
N GLY H 213 -34.37 -7.03 -4.75
CA GLY H 213 -33.69 -8.26 -5.14
C GLY H 213 -34.49 -9.53 -4.91
N GLN H 214 -35.79 -9.42 -4.62
CA GLN H 214 -36.65 -10.56 -4.39
C GLN H 214 -37.60 -10.73 -5.56
N HIS H 215 -37.69 -11.95 -6.08
CA HIS H 215 -38.48 -12.24 -7.26
C HIS H 215 -39.42 -13.40 -6.97
N GLU H 216 -40.57 -13.41 -7.65
CA GLU H 216 -41.55 -14.46 -7.50
C GLU H 216 -41.94 -14.98 -8.88
N ILE H 217 -42.03 -16.31 -9.00
CA ILE H 217 -42.46 -16.96 -10.22
C ILE H 217 -43.62 -17.89 -9.88
N ASP H 218 -44.73 -17.73 -10.60
CA ASP H 218 -45.94 -18.50 -10.36
C ASP H 218 -46.03 -19.67 -11.32
N PHE H 219 -46.59 -20.78 -10.85
CA PHE H 219 -46.73 -22.00 -11.62
C PHE H 219 -48.19 -22.28 -11.91
N LYS H 220 -48.43 -23.13 -12.90
CA LYS H 220 -49.78 -23.58 -13.18
C LYS H 220 -50.20 -24.63 -12.16
N TYR H 221 -51.37 -25.23 -12.39
CA TYR H 221 -51.98 -26.16 -11.44
C TYR H 221 -51.92 -27.57 -12.01
N GLU H 222 -51.09 -28.41 -11.38
CA GLU H 222 -50.96 -29.81 -11.76
C GLU H 222 -51.10 -30.68 -10.51
N ASP H 223 -50.84 -31.98 -10.66
CA ASP H 223 -50.99 -32.91 -9.57
C ASP H 223 -49.95 -32.64 -8.48
N ALA H 224 -50.20 -33.19 -7.29
CA ALA H 224 -49.34 -32.91 -6.14
C ALA H 224 -47.92 -33.41 -6.35
N ILE H 225 -47.78 -34.65 -6.82
CA ILE H 225 -46.44 -35.21 -7.05
C ILE H 225 -45.72 -34.42 -8.13
N THR H 226 -46.41 -34.10 -9.22
CA THR H 226 -45.83 -33.26 -10.24
C THR H 226 -45.54 -31.87 -9.73
N ALA H 227 -46.33 -31.37 -8.78
CA ALA H 227 -46.04 -30.08 -8.16
C ALA H 227 -44.73 -30.13 -7.38
N CYS H 228 -44.51 -31.20 -6.63
CA CYS H 228 -43.25 -31.36 -5.91
C CYS H 228 -42.08 -31.44 -6.88
N ASP H 229 -42.23 -32.22 -7.95
CA ASP H 229 -41.15 -32.33 -8.93
C ASP H 229 -40.86 -30.98 -9.56
N SER H 230 -41.90 -30.23 -9.91
CA SER H 230 -41.70 -28.90 -10.49
C SER H 230 -41.01 -27.96 -9.51
N ILE H 231 -41.38 -28.03 -8.22
CA ILE H 231 -40.76 -27.16 -7.23
C ILE H 231 -39.28 -27.47 -7.09
N GLN H 232 -38.94 -28.76 -6.98
CA GLN H 232 -37.54 -29.13 -6.83
C GLN H 232 -36.72 -28.76 -8.06
N THR H 233 -37.26 -29.02 -9.26
CA THR H 233 -36.57 -28.66 -10.48
C THR H 233 -36.42 -27.14 -10.59
N PHE H 234 -37.43 -26.39 -10.15
CA PHE H 234 -37.36 -24.94 -10.17
C PHE H 234 -36.26 -24.44 -9.24
N LYS H 235 -36.14 -25.02 -8.05
CA LYS H 235 -35.07 -24.64 -7.15
C LYS H 235 -33.70 -24.91 -7.78
N LEU H 236 -33.54 -26.12 -8.36
CA LEU H 236 -32.27 -26.45 -8.98
C LEU H 236 -31.92 -25.50 -10.12
N VAL H 237 -32.91 -25.23 -10.99
CA VAL H 237 -32.67 -24.38 -12.15
C VAL H 237 -32.36 -22.96 -11.73
N VAL H 238 -33.09 -22.43 -10.75
CA VAL H 238 -32.83 -21.08 -10.27
C VAL H 238 -31.42 -20.98 -9.70
N LYS H 239 -31.03 -21.97 -8.88
CA LYS H 239 -29.67 -21.93 -8.31
C LYS H 239 -28.61 -21.98 -9.40
N THR H 240 -28.78 -22.90 -10.37
CA THR H 240 -27.76 -23.08 -11.44
C THR H 240 -27.62 -21.79 -12.26
N ILE H 241 -28.73 -21.24 -12.77
CA ILE H 241 -28.67 -20.04 -13.65
C ILE H 241 -28.04 -18.87 -12.88
N ALA H 242 -28.47 -18.63 -11.64
CA ALA H 242 -27.89 -17.55 -10.80
C ALA H 242 -26.37 -17.73 -10.73
N ARG H 243 -25.91 -18.93 -10.33
CA ARG H 243 -24.46 -19.22 -10.22
C ARG H 243 -23.75 -18.85 -11.54
N LYS H 244 -24.31 -19.28 -12.67
CA LYS H 244 -23.71 -18.98 -14.00
C LYS H 244 -23.60 -17.46 -14.18
N HIS H 245 -24.62 -16.71 -13.78
CA HIS H 245 -24.62 -15.23 -13.96
C HIS H 245 -23.88 -14.54 -12.81
N GLY H 246 -23.10 -15.29 -12.02
CA GLY H 246 -22.32 -14.70 -10.92
C GLY H 246 -23.18 -14.19 -9.79
N LEU H 247 -24.29 -14.88 -9.48
CA LEU H 247 -25.14 -14.49 -8.37
C LEU H 247 -25.42 -15.71 -7.51
N HIS H 248 -25.98 -15.47 -6.32
CA HIS H 248 -26.37 -16.54 -5.43
C HIS H 248 -27.87 -16.48 -5.19
N ALA H 249 -28.54 -17.59 -5.40
CA ALA H 249 -29.98 -17.71 -5.18
C ALA H 249 -30.21 -18.31 -3.81
N THR H 250 -31.03 -17.64 -3.00
CA THR H 250 -31.30 -18.06 -1.63
C THR H 250 -32.79 -18.23 -1.43
N PHE H 251 -33.18 -19.36 -0.85
CA PHE H 251 -34.56 -19.61 -0.47
C PHE H 251 -34.78 -19.54 1.03
N MET H 252 -33.77 -19.07 1.78
CA MET H 252 -33.92 -18.86 3.25
C MET H 252 -35.04 -17.85 3.44
N PRO H 253 -36.03 -18.07 4.32
CA PRO H 253 -37.21 -17.19 4.37
C PRO H 253 -36.89 -15.73 4.69
N LYS H 254 -35.98 -15.47 5.61
CA LYS H 254 -35.69 -14.10 6.08
C LYS H 254 -34.20 -13.86 6.00
N PRO H 255 -33.68 -13.55 4.79
CA PRO H 255 -32.23 -13.29 4.67
C PRO H 255 -31.76 -12.10 5.47
N LEU H 256 -32.57 -11.06 5.61
CA LEU H 256 -32.14 -9.82 6.26
C LEU H 256 -33.22 -9.34 7.21
N PHE H 257 -32.80 -8.59 8.23
CA PHE H 257 -33.70 -8.00 9.19
C PHE H 257 -34.28 -6.70 8.63
N GLY H 258 -35.56 -6.46 8.91
CA GLY H 258 -36.23 -5.30 8.38
C GLY H 258 -36.61 -5.39 6.92
N VAL H 259 -36.44 -6.56 6.31
CA VAL H 259 -36.74 -6.79 4.91
C VAL H 259 -37.75 -7.93 4.83
N ASN H 260 -38.73 -7.79 3.93
CA ASN H 260 -39.81 -8.75 3.86
C ASN H 260 -39.28 -10.14 3.53
N GLY H 261 -39.91 -11.16 4.11
CA GLY H 261 -39.49 -12.53 3.91
C GLY H 261 -39.99 -13.13 2.62
N SER H 262 -39.61 -14.39 2.41
CA SER H 262 -39.97 -15.14 1.21
C SER H 262 -41.05 -16.15 1.56
N GLY H 263 -42.09 -16.20 0.72
CA GLY H 263 -43.19 -17.14 0.94
C GLY H 263 -43.42 -18.05 -0.25
N MET H 264 -44.10 -19.17 0.00
CA MET H 264 -44.40 -20.18 -1.02
C MET H 264 -45.86 -20.57 -0.93
N HIS H 265 -46.74 -19.56 -0.97
CA HIS H 265 -48.18 -19.79 -0.84
C HIS H 265 -48.65 -20.92 -1.75
N PHE H 266 -49.44 -21.82 -1.17
CA PHE H 266 -50.00 -22.97 -1.89
C PHE H 266 -51.46 -22.68 -2.25
N ASN H 267 -51.74 -22.69 -3.55
CA ASN H 267 -53.11 -22.62 -4.05
C ASN H 267 -53.55 -24.03 -4.41
N MET H 268 -54.37 -24.63 -3.55
CA MET H 268 -54.73 -26.04 -3.66
C MET H 268 -56.23 -26.20 -3.85
N SER H 269 -56.61 -27.20 -4.65
CA SER H 269 -58.00 -27.51 -4.91
C SER H 269 -58.16 -29.02 -4.98
N LEU H 270 -59.37 -29.48 -4.68
CA LEU H 270 -59.68 -30.91 -4.63
C LEU H 270 -60.64 -31.24 -5.76
N PHE H 271 -60.38 -32.33 -6.47
CA PHE H 271 -61.16 -32.73 -7.63
C PHE H 271 -61.81 -34.09 -7.41
N ASN H 272 -62.98 -34.26 -8.01
CA ASN H 272 -63.67 -35.55 -7.98
C ASN H 272 -64.02 -35.98 -9.41
N GLU H 273 -64.83 -37.03 -9.53
CA GLU H 273 -65.23 -37.49 -10.87
C GLU H 273 -66.00 -36.43 -11.62
N LYS H 274 -66.92 -35.75 -10.95
CA LYS H 274 -67.70 -34.69 -11.60
C LYS H 274 -66.81 -33.52 -11.99
N GLY H 275 -65.87 -33.13 -11.14
CA GLY H 275 -64.99 -32.02 -11.43
C GLY H 275 -64.38 -31.42 -10.18
N ASN H 276 -64.43 -30.10 -10.04
CA ASN H 276 -63.92 -29.44 -8.86
C ASN H 276 -64.85 -29.68 -7.68
N ALA H 277 -64.30 -30.19 -6.59
CA ALA H 277 -65.11 -30.47 -5.40
C ALA H 277 -65.31 -29.26 -4.52
N PHE H 278 -64.60 -28.17 -4.76
CA PHE H 278 -64.70 -26.96 -3.95
C PHE H 278 -65.66 -25.93 -4.52
N PHE H 279 -66.34 -26.23 -5.62
CA PHE H 279 -67.20 -25.28 -6.30
C PHE H 279 -68.65 -25.73 -6.21
N ASP H 280 -69.54 -24.80 -5.87
CA ASP H 280 -70.97 -25.07 -5.80
C ASP H 280 -71.70 -23.75 -5.96
N GLU H 281 -72.46 -23.60 -7.05
CA GLU H 281 -73.15 -22.34 -7.31
C GLU H 281 -74.25 -22.07 -6.30
N SER H 282 -74.82 -23.12 -5.71
CA SER H 282 -75.92 -22.97 -4.76
C SER H 282 -75.46 -22.78 -3.32
N GLY H 283 -74.15 -22.84 -3.06
CA GLY H 283 -73.63 -22.69 -1.73
C GLY H 283 -73.21 -21.26 -1.42
N GLU H 284 -72.97 -21.01 -0.14
CA GLU H 284 -72.51 -19.71 0.30
C GLU H 284 -71.11 -19.43 -0.22
N LEU H 285 -70.89 -18.20 -0.68
CA LEU H 285 -69.62 -17.77 -1.28
C LEU H 285 -69.22 -18.62 -2.47
N GLU H 286 -70.21 -19.24 -3.13
CA GLU H 286 -69.96 -20.16 -4.23
C GLU H 286 -68.99 -21.27 -3.83
N LEU H 287 -69.16 -21.77 -2.61
CA LEU H 287 -68.29 -22.79 -2.04
C LEU H 287 -69.12 -24.01 -1.64
N SER H 288 -68.60 -25.19 -1.91
CA SER H 288 -69.27 -26.43 -1.53
C SER H 288 -69.00 -26.74 -0.06
N GLN H 289 -69.83 -27.63 0.49
CA GLN H 289 -69.62 -28.07 1.86
C GLN H 289 -68.29 -28.80 2.02
N THR H 290 -67.81 -29.44 0.96
CA THR H 290 -66.49 -30.05 0.99
C THR H 290 -65.40 -29.00 1.21
N ALA H 291 -65.54 -27.84 0.56
CA ALA H 291 -64.57 -26.77 0.76
C ALA H 291 -64.58 -26.27 2.19
N TYR H 292 -65.77 -26.14 2.79
CA TYR H 292 -65.84 -25.68 4.17
C TYR H 292 -65.26 -26.72 5.12
N HIS H 293 -65.52 -28.00 4.87
CA HIS H 293 -64.90 -29.05 5.69
C HIS H 293 -63.39 -29.02 5.58
N PHE H 294 -62.89 -28.81 4.35
CA PHE H 294 -61.42 -28.72 4.14
C PHE H 294 -60.88 -27.52 4.92
N LEU H 295 -61.57 -26.37 4.86
CA LEU H 295 -61.13 -25.19 5.58
C LEU H 295 -61.08 -25.45 7.08
N ALA H 296 -62.12 -26.11 7.61
CA ALA H 296 -62.13 -26.43 9.04
C ALA H 296 -60.99 -27.36 9.41
N GLY H 297 -60.72 -28.37 8.57
CA GLY H 297 -59.62 -29.26 8.85
C GLY H 297 -58.27 -28.57 8.81
N MET H 298 -58.08 -27.65 7.85
CA MET H 298 -56.85 -26.89 7.79
C MET H 298 -56.70 -25.98 9.00
N LEU H 299 -57.77 -25.32 9.42
CA LEU H 299 -57.68 -24.37 10.53
C LEU H 299 -57.48 -25.08 11.86
N LYS H 300 -58.11 -26.25 12.04
CA LYS H 300 -58.01 -26.94 13.32
C LYS H 300 -56.60 -27.43 13.59
N HIS H 301 -55.91 -27.95 12.58
CA HIS H 301 -54.61 -28.56 12.76
C HIS H 301 -53.46 -27.67 12.30
N ALA H 302 -53.72 -26.38 12.03
CA ALA H 302 -52.66 -25.50 11.52
C ALA H 302 -51.50 -25.40 12.51
N ARG H 303 -51.81 -25.26 13.80
CA ARG H 303 -50.77 -25.25 14.81
C ARG H 303 -50.01 -26.57 14.83
N GLY H 304 -50.67 -27.67 14.45
CA GLY H 304 -50.01 -28.96 14.44
C GLY H 304 -48.93 -29.06 13.37
N TYR H 305 -49.23 -28.66 12.14
CA TYR H 305 -48.32 -28.81 11.03
C TYR H 305 -47.54 -27.52 10.71
N THR H 306 -47.63 -26.51 11.57
CA THR H 306 -46.81 -25.31 11.38
C THR H 306 -45.33 -25.67 11.34
N ALA H 307 -44.92 -26.66 12.14
CA ALA H 307 -43.52 -27.09 12.13
C ALA H 307 -43.14 -27.69 10.78
N VAL H 308 -44.01 -28.53 10.22
CA VAL H 308 -43.71 -29.16 8.94
C VAL H 308 -43.68 -28.10 7.83
N THR H 309 -44.62 -27.16 7.85
CA THR H 309 -44.65 -26.13 6.82
C THR H 309 -43.56 -25.09 7.00
N ASN H 310 -43.02 -24.94 8.21
CA ASN H 310 -41.94 -24.01 8.49
C ASN H 310 -40.87 -24.76 9.28
N PRO H 311 -40.00 -25.51 8.59
CA PRO H 311 -39.09 -26.42 9.28
C PRO H 311 -37.78 -25.81 9.75
N THR H 312 -37.54 -24.52 9.49
CA THR H 312 -36.23 -23.92 9.88
C THR H 312 -36.43 -22.89 11.01
N ILE H 313 -35.37 -22.57 11.75
CA ILE H 313 -35.46 -21.52 12.82
C ILE H 313 -35.75 -20.18 12.13
N ASN H 314 -35.02 -19.88 11.05
CA ASN H 314 -35.18 -18.59 10.33
C ASN H 314 -36.63 -18.43 9.83
N SER H 315 -37.37 -19.55 9.67
CA SER H 315 -38.72 -19.44 9.13
C SER H 315 -39.64 -18.66 10.06
N PHE H 316 -39.52 -18.89 11.37
CA PHE H 316 -40.40 -18.22 12.32
C PHE H 316 -40.03 -16.76 12.53
N LYS H 317 -38.85 -16.32 12.07
CA LYS H 317 -38.56 -14.89 12.05
C LYS H 317 -39.42 -14.16 11.01
N ARG H 318 -39.88 -14.89 9.99
CA ARG H 318 -40.80 -14.30 9.02
C ARG H 318 -42.22 -14.20 9.59
N LEU H 319 -42.62 -15.15 10.43
CA LEU H 319 -43.95 -15.17 11.01
C LEU H 319 -44.00 -14.23 12.22
N VAL H 320 -44.03 -12.94 11.93
CA VAL H 320 -44.15 -11.90 12.95
C VAL H 320 -45.44 -11.13 12.67
N PRO H 321 -46.09 -10.56 13.68
CA PRO H 321 -47.31 -9.79 13.43
C PRO H 321 -47.08 -8.61 12.50
N GLY H 322 -47.95 -8.47 11.49
CA GLY H 322 -47.83 -7.39 10.54
C GLY H 322 -49.04 -7.28 9.63
N TYR H 323 -48.79 -6.98 8.35
CA TYR H 323 -49.85 -6.90 7.35
C TYR H 323 -49.66 -7.89 6.22
N GLU H 324 -48.55 -8.64 6.21
CA GLU H 324 -48.31 -9.62 5.16
C GLU H 324 -47.84 -10.97 5.69
N ALA H 325 -47.52 -11.11 6.97
CA ALA H 325 -47.04 -12.37 7.52
C ALA H 325 -48.14 -13.02 8.32
N PRO H 326 -48.60 -14.21 7.94
CA PRO H 326 -49.70 -14.85 8.69
C PRO H 326 -49.21 -15.45 10.01
N CYS H 327 -49.54 -14.81 11.12
CA CYS H 327 -49.26 -15.34 12.44
C CYS H 327 -50.53 -15.58 13.25
N TYR H 328 -51.68 -15.62 12.59
CA TYR H 328 -52.97 -15.85 13.22
C TYR H 328 -53.64 -17.05 12.57
N ILE H 329 -54.64 -17.61 13.25
CA ILE H 329 -55.39 -18.73 12.71
C ILE H 329 -56.79 -18.26 12.35
N ALA H 330 -56.97 -17.87 11.08
CA ALA H 330 -58.26 -17.40 10.61
C ALA H 330 -58.29 -17.49 9.09
N TRP H 331 -59.50 -17.47 8.55
CA TRP H 331 -59.71 -17.53 7.10
C TRP H 331 -60.61 -16.39 6.67
N SER H 332 -60.37 -15.89 5.46
CA SER H 332 -61.15 -14.78 4.92
C SER H 332 -61.03 -14.76 3.41
N GLY H 333 -61.92 -14.02 2.78
CA GLY H 333 -61.90 -13.87 1.33
C GLY H 333 -62.07 -12.45 0.86
N LYS H 334 -62.18 -11.50 1.80
CA LYS H 334 -62.39 -10.10 1.44
C LYS H 334 -61.23 -9.22 1.89
N ASN H 335 -60.89 -9.28 3.18
CA ASN H 335 -59.85 -8.38 3.71
C ASN H 335 -58.46 -8.78 3.23
N ARG H 336 -58.29 -10.05 2.87
CA ARG H 336 -56.99 -10.63 2.50
C ARG H 336 -56.03 -10.59 3.68
N SER H 337 -54.79 -11.04 3.44
CA SER H 337 -53.78 -11.31 4.46
C SER H 337 -54.28 -12.14 5.64
N PRO H 338 -55.06 -13.21 5.43
CA PRO H 338 -55.33 -14.12 6.56
C PRO H 338 -54.33 -15.26 6.58
N LEU H 339 -54.50 -16.22 7.49
CA LEU H 339 -53.74 -17.46 7.39
C LEU H 339 -54.12 -18.22 6.12
N VAL H 340 -55.42 -18.36 5.88
CA VAL H 340 -55.95 -19.04 4.70
C VAL H 340 -56.83 -18.06 3.94
N ARG H 341 -56.52 -17.84 2.67
CA ARG H 341 -57.24 -16.89 1.83
C ARG H 341 -57.92 -17.63 0.69
N VAL H 342 -59.14 -17.23 0.39
CA VAL H 342 -59.93 -17.81 -0.69
C VAL H 342 -59.93 -16.80 -1.84
N PRO H 343 -59.26 -17.10 -2.96
CA PRO H 343 -59.25 -16.16 -4.09
C PRO H 343 -60.65 -15.97 -4.66
N SER H 344 -60.88 -14.78 -5.22
CA SER H 344 -62.19 -14.43 -5.76
C SER H 344 -62.60 -15.30 -6.93
N SER H 345 -61.64 -15.89 -7.65
CA SER H 345 -61.97 -16.72 -8.80
C SER H 345 -62.75 -17.96 -8.37
N ARG H 346 -63.72 -18.35 -9.20
CA ARG H 346 -64.56 -19.50 -8.90
C ARG H 346 -64.65 -20.43 -10.09
N GLY H 347 -65.53 -21.43 -10.01
CA GLY H 347 -65.64 -22.42 -11.06
C GLY H 347 -64.58 -23.49 -10.96
N LEU H 348 -63.97 -23.87 -12.08
CA LEU H 348 -62.89 -24.84 -12.05
C LEU H 348 -61.63 -24.29 -11.41
N SER H 349 -61.54 -22.98 -11.19
CA SER H 349 -60.40 -22.35 -10.56
C SER H 349 -60.59 -22.12 -9.07
N THR H 350 -61.69 -22.61 -8.50
CA THR H 350 -61.93 -22.44 -7.07
C THR H 350 -60.83 -23.14 -6.28
N ARG H 351 -60.30 -22.44 -5.28
CA ARG H 351 -59.15 -22.96 -4.54
C ARG H 351 -59.07 -22.27 -3.19
N LEU H 352 -58.30 -22.89 -2.29
CA LEU H 352 -57.99 -22.32 -0.98
C LEU H 352 -56.48 -22.12 -0.90
N GLU H 353 -56.07 -20.92 -0.52
CA GLU H 353 -54.65 -20.56 -0.48
C GLU H 353 -54.17 -20.55 0.97
N LEU H 354 -53.09 -21.27 1.23
CA LEU H 354 -52.41 -21.25 2.52
C LEU H 354 -51.13 -20.45 2.40
N ARG H 355 -51.02 -19.40 3.21
CA ARG H 355 -49.94 -18.43 3.08
C ARG H 355 -48.82 -18.60 4.10
N SER H 356 -48.89 -19.63 4.93
CA SER H 356 -47.88 -19.82 5.98
C SER H 356 -46.68 -20.64 5.51
N VAL H 357 -46.70 -21.16 4.29
CA VAL H 357 -45.61 -22.00 3.80
C VAL H 357 -44.48 -21.11 3.28
N ASP H 358 -43.25 -21.54 3.50
CA ASP H 358 -42.06 -20.85 3.05
C ASP H 358 -41.24 -21.75 2.13
N PRO H 359 -40.40 -21.18 1.27
CA PRO H 359 -39.69 -22.01 0.28
C PRO H 359 -38.75 -23.04 0.88
N SER H 360 -38.30 -22.87 2.13
CA SER H 360 -37.38 -23.85 2.71
C SER H 360 -38.07 -25.14 3.11
N ALA H 361 -39.40 -25.19 3.09
CA ALA H 361 -40.14 -26.37 3.49
C ALA H 361 -40.04 -27.46 2.44
N ASN H 362 -40.22 -28.71 2.89
CA ASN H 362 -40.27 -29.84 1.98
C ASN H 362 -41.68 -29.95 1.40
N PRO H 363 -41.85 -29.80 0.08
CA PRO H 363 -43.21 -29.85 -0.48
C PRO H 363 -43.92 -31.17 -0.25
N TYR H 364 -43.20 -32.29 -0.29
CA TYR H 364 -43.83 -33.59 -0.10
C TYR H 364 -44.47 -33.68 1.28
N LEU H 365 -43.69 -33.40 2.33
CA LEU H 365 -44.22 -33.44 3.69
C LEU H 365 -45.29 -32.38 3.89
N ALA H 366 -45.11 -31.21 3.28
CA ALA H 366 -46.07 -30.12 3.44
C ALA H 366 -47.45 -30.53 2.94
N MET H 367 -47.55 -31.01 1.70
CA MET H 367 -48.87 -31.41 1.25
C MET H 367 -49.31 -32.74 1.85
N ALA H 368 -48.40 -33.59 2.31
CA ALA H 368 -48.84 -34.79 3.02
C ALA H 368 -49.62 -34.41 4.26
N VAL H 369 -49.05 -33.53 5.10
CA VAL H 369 -49.73 -33.13 6.32
C VAL H 369 -50.96 -32.29 6.00
N LEU H 370 -50.89 -31.44 4.98
CA LEU H 370 -52.05 -30.62 4.62
C LEU H 370 -53.21 -31.47 4.15
N LEU H 371 -52.93 -32.43 3.25
CA LEU H 371 -54.01 -33.29 2.70
C LEU H 371 -54.65 -34.05 3.86
N LYS H 372 -53.82 -34.64 4.74
CA LYS H 372 -54.35 -35.40 5.91
C LYS H 372 -55.26 -34.50 6.75
N ALA H 373 -54.78 -33.32 7.15
CA ALA H 373 -55.58 -32.38 7.97
C ALA H 373 -56.90 -32.05 7.26
N GLY H 374 -56.84 -31.62 6.00
CA GLY H 374 -58.06 -31.24 5.26
C GLY H 374 -59.02 -32.41 5.13
N LEU H 375 -58.51 -33.60 4.80
CA LEU H 375 -59.39 -34.80 4.62
C LEU H 375 -59.99 -35.20 5.96
N SER H 376 -59.23 -35.07 7.06
CA SER H 376 -59.78 -35.36 8.41
C SER H 376 -60.94 -34.40 8.69
N GLY H 377 -60.81 -33.12 8.29
CA GLY H 377 -61.90 -32.15 8.45
C GLY H 377 -63.14 -32.57 7.68
N ILE H 378 -62.95 -33.16 6.49
CA ILE H 378 -64.10 -33.66 5.68
C ILE H 378 -64.71 -34.88 6.38
N LYS H 379 -63.87 -35.84 6.77
CA LYS H 379 -64.36 -37.07 7.48
C LYS H 379 -65.17 -36.65 8.71
N ASP H 380 -64.65 -35.72 9.51
CA ASP H 380 -65.33 -35.30 10.72
C ASP H 380 -66.44 -34.30 10.46
N GLU H 381 -66.55 -33.79 9.23
CA GLU H 381 -67.59 -32.82 8.86
C GLU H 381 -67.56 -31.60 9.77
N LEU H 382 -66.35 -31.14 10.08
CA LEU H 382 -66.19 -29.99 10.96
C LEU H 382 -66.71 -28.72 10.31
N THR H 383 -67.34 -27.86 11.10
CA THR H 383 -67.84 -26.59 10.62
C THR H 383 -66.77 -25.51 10.84
N PRO H 384 -66.32 -24.82 9.80
CA PRO H 384 -65.26 -23.84 10.00
C PRO H 384 -65.78 -22.62 10.75
N PRO H 385 -64.91 -21.90 11.45
CA PRO H 385 -65.34 -20.67 12.13
C PRO H 385 -65.68 -19.59 11.13
N ALA H 386 -66.49 -18.64 11.59
CA ALA H 386 -66.93 -17.56 10.73
C ALA H 386 -65.73 -16.73 10.26
N PRO H 387 -65.69 -16.32 9.00
CA PRO H 387 -64.55 -15.55 8.51
C PRO H 387 -64.49 -14.18 9.17
N VAL H 388 -63.27 -13.66 9.30
CA VAL H 388 -63.03 -12.35 9.89
C VAL H 388 -62.50 -11.43 8.79
N ASP H 389 -63.15 -10.28 8.62
CA ASP H 389 -62.72 -9.29 7.63
C ASP H 389 -62.39 -7.96 8.29
N ARG H 390 -62.09 -7.95 9.59
CA ARG H 390 -61.85 -6.74 10.34
C ARG H 390 -60.36 -6.41 10.44
N ASN H 391 -59.55 -6.88 9.49
CA ASN H 391 -58.13 -6.52 9.45
C ASN H 391 -57.43 -6.89 10.74
N ILE H 392 -57.26 -8.18 11.02
CA ILE H 392 -56.89 -8.60 12.37
C ILE H 392 -55.40 -8.35 12.60
N TYR H 393 -55.09 -7.10 12.92
CA TYR H 393 -53.77 -6.68 13.37
C TYR H 393 -53.89 -5.69 14.53
N GLY H 394 -55.03 -5.02 14.62
CA GLY H 394 -55.19 -3.90 15.53
C GLY H 394 -56.07 -4.15 16.73
N MET H 395 -56.98 -5.11 16.63
CA MET H 395 -57.89 -5.39 17.73
C MET H 395 -57.11 -5.83 18.97
N ASN H 396 -57.66 -5.49 20.13
CA ASN H 396 -56.99 -5.79 21.40
C ASN H 396 -56.94 -7.30 21.63
N GLU H 397 -56.06 -7.70 22.56
CA GLU H 397 -55.91 -9.12 22.87
C GLU H 397 -57.22 -9.73 23.36
N GLU H 398 -58.01 -8.95 24.10
CA GLU H 398 -59.33 -9.44 24.50
C GLU H 398 -60.23 -9.66 23.30
N GLU H 399 -60.17 -8.74 22.32
CA GLU H 399 -60.97 -8.89 21.12
C GLU H 399 -60.55 -10.13 20.32
N ARG H 400 -59.25 -10.37 20.21
CA ARG H 400 -58.77 -11.57 19.53
C ARG H 400 -59.19 -12.83 20.28
N GLU H 401 -59.13 -12.79 21.62
CA GLU H 401 -59.53 -13.94 22.41
C GLU H 401 -61.03 -14.20 22.34
N ALA H 402 -61.82 -13.13 22.20
CA ALA H 402 -63.28 -13.31 22.09
C ALA H 402 -63.64 -14.10 20.84
N THR H 403 -63.00 -13.79 19.72
CA THR H 403 -63.14 -14.56 18.50
C THR H 403 -62.22 -15.78 18.57
N GLY H 404 -62.43 -16.73 17.67
CA GLY H 404 -61.60 -17.93 17.65
C GLY H 404 -60.24 -17.71 17.02
N ILE H 405 -59.71 -16.49 17.13
CA ILE H 405 -58.41 -16.16 16.57
C ILE H 405 -57.33 -16.66 17.53
N TYR H 406 -56.39 -17.42 16.99
CA TYR H 406 -55.26 -17.94 17.76
C TYR H 406 -53.97 -17.72 16.98
N ASP H 407 -52.86 -17.64 17.71
CA ASP H 407 -51.56 -17.37 17.12
C ASP H 407 -50.85 -18.67 16.79
N LEU H 408 -50.09 -18.67 15.69
CA LEU H 408 -49.24 -19.78 15.35
C LEU H 408 -48.06 -19.84 16.32
N PRO H 409 -47.41 -21.00 16.45
CA PRO H 409 -46.24 -21.09 17.32
C PRO H 409 -45.17 -20.09 16.91
N GLU H 410 -44.59 -19.44 17.93
CA GLU H 410 -43.64 -18.36 17.71
C GLU H 410 -42.19 -18.84 17.57
N SER H 411 -41.94 -20.12 17.80
CA SER H 411 -40.58 -20.64 17.73
C SER H 411 -40.64 -22.10 17.29
N LEU H 412 -39.48 -22.61 16.85
CA LEU H 412 -39.42 -23.98 16.36
C LEU H 412 -39.69 -24.98 17.48
N GLY H 413 -39.28 -24.68 18.71
CA GLY H 413 -39.51 -25.60 19.80
C GLY H 413 -40.98 -25.78 20.11
N HIS H 414 -41.74 -24.69 20.14
CA HIS H 414 -43.18 -24.79 20.39
C HIS H 414 -43.88 -25.54 19.26
N ALA H 415 -43.44 -25.32 18.02
CA ALA H 415 -44.01 -26.05 16.89
C ALA H 415 -43.69 -27.54 16.99
N LEU H 416 -42.49 -27.88 17.44
CA LEU H 416 -42.15 -29.29 17.64
C LEU H 416 -42.99 -29.91 18.74
N ILE H 417 -43.24 -29.15 19.81
CA ILE H 417 -44.11 -29.64 20.87
C ILE H 417 -45.52 -29.90 20.33
N GLU H 418 -46.02 -28.98 19.50
CA GLU H 418 -47.34 -29.16 18.90
C GLU H 418 -47.37 -30.39 18.00
N LEU H 419 -46.30 -30.63 17.24
CA LEU H 419 -46.21 -31.84 16.45
C LEU H 419 -46.26 -33.08 17.33
N GLU H 420 -45.50 -33.07 18.43
CA GLU H 420 -45.48 -34.21 19.33
C GLU H 420 -46.83 -34.43 19.99
N LYS H 421 -47.63 -33.37 20.12
CA LYS H 421 -48.96 -33.53 20.71
C LYS H 421 -49.97 -34.05 19.70
N ASN H 422 -49.98 -33.48 18.50
CA ASN H 422 -50.96 -33.85 17.49
C ASN H 422 -50.69 -35.26 16.97
N GLU H 423 -51.77 -36.03 16.78
CA GLU H 423 -51.67 -37.41 16.32
C GLU H 423 -52.02 -37.59 14.86
N ILE H 424 -52.95 -36.79 14.33
CA ILE H 424 -53.34 -36.91 12.92
C ILE H 424 -52.16 -36.57 12.02
N ILE H 425 -51.43 -35.52 12.35
CA ILE H 425 -50.27 -35.13 11.55
C ILE H 425 -49.20 -36.22 11.61
N LYS H 426 -49.08 -36.90 12.75
CA LYS H 426 -48.16 -38.04 12.84
C LYS H 426 -48.54 -39.13 11.86
N ASP H 427 -49.84 -39.43 11.77
CA ASP H 427 -50.30 -40.43 10.81
C ASP H 427 -50.03 -39.98 9.38
N GLY H 428 -50.26 -38.70 9.10
CA GLY H 428 -49.99 -38.19 7.76
C GLY H 428 -48.53 -38.23 7.38
N LEU H 429 -47.64 -38.03 8.35
CA LEU H 429 -46.20 -38.09 8.12
C LEU H 429 -45.65 -39.51 8.11
N GLY H 430 -46.38 -40.46 8.67
CA GLY H 430 -45.83 -41.78 8.90
C GLY H 430 -44.96 -41.81 10.15
N GLU H 431 -44.46 -43.01 10.46
CA GLU H 431 -43.62 -43.15 11.65
C GLU H 431 -42.20 -42.68 11.39
N HIS H 432 -41.50 -43.37 10.49
CA HIS H 432 -40.07 -43.14 10.28
C HIS H 432 -39.78 -41.67 10.01
N ILE H 433 -40.55 -41.06 9.11
CA ILE H 433 -40.38 -39.65 8.80
C ILE H 433 -40.62 -38.81 10.05
N PHE H 434 -41.61 -39.18 10.86
CA PHE H 434 -41.91 -38.40 12.05
C PHE H 434 -40.74 -38.40 13.03
N GLU H 435 -40.23 -39.59 13.39
CA GLU H 435 -39.13 -39.62 14.35
C GLU H 435 -37.88 -38.98 13.79
N HIS H 436 -37.58 -39.20 12.50
CA HIS H 436 -36.38 -38.58 11.93
C HIS H 436 -36.49 -37.06 11.91
N PHE H 437 -37.65 -36.53 11.53
CA PHE H 437 -37.86 -35.09 11.53
C PHE H 437 -37.74 -34.54 12.94
N ILE H 438 -38.34 -35.22 13.92
CA ILE H 438 -38.28 -34.74 15.30
C ILE H 438 -36.85 -34.72 15.79
N GLU H 439 -36.09 -35.79 15.52
CA GLU H 439 -34.71 -35.86 15.97
C GLU H 439 -33.86 -34.75 15.34
N ALA H 440 -33.98 -34.59 14.02
CA ALA H 440 -33.17 -33.58 13.33
C ALA H 440 -33.53 -32.18 13.81
N LYS H 441 -34.82 -31.89 13.96
CA LYS H 441 -35.23 -30.55 14.37
C LYS H 441 -34.84 -30.27 15.82
N THR H 442 -34.93 -31.28 16.69
CA THR H 442 -34.49 -31.08 18.07
C THR H 442 -32.99 -30.83 18.13
N ILE H 443 -32.21 -31.56 17.34
CA ILE H 443 -30.76 -31.33 17.31
C ILE H 443 -30.46 -29.92 16.82
N GLU H 444 -31.16 -29.49 15.77
CA GLU H 444 -30.95 -28.14 15.18
C GLU H 444 -31.33 -27.07 16.22
N CYS H 445 -32.44 -27.26 16.92
CA CYS H 445 -32.88 -26.30 17.94
C CYS H 445 -31.90 -26.24 19.10
N ASP H 446 -31.37 -27.39 19.52
CA ASP H 446 -30.39 -27.40 20.60
C ASP H 446 -29.11 -26.69 20.18
N MET H 447 -28.69 -26.91 18.93
CA MET H 447 -27.52 -26.19 18.43
C MET H 447 -27.73 -24.69 18.42
N PHE H 448 -28.92 -24.25 17.99
CA PHE H 448 -29.21 -22.81 17.99
C PHE H 448 -29.26 -22.26 19.41
N ARG H 449 -29.81 -23.04 20.35
CA ARG H 449 -30.00 -22.54 21.70
C ARG H 449 -28.68 -22.29 22.41
N THR H 450 -27.70 -23.18 22.23
CA THR H 450 -26.44 -23.07 22.95
C THR H 450 -25.45 -22.13 22.30
N ALA H 451 -25.73 -21.65 21.09
CA ALA H 451 -24.82 -20.75 20.40
C ALA H 451 -24.86 -19.35 21.02
N VAL H 452 -23.75 -18.63 20.88
CA VAL H 452 -23.64 -17.24 21.34
C VAL H 452 -23.56 -16.36 20.10
N HIS H 453 -24.47 -15.42 20.00
CA HIS H 453 -24.61 -14.59 18.82
C HIS H 453 -24.00 -13.20 19.04
N PRO H 454 -23.57 -12.54 17.97
CA PRO H 454 -23.01 -11.18 18.13
C PRO H 454 -24.01 -10.17 18.67
N TRP H 455 -25.30 -10.45 18.57
CA TRP H 455 -26.31 -9.57 19.16
C TRP H 455 -26.12 -9.45 20.67
N GLU H 456 -25.92 -10.59 21.35
CA GLU H 456 -25.72 -10.57 22.79
C GLU H 456 -24.46 -9.80 23.16
N ARG H 457 -23.38 -10.02 22.43
CA ARG H 457 -22.14 -9.30 22.69
C ARG H 457 -22.35 -7.80 22.50
N GLU H 458 -22.90 -7.41 21.35
CA GLU H 458 -23.04 -5.99 21.04
C GLU H 458 -24.01 -5.28 21.97
N GLN H 459 -24.91 -6.01 22.63
CA GLN H 459 -25.84 -5.33 23.52
C GLN H 459 -25.63 -5.65 25.00
N TYR H 460 -24.59 -6.41 25.34
CA TYR H 460 -24.26 -6.61 26.75
C TYR H 460 -22.79 -6.43 27.10
N LEU H 461 -21.87 -6.45 26.12
CA LEU H 461 -20.45 -6.41 26.44
C LEU H 461 -20.06 -5.09 27.11
N GLU H 462 -20.59 -3.97 26.61
CA GLU H 462 -20.35 -2.67 27.23
C GLU H 462 -21.30 -2.39 28.39
N ILE H 463 -22.57 -2.74 28.25
CA ILE H 463 -23.55 -2.44 29.28
C ILE H 463 -23.21 -3.18 30.57
N TYR H 464 -22.83 -4.45 30.46
CA TYR H 464 -22.46 -5.23 31.65
C TYR H 464 -20.96 -5.47 31.70
N ALA I 22 -25.44 26.00 -57.65
CA ALA I 22 -26.32 24.95 -57.15
C ALA I 22 -25.65 23.59 -57.29
N LYS I 23 -24.74 23.28 -56.36
CA LYS I 23 -24.06 21.99 -56.38
C LYS I 23 -25.03 20.85 -56.12
N TYR I 24 -25.96 21.04 -55.19
CA TYR I 24 -26.95 20.03 -54.84
C TYR I 24 -28.34 20.66 -54.80
N THR I 25 -29.35 19.80 -54.95
CA THR I 25 -30.75 20.19 -54.86
C THR I 25 -31.44 19.33 -53.81
N LYS I 26 -32.72 19.62 -53.56
CA LYS I 26 -33.50 18.86 -52.55
C LYS I 26 -33.52 17.39 -52.95
N GLU I 27 -33.84 17.09 -54.21
CA GLU I 27 -33.95 15.71 -54.66
C GLU I 27 -32.62 14.99 -54.51
N ASP I 28 -31.51 15.68 -54.77
CA ASP I 28 -30.19 15.08 -54.58
C ASP I 28 -29.95 14.74 -53.13
N ILE I 29 -30.34 15.64 -52.22
CA ILE I 29 -30.14 15.40 -50.76
C ILE I 29 -30.98 14.17 -50.36
N PHE I 30 -32.22 14.11 -50.83
CA PHE I 30 -33.11 12.96 -50.51
C PHE I 30 -32.49 11.66 -51.05
N ARG I 31 -32.00 11.68 -52.29
CA ARG I 31 -31.38 10.49 -52.88
C ARG I 31 -30.15 10.06 -52.10
N PHE I 32 -29.31 11.02 -51.69
CA PHE I 32 -28.13 10.68 -50.90
C PHE I 32 -28.53 10.03 -49.58
N ALA I 33 -29.50 10.64 -48.89
CA ALA I 33 -29.97 10.08 -47.62
C ALA I 33 -30.53 8.68 -47.81
N ASP I 34 -31.15 8.43 -48.96
CA ASP I 34 -31.70 7.10 -49.22
C ASP I 34 -30.61 6.09 -49.53
N GLU I 35 -29.56 6.50 -50.26
CA GLU I 35 -28.64 5.51 -50.82
C GLU I 35 -27.42 5.26 -49.95
N GLN I 36 -26.98 6.23 -49.15
CA GLN I 36 -26.04 5.87 -48.09
C GLN I 36 -26.73 5.60 -46.76
N ASN I 37 -28.06 5.70 -46.73
CA ASN I 37 -28.88 5.25 -45.60
C ASN I 37 -28.47 5.94 -44.30
N VAL I 38 -28.57 7.25 -44.31
CA VAL I 38 -28.31 8.05 -43.11
C VAL I 38 -29.56 8.01 -42.24
N LYS I 39 -29.36 7.95 -40.92
CA LYS I 39 -30.46 7.99 -39.97
C LYS I 39 -30.32 9.10 -38.95
N PHE I 40 -29.20 9.83 -38.96
CA PHE I 40 -28.97 10.92 -38.01
C PHE I 40 -28.42 12.11 -38.77
N ILE I 41 -28.99 13.28 -38.56
CA ILE I 41 -28.62 14.50 -39.27
C ILE I 41 -28.35 15.59 -38.26
N ARG I 42 -27.20 16.25 -38.39
CA ARG I 42 -26.80 17.35 -37.52
C ARG I 42 -26.93 18.66 -38.28
N LEU I 43 -27.92 19.47 -37.92
CA LEU I 43 -28.05 20.81 -38.46
C LEU I 43 -27.21 21.75 -37.62
N GLN I 44 -25.98 21.99 -38.05
CA GLN I 44 -24.99 22.65 -37.21
C GLN I 44 -24.76 24.09 -37.66
N PHE I 45 -24.38 24.92 -36.69
CA PHE I 45 -24.15 26.34 -36.89
C PHE I 45 -23.09 26.79 -35.88
N THR I 46 -22.71 28.06 -35.96
CA THR I 46 -21.66 28.61 -35.12
C THR I 46 -22.16 29.87 -34.43
N ASP I 47 -21.87 30.00 -33.15
CA ASP I 47 -22.27 31.17 -32.37
C ASP I 47 -21.20 32.25 -32.49
N ILE I 48 -21.35 33.32 -31.70
CA ILE I 48 -20.38 34.41 -31.73
C ILE I 48 -19.02 33.94 -31.22
N LEU I 49 -19.04 33.13 -30.15
CA LEU I 49 -17.76 32.70 -29.52
C LEU I 49 -16.99 31.71 -30.41
N GLY I 50 -17.62 31.19 -31.46
CA GLY I 50 -16.97 30.22 -32.32
C GLY I 50 -17.25 28.78 -31.98
N ILE I 51 -18.03 28.50 -30.95
CA ILE I 51 -18.33 27.13 -30.57
C ILE I 51 -19.29 26.52 -31.58
N ILE I 52 -19.00 25.31 -32.04
CA ILE I 52 -19.85 24.62 -32.99
C ILE I 52 -21.08 24.10 -32.25
N LYS I 53 -22.25 24.53 -32.69
CA LYS I 53 -23.52 24.12 -32.10
C LYS I 53 -24.40 23.50 -33.18
N ASN I 54 -25.31 22.62 -32.74
CA ASN I 54 -26.17 21.93 -33.69
C ASN I 54 -27.45 21.51 -33.01
N VAL I 55 -28.45 21.19 -33.83
CA VAL I 55 -29.63 20.46 -33.39
C VAL I 55 -29.67 19.16 -34.18
N GLU I 56 -30.06 18.09 -33.51
CA GLU I 56 -29.95 16.74 -34.06
C GLU I 56 -31.34 16.18 -34.31
N ILE I 57 -31.60 15.79 -35.55
CA ILE I 57 -32.92 15.34 -35.97
C ILE I 57 -32.80 13.98 -36.64
N PRO I 58 -33.85 13.15 -36.61
CA PRO I 58 -33.83 11.91 -37.38
C PRO I 58 -34.00 12.18 -38.87
N VAL I 59 -33.67 11.16 -39.66
CA VAL I 59 -33.79 11.29 -41.11
C VAL I 59 -35.24 11.46 -41.54
N SER I 60 -36.19 11.05 -40.69
CA SER I 60 -37.60 11.20 -41.02
C SER I 60 -38.02 12.66 -41.06
N GLN I 61 -37.27 13.53 -40.38
CA GLN I 61 -37.55 14.96 -40.39
C GLN I 61 -36.74 15.72 -41.43
N LEU I 62 -36.10 14.99 -42.36
CA LEU I 62 -35.27 15.65 -43.40
C LEU I 62 -36.15 16.59 -44.22
N LYS I 63 -37.39 16.18 -44.51
CA LYS I 63 -38.33 17.01 -45.30
C LYS I 63 -38.55 18.35 -44.59
N LYS I 64 -38.86 18.33 -43.29
CA LYS I 64 -39.13 19.58 -42.52
C LYS I 64 -37.91 20.49 -42.59
N ALA I 65 -36.69 19.93 -42.45
CA ALA I 65 -35.45 20.73 -42.52
C ALA I 65 -35.35 21.41 -43.89
N LEU I 66 -35.60 20.65 -44.96
CA LEU I 66 -35.52 21.19 -46.35
C LEU I 66 -36.61 22.26 -46.55
N ASP I 67 -37.73 22.13 -45.84
CA ASP I 67 -38.85 23.11 -45.98
C ASP I 67 -38.58 24.36 -45.13
N ASN I 68 -37.45 24.40 -44.42
CA ASN I 68 -37.06 25.59 -43.61
C ASN I 68 -38.14 25.87 -42.56
N LYS I 69 -38.63 24.83 -41.88
CA LYS I 69 -39.65 24.97 -40.85
C LYS I 69 -39.17 24.48 -39.48
N ILE I 70 -37.86 24.39 -39.26
CA ILE I 70 -37.33 23.90 -38.00
C ILE I 70 -37.13 25.08 -37.05
N MET I 71 -37.76 25.01 -35.89
CA MET I 71 -37.56 25.99 -34.83
C MET I 71 -36.44 25.53 -33.90
N PHE I 72 -35.80 26.51 -33.25
CA PHE I 72 -34.84 26.22 -32.19
C PHE I 72 -34.72 27.46 -31.33
N ASP I 73 -34.20 27.27 -30.12
CA ASP I 73 -34.03 28.37 -29.16
C ASP I 73 -32.95 29.29 -29.69
N GLY I 74 -33.35 30.45 -30.18
CA GLY I 74 -32.41 31.35 -30.83
C GLY I 74 -31.46 32.05 -29.89
N SER I 75 -31.76 32.06 -28.60
CA SER I 75 -30.85 32.68 -27.64
C SER I 75 -29.58 31.86 -27.44
N SER I 76 -29.53 30.63 -27.97
CA SER I 76 -28.35 29.80 -27.81
C SER I 76 -27.14 30.41 -28.51
N ILE I 77 -27.34 30.95 -29.72
CA ILE I 77 -26.22 31.53 -30.45
C ILE I 77 -25.67 32.77 -29.78
N GLU I 78 -26.46 33.43 -28.92
CA GLU I 78 -25.97 34.59 -28.18
C GLU I 78 -24.93 34.21 -27.14
N GLY I 79 -24.78 32.92 -26.84
CA GLY I 79 -23.79 32.47 -25.87
C GLY I 79 -24.33 32.38 -24.46
N PHE I 80 -23.46 32.61 -23.48
CA PHE I 80 -23.86 32.57 -22.08
C PHE I 80 -24.56 33.84 -21.63
N VAL I 81 -24.63 34.87 -22.47
CA VAL I 81 -25.24 36.14 -22.12
C VAL I 81 -26.68 36.16 -22.60
N ARG I 82 -27.23 34.99 -22.91
CA ARG I 82 -28.63 34.90 -23.30
C ARG I 82 -29.54 35.30 -22.16
N ILE I 83 -30.55 36.11 -22.48
CA ILE I 83 -31.50 36.60 -21.48
C ILE I 83 -32.90 36.18 -21.86
N GLU I 84 -33.36 36.61 -23.03
CA GLU I 84 -34.71 36.36 -23.50
C GLU I 84 -34.71 35.25 -24.55
N GLU I 85 -35.52 34.22 -24.33
CA GLU I 85 -35.65 33.14 -25.31
C GLU I 85 -36.43 33.64 -26.52
N SER I 86 -35.97 33.28 -27.71
CA SER I 86 -36.65 33.65 -28.95
C SER I 86 -36.54 32.49 -29.93
N ASP I 87 -37.68 32.05 -30.45
CA ASP I 87 -37.69 30.99 -31.45
C ASP I 87 -37.38 31.56 -32.82
N MET I 88 -36.55 30.86 -33.59
CA MET I 88 -36.16 31.35 -34.90
C MET I 88 -35.75 30.17 -35.78
N TYR I 89 -35.81 30.41 -37.09
CA TYR I 89 -35.67 29.34 -38.07
C TYR I 89 -34.21 28.91 -38.22
N LEU I 90 -34.03 27.82 -38.95
CA LEU I 90 -32.72 27.18 -39.11
C LEU I 90 -32.48 26.81 -40.57
N PHE I 91 -32.70 27.78 -41.48
CA PHE I 91 -32.49 27.60 -42.91
C PHE I 91 -31.15 26.94 -43.22
N PRO I 92 -31.14 25.74 -43.77
CA PRO I 92 -29.89 25.04 -44.05
C PRO I 92 -29.32 25.39 -45.42
N ASP I 93 -28.11 24.93 -45.66
CA ASP I 93 -27.40 25.12 -46.93
C ASP I 93 -27.18 23.76 -47.57
N LEU I 94 -27.62 23.60 -48.82
CA LEU I 94 -27.53 22.27 -49.49
C LEU I 94 -26.10 21.92 -49.89
N ASP I 95 -25.27 22.91 -50.24
CA ASP I 95 -23.94 22.61 -50.73
C ASP I 95 -23.02 22.03 -49.67
N THR I 96 -23.42 22.06 -48.40
CA THR I 96 -22.59 21.56 -47.31
C THR I 96 -23.04 20.18 -46.81
N TRP I 97 -23.65 19.37 -47.67
CA TRP I 97 -24.07 18.04 -47.29
C TRP I 97 -22.85 17.12 -47.22
N VAL I 98 -22.55 16.62 -46.02
CA VAL I 98 -21.38 15.78 -45.78
C VAL I 98 -21.81 14.61 -44.89
N VAL I 99 -21.38 13.41 -45.26
CA VAL I 99 -21.68 12.20 -44.50
C VAL I 99 -20.41 11.72 -43.81
N PHE I 100 -20.48 11.60 -42.48
CA PHE I 100 -19.32 11.13 -41.72
C PHE I 100 -19.14 9.62 -41.89
N PRO I 101 -17.91 9.14 -41.99
CA PRO I 101 -17.69 7.69 -42.11
C PRO I 101 -17.65 6.95 -40.79
N TRP I 102 -17.27 7.63 -39.70
CA TRP I 102 -17.14 6.97 -38.40
C TRP I 102 -18.51 6.88 -37.71
N THR I 103 -19.39 6.11 -38.34
CA THR I 103 -20.75 5.96 -37.84
C THR I 103 -21.16 4.51 -37.61
N ALA I 104 -20.25 3.56 -37.73
CA ALA I 104 -20.52 2.13 -37.55
C ALA I 104 -21.60 1.71 -38.55
N GLU I 105 -22.43 0.73 -38.18
CA GLU I 105 -23.46 0.22 -39.07
C GLU I 105 -24.86 0.69 -38.71
N LYS I 106 -25.08 1.19 -37.49
CA LYS I 106 -26.40 1.64 -37.07
C LYS I 106 -26.67 3.07 -37.57
N GLY I 107 -26.81 3.17 -38.89
CA GLY I 107 -27.13 4.43 -39.53
C GLY I 107 -25.96 5.38 -39.63
N LYS I 108 -25.90 6.12 -40.74
CA LYS I 108 -24.86 7.11 -40.95
C LYS I 108 -25.24 8.43 -40.29
N VAL I 109 -24.29 9.35 -40.25
CA VAL I 109 -24.49 10.69 -39.71
C VAL I 109 -24.09 11.70 -40.77
N ALA I 110 -24.93 12.73 -40.95
CA ALA I 110 -24.68 13.78 -41.91
C ALA I 110 -24.85 15.13 -41.24
N ARG I 111 -24.16 16.13 -41.79
CA ARG I 111 -24.22 17.48 -41.26
C ARG I 111 -24.51 18.46 -42.38
N MET I 112 -25.17 19.57 -42.02
CA MET I 112 -25.49 20.63 -42.96
C MET I 112 -25.33 21.97 -42.25
N ILE I 113 -24.51 22.85 -42.82
CA ILE I 113 -24.35 24.19 -42.25
C ILE I 113 -25.64 24.97 -42.49
N CYS I 114 -26.19 25.54 -41.43
CA CYS I 114 -27.48 26.19 -41.48
C CYS I 114 -27.37 27.67 -41.17
N ASP I 115 -28.06 28.49 -41.95
CA ASP I 115 -28.18 29.90 -41.67
C ASP I 115 -29.25 30.15 -40.61
N ILE I 116 -29.07 31.22 -39.86
CA ILE I 116 -30.00 31.61 -38.80
C ILE I 116 -30.92 32.69 -39.35
N TYR I 117 -32.23 32.46 -39.28
CA TYR I 117 -33.22 33.37 -39.82
C TYR I 117 -34.24 33.73 -38.75
N ASN I 118 -34.66 34.99 -38.74
CA ASN I 118 -35.72 35.43 -37.87
C ASN I 118 -37.06 34.85 -38.35
N PRO I 119 -38.06 34.80 -37.46
CA PRO I 119 -39.36 34.23 -37.88
C PRO I 119 -40.03 35.01 -39.01
N ASP I 120 -39.61 36.25 -39.28
CA ASP I 120 -40.19 37.05 -40.36
C ASP I 120 -39.43 36.90 -41.67
N MET I 121 -38.80 35.74 -41.90
CA MET I 121 -38.09 35.46 -43.15
C MET I 121 -36.96 36.44 -43.42
N THR I 122 -36.28 36.89 -42.36
CA THR I 122 -35.12 37.76 -42.50
C THR I 122 -33.94 37.14 -41.78
N PRO I 123 -32.75 37.20 -42.36
CA PRO I 123 -31.57 36.65 -41.68
C PRO I 123 -31.29 37.39 -40.38
N PHE I 124 -30.87 36.65 -39.37
CA PHE I 124 -30.60 37.24 -38.07
C PHE I 124 -29.35 38.11 -38.13
N ALA I 125 -29.42 39.27 -37.51
CA ALA I 125 -28.27 40.18 -37.50
C ALA I 125 -27.11 39.61 -36.71
N GLY I 126 -27.39 38.78 -35.72
CA GLY I 126 -26.36 38.20 -34.87
C GLY I 126 -25.68 36.97 -35.40
N ASP I 127 -26.05 36.50 -36.58
CA ASP I 127 -25.42 35.32 -37.16
C ASP I 127 -24.11 35.70 -37.84
N PRO I 128 -22.97 35.15 -37.42
CA PRO I 128 -21.70 35.49 -38.11
C PRO I 128 -21.71 35.15 -39.58
N ARG I 129 -22.35 34.05 -39.97
CA ARG I 129 -22.39 33.66 -41.38
C ARG I 129 -23.18 34.67 -42.21
N ALA I 130 -24.30 35.15 -41.68
CA ALA I 130 -25.07 36.18 -42.38
C ALA I 130 -24.28 37.47 -42.50
N ASN I 131 -23.54 37.82 -41.45
CA ASN I 131 -22.69 39.01 -41.51
C ASN I 131 -21.61 38.88 -42.59
N LEU I 132 -20.98 37.71 -42.66
CA LEU I 132 -19.99 37.48 -43.70
C LEU I 132 -20.61 37.55 -45.08
N LYS I 133 -21.83 37.01 -45.23
CA LYS I 133 -22.51 37.09 -46.51
C LYS I 133 -22.83 38.53 -46.88
N ARG I 134 -23.21 39.35 -45.91
CA ARG I 134 -23.46 40.76 -46.18
C ARG I 134 -22.19 41.48 -46.60
N VAL I 135 -21.08 41.20 -45.94
CA VAL I 135 -19.81 41.82 -46.32
C VAL I 135 -19.40 41.38 -47.72
N LEU I 136 -19.61 40.11 -48.04
CA LEU I 136 -19.30 39.61 -49.38
C LEU I 136 -20.20 40.27 -50.42
N LYS I 137 -21.46 40.53 -50.07
CA LYS I 137 -22.35 41.26 -50.97
C LYS I 137 -21.84 42.67 -51.21
N GLU I 138 -21.35 43.33 -50.16
CA GLU I 138 -20.73 44.64 -50.34
C GLU I 138 -19.54 44.57 -51.28
N MET I 139 -18.70 43.55 -51.10
CA MET I 139 -17.55 43.37 -51.98
C MET I 139 -18.01 43.19 -53.43
N GLU I 140 -19.01 42.33 -53.65
CA GLU I 140 -19.46 42.05 -55.01
C GLU I 140 -20.06 43.28 -55.67
N GLU I 141 -20.88 44.04 -54.93
CA GLU I 141 -21.43 45.26 -55.50
C GLU I 141 -20.37 46.33 -55.70
N LEU I 142 -19.23 46.20 -55.00
CA LEU I 142 -18.11 47.17 -55.21
C LEU I 142 -17.41 46.86 -56.53
N GLY I 143 -17.36 45.58 -56.93
CA GLY I 143 -16.78 45.23 -58.21
C GLY I 143 -15.99 43.94 -58.28
N PHE I 144 -15.78 43.33 -57.11
CA PHE I 144 -14.99 42.07 -57.06
C PHE I 144 -15.92 40.87 -57.16
N THR I 145 -15.35 39.69 -57.37
CA THR I 145 -16.12 38.47 -57.55
C THR I 145 -16.09 37.57 -56.33
N GLU I 146 -14.89 37.22 -55.84
CA GLU I 146 -14.76 36.29 -54.72
C GLU I 146 -13.56 36.67 -53.87
N PHE I 147 -13.55 36.16 -52.65
CA PHE I 147 -12.52 36.41 -51.66
C PHE I 147 -11.95 35.06 -51.22
N ASN I 148 -10.96 34.57 -51.95
CA ASN I 148 -10.37 33.26 -51.67
C ASN I 148 -9.54 33.30 -50.39
N LEU I 149 -9.57 32.20 -49.64
CA LEU I 149 -8.81 32.07 -48.42
C LEU I 149 -8.18 30.68 -48.34
N GLY I 150 -6.93 30.62 -47.92
CA GLY I 150 -6.31 29.38 -47.53
C GLY I 150 -5.71 29.46 -46.14
N PRO I 151 -6.30 28.73 -45.20
CA PRO I 151 -5.80 28.77 -43.82
C PRO I 151 -4.77 27.68 -43.52
N GLU I 152 -3.97 27.95 -42.50
CA GLU I 152 -2.92 27.03 -42.05
C GLU I 152 -3.04 26.84 -40.54
N PRO I 153 -4.07 26.12 -40.08
CA PRO I 153 -4.25 25.95 -38.64
C PRO I 153 -3.21 25.01 -38.04
N GLU I 154 -2.93 25.24 -36.76
CA GLU I 154 -2.03 24.41 -35.97
C GLU I 154 -2.73 23.99 -34.69
N PHE I 155 -2.54 22.73 -34.29
CA PHE I 155 -3.21 22.19 -33.12
C PHE I 155 -2.23 21.37 -32.29
N PHE I 156 -2.57 21.20 -31.02
CA PHE I 156 -1.77 20.42 -30.08
C PHE I 156 -2.50 19.14 -29.73
N LEU I 157 -1.71 18.10 -29.41
CA LEU I 157 -2.25 16.81 -29.01
C LEU I 157 -1.69 16.43 -27.65
N PHE I 158 -2.59 16.15 -26.72
CA PHE I 158 -2.23 15.84 -25.33
C PHE I 158 -2.72 14.45 -24.97
N LYS I 159 -1.91 13.73 -24.21
CA LYS I 159 -2.28 12.38 -23.78
C LYS I 159 -3.37 12.45 -22.72
N LEU I 160 -4.40 11.63 -22.88
CA LEU I 160 -5.48 11.56 -21.91
C LEU I 160 -5.03 10.80 -20.67
N ASP I 161 -5.70 11.07 -19.55
CA ASP I 161 -5.41 10.40 -18.30
C ASP I 161 -6.24 9.13 -18.18
N GLU I 162 -6.22 8.51 -17.01
CA GLU I 162 -7.00 7.29 -16.79
C GLU I 162 -8.49 7.58 -16.87
N ASN I 163 -8.92 8.74 -16.37
CA ASN I 163 -10.33 9.14 -16.37
C ASN I 163 -10.71 9.89 -17.64
N ARG I 164 -10.01 9.65 -18.75
CA ARG I 164 -10.26 10.34 -20.02
C ARG I 164 -10.17 11.86 -19.86
N ARG I 165 -9.16 12.30 -19.12
CA ARG I 165 -8.92 13.71 -18.90
C ARG I 165 -7.58 14.11 -19.50
N PRO I 166 -7.49 15.29 -20.10
CA PRO I 166 -6.21 15.71 -20.70
C PRO I 166 -5.14 15.89 -19.65
N THR I 167 -3.90 15.60 -20.03
CA THR I 167 -2.73 15.82 -19.20
C THR I 167 -1.86 16.90 -19.84
N LEU I 168 -0.73 17.17 -19.21
CA LEU I 168 0.22 18.17 -19.69
C LEU I 168 1.36 17.55 -20.48
N GLU I 169 1.28 16.26 -20.80
CA GLU I 169 2.32 15.57 -21.55
C GLU I 169 1.90 15.42 -23.01
N LEU I 170 2.86 15.58 -23.90
CA LEU I 170 2.64 15.54 -25.33
C LEU I 170 2.87 14.13 -25.87
N ASN I 171 2.30 13.85 -27.04
CA ASN I 171 2.38 12.49 -27.59
C ASN I 171 3.79 12.15 -28.09
N ASP I 172 4.52 13.13 -28.62
CA ASP I 172 5.86 12.86 -29.09
C ASP I 172 6.71 14.13 -28.97
N SER I 173 8.02 13.91 -28.86
CA SER I 173 8.99 15.01 -28.77
C SER I 173 9.59 15.28 -30.14
N GLY I 174 8.75 15.80 -31.04
CA GLY I 174 9.16 16.08 -32.40
C GLY I 174 9.81 17.45 -32.53
N GLY I 175 10.08 17.81 -33.78
CA GLY I 175 10.66 19.10 -34.10
C GLY I 175 10.01 19.72 -35.32
N TYR I 176 10.59 20.80 -35.83
CA TYR I 176 10.03 21.48 -36.99
C TYR I 176 10.22 20.62 -38.23
N PHE I 177 9.11 20.30 -38.91
CA PHE I 177 9.10 19.47 -40.11
C PHE I 177 9.69 18.08 -39.88
N ASP I 178 9.83 17.67 -38.62
CA ASP I 178 10.40 16.38 -38.29
C ASP I 178 9.43 15.26 -38.61
N LEU I 179 9.99 14.08 -38.90
CA LEU I 179 9.21 12.87 -39.11
C LEU I 179 9.04 12.17 -37.76
N ALA I 180 8.29 12.83 -36.88
CA ALA I 180 8.18 12.40 -35.49
C ALA I 180 7.23 11.23 -35.29
N PRO I 181 5.96 11.30 -35.73
CA PRO I 181 5.03 10.19 -35.45
C PRO I 181 5.31 8.93 -36.25
N THR I 182 6.23 8.99 -37.21
CA THR I 182 6.61 7.85 -38.05
C THR I 182 5.43 7.12 -38.66
N ASP I 183 5.30 5.83 -38.35
CA ASP I 183 4.33 4.97 -39.00
C ASP I 183 3.87 3.86 -38.07
N LEU I 184 3.31 2.79 -38.65
CA LEU I 184 2.88 1.60 -37.91
C LEU I 184 1.80 1.94 -36.88
N GLY I 185 0.67 2.36 -37.42
CA GLY I 185 -0.47 2.71 -36.57
C GLY I 185 -0.27 4.07 -35.97
N GLU I 186 -1.10 4.40 -34.98
CA GLU I 186 -1.17 5.73 -34.39
C GLU I 186 -1.08 6.80 -35.47
N ASN I 187 -0.07 7.67 -35.38
CA ASN I 187 0.14 8.75 -36.33
C ASN I 187 -1.16 9.51 -36.60
N CYS I 188 -1.69 10.17 -35.56
CA CYS I 188 -3.01 10.77 -35.66
C CYS I 188 -3.10 11.79 -36.79
N ARG I 189 -2.00 12.48 -37.11
CA ARG I 189 -2.03 13.44 -38.19
C ARG I 189 -2.30 12.76 -39.53
N ARG I 190 -1.64 11.61 -39.79
CA ARG I 190 -1.85 10.91 -41.04
C ARG I 190 -3.29 10.42 -41.16
N ASP I 191 -3.83 9.88 -40.06
CA ASP I 191 -5.22 9.42 -40.08
C ASP I 191 -6.19 10.58 -40.29
N ILE I 192 -5.91 11.73 -39.66
CA ILE I 192 -6.75 12.90 -39.84
C ILE I 192 -6.76 13.33 -41.30
N VAL I 193 -5.57 13.39 -41.91
CA VAL I 193 -5.46 13.79 -43.31
C VAL I 193 -6.20 12.81 -44.20
N LEU I 194 -6.04 11.51 -43.95
CA LEU I 194 -6.70 10.50 -44.77
C LEU I 194 -8.22 10.60 -44.65
N GLU I 195 -8.74 10.78 -43.42
CA GLU I 195 -10.18 10.90 -43.25
C GLU I 195 -10.71 12.17 -43.91
N LEU I 196 -9.98 13.28 -43.79
CA LEU I 196 -10.40 14.51 -44.45
C LEU I 196 -10.43 14.36 -45.97
N GLU I 197 -9.43 13.68 -46.53
CA GLU I 197 -9.40 13.45 -47.97
C GLU I 197 -10.54 12.54 -48.42
N GLU I 198 -10.80 11.47 -47.66
CA GLU I 198 -11.93 10.60 -47.98
C GLU I 198 -13.25 11.35 -47.91
N MET I 199 -13.36 12.28 -46.96
CA MET I 199 -14.62 13.00 -46.74
C MET I 199 -14.89 14.03 -47.84
N GLY I 200 -13.86 14.49 -48.54
CA GLY I 200 -14.07 15.40 -49.66
C GLY I 200 -13.47 16.78 -49.48
N PHE I 201 -12.39 16.87 -48.71
CA PHE I 201 -11.69 18.12 -48.51
C PHE I 201 -10.38 18.13 -49.30
N GLU I 202 -9.93 19.34 -49.61
CA GLU I 202 -8.70 19.55 -50.37
C GLU I 202 -7.60 19.94 -49.40
N ILE I 203 -6.56 19.10 -49.32
CA ILE I 203 -5.44 19.29 -48.40
C ILE I 203 -4.18 19.49 -49.23
N GLU I 204 -3.44 20.56 -48.94
CA GLU I 204 -2.19 20.81 -49.64
C GLU I 204 -1.05 19.97 -49.05
N ALA I 205 -0.73 20.20 -47.78
CA ALA I 205 0.36 19.48 -47.13
C ALA I 205 0.17 19.54 -45.64
N SER I 206 0.81 18.60 -44.94
CA SER I 206 0.82 18.54 -43.49
C SER I 206 2.23 18.25 -43.02
N HIS I 207 2.56 18.75 -41.83
CA HIS I 207 3.89 18.58 -41.28
C HIS I 207 3.84 18.76 -39.77
N HIS I 208 4.98 18.58 -39.13
CA HIS I 208 5.12 18.73 -37.69
C HIS I 208 5.67 20.12 -37.38
N GLU I 209 4.99 20.83 -36.47
CA GLU I 209 5.43 22.16 -36.11
C GLU I 209 6.64 22.09 -35.17
N VAL I 210 7.25 23.25 -34.93
CA VAL I 210 8.51 23.29 -34.18
C VAL I 210 8.29 22.82 -32.74
N ALA I 211 7.14 23.14 -32.15
CA ALA I 211 6.86 22.66 -30.80
C ALA I 211 6.61 21.16 -30.83
N PRO I 212 6.97 20.45 -29.76
CA PRO I 212 6.63 19.02 -29.69
C PRO I 212 5.12 18.83 -29.68
N GLY I 213 4.67 17.74 -30.29
CA GLY I 213 3.26 17.42 -30.29
C GLY I 213 2.37 18.40 -31.01
N GLN I 214 2.94 19.33 -31.77
CA GLN I 214 2.19 20.32 -32.52
C GLN I 214 2.23 20.00 -34.00
N HIS I 215 1.08 20.00 -34.65
CA HIS I 215 0.96 19.62 -36.04
C HIS I 215 0.22 20.70 -36.81
N GLU I 216 0.54 20.83 -38.09
CA GLU I 216 -0.10 21.80 -38.96
C GLU I 216 -0.59 21.10 -40.23
N ILE I 217 -1.81 21.44 -40.64
CA ILE I 217 -2.40 20.92 -41.87
C ILE I 217 -2.83 22.11 -42.72
N ASP I 218 -2.38 22.13 -43.96
CA ASP I 218 -2.67 23.24 -44.88
C ASP I 218 -3.82 22.86 -45.80
N PHE I 219 -4.61 23.87 -46.15
CA PHE I 219 -5.79 23.69 -47.00
C PHE I 219 -5.58 24.38 -48.33
N LYS I 220 -6.39 23.99 -49.31
CA LYS I 220 -6.38 24.66 -50.60
C LYS I 220 -7.12 26.00 -50.49
N TYR I 221 -7.31 26.64 -51.64
CA TYR I 221 -7.87 27.99 -51.69
C TYR I 221 -9.27 27.92 -52.29
N GLU I 222 -10.28 28.17 -51.47
CA GLU I 222 -11.67 28.21 -51.88
C GLU I 222 -12.32 29.51 -51.40
N ASP I 223 -13.63 29.61 -51.56
CA ASP I 223 -14.34 30.81 -51.18
C ASP I 223 -14.35 30.99 -49.66
N ALA I 224 -14.66 32.20 -49.22
CA ALA I 224 -14.58 32.54 -47.80
C ALA I 224 -15.55 31.70 -46.97
N ILE I 225 -16.81 31.61 -47.41
CA ILE I 225 -17.81 30.84 -46.67
C ILE I 225 -17.42 29.38 -46.63
N THR I 226 -16.99 28.83 -47.78
CA THR I 226 -16.49 27.46 -47.80
C THR I 226 -15.24 27.30 -46.96
N ALA I 227 -14.42 28.35 -46.87
CA ALA I 227 -13.25 28.29 -45.99
C ALA I 227 -13.66 28.17 -44.54
N CYS I 228 -14.68 28.94 -44.12
CA CYS I 228 -15.18 28.82 -42.76
C CYS I 228 -15.74 27.43 -42.50
N ASP I 229 -16.52 26.90 -43.44
CA ASP I 229 -17.09 25.57 -43.28
C ASP I 229 -16.00 24.52 -43.16
N SER I 230 -14.96 24.64 -44.01
CA SER I 230 -13.85 23.70 -43.95
C SER I 230 -13.11 23.80 -42.62
N ILE I 231 -12.92 25.02 -42.10
CA ILE I 231 -12.21 25.19 -40.84
C ILE I 231 -13.00 24.55 -39.70
N GLN I 232 -14.31 24.81 -39.64
CA GLN I 232 -15.12 24.24 -38.58
C GLN I 232 -15.17 22.71 -38.66
N THR I 233 -15.35 22.18 -39.87
CA THR I 233 -15.36 20.74 -40.03
C THR I 233 -14.00 20.13 -39.68
N PHE I 234 -12.92 20.83 -40.01
CA PHE I 234 -11.58 20.36 -39.66
C PHE I 234 -11.41 20.31 -38.15
N LYS I 235 -11.87 21.33 -37.43
CA LYS I 235 -11.79 21.32 -35.98
C LYS I 235 -12.58 20.13 -35.41
N LEU I 236 -13.80 19.93 -35.90
CA LEU I 236 -14.62 18.83 -35.40
C LEU I 236 -13.96 17.48 -35.67
N VAL I 237 -13.45 17.29 -36.88
CA VAL I 237 -12.85 16.01 -37.26
C VAL I 237 -11.58 15.76 -36.46
N VAL I 238 -10.75 16.78 -36.29
CA VAL I 238 -9.53 16.61 -35.52
C VAL I 238 -9.86 16.24 -34.08
N LYS I 239 -10.83 16.92 -33.48
CA LYS I 239 -11.20 16.59 -32.11
C LYS I 239 -11.71 15.16 -32.01
N THR I 240 -12.58 14.74 -32.93
CA THR I 240 -13.15 13.40 -32.88
C THR I 240 -12.06 12.34 -33.04
N ILE I 241 -11.17 12.52 -34.02
CA ILE I 241 -10.15 11.52 -34.29
C ILE I 241 -9.14 11.45 -33.15
N ALA I 242 -8.77 12.62 -32.60
CA ALA I 242 -7.86 12.62 -31.46
C ALA I 242 -8.48 11.90 -30.26
N ARG I 243 -9.78 12.13 -30.02
CA ARG I 243 -10.46 11.43 -28.94
C ARG I 243 -10.50 9.92 -29.16
N LYS I 244 -10.77 9.49 -30.40
CA LYS I 244 -10.89 8.07 -30.66
C LYS I 244 -9.57 7.34 -30.45
N HIS I 245 -8.44 7.99 -30.76
CA HIS I 245 -7.13 7.45 -30.48
C HIS I 245 -6.67 7.71 -29.05
N GLY I 246 -7.59 8.09 -28.16
CA GLY I 246 -7.23 8.35 -26.78
C GLY I 246 -6.30 9.53 -26.60
N LEU I 247 -6.55 10.62 -27.31
CA LEU I 247 -5.78 11.85 -27.18
C LEU I 247 -6.75 13.02 -27.11
N HIS I 248 -6.22 14.18 -26.73
CA HIS I 248 -7.00 15.41 -26.69
C HIS I 248 -6.42 16.42 -27.65
N ALA I 249 -7.25 16.96 -28.52
CA ALA I 249 -6.85 17.97 -29.49
C ALA I 249 -7.20 19.35 -28.93
N THR I 250 -6.21 20.24 -28.91
CA THR I 250 -6.37 21.56 -28.33
C THR I 250 -6.01 22.63 -29.35
N PHE I 251 -6.88 23.61 -29.52
CA PHE I 251 -6.61 24.76 -30.38
C PHE I 251 -6.32 26.03 -29.58
N MET I 252 -6.16 25.90 -28.26
CA MET I 252 -5.78 27.05 -27.41
C MET I 252 -4.42 27.54 -27.92
N PRO I 253 -4.21 28.86 -28.16
CA PRO I 253 -2.97 29.30 -28.82
C PRO I 253 -1.69 28.96 -28.09
N LYS I 254 -1.67 29.08 -26.77
CA LYS I 254 -0.44 28.89 -25.98
C LYS I 254 -0.73 27.90 -24.85
N PRO I 255 -0.74 26.60 -25.16
CA PRO I 255 -1.00 25.61 -24.09
C PRO I 255 0.03 25.62 -22.98
N LEU I 256 1.30 25.88 -23.29
CA LEU I 256 2.37 25.79 -22.31
C LEU I 256 3.28 27.00 -22.42
N PHE I 257 3.94 27.32 -21.31
CA PHE I 257 4.89 28.43 -21.27
C PHE I 257 6.25 27.95 -21.78
N GLY I 258 6.94 28.82 -22.51
CA GLY I 258 8.20 28.47 -23.11
C GLY I 258 8.10 27.57 -24.32
N VAL I 259 6.89 27.34 -24.83
CA VAL I 259 6.64 26.48 -25.97
C VAL I 259 5.91 27.32 -27.02
N ASN I 260 6.29 27.14 -28.29
CA ASN I 260 5.74 27.98 -29.35
C ASN I 260 4.24 27.81 -29.45
N GLY I 261 3.56 28.91 -29.77
CA GLY I 261 2.12 28.92 -29.86
C GLY I 261 1.59 28.36 -31.17
N SER I 262 0.27 28.35 -31.28
CA SER I 262 -0.43 27.85 -32.45
C SER I 262 -0.97 29.01 -33.26
N GLY I 263 -0.75 28.97 -34.58
CA GLY I 263 -1.23 30.02 -35.45
C GLY I 263 -2.11 29.50 -36.57
N MET I 264 -2.90 30.39 -37.15
CA MET I 264 -3.85 30.05 -38.22
C MET I 264 -3.71 31.07 -39.36
N HIS I 265 -2.47 31.25 -39.83
CA HIS I 265 -2.18 32.22 -40.88
C HIS I 265 -3.17 32.11 -42.03
N PHE I 266 -3.69 33.26 -42.45
CA PHE I 266 -4.64 33.35 -43.56
C PHE I 266 -3.91 33.80 -44.82
N ASN I 267 -3.96 32.97 -45.86
CA ASN I 267 -3.47 33.34 -47.19
C ASN I 267 -4.68 33.71 -48.03
N MET I 268 -4.87 35.01 -48.24
CA MET I 268 -6.07 35.53 -48.86
C MET I 268 -5.74 36.28 -50.14
N SER I 269 -6.62 36.15 -51.13
CA SER I 269 -6.46 36.84 -52.41
C SER I 269 -7.83 37.31 -52.89
N LEU I 270 -7.82 38.35 -53.71
CA LEU I 270 -9.04 38.97 -54.21
C LEU I 270 -9.13 38.73 -55.71
N PHE I 271 -10.32 38.36 -56.17
CA PHE I 271 -10.53 38.01 -57.57
C PHE I 271 -11.56 38.94 -58.20
N ASN I 272 -11.39 39.18 -59.50
CA ASN I 272 -12.35 39.96 -60.27
C ASN I 272 -12.78 39.18 -61.51
N GLU I 273 -13.50 39.84 -62.42
CA GLU I 273 -13.93 39.17 -63.64
C GLU I 273 -12.74 38.72 -64.48
N LYS I 274 -11.72 39.58 -64.60
CA LYS I 274 -10.54 39.19 -65.38
C LYS I 274 -9.78 38.04 -64.72
N GLY I 275 -9.66 38.07 -63.39
CA GLY I 275 -8.93 37.04 -62.69
C GLY I 275 -8.47 37.48 -61.31
N ASN I 276 -7.20 37.24 -61.00
CA ASN I 276 -6.64 37.67 -59.73
C ASN I 276 -6.43 39.18 -59.75
N ALA I 277 -6.99 39.87 -58.75
CA ALA I 277 -6.87 41.32 -58.68
C ALA I 277 -5.58 41.77 -58.02
N PHE I 278 -4.82 40.87 -57.41
CA PHE I 278 -3.59 41.21 -56.73
C PHE I 278 -2.35 41.02 -57.60
N PHE I 279 -2.51 40.63 -58.85
CA PHE I 279 -1.39 40.33 -59.73
C PHE I 279 -1.31 41.35 -60.85
N ASP I 280 -0.10 41.85 -61.11
CA ASP I 280 0.14 42.79 -62.20
C ASP I 280 1.61 42.70 -62.58
N GLU I 281 1.89 42.24 -63.80
CA GLU I 281 3.28 42.08 -64.22
C GLU I 281 4.01 43.40 -64.35
N SER I 282 3.29 44.48 -64.63
CA SER I 282 3.88 45.80 -64.84
C SER I 282 4.05 46.58 -63.55
N GLY I 283 3.57 46.06 -62.42
CA GLY I 283 3.67 46.76 -61.15
C GLY I 283 4.89 46.36 -60.35
N GLU I 284 5.16 47.14 -59.32
CA GLU I 284 6.28 46.85 -58.42
C GLU I 284 6.00 45.58 -57.63
N LEU I 285 7.04 44.74 -57.51
CA LEU I 285 6.95 43.44 -56.83
C LEU I 285 5.91 42.53 -57.47
N GLU I 286 5.59 42.76 -58.74
CA GLU I 286 4.54 42.03 -59.45
C GLU I 286 3.21 42.11 -58.70
N LEU I 287 2.93 43.30 -58.16
CA LEU I 287 1.72 43.54 -57.36
C LEU I 287 0.92 44.66 -57.99
N SER I 288 -0.41 44.49 -58.02
CA SER I 288 -1.29 45.52 -58.54
C SER I 288 -1.55 46.59 -57.48
N GLN I 289 -2.04 47.73 -57.94
CA GLN I 289 -2.39 48.82 -57.01
C GLN I 289 -3.51 48.39 -56.06
N THR I 290 -4.37 47.47 -56.50
CA THR I 290 -5.39 46.93 -55.61
C THR I 290 -4.75 46.19 -54.45
N ALA I 291 -3.68 45.43 -54.73
CA ALA I 291 -2.99 44.72 -53.65
C ALA I 291 -2.38 45.70 -52.65
N TYR I 292 -1.79 46.79 -53.14
CA TYR I 292 -1.22 47.78 -52.22
C TYR I 292 -2.29 48.49 -51.42
N HIS I 293 -3.43 48.80 -52.04
CA HIS I 293 -4.52 49.39 -51.28
C HIS I 293 -5.03 48.43 -50.21
N PHE I 294 -5.13 47.14 -50.56
CA PHE I 294 -5.55 46.12 -49.57
C PHE I 294 -4.54 46.07 -48.42
N LEU I 295 -3.24 46.09 -48.74
CA LEU I 295 -2.21 46.06 -47.71
C LEU I 295 -2.32 47.27 -46.79
N ALA I 296 -2.55 48.45 -47.37
CA ALA I 296 -2.70 49.65 -46.55
C ALA I 296 -3.93 49.56 -45.66
N GLY I 297 -5.03 49.05 -46.19
CA GLY I 297 -6.23 48.89 -45.38
C GLY I 297 -6.04 47.91 -44.24
N MET I 298 -5.34 46.80 -44.51
CA MET I 298 -5.04 45.83 -43.46
C MET I 298 -4.13 46.42 -42.39
N LEU I 299 -3.10 47.18 -42.80
CA LEU I 299 -2.14 47.70 -41.85
C LEU I 299 -2.75 48.81 -41.01
N LYS I 300 -3.61 49.65 -41.61
CA LYS I 300 -4.17 50.79 -40.89
C LYS I 300 -5.07 50.33 -39.75
N HIS I 301 -5.89 49.31 -39.98
CA HIS I 301 -6.90 48.87 -39.02
C HIS I 301 -6.49 47.62 -38.25
N ALA I 302 -5.22 47.19 -38.34
CA ALA I 302 -4.81 45.95 -37.69
C ALA I 302 -5.01 46.03 -36.18
N ARG I 303 -4.66 47.16 -35.58
CA ARG I 303 -4.90 47.35 -34.16
C ARG I 303 -6.40 47.32 -33.85
N GLY I 304 -7.23 47.71 -34.81
CA GLY I 304 -8.67 47.69 -34.58
C GLY I 304 -9.24 46.29 -34.46
N TYR I 305 -8.86 45.40 -35.38
CA TYR I 305 -9.43 44.06 -35.42
C TYR I 305 -8.52 43.01 -34.77
N THR I 306 -7.46 43.43 -34.09
CA THR I 306 -6.64 42.47 -33.35
C THR I 306 -7.48 41.71 -32.32
N ALA I 307 -8.47 42.39 -31.73
CA ALA I 307 -9.34 41.70 -30.78
C ALA I 307 -10.17 40.62 -31.45
N VAL I 308 -10.71 40.92 -32.63
CA VAL I 308 -11.51 39.93 -33.34
C VAL I 308 -10.66 38.76 -33.80
N THR I 309 -9.45 39.04 -34.29
CA THR I 309 -8.58 37.97 -34.75
C THR I 309 -7.96 37.19 -33.60
N ASN I 310 -7.88 37.78 -32.41
CA ASN I 310 -7.35 37.12 -31.22
C ASN I 310 -8.34 37.33 -30.08
N PRO I 311 -9.48 36.58 -30.00
CA PRO I 311 -10.51 36.89 -29.01
C PRO I 311 -10.28 36.34 -27.60
N THR I 312 -9.22 35.55 -27.39
CA THR I 312 -9.07 34.95 -26.03
C THR I 312 -7.93 35.64 -25.28
N ILE I 313 -7.92 35.53 -23.94
CA ILE I 313 -6.82 36.10 -23.12
C ILE I 313 -5.53 35.35 -23.48
N ASN I 314 -5.60 34.03 -23.56
CA ASN I 314 -4.41 33.19 -23.86
C ASN I 314 -3.81 33.57 -25.23
N SER I 315 -4.61 34.18 -26.12
CA SER I 315 -4.10 34.49 -27.45
C SER I 315 -2.98 35.50 -27.39
N PHE I 316 -3.10 36.52 -26.54
CA PHE I 316 -2.09 37.55 -26.46
C PHE I 316 -0.82 37.09 -25.76
N LYS I 317 -0.86 35.94 -25.07
CA LYS I 317 0.38 35.35 -24.56
C LYS I 317 1.25 34.84 -25.70
N ARG I 318 0.63 34.51 -26.83
CA ARG I 318 1.39 34.11 -28.01
C ARG I 318 2.03 35.31 -28.69
N LEU I 319 1.35 36.47 -28.67
CA LEU I 319 1.85 37.68 -29.31
C LEU I 319 2.85 38.38 -28.40
N VAL I 320 4.05 37.80 -28.33
CA VAL I 320 5.16 38.36 -27.58
C VAL I 320 6.29 38.64 -28.55
N PRO I 321 7.14 39.64 -28.29
CA PRO I 321 8.26 39.92 -29.20
C PRO I 321 9.19 38.73 -29.38
N GLY I 322 9.52 38.40 -30.62
CA GLY I 322 10.40 37.29 -30.90
C GLY I 322 10.82 37.23 -32.36
N TYR I 323 10.90 36.02 -32.91
CA TYR I 323 11.24 35.83 -34.32
C TYR I 323 10.13 35.12 -35.10
N GLU I 324 9.06 34.70 -34.42
CA GLU I 324 7.95 34.04 -35.10
C GLU I 324 6.58 34.56 -34.69
N ALA I 325 6.47 35.41 -33.67
CA ALA I 325 5.18 35.92 -33.24
C ALA I 325 5.02 37.36 -33.70
N PRO I 326 4.03 37.67 -34.54
CA PRO I 326 3.87 39.04 -35.01
C PRO I 326 3.27 39.96 -33.96
N CYS I 327 4.09 40.83 -33.38
CA CYS I 327 3.63 41.85 -32.44
C CYS I 327 3.90 43.25 -32.95
N TYR I 328 4.21 43.40 -34.23
CA TYR I 328 4.49 44.69 -34.84
C TYR I 328 3.53 44.90 -36.01
N ILE I 329 3.41 46.16 -36.44
CA ILE I 329 2.56 46.48 -37.58
C ILE I 329 3.45 46.86 -38.77
N ALA I 330 3.76 45.87 -39.61
CA ALA I 330 4.59 46.10 -40.78
C ALA I 330 4.36 44.97 -41.77
N TRP I 331 4.73 45.22 -43.02
CA TRP I 331 4.61 44.25 -44.09
C TRP I 331 5.95 44.10 -44.81
N SER I 332 6.22 42.88 -45.29
CA SER I 332 7.47 42.59 -45.97
C SER I 332 7.31 41.35 -46.82
N GLY I 333 8.24 41.15 -47.74
CA GLY I 333 8.22 39.98 -48.59
C GLY I 333 9.58 39.31 -48.72
N LYS I 334 10.58 39.82 -48.01
CA LYS I 334 11.93 39.26 -48.10
C LYS I 334 12.40 38.71 -46.77
N ASN I 335 12.36 39.52 -45.71
CA ASN I 335 12.89 39.08 -44.43
C ASN I 335 12.00 38.05 -43.76
N ARG I 336 10.72 38.03 -44.12
CA ARG I 336 9.71 37.18 -43.50
C ARG I 336 9.52 37.54 -42.03
N SER I 337 8.66 36.78 -41.35
CA SER I 337 8.16 37.06 -40.00
C SER I 337 7.67 38.50 -39.80
N PRO I 338 6.92 39.10 -40.75
CA PRO I 338 6.26 40.37 -40.44
C PRO I 338 4.86 40.15 -39.90
N LEU I 339 4.11 41.23 -39.66
CA LEU I 339 2.68 41.07 -39.42
C LEU I 339 1.98 40.53 -40.66
N VAL I 340 2.26 41.12 -41.82
CA VAL I 340 1.69 40.69 -43.09
C VAL I 340 2.84 40.32 -44.02
N ARG I 341 2.81 39.09 -44.53
CA ARG I 341 3.86 38.59 -45.40
C ARG I 341 3.29 38.30 -46.78
N VAL I 342 4.06 38.65 -47.81
CA VAL I 342 3.68 38.41 -49.20
C VAL I 342 4.50 37.24 -49.72
N PRO I 343 3.89 36.08 -49.96
CA PRO I 343 4.66 34.94 -50.47
C PRO I 343 5.25 35.24 -51.85
N SER I 344 6.39 34.59 -52.12
CA SER I 344 7.11 34.82 -53.37
C SER I 344 6.33 34.39 -54.59
N SER I 345 5.37 33.47 -54.44
CA SER I 345 4.60 32.99 -55.58
C SER I 345 3.75 34.12 -56.16
N ARG I 346 3.65 34.14 -57.48
CA ARG I 346 2.87 35.18 -58.16
C ARG I 346 1.92 34.57 -59.18
N GLY I 347 1.28 35.41 -59.99
CA GLY I 347 0.30 34.94 -60.95
C GLY I 347 -1.05 34.74 -60.30
N LEU I 348 -1.73 33.63 -60.63
CA LEU I 348 -2.99 33.31 -60.00
C LEU I 348 -2.85 32.95 -58.53
N SER I 349 -1.63 32.69 -58.06
CA SER I 349 -1.37 32.34 -56.67
C SER I 349 -0.94 33.55 -55.84
N THR I 350 -0.96 34.75 -56.42
CA THR I 350 -0.59 35.94 -55.66
C THR I 350 -1.55 36.14 -54.48
N ARG I 351 -0.98 36.40 -53.31
CA ARG I 351 -1.78 36.48 -52.10
C ARG I 351 -1.03 37.28 -51.05
N LEU I 352 -1.78 37.71 -50.03
CA LEU I 352 -1.24 38.39 -48.86
C LEU I 352 -1.55 37.54 -47.64
N GLU I 353 -0.53 37.26 -46.83
CA GLU I 353 -0.66 36.39 -45.67
C GLU I 353 -0.68 37.23 -44.40
N LEU I 354 -1.71 37.02 -43.57
CA LEU I 354 -1.79 37.64 -42.26
C LEU I 354 -1.48 36.59 -41.19
N ARG I 355 -0.46 36.85 -40.39
CA ARG I 355 0.07 35.86 -39.46
C ARG I 355 -0.37 36.07 -38.02
N SER I 356 -1.24 37.05 -37.75
CA SER I 356 -1.65 37.33 -36.38
C SER I 356 -2.87 36.54 -35.95
N VAL I 357 -3.47 35.74 -36.83
CA VAL I 357 -4.67 34.99 -36.50
C VAL I 357 -4.28 33.71 -35.79
N ASP I 358 -5.08 33.29 -34.82
CA ASP I 358 -4.88 32.08 -34.06
C ASP I 358 -6.09 31.16 -34.22
N PRO I 359 -5.93 29.86 -34.00
CA PRO I 359 -7.04 28.92 -34.25
C PRO I 359 -8.27 29.15 -33.40
N SER I 360 -8.14 29.81 -32.24
CA SER I 360 -9.31 30.02 -31.39
C SER I 360 -10.24 31.10 -31.93
N ALA I 361 -9.84 31.85 -32.95
CA ALA I 361 -10.65 32.91 -33.50
C ALA I 361 -11.82 32.35 -34.30
N ASN I 362 -12.86 33.15 -34.41
CA ASN I 362 -14.00 32.81 -35.26
C ASN I 362 -13.68 33.18 -36.70
N PRO I 363 -13.62 32.22 -37.62
CA PRO I 363 -13.25 32.57 -39.01
C PRO I 363 -14.22 33.53 -39.68
N TYR I 364 -15.51 33.40 -39.38
CA TYR I 364 -16.50 34.28 -40.01
C TYR I 364 -16.24 35.74 -39.65
N LEU I 365 -16.13 36.02 -38.35
CA LEU I 365 -15.86 37.39 -37.91
C LEU I 365 -14.49 37.84 -38.37
N ALA I 366 -13.52 36.93 -38.37
CA ALA I 366 -12.16 37.29 -38.77
C ALA I 366 -12.11 37.80 -40.19
N MET I 367 -12.65 37.02 -41.14
CA MET I 367 -12.62 37.55 -42.51
C MET I 367 -13.66 38.65 -42.74
N ALA I 368 -14.72 38.73 -41.95
CA ALA I 368 -15.61 39.86 -42.08
C ALA I 368 -14.88 41.17 -41.80
N VAL I 369 -14.16 41.24 -40.67
CA VAL I 369 -13.44 42.46 -40.33
C VAL I 369 -12.27 42.67 -41.28
N LEU I 370 -11.59 41.58 -41.70
CA LEU I 370 -10.47 41.72 -42.62
C LEU I 370 -10.93 42.27 -43.96
N LEU I 371 -12.00 41.68 -44.52
CA LEU I 371 -12.48 42.12 -45.85
C LEU I 371 -12.87 43.60 -45.76
N LYS I 372 -13.62 43.97 -44.71
CA LYS I 372 -14.05 45.39 -44.53
C LYS I 372 -12.81 46.30 -44.52
N ALA I 373 -11.84 46.00 -43.65
CA ALA I 373 -10.61 46.84 -43.54
C ALA I 373 -9.92 46.94 -44.91
N GLY I 374 -9.65 45.80 -45.55
CA GLY I 374 -8.96 45.79 -46.84
C GLY I 374 -9.72 46.58 -47.90
N LEU I 375 -11.04 46.37 -47.99
CA LEU I 375 -11.88 47.06 -49.00
C LEU I 375 -11.92 48.57 -48.70
N SER I 376 -11.95 48.94 -47.42
CA SER I 376 -11.90 50.38 -47.05
C SER I 376 -10.58 50.98 -47.54
N GLY I 377 -9.48 50.23 -47.43
CA GLY I 377 -8.18 50.70 -47.94
C GLY I 377 -8.23 50.92 -49.45
N ILE I 378 -8.95 50.07 -50.18
CA ILE I 378 -9.11 50.23 -51.66
C ILE I 378 -9.98 51.47 -51.92
N LYS I 379 -11.12 51.58 -51.24
CA LYS I 379 -12.03 52.74 -51.43
C LYS I 379 -11.26 54.03 -51.18
N ASP I 380 -10.50 54.10 -50.07
CA ASP I 380 -9.75 55.30 -49.75
C ASP I 380 -8.46 55.44 -50.54
N GLU I 381 -8.06 54.41 -51.29
CA GLU I 381 -6.84 54.42 -52.10
C GLU I 381 -5.63 54.77 -51.24
N LEU I 382 -5.56 54.19 -50.05
CA LEU I 382 -4.46 54.46 -49.14
C LEU I 382 -3.16 53.88 -49.68
N THR I 383 -2.07 54.62 -49.48
CA THR I 383 -0.74 54.15 -49.89
C THR I 383 -0.09 53.42 -48.72
N PRO I 384 0.31 52.16 -48.89
CA PRO I 384 0.88 51.43 -47.77
C PRO I 384 2.27 51.96 -47.42
N PRO I 385 2.71 51.80 -46.18
CA PRO I 385 4.07 52.22 -45.82
C PRO I 385 5.11 51.33 -46.49
N ALA I 386 6.31 51.87 -46.61
CA ALA I 386 7.39 51.14 -47.25
C ALA I 386 7.72 49.87 -46.47
N PRO I 387 7.96 48.75 -47.14
CA PRO I 387 8.25 47.51 -46.43
C PRO I 387 9.57 47.59 -45.70
N VAL I 388 9.66 46.86 -44.59
CA VAL I 388 10.87 46.80 -43.77
C VAL I 388 11.43 45.39 -43.87
N ASP I 389 12.71 45.30 -44.23
CA ASP I 389 13.40 44.01 -44.32
C ASP I 389 14.59 43.95 -43.37
N ARG I 390 14.61 44.78 -42.34
CA ARG I 390 15.75 44.88 -41.42
C ARG I 390 15.56 44.01 -40.18
N ASN I 391 14.75 42.96 -40.26
CA ASN I 391 14.60 42.02 -39.15
C ASN I 391 14.14 42.73 -37.88
N ILE I 392 12.91 43.22 -37.85
CA ILE I 392 12.52 44.17 -36.82
C ILE I 392 12.28 43.45 -35.51
N TYR I 393 13.37 43.15 -34.81
CA TYR I 393 13.35 42.64 -33.44
C TYR I 393 14.43 43.32 -32.60
N GLY I 394 15.45 43.85 -33.27
CA GLY I 394 16.64 44.31 -32.58
C GLY I 394 16.83 45.82 -32.56
N MET I 395 16.22 46.52 -33.49
CA MET I 395 16.38 47.97 -33.54
C MET I 395 15.83 48.62 -32.28
N ASN I 396 16.44 49.73 -31.89
CA ASN I 396 16.05 50.41 -30.66
C ASN I 396 14.65 51.00 -30.77
N GLU I 397 14.07 51.34 -29.62
CA GLU I 397 12.72 51.89 -29.61
C GLU I 397 12.63 53.18 -30.42
N GLU I 398 13.70 53.98 -30.40
CA GLU I 398 13.74 55.19 -31.22
C GLU I 398 13.72 54.82 -32.70
N GLU I 399 14.47 53.77 -33.08
CA GLU I 399 14.48 53.34 -34.47
C GLU I 399 13.11 52.84 -34.90
N ARG I 400 12.43 52.08 -34.04
CA ARG I 400 11.08 51.63 -34.36
C ARG I 400 10.12 52.80 -34.47
N GLU I 401 10.26 53.80 -33.58
CA GLU I 401 9.39 54.97 -33.62
C GLU I 401 9.66 55.83 -34.85
N ALA I 402 10.91 55.86 -35.32
CA ALA I 402 11.23 56.65 -36.51
C ALA I 402 10.49 56.11 -37.72
N THR I 403 10.46 54.80 -37.89
CA THR I 403 9.66 54.16 -38.92
C THR I 403 8.22 54.04 -38.44
N GLY I 404 7.31 53.73 -39.35
CA GLY I 404 5.91 53.59 -38.99
C GLY I 404 5.59 52.27 -38.31
N ILE I 405 6.56 51.71 -37.60
CA ILE I 405 6.38 50.44 -36.90
C ILE I 405 5.63 50.71 -35.60
N TYR I 406 4.55 49.98 -35.38
CA TYR I 406 3.76 50.09 -34.16
C TYR I 406 3.44 48.70 -33.63
N ASP I 407 3.22 48.61 -32.33
CA ASP I 407 2.96 47.34 -31.68
C ASP I 407 1.47 47.06 -31.60
N LEU I 408 1.12 45.78 -31.73
CA LEU I 408 -0.25 45.35 -31.53
C LEU I 408 -0.62 45.45 -30.05
N PRO I 409 -1.91 45.51 -29.73
CA PRO I 409 -2.30 45.54 -28.31
C PRO I 409 -1.76 44.34 -27.55
N GLU I 410 -1.26 44.61 -26.35
CA GLU I 410 -0.59 43.59 -25.55
C GLU I 410 -1.55 42.81 -24.65
N SER I 411 -2.81 43.21 -24.57
CA SER I 411 -3.77 42.53 -23.71
C SER I 411 -5.15 42.64 -24.34
N LEU I 412 -6.06 41.78 -23.87
CA LEU I 412 -7.44 41.77 -24.41
C LEU I 412 -8.10 43.12 -24.14
N GLY I 413 -7.89 43.70 -22.96
CA GLY I 413 -8.57 44.95 -22.64
C GLY I 413 -8.22 46.08 -23.59
N HIS I 414 -6.93 46.22 -23.92
CA HIS I 414 -6.52 47.25 -24.86
C HIS I 414 -7.10 46.98 -26.25
N ALA I 415 -7.14 45.71 -26.65
CA ALA I 415 -7.75 45.37 -27.94
C ALA I 415 -9.24 45.70 -27.96
N LEU I 416 -9.91 45.47 -26.82
CA LEU I 416 -11.36 45.80 -26.72
C LEU I 416 -11.53 47.32 -26.81
N ILE I 417 -10.63 48.09 -26.18
CA ILE I 417 -10.68 49.54 -26.28
C ILE I 417 -10.50 49.98 -27.72
N GLU I 418 -9.54 49.36 -28.42
CA GLU I 418 -9.33 49.69 -29.83
C GLU I 418 -10.55 49.37 -30.67
N LEU I 419 -11.21 48.24 -30.39
CA LEU I 419 -12.46 47.93 -31.08
C LEU I 419 -13.51 48.99 -30.82
N GLU I 420 -13.65 49.41 -29.56
CA GLU I 420 -14.64 50.42 -29.22
C GLU I 420 -14.33 51.76 -29.86
N LYS I 421 -13.06 52.02 -30.17
CA LYS I 421 -12.70 53.26 -30.82
C LYS I 421 -12.93 53.20 -32.32
N ASN I 422 -12.50 52.11 -32.97
CA ASN I 422 -12.62 51.99 -34.42
C ASN I 422 -14.08 51.85 -34.83
N GLU I 423 -14.45 52.52 -35.92
CA GLU I 423 -15.82 52.51 -36.42
C GLU I 423 -16.02 51.62 -37.64
N ILE I 424 -15.00 51.51 -38.51
CA ILE I 424 -15.12 50.68 -39.70
C ILE I 424 -15.28 49.22 -39.32
N ILE I 425 -14.52 48.76 -38.33
CA ILE I 425 -14.64 47.37 -37.87
C ILE I 425 -16.00 47.12 -37.26
N LYS I 426 -16.57 48.14 -36.59
CA LYS I 426 -17.93 48.01 -36.08
C LYS I 426 -18.92 47.79 -37.22
N ASP I 427 -18.77 48.53 -38.31
CA ASP I 427 -19.65 48.32 -39.46
C ASP I 427 -19.45 46.94 -40.07
N GLY I 428 -18.20 46.48 -40.15
CA GLY I 428 -17.95 45.16 -40.68
C GLY I 428 -18.53 44.05 -39.82
N LEU I 429 -18.54 44.25 -38.50
CA LEU I 429 -19.11 43.26 -37.58
C LEU I 429 -20.62 43.35 -37.47
N GLY I 430 -21.22 44.46 -37.87
CA GLY I 430 -22.62 44.70 -37.58
C GLY I 430 -22.82 45.20 -36.16
N GLU I 431 -24.07 45.50 -35.83
CA GLU I 431 -24.38 45.99 -34.50
C GLU I 431 -24.44 44.83 -33.49
N HIS I 432 -25.42 43.94 -33.66
CA HIS I 432 -25.71 42.91 -32.67
C HIS I 432 -24.46 42.11 -32.32
N ILE I 433 -23.72 41.68 -33.34
CA ILE I 433 -22.48 40.94 -33.11
C ILE I 433 -21.50 41.80 -32.33
N PHE I 434 -21.42 43.10 -32.65
CA PHE I 434 -20.47 43.96 -31.96
C PHE I 434 -20.78 44.06 -30.47
N GLU I 435 -22.04 44.39 -30.12
CA GLU I 435 -22.35 44.52 -28.70
C GLU I 435 -22.22 43.19 -27.97
N HIS I 436 -22.66 42.09 -28.59
CA HIS I 436 -22.54 40.80 -27.92
C HIS I 436 -21.09 40.41 -27.70
N PHE I 437 -20.25 40.60 -28.72
CA PHE I 437 -18.81 40.27 -28.61
C PHE I 437 -18.19 41.04 -27.44
N ILE I 438 -18.29 42.37 -27.48
CA ILE I 438 -17.71 43.23 -26.39
C ILE I 438 -18.24 42.73 -25.04
N GLU I 439 -19.56 42.58 -24.91
CA GLU I 439 -20.17 42.14 -23.63
C GLU I 439 -19.48 40.86 -23.12
N ALA I 440 -19.52 39.78 -23.91
CA ALA I 440 -18.93 38.49 -23.47
C ALA I 440 -17.43 38.67 -23.18
N LYS I 441 -16.72 39.40 -24.03
CA LYS I 441 -15.24 39.54 -23.86
C LYS I 441 -14.93 40.31 -22.58
N THR I 442 -15.67 41.38 -22.28
CA THR I 442 -15.44 42.18 -21.05
C THR I 442 -15.73 41.32 -19.82
N ILE I 443 -16.78 40.48 -19.88
CA ILE I 443 -17.08 39.55 -18.75
C ILE I 443 -15.90 38.61 -18.57
N GLU I 444 -15.39 38.03 -19.66
CA GLU I 444 -14.23 37.11 -19.61
C GLU I 444 -13.01 37.87 -19.04
N CYS I 445 -12.81 39.12 -19.48
CA CYS I 445 -11.67 39.94 -19.00
C CYS I 445 -11.84 40.23 -17.51
N ASP I 446 -13.03 40.64 -17.08
CA ASP I 446 -13.28 40.92 -15.67
C ASP I 446 -13.10 39.67 -14.82
N MET I 447 -13.55 38.52 -15.33
CA MET I 447 -13.34 37.27 -14.62
C MET I 447 -11.85 36.96 -14.48
N PHE I 448 -11.08 37.17 -15.54
CA PHE I 448 -9.64 36.93 -15.47
C PHE I 448 -8.97 37.89 -14.49
N ARG I 449 -9.41 39.15 -14.48
CA ARG I 449 -8.76 40.17 -13.67
C ARG I 449 -8.90 39.89 -12.18
N THR I 450 -10.09 39.45 -11.75
CA THR I 450 -10.35 39.27 -10.33
C THR I 450 -9.86 37.93 -9.80
N ALA I 451 -9.42 37.02 -10.66
CA ALA I 451 -8.96 35.71 -10.22
C ALA I 451 -7.58 35.82 -9.57
N VAL I 452 -7.30 34.88 -8.68
CA VAL I 452 -6.00 34.77 -8.02
C VAL I 452 -5.33 33.51 -8.55
N HIS I 453 -4.13 33.69 -9.10
CA HIS I 453 -3.42 32.61 -9.77
C HIS I 453 -2.31 32.05 -8.89
N PRO I 454 -1.95 30.78 -9.10
CA PRO I 454 -0.85 30.20 -8.30
C PRO I 454 0.48 30.89 -8.50
N TRP I 455 0.66 31.63 -9.59
CA TRP I 455 1.89 32.41 -9.80
C TRP I 455 2.08 33.43 -8.68
N GLU I 456 1.01 34.17 -8.34
CA GLU I 456 1.09 35.16 -7.29
C GLU I 456 1.41 34.52 -5.95
N ARG I 457 0.78 33.39 -5.64
CA ARG I 457 1.07 32.70 -4.39
C ARG I 457 2.51 32.24 -4.36
N GLU I 458 2.95 31.55 -5.40
CA GLU I 458 4.30 30.98 -5.41
C GLU I 458 5.38 32.05 -5.41
N GLN I 459 5.07 33.28 -5.82
CA GLN I 459 6.12 34.30 -5.83
C GLN I 459 5.88 35.41 -4.81
N TYR I 460 4.85 35.32 -3.97
CA TYR I 460 4.69 36.28 -2.88
C TYR I 460 4.39 35.65 -1.52
N LEU I 461 3.96 34.39 -1.46
CA LEU I 461 3.55 33.81 -0.17
C LEU I 461 4.71 33.74 0.81
N GLU I 462 5.90 33.33 0.34
CA GLU I 462 7.09 33.30 1.17
C GLU I 462 7.79 34.65 1.25
N ILE I 463 7.87 35.36 0.13
CA ILE I 463 8.59 36.64 0.10
C ILE I 463 7.91 37.66 1.01
N TYR I 464 6.58 37.73 0.97
CA TYR I 464 5.85 38.64 1.83
C TYR I 464 5.11 37.90 2.93
N ALA J 22 27.56 -37.67 -49.78
CA ALA J 22 26.91 -36.49 -50.35
C ALA J 22 25.40 -36.60 -50.22
N LYS J 23 24.90 -36.30 -49.02
CA LYS J 23 23.46 -36.35 -48.79
C LYS J 23 22.74 -35.26 -49.59
N TYR J 24 23.33 -34.06 -49.68
CA TYR J 24 22.76 -32.95 -50.41
C TYR J 24 23.81 -32.31 -51.31
N THR J 25 23.34 -31.62 -52.33
CA THR J 25 24.19 -30.87 -53.25
C THR J 25 23.72 -29.41 -53.29
N LYS J 26 24.46 -28.59 -54.04
CA LYS J 26 24.10 -27.15 -54.16
C LYS J 26 22.70 -27.02 -54.73
N GLU J 27 22.41 -27.74 -55.83
CA GLU J 27 21.12 -27.63 -56.47
C GLU J 27 20.00 -28.06 -55.52
N ASP J 28 20.25 -29.09 -54.71
CA ASP J 28 19.25 -29.52 -53.73
C ASP J 28 18.98 -28.43 -52.71
N ILE J 29 20.05 -27.76 -52.25
CA ILE J 29 19.89 -26.68 -51.23
C ILE J 29 19.07 -25.54 -51.87
N PHE J 30 19.38 -25.19 -53.12
CA PHE J 30 18.64 -24.12 -53.83
C PHE J 30 17.17 -24.51 -53.97
N ARG J 31 16.90 -25.76 -54.36
CA ARG J 31 15.53 -26.23 -54.52
C ARG J 31 14.78 -26.20 -53.20
N PHE J 32 15.42 -26.62 -52.12
CA PHE J 32 14.78 -26.57 -50.80
C PHE J 32 14.44 -25.14 -50.42
N ALA J 33 15.40 -24.23 -50.58
CA ALA J 33 15.16 -22.83 -50.26
C ALA J 33 14.03 -22.26 -51.09
N ASP J 34 13.88 -22.73 -52.33
CA ASP J 34 12.81 -22.25 -53.19
C ASP J 34 11.46 -22.82 -52.78
N GLU J 35 11.42 -24.09 -52.36
CA GLU J 35 10.13 -24.76 -52.23
C GLU J 35 9.55 -24.70 -50.81
N GLN J 36 10.38 -24.61 -49.79
CA GLN J 36 9.83 -24.22 -48.49
C GLN J 36 9.94 -22.72 -48.24
N ASN J 37 10.50 -21.97 -49.19
CA ASN J 37 10.45 -20.51 -49.20
C ASN J 37 11.08 -19.93 -47.94
N VAL J 38 12.35 -20.24 -47.75
CA VAL J 38 13.11 -19.69 -46.63
C VAL J 38 13.59 -18.30 -47.03
N LYS J 39 13.59 -17.38 -46.07
CA LYS J 39 14.08 -16.03 -46.29
C LYS J 39 15.18 -15.64 -45.31
N PHE J 40 15.49 -16.49 -44.33
CA PHE J 40 16.51 -16.18 -43.34
C PHE J 40 17.36 -17.43 -43.15
N ILE J 41 18.68 -17.27 -43.19
CA ILE J 41 19.61 -18.38 -43.11
C ILE J 41 20.65 -18.05 -42.03
N ARG J 42 20.87 -18.99 -41.12
CA ARG J 42 21.83 -18.85 -40.04
C ARG J 42 23.03 -19.74 -40.33
N LEU J 43 24.16 -19.14 -40.69
CA LEU J 43 25.41 -19.86 -40.85
C LEU J 43 26.08 -19.95 -39.48
N GLN J 44 25.84 -21.05 -38.78
CA GLN J 44 26.20 -21.15 -37.37
C GLN J 44 27.43 -22.03 -37.17
N PHE J 45 28.17 -21.73 -36.10
CA PHE J 45 29.40 -22.41 -35.76
C PHE J 45 29.56 -22.35 -34.24
N THR J 46 30.61 -23.00 -33.74
CA THR J 46 30.84 -23.10 -32.30
C THR J 46 32.25 -22.64 -32.00
N ASP J 47 32.40 -21.85 -30.93
CA ASP J 47 33.71 -21.36 -30.51
C ASP J 47 34.34 -22.35 -29.55
N ILE J 48 35.47 -21.96 -28.94
CA ILE J 48 36.16 -22.84 -28.00
C ILE J 48 35.30 -23.07 -26.77
N LEU J 49 34.65 -22.02 -26.26
CA LEU J 49 33.88 -22.13 -25.04
C LEU J 49 32.59 -22.93 -25.21
N GLY J 50 32.23 -23.29 -26.44
CA GLY J 50 31.02 -24.04 -26.69
C GLY J 50 29.79 -23.21 -26.99
N ILE J 51 29.90 -21.89 -27.00
CA ILE J 51 28.76 -21.04 -27.27
C ILE J 51 28.42 -21.10 -28.76
N ILE J 52 27.14 -21.28 -29.06
CA ILE J 52 26.69 -21.33 -30.45
C ILE J 52 26.70 -19.93 -31.03
N LYS J 53 27.46 -19.73 -32.09
CA LYS J 53 27.57 -18.44 -32.76
C LYS J 53 27.18 -18.60 -34.23
N ASN J 54 26.71 -17.50 -34.82
CA ASN J 54 26.27 -17.55 -36.21
C ASN J 54 26.37 -16.17 -36.83
N VAL J 55 26.34 -16.15 -38.16
CA VAL J 55 26.10 -14.94 -38.93
C VAL J 55 24.83 -15.16 -39.73
N GLU J 56 24.01 -14.12 -39.82
CA GLU J 56 22.67 -14.23 -40.36
C GLU J 56 22.59 -13.47 -41.69
N ILE J 57 22.20 -14.18 -42.75
CA ILE J 57 22.19 -13.63 -44.09
C ILE J 57 20.80 -13.83 -44.71
N PRO J 58 20.39 -12.98 -45.65
CA PRO J 58 19.15 -13.23 -46.38
C PRO J 58 19.33 -14.36 -47.38
N VAL J 59 18.18 -14.88 -47.85
CA VAL J 59 18.21 -15.97 -48.81
C VAL J 59 18.81 -15.52 -50.13
N SER J 60 18.83 -14.21 -50.40
CA SER J 60 19.42 -13.73 -51.64
C SER J 60 20.93 -13.94 -51.67
N GLN J 61 21.56 -14.07 -50.50
CA GLN J 61 22.98 -14.33 -50.41
C GLN J 61 23.31 -15.81 -50.30
N LEU J 62 22.33 -16.68 -50.55
CA LEU J 62 22.57 -18.15 -50.42
C LEU J 62 23.67 -18.56 -51.40
N LYS J 63 23.66 -17.96 -52.60
CA LYS J 63 24.69 -18.28 -53.63
C LYS J 63 26.08 -17.98 -53.07
N LYS J 64 26.28 -16.79 -52.50
CA LYS J 64 27.61 -16.39 -51.95
C LYS J 64 28.05 -17.38 -50.86
N ALA J 65 27.12 -17.80 -50.00
CA ALA J 65 27.43 -18.78 -48.94
C ALA J 65 27.90 -20.10 -49.57
N LEU J 66 27.18 -20.57 -50.59
CA LEU J 66 27.54 -21.84 -51.28
C LEU J 66 28.88 -21.68 -51.99
N ASP J 67 29.22 -20.46 -52.42
CA ASP J 67 30.50 -20.21 -53.15
C ASP J 67 31.66 -20.07 -52.16
N ASN J 68 31.39 -20.18 -50.85
CA ASN J 68 32.46 -20.12 -49.82
C ASN J 68 33.19 -18.77 -49.91
N LYS J 69 32.44 -17.68 -50.08
CA LYS J 69 33.01 -16.34 -50.18
C LYS J 69 32.53 -15.42 -49.06
N ILE J 70 32.02 -15.96 -47.96
CA ILE J 70 31.50 -15.14 -46.88
C ILE J 70 32.62 -14.85 -45.89
N MET J 71 32.89 -13.57 -45.65
CA MET J 71 33.83 -13.15 -44.63
C MET J 71 33.12 -12.93 -43.30
N PHE J 72 33.87 -13.06 -42.21
CA PHE J 72 33.38 -12.71 -40.89
C PHE J 72 34.57 -12.45 -39.99
N ASP J 73 34.33 -11.76 -38.89
CA ASP J 73 35.39 -11.42 -37.94
C ASP J 73 35.83 -12.70 -37.24
N GLY J 74 37.01 -13.20 -37.62
CA GLY J 74 37.48 -14.48 -37.13
C GLY J 74 37.89 -14.49 -35.68
N SER J 75 38.13 -13.32 -35.09
CA SER J 75 38.49 -13.28 -33.68
C SER J 75 37.31 -13.59 -32.77
N SER J 76 36.10 -13.68 -33.33
CA SER J 76 34.93 -14.00 -32.52
C SER J 76 35.02 -15.39 -31.92
N ILE J 77 35.48 -16.37 -32.71
CA ILE J 77 35.57 -17.73 -32.20
C ILE J 77 36.61 -17.87 -31.10
N GLU J 78 37.57 -16.96 -31.03
CA GLU J 78 38.56 -16.99 -29.96
C GLU J 78 37.95 -16.66 -28.60
N GLY J 79 36.72 -16.14 -28.56
CA GLY J 79 36.06 -15.83 -27.32
C GLY J 79 36.30 -14.41 -26.86
N PHE J 80 36.30 -14.19 -25.54
CA PHE J 80 36.53 -12.87 -24.98
C PHE J 80 38.00 -12.49 -24.95
N VAL J 81 38.90 -13.40 -25.32
CA VAL J 81 40.34 -13.15 -25.29
C VAL J 81 40.80 -12.70 -26.67
N ARG J 82 39.87 -12.31 -27.52
CA ARG J 82 40.21 -11.80 -28.84
C ARG J 82 41.02 -10.51 -28.73
N ILE J 83 42.09 -10.41 -29.51
CA ILE J 83 42.96 -9.25 -29.49
C ILE J 83 43.02 -8.62 -30.88
N GLU J 84 43.45 -9.41 -31.86
CA GLU J 84 43.64 -8.93 -33.23
C GLU J 84 42.50 -9.43 -34.10
N GLU J 85 41.83 -8.51 -34.80
CA GLU J 85 40.79 -8.89 -35.74
C GLU J 85 41.40 -9.53 -36.98
N SER J 86 40.79 -10.61 -37.45
CA SER J 86 41.24 -11.28 -38.65
C SER J 86 40.04 -11.78 -39.43
N ASP J 87 39.96 -11.41 -40.71
CA ASP J 87 38.87 -11.87 -41.56
C ASP J 87 39.18 -13.27 -42.07
N MET J 88 38.16 -14.14 -42.07
CA MET J 88 38.37 -15.52 -42.48
C MET J 88 37.05 -16.10 -42.98
N TYR J 89 37.16 -17.15 -43.79
CA TYR J 89 36.02 -17.68 -44.53
C TYR J 89 35.10 -18.49 -43.62
N LEU J 90 33.94 -18.86 -44.16
CA LEU J 90 32.90 -19.54 -43.41
C LEU J 90 32.33 -20.70 -44.23
N PHE J 91 33.22 -21.55 -44.76
CA PHE J 91 32.85 -22.73 -45.54
C PHE J 91 31.76 -23.54 -44.85
N PRO J 92 30.57 -23.63 -45.45
CA PRO J 92 29.46 -24.35 -44.82
C PRO J 92 29.48 -25.84 -45.18
N ASP J 93 28.60 -26.58 -44.52
CA ASP J 93 28.41 -28.00 -44.74
C ASP J 93 27.00 -28.25 -45.26
N LEU J 94 26.88 -28.94 -46.40
CA LEU J 94 25.55 -29.11 -47.04
C LEU J 94 24.69 -30.13 -46.28
N ASP J 95 25.31 -31.15 -45.67
CA ASP J 95 24.53 -32.21 -45.05
C ASP J 95 23.77 -31.74 -43.81
N THR J 96 24.05 -30.53 -43.31
CA THR J 96 23.40 -30.02 -42.12
C THR J 96 22.32 -28.99 -42.42
N TRP J 97 21.69 -29.09 -43.60
CA TRP J 97 20.62 -28.16 -43.94
C TRP J 97 19.35 -28.54 -43.19
N VAL J 98 18.90 -27.64 -42.31
CA VAL J 98 17.74 -27.87 -41.46
C VAL J 98 16.87 -26.61 -41.47
N VAL J 99 15.57 -26.79 -41.63
CA VAL J 99 14.61 -25.68 -41.65
C VAL J 99 13.80 -25.74 -40.36
N PHE J 100 13.83 -24.64 -39.59
CA PHE J 100 13.07 -24.57 -38.36
C PHE J 100 11.58 -24.38 -38.64
N PRO J 101 10.70 -25.01 -37.88
CA PRO J 101 9.26 -24.82 -38.10
C PRO J 101 8.68 -23.60 -37.39
N TRP J 102 9.29 -23.17 -36.28
CA TRP J 102 8.75 -22.04 -35.51
C TRP J 102 9.20 -20.72 -36.14
N THR J 103 8.72 -20.49 -37.35
CA THR J 103 9.08 -19.28 -38.09
C THR J 103 7.89 -18.46 -38.56
N ALA J 104 6.68 -18.81 -38.15
CA ALA J 104 5.46 -18.09 -38.54
C ALA J 104 5.33 -18.14 -40.07
N GLU J 105 4.73 -17.12 -40.67
CA GLU J 105 4.52 -17.07 -42.11
C GLU J 105 5.48 -16.14 -42.83
N LYS J 106 6.13 -15.22 -42.13
CA LYS J 106 7.05 -14.27 -42.75
C LYS J 106 8.42 -14.92 -42.98
N GLY J 107 8.44 -15.89 -43.89
CA GLY J 107 9.67 -16.55 -44.26
C GLY J 107 10.15 -17.57 -43.25
N LYS J 108 10.72 -18.67 -43.74
CA LYS J 108 11.27 -19.70 -42.88
C LYS J 108 12.70 -19.35 -42.48
N VAL J 109 13.24 -20.13 -41.54
CA VAL J 109 14.61 -19.97 -41.09
C VAL J 109 15.32 -21.30 -41.22
N ALA J 110 16.54 -21.25 -41.75
CA ALA J 110 17.35 -22.45 -41.94
C ALA J 110 18.74 -22.22 -41.37
N ARG J 111 19.40 -23.31 -40.98
CA ARG J 111 20.73 -23.25 -40.41
C ARG J 111 21.64 -24.23 -41.13
N MET J 112 22.92 -23.90 -41.15
CA MET J 112 23.94 -24.76 -41.76
C MET J 112 25.20 -24.67 -40.92
N ILE J 113 25.70 -25.82 -40.47
CA ILE J 113 26.94 -25.85 -39.72
C ILE J 113 28.10 -25.54 -40.66
N CYS J 114 28.92 -24.56 -40.29
CA CYS J 114 29.96 -24.05 -41.16
C CYS J 114 31.34 -24.29 -40.57
N ASP J 115 32.27 -24.74 -41.41
CA ASP J 115 33.65 -24.86 -41.03
C ASP J 115 34.35 -23.51 -41.12
N ILE J 116 35.37 -23.33 -40.29
CA ILE J 116 36.15 -22.10 -40.24
C ILE J 116 37.41 -22.32 -41.06
N TYR J 117 37.65 -21.45 -42.04
CA TYR J 117 38.79 -21.56 -42.93
C TYR J 117 39.57 -20.26 -42.97
N ASN J 118 40.89 -20.38 -43.00
CA ASN J 118 41.75 -19.22 -43.16
C ASN J 118 41.62 -18.68 -44.59
N PRO J 119 41.99 -17.41 -44.80
CA PRO J 119 41.87 -16.84 -46.15
C PRO J 119 42.72 -17.56 -47.20
N ASP J 120 43.70 -18.35 -46.79
CA ASP J 120 44.55 -19.09 -47.73
C ASP J 120 44.03 -20.49 -48.02
N MET J 121 42.71 -20.70 -47.93
CA MET J 121 42.08 -21.99 -48.24
C MET J 121 42.60 -23.11 -47.35
N THR J 122 42.88 -22.81 -46.09
CA THR J 122 43.28 -23.80 -45.12
C THR J 122 42.37 -23.75 -43.90
N PRO J 123 41.97 -24.88 -43.36
CA PRO J 123 41.12 -24.87 -42.16
C PRO J 123 41.85 -24.23 -40.99
N PHE J 124 41.09 -23.47 -40.20
CA PHE J 124 41.68 -22.78 -39.06
C PHE J 124 42.06 -23.79 -37.98
N ALA J 125 43.25 -23.60 -37.39
CA ALA J 125 43.70 -24.50 -36.33
C ALA J 125 42.84 -24.38 -35.08
N GLY J 126 42.25 -23.21 -34.85
CA GLY J 126 41.45 -22.98 -33.67
C GLY J 126 40.00 -23.42 -33.74
N ASP J 127 39.58 -24.00 -34.86
CA ASP J 127 38.21 -24.46 -34.99
C ASP J 127 38.06 -25.83 -34.36
N PRO J 128 37.19 -26.00 -33.36
CA PRO J 128 37.01 -27.34 -32.76
C PRO J 128 36.56 -28.38 -33.76
N ARG J 129 35.70 -28.01 -34.71
CA ARG J 129 35.22 -28.97 -35.71
C ARG J 129 36.36 -29.45 -36.59
N ALA J 130 37.24 -28.54 -37.02
CA ALA J 130 38.39 -28.95 -37.82
C ALA J 130 39.33 -29.86 -37.02
N ASN J 131 39.49 -29.57 -35.73
CA ASN J 131 40.32 -30.42 -34.89
C ASN J 131 39.72 -31.82 -34.78
N LEU J 132 38.40 -31.91 -34.59
CA LEU J 132 37.75 -33.21 -34.55
C LEU J 132 37.91 -33.95 -35.87
N LYS J 133 37.80 -33.23 -36.98
CA LYS J 133 37.98 -33.85 -38.29
C LYS J 133 39.40 -34.37 -38.45
N ARG J 134 40.40 -33.63 -37.96
CA ARG J 134 41.77 -34.09 -38.02
C ARG J 134 41.98 -35.35 -37.18
N VAL J 135 41.39 -35.38 -35.98
CA VAL J 135 41.50 -36.57 -35.13
C VAL J 135 40.83 -37.77 -35.80
N LEU J 136 39.67 -37.53 -36.42
CA LEU J 136 38.99 -38.61 -37.12
C LEU J 136 39.80 -39.10 -38.32
N LYS J 137 40.51 -38.18 -38.99
CA LYS J 137 41.41 -38.58 -40.07
C LYS J 137 42.53 -39.46 -39.54
N GLU J 138 43.08 -39.11 -38.37
CA GLU J 138 44.08 -39.96 -37.75
C GLU J 138 43.52 -41.35 -37.45
N MET J 139 42.29 -41.39 -36.92
CA MET J 139 41.65 -42.68 -36.66
C MET J 139 41.51 -43.49 -37.94
N GLU J 140 41.02 -42.86 -39.01
CA GLU J 140 40.78 -43.57 -40.26
C GLU J 140 42.08 -44.09 -40.86
N GLU J 141 43.14 -43.27 -40.85
CA GLU J 141 44.41 -43.75 -41.37
C GLU J 141 45.03 -44.81 -40.47
N LEU J 142 44.59 -44.88 -39.21
CA LEU J 142 45.10 -45.93 -38.29
C LEU J 142 44.43 -47.27 -38.66
N GLY J 143 43.19 -47.24 -39.14
CA GLY J 143 42.54 -48.47 -39.57
C GLY J 143 41.06 -48.60 -39.30
N PHE J 144 40.53 -47.64 -38.54
CA PHE J 144 39.09 -47.69 -38.17
C PHE J 144 38.27 -46.90 -39.19
N THR J 145 36.95 -47.05 -39.13
CA THR J 145 36.05 -46.41 -40.09
C THR J 145 35.31 -45.22 -39.48
N GLU J 146 34.64 -45.42 -38.35
CA GLU J 146 33.82 -44.37 -37.76
C GLU J 146 33.86 -44.49 -36.24
N PHE J 147 33.49 -43.40 -35.58
CA PHE J 147 33.46 -43.29 -34.12
C PHE J 147 32.05 -42.89 -33.72
N ASN J 148 31.18 -43.87 -33.52
CA ASN J 148 29.79 -43.62 -33.19
C ASN J 148 29.66 -43.11 -31.76
N LEU J 149 28.71 -42.20 -31.55
CA LEU J 149 28.43 -41.64 -30.23
C LEU J 149 26.93 -41.54 -30.01
N GLY J 150 26.50 -41.90 -28.81
CA GLY J 150 25.16 -41.61 -28.37
C GLY J 150 25.16 -40.89 -27.03
N PRO J 151 24.77 -39.62 -27.02
CA PRO J 151 24.77 -38.84 -25.79
C PRO J 151 23.43 -38.88 -25.06
N GLU J 152 23.49 -38.62 -23.76
CA GLU J 152 22.33 -38.61 -22.89
C GLU J 152 22.33 -37.31 -22.07
N PRO J 153 22.06 -36.18 -22.71
CA PRO J 153 22.09 -34.90 -21.98
C PRO J 153 20.92 -34.75 -21.02
N GLU J 154 21.16 -33.99 -19.96
CA GLU J 154 20.15 -33.65 -18.97
C GLU J 154 20.12 -32.14 -18.79
N PHE J 155 18.90 -31.59 -18.65
CA PHE J 155 18.73 -30.15 -18.55
C PHE J 155 17.72 -29.83 -17.46
N PHE J 156 17.80 -28.60 -16.96
CA PHE J 156 16.89 -28.10 -15.93
C PHE J 156 15.96 -27.05 -16.52
N LEU J 157 14.76 -26.96 -15.95
CA LEU J 157 13.77 -25.98 -16.38
C LEU J 157 13.36 -25.13 -15.19
N PHE J 158 13.49 -23.81 -15.34
CA PHE J 158 13.21 -22.86 -14.27
C PHE J 158 12.11 -21.90 -14.71
N LYS J 159 11.22 -21.57 -13.77
CA LYS J 159 10.13 -20.65 -14.06
C LYS J 159 10.66 -19.22 -14.20
N LEU J 160 10.24 -18.54 -15.26
CA LEU J 160 10.64 -17.16 -15.47
C LEU J 160 9.88 -16.24 -14.52
N ASP J 161 10.47 -15.07 -14.28
CA ASP J 161 9.87 -14.08 -13.40
C ASP J 161 8.97 -13.15 -14.23
N GLU J 162 8.50 -12.07 -13.60
CA GLU J 162 7.65 -11.12 -14.32
C GLU J 162 8.41 -10.41 -15.43
N ASN J 163 9.69 -10.12 -15.19
CA ASN J 163 10.54 -9.44 -16.16
C ASN J 163 11.26 -10.42 -17.09
N ARG J 164 10.70 -11.61 -17.31
CA ARG J 164 11.31 -12.64 -18.15
C ARG J 164 12.70 -13.01 -17.65
N ARG J 165 12.85 -13.12 -16.34
CA ARG J 165 14.11 -13.49 -15.72
C ARG J 165 13.97 -14.83 -15.01
N PRO J 166 14.98 -15.69 -15.07
CA PRO J 166 14.88 -16.98 -14.40
C PRO J 166 14.78 -16.82 -12.88
N THR J 167 14.05 -17.74 -12.27
CA THR J 167 13.94 -17.82 -10.82
C THR J 167 14.59 -19.11 -10.34
N LEU J 168 14.52 -19.34 -9.02
CA LEU J 168 15.08 -20.53 -8.41
C LEU J 168 14.04 -21.61 -8.18
N GLU J 169 12.84 -21.44 -8.71
CA GLU J 169 11.77 -22.43 -8.54
C GLU J 169 11.63 -23.27 -9.80
N LEU J 170 11.37 -24.55 -9.60
CA LEU J 170 11.27 -25.52 -10.68
C LEU J 170 9.82 -25.67 -11.13
N ASN J 171 9.64 -26.17 -12.35
CA ASN J 171 8.29 -26.26 -12.92
C ASN J 171 7.46 -27.34 -12.25
N ASP J 172 8.06 -28.44 -11.83
CA ASP J 172 7.31 -29.50 -11.16
C ASP J 172 8.22 -30.24 -10.19
N SER J 173 7.58 -30.83 -9.17
CA SER J 173 8.29 -31.63 -8.16
C SER J 173 8.21 -33.11 -8.51
N GLY J 174 8.89 -33.47 -9.59
CA GLY J 174 8.89 -34.83 -10.07
C GLY J 174 9.94 -35.69 -9.38
N GLY J 175 10.06 -36.92 -9.88
CA GLY J 175 11.03 -37.86 -9.38
C GLY J 175 11.72 -38.62 -10.49
N TYR J 176 12.50 -39.64 -10.14
CA TYR J 176 13.21 -40.41 -11.16
C TYR J 176 12.23 -41.24 -11.96
N PHE J 177 12.23 -41.05 -13.29
CA PHE J 177 11.35 -41.74 -14.22
C PHE J 177 9.88 -41.50 -13.92
N ASP J 178 9.56 -40.48 -13.12
CA ASP J 178 8.18 -40.19 -12.76
C ASP J 178 7.44 -39.57 -13.93
N LEU J 179 6.11 -39.77 -13.93
CA LEU J 179 5.23 -39.16 -14.92
C LEU J 179 4.76 -37.81 -14.35
N ALA J 180 5.71 -36.89 -14.22
CA ALA J 180 5.49 -35.64 -13.52
C ALA J 180 4.73 -34.61 -14.36
N PRO J 181 5.19 -34.25 -15.57
CA PRO J 181 4.49 -33.20 -16.32
C PRO J 181 3.14 -33.62 -16.88
N THR J 182 2.79 -34.90 -16.78
CA THR J 182 1.51 -35.44 -17.24
C THR J 182 1.18 -35.04 -18.67
N ASP J 183 0.05 -34.35 -18.85
CA ASP J 183 -0.49 -34.06 -20.17
C ASP J 183 -1.29 -32.77 -20.17
N LEU J 184 -2.14 -32.60 -21.17
CA LEU J 184 -3.05 -31.44 -21.28
C LEU J 184 -2.26 -30.14 -21.38
N GLY J 185 -1.53 -30.03 -22.49
CA GLY J 185 -0.74 -28.83 -22.73
C GLY J 185 0.52 -28.87 -21.92
N GLU J 186 1.21 -27.72 -21.85
CA GLU J 186 2.54 -27.60 -21.27
C GLU J 186 3.41 -28.80 -21.64
N ASN J 187 3.88 -29.54 -20.64
CA ASN J 187 4.73 -30.71 -20.85
C ASN J 187 5.85 -30.39 -21.84
N CYS J 188 6.74 -29.48 -21.44
CA CYS J 188 7.75 -28.98 -22.37
C CYS J 188 8.63 -30.09 -22.93
N ARG J 189 8.86 -31.15 -22.17
CA ARG J 189 9.67 -32.26 -22.67
C ARG J 189 9.00 -32.95 -23.84
N ARG J 190 7.69 -33.20 -23.74
CA ARG J 190 6.98 -33.84 -24.84
C ARG J 190 7.00 -32.98 -26.10
N ASP J 191 6.78 -31.67 -25.93
CA ASP J 191 6.82 -30.78 -27.09
C ASP J 191 8.22 -30.72 -27.70
N ILE J 192 9.26 -30.72 -26.85
CA ILE J 192 10.63 -30.71 -27.36
C ILE J 192 10.90 -31.97 -28.17
N VAL J 193 10.48 -33.12 -27.65
CA VAL J 193 10.69 -34.38 -28.37
C VAL J 193 9.94 -34.38 -29.69
N LEU J 194 8.70 -33.90 -29.68
CA LEU J 194 7.90 -33.87 -30.90
C LEU J 194 8.52 -32.95 -31.95
N GLU J 195 8.97 -31.76 -31.53
CA GLU J 195 9.60 -30.85 -32.48
C GLU J 195 10.90 -31.42 -33.03
N LEU J 196 11.70 -32.07 -32.17
CA LEU J 196 12.94 -32.69 -32.64
C LEU J 196 12.66 -33.79 -33.63
N GLU J 197 11.63 -34.61 -33.38
CA GLU J 197 11.27 -35.67 -34.31
C GLU J 197 10.77 -35.11 -35.64
N GLU J 198 9.92 -34.08 -35.59
CA GLU J 198 9.47 -33.44 -36.82
C GLU J 198 10.63 -32.85 -37.61
N MET J 199 11.63 -32.32 -36.90
CA MET J 199 12.74 -31.65 -37.56
C MET J 199 13.69 -32.62 -38.23
N GLY J 200 13.71 -33.89 -37.81
CA GLY J 200 14.52 -34.90 -38.47
C GLY J 200 15.63 -35.48 -37.62
N PHE J 201 15.41 -35.53 -36.30
CA PHE J 201 16.37 -36.12 -35.38
C PHE J 201 15.86 -37.48 -34.90
N GLU J 202 16.80 -38.33 -34.49
CA GLU J 202 16.51 -39.66 -34.01
C GLU J 202 16.58 -39.64 -32.48
N ILE J 203 15.46 -39.92 -31.83
CA ILE J 203 15.35 -39.90 -30.38
C ILE J 203 15.02 -41.31 -29.90
N GLU J 204 15.80 -41.80 -28.94
CA GLU J 204 15.54 -43.13 -28.39
C GLU J 204 14.43 -43.09 -27.34
N ALA J 205 14.65 -42.34 -26.26
CA ALA J 205 13.67 -42.25 -25.18
C ALA J 205 13.93 -41.00 -24.38
N SER J 206 12.89 -40.55 -23.66
CA SER J 206 12.98 -39.42 -22.76
C SER J 206 12.26 -39.76 -21.47
N HIS J 207 12.74 -39.17 -20.37
CA HIS J 207 12.17 -39.45 -19.06
C HIS J 207 12.51 -38.31 -18.12
N HIS J 208 12.01 -38.40 -16.90
CA HIS J 208 12.24 -37.41 -15.86
C HIS J 208 13.38 -37.87 -14.97
N GLU J 209 14.36 -36.99 -14.75
CA GLU J 209 15.49 -37.34 -13.91
C GLU J 209 15.10 -37.25 -12.43
N VAL J 210 16.00 -37.76 -11.58
CA VAL J 210 15.67 -37.89 -10.16
C VAL J 210 15.46 -36.53 -9.51
N ALA J 211 16.20 -35.50 -9.95
CA ALA J 211 15.98 -34.17 -9.42
C ALA J 211 14.66 -33.62 -9.94
N PRO J 212 13.96 -32.80 -9.16
CA PRO J 212 12.75 -32.15 -9.67
C PRO J 212 13.09 -31.23 -10.83
N GLY J 213 12.17 -31.14 -11.79
CA GLY J 213 12.35 -30.25 -12.92
C GLY J 213 13.51 -30.58 -13.82
N GLN J 214 14.09 -31.76 -13.69
CA GLN J 214 15.22 -32.19 -14.50
C GLN J 214 14.75 -33.28 -15.45
N HIS J 215 15.09 -33.12 -16.72
CA HIS J 215 14.64 -34.03 -17.77
C HIS J 215 15.83 -34.51 -18.57
N GLU J 216 15.73 -35.72 -19.12
CA GLU J 216 16.77 -36.31 -19.93
C GLU J 216 16.17 -36.83 -21.23
N ILE J 217 16.86 -36.56 -22.34
CA ILE J 217 16.46 -37.01 -23.66
C ILE J 217 17.63 -37.77 -24.27
N ASP J 218 17.38 -39.01 -24.71
CA ASP J 218 18.42 -39.85 -25.26
C ASP J 218 18.38 -39.81 -26.79
N PHE J 219 19.56 -39.92 -27.39
CA PHE J 219 19.72 -39.87 -28.83
C PHE J 219 20.16 -41.22 -29.37
N LYS J 220 19.98 -41.40 -30.67
CA LYS J 220 20.49 -42.60 -31.32
C LYS J 220 21.99 -42.47 -31.53
N TYR J 221 22.56 -43.45 -32.25
CA TYR J 221 24.00 -43.55 -32.43
C TYR J 221 24.35 -43.20 -33.88
N GLU J 222 25.01 -42.07 -34.06
CA GLU J 222 25.47 -41.61 -35.36
C GLU J 222 26.96 -41.24 -35.26
N ASP J 223 27.49 -40.66 -36.34
CA ASP J 223 28.89 -40.29 -36.38
C ASP J 223 29.19 -39.16 -35.39
N ALA J 224 30.48 -38.99 -35.10
CA ALA J 224 30.90 -38.04 -34.08
C ALA J 224 30.53 -36.60 -34.47
N ILE J 225 30.83 -36.21 -35.72
CA ILE J 225 30.53 -34.86 -36.16
C ILE J 225 29.02 -34.64 -36.15
N THR J 226 28.27 -35.61 -36.66
CA THR J 226 26.81 -35.52 -36.60
C THR J 226 26.31 -35.53 -35.16
N ALA J 227 27.02 -36.22 -34.26
CA ALA J 227 26.65 -36.18 -32.85
C ALA J 227 26.81 -34.79 -32.28
N CYS J 228 27.92 -34.11 -32.61
CA CYS J 228 28.11 -32.74 -32.17
C CYS J 228 27.02 -31.82 -32.72
N ASP J 229 26.71 -31.96 -34.00
CA ASP J 229 25.67 -31.14 -34.61
C ASP J 229 24.33 -31.38 -33.93
N SER J 230 24.01 -32.64 -33.66
CA SER J 230 22.76 -32.96 -32.98
C SER J 230 22.72 -32.37 -31.58
N ILE J 231 23.85 -32.42 -30.86
CA ILE J 231 23.89 -31.89 -29.50
C ILE J 231 23.66 -30.39 -29.51
N GLN J 232 24.36 -29.68 -30.41
CA GLN J 232 24.20 -28.22 -30.47
C GLN J 232 22.79 -27.83 -30.88
N THR J 233 22.23 -28.51 -31.89
CA THR J 233 20.86 -28.23 -32.30
C THR J 233 19.88 -28.54 -31.18
N PHE J 234 20.12 -29.62 -30.43
CA PHE J 234 19.27 -29.96 -29.31
C PHE J 234 19.30 -28.87 -28.24
N LYS J 235 20.48 -28.35 -27.93
CA LYS J 235 20.58 -27.26 -26.97
C LYS J 235 19.80 -26.05 -27.44
N LEU J 236 19.98 -25.68 -28.71
CA LEU J 236 19.27 -24.51 -29.25
C LEU J 236 17.76 -24.71 -29.20
N VAL J 237 17.29 -25.89 -29.61
CA VAL J 237 15.86 -26.16 -29.68
C VAL J 237 15.26 -26.18 -28.27
N VAL J 238 15.95 -26.81 -27.33
CA VAL J 238 15.45 -26.86 -25.95
C VAL J 238 15.35 -25.45 -25.39
N LYS J 239 16.38 -24.62 -25.60
CA LYS J 239 16.32 -23.25 -25.08
C LYS J 239 15.17 -22.48 -25.71
N THR J 240 15.01 -22.57 -27.03
CA THR J 240 13.97 -21.80 -27.75
C THR J 240 12.57 -22.19 -27.25
N ILE J 241 12.26 -23.50 -27.26
CA ILE J 241 10.89 -23.97 -26.87
C ILE J 241 10.59 -23.56 -25.43
N ALA J 242 11.53 -23.78 -24.51
CA ALA J 242 11.34 -23.37 -23.09
C ALA J 242 10.99 -21.87 -23.04
N ARG J 243 11.81 -21.02 -23.66
CA ARG J 243 11.57 -19.55 -23.67
C ARG J 243 10.14 -19.26 -24.14
N LYS J 244 9.72 -19.89 -25.24
CA LYS J 244 8.34 -19.69 -25.80
C LYS J 244 7.30 -20.06 -24.73
N HIS J 245 7.52 -21.16 -24.00
CA HIS J 245 6.55 -21.62 -22.97
C HIS J 245 6.76 -20.88 -21.65
N GLY J 246 7.54 -19.80 -21.65
CA GLY J 246 7.75 -19.00 -20.43
C GLY J 246 8.60 -19.71 -19.40
N LEU J 247 9.61 -20.47 -19.85
CA LEU J 247 10.51 -21.15 -18.93
C LEU J 247 11.94 -20.88 -19.37
N HIS J 248 12.88 -21.22 -18.49
CA HIS J 248 14.30 -21.08 -18.80
C HIS J 248 14.96 -22.45 -18.74
N ALA J 249 15.67 -22.82 -19.81
CA ALA J 249 16.39 -24.08 -19.89
C ALA J 249 17.84 -23.84 -19.51
N THR J 250 18.34 -24.63 -18.57
CA THR J 250 19.69 -24.46 -18.05
C THR J 250 20.46 -25.78 -18.20
N PHE J 251 21.67 -25.68 -18.75
CA PHE J 251 22.57 -26.83 -18.84
C PHE J 251 23.73 -26.73 -17.87
N MET J 252 23.69 -25.80 -16.93
CA MET J 252 24.72 -25.71 -15.90
C MET J 252 24.66 -26.95 -15.03
N PRO J 253 25.79 -27.63 -14.78
CA PRO J 253 25.73 -28.97 -14.18
C PRO J 253 25.04 -29.03 -12.83
N LYS J 254 25.27 -28.05 -11.95
CA LYS J 254 24.74 -28.08 -10.59
C LYS J 254 24.03 -26.76 -10.30
N PRO J 255 22.79 -26.63 -10.77
CA PRO J 255 22.05 -25.37 -10.51
C PRO J 255 21.81 -25.09 -9.04
N LEU J 256 21.59 -26.12 -8.22
CA LEU J 256 21.24 -25.94 -6.83
C LEU J 256 22.05 -26.89 -5.96
N PHE J 257 22.23 -26.49 -4.70
CA PHE J 257 22.94 -27.31 -3.72
C PHE J 257 21.98 -28.33 -3.12
N GLY J 258 22.49 -29.54 -2.88
CA GLY J 258 21.67 -30.62 -2.38
C GLY J 258 20.75 -31.24 -3.40
N VAL J 259 20.91 -30.88 -4.68
CA VAL J 259 20.08 -31.39 -5.76
C VAL J 259 21.01 -32.03 -6.79
N ASN J 260 20.60 -33.18 -7.33
CA ASN J 260 21.47 -33.93 -8.23
C ASN J 260 21.82 -33.11 -9.46
N GLY J 261 23.04 -33.28 -9.95
CA GLY J 261 23.53 -32.53 -11.08
C GLY J 261 23.07 -33.11 -12.41
N SER J 262 23.50 -32.44 -13.48
CA SER J 262 23.14 -32.81 -14.84
C SER J 262 24.35 -33.46 -15.51
N GLY J 263 24.12 -34.59 -16.17
CA GLY J 263 25.17 -35.30 -16.86
C GLY J 263 24.89 -35.51 -18.34
N MET J 264 25.93 -35.77 -19.11
CA MET J 264 25.83 -35.97 -20.55
C MET J 264 26.63 -37.21 -20.95
N HIS J 265 26.34 -38.33 -20.28
CA HIS J 265 27.05 -39.59 -20.51
C HIS J 265 27.17 -39.89 -21.99
N PHE J 266 28.39 -40.25 -22.41
CA PHE J 266 28.68 -40.59 -23.80
C PHE J 266 28.74 -42.11 -23.94
N ASN J 267 27.88 -42.66 -24.79
CA ASN J 267 27.93 -44.07 -25.17
C ASN J 267 28.60 -44.14 -26.53
N MET J 268 29.87 -44.57 -26.54
CA MET J 268 30.71 -44.51 -27.73
C MET J 268 31.17 -45.91 -28.11
N SER J 269 31.27 -46.15 -29.42
CA SER J 269 31.73 -47.41 -29.96
C SER J 269 32.58 -47.15 -31.19
N LEU J 270 33.49 -48.08 -31.46
CA LEU J 270 34.43 -47.96 -32.58
C LEU J 270 34.10 -49.00 -33.62
N PHE J 271 34.11 -48.58 -34.89
CA PHE J 271 33.72 -49.45 -36.00
C PHE J 271 34.88 -49.62 -36.97
N ASN J 272 34.93 -50.79 -37.61
CA ASN J 272 35.91 -51.06 -38.64
C ASN J 272 35.21 -51.56 -39.90
N GLU J 273 35.98 -52.06 -40.87
CA GLU J 273 35.38 -52.57 -42.10
C GLU J 273 34.48 -53.76 -41.82
N LYS J 274 34.91 -54.67 -40.95
CA LYS J 274 34.09 -55.83 -40.62
C LYS J 274 32.82 -55.43 -39.89
N GLY J 275 32.93 -54.47 -38.97
CA GLY J 275 31.78 -54.04 -38.19
C GLY J 275 32.17 -53.36 -36.90
N ASN J 276 31.54 -53.77 -35.80
CA ASN J 276 31.88 -53.22 -34.49
C ASN J 276 33.21 -53.79 -34.02
N ALA J 277 34.15 -52.89 -33.69
CA ALA J 277 35.47 -53.31 -33.24
C ALA J 277 35.51 -53.66 -31.76
N PHE J 278 34.46 -53.36 -31.00
CA PHE J 278 34.43 -53.63 -29.57
C PHE J 278 33.75 -54.94 -29.22
N PHE J 279 33.32 -55.72 -30.22
CA PHE J 279 32.57 -56.95 -29.99
C PHE J 279 33.39 -58.15 -30.41
N ASP J 280 33.42 -59.17 -29.56
CA ASP J 280 34.11 -60.42 -29.87
C ASP J 280 33.50 -61.51 -29.01
N GLU J 281 32.86 -62.50 -29.66
CA GLU J 281 32.18 -63.56 -28.91
C GLU J 281 33.18 -64.45 -28.17
N SER J 282 34.40 -64.56 -28.66
CA SER J 282 35.40 -65.43 -28.06
C SER J 282 36.22 -64.75 -26.97
N GLY J 283 35.99 -63.46 -26.73
CA GLY J 283 36.73 -62.73 -25.72
C GLY J 283 36.00 -62.68 -24.39
N GLU J 284 36.75 -62.26 -23.36
CA GLU J 284 36.18 -62.11 -22.04
C GLU J 284 35.16 -60.99 -22.01
N LEU J 285 34.04 -61.23 -21.34
CA LEU J 285 32.92 -60.30 -21.26
C LEU J 285 32.36 -59.93 -22.62
N GLU J 286 32.56 -60.81 -23.61
CA GLU J 286 32.16 -60.55 -25.00
C GLU J 286 32.77 -59.24 -25.50
N LEU J 287 34.03 -59.00 -25.14
CA LEU J 287 34.73 -57.78 -25.49
C LEU J 287 36.01 -58.13 -26.25
N SER J 288 36.29 -57.36 -27.30
CA SER J 288 37.50 -57.55 -28.07
C SER J 288 38.69 -56.88 -27.38
N GLN J 289 39.89 -57.30 -27.79
CA GLN J 289 41.10 -56.69 -27.26
C GLN J 289 41.18 -55.20 -27.59
N THR J 290 40.57 -54.79 -28.71
CA THR J 290 40.50 -53.38 -29.03
C THR J 290 39.69 -52.62 -27.98
N ALA J 291 38.60 -53.21 -27.51
CA ALA J 291 37.80 -52.57 -26.46
C ALA J 291 38.60 -52.42 -25.18
N TYR J 292 39.38 -53.44 -24.81
CA TYR J 292 40.19 -53.35 -23.61
C TYR J 292 41.30 -52.31 -23.75
N HIS J 293 41.92 -52.23 -24.93
CA HIS J 293 42.92 -51.19 -25.16
C HIS J 293 42.29 -49.81 -25.06
N PHE J 294 41.09 -49.66 -25.62
CA PHE J 294 40.37 -48.35 -25.55
C PHE J 294 40.09 -48.03 -24.08
N LEU J 295 39.63 -49.02 -23.30
CA LEU J 295 39.35 -48.79 -21.89
C LEU J 295 40.61 -48.35 -21.14
N ALA J 296 41.74 -49.02 -21.42
CA ALA J 296 42.99 -48.64 -20.77
C ALA J 296 43.41 -47.23 -21.15
N GLY J 297 43.25 -46.87 -22.42
CA GLY J 297 43.59 -45.52 -22.85
C GLY J 297 42.71 -44.47 -22.21
N MET J 298 41.41 -44.76 -22.08
CA MET J 298 40.51 -43.84 -21.40
C MET J 298 40.85 -43.70 -19.93
N LEU J 299 41.16 -44.81 -19.26
CA LEU J 299 41.41 -44.76 -17.82
C LEU J 299 42.75 -44.09 -17.52
N LYS J 300 43.76 -44.30 -18.36
CA LYS J 300 45.08 -43.74 -18.10
C LYS J 300 45.08 -42.22 -18.16
N HIS J 301 44.37 -41.65 -19.14
CA HIS J 301 44.41 -40.21 -19.37
C HIS J 301 43.16 -39.50 -18.86
N ALA J 302 42.33 -40.16 -18.06
CA ALA J 302 41.08 -39.54 -17.60
C ALA J 302 41.37 -38.27 -16.79
N ARG J 303 42.36 -38.33 -15.91
CA ARG J 303 42.77 -37.14 -15.17
C ARG J 303 43.27 -36.04 -16.10
N GLY J 304 43.83 -36.43 -17.25
CA GLY J 304 44.32 -35.45 -18.19
C GLY J 304 43.22 -34.63 -18.84
N TYR J 305 42.16 -35.30 -19.31
CA TYR J 305 41.10 -34.63 -20.05
C TYR J 305 39.87 -34.34 -19.18
N THR J 306 39.97 -34.53 -17.86
CA THR J 306 38.87 -34.14 -16.99
C THR J 306 38.54 -32.67 -17.14
N ALA J 307 39.56 -31.83 -17.37
CA ALA J 307 39.32 -30.41 -17.57
C ALA J 307 38.52 -30.16 -18.85
N VAL J 308 38.86 -30.85 -19.93
CA VAL J 308 38.15 -30.66 -21.19
C VAL J 308 36.71 -31.17 -21.07
N THR J 309 36.52 -32.32 -20.42
CA THR J 309 35.17 -32.86 -20.28
C THR J 309 34.34 -32.10 -19.25
N ASN J 310 34.98 -31.38 -18.32
CA ASN J 310 34.30 -30.57 -17.32
C ASN J 310 34.95 -29.19 -17.30
N PRO J 311 34.56 -28.32 -18.23
CA PRO J 311 35.27 -27.05 -18.42
C PRO J 311 34.84 -25.90 -17.52
N THR J 312 33.82 -26.08 -16.68
CA THR J 312 33.32 -25.00 -15.85
C THR J 312 33.67 -25.23 -14.39
N ILE J 313 33.67 -24.14 -13.63
CA ILE J 313 33.89 -24.22 -12.19
C ILE J 313 32.77 -25.01 -11.53
N ASN J 314 31.53 -24.75 -11.94
CA ASN J 314 30.39 -25.42 -11.33
C ASN J 314 30.36 -26.91 -11.66
N SER J 315 31.09 -27.33 -12.70
CA SER J 315 31.08 -28.74 -13.08
C SER J 315 31.66 -29.62 -11.98
N PHE J 316 32.73 -29.18 -11.33
CA PHE J 316 33.36 -29.98 -10.30
C PHE J 316 32.56 -30.02 -9.01
N LYS J 317 31.57 -29.14 -8.84
CA LYS J 317 30.65 -29.28 -7.72
C LYS J 317 29.76 -30.50 -7.89
N ARG J 318 29.55 -30.95 -9.13
CA ARG J 318 28.81 -32.18 -9.38
C ARG J 318 29.66 -33.40 -9.08
N LEU J 319 30.97 -33.33 -9.32
CA LEU J 319 31.87 -34.46 -9.10
C LEU J 319 32.27 -34.51 -7.63
N VAL J 320 31.33 -34.97 -6.80
CA VAL J 320 31.54 -35.16 -5.37
C VAL J 320 31.34 -36.64 -5.08
N PRO J 321 32.00 -37.20 -4.07
CA PRO J 321 31.80 -38.63 -3.74
C PRO J 321 30.35 -38.94 -3.40
N GLY J 322 29.81 -40.00 -4.00
CA GLY J 322 28.44 -40.40 -3.74
C GLY J 322 28.11 -41.76 -4.36
N TYR J 323 26.90 -41.89 -4.89
CA TYR J 323 26.47 -43.11 -5.56
C TYR J 323 26.12 -42.88 -7.03
N GLU J 324 26.15 -41.63 -7.50
CA GLU J 324 25.85 -41.34 -8.89
C GLU J 324 26.83 -40.41 -9.56
N ALA J 325 27.76 -39.80 -8.83
CA ALA J 325 28.73 -38.87 -9.41
C ALA J 325 30.08 -39.55 -9.52
N PRO J 326 30.63 -39.73 -10.72
CA PRO J 326 31.92 -40.40 -10.85
C PRO J 326 33.09 -39.50 -10.45
N CYS J 327 33.66 -39.76 -9.29
CA CYS J 327 34.86 -39.06 -8.83
C CYS J 327 36.04 -40.01 -8.65
N TYR J 328 35.96 -41.22 -9.19
CA TYR J 328 37.00 -42.22 -9.10
C TYR J 328 37.42 -42.64 -10.51
N ILE J 329 38.60 -43.27 -10.59
CA ILE J 329 39.08 -43.76 -11.87
C ILE J 329 39.02 -45.29 -11.88
N ALA J 330 37.91 -45.83 -12.38
CA ALA J 330 37.72 -47.28 -12.43
C ALA J 330 36.66 -47.59 -13.46
N TRP J 331 36.65 -48.84 -13.91
CA TRP J 331 35.67 -49.32 -14.87
C TRP J 331 35.01 -50.60 -14.35
N SER J 332 33.74 -50.77 -14.70
CA SER J 332 32.98 -51.92 -14.25
C SER J 332 31.79 -52.14 -15.17
N GLY J 333 31.20 -53.32 -15.08
CA GLY J 333 30.02 -53.64 -15.87
C GLY J 333 28.93 -54.32 -15.08
N LYS J 334 29.13 -54.48 -13.77
CA LYS J 334 28.15 -55.15 -12.94
C LYS J 334 27.58 -54.23 -11.86
N ASN J 335 28.47 -53.61 -11.06
CA ASN J 335 27.99 -52.80 -9.95
C ASN J 335 27.40 -51.48 -10.42
N ARG J 336 27.77 -51.04 -11.62
CA ARG J 336 27.39 -49.74 -12.16
C ARG J 336 27.92 -48.59 -11.31
N SER J 337 27.57 -47.36 -11.69
CA SER J 337 28.13 -46.12 -11.16
C SER J 337 29.66 -46.10 -11.10
N PRO J 338 30.38 -46.57 -12.13
CA PRO J 338 31.83 -46.33 -12.17
C PRO J 338 32.15 -45.06 -12.93
N LEU J 339 33.43 -44.76 -13.13
CA LEU J 339 33.81 -43.72 -14.08
C LEU J 339 33.42 -44.12 -15.49
N VAL J 340 33.76 -45.34 -15.88
CA VAL J 340 33.44 -45.89 -17.19
C VAL J 340 32.61 -47.15 -16.99
N ARG J 341 31.43 -47.19 -17.59
CA ARG J 341 30.51 -48.31 -17.45
C ARG J 341 30.31 -48.98 -18.80
N VAL J 342 30.28 -50.31 -18.79
CA VAL J 342 30.06 -51.10 -20.00
C VAL J 342 28.62 -51.63 -19.95
N PRO J 343 27.73 -51.15 -20.80
CA PRO J 343 26.35 -51.66 -20.78
C PRO J 343 26.29 -53.14 -21.14
N SER J 344 25.27 -53.81 -20.59
CA SER J 344 25.13 -55.25 -20.77
C SER J 344 24.86 -55.63 -22.22
N SER J 345 24.34 -54.72 -23.04
CA SER J 345 24.07 -55.02 -24.43
C SER J 345 25.35 -55.31 -25.19
N ARG J 346 25.28 -56.29 -26.10
CA ARG J 346 26.45 -56.68 -26.89
C ARG J 346 26.11 -56.75 -28.37
N GLY J 347 27.03 -57.26 -29.17
CA GLY J 347 26.84 -57.31 -30.60
C GLY J 347 27.17 -55.99 -31.27
N LEU J 348 26.34 -55.55 -32.21
CA LEU J 348 26.53 -54.25 -32.84
C LEU J 348 26.28 -53.09 -31.89
N SER J 349 25.67 -53.35 -30.74
CA SER J 349 25.39 -52.31 -29.75
C SER J 349 26.45 -52.25 -28.65
N THR J 350 27.53 -53.02 -28.77
CA THR J 350 28.59 -52.99 -27.78
C THR J 350 29.20 -51.60 -27.71
N ARG J 351 29.37 -51.08 -26.49
CA ARG J 351 29.82 -49.71 -26.32
C ARG J 351 30.42 -49.54 -24.93
N LEU J 352 31.18 -48.47 -24.77
CA LEU J 352 31.74 -48.05 -23.49
C LEU J 352 31.16 -46.70 -23.14
N GLU J 353 30.63 -46.56 -21.93
CA GLU J 353 29.97 -45.34 -21.48
C GLU J 353 30.88 -44.59 -20.53
N LEU J 354 31.12 -43.31 -20.81
CA LEU J 354 31.85 -42.41 -19.93
C LEU J 354 30.86 -41.47 -19.26
N ARG J 355 30.83 -41.49 -17.93
CA ARG J 355 29.81 -40.79 -17.16
C ARG J 355 30.30 -39.48 -16.55
N SER J 356 31.54 -39.07 -16.83
CA SER J 356 32.07 -37.85 -16.23
C SER J 356 31.78 -36.60 -17.04
N VAL J 357 31.16 -36.72 -18.20
CA VAL J 357 30.90 -35.57 -19.06
C VAL J 357 29.62 -34.88 -18.59
N ASP J 358 29.60 -33.56 -18.67
CA ASP J 358 28.47 -32.73 -18.31
C ASP J 358 28.01 -31.92 -19.50
N PRO J 359 26.75 -31.47 -19.52
CA PRO J 359 26.24 -30.77 -20.71
C PRO J 359 26.96 -29.48 -21.06
N SER J 360 27.63 -28.85 -20.10
CA SER J 360 28.31 -27.59 -20.39
C SER J 360 29.58 -27.78 -21.20
N ALA J 361 30.05 -29.01 -21.38
CA ALA J 361 31.27 -29.28 -22.12
C ALA J 361 31.06 -29.09 -23.61
N ASN J 362 32.16 -28.80 -24.30
CA ASN J 362 32.14 -28.73 -25.76
C ASN J 362 32.25 -30.12 -26.34
N PRO J 363 31.25 -30.60 -27.07
CA PRO J 363 31.31 -31.99 -27.59
C PRO J 363 32.47 -32.23 -28.52
N TYR J 364 32.83 -31.24 -29.35
CA TYR J 364 33.93 -31.41 -30.29
C TYR J 364 35.24 -31.70 -29.56
N LEU J 365 35.60 -30.83 -28.61
CA LEU J 365 36.82 -31.03 -27.85
C LEU J 365 36.73 -32.29 -27.01
N ALA J 366 35.55 -32.58 -26.46
CA ALA J 366 35.38 -33.75 -25.61
C ALA J 366 35.71 -35.03 -26.38
N MET J 367 35.08 -35.25 -27.53
CA MET J 367 35.43 -36.46 -28.24
C MET J 367 36.78 -36.37 -28.94
N ALA J 368 37.29 -35.18 -29.23
CA ALA J 368 38.65 -35.09 -29.74
C ALA J 368 39.65 -35.68 -28.74
N VAL J 369 39.57 -35.22 -27.49
CA VAL J 369 40.50 -35.72 -26.48
C VAL J 369 40.21 -37.17 -26.14
N LEU J 370 38.93 -37.56 -26.12
CA LEU J 370 38.59 -38.95 -25.82
C LEU J 370 39.12 -39.89 -26.90
N LEU J 371 38.89 -39.55 -28.16
CA LEU J 371 39.33 -40.43 -29.27
C LEU J 371 40.86 -40.56 -29.20
N LYS J 372 41.57 -39.45 -29.01
CA LYS J 372 43.05 -39.47 -28.92
C LYS J 372 43.47 -40.41 -27.80
N ALA J 373 42.94 -40.22 -26.58
CA ALA J 373 43.31 -41.06 -25.42
C ALA J 373 43.04 -42.53 -25.74
N GLY J 374 41.82 -42.86 -26.18
CA GLY J 374 41.46 -44.26 -26.48
C GLY J 374 42.36 -44.87 -27.55
N LEU J 375 42.61 -44.12 -28.64
CA LEU J 375 43.46 -44.62 -29.75
C LEU J 375 44.90 -44.80 -29.27
N SER J 376 45.38 -43.90 -28.40
CA SER J 376 46.75 -44.05 -27.83
C SER J 376 46.80 -45.35 -27.02
N GLY J 377 45.74 -45.67 -26.29
CA GLY J 377 45.68 -46.94 -25.54
C GLY J 377 45.76 -48.14 -26.46
N ILE J 378 45.15 -48.04 -27.66
CA ILE J 378 45.22 -49.14 -28.66
C ILE J 378 46.64 -49.21 -29.22
N LYS J 379 47.21 -48.07 -29.63
CA LYS J 379 48.59 -48.04 -30.19
C LYS J 379 49.56 -48.65 -29.17
N ASP J 380 49.47 -48.24 -27.91
CA ASP J 380 50.36 -48.74 -26.88
C ASP J 380 49.98 -50.12 -26.37
N GLU J 381 48.81 -50.64 -26.76
CA GLU J 381 48.34 -51.96 -26.35
C GLU J 381 48.32 -52.08 -24.83
N LEU J 382 47.88 -51.02 -24.15
CA LEU J 382 47.84 -51.01 -22.70
C LEU J 382 46.80 -52.01 -22.19
N THR J 383 47.14 -52.68 -21.09
CA THR J 383 46.22 -53.60 -20.44
C THR J 383 45.42 -52.87 -19.38
N PRO J 384 44.09 -52.87 -19.44
CA PRO J 384 43.32 -52.10 -18.46
C PRO J 384 43.37 -52.78 -17.10
N PRO J 385 43.19 -52.02 -16.02
CA PRO J 385 43.15 -52.63 -14.69
C PRO J 385 41.90 -53.48 -14.52
N ALA J 386 41.98 -54.41 -13.56
CA ALA J 386 40.87 -55.31 -13.31
C ALA J 386 39.66 -54.52 -12.84
N PRO J 387 38.46 -54.86 -13.33
CA PRO J 387 37.26 -54.13 -12.92
C PRO J 387 36.96 -54.32 -11.44
N VAL J 388 36.35 -53.31 -10.85
CA VAL J 388 35.96 -53.33 -9.44
C VAL J 388 34.45 -53.33 -9.36
N ASP J 389 33.89 -54.30 -8.65
CA ASP J 389 32.44 -54.40 -8.46
C ASP J 389 32.06 -54.33 -6.99
N ARG J 390 32.94 -53.77 -6.14
CA ARG J 390 32.72 -53.73 -4.70
C ARG J 390 32.11 -52.41 -4.24
N ASN J 391 31.38 -51.72 -5.13
CA ASN J 391 30.66 -50.50 -4.75
C ASN J 391 31.59 -49.47 -4.14
N ILE J 392 32.48 -48.89 -4.96
CA ILE J 392 33.60 -48.15 -4.40
C ILE J 392 33.12 -46.78 -3.92
N TYR J 393 32.55 -46.77 -2.72
CA TYR J 393 32.21 -45.56 -1.99
C TYR J 393 32.55 -45.70 -0.52
N GLY J 394 32.64 -46.95 -0.04
CA GLY J 394 32.73 -47.22 1.38
C GLY J 394 34.07 -47.73 1.85
N MET J 395 34.86 -48.31 0.95
CA MET J 395 36.15 -48.87 1.35
C MET J 395 37.06 -47.75 1.86
N ASN J 396 37.93 -48.10 2.80
CA ASN J 396 38.81 -47.13 3.42
C ASN J 396 39.83 -46.59 2.41
N GLU J 397 40.46 -45.48 2.77
CA GLU J 397 41.44 -44.86 1.88
C GLU J 397 42.59 -45.81 1.58
N GLU J 398 42.98 -46.61 2.57
CA GLU J 398 44.01 -47.62 2.33
C GLU J 398 43.54 -48.66 1.32
N GLU J 399 42.27 -49.07 1.42
CA GLU J 399 41.72 -50.03 0.47
C GLU J 399 41.69 -49.45 -0.94
N ARG J 400 41.29 -48.18 -1.07
CA ARG J 400 41.30 -47.54 -2.38
C ARG J 400 42.72 -47.41 -2.92
N GLU J 401 43.68 -47.09 -2.05
CA GLU J 401 45.06 -46.96 -2.49
C GLU J 401 45.66 -48.31 -2.87
N ALA J 402 45.23 -49.39 -2.21
CA ALA J 402 45.74 -50.71 -2.55
C ALA J 402 45.37 -51.09 -3.98
N THR J 403 44.14 -50.82 -4.38
CA THR J 403 43.71 -51.00 -5.76
C THR J 403 44.15 -49.76 -6.56
N GLY J 404 44.08 -49.87 -7.89
CA GLY J 404 44.46 -48.76 -8.75
C GLY J 404 43.40 -47.69 -8.84
N ILE J 405 42.61 -47.52 -7.79
CA ILE J 405 41.56 -46.52 -7.75
C ILE J 405 42.18 -45.16 -7.44
N TYR J 406 41.88 -44.17 -8.27
CA TYR J 406 42.37 -42.82 -8.08
C TYR J 406 41.23 -41.84 -8.28
N ASP J 407 41.35 -40.66 -7.65
CA ASP J 407 40.30 -39.65 -7.70
C ASP J 407 40.55 -38.68 -8.84
N LEU J 408 39.47 -38.22 -9.46
CA LEU J 408 39.56 -37.16 -10.45
C LEU J 408 39.91 -35.84 -9.77
N PRO J 409 40.44 -34.88 -10.53
CA PRO J 409 40.74 -33.57 -9.94
C PRO J 409 39.50 -32.94 -9.31
N GLU J 410 39.69 -32.37 -8.12
CA GLU J 410 38.59 -31.84 -7.34
C GLU J 410 38.26 -30.38 -7.66
N SER J 411 39.08 -29.71 -8.48
CA SER J 411 38.86 -28.32 -8.80
C SER J 411 39.37 -28.05 -10.20
N LEU J 412 38.93 -26.93 -10.76
CA LEU J 412 39.32 -26.57 -12.12
C LEU J 412 40.82 -26.30 -12.22
N GLY J 413 41.42 -25.74 -11.18
CA GLY J 413 42.86 -25.46 -11.23
C GLY J 413 43.70 -26.72 -11.32
N HIS J 414 43.36 -27.74 -10.53
CA HIS J 414 44.09 -28.99 -10.59
C HIS J 414 43.90 -29.67 -11.94
N ALA J 415 42.70 -29.60 -12.51
CA ALA J 415 42.46 -30.16 -13.83
C ALA J 415 43.27 -29.41 -14.89
N LEU J 416 43.39 -28.09 -14.76
CA LEU J 416 44.22 -27.32 -15.70
C LEU J 416 45.69 -27.71 -15.56
N ILE J 417 46.15 -27.94 -14.33
CA ILE J 417 47.52 -28.39 -14.13
C ILE J 417 47.73 -29.75 -14.79
N GLU J 418 46.77 -30.65 -14.65
CA GLU J 418 46.86 -31.95 -15.29
C GLU J 418 46.91 -31.82 -16.81
N LEU J 419 46.10 -30.92 -17.36
CA LEU J 419 46.16 -30.65 -18.81
C LEU J 419 47.54 -30.16 -19.20
N GLU J 420 48.10 -29.22 -18.44
CA GLU J 420 49.42 -28.67 -18.76
C GLU J 420 50.50 -29.74 -18.64
N LYS J 421 50.27 -30.77 -17.82
CA LYS J 421 51.26 -31.84 -17.69
C LYS J 421 51.14 -32.86 -18.82
N ASN J 422 49.91 -33.28 -19.14
CA ASN J 422 49.71 -34.30 -20.15
C ASN J 422 50.03 -33.75 -21.54
N GLU J 423 50.68 -34.58 -22.35
CA GLU J 423 51.09 -34.19 -23.71
C GLU J 423 50.21 -34.78 -24.79
N ILE J 424 49.68 -35.98 -24.60
CA ILE J 424 48.83 -36.61 -25.61
C ILE J 424 47.55 -35.80 -25.81
N ILE J 425 46.96 -35.33 -24.70
CA ILE J 425 45.74 -34.53 -24.80
C ILE J 425 46.04 -33.21 -25.50
N LYS J 426 47.23 -32.65 -25.29
CA LYS J 426 47.63 -31.46 -26.03
C LYS J 426 47.65 -31.71 -27.52
N ASP J 427 48.19 -32.85 -27.94
CA ASP J 427 48.19 -33.20 -29.36
C ASP J 427 46.77 -33.38 -29.89
N GLY J 428 45.91 -34.02 -29.09
CA GLY J 428 44.54 -34.20 -29.51
C GLY J 428 43.78 -32.89 -29.65
N LEU J 429 44.09 -31.92 -28.80
CA LEU J 429 43.44 -30.61 -28.84
C LEU J 429 44.06 -29.70 -29.89
N GLY J 430 45.26 -29.98 -30.36
CA GLY J 430 45.99 -29.04 -31.18
C GLY J 430 46.66 -27.96 -30.33
N GLU J 431 47.40 -27.08 -31.02
CA GLU J 431 48.09 -26.01 -30.30
C GLU J 431 47.13 -24.88 -29.96
N HIS J 432 46.61 -24.20 -31.00
CA HIS J 432 45.83 -22.98 -30.82
C HIS J 432 44.69 -23.19 -29.82
N ILE J 433 43.94 -24.27 -29.99
CA ILE J 433 42.85 -24.58 -29.07
C ILE J 433 43.39 -24.78 -27.67
N PHE J 434 44.55 -25.43 -27.54
CA PHE J 434 45.11 -25.69 -26.21
C PHE J 434 45.44 -24.39 -25.49
N GLU J 435 46.20 -23.50 -26.14
CA GLU J 435 46.57 -22.25 -25.47
C GLU J 435 45.35 -21.38 -25.19
N HIS J 436 44.41 -21.31 -26.14
CA HIS J 436 43.23 -20.48 -25.91
C HIS J 436 42.39 -21.02 -24.75
N PHE J 437 42.20 -22.35 -24.69
CA PHE J 437 41.46 -22.95 -23.60
C PHE J 437 42.16 -22.71 -22.27
N ILE J 438 43.48 -22.87 -22.25
CA ILE J 438 44.23 -22.65 -21.01
C ILE J 438 44.09 -21.21 -20.54
N GLU J 439 44.24 -20.26 -21.47
CA GLU J 439 44.14 -18.85 -21.11
C GLU J 439 42.75 -18.51 -20.57
N ALA J 440 41.70 -18.94 -21.28
CA ALA J 440 40.34 -18.63 -20.85
C ALA J 440 40.03 -19.25 -19.50
N LYS J 441 40.43 -20.52 -19.31
CA LYS J 441 40.12 -21.19 -18.06
C LYS J 441 40.91 -20.60 -16.89
N THR J 442 42.17 -20.22 -17.13
CA THR J 442 42.94 -19.56 -16.08
C THR J 442 42.33 -18.22 -15.69
N ILE J 443 41.88 -17.45 -16.69
CA ILE J 443 41.22 -16.18 -16.39
C ILE J 443 39.95 -16.40 -15.57
N GLU J 444 39.16 -17.39 -15.97
CA GLU J 444 37.91 -17.69 -15.25
C GLU J 444 38.20 -18.14 -13.82
N CYS J 445 39.22 -18.99 -13.65
CA CYS J 445 39.57 -19.45 -12.31
C CYS J 445 40.08 -18.31 -11.44
N ASP J 446 40.87 -17.41 -12.02
CA ASP J 446 41.35 -16.26 -11.25
C ASP J 446 40.20 -15.35 -10.86
N MET J 447 39.23 -15.16 -11.75
CA MET J 447 38.05 -14.37 -11.42
C MET J 447 37.26 -15.01 -10.28
N PHE J 448 37.10 -16.34 -10.32
CA PHE J 448 36.40 -17.02 -9.23
C PHE J 448 37.15 -16.92 -7.92
N ARG J 449 38.48 -17.02 -7.98
CA ARG J 449 39.29 -17.05 -6.77
C ARG J 449 39.23 -15.73 -6.01
N THR J 450 39.26 -14.60 -6.71
CA THR J 450 39.31 -13.31 -6.06
C THR J 450 37.94 -12.79 -5.65
N ALA J 451 36.87 -13.45 -6.05
CA ALA J 451 35.53 -12.99 -5.70
C ALA J 451 35.21 -13.30 -4.25
N VAL J 452 34.32 -12.50 -3.66
CA VAL J 452 33.84 -12.69 -2.30
C VAL J 452 32.39 -13.13 -2.39
N HIS J 453 32.09 -14.28 -1.79
CA HIS J 453 30.78 -14.89 -1.91
C HIS J 453 29.95 -14.68 -0.64
N PRO J 454 28.62 -14.69 -0.76
CA PRO J 454 27.79 -14.52 0.44
C PRO J 454 27.96 -15.63 1.46
N TRP J 455 28.48 -16.78 1.06
CA TRP J 455 28.78 -17.85 2.01
C TRP J 455 29.77 -17.38 3.07
N GLU J 456 30.86 -16.74 2.64
CA GLU J 456 31.87 -16.25 3.57
C GLU J 456 31.29 -15.21 4.51
N ARG J 457 30.48 -14.29 3.99
CA ARG J 457 29.84 -13.28 4.85
C ARG J 457 28.92 -13.94 5.85
N GLU J 458 28.03 -14.81 5.39
CA GLU J 458 27.04 -15.41 6.28
C GLU J 458 27.66 -16.33 7.31
N GLN J 459 28.89 -16.82 7.09
CA GLN J 459 29.49 -17.71 8.07
C GLN J 459 30.70 -17.11 8.78
N TYR J 460 31.04 -15.84 8.50
CA TYR J 460 32.10 -15.18 9.26
C TYR J 460 31.75 -13.78 9.76
N LEU J 461 30.71 -13.12 9.21
CA LEU J 461 30.44 -11.74 9.58
C LEU J 461 30.07 -11.61 11.05
N GLU J 462 29.24 -12.53 11.56
CA GLU J 462 28.89 -12.55 12.98
C GLU J 462 29.91 -13.27 13.84
N ILE J 463 30.45 -14.39 13.34
CA ILE J 463 31.40 -15.17 14.14
C ILE J 463 32.66 -14.38 14.40
N TYR J 464 33.17 -13.67 13.39
CA TYR J 464 34.37 -12.85 13.58
C TYR J 464 34.02 -11.37 13.55
N ALA K 22 17.78 6.63 -65.46
CA ALA K 22 16.35 6.85 -65.32
C ALA K 22 15.63 5.55 -64.96
N LYS K 23 15.72 5.16 -63.68
CA LYS K 23 15.05 3.94 -63.23
C LYS K 23 13.53 4.08 -63.31
N TYR K 24 13.01 5.26 -62.97
CA TYR K 24 11.57 5.51 -63.00
C TYR K 24 11.30 6.83 -63.69
N THR K 25 10.08 6.97 -64.20
CA THR K 25 9.60 8.20 -64.82
C THR K 25 8.32 8.67 -64.12
N LYS K 26 7.82 9.82 -64.54
CA LYS K 26 6.58 10.37 -63.94
C LYS K 26 5.43 9.37 -64.13
N GLU K 27 5.26 8.85 -65.35
CA GLU K 27 4.16 7.94 -65.62
C GLU K 27 4.28 6.67 -64.77
N ASP K 28 5.51 6.19 -64.57
CA ASP K 28 5.72 5.02 -63.71
C ASP K 28 5.29 5.31 -62.28
N ILE K 29 5.65 6.50 -61.78
CA ILE K 29 5.28 6.89 -60.38
C ILE K 29 3.75 6.93 -60.29
N PHE K 30 3.09 7.54 -61.28
CA PHE K 30 1.62 7.65 -61.27
C PHE K 30 1.00 6.23 -61.29
N ARG K 31 1.54 5.35 -62.14
CA ARG K 31 1.02 3.99 -62.23
C ARG K 31 1.20 3.23 -60.92
N PHE K 32 2.36 3.39 -60.28
CA PHE K 32 2.59 2.74 -58.99
C PHE K 32 1.60 3.24 -57.95
N ALA K 33 1.43 4.56 -57.87
CA ALA K 33 0.47 5.13 -56.92
C ALA K 33 -0.94 4.64 -57.18
N ASP K 34 -1.26 4.39 -58.45
CA ASP K 34 -2.60 3.90 -58.78
C ASP K 34 -2.76 2.43 -58.41
N GLU K 35 -1.71 1.62 -58.62
CA GLU K 35 -1.90 0.18 -58.55
C GLU K 35 -1.59 -0.43 -57.19
N GLN K 36 -0.71 0.19 -56.39
CA GLN K 36 -0.68 -0.19 -54.98
C GLN K 36 -1.53 0.73 -54.12
N ASN K 37 -2.19 1.72 -54.72
CA ASN K 37 -3.22 2.51 -54.06
C ASN K 37 -2.67 3.21 -52.82
N VAL K 38 -1.66 4.04 -53.03
CA VAL K 38 -1.10 4.85 -51.96
C VAL K 38 -1.98 6.08 -51.77
N LYS K 39 -2.16 6.48 -50.52
CA LYS K 39 -2.91 7.69 -50.21
C LYS K 39 -2.12 8.68 -49.38
N PHE K 40 -0.91 8.33 -48.96
CA PHE K 40 -0.08 9.21 -48.15
C PHE K 40 1.33 9.18 -48.69
N ILE K 41 1.92 10.34 -48.91
CA ILE K 41 3.25 10.45 -49.51
C ILE K 41 4.10 11.35 -48.63
N ARG K 42 5.30 10.89 -48.29
CA ARG K 42 6.25 11.62 -47.46
C ARG K 42 7.39 12.11 -48.35
N LEU K 43 7.43 13.42 -48.59
CA LEU K 43 8.54 14.04 -49.29
C LEU K 43 9.61 14.37 -48.27
N GLN K 44 10.57 13.47 -48.09
CA GLN K 44 11.50 13.54 -46.98
C GLN K 44 12.88 14.01 -47.43
N PHE K 45 13.58 14.65 -46.50
CA PHE K 45 14.90 15.22 -46.73
C PHE K 45 15.65 15.21 -45.41
N THR K 46 16.92 15.62 -45.46
CA THR K 46 17.80 15.59 -44.29
C THR K 46 18.40 16.97 -44.08
N ASP K 47 18.44 17.42 -42.83
CA ASP K 47 19.02 18.70 -42.48
C ASP K 47 20.51 18.54 -42.20
N ILE K 48 21.14 19.60 -41.72
CA ILE K 48 22.58 19.55 -41.41
C ILE K 48 22.85 18.57 -40.28
N LEU K 49 22.00 18.60 -39.24
CA LEU K 49 22.22 17.75 -38.07
C LEU K 49 21.98 16.28 -38.34
N GLY K 50 21.44 15.92 -39.50
CA GLY K 50 21.17 14.54 -39.83
C GLY K 50 19.78 14.05 -39.49
N ILE K 51 18.93 14.90 -38.93
CA ILE K 51 17.58 14.49 -38.57
C ILE K 51 16.74 14.36 -39.84
N ILE K 52 16.01 13.25 -39.94
CA ILE K 52 15.15 13.02 -41.10
C ILE K 52 13.91 13.89 -40.97
N LYS K 53 13.70 14.75 -41.96
CA LYS K 53 12.56 15.65 -41.99
C LYS K 53 11.76 15.42 -43.27
N ASN K 54 10.47 15.74 -43.21
CA ASN K 54 9.61 15.51 -44.37
C ASN K 54 8.43 16.47 -44.31
N VAL K 55 7.77 16.60 -45.46
CA VAL K 55 6.44 17.19 -45.55
C VAL K 55 5.51 16.12 -46.10
N GLU K 56 4.30 16.07 -45.57
CA GLU K 56 3.37 14.99 -45.84
C GLU K 56 2.19 15.51 -46.64
N ILE K 57 1.97 14.91 -47.81
CA ILE K 57 0.95 15.38 -48.74
C ILE K 57 0.03 14.22 -49.11
N PRO K 58 -1.22 14.48 -49.48
CA PRO K 58 -2.08 13.41 -50.00
C PRO K 58 -1.68 13.02 -51.41
N VAL K 59 -2.18 11.85 -51.83
CA VAL K 59 -1.86 11.36 -53.16
C VAL K 59 -2.45 12.27 -54.24
N SER K 60 -3.47 13.06 -53.89
CA SER K 60 -4.07 13.96 -54.87
C SER K 60 -3.10 15.08 -55.27
N GLN K 61 -2.11 15.36 -54.43
CA GLN K 61 -1.09 16.37 -54.74
C GLN K 61 0.15 15.77 -55.36
N LEU K 62 0.09 14.51 -55.79
CA LEU K 62 1.27 13.85 -56.40
C LEU K 62 1.72 14.65 -57.63
N LYS K 63 0.75 15.13 -58.42
CA LYS K 63 1.08 15.91 -59.65
C LYS K 63 1.93 17.13 -59.29
N LYS K 64 1.51 17.91 -58.28
CA LYS K 64 2.25 19.14 -57.88
C LYS K 64 3.68 18.79 -57.47
N ALA K 65 3.85 17.70 -56.72
CA ALA K 65 5.20 17.26 -56.29
C ALA K 65 6.05 16.96 -57.54
N LEU K 66 5.49 16.21 -58.49
CA LEU K 66 6.22 15.86 -59.75
C LEU K 66 6.50 17.14 -60.55
N ASP K 67 5.64 18.15 -60.44
CA ASP K 67 5.82 19.42 -61.20
C ASP K 67 6.83 20.33 -60.48
N ASN K 68 7.35 19.89 -59.33
CA ASN K 68 8.39 20.67 -58.59
C ASN K 68 7.84 22.04 -58.22
N LYS K 69 6.60 22.08 -57.72
CA LYS K 69 5.94 23.32 -57.31
C LYS K 69 5.57 23.33 -55.84
N ILE K 70 6.17 22.48 -55.02
CA ILE K 70 5.83 22.40 -53.60
C ILE K 70 6.73 23.35 -52.82
N MET K 71 6.10 24.28 -52.10
CA MET K 71 6.81 25.16 -51.20
C MET K 71 6.89 24.54 -49.80
N PHE K 72 7.91 24.96 -49.05
CA PHE K 72 8.01 24.61 -47.64
C PHE K 72 8.93 25.62 -46.96
N ASP K 73 8.82 25.69 -45.64
CA ASP K 73 9.63 26.62 -44.86
C ASP K 73 11.08 26.18 -44.91
N GLY K 74 11.90 26.89 -45.68
CA GLY K 74 13.27 26.47 -45.92
C GLY K 74 14.19 26.64 -44.72
N SER K 75 13.79 27.43 -43.73
CA SER K 75 14.62 27.59 -42.54
C SER K 75 14.62 26.34 -41.67
N SER K 76 13.75 25.37 -41.97
CA SER K 76 13.69 24.14 -41.19
C SER K 76 14.98 23.35 -41.30
N ILE K 77 15.55 23.26 -42.51
CA ILE K 77 16.76 22.49 -42.69
C ILE K 77 17.95 23.12 -41.99
N GLU K 78 17.88 24.42 -41.71
CA GLU K 78 18.96 25.07 -40.96
C GLU K 78 19.04 24.61 -39.52
N GLY K 79 18.02 23.90 -39.03
CA GLY K 79 18.03 23.40 -37.67
C GLY K 79 17.39 24.36 -36.67
N PHE K 80 17.87 24.33 -35.43
CA PHE K 80 17.35 25.21 -34.39
C PHE K 80 17.92 26.62 -34.47
N VAL K 81 18.87 26.87 -35.36
CA VAL K 81 19.50 28.17 -35.49
C VAL K 81 18.81 28.97 -36.59
N ARG K 82 17.61 28.53 -36.98
CA ARG K 82 16.84 29.26 -37.98
C ARG K 82 16.45 30.64 -37.45
N ILE K 83 16.60 31.65 -38.31
CA ILE K 83 16.29 33.03 -37.93
C ILE K 83 15.25 33.59 -38.88
N GLU K 84 15.56 33.61 -40.16
CA GLU K 84 14.70 34.19 -41.19
C GLU K 84 14.00 33.08 -41.96
N GLU K 85 12.67 33.16 -42.03
CA GLU K 85 11.91 32.20 -42.82
C GLU K 85 12.09 32.48 -44.31
N SER K 86 12.28 31.42 -45.09
CA SER K 86 12.44 31.55 -46.53
C SER K 86 11.74 30.38 -47.20
N ASP K 87 10.85 30.67 -48.14
CA ASP K 87 10.16 29.63 -48.89
C ASP K 87 11.06 29.13 -50.02
N MET K 88 11.10 27.81 -50.21
CA MET K 88 11.95 27.23 -51.23
C MET K 88 11.38 25.89 -51.68
N TYR K 89 11.79 25.48 -52.87
CA TYR K 89 11.18 24.34 -53.54
C TYR K 89 11.66 23.02 -52.94
N LEU K 90 11.02 21.94 -53.36
CA LEU K 90 11.25 20.60 -52.80
C LEU K 90 11.35 19.57 -53.94
N PHE K 91 12.19 19.87 -54.93
CA PHE K 91 12.43 18.99 -56.08
C PHE K 91 12.70 17.55 -55.64
N PRO K 92 11.82 16.61 -55.97
CA PRO K 92 12.00 15.22 -55.55
C PRO K 92 12.86 14.42 -56.52
N ASP K 93 13.20 13.20 -56.10
CA ASP K 93 13.98 12.27 -56.91
C ASP K 93 13.12 11.05 -57.19
N LEU K 94 12.98 10.70 -58.48
CA LEU K 94 12.07 9.58 -58.86
C LEU K 94 12.66 8.21 -58.49
N ASP K 95 13.98 8.06 -58.53
CA ASP K 95 14.57 6.75 -58.31
C ASP K 95 14.40 6.25 -56.87
N THR K 96 13.97 7.12 -55.96
CA THR K 96 13.82 6.75 -54.55
C THR K 96 12.36 6.49 -54.17
N TRP K 97 11.53 6.07 -55.11
CA TRP K 97 10.13 5.76 -54.80
C TRP K 97 10.06 4.43 -54.07
N VAL K 98 9.60 4.48 -52.82
CA VAL K 98 9.50 3.30 -51.96
C VAL K 98 8.17 3.32 -51.25
N VAL K 99 7.49 2.18 -51.21
CA VAL K 99 6.20 2.04 -50.55
C VAL K 99 6.38 1.20 -49.30
N PHE K 100 6.01 1.76 -48.15
CA PHE K 100 6.13 1.04 -46.88
C PHE K 100 5.03 -0.02 -46.77
N PRO K 101 5.34 -1.19 -46.21
CA PRO K 101 4.31 -2.22 -46.06
C PRO K 101 3.49 -2.08 -44.78
N TRP K 102 4.03 -1.46 -43.73
CA TRP K 102 3.34 -1.35 -42.46
C TRP K 102 2.37 -0.16 -42.49
N THR K 103 1.37 -0.27 -43.36
CA THR K 103 0.40 0.81 -43.54
C THR K 103 -1.05 0.36 -43.36
N ALA K 104 -1.29 -0.87 -42.93
CA ALA K 104 -2.64 -1.40 -42.72
C ALA K 104 -3.38 -1.35 -44.05
N GLU K 105 -4.70 -1.18 -44.01
CA GLU K 105 -5.53 -1.16 -45.21
C GLU K 105 -5.99 0.24 -45.61
N LYS K 106 -5.92 1.21 -44.70
CA LYS K 106 -6.36 2.57 -45.00
C LYS K 106 -5.27 3.34 -45.75
N GLY K 107 -5.01 2.90 -46.98
CA GLY K 107 -4.05 3.57 -47.83
C GLY K 107 -2.60 3.26 -47.50
N LYS K 108 -1.77 3.15 -48.52
CA LYS K 108 -0.35 2.90 -48.33
C LYS K 108 0.39 4.21 -48.09
N VAL K 109 1.66 4.10 -47.71
CA VAL K 109 2.53 5.25 -47.51
C VAL K 109 3.77 5.08 -48.36
N ALA K 110 4.17 6.15 -49.03
CA ALA K 110 5.35 6.15 -49.88
C ALA K 110 6.23 7.34 -49.53
N ARG K 111 7.53 7.20 -49.81
CA ARG K 111 8.49 8.25 -49.53
C ARG K 111 9.32 8.51 -50.77
N MET K 112 9.79 9.75 -50.90
CA MET K 112 10.66 10.16 -52.00
C MET K 112 11.70 11.13 -51.46
N ILE K 113 12.97 10.81 -51.68
CA ILE K 113 14.03 11.73 -51.27
C ILE K 113 14.01 12.95 -52.17
N CYS K 114 13.97 14.13 -51.56
CA CYS K 114 13.79 15.38 -52.30
C CYS K 114 15.00 16.28 -52.15
N ASP K 115 15.42 16.87 -53.26
CA ASP K 115 16.46 17.89 -53.24
C ASP K 115 15.87 19.24 -52.85
N ILE K 116 16.70 20.06 -52.23
CA ILE K 116 16.31 21.40 -51.79
C ILE K 116 16.77 22.40 -52.83
N TYR K 117 15.84 23.20 -53.36
CA TYR K 117 16.13 24.16 -54.40
C TYR K 117 15.66 25.54 -54.00
N ASN K 118 16.46 26.55 -54.32
CA ASN K 118 16.05 27.93 -54.11
C ASN K 118 14.94 28.31 -55.09
N PRO K 119 14.18 29.36 -54.78
CA PRO K 119 13.09 29.75 -55.68
C PRO K 119 13.54 30.14 -57.08
N ASP K 120 14.83 30.45 -57.27
CA ASP K 120 15.35 30.81 -58.58
C ASP K 120 15.91 29.62 -59.36
N MET K 121 15.37 28.43 -59.13
CA MET K 121 15.75 27.21 -59.85
C MET K 121 17.24 26.89 -59.67
N THR K 122 17.78 27.15 -58.48
CA THR K 122 19.14 26.79 -58.17
C THR K 122 19.16 25.94 -56.89
N PRO K 123 19.97 24.89 -56.86
CA PRO K 123 20.06 24.07 -55.64
C PRO K 123 20.57 24.89 -54.46
N PHE K 124 20.01 24.62 -53.29
CA PHE K 124 20.40 25.35 -52.09
C PHE K 124 21.81 24.96 -51.67
N ALA K 125 22.60 25.96 -51.29
CA ALA K 125 23.97 25.69 -50.86
C ALA K 125 24.01 24.92 -49.55
N GLY K 126 22.98 25.08 -48.72
CA GLY K 126 22.93 24.42 -47.42
C GLY K 126 22.41 23.01 -47.42
N ASP K 127 22.04 22.46 -48.58
CA ASP K 127 21.54 21.10 -48.63
C ASP K 127 22.70 20.12 -48.67
N PRO K 128 22.80 19.20 -47.70
CA PRO K 128 23.90 18.22 -47.75
C PRO K 128 23.90 17.37 -49.00
N ARG K 129 22.72 17.00 -49.50
CA ARG K 129 22.65 16.18 -50.71
C ARG K 129 23.19 16.93 -51.92
N ALA K 130 22.86 18.21 -52.05
CA ALA K 130 23.40 19.01 -53.15
C ALA K 130 24.91 19.15 -53.03
N ASN K 131 25.42 19.32 -51.81
CA ASN K 131 26.86 19.39 -51.61
C ASN K 131 27.54 18.09 -52.02
N LEU K 132 26.95 16.95 -51.65
CA LEU K 132 27.51 15.67 -52.07
C LEU K 132 27.48 15.52 -53.58
N LYS K 133 26.39 15.98 -54.22
CA LYS K 133 26.31 15.93 -55.67
C LYS K 133 27.39 16.80 -56.31
N ARG K 134 27.66 17.97 -55.73
CA ARG K 134 28.71 18.83 -56.26
C ARG K 134 30.08 18.18 -56.12
N VAL K 135 30.35 17.54 -54.98
CA VAL K 135 31.63 16.86 -54.79
C VAL K 135 31.76 15.70 -55.77
N LEU K 136 30.66 14.97 -56.00
CA LEU K 136 30.69 13.88 -56.97
C LEU K 136 30.92 14.40 -58.38
N LYS K 137 30.37 15.58 -58.70
CA LYS K 137 30.63 16.21 -59.98
C LYS K 137 32.11 16.55 -60.13
N GLU K 138 32.72 17.06 -59.06
CA GLU K 138 34.16 17.31 -59.08
C GLU K 138 34.93 16.03 -59.32
N MET K 139 34.53 14.94 -58.65
CA MET K 139 35.18 13.65 -58.88
C MET K 139 35.07 13.22 -60.33
N GLU K 140 33.85 13.32 -60.89
CA GLU K 140 33.62 12.86 -62.25
C GLU K 140 34.41 13.69 -63.26
N GLU K 141 34.45 15.01 -63.09
CA GLU K 141 35.23 15.83 -63.99
C GLU K 141 36.73 15.62 -63.79
N LEU K 142 37.13 15.08 -62.64
CA LEU K 142 38.56 14.77 -62.40
C LEU K 142 38.95 13.51 -63.20
N GLY K 143 38.01 12.58 -63.38
CA GLY K 143 38.29 11.41 -64.18
C GLY K 143 37.69 10.09 -63.71
N PHE K 144 37.09 10.12 -62.52
CA PHE K 144 36.51 8.89 -61.95
C PHE K 144 35.03 8.79 -62.34
N THR K 145 34.42 7.62 -62.11
CA THR K 145 33.04 7.38 -62.49
C THR K 145 32.09 7.39 -61.28
N GLU K 146 32.39 6.59 -60.26
CA GLU K 146 31.50 6.47 -59.12
C GLU K 146 32.31 6.24 -57.85
N PHE K 147 31.67 6.49 -56.72
CA PHE K 147 32.26 6.36 -55.39
C PHE K 147 31.40 5.40 -54.58
N ASN K 148 31.69 4.11 -54.69
CA ASN K 148 30.90 3.09 -54.02
C ASN K 148 31.15 3.11 -52.52
N LEU K 149 30.09 2.83 -51.75
CA LEU K 149 30.18 2.77 -50.30
C LEU K 149 29.38 1.59 -49.77
N GLY K 150 29.96 0.88 -48.80
CA GLY K 150 29.22 -0.09 -48.03
C GLY K 150 29.35 0.18 -46.55
N PRO K 151 28.27 0.59 -45.90
CA PRO K 151 28.31 0.88 -44.47
C PRO K 151 27.95 -0.31 -43.60
N GLU K 152 28.42 -0.26 -42.36
CA GLU K 152 28.16 -1.31 -41.36
C GLU K 152 27.66 -0.66 -40.08
N PRO K 153 26.43 -0.14 -40.08
CA PRO K 153 25.91 0.51 -38.88
C PRO K 153 25.61 -0.46 -37.75
N GLU K 154 25.72 0.06 -36.53
CA GLU K 154 25.40 -0.69 -35.32
C GLU K 154 24.42 0.12 -34.48
N PHE K 155 23.44 -0.56 -33.88
CA PHE K 155 22.40 0.12 -33.12
C PHE K 155 22.12 -0.65 -31.83
N PHE K 156 21.57 0.06 -30.85
CA PHE K 156 21.20 -0.52 -29.56
C PHE K 156 19.69 -0.60 -29.45
N LEU K 157 19.23 -1.58 -28.68
CA LEU K 157 17.80 -1.78 -28.43
C LEU K 157 17.56 -1.75 -26.93
N PHE K 158 16.65 -0.88 -26.49
CA PHE K 158 16.34 -0.70 -25.08
C PHE K 158 14.88 -0.99 -24.82
N LYS K 159 14.60 -1.62 -23.69
CA LYS K 159 13.22 -1.94 -23.33
C LYS K 159 12.47 -0.68 -22.92
N LEU K 160 11.27 -0.52 -23.46
CA LEU K 160 10.43 0.63 -23.10
C LEU K 160 9.83 0.43 -21.72
N ASP K 161 9.47 1.55 -21.09
CA ASP K 161 8.86 1.53 -19.77
C ASP K 161 7.35 1.43 -19.91
N GLU K 162 6.63 1.58 -18.79
CA GLU K 162 5.17 1.52 -18.83
C GLU K 162 4.59 2.68 -19.63
N ASN K 163 5.20 3.86 -19.54
CA ASN K 163 4.76 5.05 -20.25
C ASN K 163 5.39 5.18 -21.63
N ARG K 164 5.80 4.07 -22.24
CA ARG K 164 6.45 4.07 -23.55
C ARG K 164 7.70 4.94 -23.55
N ARG K 165 8.48 4.84 -22.48
CA ARG K 165 9.72 5.57 -22.34
C ARG K 165 10.89 4.61 -22.28
N PRO K 166 12.02 4.95 -22.91
CA PRO K 166 13.18 4.04 -22.88
C PRO K 166 13.72 3.87 -21.47
N THR K 167 14.24 2.69 -21.20
CA THR K 167 14.91 2.38 -19.95
C THR K 167 16.39 2.11 -20.22
N LEU K 168 17.12 1.77 -19.17
CA LEU K 168 18.53 1.48 -19.27
C LEU K 168 18.81 -0.02 -19.36
N GLU K 169 17.78 -0.83 -19.52
CA GLU K 169 17.94 -2.28 -19.60
C GLU K 169 17.85 -2.73 -21.06
N LEU K 170 18.68 -3.71 -21.40
CA LEU K 170 18.79 -4.21 -22.76
C LEU K 170 17.87 -5.43 -22.95
N ASN K 171 17.55 -5.71 -24.21
CA ASN K 171 16.60 -6.79 -24.49
C ASN K 171 17.19 -8.17 -24.22
N ASP K 172 18.49 -8.36 -24.47
CA ASP K 172 19.11 -9.65 -24.22
C ASP K 172 20.58 -9.46 -23.86
N SER K 173 21.12 -10.43 -23.13
CA SER K 173 22.52 -10.41 -22.72
C SER K 173 23.33 -11.30 -23.68
N GLY K 174 23.45 -10.82 -24.90
CA GLY K 174 24.16 -11.55 -25.94
C GLY K 174 25.65 -11.27 -25.92
N GLY K 175 26.32 -11.81 -26.93
CA GLY K 175 27.75 -11.62 -27.08
C GLY K 175 28.13 -11.38 -28.53
N TYR K 176 29.43 -11.37 -28.83
CA TYR K 176 29.87 -11.12 -30.19
C TYR K 176 29.52 -12.29 -31.09
N PHE K 177 28.77 -12.02 -32.15
CA PHE K 177 28.32 -13.02 -33.11
C PHE K 177 27.48 -14.12 -32.47
N ASP K 178 26.98 -13.89 -31.26
CA ASP K 178 26.19 -14.88 -30.55
C ASP K 178 24.80 -15.00 -31.15
N LEU K 179 24.21 -16.18 -31.00
CA LEU K 179 22.83 -16.42 -31.41
C LEU K 179 21.92 -16.11 -30.22
N ALA K 180 21.87 -14.82 -29.88
CA ALA K 180 21.21 -14.36 -28.67
C ALA K 180 19.69 -14.28 -28.80
N PRO K 181 19.12 -13.58 -29.78
CA PRO K 181 17.66 -13.44 -29.85
C PRO K 181 16.95 -14.72 -30.27
N THR K 182 17.68 -15.74 -30.68
CA THR K 182 17.13 -17.04 -31.10
C THR K 182 15.99 -16.91 -32.10
N ASP K 183 14.81 -17.41 -31.73
CA ASP K 183 13.69 -17.53 -32.66
C ASP K 183 12.36 -17.45 -31.92
N LEU K 184 11.31 -18.00 -32.54
CA LEU K 184 9.95 -18.02 -31.92
C LEU K 184 9.47 -16.58 -31.63
N GLY K 185 9.25 -15.79 -32.69
CA GLY K 185 8.75 -14.44 -32.52
C GLY K 185 9.86 -13.52 -32.06
N GLU K 186 9.48 -12.32 -31.62
CA GLU K 186 10.41 -11.25 -31.31
C GLU K 186 11.54 -11.19 -32.34
N ASN K 187 12.78 -11.34 -31.87
CA ASN K 187 13.96 -11.29 -32.74
C ASN K 187 13.90 -10.09 -33.67
N CYS K 188 13.95 -8.88 -33.10
CA CYS K 188 13.73 -7.68 -33.87
C CYS K 188 14.71 -7.53 -35.02
N ARG K 189 15.93 -8.04 -34.87
CA ARG K 189 16.90 -7.95 -35.95
C ARG K 189 16.45 -8.77 -37.17
N ARG K 190 15.94 -9.98 -36.94
CA ARG K 190 15.48 -10.80 -38.06
C ARG K 190 14.31 -10.14 -38.77
N ASP K 191 13.36 -9.58 -38.02
CA ASP K 191 12.22 -8.90 -38.62
C ASP K 191 12.67 -7.67 -39.39
N ILE K 192 13.64 -6.93 -38.85
CA ILE K 192 14.15 -5.75 -39.55
C ILE K 192 14.79 -6.16 -40.87
N VAL K 193 15.61 -7.22 -40.85
CA VAL K 193 16.24 -7.68 -42.08
C VAL K 193 15.21 -8.14 -43.09
N LEU K 194 14.19 -8.87 -42.63
CA LEU K 194 13.16 -9.35 -43.55
C LEU K 194 12.37 -8.21 -44.17
N GLU K 195 12.00 -7.20 -43.36
CA GLU K 195 11.28 -6.05 -43.90
C GLU K 195 12.14 -5.27 -44.88
N LEU K 196 13.42 -5.09 -44.57
CA LEU K 196 14.31 -4.38 -45.48
C LEU K 196 14.46 -5.13 -46.80
N GLU K 197 14.56 -6.47 -46.74
CA GLU K 197 14.66 -7.26 -47.97
C GLU K 197 13.37 -7.19 -48.78
N GLU K 198 12.22 -7.28 -48.12
CA GLU K 198 10.94 -7.15 -48.82
C GLU K 198 10.81 -5.77 -49.47
N MET K 199 11.33 -4.74 -48.80
CA MET K 199 11.18 -3.38 -49.29
C MET K 199 12.06 -3.08 -50.49
N GLY K 200 13.13 -3.84 -50.69
CA GLY K 200 13.97 -3.68 -51.87
C GLY K 200 15.38 -3.23 -51.59
N PHE K 201 15.92 -3.58 -50.43
CA PHE K 201 17.28 -3.25 -50.07
C PHE K 201 18.17 -4.49 -50.15
N GLU K 202 19.45 -4.26 -50.35
CA GLU K 202 20.44 -5.32 -50.47
C GLU K 202 21.19 -5.43 -49.14
N ILE K 203 21.07 -6.58 -48.48
CA ILE K 203 21.67 -6.82 -47.18
C ILE K 203 22.68 -7.96 -47.33
N GLU K 204 23.91 -7.72 -46.85
CA GLU K 204 24.93 -8.76 -46.91
C GLU K 204 24.78 -9.75 -45.76
N ALA K 205 24.90 -9.27 -44.53
CA ALA K 205 24.79 -10.15 -43.37
C ALA K 205 24.46 -9.32 -42.14
N SER K 206 23.92 -9.99 -41.14
CA SER K 206 23.62 -9.36 -39.86
C SER K 206 24.05 -10.30 -38.74
N HIS K 207 24.43 -9.71 -37.61
CA HIS K 207 24.93 -10.48 -36.48
C HIS K 207 24.76 -9.65 -35.21
N HIS K 208 25.13 -10.26 -34.09
CA HIS K 208 25.06 -9.63 -32.78
C HIS K 208 26.43 -9.07 -32.42
N GLU K 209 26.47 -7.80 -32.02
CA GLU K 209 27.73 -7.18 -31.66
C GLU K 209 28.15 -7.62 -30.26
N VAL K 210 29.39 -7.28 -29.91
CA VAL K 210 29.97 -7.78 -28.66
C VAL K 210 29.22 -7.25 -27.45
N ALA K 211 28.72 -6.02 -27.51
CA ALA K 211 27.93 -5.49 -26.41
C ALA K 211 26.58 -6.19 -26.37
N PRO K 212 26.00 -6.38 -25.18
CA PRO K 212 24.63 -6.92 -25.12
C PRO K 212 23.65 -5.99 -25.80
N GLY K 213 22.63 -6.58 -26.40
CA GLY K 213 21.58 -5.78 -27.02
C GLY K 213 22.03 -4.93 -28.19
N GLN K 214 23.23 -5.14 -28.71
CA GLN K 214 23.77 -4.38 -29.82
C GLN K 214 23.81 -5.27 -31.06
N HIS K 215 23.29 -4.76 -32.16
CA HIS K 215 23.17 -5.52 -33.40
C HIS K 215 23.78 -4.74 -34.54
N GLU K 216 24.30 -5.45 -35.53
CA GLU K 216 24.91 -4.85 -36.71
C GLU K 216 24.31 -5.48 -37.97
N ILE K 217 23.99 -4.63 -38.94
CA ILE K 217 23.46 -5.07 -40.23
C ILE K 217 24.35 -4.47 -41.32
N ASP K 218 24.84 -5.33 -42.20
CA ASP K 218 25.74 -4.91 -43.27
C ASP K 218 24.98 -4.74 -44.57
N PHE K 219 25.42 -3.77 -45.37
CA PHE K 219 24.79 -3.44 -46.64
C PHE K 219 25.71 -3.80 -47.79
N LYS K 220 25.13 -3.90 -48.98
CA LYS K 220 25.92 -4.10 -50.19
C LYS K 220 26.58 -2.77 -50.60
N TYR K 221 27.21 -2.79 -51.76
CA TYR K 221 28.00 -1.66 -52.24
C TYR K 221 27.28 -1.00 -53.41
N GLU K 222 26.78 0.20 -53.20
CA GLU K 222 26.11 0.99 -54.21
C GLU K 222 26.72 2.40 -54.24
N ASP K 223 26.10 3.29 -55.02
CA ASP K 223 26.61 4.64 -55.16
C ASP K 223 26.48 5.41 -53.85
N ALA K 224 27.20 6.53 -53.76
CA ALA K 224 27.25 7.30 -52.52
C ALA K 224 25.88 7.86 -52.16
N ILE K 225 25.20 8.47 -53.12
CA ILE K 225 23.88 9.05 -52.85
C ILE K 225 22.90 7.96 -52.46
N THR K 226 22.91 6.84 -53.19
CA THR K 226 22.08 5.71 -52.82
C THR K 226 22.49 5.13 -51.48
N ALA K 227 23.78 5.21 -51.14
CA ALA K 227 24.21 4.76 -49.81
C ALA K 227 23.60 5.63 -48.72
N CYS K 228 23.60 6.95 -48.92
CA CYS K 228 22.97 7.84 -47.95
C CYS K 228 21.48 7.54 -47.83
N ASP K 229 20.80 7.36 -48.96
CA ASP K 229 19.37 7.07 -48.92
C ASP K 229 19.11 5.76 -48.18
N SER K 230 19.92 4.74 -48.44
CA SER K 230 19.78 3.47 -47.75
C SER K 230 20.02 3.62 -46.26
N ILE K 231 21.01 4.40 -45.87
CA ILE K 231 21.31 4.59 -44.45
C ILE K 231 20.14 5.28 -43.74
N GLN K 232 19.61 6.34 -44.34
CA GLN K 232 18.50 7.05 -43.72
C GLN K 232 17.26 6.18 -43.64
N THR K 233 16.95 5.45 -44.72
CA THR K 233 15.80 4.56 -44.69
C THR K 233 15.99 3.45 -43.67
N PHE K 234 17.22 2.94 -43.54
CA PHE K 234 17.51 1.92 -42.54
C PHE K 234 17.28 2.44 -41.14
N LYS K 235 17.73 3.66 -40.86
CA LYS K 235 17.48 4.25 -39.54
C LYS K 235 15.99 4.37 -39.27
N LEU K 236 15.24 4.88 -40.25
CA LEU K 236 13.80 5.04 -40.06
C LEU K 236 13.12 3.69 -39.83
N VAL K 237 13.47 2.68 -40.63
CA VAL K 237 12.83 1.37 -40.52
C VAL K 237 13.18 0.71 -39.20
N VAL K 238 14.44 0.80 -38.78
CA VAL K 238 14.84 0.21 -37.50
C VAL K 238 14.08 0.86 -36.36
N LYS K 239 13.98 2.19 -36.37
CA LYS K 239 13.25 2.88 -35.30
C LYS K 239 11.79 2.46 -35.28
N THR K 240 11.15 2.44 -36.46
CA THR K 240 9.69 2.11 -36.54
C THR K 240 9.44 0.69 -36.03
N ILE K 241 10.16 -0.31 -36.55
CA ILE K 241 9.92 -1.72 -36.16
C ILE K 241 10.16 -1.90 -34.66
N ALA K 242 11.26 -1.35 -34.13
CA ALA K 242 11.53 -1.44 -32.68
C ALA K 242 10.34 -0.88 -31.90
N ARG K 243 9.89 0.34 -32.22
CA ARG K 243 8.74 0.98 -31.53
C ARG K 243 7.54 0.03 -31.55
N LYS K 244 7.23 -0.55 -32.72
CA LYS K 244 6.08 -1.49 -32.86
C LYS K 244 6.26 -2.66 -31.89
N HIS K 245 7.49 -3.19 -31.77
CA HIS K 245 7.75 -4.36 -30.88
C HIS K 245 8.00 -3.91 -29.44
N GLY K 246 7.63 -2.67 -29.09
CA GLY K 246 7.77 -2.18 -27.71
C GLY K 246 9.22 -2.02 -27.30
N LEU K 247 10.09 -1.59 -28.22
CA LEU K 247 11.48 -1.35 -27.90
C LEU K 247 11.89 0.01 -28.43
N HIS K 248 13.06 0.47 -27.98
CA HIS K 248 13.61 1.74 -28.45
C HIS K 248 14.94 1.48 -29.14
N ALA K 249 15.07 1.97 -30.36
CA ALA K 249 16.30 1.85 -31.14
C ALA K 249 17.11 3.12 -30.97
N THR K 250 18.38 2.97 -30.60
CA THR K 250 19.26 4.09 -30.34
C THR K 250 20.52 3.98 -31.19
N PHE K 251 20.87 5.08 -31.86
CA PHE K 251 22.10 5.16 -32.62
C PHE K 251 23.15 6.04 -31.94
N MET K 252 22.91 6.44 -30.69
CA MET K 252 23.91 7.20 -29.96
C MET K 252 25.14 6.34 -29.73
N PRO K 253 26.35 6.84 -30.03
CA PRO K 253 27.52 5.95 -30.10
C PRO K 253 27.81 5.20 -28.81
N LYS K 254 27.68 5.84 -27.64
CA LYS K 254 28.04 5.24 -26.36
C LYS K 254 26.88 5.38 -25.39
N PRO K 255 25.88 4.51 -25.51
CA PRO K 255 24.74 4.60 -24.58
C PRO K 255 25.09 4.39 -23.12
N LEU K 256 26.08 3.53 -22.83
CA LEU K 256 26.41 3.18 -21.46
C LEU K 256 27.92 3.19 -21.28
N PHE K 257 28.34 3.42 -20.04
CA PHE K 257 29.75 3.42 -19.68
C PHE K 257 30.21 1.98 -19.44
N GLY K 258 31.42 1.68 -19.85
CA GLY K 258 31.95 0.33 -19.74
C GLY K 258 31.39 -0.64 -20.74
N VAL K 259 30.63 -0.17 -21.73
CA VAL K 259 30.02 -1.00 -22.75
C VAL K 259 30.48 -0.50 -24.10
N ASN K 260 30.80 -1.42 -25.02
CA ASN K 260 31.37 -1.04 -26.30
C ASN K 260 30.41 -0.14 -27.07
N GLY K 261 30.98 0.80 -27.80
CA GLY K 261 30.21 1.77 -28.57
C GLY K 261 29.72 1.22 -29.89
N SER K 262 29.00 2.07 -30.60
CA SER K 262 28.41 1.74 -31.89
C SER K 262 29.21 2.42 -33.00
N GLY K 263 29.55 1.66 -34.04
CA GLY K 263 30.30 2.19 -35.16
C GLY K 263 29.59 2.01 -36.48
N MET K 264 29.99 2.80 -37.47
CA MET K 264 29.39 2.77 -38.81
C MET K 264 30.51 2.76 -39.85
N HIS K 265 31.42 1.80 -39.71
CA HIS K 265 32.57 1.68 -40.61
C HIS K 265 32.15 1.78 -42.07
N PHE K 266 32.87 2.61 -42.83
CA PHE K 266 32.62 2.81 -44.24
C PHE K 266 33.63 2.02 -45.06
N ASN K 267 33.13 1.10 -45.89
CA ASN K 267 33.95 0.38 -46.86
C ASN K 267 33.73 1.05 -48.22
N MET K 268 34.72 1.82 -48.65
CA MET K 268 34.59 2.68 -49.82
C MET K 268 35.63 2.31 -50.87
N SER K 269 35.23 2.39 -52.13
CA SER K 269 36.10 2.10 -53.26
C SER K 269 35.82 3.10 -54.37
N LEU K 270 36.82 3.33 -55.21
CA LEU K 270 36.74 4.29 -56.30
C LEU K 270 36.78 3.55 -57.62
N PHE K 271 35.90 3.94 -58.55
CA PHE K 271 35.76 3.27 -59.83
C PHE K 271 36.07 4.22 -60.97
N ASN K 272 36.59 3.66 -62.05
CA ASN K 272 36.85 4.42 -63.28
C ASN K 272 36.20 3.73 -64.46
N GLU K 273 36.52 4.18 -65.68
CA GLU K 273 35.96 3.55 -66.87
C GLU K 273 36.40 2.10 -66.99
N LYS K 274 37.69 1.83 -66.72
CA LYS K 274 38.18 0.46 -66.79
C LYS K 274 37.54 -0.42 -65.73
N GLY K 275 37.39 0.10 -64.51
CA GLY K 275 36.81 -0.68 -63.43
C GLY K 275 37.17 -0.13 -62.07
N ASN K 276 37.62 -1.00 -61.17
CA ASN K 276 38.05 -0.57 -59.84
C ASN K 276 39.39 0.14 -59.94
N ALA K 277 39.45 1.37 -59.43
CA ALA K 277 40.69 2.14 -59.47
C ALA K 277 41.64 1.80 -58.34
N PHE K 278 41.21 1.04 -57.35
CA PHE K 278 42.04 0.69 -56.20
C PHE K 278 42.74 -0.66 -56.36
N PHE K 279 42.57 -1.33 -57.49
CA PHE K 279 43.11 -2.67 -57.70
C PHE K 279 44.19 -2.64 -58.76
N ASP K 280 45.31 -3.30 -58.48
CA ASP K 280 46.40 -3.42 -59.43
C ASP K 280 47.22 -4.65 -59.06
N GLU K 281 47.24 -5.65 -59.95
CA GLU K 281 47.94 -6.89 -59.63
C GLU K 281 49.45 -6.69 -59.57
N SER K 282 49.98 -5.70 -60.29
CA SER K 282 51.42 -5.46 -60.33
C SER K 282 51.91 -4.54 -59.23
N GLY K 283 51.01 -4.00 -58.40
CA GLY K 283 51.39 -3.10 -57.33
C GLY K 283 51.58 -3.82 -56.01
N GLU K 284 52.18 -3.09 -55.06
CA GLU K 284 52.40 -3.63 -53.73
C GLU K 284 51.06 -3.82 -53.02
N LEU K 285 50.93 -4.95 -52.32
CA LEU K 285 49.70 -5.32 -51.61
C LEU K 285 48.51 -5.41 -52.55
N GLU K 286 48.76 -5.63 -53.84
CA GLU K 286 47.71 -5.65 -54.86
C GLU K 286 46.90 -4.35 -54.83
N LEU K 287 47.60 -3.23 -54.65
CA LEU K 287 47.00 -1.92 -54.55
C LEU K 287 47.57 -0.99 -55.61
N SER K 288 46.71 -0.20 -56.23
CA SER K 288 47.15 0.77 -57.22
C SER K 288 47.68 2.03 -56.54
N GLN K 289 48.43 2.81 -57.32
CA GLN K 289 48.93 4.08 -56.80
C GLN K 289 47.79 5.03 -56.44
N THR K 290 46.66 4.91 -57.13
CA THR K 290 45.48 5.69 -56.76
C THR K 290 45.01 5.36 -55.35
N ALA K 291 45.04 4.07 -55.00
CA ALA K 291 44.66 3.67 -53.65
C ALA K 291 45.59 4.25 -52.61
N TYR K 292 46.90 4.26 -52.89
CA TYR K 292 47.85 4.83 -51.94
C TYR K 292 47.68 6.33 -51.82
N HIS K 293 47.42 7.02 -52.93
CA HIS K 293 47.15 8.45 -52.85
C HIS K 293 45.89 8.73 -52.04
N PHE K 294 44.86 7.89 -52.24
CA PHE K 294 43.61 8.06 -51.46
C PHE K 294 43.91 7.85 -49.97
N LEU K 295 44.70 6.82 -49.64
CA LEU K 295 45.06 6.56 -48.25
C LEU K 295 45.81 7.73 -47.64
N ALA K 296 46.75 8.30 -48.39
CA ALA K 296 47.50 9.45 -47.90
C ALA K 296 46.57 10.65 -47.68
N GLY K 297 45.65 10.88 -48.61
CA GLY K 297 44.71 11.98 -48.43
C GLY K 297 43.81 11.79 -47.23
N MET K 298 43.34 10.55 -47.01
CA MET K 298 42.53 10.27 -45.83
C MET K 298 43.31 10.46 -44.54
N LEU K 299 44.56 9.99 -44.51
CA LEU K 299 45.34 10.07 -43.28
C LEU K 299 45.76 11.49 -42.96
N LYS K 300 46.07 12.29 -43.99
CA LYS K 300 46.55 13.65 -43.76
C LYS K 300 45.47 14.52 -43.13
N HIS K 301 44.23 14.40 -43.61
CA HIS K 301 43.14 15.27 -43.18
C HIS K 301 42.20 14.62 -42.17
N ALA K 302 42.58 13.47 -41.61
CA ALA K 302 41.68 12.76 -40.69
C ALA K 302 41.34 13.62 -39.49
N ARG K 303 42.35 14.28 -38.92
CA ARG K 303 42.10 15.21 -37.81
C ARG K 303 41.19 16.35 -38.24
N GLY K 304 41.22 16.72 -39.52
CA GLY K 304 40.37 17.79 -40.00
C GLY K 304 38.90 17.44 -39.99
N TYR K 305 38.55 16.26 -40.51
CA TYR K 305 37.16 15.87 -40.65
C TYR K 305 36.69 14.94 -39.54
N THR K 306 37.49 14.75 -38.48
CA THR K 306 37.03 13.98 -37.34
C THR K 306 35.76 14.57 -36.74
N ALA K 307 35.64 15.90 -36.77
CA ALA K 307 34.43 16.55 -36.26
C ALA K 307 33.22 16.20 -37.12
N VAL K 308 33.38 16.21 -38.44
CA VAL K 308 32.26 15.88 -39.32
C VAL K 308 31.87 14.41 -39.17
N THR K 309 32.86 13.52 -39.08
CA THR K 309 32.55 12.10 -38.94
C THR K 309 32.05 11.74 -37.55
N ASN K 310 32.34 12.57 -36.54
CA ASN K 310 31.89 12.35 -35.17
C ASN K 310 31.30 13.67 -34.67
N PRO K 311 30.05 13.96 -35.01
CA PRO K 311 29.49 15.29 -34.74
C PRO K 311 28.88 15.49 -33.36
N THR K 312 28.83 14.47 -32.52
CA THR K 312 28.19 14.58 -31.21
C THR K 312 29.25 14.56 -30.10
N ILE K 313 28.85 15.10 -28.95
CA ILE K 313 29.71 15.07 -27.77
C ILE K 313 29.94 13.63 -27.33
N ASN K 314 28.88 12.81 -27.34
CA ASN K 314 28.99 11.43 -26.89
C ASN K 314 29.85 10.59 -27.84
N SER K 315 30.05 11.07 -29.07
CA SER K 315 30.84 10.30 -30.04
C SER K 315 32.28 10.13 -29.58
N PHE K 316 32.87 11.18 -29.01
CA PHE K 316 34.27 11.11 -28.58
C PHE K 316 34.45 10.28 -27.32
N LYS K 317 33.38 9.97 -26.60
CA LYS K 317 33.49 9.01 -25.51
C LYS K 317 33.76 7.60 -26.03
N ARG K 318 33.37 7.33 -27.28
CA ARG K 318 33.68 6.05 -27.90
C ARG K 318 35.14 6.00 -28.34
N LEU K 319 35.70 7.13 -28.77
CA LEU K 319 37.08 7.19 -29.26
C LEU K 319 38.04 7.31 -28.07
N VAL K 320 38.21 6.19 -27.38
CA VAL K 320 39.13 6.08 -26.24
C VAL K 320 40.18 5.04 -26.61
N PRO K 321 41.41 5.13 -26.10
CA PRO K 321 42.42 4.12 -26.42
C PRO K 321 42.00 2.72 -25.98
N GLY K 322 42.14 1.75 -26.88
CA GLY K 322 41.79 0.38 -26.59
C GLY K 322 42.24 -0.59 -27.65
N TYR K 323 41.40 -1.59 -27.95
CA TYR K 323 41.70 -2.57 -29.00
C TYR K 323 40.66 -2.55 -30.11
N GLU K 324 39.60 -1.75 -29.99
CA GLU K 324 38.58 -1.66 -31.01
C GLU K 324 38.16 -0.25 -31.37
N ALA K 325 38.60 0.77 -30.63
CA ALA K 325 38.23 2.15 -30.91
C ALA K 325 39.39 2.87 -31.56
N PRO K 326 39.25 3.36 -32.80
CA PRO K 326 40.37 4.04 -33.45
C PRO K 326 40.58 5.45 -32.92
N CYS K 327 41.64 5.64 -32.13
CA CYS K 327 42.02 6.95 -31.65
C CYS K 327 43.42 7.34 -32.12
N TYR K 328 43.94 6.65 -33.13
CA TYR K 328 45.26 6.91 -33.69
C TYR K 328 45.12 7.17 -35.18
N ILE K 329 46.15 7.78 -35.77
CA ILE K 329 46.16 8.04 -37.20
C ILE K 329 47.17 7.11 -37.86
N ALA K 330 46.70 5.97 -38.34
CA ALA K 330 47.57 5.00 -38.99
C ALA K 330 46.70 4.06 -39.83
N TRP K 331 47.35 3.39 -40.79
CA TRP K 331 46.69 2.44 -41.66
C TRP K 331 47.44 1.12 -41.65
N SER K 332 46.69 0.02 -41.79
CA SER K 332 47.28 -1.31 -41.77
C SER K 332 46.33 -2.29 -42.44
N GLY K 333 46.86 -3.45 -42.78
CA GLY K 333 46.06 -4.49 -43.40
C GLY K 333 46.28 -5.87 -42.79
N LYS K 334 47.13 -5.95 -41.77
CA LYS K 334 47.44 -7.23 -41.15
C LYS K 334 47.00 -7.29 -39.68
N ASN K 335 47.44 -6.31 -38.88
CA ASN K 335 47.14 -6.36 -37.45
C ASN K 335 45.68 -6.04 -37.16
N ARG K 336 45.03 -5.33 -38.08
CA ARG K 336 43.66 -4.83 -37.91
C ARG K 336 43.58 -3.84 -36.75
N SER K 337 42.36 -3.37 -36.47
CA SER K 337 42.06 -2.28 -35.56
C SER K 337 42.92 -1.03 -35.78
N PRO K 338 43.16 -0.59 -37.04
CA PRO K 338 43.78 0.72 -37.23
C PRO K 338 42.72 1.81 -37.40
N LEU K 339 43.13 3.04 -37.66
CA LEU K 339 42.18 4.05 -38.10
C LEU K 339 41.57 3.67 -39.45
N VAL K 340 42.42 3.29 -40.41
CA VAL K 340 42.00 2.86 -41.74
C VAL K 340 42.51 1.45 -41.96
N ARG K 341 41.60 0.54 -42.28
CA ARG K 341 41.93 -0.87 -42.49
C ARG K 341 41.64 -1.26 -43.92
N VAL K 342 42.53 -2.04 -44.51
CA VAL K 342 42.39 -2.53 -45.88
C VAL K 342 41.98 -4.00 -45.80
N PRO K 343 40.76 -4.36 -46.17
CA PRO K 343 40.35 -5.77 -46.11
C PRO K 343 41.18 -6.62 -47.07
N SER K 344 41.33 -7.90 -46.71
CA SER K 344 42.15 -8.81 -47.48
C SER K 344 41.58 -9.08 -48.87
N SER K 345 40.29 -8.88 -49.07
CA SER K 345 39.69 -9.12 -50.38
C SER K 345 40.24 -8.16 -51.41
N ARG K 346 40.44 -8.66 -52.63
CA ARG K 346 40.99 -7.84 -53.71
C ARG K 346 40.15 -7.99 -54.97
N GLY K 347 40.65 -7.43 -56.08
CA GLY K 347 39.89 -7.45 -57.32
C GLY K 347 38.85 -6.35 -57.37
N LEU K 348 37.65 -6.66 -57.84
CA LEU K 348 36.57 -5.69 -57.86
C LEU K 348 36.08 -5.35 -56.45
N SER K 349 36.46 -6.11 -55.44
CA SER K 349 36.07 -5.87 -54.06
C SER K 349 37.11 -5.11 -53.27
N THR K 350 38.18 -4.66 -53.93
CA THR K 350 39.22 -3.89 -53.25
C THR K 350 38.63 -2.60 -52.68
N ARG K 351 38.95 -2.32 -51.42
CA ARG K 351 38.34 -1.18 -50.74
C ARG K 351 39.20 -0.77 -49.56
N LEU K 352 38.95 0.45 -49.09
CA LEU K 352 39.58 0.99 -47.88
C LEU K 352 38.50 1.26 -46.86
N GLU K 353 38.69 0.75 -45.64
CA GLU K 353 37.68 0.87 -44.59
C GLU K 353 38.12 1.93 -43.58
N LEU K 354 37.23 2.89 -43.32
CA LEU K 354 37.45 3.89 -42.28
C LEU K 354 36.56 3.55 -41.08
N ARG K 355 37.19 3.35 -39.92
CA ARG K 355 36.50 2.84 -38.74
C ARG K 355 36.16 3.91 -37.72
N SER K 356 36.43 5.18 -38.01
CA SER K 356 36.17 6.25 -37.05
C SER K 356 34.77 6.82 -37.14
N VAL K 357 33.97 6.39 -38.10
CA VAL K 357 32.62 6.94 -38.29
C VAL K 357 31.66 6.24 -37.32
N ASP K 358 30.71 6.99 -36.80
CA ASP K 358 29.69 6.50 -35.89
C ASP K 358 28.30 6.75 -36.49
N PRO K 359 27.29 5.97 -36.07
CA PRO K 359 25.97 6.10 -36.70
C PRO K 359 25.32 7.46 -36.55
N SER K 360 25.70 8.27 -35.56
CA SER K 360 25.07 9.57 -35.39
C SER K 360 25.53 10.59 -36.43
N ALA K 361 26.55 10.28 -37.22
CA ALA K 361 27.07 11.21 -38.21
C ALA K 361 26.12 11.32 -39.41
N ASN K 362 26.21 12.45 -40.08
CA ASN K 362 25.46 12.66 -41.31
C ASN K 362 26.20 12.01 -42.47
N PRO K 363 25.63 11.00 -43.13
CA PRO K 363 26.38 10.33 -44.22
C PRO K 363 26.75 11.24 -45.37
N TYR K 364 25.87 12.20 -45.71
CA TYR K 364 26.16 13.10 -46.82
C TYR K 364 27.42 13.91 -46.55
N LEU K 365 27.46 14.59 -45.40
CA LEU K 365 28.64 15.38 -45.06
C LEU K 365 29.86 14.48 -44.87
N ALA K 366 29.66 13.29 -44.30
CA ALA K 366 30.77 12.39 -44.04
C ALA K 366 31.48 12.01 -45.35
N MET K 367 30.73 11.51 -46.33
CA MET K 367 31.42 11.19 -47.57
C MET K 367 31.79 12.41 -48.39
N ALA K 368 31.12 13.54 -48.21
CA ALA K 368 31.57 14.75 -48.87
C ALA K 368 32.98 15.11 -48.45
N VAL K 369 33.22 15.17 -47.14
CA VAL K 369 34.55 15.52 -46.65
C VAL K 369 35.55 14.40 -46.95
N LEU K 370 35.12 13.14 -46.86
CA LEU K 370 36.03 12.04 -47.16
C LEU K 370 36.46 12.06 -48.61
N LEU K 371 35.50 12.21 -49.53
CA LEU K 371 35.84 12.20 -50.98
C LEU K 371 36.81 13.35 -51.26
N LYS K 372 36.52 14.54 -50.73
CA LYS K 372 37.40 15.72 -50.93
C LYS K 372 38.81 15.41 -50.45
N ALA K 373 38.94 14.94 -49.20
CA ALA K 373 40.27 14.63 -48.63
C ALA K 373 41.00 13.60 -49.51
N GLY K 374 40.35 12.48 -49.82
CA GLY K 374 40.98 11.42 -50.63
C GLY K 374 41.38 11.94 -52.00
N LEU K 375 40.49 12.68 -52.67
CA LEU K 375 40.78 13.20 -54.04
C LEU K 375 41.92 14.23 -53.97
N SER K 376 41.97 15.03 -52.90
CA SER K 376 43.10 15.99 -52.73
C SER K 376 44.40 15.21 -52.61
N GLY K 377 44.39 14.07 -51.91
CA GLY K 377 45.59 13.22 -51.81
C GLY K 377 46.01 12.71 -53.17
N ILE K 378 45.05 12.40 -54.04
CA ILE K 378 45.37 11.93 -55.43
C ILE K 378 45.94 13.11 -56.22
N LYS K 379 45.27 14.27 -56.18
CA LYS K 379 45.74 15.48 -56.91
C LYS K 379 47.17 15.80 -56.48
N ASP K 380 47.44 15.78 -55.18
CA ASP K 380 48.77 16.11 -54.67
C ASP K 380 49.75 14.94 -54.78
N GLU K 381 49.27 13.75 -55.12
CA GLU K 381 50.11 12.56 -55.26
C GLU K 381 50.90 12.29 -53.98
N LEU K 382 50.25 12.46 -52.84
CA LEU K 382 50.91 12.26 -51.56
C LEU K 382 51.26 10.79 -51.36
N THR K 383 52.41 10.55 -50.75
CA THR K 383 52.85 9.20 -50.43
C THR K 383 52.40 8.85 -49.02
N PRO K 384 51.63 7.77 -48.82
CA PRO K 384 51.15 7.47 -47.48
C PRO K 384 52.27 6.97 -46.60
N PRO K 385 52.16 7.13 -45.29
CA PRO K 385 53.19 6.58 -44.38
C PRO K 385 53.16 5.07 -44.38
N ALA K 386 54.30 4.50 -43.97
CA ALA K 386 54.42 3.05 -43.94
C ALA K 386 53.42 2.46 -42.95
N PRO K 387 52.77 1.35 -43.31
CA PRO K 387 51.79 0.75 -42.39
C PRO K 387 52.45 0.22 -41.13
N VAL K 388 51.70 0.24 -40.04
CA VAL K 388 52.16 -0.26 -38.75
C VAL K 388 51.35 -1.49 -38.39
N ASP K 389 52.05 -2.59 -38.10
CA ASP K 389 51.40 -3.83 -37.70
C ASP K 389 51.83 -4.28 -36.31
N ARG K 390 52.34 -3.35 -35.49
CA ARG K 390 52.86 -3.67 -34.18
C ARG K 390 51.83 -3.47 -33.07
N ASN K 391 50.54 -3.55 -33.40
CA ASN K 391 49.48 -3.50 -32.38
C ASN K 391 49.58 -2.20 -31.57
N ILE K 392 49.28 -1.07 -32.19
CA ILE K 392 49.66 0.21 -31.58
C ILE K 392 48.68 0.55 -30.46
N TYR K 393 48.92 -0.06 -29.30
CA TYR K 393 48.24 0.27 -28.06
C TYR K 393 49.22 0.30 -26.89
N GLY K 394 50.35 -0.41 -27.05
CA GLY K 394 51.25 -0.64 -25.95
C GLY K 394 52.57 0.09 -26.02
N MET K 395 52.98 0.50 -27.21
CA MET K 395 54.26 1.19 -27.35
C MET K 395 54.24 2.50 -26.59
N ASN K 396 55.41 2.89 -26.08
CA ASN K 396 55.52 4.10 -25.27
C ASN K 396 55.24 5.35 -26.11
N GLU K 397 54.99 6.46 -25.41
CA GLU K 397 54.69 7.71 -26.11
C GLU K 397 55.84 8.14 -27.00
N GLU K 398 57.08 7.88 -26.57
CA GLU K 398 58.22 8.16 -27.43
C GLU K 398 58.20 7.30 -28.68
N GLU K 399 57.83 6.03 -28.53
CA GLU K 399 57.73 5.15 -29.69
C GLU K 399 56.66 5.62 -30.66
N ARG K 400 55.50 6.03 -30.14
CA ARG K 400 54.45 6.56 -30.99
C ARG K 400 54.89 7.85 -31.67
N GLU K 401 55.61 8.71 -30.95
CA GLU K 401 56.08 9.96 -31.54
C GLU K 401 57.17 9.72 -32.59
N ALA K 402 57.98 8.67 -32.41
CA ALA K 402 59.01 8.37 -33.40
C ALA K 402 58.39 8.03 -34.75
N THR K 403 57.34 7.22 -34.75
CA THR K 403 56.57 6.94 -35.94
C THR K 403 55.58 8.09 -36.19
N GLY K 404 55.00 8.13 -37.38
CA GLY K 404 54.05 9.17 -37.71
C GLY K 404 52.67 8.94 -37.12
N ILE K 405 52.61 8.27 -35.96
CA ILE K 405 51.36 7.99 -35.28
C ILE K 405 50.92 9.23 -34.52
N TYR K 406 49.68 9.66 -34.75
CA TYR K 406 49.11 10.81 -34.08
C TYR K 406 47.71 10.46 -33.60
N ASP K 407 47.27 11.15 -32.55
CA ASP K 407 45.97 10.90 -31.94
C ASP K 407 44.91 11.80 -32.55
N LEU K 408 43.70 11.25 -32.68
CA LEU K 408 42.55 12.04 -33.09
C LEU K 408 42.16 13.01 -31.98
N PRO K 409 41.44 14.08 -32.31
CA PRO K 409 40.99 15.00 -31.26
C PRO K 409 40.16 14.28 -30.20
N GLU K 410 40.43 14.62 -28.95
CA GLU K 410 39.82 13.93 -27.81
C GLU K 410 38.49 14.55 -27.38
N SER K 411 38.10 15.68 -27.96
CA SER K 411 36.87 16.35 -27.57
C SER K 411 36.30 17.08 -28.77
N LEU K 412 35.02 17.43 -28.67
CA LEU K 412 34.35 18.11 -29.78
C LEU K 412 34.95 19.49 -30.03
N GLY K 413 35.40 20.18 -28.99
CA GLY K 413 35.97 21.51 -29.17
C GLY K 413 37.26 21.47 -29.98
N HIS K 414 38.15 20.53 -29.68
CA HIS K 414 39.39 20.41 -30.43
C HIS K 414 39.11 20.04 -31.88
N ALA K 415 38.13 19.16 -32.11
CA ALA K 415 37.75 18.81 -33.47
C ALA K 415 37.20 20.01 -34.22
N LEU K 416 36.41 20.85 -33.54
CA LEU K 416 35.91 22.07 -34.16
C LEU K 416 37.05 23.02 -34.50
N ILE K 417 38.04 23.13 -33.61
CA ILE K 417 39.21 23.96 -33.89
C ILE K 417 39.93 23.43 -35.12
N GLU K 418 40.09 22.11 -35.22
CA GLU K 418 40.74 21.52 -36.38
C GLU K 418 39.96 21.81 -37.66
N LEU K 419 38.64 21.73 -37.59
CA LEU K 419 37.81 22.11 -38.74
C LEU K 419 38.04 23.56 -39.13
N GLU K 420 38.07 24.45 -38.14
CA GLU K 420 38.27 25.87 -38.43
C GLU K 420 39.66 26.13 -39.00
N LYS K 421 40.63 25.26 -38.71
CA LYS K 421 41.96 25.43 -39.25
C LYS K 421 42.06 24.89 -40.68
N ASN K 422 41.53 23.69 -40.91
CA ASN K 422 41.65 23.06 -42.22
C ASN K 422 40.79 23.79 -43.24
N GLU K 423 41.34 23.94 -44.45
CA GLU K 423 40.66 24.65 -45.53
C GLU K 423 40.07 23.73 -46.59
N ILE K 424 40.70 22.59 -46.85
CA ILE K 424 40.18 21.65 -47.85
C ILE K 424 38.83 21.11 -47.43
N ILE K 425 38.70 20.76 -46.14
CA ILE K 425 37.42 20.25 -45.64
C ILE K 425 36.35 21.33 -45.72
N LYS K 426 36.73 22.58 -45.52
CA LYS K 426 35.77 23.68 -45.69
C LYS K 426 35.25 23.73 -47.13
N ASP K 427 36.15 23.56 -48.10
CA ASP K 427 35.72 23.53 -49.50
C ASP K 427 34.82 22.34 -49.77
N GLY K 428 35.15 21.18 -49.21
CA GLY K 428 34.32 20.01 -49.38
C GLY K 428 32.93 20.16 -48.77
N LEU K 429 32.83 20.87 -47.66
CA LEU K 429 31.56 21.11 -47.00
C LEU K 429 30.77 22.25 -47.61
N GLY K 430 31.41 23.12 -48.38
CA GLY K 430 30.78 24.35 -48.82
C GLY K 430 30.81 25.41 -47.72
N GLU K 431 30.30 26.59 -48.06
CA GLU K 431 30.27 27.67 -47.09
C GLU K 431 29.12 27.51 -46.11
N HIS K 432 27.89 27.60 -46.61
CA HIS K 432 26.70 27.64 -45.76
C HIS K 432 26.69 26.48 -44.76
N ILE K 433 26.93 25.27 -45.26
CA ILE K 433 26.97 24.11 -44.39
C ILE K 433 28.08 24.27 -43.35
N PHE K 434 29.22 24.81 -43.75
CA PHE K 434 30.33 24.97 -42.80
C PHE K 434 29.96 25.90 -41.66
N GLU K 435 29.46 27.11 -41.97
CA GLU K 435 29.13 28.03 -40.89
C GLU K 435 27.98 27.51 -40.04
N HIS K 436 26.97 26.90 -40.66
CA HIS K 436 25.86 26.39 -39.86
C HIS K 436 26.31 25.26 -38.94
N PHE K 437 27.13 24.34 -39.43
CA PHE K 437 27.66 23.27 -38.61
C PHE K 437 28.50 23.82 -37.47
N ILE K 438 29.36 24.80 -37.77
CA ILE K 438 30.20 25.38 -36.73
C ILE K 438 29.36 26.05 -35.66
N GLU K 439 28.35 26.81 -36.07
CA GLU K 439 27.49 27.49 -35.11
C GLU K 439 26.75 26.50 -34.22
N ALA K 440 26.12 25.49 -34.84
CA ALA K 440 25.36 24.52 -34.07
C ALA K 440 26.25 23.75 -33.11
N LYS K 441 27.43 23.32 -33.57
CA LYS K 441 28.31 22.54 -32.72
C LYS K 441 28.89 23.37 -31.60
N THR K 442 29.20 24.65 -31.86
CA THR K 442 29.68 25.52 -30.80
C THR K 442 28.61 25.75 -29.76
N ILE K 443 27.36 25.94 -30.19
CA ILE K 443 26.26 26.11 -29.24
C ILE K 443 26.10 24.85 -28.39
N GLU K 444 26.15 23.69 -29.03
CA GLU K 444 26.00 22.43 -28.29
C GLU K 444 27.14 22.23 -27.30
N CYS K 445 28.37 22.55 -27.71
CA CYS K 445 29.52 22.42 -26.82
C CYS K 445 29.42 23.38 -25.64
N ASP K 446 28.96 24.61 -25.89
CA ASP K 446 28.80 25.57 -24.81
C ASP K 446 27.73 25.10 -23.83
N MET K 447 26.63 24.52 -24.36
CA MET K 447 25.60 23.98 -23.48
C MET K 447 26.14 22.85 -22.62
N PHE K 448 26.94 21.95 -23.21
CA PHE K 448 27.53 20.87 -22.44
C PHE K 448 28.50 21.39 -21.40
N ARG K 449 29.27 22.42 -21.74
CA ARG K 449 30.31 22.91 -20.85
C ARG K 449 29.73 23.52 -19.58
N THR K 450 28.64 24.28 -19.70
CA THR K 450 28.09 24.99 -18.55
C THR K 450 27.16 24.13 -17.72
N ALA K 451 26.84 22.92 -18.15
CA ALA K 451 25.94 22.06 -17.39
C ALA K 451 26.67 21.46 -16.20
N VAL K 452 25.89 21.12 -15.16
CA VAL K 452 26.40 20.46 -13.97
C VAL K 452 25.85 19.04 -13.96
N HIS K 453 26.76 18.07 -13.90
CA HIS K 453 26.40 16.67 -14.03
C HIS K 453 26.40 15.97 -12.67
N PRO K 454 25.61 14.91 -12.53
CA PRO K 454 25.59 14.18 -11.24
C PRO K 454 26.93 13.57 -10.87
N TRP K 455 27.82 13.45 -11.86
CA TRP K 455 29.20 12.93 -11.59
C TRP K 455 29.91 13.90 -10.65
N GLU K 456 29.90 15.20 -10.98
CA GLU K 456 30.57 16.23 -10.14
C GLU K 456 30.06 16.13 -8.71
N ARG K 457 28.74 16.06 -8.53
CA ARG K 457 28.13 15.97 -7.18
C ARG K 457 28.69 14.74 -6.45
N GLU K 458 28.60 13.55 -7.06
CA GLU K 458 29.05 12.31 -6.39
C GLU K 458 30.57 12.35 -6.12
N GLN K 459 31.30 13.26 -6.74
CA GLN K 459 32.78 13.27 -6.60
C GLN K 459 33.27 14.42 -5.70
N TYR K 460 32.48 15.49 -5.52
CA TYR K 460 32.99 16.65 -4.75
C TYR K 460 31.99 17.15 -3.69
N LEU K 461 30.72 16.75 -3.75
CA LEU K 461 29.72 17.30 -2.79
C LEU K 461 30.10 16.91 -1.36
N GLU K 462 30.23 15.61 -1.08
CA GLU K 462 30.55 15.15 0.29
C GLU K 462 32.05 15.35 0.57
N ILE K 463 32.89 15.17 -0.46
CA ILE K 463 34.37 15.30 -0.29
C ILE K 463 34.70 16.76 0.07
N TYR K 464 34.21 17.72 -0.73
CA TYR K 464 34.44 19.15 -0.44
C TYR K 464 33.15 19.78 0.07
N ALA L 22 -6.08 -62.68 -26.20
CA ALA L 22 -5.38 -61.81 -27.14
C ALA L 22 -6.32 -60.77 -27.73
N LYS L 23 -6.58 -59.72 -26.95
CA LYS L 23 -7.46 -58.65 -27.42
C LYS L 23 -6.81 -57.90 -28.59
N TYR L 24 -5.51 -57.66 -28.53
CA TYR L 24 -4.78 -56.95 -29.56
C TYR L 24 -3.51 -57.72 -29.92
N THR L 25 -3.02 -57.46 -31.13
CA THR L 25 -1.76 -58.03 -31.62
C THR L 25 -0.84 -56.89 -32.05
N LYS L 26 0.37 -57.27 -32.48
CA LYS L 26 1.35 -56.27 -32.90
C LYS L 26 0.84 -55.47 -34.10
N GLU L 27 0.27 -56.17 -35.08
CA GLU L 27 -0.24 -55.49 -36.27
C GLU L 27 -1.38 -54.55 -35.91
N ASP L 28 -2.23 -54.95 -34.96
CA ASP L 28 -3.30 -54.07 -34.52
C ASP L 28 -2.76 -52.80 -33.88
N ILE L 29 -1.71 -52.93 -33.07
CA ILE L 29 -1.11 -51.76 -32.45
C ILE L 29 -0.51 -50.84 -33.50
N PHE L 30 0.19 -51.41 -34.48
CA PHE L 30 0.76 -50.60 -35.55
C PHE L 30 -0.34 -49.88 -36.32
N ARG L 31 -1.44 -50.58 -36.62
CA ARG L 31 -2.54 -49.97 -37.35
C ARG L 31 -3.18 -48.85 -36.55
N PHE L 32 -3.36 -49.05 -35.25
CA PHE L 32 -3.93 -47.99 -34.40
C PHE L 32 -3.02 -46.77 -34.39
N ALA L 33 -1.73 -46.99 -34.19
CA ALA L 33 -0.78 -45.87 -34.19
C ALA L 33 -0.78 -45.14 -35.53
N ASP L 34 -1.01 -45.87 -36.62
CA ASP L 34 -1.05 -45.23 -37.94
C ASP L 34 -2.35 -44.45 -38.14
N GLU L 35 -3.47 -44.95 -37.64
CA GLU L 35 -4.76 -44.40 -38.05
C GLU L 35 -5.30 -43.33 -37.09
N GLN L 36 -4.95 -43.39 -35.81
CA GLN L 36 -5.18 -42.21 -34.98
C GLN L 36 -3.95 -41.32 -34.88
N ASN L 37 -2.86 -41.70 -35.55
CA ASN L 37 -1.68 -40.84 -35.75
C ASN L 37 -1.10 -40.37 -34.42
N VAL L 38 -0.70 -41.34 -33.61
CA VAL L 38 -0.03 -41.05 -32.35
C VAL L 38 1.44 -40.77 -32.64
N LYS L 39 2.00 -39.81 -31.91
CA LYS L 39 3.41 -39.49 -32.02
C LYS L 39 4.15 -39.58 -30.70
N PHE L 40 3.46 -39.84 -29.60
CA PHE L 40 4.07 -39.93 -28.28
C PHE L 40 3.50 -41.13 -27.58
N ILE L 41 4.38 -41.97 -27.02
CA ILE L 41 3.97 -43.21 -26.37
C ILE L 41 4.60 -43.26 -24.98
N ARG L 42 3.79 -43.54 -23.97
CA ARG L 42 4.24 -43.64 -22.59
C ARG L 42 4.23 -45.11 -22.18
N LEU L 43 5.41 -45.70 -22.03
CA LEU L 43 5.54 -47.05 -21.50
C LEU L 43 5.58 -46.95 -19.98
N GLN L 44 4.43 -47.09 -19.34
CA GLN L 44 4.28 -46.78 -17.93
C GLN L 44 4.22 -48.04 -17.08
N PHE L 45 4.67 -47.89 -15.83
CA PHE L 45 4.72 -48.99 -14.87
C PHE L 45 4.58 -48.38 -13.47
N THR L 46 4.53 -49.24 -12.47
CA THR L 46 4.32 -48.83 -11.09
C THR L 46 5.42 -49.40 -10.20
N ASP L 47 5.94 -48.57 -9.31
CA ASP L 47 6.98 -49.00 -8.38
C ASP L 47 6.35 -49.58 -7.12
N ILE L 48 7.17 -49.86 -6.11
CA ILE L 48 6.66 -50.42 -4.86
C ILE L 48 5.76 -49.41 -4.15
N LEU L 49 6.17 -48.14 -4.14
CA LEU L 49 5.43 -47.11 -3.42
C LEU L 49 4.09 -46.77 -4.08
N GLY L 50 3.85 -47.26 -5.29
CA GLY L 50 2.61 -46.97 -5.98
C GLY L 50 2.65 -45.79 -6.92
N ILE L 51 3.80 -45.11 -7.02
CA ILE L 51 3.90 -43.96 -7.91
C ILE L 51 3.95 -44.43 -9.35
N ILE L 52 3.14 -43.79 -10.20
CA ILE L 52 3.11 -44.13 -11.63
C ILE L 52 4.37 -43.58 -12.29
N LYS L 53 5.15 -44.47 -12.89
CA LYS L 53 6.38 -44.11 -13.58
C LYS L 53 6.32 -44.58 -15.02
N ASN L 54 7.05 -43.91 -15.90
CA ASN L 54 7.03 -44.24 -17.31
C ASN L 54 8.32 -43.81 -17.97
N VAL L 55 8.57 -44.37 -19.16
CA VAL L 55 9.56 -43.86 -20.08
C VAL L 55 8.82 -43.46 -21.35
N GLU L 56 9.25 -42.34 -21.94
CA GLU L 56 8.52 -41.72 -23.03
C GLU L 56 9.33 -41.84 -24.31
N ILE L 57 8.73 -42.43 -25.34
CA ILE L 57 9.44 -42.71 -26.59
C ILE L 57 8.63 -42.16 -27.75
N PRO L 58 9.26 -41.81 -28.87
CA PRO L 58 8.51 -41.42 -30.06
C PRO L 58 7.87 -42.63 -30.72
N VAL L 59 6.90 -42.35 -31.60
CA VAL L 59 6.20 -43.42 -32.30
C VAL L 59 7.16 -44.17 -33.23
N SER L 60 8.28 -43.56 -33.62
CA SER L 60 9.23 -44.24 -34.48
C SER L 60 9.90 -45.41 -33.78
N GLN L 61 9.91 -45.40 -32.44
CA GLN L 61 10.49 -46.49 -31.66
C GLN L 61 9.44 -47.52 -31.23
N LEU L 62 8.24 -47.46 -31.80
CA LEU L 62 7.19 -48.41 -31.43
C LEU L 62 7.58 -49.83 -31.81
N LYS L 63 8.27 -50.00 -32.94
CA LYS L 63 8.71 -51.33 -33.33
C LYS L 63 9.70 -51.90 -32.33
N LYS L 64 10.65 -51.07 -31.87
CA LYS L 64 11.59 -51.53 -30.86
C LYS L 64 10.88 -51.83 -29.55
N ALA L 65 9.91 -51.01 -29.17
CA ALA L 65 9.15 -51.27 -27.95
C ALA L 65 8.40 -52.60 -28.03
N LEU L 66 7.78 -52.88 -29.17
CA LEU L 66 7.13 -54.16 -29.40
C LEU L 66 8.12 -55.31 -29.50
N ASP L 67 9.38 -55.04 -29.81
CA ASP L 67 10.39 -56.08 -29.89
C ASP L 67 10.98 -56.44 -28.53
N ASN L 68 10.50 -55.82 -27.45
CA ASN L 68 10.93 -56.12 -26.09
C ASN L 68 12.44 -55.85 -25.92
N LYS L 69 12.92 -54.77 -26.54
CA LYS L 69 14.34 -54.44 -26.51
C LYS L 69 14.62 -53.09 -25.87
N ILE L 70 13.68 -52.56 -25.09
CA ILE L 70 13.86 -51.24 -24.47
C ILE L 70 14.53 -51.40 -23.12
N MET L 71 15.67 -50.76 -22.93
CA MET L 71 16.35 -50.71 -21.65
C MET L 71 15.88 -49.50 -20.85
N PHE L 72 15.99 -49.61 -19.52
CA PHE L 72 15.76 -48.47 -18.64
C PHE L 72 16.46 -48.76 -17.32
N ASP L 73 16.69 -47.69 -16.56
CA ASP L 73 17.37 -47.81 -15.28
C ASP L 73 16.45 -48.53 -14.30
N GLY L 74 16.76 -49.80 -14.02
CA GLY L 74 15.88 -50.63 -13.22
C GLY L 74 15.84 -50.28 -11.75
N SER L 75 16.81 -49.51 -11.27
CA SER L 75 16.79 -49.10 -9.87
C SER L 75 15.70 -48.07 -9.59
N SER L 76 15.07 -47.53 -10.63
CA SER L 76 14.01 -46.54 -10.44
C SER L 76 12.82 -47.13 -9.70
N ILE L 77 12.43 -48.36 -10.06
CA ILE L 77 11.26 -48.97 -9.41
C ILE L 77 11.52 -49.28 -7.95
N GLU L 78 12.79 -49.39 -7.54
CA GLU L 78 13.11 -49.60 -6.14
C GLU L 78 12.78 -48.39 -5.28
N GLY L 79 12.53 -47.24 -5.88
CA GLY L 79 12.18 -46.04 -5.14
C GLY L 79 13.38 -45.19 -4.80
N PHE L 80 13.31 -44.49 -3.66
CA PHE L 80 14.41 -43.64 -3.22
C PHE L 80 15.53 -44.42 -2.55
N VAL L 81 15.35 -45.72 -2.34
CA VAL L 81 16.35 -46.55 -1.67
C VAL L 81 17.22 -47.24 -2.71
N ARG L 82 17.19 -46.75 -3.94
CA ARG L 82 18.03 -47.29 -5.00
C ARG L 82 19.51 -47.05 -4.67
N ILE L 83 20.32 -48.08 -4.87
CA ILE L 83 21.74 -48.01 -4.58
C ILE L 83 22.53 -48.32 -5.85
N GLU L 84 22.33 -49.50 -6.41
CA GLU L 84 23.07 -49.97 -7.57
C GLU L 84 22.20 -49.86 -8.81
N GLU L 85 22.71 -49.18 -9.84
CA GLU L 85 22.00 -49.10 -11.11
C GLU L 85 22.05 -50.44 -11.84
N SER L 86 20.92 -50.84 -12.41
CA SER L 86 20.85 -52.09 -13.17
C SER L 86 19.92 -51.88 -14.35
N ASP L 87 20.42 -52.19 -15.55
CA ASP L 87 19.61 -52.08 -16.76
C ASP L 87 18.72 -53.32 -16.89
N MET L 88 17.46 -53.12 -17.26
CA MET L 88 16.53 -54.22 -17.37
C MET L 88 15.43 -53.87 -18.35
N TYR L 89 14.78 -54.91 -18.88
CA TYR L 89 13.87 -54.75 -20.00
C TYR L 89 12.53 -54.18 -19.54
N LEU L 90 11.69 -53.83 -20.52
CA LEU L 90 10.42 -53.17 -20.27
C LEU L 90 9.30 -53.81 -21.12
N PHE L 91 9.21 -55.14 -21.06
CA PHE L 91 8.19 -55.91 -21.77
C PHE L 91 6.80 -55.31 -21.59
N PRO L 92 6.18 -54.80 -22.66
CA PRO L 92 4.87 -54.18 -22.54
C PRO L 92 3.73 -55.19 -22.68
N ASP L 93 2.52 -54.71 -22.42
CA ASP L 93 1.30 -55.51 -22.53
C ASP L 93 0.43 -54.90 -23.62
N LEU L 94 0.01 -55.73 -24.57
CA LEU L 94 -0.74 -55.24 -25.72
C LEU L 94 -2.18 -54.87 -25.39
N ASP L 95 -2.79 -55.57 -24.43
CA ASP L 95 -4.20 -55.36 -24.13
C ASP L 95 -4.47 -54.01 -23.46
N THR L 96 -3.42 -53.29 -23.03
CA THR L 96 -3.58 -52.02 -22.34
C THR L 96 -3.29 -50.83 -23.25
N TRP L 97 -3.49 -50.97 -24.55
CA TRP L 97 -3.27 -49.86 -25.48
C TRP L 97 -4.42 -48.86 -25.37
N VAL L 98 -4.10 -47.65 -24.92
CA VAL L 98 -5.09 -46.61 -24.69
C VAL L 98 -4.54 -45.29 -25.25
N VAL L 99 -5.39 -44.56 -25.98
CA VAL L 99 -5.00 -43.28 -26.57
C VAL L 99 -5.73 -42.17 -25.82
N PHE L 100 -4.98 -41.23 -25.27
CA PHE L 100 -5.57 -40.11 -24.54
C PHE L 100 -6.17 -39.11 -25.53
N PRO L 101 -7.31 -38.52 -25.18
CA PRO L 101 -7.91 -37.51 -26.08
C PRO L 101 -7.38 -36.11 -25.88
N TRP L 102 -6.89 -35.78 -24.68
CA TRP L 102 -6.43 -34.42 -24.39
C TRP L 102 -4.99 -34.25 -24.87
N THR L 103 -4.84 -34.33 -26.20
CA THR L 103 -3.52 -34.24 -26.82
C THR L 103 -3.42 -33.15 -27.88
N ALA L 104 -4.45 -32.33 -28.05
CA ALA L 104 -4.47 -31.26 -29.05
C ALA L 104 -4.29 -31.88 -30.44
N GLU L 105 -3.68 -31.15 -31.37
CA GLU L 105 -3.49 -31.62 -32.74
C GLU L 105 -2.07 -32.07 -33.03
N LYS L 106 -1.09 -31.68 -32.22
CA LYS L 106 0.30 -32.05 -32.44
C LYS L 106 0.57 -33.47 -31.92
N GLY L 107 -0.04 -34.44 -32.59
CA GLY L 107 0.17 -35.83 -32.26
C GLY L 107 -0.58 -36.29 -31.03
N LYS L 108 -1.07 -37.53 -31.07
CA LYS L 108 -1.76 -38.12 -29.93
C LYS L 108 -0.75 -38.73 -28.95
N VAL L 109 -1.26 -39.12 -27.79
CA VAL L 109 -0.46 -39.77 -26.76
C VAL L 109 -1.13 -41.08 -26.39
N ALA L 110 -0.32 -42.13 -26.28
CA ALA L 110 -0.81 -43.45 -25.94
C ALA L 110 0.04 -44.02 -24.81
N ARG L 111 -0.56 -44.92 -24.03
CA ARG L 111 0.12 -45.56 -22.91
C ARG L 111 -0.04 -47.07 -23.00
N MET L 112 0.94 -47.77 -22.46
CA MET L 112 0.92 -49.23 -22.41
C MET L 112 1.53 -49.68 -21.10
N ILE L 113 0.78 -50.47 -20.33
CA ILE L 113 1.31 -51.02 -19.08
C ILE L 113 2.38 -52.05 -19.41
N CYS L 114 3.56 -51.90 -18.81
CA CYS L 114 4.71 -52.71 -19.14
C CYS L 114 5.16 -53.54 -17.95
N ASP L 115 5.46 -54.80 -18.20
CA ASP L 115 6.06 -55.67 -17.20
C ASP L 115 7.56 -55.40 -17.11
N ILE L 116 8.11 -55.63 -15.93
CA ILE L 116 9.54 -55.45 -15.67
C ILE L 116 10.21 -56.82 -15.76
N TYR L 117 11.23 -56.92 -16.61
CA TYR L 117 11.93 -58.17 -16.84
C TYR L 117 13.43 -57.97 -16.66
N ASN L 118 14.07 -58.97 -16.05
CA ASN L 118 15.51 -58.98 -15.93
C ASN L 118 16.15 -59.21 -17.30
N PRO L 119 17.42 -58.84 -17.47
CA PRO L 119 18.07 -59.04 -18.77
C PRO L 119 18.15 -60.49 -19.22
N ASP L 120 17.98 -61.45 -18.30
CA ASP L 120 18.02 -62.86 -18.64
C ASP L 120 16.64 -63.44 -18.97
N MET L 121 15.73 -62.61 -19.48
CA MET L 121 14.39 -63.05 -19.89
C MET L 121 13.60 -63.65 -18.74
N THR L 122 13.77 -63.10 -17.54
CA THR L 122 13.00 -63.53 -16.38
C THR L 122 12.32 -62.32 -15.75
N PRO L 123 11.06 -62.44 -15.33
CA PRO L 123 10.39 -61.32 -14.68
C PRO L 123 11.09 -60.92 -13.40
N PHE L 124 11.14 -59.62 -13.14
CA PHE L 124 11.82 -59.13 -11.95
C PHE L 124 11.01 -59.47 -10.71
N ALA L 125 11.70 -59.92 -9.66
CA ALA L 125 11.02 -60.28 -8.41
C ALA L 125 10.42 -59.06 -7.74
N GLY L 126 11.00 -57.88 -7.95
CA GLY L 126 10.52 -56.67 -7.32
C GLY L 126 9.38 -55.97 -8.01
N ASP L 127 8.89 -56.50 -9.12
CA ASP L 127 7.78 -55.87 -9.82
C ASP L 127 6.46 -56.27 -9.18
N PRO L 128 5.65 -55.32 -8.69
CA PRO L 128 4.36 -55.69 -8.10
C PRO L 128 3.44 -56.43 -9.06
N ARG L 129 3.45 -56.04 -10.34
CA ARG L 129 2.60 -56.72 -11.32
C ARG L 129 3.00 -58.17 -11.50
N ALA L 130 4.30 -58.44 -11.57
CA ALA L 130 4.76 -59.83 -11.68
C ALA L 130 4.39 -60.64 -10.44
N ASN L 131 4.48 -60.01 -9.26
CA ASN L 131 4.08 -60.69 -8.04
C ASN L 131 2.60 -61.03 -8.06
N LEU L 132 1.76 -60.09 -8.50
CA LEU L 132 0.34 -60.36 -8.61
C LEU L 132 0.06 -61.47 -9.61
N LYS L 133 0.80 -61.49 -10.73
CA LYS L 133 0.64 -62.55 -11.70
C LYS L 133 1.02 -63.90 -11.12
N ARG L 134 2.08 -63.94 -10.31
CA ARG L 134 2.48 -65.19 -9.66
C ARG L 134 1.42 -65.67 -8.68
N VAL L 135 0.84 -64.74 -7.90
CA VAL L 135 -0.21 -65.12 -6.97
C VAL L 135 -1.44 -65.64 -7.73
N LEU L 136 -1.77 -64.98 -8.85
CA LEU L 136 -2.89 -65.44 -9.66
C LEU L 136 -2.61 -66.81 -10.26
N LYS L 137 -1.36 -67.08 -10.63
CA LYS L 137 -0.99 -68.40 -11.10
C LYS L 137 -1.18 -69.44 -10.01
N GLU L 138 -0.81 -69.10 -8.77
CA GLU L 138 -1.06 -70.00 -7.65
C GLU L 138 -2.55 -70.27 -7.49
N MET L 139 -3.36 -69.22 -7.60
CA MET L 139 -4.81 -69.39 -7.51
C MET L 139 -5.32 -70.32 -8.61
N GLU L 140 -4.88 -70.10 -9.84
CA GLU L 140 -5.35 -70.90 -10.96
C GLU L 140 -4.94 -72.37 -10.83
N GLU L 141 -3.70 -72.62 -10.42
CA GLU L 141 -3.28 -74.00 -10.21
C GLU L 141 -3.98 -74.63 -9.01
N LEU L 142 -4.51 -73.81 -8.11
CA LEU L 142 -5.26 -74.35 -6.94
C LEU L 142 -6.64 -74.81 -7.41
N GLY L 143 -7.22 -74.16 -8.43
CA GLY L 143 -8.49 -74.61 -8.96
C GLY L 143 -9.46 -73.53 -9.40
N PHE L 144 -9.11 -72.28 -9.10
CA PHE L 144 -10.02 -71.16 -9.44
C PHE L 144 -9.64 -70.60 -10.82
N THR L 145 -10.51 -69.75 -11.37
CA THR L 145 -10.30 -69.19 -12.70
C THR L 145 -9.86 -67.73 -12.66
N GLU L 146 -10.60 -66.87 -11.97
CA GLU L 146 -10.31 -65.45 -11.95
C GLU L 146 -10.67 -64.86 -10.59
N PHE L 147 -10.11 -63.69 -10.32
CA PHE L 147 -10.31 -62.96 -9.07
C PHE L 147 -10.83 -61.58 -9.42
N ASN L 148 -12.16 -61.46 -9.54
CA ASN L 148 -12.77 -60.20 -9.93
C ASN L 148 -12.70 -59.18 -8.80
N LEU L 149 -12.53 -57.91 -9.17
CA LEU L 149 -12.47 -56.82 -8.21
C LEU L 149 -13.26 -55.62 -8.73
N GLY L 150 -14.02 -54.99 -7.84
CA GLY L 150 -14.60 -53.70 -8.12
C GLY L 150 -14.26 -52.70 -7.03
N PRO L 151 -13.44 -51.71 -7.37
CA PRO L 151 -13.04 -50.71 -6.38
C PRO L 151 -13.94 -49.49 -6.36
N GLU L 152 -13.94 -48.79 -5.22
CA GLU L 152 -14.74 -47.59 -5.01
C GLU L 152 -13.84 -46.49 -4.45
N PRO L 153 -12.94 -45.95 -5.26
CA PRO L 153 -12.03 -44.91 -4.77
C PRO L 153 -12.74 -43.59 -4.50
N GLU L 154 -12.17 -42.85 -3.54
CA GLU L 154 -12.64 -41.51 -3.19
C GLU L 154 -11.47 -40.54 -3.22
N PHE L 155 -11.72 -39.34 -3.73
CA PHE L 155 -10.65 -38.36 -3.89
C PHE L 155 -11.16 -36.99 -3.46
N PHE L 156 -10.22 -36.11 -3.12
CA PHE L 156 -10.50 -34.75 -2.71
C PHE L 156 -10.05 -33.78 -3.80
N LEU L 157 -10.74 -32.64 -3.88
CA LEU L 157 -10.42 -31.59 -4.83
C LEU L 157 -10.16 -30.29 -4.07
N PHE L 158 -9.00 -29.69 -4.30
CA PHE L 158 -8.58 -28.48 -3.61
C PHE L 158 -8.33 -27.37 -4.61
N LYS L 159 -8.72 -26.15 -4.25
CA LYS L 159 -8.52 -25.01 -5.13
C LYS L 159 -7.04 -24.62 -5.18
N LEU L 160 -6.53 -24.41 -6.38
CA LEU L 160 -5.15 -23.99 -6.54
C LEU L 160 -4.99 -22.51 -6.18
N ASP L 161 -3.76 -22.15 -5.82
CA ASP L 161 -3.45 -20.78 -5.46
C ASP L 161 -3.03 -20.00 -6.71
N GLU L 162 -2.54 -18.78 -6.51
CA GLU L 162 -2.10 -17.96 -7.65
C GLU L 162 -0.90 -18.58 -8.35
N ASN L 163 0.01 -19.19 -7.58
CA ASN L 163 1.20 -19.83 -8.11
C ASN L 163 0.98 -21.30 -8.46
N ARG L 164 -0.26 -21.68 -8.77
CA ARG L 164 -0.61 -23.06 -9.11
C ARG L 164 -0.22 -24.02 -7.97
N ARG L 165 -0.48 -23.60 -6.74
CA ARG L 165 -0.20 -24.40 -5.57
C ARG L 165 -1.50 -24.75 -4.85
N PRO L 166 -1.62 -25.96 -4.32
CA PRO L 166 -2.86 -26.34 -3.62
C PRO L 166 -3.07 -25.50 -2.38
N THR L 167 -4.33 -25.24 -2.06
CA THR L 167 -4.73 -24.56 -0.84
C THR L 167 -5.50 -25.54 0.04
N LEU L 168 -5.97 -25.03 1.18
CA LEU L 168 -6.74 -25.82 2.12
C LEU L 168 -8.25 -25.62 1.97
N GLU L 169 -8.67 -24.93 0.91
CA GLU L 169 -10.09 -24.67 0.68
C GLU L 169 -10.62 -25.63 -0.39
N LEU L 170 -11.84 -26.09 -0.19
CA LEU L 170 -12.49 -27.06 -1.06
C LEU L 170 -13.33 -26.34 -2.12
N ASN L 171 -13.60 -27.05 -3.22
CA ASN L 171 -14.31 -26.43 -4.32
C ASN L 171 -15.78 -26.16 -4.00
N ASP L 172 -16.41 -27.03 -3.22
CA ASP L 172 -17.82 -26.82 -2.87
C ASP L 172 -18.10 -27.42 -1.51
N SER L 173 -19.12 -26.87 -0.84
CA SER L 173 -19.56 -27.35 0.47
C SER L 173 -20.74 -28.31 0.29
N GLY L 174 -20.46 -29.46 -0.28
CA GLY L 174 -21.48 -30.46 -0.55
C GLY L 174 -21.73 -31.36 0.64
N GLY L 175 -22.56 -32.37 0.40
CA GLY L 175 -22.89 -33.35 1.43
C GLY L 175 -22.91 -34.76 0.86
N TYR L 176 -23.39 -35.72 1.65
CA TYR L 176 -23.43 -37.10 1.19
C TYR L 176 -24.50 -37.26 0.11
N PHE L 177 -24.08 -37.74 -1.05
CA PHE L 177 -24.96 -37.95 -2.20
C PHE L 177 -25.64 -36.66 -2.67
N ASP L 178 -25.14 -35.51 -2.23
CA ASP L 178 -25.72 -34.23 -2.59
C ASP L 178 -25.41 -33.87 -4.04
N LEU L 179 -26.31 -33.08 -4.64
CA LEU L 179 -26.11 -32.57 -5.99
C LEU L 179 -25.38 -31.22 -5.87
N ALA L 180 -24.13 -31.30 -5.42
CA ALA L 180 -23.37 -30.11 -5.06
C ALA L 180 -22.79 -29.37 -6.28
N PRO L 181 -22.03 -30.03 -7.17
CA PRO L 181 -21.41 -29.29 -8.27
C PRO L 181 -22.40 -28.84 -9.35
N THR L 182 -23.66 -29.29 -9.27
CA THR L 182 -24.71 -28.93 -10.21
C THR L 182 -24.29 -29.10 -11.67
N ASP L 183 -24.34 -28.01 -12.43
CA ASP L 183 -24.15 -28.06 -13.88
C ASP L 183 -23.54 -26.77 -14.40
N LEU L 184 -23.69 -26.53 -15.70
CA LEU L 184 -23.23 -25.30 -16.36
C LEU L 184 -21.71 -25.15 -16.23
N GLY L 185 -21.02 -26.07 -16.87
CA GLY L 185 -19.57 -26.05 -16.86
C GLY L 185 -19.04 -26.58 -15.54
N GLU L 186 -17.75 -26.37 -15.30
CA GLU L 186 -17.03 -26.95 -14.17
C GLU L 186 -17.45 -28.40 -13.96
N ASN L 187 -17.98 -28.71 -12.76
CA ASN L 187 -18.41 -30.05 -12.41
C ASN L 187 -17.36 -31.08 -12.79
N CYS L 188 -16.19 -31.01 -12.14
CA CYS L 188 -15.06 -31.83 -12.54
C CYS L 188 -15.38 -33.32 -12.49
N ARG L 189 -16.26 -33.73 -11.57
CA ARG L 189 -16.61 -35.15 -11.50
C ARG L 189 -17.32 -35.60 -12.77
N ARG L 190 -18.26 -34.80 -13.28
CA ARG L 190 -18.98 -35.17 -14.48
C ARG L 190 -18.04 -35.26 -15.67
N ASP L 191 -17.12 -34.29 -15.80
CA ASP L 191 -16.15 -34.32 -16.89
C ASP L 191 -15.23 -35.52 -16.77
N ILE L 192 -14.81 -35.86 -15.55
CA ILE L 192 -13.95 -37.03 -15.35
C ILE L 192 -14.68 -38.29 -15.79
N VAL L 193 -15.94 -38.43 -15.39
CA VAL L 193 -16.71 -39.61 -15.76
C VAL L 193 -16.88 -39.68 -17.27
N LEU L 194 -17.18 -38.55 -17.91
CA LEU L 194 -17.36 -38.54 -19.35
C LEU L 194 -16.08 -38.90 -20.09
N GLU L 195 -14.94 -38.35 -19.65
CA GLU L 195 -13.67 -38.69 -20.30
C GLU L 195 -13.32 -40.16 -20.10
N LEU L 196 -13.56 -40.68 -18.90
CA LEU L 196 -13.30 -42.10 -18.65
C LEU L 196 -14.17 -42.99 -19.52
N GLU L 197 -15.44 -42.62 -19.69
CA GLU L 197 -16.33 -43.40 -20.55
C GLU L 197 -15.91 -43.33 -22.01
N GLU L 198 -15.54 -42.14 -22.48
CA GLU L 198 -15.05 -42.01 -23.86
C GLU L 198 -13.78 -42.83 -24.06
N MET L 199 -12.93 -42.89 -23.04
CA MET L 199 -11.64 -43.57 -23.17
C MET L 199 -11.79 -45.09 -23.20
N GLY L 200 -12.88 -45.63 -22.66
CA GLY L 200 -13.13 -47.05 -22.75
C GLY L 200 -13.16 -47.77 -21.42
N PHE L 201 -13.56 -47.06 -20.36
CA PHE L 201 -13.69 -47.65 -19.03
C PHE L 201 -15.15 -47.86 -18.69
N GLU L 202 -15.40 -48.81 -17.80
CA GLU L 202 -16.74 -49.15 -17.34
C GLU L 202 -16.96 -48.51 -15.98
N ILE L 203 -17.93 -47.60 -15.91
CA ILE L 203 -18.26 -46.87 -14.69
C ILE L 203 -19.66 -47.24 -14.25
N GLU L 204 -19.82 -47.62 -12.99
CA GLU L 204 -21.14 -47.95 -12.47
C GLU L 204 -21.91 -46.69 -12.08
N ALA L 205 -21.38 -45.93 -11.12
CA ALA L 205 -22.05 -44.73 -10.65
C ALA L 205 -21.04 -43.83 -9.97
N SER L 206 -21.39 -42.55 -9.89
CA SER L 206 -20.58 -41.56 -9.19
C SER L 206 -21.50 -40.68 -8.35
N HIS L 207 -20.97 -40.18 -7.24
CA HIS L 207 -21.76 -39.37 -6.32
C HIS L 207 -20.80 -38.53 -5.47
N HIS L 208 -21.39 -37.69 -4.63
CA HIS L 208 -20.64 -36.81 -3.73
C HIS L 208 -20.55 -37.47 -2.36
N GLU L 209 -19.34 -37.55 -1.81
CA GLU L 209 -19.15 -38.15 -0.52
C GLU L 209 -19.57 -37.19 0.59
N VAL L 210 -19.65 -37.70 1.81
CA VAL L 210 -20.20 -36.92 2.92
C VAL L 210 -19.34 -35.71 3.22
N ALA L 211 -18.02 -35.82 3.06
CA ALA L 211 -17.15 -34.68 3.26
C ALA L 211 -17.34 -33.68 2.13
N PRO L 212 -17.20 -32.38 2.40
CA PRO L 212 -17.23 -31.41 1.30
C PRO L 212 -16.09 -31.64 0.33
N GLY L 213 -16.35 -31.37 -0.95
CA GLY L 213 -15.32 -31.49 -1.96
C GLY L 213 -14.78 -32.88 -2.16
N GLN L 214 -15.44 -33.91 -1.63
CA GLN L 214 -15.01 -35.29 -1.76
C GLN L 214 -15.98 -36.02 -2.68
N HIS L 215 -15.42 -36.72 -3.67
CA HIS L 215 -16.22 -37.40 -4.68
C HIS L 215 -15.80 -38.86 -4.77
N GLU L 216 -16.74 -39.71 -5.14
CA GLU L 216 -16.50 -41.14 -5.30
C GLU L 216 -17.00 -41.59 -6.66
N ILE L 217 -16.18 -42.41 -7.34
CA ILE L 217 -16.55 -42.99 -8.62
C ILE L 217 -16.40 -44.50 -8.53
N ASP L 218 -17.46 -45.22 -8.88
CA ASP L 218 -17.47 -46.67 -8.78
C ASP L 218 -17.17 -47.31 -10.13
N PHE L 219 -16.50 -48.45 -10.09
CA PHE L 219 -16.10 -49.16 -11.29
C PHE L 219 -16.85 -50.49 -11.39
N LYS L 220 -16.86 -51.05 -12.59
CA LYS L 220 -17.43 -52.38 -12.79
C LYS L 220 -16.46 -53.43 -12.28
N TYR L 221 -16.79 -54.70 -12.53
CA TYR L 221 -16.06 -55.83 -11.99
C TYR L 221 -15.31 -56.52 -13.13
N GLU L 222 -13.99 -56.41 -13.12
CA GLU L 222 -13.12 -57.06 -14.09
C GLU L 222 -12.01 -57.82 -13.35
N ASP L 223 -11.06 -58.32 -14.11
CA ASP L 223 -9.97 -59.11 -13.54
C ASP L 223 -9.08 -58.23 -12.67
N ALA L 224 -8.28 -58.89 -11.83
CA ALA L 224 -7.46 -58.18 -10.85
C ALA L 224 -6.43 -57.28 -11.54
N ILE L 225 -5.71 -57.83 -12.52
CA ILE L 225 -4.70 -57.04 -13.22
C ILE L 225 -5.34 -55.87 -13.95
N THR L 226 -6.47 -56.12 -14.63
CA THR L 226 -7.20 -55.04 -15.27
C THR L 226 -7.75 -54.06 -14.24
N ALA L 227 -8.09 -54.55 -13.04
CA ALA L 227 -8.53 -53.64 -11.99
C ALA L 227 -7.40 -52.70 -11.57
N CYS L 228 -6.19 -53.23 -11.43
CA CYS L 228 -5.04 -52.38 -11.11
C CYS L 228 -4.80 -51.35 -12.22
N ASP L 229 -4.85 -51.80 -13.47
CA ASP L 229 -4.64 -50.88 -14.58
C ASP L 229 -5.70 -49.78 -14.59
N SER L 230 -6.96 -50.16 -14.36
CA SER L 230 -8.03 -49.17 -14.31
C SER L 230 -7.83 -48.19 -13.17
N ILE L 231 -7.39 -48.68 -12.00
CA ILE L 231 -7.19 -47.79 -10.85
C ILE L 231 -6.08 -46.79 -11.15
N GLN L 232 -4.97 -47.26 -11.70
CA GLN L 232 -3.86 -46.35 -12.00
C GLN L 232 -4.24 -45.33 -13.07
N THR L 233 -4.92 -45.79 -14.13
CA THR L 233 -5.36 -44.87 -15.16
C THR L 233 -6.38 -43.87 -14.61
N PHE L 234 -7.24 -44.32 -13.71
CA PHE L 234 -8.20 -43.42 -13.08
C PHE L 234 -7.51 -42.34 -12.27
N LYS L 235 -6.49 -42.73 -11.50
CA LYS L 235 -5.73 -41.74 -10.74
C LYS L 235 -5.09 -40.71 -11.67
N LEU L 236 -4.45 -41.19 -12.73
CA LEU L 236 -3.79 -40.29 -13.67
C LEU L 236 -4.80 -39.34 -14.32
N VAL L 237 -5.94 -39.87 -14.77
CA VAL L 237 -6.93 -39.06 -15.45
C VAL L 237 -7.54 -38.04 -14.51
N VAL L 238 -7.84 -38.45 -13.28
CA VAL L 238 -8.42 -37.52 -12.30
C VAL L 238 -7.43 -36.39 -12.02
N LYS L 239 -6.15 -36.72 -11.83
CA LYS L 239 -5.17 -35.67 -11.57
C LYS L 239 -5.06 -34.72 -12.75
N THR L 240 -4.97 -35.27 -13.97
CA THR L 240 -4.79 -34.42 -15.17
C THR L 240 -5.98 -33.46 -15.35
N ILE L 241 -7.21 -33.99 -15.35
CA ILE L 241 -8.42 -33.15 -15.58
C ILE L 241 -8.53 -32.07 -14.50
N ALA L 242 -8.34 -32.44 -13.23
CA ALA L 242 -8.38 -31.43 -12.13
C ALA L 242 -7.37 -30.32 -12.44
N ARG L 243 -6.11 -30.68 -12.69
CA ARG L 243 -5.06 -29.67 -12.99
C ARG L 243 -5.52 -28.74 -14.11
N LYS L 244 -6.07 -29.30 -15.19
CA LYS L 244 -6.57 -28.49 -16.34
C LYS L 244 -7.63 -27.50 -15.85
N HIS L 245 -8.54 -27.95 -14.98
CA HIS L 245 -9.64 -27.09 -14.47
C HIS L 245 -9.16 -26.22 -13.30
N GLY L 246 -7.85 -26.11 -13.09
CA GLY L 246 -7.30 -25.26 -12.02
C GLY L 246 -7.61 -25.80 -10.64
N LEU L 247 -7.58 -27.13 -10.47
CA LEU L 247 -7.81 -27.73 -9.16
C LEU L 247 -6.73 -28.76 -8.90
N HIS L 248 -6.65 -29.21 -7.65
CA HIS L 248 -5.70 -30.23 -7.26
C HIS L 248 -6.46 -31.45 -6.74
N ALA L 249 -6.16 -32.62 -7.30
CA ALA L 249 -6.78 -33.88 -6.89
C ALA L 249 -5.85 -34.57 -5.91
N THR L 250 -6.39 -34.95 -4.76
CA THR L 250 -5.60 -35.56 -3.69
C THR L 250 -6.21 -36.90 -3.31
N PHE L 251 -5.38 -37.92 -3.23
CA PHE L 251 -5.79 -39.24 -2.75
C PHE L 251 -5.25 -39.54 -1.36
N MET L 252 -4.69 -38.55 -0.67
CA MET L 252 -4.24 -38.77 0.70
C MET L 252 -5.44 -39.04 1.59
N PRO L 253 -5.42 -40.10 2.40
CA PRO L 253 -6.66 -40.55 3.06
C PRO L 253 -7.33 -39.50 3.93
N LYS L 254 -6.58 -38.71 4.69
CA LYS L 254 -7.14 -37.76 5.64
C LYS L 254 -6.52 -36.39 5.39
N PRO L 255 -7.00 -35.67 4.40
CA PRO L 255 -6.45 -34.33 4.12
C PRO L 255 -6.63 -33.35 5.26
N LEU L 256 -7.74 -33.42 6.00
CA LEU L 256 -8.04 -32.45 7.04
C LEU L 256 -8.52 -33.15 8.29
N PHE L 257 -8.33 -32.50 9.43
CA PHE L 257 -8.79 -33.02 10.71
C PHE L 257 -10.26 -32.67 10.90
N GLY L 258 -11.00 -33.60 11.50
CA GLY L 258 -12.42 -33.42 11.69
C GLY L 258 -13.25 -33.61 10.43
N VAL L 259 -12.64 -34.08 9.34
CA VAL L 259 -13.31 -34.29 8.07
C VAL L 259 -13.12 -35.75 7.68
N ASN L 260 -14.18 -36.36 7.15
CA ASN L 260 -14.14 -37.79 6.85
C ASN L 260 -13.05 -38.11 5.84
N GLY L 261 -12.42 -39.28 6.02
CA GLY L 261 -11.34 -39.69 5.17
C GLY L 261 -11.80 -40.29 3.86
N SER L 262 -10.83 -40.68 3.05
CA SER L 262 -11.07 -41.26 1.73
C SER L 262 -10.81 -42.76 1.78
N GLY L 263 -11.74 -43.54 1.23
CA GLY L 263 -11.60 -44.97 1.21
C GLY L 263 -11.66 -45.56 -0.19
N MET L 264 -11.15 -46.77 -0.34
CA MET L 264 -11.09 -47.47 -1.63
C MET L 264 -11.59 -48.90 -1.45
N HIS L 265 -12.79 -49.04 -0.88
CA HIS L 265 -13.37 -50.34 -0.60
C HIS L 265 -13.27 -51.26 -1.80
N PHE L 266 -12.82 -52.49 -1.56
CA PHE L 266 -12.69 -53.51 -2.58
C PHE L 266 -13.85 -54.48 -2.51
N ASN L 267 -14.61 -54.58 -3.60
CA ASN L 267 -15.66 -55.59 -3.74
C ASN L 267 -15.10 -56.71 -4.60
N MET L 268 -14.74 -57.82 -3.96
CA MET L 268 -14.01 -58.91 -4.61
C MET L 268 -14.81 -60.20 -4.57
N SER L 269 -14.72 -60.98 -5.65
CA SER L 269 -15.39 -62.26 -5.75
C SER L 269 -14.47 -63.25 -6.45
N LEU L 270 -14.68 -64.53 -6.17
CA LEU L 270 -13.86 -65.60 -6.70
C LEU L 270 -14.69 -66.44 -7.66
N PHE L 271 -14.11 -66.77 -8.81
CA PHE L 271 -14.81 -67.49 -9.86
C PHE L 271 -14.14 -68.82 -10.14
N ASN L 272 -14.95 -69.80 -10.54
CA ASN L 272 -14.44 -71.10 -10.95
C ASN L 272 -14.99 -71.47 -12.32
N GLU L 273 -14.78 -72.72 -12.76
CA GLU L 273 -15.30 -73.14 -14.05
C GLU L 273 -16.82 -73.08 -14.09
N LYS L 274 -17.49 -73.51 -13.02
CA LYS L 274 -18.94 -73.46 -12.98
C LYS L 274 -19.44 -72.02 -12.98
N GLY L 275 -18.79 -71.14 -12.23
CA GLY L 275 -19.21 -69.75 -12.14
C GLY L 275 -18.69 -69.06 -10.91
N ASN L 276 -19.57 -68.36 -10.19
CA ASN L 276 -19.19 -67.70 -8.95
C ASN L 276 -18.99 -68.74 -7.86
N ALA L 277 -17.82 -68.72 -7.23
CA ALA L 277 -17.52 -69.67 -6.17
C ALA L 277 -18.05 -69.24 -4.80
N PHE L 278 -18.51 -68.01 -4.67
CA PHE L 278 -19.02 -67.50 -3.41
C PHE L 278 -20.54 -67.62 -3.27
N PHE L 279 -21.21 -68.21 -4.25
CA PHE L 279 -22.67 -68.30 -4.25
C PHE L 279 -23.11 -69.74 -4.09
N ASP L 280 -24.09 -69.96 -3.21
CA ASP L 280 -24.66 -71.28 -3.01
C ASP L 280 -26.05 -71.10 -2.41
N GLU L 281 -27.08 -71.51 -3.17
CA GLU L 281 -28.45 -71.32 -2.71
C GLU L 281 -28.77 -72.17 -1.49
N SER L 282 -28.10 -73.31 -1.33
CA SER L 282 -28.35 -74.22 -0.23
C SER L 282 -27.56 -73.90 1.03
N GLY L 283 -26.67 -72.91 0.98
CA GLY L 283 -25.86 -72.55 2.12
C GLY L 283 -26.47 -71.43 2.94
N GLU L 284 -25.91 -71.25 4.14
CA GLU L 284 -26.35 -70.18 5.01
C GLU L 284 -26.01 -68.82 4.42
N LEU L 285 -26.95 -67.89 4.52
CA LEU L 285 -26.82 -66.54 3.95
C LEU L 285 -26.58 -66.56 2.45
N GLU L 286 -27.00 -67.64 1.77
CA GLU L 286 -26.76 -67.84 0.35
C GLU L 286 -25.26 -67.73 0.04
N LEU L 287 -24.44 -68.30 0.91
CA LEU L 287 -22.99 -68.25 0.80
C LEU L 287 -22.42 -69.66 0.78
N SER L 288 -21.45 -69.88 -0.11
CA SER L 288 -20.79 -71.17 -0.19
C SER L 288 -19.73 -71.31 0.90
N GLN L 289 -19.31 -72.56 1.15
CA GLN L 289 -18.26 -72.80 2.11
C GLN L 289 -16.95 -72.15 1.69
N THR L 290 -16.73 -72.01 0.37
CA THR L 290 -15.56 -71.29 -0.11
C THR L 290 -15.59 -69.84 0.34
N ALA L 291 -16.76 -69.21 0.31
CA ALA L 291 -16.88 -67.83 0.77
C ALA L 291 -16.56 -67.71 2.25
N TYR L 292 -17.02 -68.68 3.06
CA TYR L 292 -16.73 -68.64 4.49
C TYR L 292 -15.24 -68.87 4.76
N HIS L 293 -14.62 -69.78 4.01
CA HIS L 293 -13.18 -69.98 4.14
C HIS L 293 -12.42 -68.72 3.77
N PHE L 294 -12.86 -68.05 2.70
CA PHE L 294 -12.21 -66.78 2.28
C PHE L 294 -12.37 -65.74 3.39
N LEU L 295 -13.57 -65.65 3.98
CA LEU L 295 -13.80 -64.69 5.06
C LEU L 295 -12.90 -64.98 6.25
N ALA L 296 -12.76 -66.25 6.61
CA ALA L 296 -11.88 -66.62 7.72
C ALA L 296 -10.43 -66.27 7.41
N GLY L 297 -9.99 -66.53 6.18
CA GLY L 297 -8.63 -66.18 5.82
C GLY L 297 -8.38 -64.69 5.85
N MET L 298 -9.36 -63.90 5.38
CA MET L 298 -9.23 -62.44 5.43
C MET L 298 -9.20 -61.95 6.87
N LEU L 299 -10.06 -62.49 7.73
CA LEU L 299 -10.14 -61.99 9.11
C LEU L 299 -8.91 -62.40 9.92
N LYS L 300 -8.38 -63.60 9.67
CA LYS L 300 -7.25 -64.07 10.47
C LYS L 300 -6.00 -63.23 10.22
N HIS L 301 -5.73 -62.86 8.98
CA HIS L 301 -4.51 -62.15 8.61
C HIS L 301 -4.71 -60.66 8.39
N ALA L 302 -5.86 -60.11 8.78
CA ALA L 302 -6.12 -58.69 8.53
C ALA L 302 -5.09 -57.81 9.22
N ARG L 303 -4.75 -58.13 10.47
CA ARG L 303 -3.70 -57.40 11.16
C ARG L 303 -2.37 -57.54 10.45
N GLY L 304 -2.15 -58.66 9.75
CA GLY L 304 -0.90 -58.85 9.05
C GLY L 304 -0.73 -57.91 7.87
N TYR L 305 -1.76 -57.79 7.03
CA TYR L 305 -1.67 -57.00 5.82
C TYR L 305 -2.27 -55.60 5.97
N THR L 306 -2.62 -55.19 7.19
CA THR L 306 -3.08 -53.82 7.38
C THR L 306 -2.03 -52.81 6.93
N ALA L 307 -0.75 -53.14 7.10
CA ALA L 307 0.31 -52.25 6.63
C ALA L 307 0.31 -52.13 5.12
N VAL L 308 0.14 -53.25 4.42
CA VAL L 308 0.13 -53.21 2.96
C VAL L 308 -1.09 -52.45 2.45
N THR L 309 -2.25 -52.69 3.07
CA THR L 309 -3.46 -52.01 2.63
C THR L 309 -3.49 -50.54 3.04
N ASN L 310 -2.73 -50.16 4.06
CA ASN L 310 -2.63 -48.78 4.53
C ASN L 310 -1.17 -48.43 4.68
N PRO L 311 -0.50 -48.07 3.58
CA PRO L 311 0.97 -47.94 3.60
C PRO L 311 1.49 -46.58 4.05
N THR L 312 0.63 -45.60 4.34
CA THR L 312 1.09 -44.26 4.69
C THR L 312 0.81 -43.99 6.17
N ILE L 313 1.57 -43.02 6.70
CA ILE L 313 1.35 -42.58 8.08
C ILE L 313 -0.03 -41.96 8.23
N ASN L 314 -0.44 -41.14 7.25
CA ASN L 314 -1.72 -40.46 7.32
C ASN L 314 -2.89 -41.44 7.21
N SER L 315 -2.64 -42.65 6.69
CA SER L 315 -3.71 -43.63 6.52
C SER L 315 -4.32 -44.03 7.85
N PHE L 316 -3.48 -44.23 8.86
CA PHE L 316 -3.99 -44.66 10.17
C PHE L 316 -4.70 -43.55 10.93
N LYS L 317 -4.56 -42.29 10.50
CA LYS L 317 -5.38 -41.24 11.07
C LYS L 317 -6.84 -41.40 10.65
N ARG L 318 -7.09 -42.06 9.52
CA ARG L 318 -8.45 -42.36 9.10
C ARG L 318 -9.04 -43.51 9.90
N LEU L 319 -8.21 -44.48 10.29
CA LEU L 319 -8.67 -45.65 11.04
C LEU L 319 -8.76 -45.30 12.53
N VAL L 320 -9.81 -44.54 12.86
CA VAL L 320 -10.11 -44.16 14.22
C VAL L 320 -11.49 -44.73 14.57
N PRO L 321 -11.76 -45.06 15.84
CA PRO L 321 -13.09 -45.57 16.19
C PRO L 321 -14.21 -44.61 15.85
N GLY L 322 -15.26 -45.12 15.20
CA GLY L 322 -16.39 -44.30 14.82
C GLY L 322 -17.55 -45.10 14.29
N TYR L 323 -18.23 -44.58 13.27
CA TYR L 323 -19.34 -45.28 12.63
C TYR L 323 -19.08 -45.56 11.15
N GLU L 324 -17.95 -45.09 10.61
CA GLU L 324 -17.63 -45.33 9.20
C GLU L 324 -16.19 -45.78 8.98
N ALA L 325 -15.33 -45.74 9.99
CA ALA L 325 -13.94 -46.14 9.81
C ALA L 325 -13.72 -47.51 10.43
N PRO L 326 -13.34 -48.52 9.66
CA PRO L 326 -13.13 -49.86 10.23
C PRO L 326 -11.85 -49.97 11.02
N CYS L 327 -11.95 -49.99 12.35
CA CYS L 327 -10.81 -50.22 13.22
C CYS L 327 -10.96 -51.49 14.05
N TYR L 328 -11.89 -52.37 13.67
CA TYR L 328 -12.14 -53.62 14.37
C TYR L 328 -12.00 -54.77 13.39
N ILE L 329 -11.84 -55.98 13.93
CA ILE L 329 -11.73 -57.17 13.09
C ILE L 329 -13.00 -57.99 13.24
N ALA L 330 -13.96 -57.77 12.35
CA ALA L 330 -15.23 -58.49 12.39
C ALA L 330 -15.89 -58.39 11.02
N TRP L 331 -16.82 -59.30 10.78
CA TRP L 331 -17.57 -59.33 9.53
C TRP L 331 -19.07 -59.37 9.83
N SER L 332 -19.85 -58.74 8.95
CA SER L 332 -21.29 -58.67 9.12
C SER L 332 -21.95 -58.39 7.78
N GLY L 333 -23.26 -58.62 7.72
CA GLY L 333 -24.02 -58.35 6.52
C GLY L 333 -25.32 -57.61 6.77
N LYS L 334 -25.58 -57.27 8.04
CA LYS L 334 -26.83 -56.60 8.39
C LYS L 334 -26.59 -55.20 8.95
N ASN L 335 -25.75 -55.11 10.00
CA ASN L 335 -25.55 -53.82 10.65
C ASN L 335 -24.73 -52.86 9.81
N ARG L 336 -23.93 -53.41 8.88
CA ARG L 336 -22.98 -52.64 8.06
C ARG L 336 -21.92 -51.98 8.93
N SER L 337 -21.04 -51.20 8.29
CA SER L 337 -19.83 -50.65 8.87
C SER L 337 -18.98 -51.67 9.63
N PRO L 338 -18.76 -52.90 9.11
CA PRO L 338 -17.77 -53.77 9.75
C PRO L 338 -16.42 -53.61 9.07
N LEU L 339 -15.42 -54.41 9.48
CA LEU L 339 -14.19 -54.49 8.69
C LEU L 339 -14.48 -55.08 7.31
N VAL L 340 -15.21 -56.19 7.28
CA VAL L 340 -15.59 -56.86 6.04
C VAL L 340 -17.11 -56.93 5.98
N ARG L 341 -17.68 -56.40 4.92
CA ARG L 341 -19.13 -56.34 4.74
C ARG L 341 -19.52 -57.19 3.54
N VAL L 342 -20.62 -57.92 3.69
CA VAL L 342 -21.17 -58.76 2.62
C VAL L 342 -22.39 -58.06 2.06
N PRO L 343 -22.35 -57.55 0.83
CA PRO L 343 -23.52 -56.87 0.25
C PRO L 343 -24.69 -57.83 0.10
N SER L 344 -25.90 -57.28 0.18
CA SER L 344 -27.11 -58.08 0.12
C SER L 344 -27.30 -58.77 -1.22
N SER L 345 -26.69 -58.25 -2.29
CA SER L 345 -26.84 -58.85 -3.60
C SER L 345 -26.22 -60.24 -3.63
N ARG L 346 -26.88 -61.16 -4.34
CA ARG L 346 -26.41 -62.53 -4.44
C ARG L 346 -26.37 -63.00 -5.89
N GLY L 347 -26.13 -64.29 -6.10
CA GLY L 347 -26.01 -64.83 -7.44
C GLY L 347 -24.63 -64.60 -8.01
N LEU L 348 -24.56 -64.18 -9.28
CA LEU L 348 -23.28 -63.86 -9.91
C LEU L 348 -22.66 -62.60 -9.33
N SER L 349 -23.41 -61.81 -8.57
CA SER L 349 -22.91 -60.59 -7.95
C SER L 349 -22.49 -60.79 -6.51
N THR L 350 -22.50 -62.03 -6.01
CA THR L 350 -22.07 -62.30 -4.65
C THR L 350 -20.61 -61.90 -4.47
N ARG L 351 -20.33 -61.18 -3.38
CA ARG L 351 -19.00 -60.63 -3.18
C ARG L 351 -18.79 -60.33 -1.71
N LEU L 352 -17.51 -60.15 -1.34
CA LEU L 352 -17.11 -59.74 -0.01
C LEU L 352 -16.39 -58.41 -0.13
N GLU L 353 -16.80 -57.43 0.67
CA GLU L 353 -16.25 -56.08 0.60
C GLU L 353 -15.32 -55.84 1.78
N LEU L 354 -14.09 -55.40 1.48
CA LEU L 354 -13.13 -55.01 2.50
C LEU L 354 -13.03 -53.49 2.51
N ARG L 355 -13.32 -52.89 3.66
CA ARG L 355 -13.45 -51.45 3.77
C ARG L 355 -12.24 -50.76 4.39
N SER L 356 -11.16 -51.50 4.66
CA SER L 356 -9.98 -50.90 5.30
C SER L 356 -8.98 -50.36 4.30
N VAL L 357 -9.20 -50.53 3.01
CA VAL L 357 -8.26 -50.06 2.00
C VAL L 357 -8.49 -48.57 1.74
N ASP L 358 -7.40 -47.85 1.50
CA ASP L 358 -7.43 -46.43 1.19
C ASP L 358 -6.79 -46.18 -0.18
N PRO L 359 -7.12 -45.07 -0.83
CA PRO L 359 -6.62 -44.85 -2.20
C PRO L 359 -5.10 -44.76 -2.31
N SER L 360 -4.39 -44.43 -1.23
CA SER L 360 -2.94 -44.32 -1.32
C SER L 360 -2.25 -45.67 -1.41
N ALA L 361 -2.96 -46.77 -1.21
CA ALA L 361 -2.36 -48.09 -1.24
C ALA L 361 -2.04 -48.52 -2.67
N ASN L 362 -1.08 -49.41 -2.79
CA ASN L 362 -0.75 -50.00 -4.08
C ASN L 362 -1.72 -51.14 -4.37
N PRO L 363 -2.54 -51.05 -5.43
CA PRO L 363 -3.52 -52.10 -5.69
C PRO L 363 -2.90 -53.46 -5.94
N TYR L 364 -1.75 -53.51 -6.60
CA TYR L 364 -1.11 -54.80 -6.90
C TYR L 364 -0.75 -55.53 -5.61
N LEU L 365 -0.02 -54.85 -4.72
CA LEU L 365 0.35 -55.47 -3.44
C LEU L 365 -0.89 -55.76 -2.60
N ALA L 366 -1.87 -54.86 -2.64
CA ALA L 366 -3.08 -55.04 -1.85
C ALA L 366 -3.79 -56.33 -2.20
N MET L 367 -4.10 -56.54 -3.49
CA MET L 367 -4.77 -57.79 -3.81
C MET L 367 -3.82 -58.99 -3.79
N ALA L 368 -2.51 -58.79 -3.94
CA ALA L 368 -1.60 -59.91 -3.76
C ALA L 368 -1.71 -60.47 -2.36
N VAL L 369 -1.61 -59.60 -1.34
CA VAL L 369 -1.68 -60.07 0.03
C VAL L 369 -3.09 -60.55 0.36
N LEU L 370 -4.12 -59.88 -0.17
CA LEU L 370 -5.49 -60.31 0.09
C LEU L 370 -5.76 -61.69 -0.48
N LEU L 371 -5.38 -61.90 -1.75
CA LEU L 371 -5.65 -63.21 -2.40
C LEU L 371 -4.93 -64.31 -1.61
N LYS L 372 -3.66 -64.07 -1.27
CA LYS L 372 -2.86 -65.06 -0.48
C LYS L 372 -3.60 -65.40 0.82
N ALA L 373 -3.96 -64.38 1.61
CA ALA L 373 -4.65 -64.60 2.90
C ALA L 373 -5.95 -65.39 2.68
N GLY L 374 -6.80 -64.93 1.76
CA GLY L 374 -8.08 -65.62 1.50
C GLY L 374 -7.88 -67.06 1.05
N LEU L 375 -6.94 -67.29 0.13
CA LEU L 375 -6.68 -68.65 -0.40
C LEU L 375 -6.12 -69.53 0.72
N SER L 376 -5.27 -68.97 1.59
CA SER L 376 -4.75 -69.75 2.74
C SER L 376 -5.92 -70.17 3.64
N GLY L 377 -6.91 -69.28 3.82
CA GLY L 377 -8.11 -69.63 4.60
C GLY L 377 -8.86 -70.79 3.97
N ILE L 378 -8.91 -70.84 2.64
CA ILE L 378 -9.58 -71.96 1.93
C ILE L 378 -8.75 -73.24 2.11
N LYS L 379 -7.43 -73.16 1.88
CA LYS L 379 -6.54 -74.33 2.04
C LYS L 379 -6.69 -74.90 3.45
N ASP L 380 -6.64 -74.03 4.47
CA ASP L 380 -6.75 -74.48 5.85
C ASP L 380 -8.18 -74.79 6.27
N GLU L 381 -9.17 -74.44 5.44
CA GLU L 381 -10.58 -74.68 5.74
C GLU L 381 -10.97 -74.07 7.08
N LEU L 382 -10.48 -72.86 7.33
CA LEU L 382 -10.77 -72.18 8.59
C LEU L 382 -12.24 -71.80 8.67
N THR L 383 -12.81 -71.91 9.87
CA THR L 383 -14.20 -71.52 10.11
C THR L 383 -14.24 -70.07 10.58
N PRO L 384 -14.95 -69.18 9.90
CA PRO L 384 -14.95 -67.78 10.31
C PRO L 384 -15.72 -67.60 11.61
N PRO L 385 -15.40 -66.56 12.37
CA PRO L 385 -16.17 -66.29 13.59
C PRO L 385 -17.58 -65.84 13.26
N ALA L 386 -18.46 -65.99 14.24
CA ALA L 386 -19.86 -65.63 14.05
C ALA L 386 -19.98 -64.13 13.80
N PRO L 387 -20.82 -63.72 12.85
CA PRO L 387 -20.96 -62.29 12.55
C PRO L 387 -21.57 -61.54 13.73
N VAL L 388 -21.19 -60.27 13.84
CA VAL L 388 -21.69 -59.39 14.90
C VAL L 388 -22.53 -58.31 14.25
N ASP L 389 -23.77 -58.16 14.73
CA ASP L 389 -24.67 -57.12 14.23
C ASP L 389 -25.10 -56.18 15.33
N ARG L 390 -24.32 -56.08 16.41
CA ARG L 390 -24.67 -55.27 17.56
C ARG L 390 -24.03 -53.89 17.52
N ASN L 391 -23.70 -53.39 16.33
CA ASN L 391 -23.19 -52.03 16.18
C ASN L 391 -21.94 -51.81 17.02
N ILE L 392 -20.83 -52.45 16.65
CA ILE L 392 -19.71 -52.55 17.58
C ILE L 392 -18.95 -51.23 17.62
N TYR L 393 -19.49 -50.29 18.39
CA TYR L 393 -18.83 -49.03 18.74
C TYR L 393 -19.03 -48.70 20.21
N GLY L 394 -20.08 -49.25 20.81
CA GLY L 394 -20.51 -48.84 22.12
C GLY L 394 -20.28 -49.85 23.23
N MET L 395 -20.15 -51.12 22.88
CA MET L 395 -19.96 -52.15 23.89
C MET L 395 -18.65 -51.91 24.64
N ASN L 396 -18.62 -52.29 25.91
CA ASN L 396 -17.46 -52.07 26.75
C ASN L 396 -16.29 -52.92 26.29
N GLU L 397 -15.09 -52.55 26.76
CA GLU L 397 -13.88 -53.28 26.37
C GLU L 397 -13.95 -54.75 26.76
N GLU L 398 -14.58 -55.03 27.91
CA GLU L 398 -14.79 -56.42 28.29
C GLU L 398 -15.70 -57.14 27.31
N GLU L 399 -16.75 -56.46 26.86
CA GLU L 399 -17.66 -57.05 25.89
C GLU L 399 -16.95 -57.33 24.56
N ARG L 400 -16.11 -56.38 24.11
CA ARG L 400 -15.33 -56.61 22.89
C ARG L 400 -14.35 -57.75 23.07
N GLU L 401 -13.72 -57.84 24.24
CA GLU L 401 -12.77 -58.92 24.49
C GLU L 401 -13.46 -60.27 24.61
N ALA L 402 -14.71 -60.30 25.11
CA ALA L 402 -15.43 -61.55 25.20
C ALA L 402 -15.67 -62.16 23.83
N THR L 403 -16.06 -61.33 22.86
CA THR L 403 -16.19 -61.75 21.47
C THR L 403 -14.80 -61.70 20.83
N GLY L 404 -14.68 -62.32 19.66
CA GLY L 404 -13.41 -62.33 18.95
C GLY L 404 -13.10 -61.02 18.24
N ILE L 405 -13.60 -59.92 18.78
CA ILE L 405 -13.36 -58.60 18.19
C ILE L 405 -11.98 -58.12 18.60
N TYR L 406 -11.18 -57.71 17.61
CA TYR L 406 -9.85 -57.19 17.84
C TYR L 406 -9.65 -55.93 17.02
N ASP L 407 -8.75 -55.08 17.49
CA ASP L 407 -8.49 -53.81 16.83
C ASP L 407 -7.34 -53.92 15.84
N LEU L 408 -7.45 -53.19 14.74
CA LEU L 408 -6.37 -53.09 13.79
C LEU L 408 -5.23 -52.28 14.39
N PRO L 409 -4.01 -52.43 13.86
CA PRO L 409 -2.89 -51.63 14.36
C PRO L 409 -3.18 -50.14 14.26
N GLU L 410 -2.84 -49.41 15.31
CA GLU L 410 -3.16 -47.99 15.42
C GLU L 410 -2.09 -47.09 14.82
N SER L 411 -0.95 -47.63 14.41
CA SER L 411 0.12 -46.83 13.86
C SER L 411 0.89 -47.65 12.84
N LEU L 412 1.67 -46.95 12.01
CA LEU L 412 2.42 -47.63 10.96
C LEU L 412 3.49 -48.56 11.54
N GLY L 413 4.08 -48.19 12.68
CA GLY L 413 5.10 -49.04 13.27
C GLY L 413 4.56 -50.38 13.73
N HIS L 414 3.40 -50.37 14.38
CA HIS L 414 2.80 -51.62 14.82
C HIS L 414 2.40 -52.49 13.64
N ALA L 415 1.90 -51.85 12.57
CA ALA L 415 1.57 -52.60 11.36
C ALA L 415 2.81 -53.21 10.73
N LEU L 416 3.92 -52.49 10.74
CA LEU L 416 5.17 -53.03 10.23
C LEU L 416 5.65 -54.20 11.07
N ILE L 417 5.50 -54.10 12.40
CA ILE L 417 5.84 -55.22 13.27
C ILE L 417 4.99 -56.43 12.95
N GLU L 418 3.68 -56.22 12.72
CA GLU L 418 2.80 -57.32 12.37
C GLU L 418 3.21 -57.95 11.03
N LEU L 419 3.60 -57.12 10.06
CA LEU L 419 4.12 -57.66 8.81
C LEU L 419 5.36 -58.51 9.05
N GLU L 420 6.29 -58.01 9.87
CA GLU L 420 7.52 -58.75 10.14
C GLU L 420 7.23 -60.05 10.88
N LYS L 421 6.12 -60.12 11.60
CA LYS L 421 5.77 -61.35 12.31
C LYS L 421 5.09 -62.35 11.38
N ASN L 422 4.12 -61.89 10.59
CA ASN L 422 3.37 -62.79 9.72
C ASN L 422 4.25 -63.32 8.59
N GLU L 423 4.09 -64.61 8.28
CA GLU L 423 4.88 -65.26 7.25
C GLU L 423 4.12 -65.48 5.95
N ILE L 424 2.81 -65.72 6.02
CA ILE L 424 2.02 -65.94 4.80
C ILE L 424 2.01 -64.69 3.94
N ILE L 425 1.85 -63.52 4.57
CA ILE L 425 1.86 -62.26 3.82
C ILE L 425 3.22 -62.03 3.19
N LYS L 426 4.29 -62.45 3.87
CA LYS L 426 5.62 -62.36 3.27
C LYS L 426 5.71 -63.19 1.99
N ASP L 427 5.15 -64.40 2.02
CA ASP L 427 5.14 -65.23 0.82
C ASP L 427 4.30 -64.59 -0.28
N GLY L 428 3.16 -64.01 0.08
CA GLY L 428 2.33 -63.35 -0.91
C GLY L 428 3.00 -62.14 -1.53
N LEU L 429 3.81 -61.41 -0.77
CA LEU L 429 4.53 -60.26 -1.26
C LEU L 429 5.81 -60.62 -2.00
N GLY L 430 6.32 -61.81 -1.81
CA GLY L 430 7.64 -62.16 -2.30
C GLY L 430 8.73 -61.62 -1.37
N GLU L 431 9.98 -61.92 -1.72
CA GLU L 431 11.09 -61.47 -0.90
C GLU L 431 11.43 -60.01 -1.20
N HIS L 432 11.89 -59.73 -2.42
CA HIS L 432 12.41 -58.41 -2.77
C HIS L 432 11.43 -57.31 -2.41
N ILE L 433 10.17 -57.49 -2.78
CA ILE L 433 9.15 -56.50 -2.45
C ILE L 433 9.02 -56.36 -0.94
N PHE L 434 9.10 -57.47 -0.22
CA PHE L 434 8.96 -57.40 1.24
C PHE L 434 10.06 -56.58 1.87
N GLU L 435 11.33 -56.88 1.56
CA GLU L 435 12.42 -56.13 2.17
C GLU L 435 12.41 -54.66 1.74
N HIS L 436 12.11 -54.40 0.46
CA HIS L 436 12.09 -53.02 0.01
C HIS L 436 10.97 -52.22 0.69
N PHE L 437 9.79 -52.82 0.81
CA PHE L 437 8.68 -52.16 1.49
C PHE L 437 9.02 -51.91 2.95
N ILE L 438 9.61 -52.91 3.62
CA ILE L 438 9.96 -52.75 5.03
C ILE L 438 10.98 -51.63 5.20
N GLU L 439 12.00 -51.59 4.34
CA GLU L 439 13.03 -50.56 4.44
C GLU L 439 12.44 -49.18 4.22
N ALA L 440 11.64 -49.01 3.16
CA ALA L 440 11.06 -47.71 2.86
C ALA L 440 10.14 -47.24 3.97
N LYS L 441 9.29 -48.15 4.47
CA LYS L 441 8.34 -47.76 5.50
C LYS L 441 9.04 -47.46 6.83
N THR L 442 10.09 -48.21 7.16
CA THR L 442 10.85 -47.90 8.37
C THR L 442 11.53 -46.54 8.26
N ILE L 443 12.09 -46.23 7.08
CA ILE L 443 12.71 -44.92 6.89
C ILE L 443 11.68 -43.82 7.04
N GLU L 444 10.50 -44.00 6.43
CA GLU L 444 9.45 -42.99 6.51
C GLU L 444 8.97 -42.81 7.95
N CYS L 445 8.81 -43.91 8.68
CA CYS L 445 8.38 -43.84 10.07
C CYS L 445 9.42 -43.14 10.94
N ASP L 446 10.70 -43.43 10.70
CA ASP L 446 11.76 -42.76 11.45
C ASP L 446 11.79 -41.27 11.15
N MET L 447 11.57 -40.90 9.89
CA MET L 447 11.50 -39.48 9.54
C MET L 447 10.34 -38.80 10.24
N PHE L 448 9.17 -39.45 10.29
CA PHE L 448 8.03 -38.88 10.99
C PHE L 448 8.28 -38.76 12.48
N ARG L 449 8.96 -39.76 13.06
CA ARG L 449 9.14 -39.79 14.51
C ARG L 449 10.04 -38.65 14.99
N THR L 450 11.10 -38.36 14.25
CA THR L 450 12.07 -37.35 14.70
C THR L 450 11.66 -35.93 14.35
N ALA L 451 10.59 -35.74 13.57
CA ALA L 451 10.17 -34.41 13.19
C ALA L 451 9.46 -33.71 14.36
N VAL L 452 9.52 -32.39 14.35
CA VAL L 452 8.84 -31.55 15.34
C VAL L 452 7.70 -30.84 14.64
N HIS L 453 6.49 -31.02 15.15
CA HIS L 453 5.29 -30.52 14.51
C HIS L 453 4.77 -29.27 15.20
N PRO L 454 4.06 -28.40 14.48
CA PRO L 454 3.50 -27.20 15.11
C PRO L 454 2.51 -27.49 16.22
N TRP L 455 1.94 -28.69 16.26
CA TRP L 455 1.06 -29.08 17.36
C TRP L 455 1.78 -29.03 18.69
N GLU L 456 2.99 -29.60 18.74
CA GLU L 456 3.77 -29.59 19.97
C GLU L 456 4.11 -28.18 20.41
N ARG L 457 4.52 -27.33 19.46
CA ARG L 457 4.82 -25.95 19.79
C ARG L 457 3.59 -25.23 20.32
N GLU L 458 2.47 -25.32 19.59
CA GLU L 458 1.28 -24.58 19.97
C GLU L 458 0.69 -25.08 21.29
N GLN L 459 1.01 -26.30 21.72
CA GLN L 459 0.43 -26.78 22.97
C GLN L 459 1.46 -26.96 24.08
N TYR L 460 2.73 -26.60 23.85
CA TYR L 460 3.72 -26.60 24.94
C TYR L 460 4.56 -25.34 25.04
N LEU L 461 4.63 -24.50 24.00
CA LEU L 461 5.53 -23.36 24.03
C LEU L 461 5.16 -22.36 25.13
N GLU L 462 3.85 -22.09 25.30
CA GLU L 462 3.38 -21.23 26.38
C GLU L 462 3.20 -21.97 27.69
N ILE L 463 2.68 -23.19 27.65
CA ILE L 463 2.42 -23.94 28.87
C ILE L 463 3.72 -24.25 29.61
N TYR L 464 4.75 -24.64 28.89
CA TYR L 464 6.04 -24.92 29.50
C TYR L 464 7.07 -23.84 29.16
#